data_6YFL
#
_entry.id   6YFL
#
_cell.length_a   419.731
_cell.length_b   419.731
_cell.length_c   761.144
_cell.angle_alpha   90.000
_cell.angle_beta   90.000
_cell.angle_gamma   120.000
#
_symmetry.space_group_name_H-M   'H 3 2'
#
_entity_poly.entity_id   1
_entity_poly.type   'polypeptide(L)'
_entity_poly.pdbx_seq_one_letter_code
;AYSPSTPVTGAAQTGFTSPTYTLTSDTAPTALGKQHAVTATGGTQTGVTTHSVSSPFTITFTRPKTMKTVGVPNSNGVIT
NIGRNTYGFLVRKGVIPAVNQSPQVMLVRVEISVPAGADTYDAANVKAALSAAIGVLSQQSAGIGDTALSGIL
;
_entity_poly.pdbx_strand_id   AA,AB,AC,AD,AE,AF,AG,AH,AI,AJ,AK,AL,AM,AN,AO,AP,AQ,AR,AS,AT,AU,AV,AW,AX,AY,AZ,BA,BB,BC,BD,BE,BF,BG,BH,BI,BJ,BK,BL,BM,BN,BO,BP,BQ,BR,BS,BT,BU,BV,BW,BX,BY,BZ,CA,CB,CC,CD,CE,CF,CG,CH
#
# COMPACT_ATOMS: atom_id res chain seq x y z
N ALA A 1 12.54 30.00 -71.03
CA ALA A 1 11.86 30.59 -72.18
C ALA A 1 11.73 29.59 -73.33
N TYR A 2 10.99 28.50 -73.12
CA TYR A 2 10.80 27.45 -74.11
C TYR A 2 9.38 27.54 -74.67
N SER A 3 9.26 27.92 -75.95
CA SER A 3 7.97 28.06 -76.63
C SER A 3 8.15 27.79 -78.12
N PRO A 4 7.80 26.60 -78.59
CA PRO A 4 7.98 26.26 -80.00
C PRO A 4 6.93 26.95 -80.89
N SER A 5 7.22 26.93 -82.20
CA SER A 5 6.39 27.54 -83.22
C SER A 5 5.50 26.52 -83.92
N THR A 6 4.45 27.01 -84.58
CA THR A 6 3.43 26.10 -85.11
C THR A 6 3.98 25.16 -86.17
N PRO A 7 4.58 25.64 -87.28
CA PRO A 7 5.39 24.73 -88.09
C PRO A 7 6.85 24.75 -87.66
N VAL A 8 7.35 23.61 -87.21
CA VAL A 8 8.76 23.48 -86.85
C VAL A 8 9.50 22.99 -88.08
N THR A 9 10.49 23.74 -88.52
CA THR A 9 11.34 23.33 -89.62
C THR A 9 12.22 22.19 -89.13
N GLY A 10 11.87 20.96 -89.54
CA GLY A 10 12.59 19.80 -89.04
C GLY A 10 13.98 19.70 -89.62
N ALA A 11 14.91 19.19 -88.82
CA ALA A 11 16.31 19.13 -89.24
C ALA A 11 16.44 18.19 -90.43
N ALA A 12 17.46 18.45 -91.24
CA ALA A 12 17.61 17.71 -92.48
C ALA A 12 17.78 16.22 -92.19
N GLN A 13 17.10 15.40 -92.99
CA GLN A 13 17.23 13.96 -92.92
C GLN A 13 17.38 13.40 -94.32
N THR A 14 17.81 12.14 -94.40
CA THR A 14 18.34 11.60 -95.65
C THR A 14 17.27 11.58 -96.75
N GLY A 15 16.15 10.93 -96.49
CA GLY A 15 15.11 10.86 -97.49
C GLY A 15 14.08 11.98 -97.48
N PHE A 16 14.27 13.00 -96.65
CA PHE A 16 13.25 14.02 -96.45
C PHE A 16 13.57 15.27 -97.25
N THR A 17 12.56 15.80 -97.93
CA THR A 17 12.66 17.05 -98.66
C THR A 17 11.85 18.11 -97.94
N SER A 18 12.53 19.12 -97.42
CA SER A 18 11.90 20.24 -96.71
C SER A 18 10.86 19.79 -95.68
N PRO A 19 11.28 19.05 -94.64
CA PRO A 19 10.29 18.52 -93.69
C PRO A 19 9.92 19.53 -92.61
N THR A 20 8.62 19.63 -92.33
CA THR A 20 8.09 20.48 -91.29
C THR A 20 7.11 19.68 -90.44
N TYR A 21 7.00 20.02 -89.17
CA TYR A 21 6.09 19.32 -88.25
C TYR A 21 5.19 20.32 -87.56
N THR A 22 3.88 20.10 -87.66
CA THR A 22 2.90 20.97 -87.02
C THR A 22 2.70 20.50 -85.58
N LEU A 23 2.88 21.40 -84.62
CA LEU A 23 2.73 21.07 -83.21
C LEU A 23 1.37 21.53 -82.72
N THR A 24 0.71 20.67 -81.96
CA THR A 24 -0.51 21.01 -81.25
C THR A 24 -0.21 20.95 -79.74
N SER A 25 -0.73 21.93 -79.01
CA SER A 25 -0.40 22.01 -77.59
C SER A 25 -1.01 20.84 -76.83
N ASP A 26 -0.25 20.29 -75.90
CA ASP A 26 -0.67 19.14 -75.11
C ASP A 26 -0.37 19.40 -73.65
N THR A 27 -1.14 18.75 -72.77
CA THR A 27 -0.87 18.82 -71.35
C THR A 27 0.23 17.84 -70.98
N ALA A 28 1.20 18.29 -70.20
CA ALA A 28 2.40 17.54 -69.88
C ALA A 28 2.14 16.56 -68.73
N PRO A 29 3.03 15.56 -68.53
CA PRO A 29 2.79 14.56 -67.49
C PRO A 29 3.07 15.06 -66.08
N THR A 30 4.08 15.91 -65.93
CA THR A 30 4.34 16.59 -64.68
C THR A 30 3.83 18.03 -64.75
N ALA A 31 3.79 18.68 -63.59
CA ALA A 31 3.48 20.10 -63.53
C ALA A 31 4.69 20.96 -63.84
N LEU A 32 5.84 20.33 -64.12
CA LEU A 32 7.08 21.03 -64.43
C LEU A 32 7.45 20.89 -65.90
N GLY A 33 6.51 20.47 -66.73
CA GLY A 33 6.80 20.22 -68.13
C GLY A 33 5.86 20.98 -69.04
N LYS A 34 6.38 21.33 -70.20
CA LYS A 34 5.60 21.82 -71.33
C LYS A 34 5.71 20.81 -72.45
N GLN A 35 4.58 20.33 -72.95
CA GLN A 35 4.58 19.25 -73.93
C GLN A 35 3.72 19.61 -75.13
N HIS A 36 4.24 19.36 -76.33
CA HIS A 36 3.48 19.45 -77.55
C HIS A 36 3.42 18.09 -78.22
N ALA A 37 2.39 17.87 -79.03
CA ALA A 37 2.27 16.64 -79.81
C ALA A 37 2.29 16.98 -81.29
N VAL A 38 2.90 16.12 -82.10
CA VAL A 38 3.02 16.36 -83.53
C VAL A 38 1.72 15.87 -84.16
N THR A 39 0.81 16.83 -84.45
CA THR A 39 -0.50 16.47 -84.97
C THR A 39 -0.49 16.21 -86.48
N ALA A 40 0.47 16.79 -87.21
CA ALA A 40 0.53 16.58 -88.66
C ALA A 40 1.93 16.91 -89.18
N THR A 41 2.26 16.34 -90.34
CA THR A 41 3.56 16.53 -90.97
C THR A 41 3.38 17.17 -92.34
N GLY A 42 4.29 18.09 -92.67
CA GLY A 42 4.38 18.65 -93.99
C GLY A 42 5.75 18.38 -94.57
N GLY A 43 5.88 18.48 -95.89
CA GLY A 43 7.10 18.11 -96.57
C GLY A 43 7.01 16.70 -97.15
N THR A 44 8.05 16.33 -97.90
CA THR A 44 8.10 15.02 -98.56
C THR A 44 8.86 14.05 -97.65
N GLN A 45 8.15 13.56 -96.63
CA GLN A 45 8.63 12.53 -95.72
C GLN A 45 7.57 11.43 -95.75
N THR A 46 7.73 10.51 -96.70
CA THR A 46 6.68 9.53 -96.95
C THR A 46 6.74 8.43 -95.88
N GLY A 47 5.57 8.06 -95.35
CA GLY A 47 5.47 7.03 -94.34
C GLY A 47 5.49 7.52 -92.92
N VAL A 48 5.79 8.79 -92.69
CA VAL A 48 5.89 9.32 -91.32
C VAL A 48 4.50 9.37 -90.70
N THR A 49 4.36 8.74 -89.53
CA THR A 49 3.10 8.69 -88.81
C THR A 49 3.06 9.75 -87.72
N THR A 50 1.90 10.40 -87.58
CA THR A 50 1.74 11.45 -86.59
C THR A 50 1.33 10.84 -85.24
N HIS A 51 1.10 11.72 -84.26
CA HIS A 51 0.77 11.27 -82.92
C HIS A 51 -0.56 10.53 -82.89
N SER A 52 -0.52 9.28 -82.43
CA SER A 52 -1.70 8.48 -82.20
C SER A 52 -1.65 7.96 -80.77
N VAL A 53 -2.77 7.40 -80.32
CA VAL A 53 -2.77 6.78 -79.00
C VAL A 53 -1.83 5.58 -79.01
N SER A 54 -1.84 4.81 -80.09
CA SER A 54 -1.02 3.60 -80.16
C SER A 54 0.46 3.94 -80.35
N SER A 55 0.76 4.94 -81.18
CA SER A 55 2.14 5.33 -81.49
C SER A 55 2.30 6.83 -81.32
N PRO A 56 2.90 7.28 -80.21
CA PRO A 56 2.93 8.71 -79.92
C PRO A 56 4.03 9.44 -80.69
N PHE A 57 3.83 10.75 -80.83
CA PHE A 57 4.84 11.67 -81.36
C PHE A 57 4.77 12.91 -80.47
N THR A 58 5.63 12.96 -79.45
CA THR A 58 5.53 13.98 -78.41
C THR A 58 6.88 14.59 -78.10
N ILE A 59 6.85 15.89 -77.78
CA ILE A 59 8.02 16.71 -77.50
C ILE A 59 7.77 17.42 -76.19
N THR A 60 8.43 16.96 -75.12
CA THR A 60 8.20 17.48 -73.77
C THR A 60 9.49 18.03 -73.18
N PHE A 61 9.40 19.17 -72.49
CA PHE A 61 10.56 19.84 -71.90
C PHE A 61 10.24 20.16 -70.44
N THR A 62 11.13 19.74 -69.54
CA THR A 62 10.87 19.75 -68.11
C THR A 62 12.01 20.43 -67.37
N ARG A 63 11.65 21.16 -66.30
CA ARG A 63 12.59 21.76 -65.37
C ARG A 63 12.65 20.92 -64.10
N PRO A 64 13.69 21.09 -63.28
CA PRO A 64 13.79 20.28 -62.06
C PRO A 64 12.79 20.70 -61.01
N LYS A 65 12.43 19.74 -60.15
CA LYS A 65 11.44 20.00 -59.10
C LYS A 65 11.92 21.09 -58.16
N THR A 66 13.18 21.00 -57.72
CA THR A 66 13.76 21.95 -56.78
C THR A 66 15.07 22.47 -57.34
N MET A 67 15.21 23.80 -57.38
CA MET A 67 16.45 24.42 -57.80
C MET A 67 17.51 24.29 -56.72
N LYS A 68 18.77 24.24 -57.15
CA LYS A 68 19.88 24.06 -56.23
C LYS A 68 20.71 25.33 -56.20
N THR A 69 20.90 25.87 -55.01
CA THR A 69 21.82 26.98 -54.81
C THR A 69 23.19 26.44 -54.41
N VAL A 70 24.20 27.25 -54.63
CA VAL A 70 25.57 26.77 -54.47
C VAL A 70 26.07 27.02 -53.05
N GLY A 83 26.52 20.10 -56.70
CA GLY A 83 25.12 20.01 -57.09
C GLY A 83 24.86 20.43 -58.52
N ARG A 84 23.74 19.96 -59.10
CA ARG A 84 23.43 20.26 -60.49
C ARG A 84 21.93 20.42 -60.71
N ASN A 85 21.54 21.39 -61.53
CA ASN A 85 20.16 21.51 -62.01
C ASN A 85 20.13 20.94 -63.43
N THR A 86 19.34 19.89 -63.65
CA THR A 86 19.24 19.25 -64.96
C THR A 86 17.87 19.51 -65.58
N TYR A 87 17.88 20.04 -66.80
CA TYR A 87 16.68 20.25 -67.58
C TYR A 87 16.57 19.18 -68.64
N GLY A 88 15.34 18.72 -68.89
CA GLY A 88 15.15 17.56 -69.76
C GLY A 88 14.25 17.77 -70.97
N PHE A 89 14.74 17.40 -72.15
CA PHE A 89 14.02 17.56 -73.40
C PHE A 89 13.87 16.19 -74.04
N LEU A 90 12.64 15.72 -74.21
CA LEU A 90 12.45 14.33 -74.62
C LEU A 90 11.39 14.21 -75.71
N VAL A 91 11.73 13.43 -76.73
CA VAL A 91 10.87 13.16 -77.88
C VAL A 91 10.58 11.68 -77.90
N ARG A 92 9.28 11.34 -77.98
CA ARG A 92 8.83 9.96 -78.09
C ARG A 92 8.15 9.76 -79.44
N LYS A 93 8.55 8.70 -80.15
CA LYS A 93 8.01 8.46 -81.48
C LYS A 93 7.57 7.01 -81.64
N GLY A 94 6.35 6.82 -82.14
CA GLY A 94 5.87 5.49 -82.43
C GLY A 94 6.57 4.91 -83.66
N VAL A 95 7.27 3.79 -83.48
CA VAL A 95 8.06 3.14 -84.53
C VAL A 95 7.73 1.66 -84.52
N ILE A 96 7.52 1.08 -85.69
CA ILE A 96 6.99 -0.28 -85.77
C ILE A 96 8.14 -1.24 -86.09
N PRO A 97 8.44 -2.21 -85.21
CA PRO A 97 9.65 -3.03 -85.44
C PRO A 97 9.48 -4.13 -86.48
N ALA A 98 8.34 -4.81 -86.55
CA ALA A 98 8.22 -5.89 -87.51
C ALA A 98 6.97 -5.75 -88.37
N VAL A 99 6.78 -6.76 -89.21
CA VAL A 99 5.79 -6.69 -90.26
C VAL A 99 4.39 -6.57 -89.69
N ASN A 100 4.14 -7.18 -88.53
CA ASN A 100 2.81 -7.07 -87.94
C ASN A 100 2.84 -6.72 -86.46
N GLN A 101 3.95 -6.22 -85.96
CA GLN A 101 4.08 -6.04 -84.52
C GLN A 101 3.46 -4.73 -84.04
N SER A 102 3.25 -4.68 -82.73
CA SER A 102 2.78 -3.46 -82.09
C SER A 102 3.87 -2.39 -82.12
N PRO A 103 3.47 -1.13 -82.16
CA PRO A 103 4.47 -0.05 -82.21
C PRO A 103 5.26 0.02 -80.91
N GLN A 104 6.58 0.12 -81.05
CA GLN A 104 7.55 0.43 -80.02
C GLN A 104 7.82 1.93 -79.99
N VAL A 105 8.36 2.41 -78.87
CA VAL A 105 8.58 3.85 -78.69
C VAL A 105 10.06 4.12 -78.87
N MET A 106 10.44 4.61 -80.04
CA MET A 106 11.76 5.23 -80.17
C MET A 106 11.82 6.45 -79.28
N LEU A 107 13.01 6.74 -78.78
CA LEU A 107 13.12 7.72 -77.72
C LEU A 107 14.39 8.55 -77.92
N VAL A 108 14.25 9.86 -78.06
CA VAL A 108 15.38 10.77 -78.18
C VAL A 108 15.32 11.71 -76.98
N ARG A 109 16.27 11.57 -76.07
CA ARG A 109 16.22 12.37 -74.84
C ARG A 109 17.51 13.13 -74.62
N VAL A 110 17.37 14.39 -74.22
CA VAL A 110 18.46 15.31 -73.98
C VAL A 110 18.39 15.74 -72.52
N GLU A 111 19.55 15.78 -71.86
CA GLU A 111 19.67 16.25 -70.50
C GLU A 111 20.73 17.35 -70.47
N ILE A 112 20.37 18.48 -69.87
CA ILE A 112 21.24 19.64 -69.75
C ILE A 112 21.50 19.83 -68.27
N SER A 113 22.69 19.44 -67.80
CA SER A 113 23.06 19.55 -66.40
C SER A 113 23.94 20.77 -66.23
N VAL A 114 23.38 21.79 -65.58
CA VAL A 114 24.07 23.04 -65.28
C VAL A 114 24.51 22.99 -63.82
N PRO A 115 25.80 23.14 -63.52
CA PRO A 115 26.24 23.25 -62.13
C PRO A 115 25.60 24.44 -61.43
N ALA A 116 25.76 24.47 -60.10
CA ALA A 116 24.95 25.37 -59.28
C ALA A 116 25.29 26.83 -59.54
N GLY A 117 26.55 27.22 -59.31
CA GLY A 117 26.91 28.63 -59.47
C GLY A 117 27.10 29.06 -60.90
N ALA A 118 27.08 28.10 -61.82
CA ALA A 118 27.30 28.34 -63.24
C ALA A 118 26.31 29.36 -63.79
N ASP A 119 25.01 29.09 -63.61
CA ASP A 119 23.94 29.87 -64.23
C ASP A 119 24.12 31.37 -64.05
N THR A 120 24.71 31.76 -62.92
CA THR A 120 24.92 33.17 -62.59
C THR A 120 26.33 33.62 -62.90
N TYR A 121 27.35 32.94 -62.35
CA TYR A 121 28.70 33.46 -62.44
C TYR A 121 29.26 33.36 -63.86
N ASP A 122 29.02 32.23 -64.54
CA ASP A 122 29.59 32.00 -65.87
C ASP A 122 28.46 31.58 -66.80
N ALA A 123 27.73 32.55 -67.32
CA ALA A 123 26.60 32.24 -68.19
C ALA A 123 27.03 32.07 -69.63
N ALA A 124 28.12 32.72 -70.02
CA ALA A 124 28.58 32.64 -71.40
C ALA A 124 28.99 31.22 -71.75
N ASN A 125 29.69 30.54 -70.84
CA ASN A 125 30.13 29.17 -71.12
C ASN A 125 28.95 28.21 -71.14
N VAL A 126 27.95 28.42 -70.30
CA VAL A 126 26.72 27.62 -70.37
C VAL A 126 26.08 27.76 -71.75
N LYS A 127 25.84 29.01 -72.17
CA LYS A 127 25.23 29.25 -73.47
C LYS A 127 26.08 28.68 -74.59
N ALA A 128 27.41 28.69 -74.42
CA ALA A 128 28.29 28.19 -75.47
C ALA A 128 28.24 26.68 -75.57
N ALA A 129 28.18 25.98 -74.43
CA ALA A 129 27.96 24.54 -74.46
C ALA A 129 26.68 24.20 -75.21
N LEU A 130 25.59 24.90 -74.89
CA LEU A 130 24.32 24.64 -75.57
C LEU A 130 24.42 24.95 -77.07
N SER A 131 25.10 26.05 -77.42
CA SER A 131 25.25 26.44 -78.81
C SER A 131 26.03 25.41 -79.60
N ALA A 132 27.19 25.00 -79.08
CA ALA A 132 27.99 23.98 -79.75
C ALA A 132 27.21 22.68 -79.91
N ALA A 133 26.57 22.22 -78.84
CA ALA A 133 25.82 20.97 -78.88
C ALA A 133 24.74 21.00 -79.95
N ILE A 134 23.86 22.00 -79.89
CA ILE A 134 22.75 22.05 -80.84
C ILE A 134 23.27 22.33 -82.25
N GLY A 135 24.37 23.08 -82.40
CA GLY A 135 24.89 23.35 -83.72
C GLY A 135 25.46 22.12 -84.40
N VAL A 136 26.20 21.30 -83.64
CA VAL A 136 26.69 20.04 -84.19
C VAL A 136 25.53 19.10 -84.49
N LEU A 137 24.51 19.08 -83.62
CA LEU A 137 23.35 18.24 -83.87
C LEU A 137 22.65 18.62 -85.17
N SER A 138 22.43 19.92 -85.40
CA SER A 138 21.75 20.34 -86.62
C SER A 138 22.64 20.16 -87.84
N GLN A 139 23.96 20.31 -87.68
CA GLN A 139 24.86 20.11 -88.81
C GLN A 139 24.87 18.65 -89.26
N GLN A 140 24.95 17.72 -88.30
CA GLN A 140 25.05 16.31 -88.60
C GLN A 140 23.72 15.59 -88.49
N SER A 141 22.58 16.30 -88.61
CA SER A 141 21.29 15.66 -88.40
C SER A 141 21.09 14.51 -89.38
N ALA A 142 21.35 14.78 -90.66
CA ALA A 142 21.19 13.74 -91.68
C ALA A 142 22.12 12.56 -91.41
N GLY A 143 23.38 12.86 -91.08
CA GLY A 143 24.34 11.79 -90.84
C GLY A 143 24.04 10.99 -89.59
N ILE A 144 23.46 11.63 -88.57
CA ILE A 144 23.07 10.92 -87.35
C ILE A 144 21.89 10.01 -87.61
N GLY A 145 20.97 10.42 -88.47
CA GLY A 145 19.95 9.48 -88.93
C GLY A 145 20.54 8.32 -89.70
N ASP A 146 21.44 8.62 -90.64
CA ASP A 146 22.15 7.57 -91.36
C ASP A 146 22.82 6.59 -90.40
N THR A 147 23.38 7.11 -89.31
CA THR A 147 24.01 6.25 -88.32
C THR A 147 22.97 5.45 -87.53
N ALA A 148 21.85 6.08 -87.17
CA ALA A 148 20.80 5.39 -86.43
C ALA A 148 20.23 4.23 -87.20
N LEU A 149 20.34 4.27 -88.53
CA LEU A 149 19.92 3.15 -89.36
C LEU A 149 21.06 2.20 -89.73
N SER A 150 22.29 2.70 -89.88
CA SER A 150 23.42 1.88 -90.32
C SER A 150 24.05 1.10 -89.17
N GLY A 151 24.13 1.71 -88.00
CA GLY A 151 24.94 1.18 -86.92
C GLY A 151 26.38 1.62 -86.97
N ILE A 152 26.73 2.57 -87.84
CA ILE A 152 28.12 2.91 -88.11
C ILE A 152 28.33 4.41 -87.94
N LEU A 153 29.41 4.77 -87.25
CA LEU A 153 29.83 6.16 -87.09
C LEU A 153 30.73 6.62 -88.23
N ALA B 1 -8.13 34.52 -55.81
CA ALA B 1 -8.00 35.59 -56.78
C ALA B 1 -6.65 36.33 -56.63
N TYR B 2 -5.55 35.60 -56.85
CA TYR B 2 -4.20 36.15 -56.71
C TYR B 2 -3.59 36.34 -58.10
N SER B 3 -3.36 37.61 -58.49
CA SER B 3 -2.76 37.94 -59.79
C SER B 3 -1.99 39.25 -59.68
N PRO B 4 -0.67 39.19 -59.53
CA PRO B 4 0.12 40.42 -59.37
C PRO B 4 0.26 41.18 -60.68
N SER B 5 0.73 42.42 -60.56
CA SER B 5 0.86 43.37 -61.67
C SER B 5 2.30 43.46 -62.14
N THR B 6 2.49 44.04 -63.35
CA THR B 6 3.81 43.99 -63.97
C THR B 6 4.83 44.78 -63.17
N PRO B 7 4.66 46.09 -62.92
CA PRO B 7 5.47 46.73 -61.88
C PRO B 7 4.77 46.65 -60.53
N VAL B 8 5.37 45.95 -59.58
CA VAL B 8 4.89 45.94 -58.21
C VAL B 8 5.61 47.07 -57.49
N THR B 9 4.85 47.97 -56.89
CA THR B 9 5.45 49.04 -56.12
C THR B 9 5.87 48.50 -54.77
N GLY B 10 7.17 48.35 -54.57
CA GLY B 10 7.67 47.70 -53.39
C GLY B 10 7.44 48.55 -52.15
N ALA B 11 7.20 47.87 -51.03
CA ALA B 11 7.00 48.55 -49.77
C ALA B 11 8.25 49.33 -49.39
N ALA B 12 8.05 50.43 -48.69
CA ALA B 12 9.13 51.35 -48.40
C ALA B 12 10.23 50.64 -47.60
N GLN B 13 11.48 50.92 -47.97
CA GLN B 13 12.64 50.42 -47.27
C GLN B 13 13.61 51.57 -47.05
N THR B 14 14.57 51.35 -46.14
CA THR B 14 15.35 52.45 -45.59
C THR B 14 16.14 53.19 -46.67
N GLY B 15 17.01 52.48 -47.38
CA GLY B 15 17.80 53.15 -48.39
C GLY B 15 17.18 53.25 -49.76
N PHE B 16 15.94 52.80 -49.95
CA PHE B 16 15.34 52.71 -51.27
C PHE B 16 14.48 53.94 -51.53
N THR B 17 14.62 54.52 -52.72
CA THR B 17 13.80 55.62 -53.18
C THR B 17 12.87 55.10 -54.26
N SER B 18 11.57 55.02 -53.95
CA SER B 18 10.52 54.65 -54.89
C SER B 18 10.80 53.35 -55.61
N PRO B 19 10.93 52.24 -54.88
CA PRO B 19 11.35 50.98 -55.53
C PRO B 19 10.18 50.25 -56.16
N THR B 20 10.44 49.71 -57.34
CA THR B 20 9.48 48.89 -58.06
C THR B 20 10.18 47.63 -58.56
N TYR B 21 9.41 46.56 -58.68
CA TYR B 21 9.94 45.27 -59.11
C TYR B 21 9.10 44.75 -60.25
N THR B 22 9.75 44.44 -61.38
CA THR B 22 9.07 43.90 -62.55
C THR B 22 8.96 42.38 -62.41
N LEU B 23 7.75 41.87 -62.57
CA LEU B 23 7.49 40.44 -62.43
C LEU B 23 7.35 39.82 -63.81
N THR B 24 8.03 38.70 -64.01
CA THR B 24 7.85 37.86 -65.18
C THR B 24 7.22 36.54 -64.72
N SER B 25 6.32 35.99 -65.53
CA SER B 25 5.58 34.82 -65.10
C SER B 25 6.46 33.58 -65.14
N ASP B 26 6.33 32.75 -64.11
CA ASP B 26 7.16 31.54 -63.95
C ASP B 26 6.26 30.36 -63.64
N THR B 27 6.75 29.17 -63.97
CA THR B 27 6.07 27.93 -63.62
C THR B 27 6.39 27.55 -62.19
N ALA B 28 5.36 27.23 -61.41
CA ALA B 28 5.45 27.00 -59.98
C ALA B 28 5.86 25.56 -59.69
N PRO B 29 6.44 25.30 -58.51
CA PRO B 29 6.96 23.94 -58.24
C PRO B 29 5.86 22.91 -58.06
N THR B 30 4.82 23.23 -57.32
CA THR B 30 3.66 22.36 -57.25
C THR B 30 2.69 22.74 -58.37
N ALA B 31 1.74 21.86 -58.61
CA ALA B 31 0.61 22.24 -59.45
C ALA B 31 -0.37 23.15 -58.74
N LEU B 32 -0.17 23.39 -57.44
CA LEU B 32 -1.08 24.19 -56.62
C LEU B 32 -0.53 25.58 -56.34
N GLY B 33 0.44 26.03 -57.12
CA GLY B 33 1.05 27.31 -56.88
C GLY B 33 1.04 28.16 -58.14
N LYS B 34 0.99 29.48 -57.91
CA LYS B 34 1.28 30.47 -58.92
C LYS B 34 2.57 31.17 -58.51
N GLN B 35 3.53 31.25 -59.43
CA GLN B 35 4.85 31.79 -59.08
C GLN B 35 5.27 32.82 -60.12
N HIS B 36 5.80 33.95 -59.64
CA HIS B 36 6.42 34.94 -60.48
C HIS B 36 7.87 35.13 -60.07
N ALA B 37 8.70 35.52 -61.02
CA ALA B 37 10.11 35.82 -60.75
C ALA B 37 10.37 37.30 -60.99
N VAL B 38 11.21 37.90 -60.15
CA VAL B 38 11.55 39.32 -60.30
C VAL B 38 12.66 39.39 -61.35
N THR B 39 12.27 39.69 -62.58
CA THR B 39 13.22 39.72 -63.69
C THR B 39 14.05 41.01 -63.71
N ALA B 40 13.51 42.12 -63.21
CA ALA B 40 14.22 43.39 -63.26
C ALA B 40 13.71 44.31 -62.15
N THR B 41 14.56 45.26 -61.76
CA THR B 41 14.27 46.18 -60.68
C THR B 41 14.30 47.62 -61.18
N GLY B 42 13.33 48.42 -60.72
CA GLY B 42 13.34 49.85 -60.93
C GLY B 42 13.34 50.58 -59.59
N GLY B 43 13.65 51.87 -59.65
CA GLY B 43 13.83 52.68 -58.46
C GLY B 43 15.29 52.80 -58.07
N THR B 44 15.55 53.68 -57.11
CA THR B 44 16.90 53.95 -56.62
C THR B 44 17.26 53.04 -55.45
N GLN B 45 17.28 51.76 -55.77
CA GLN B 45 17.83 50.69 -54.91
C GLN B 45 19.10 50.19 -55.57
N THR B 46 20.22 50.38 -54.91
CA THR B 46 21.51 50.10 -55.53
C THR B 46 22.10 48.85 -54.89
N GLY B 47 22.45 47.90 -55.74
CA GLY B 47 23.00 46.64 -55.33
C GLY B 47 22.01 45.49 -55.35
N VAL B 48 20.75 45.77 -55.67
CA VAL B 48 19.72 44.74 -55.65
C VAL B 48 19.86 43.85 -56.89
N THR B 49 19.99 42.54 -56.67
CA THR B 49 20.16 41.58 -57.75
C THR B 49 18.83 40.96 -58.12
N THR B 50 18.64 40.70 -59.43
CA THR B 50 17.40 40.13 -59.93
C THR B 50 17.48 38.60 -59.90
N HIS B 51 16.48 37.95 -60.49
CA HIS B 51 16.32 36.51 -60.33
C HIS B 51 17.30 35.74 -61.20
N SER B 52 18.12 34.91 -60.56
CA SER B 52 18.94 33.89 -61.21
C SER B 52 18.52 32.55 -60.65
N VAL B 53 19.12 31.47 -61.14
CA VAL B 53 18.79 30.17 -60.57
C VAL B 53 19.52 29.97 -59.25
N SER B 54 20.79 30.38 -59.18
CA SER B 54 21.54 30.25 -57.94
C SER B 54 21.26 31.39 -56.98
N SER B 55 20.82 32.55 -57.48
CA SER B 55 20.44 33.70 -56.67
C SER B 55 19.00 34.09 -57.04
N PRO B 56 18.01 33.38 -56.50
CA PRO B 56 16.64 33.56 -56.96
C PRO B 56 16.00 34.83 -56.41
N PHE B 57 14.92 35.23 -57.09
CA PHE B 57 13.99 36.25 -56.63
C PHE B 57 12.61 35.76 -57.07
N THR B 58 11.95 35.02 -56.18
CA THR B 58 10.72 34.31 -56.54
C THR B 58 9.62 34.58 -55.53
N ILE B 59 8.41 34.76 -56.04
CA ILE B 59 7.21 35.06 -55.26
C ILE B 59 6.18 34.02 -55.65
N THR B 60 5.98 33.02 -54.78
CA THR B 60 5.09 31.90 -55.07
C THR B 60 3.97 31.82 -54.04
N PHE B 61 2.76 31.52 -54.50
CA PHE B 61 1.57 31.50 -53.66
C PHE B 61 0.80 30.21 -53.93
N THR B 62 0.51 29.46 -52.88
CA THR B 62 0.02 28.10 -52.99
C THR B 62 -1.25 27.91 -52.15
N ARG B 63 -2.15 27.09 -52.66
CA ARG B 63 -3.35 26.63 -51.97
C ARG B 63 -3.14 25.22 -51.45
N PRO B 64 -3.94 24.78 -50.48
CA PRO B 64 -3.76 23.42 -49.94
C PRO B 64 -4.19 22.35 -50.94
N LYS B 65 -3.65 21.15 -50.75
CA LYS B 65 -3.95 20.04 -51.66
C LYS B 65 -5.41 19.63 -51.55
N THR B 66 -5.92 19.54 -50.33
CA THR B 66 -7.29 19.11 -50.08
C THR B 66 -7.98 20.08 -49.15
N MET B 67 -9.14 20.59 -49.58
CA MET B 67 -9.91 21.48 -48.74
C MET B 67 -10.54 20.72 -47.57
N LYS B 68 -10.85 21.44 -46.50
CA LYS B 68 -11.48 20.86 -45.31
C LYS B 68 -12.78 21.59 -45.02
N THR B 69 -13.84 20.82 -44.78
CA THR B 69 -15.16 21.33 -44.46
C THR B 69 -15.35 21.35 -42.94
N VAL B 70 -16.30 22.17 -42.51
CA VAL B 70 -16.46 22.48 -41.08
C VAL B 70 -16.85 21.24 -40.28
N GLY B 71 -17.62 20.34 -40.87
CA GLY B 71 -18.10 19.20 -40.13
C GLY B 71 -19.42 19.49 -39.45
N VAL B 72 -19.77 18.59 -38.55
CA VAL B 72 -21.14 18.53 -38.03
C VAL B 72 -21.11 18.41 -36.51
N PRO B 73 -21.98 19.14 -35.79
CA PRO B 73 -21.94 19.09 -34.33
C PRO B 73 -22.38 17.74 -33.77
N ASN B 74 -21.74 17.37 -32.66
CA ASN B 74 -21.99 16.09 -32.01
C ASN B 74 -23.15 16.23 -31.00
N SER B 75 -23.33 15.19 -30.18
CA SER B 75 -24.48 15.11 -29.28
C SER B 75 -24.61 16.31 -28.36
N ASN B 76 -23.49 16.94 -28.02
CA ASN B 76 -23.49 18.10 -27.13
C ASN B 76 -23.60 19.42 -27.88
N GLY B 77 -23.85 19.38 -29.18
CA GLY B 77 -23.89 20.59 -29.98
C GLY B 77 -22.54 21.19 -30.29
N VAL B 78 -21.46 20.44 -30.10
CA VAL B 78 -20.10 20.93 -30.28
C VAL B 78 -19.46 20.24 -31.48
N ILE B 79 -18.81 21.01 -32.33
CA ILE B 79 -18.10 20.45 -33.49
C ILE B 79 -16.74 19.96 -33.03
N THR B 80 -16.50 18.65 -33.19
CA THR B 80 -15.41 17.99 -32.48
C THR B 80 -14.06 18.48 -32.94
N ASN B 81 -13.86 18.59 -34.24
CA ASN B 81 -12.53 18.86 -34.79
C ASN B 81 -12.69 19.86 -35.93
N ILE B 82 -12.10 21.03 -35.75
CA ILE B 82 -12.08 22.07 -36.77
C ILE B 82 -10.70 22.04 -37.40
N GLY B 83 -10.59 21.39 -38.56
CA GLY B 83 -9.40 21.51 -39.36
C GLY B 83 -9.23 22.92 -39.89
N ARG B 84 -8.07 23.18 -40.51
CA ARG B 84 -7.78 24.51 -41.02
C ARG B 84 -7.07 24.42 -42.37
N ASN B 85 -7.56 25.18 -43.36
CA ASN B 85 -6.87 25.27 -44.65
C ASN B 85 -5.87 26.42 -44.58
N THR B 86 -4.59 26.13 -44.86
CA THR B 86 -3.52 27.13 -44.84
C THR B 86 -3.07 27.41 -46.27
N TYR B 87 -3.04 28.70 -46.62
CA TYR B 87 -2.51 29.16 -47.89
C TYR B 87 -1.14 29.78 -47.66
N GLY B 88 -0.23 29.54 -48.59
CA GLY B 88 1.17 29.91 -48.38
C GLY B 88 1.75 30.88 -49.40
N PHE B 89 2.37 31.96 -48.91
CA PHE B 89 2.96 33.00 -49.75
C PHE B 89 4.43 33.10 -49.40
N LEU B 90 5.31 32.81 -50.35
CA LEU B 90 6.72 32.67 -50.02
C LEU B 90 7.60 33.38 -51.04
N VAL B 91 8.55 34.16 -50.53
CA VAL B 91 9.50 34.92 -51.33
C VAL B 91 10.90 34.38 -51.01
N ARG B 92 11.63 34.02 -52.06
CA ARG B 92 13.01 33.57 -51.95
C ARG B 92 13.91 34.58 -52.62
N LYS B 93 14.97 34.99 -51.92
CA LYS B 93 15.88 36.01 -52.45
C LYS B 93 17.32 35.59 -52.25
N GLY B 94 18.09 35.65 -53.34
CA GLY B 94 19.51 35.40 -53.26
C GLY B 94 20.22 36.49 -52.49
N VAL B 95 20.92 36.12 -51.40
CA VAL B 95 21.64 37.07 -50.55
C VAL B 95 23.04 36.53 -50.32
N ILE B 96 24.03 37.41 -50.34
CA ILE B 96 25.44 36.99 -50.30
C ILE B 96 25.96 37.18 -48.88
N PRO B 97 26.37 36.11 -48.17
CA PRO B 97 26.75 36.29 -46.77
C PRO B 97 28.18 36.79 -46.55
N ALA B 98 29.14 36.33 -47.32
CA ALA B 98 30.54 36.64 -47.04
C ALA B 98 31.16 37.40 -48.21
N VAL B 99 32.47 37.66 -48.09
CA VAL B 99 33.15 38.49 -49.07
C VAL B 99 33.24 37.76 -50.41
N ASN B 100 33.54 36.48 -50.38
CA ASN B 100 33.63 35.69 -51.60
C ASN B 100 32.68 34.52 -51.60
N GLN B 101 31.96 34.29 -50.51
CA GLN B 101 31.09 33.13 -50.46
C GLN B 101 29.91 33.28 -51.43
N SER B 102 29.28 32.16 -51.69
CA SER B 102 28.25 32.01 -52.71
C SER B 102 26.89 32.39 -52.14
N PRO B 103 25.93 32.71 -53.02
CA PRO B 103 24.64 33.21 -52.51
C PRO B 103 23.85 32.15 -51.74
N GLN B 104 23.40 32.53 -50.55
CA GLN B 104 22.42 31.84 -49.73
C GLN B 104 21.03 32.40 -50.02
N VAL B 105 20.00 31.76 -49.49
CA VAL B 105 18.62 32.11 -49.83
C VAL B 105 17.95 32.70 -48.60
N MET B 106 17.85 34.03 -48.54
CA MET B 106 16.94 34.64 -47.59
C MET B 106 15.51 34.26 -47.94
N LEU B 107 14.67 34.14 -46.93
CA LEU B 107 13.37 33.53 -47.11
C LEU B 107 12.33 34.31 -46.31
N VAL B 108 11.28 34.80 -46.97
CA VAL B 108 10.18 35.50 -46.30
C VAL B 108 8.91 34.72 -46.60
N ARG B 109 8.35 34.04 -45.60
CA ARG B 109 7.20 33.18 -45.84
C ARG B 109 6.03 33.55 -44.93
N VAL B 110 4.83 33.55 -45.52
CA VAL B 110 3.59 33.89 -44.86
C VAL B 110 2.67 32.68 -44.97
N GLU B 111 2.01 32.35 -43.87
CA GLU B 111 1.04 31.27 -43.82
C GLU B 111 -0.26 31.83 -43.27
N ILE B 112 -1.35 31.56 -44.00
CA ILE B 112 -2.67 32.04 -43.65
C ILE B 112 -3.51 30.81 -43.35
N SER B 113 -3.72 30.51 -42.06
CA SER B 113 -4.53 29.37 -41.64
C SER B 113 -5.94 29.84 -41.34
N VAL B 114 -6.87 29.46 -42.21
CA VAL B 114 -8.29 29.76 -42.09
C VAL B 114 -9.00 28.53 -41.54
N PRO B 115 -9.62 28.61 -40.36
CA PRO B 115 -10.42 27.48 -39.86
C PRO B 115 -11.51 27.09 -40.83
N ALA B 116 -12.10 25.93 -40.56
CA ALA B 116 -12.95 25.28 -41.57
C ALA B 116 -14.21 26.10 -41.82
N GLY B 117 -15.04 26.28 -40.79
CA GLY B 117 -16.31 26.96 -40.99
C GLY B 117 -16.20 28.45 -41.15
N ALA B 118 -15.00 28.98 -40.89
CA ALA B 118 -14.73 30.41 -40.95
C ALA B 118 -15.07 30.99 -42.31
N ASP B 119 -14.50 30.40 -43.37
CA ASP B 119 -14.55 30.98 -44.71
C ASP B 119 -15.96 31.28 -45.17
N THR B 120 -16.93 30.54 -44.64
CA THR B 120 -18.33 30.74 -44.99
C THR B 120 -19.10 31.51 -43.92
N TYR B 121 -19.02 31.07 -42.65
CA TYR B 121 -19.88 31.65 -41.63
C TYR B 121 -19.42 33.05 -41.23
N ASP B 122 -18.10 33.25 -41.05
CA ASP B 122 -17.56 34.53 -40.56
C ASP B 122 -16.45 34.96 -41.52
N ALA B 123 -16.86 35.59 -42.63
CA ALA B 123 -15.86 35.99 -43.61
C ALA B 123 -15.28 37.36 -43.28
N ALA B 124 -16.07 38.20 -42.61
CA ALA B 124 -15.61 39.55 -42.30
C ALA B 124 -14.39 39.51 -41.38
N ASN B 125 -14.39 38.61 -40.40
CA ASN B 125 -13.26 38.54 -39.49
C ASN B 125 -12.02 37.96 -40.16
N VAL B 126 -12.21 37.02 -41.08
CA VAL B 126 -11.10 36.53 -41.89
C VAL B 126 -10.46 37.68 -42.67
N LYS B 127 -11.29 38.40 -43.44
CA LYS B 127 -10.78 39.52 -44.21
C LYS B 127 -10.13 40.56 -43.32
N ALA B 128 -10.66 40.75 -42.10
CA ALA B 128 -10.12 41.75 -41.19
C ALA B 128 -8.75 41.34 -40.67
N ALA B 129 -8.58 40.07 -40.32
CA ALA B 129 -7.26 39.60 -39.92
C ALA B 129 -6.25 39.83 -41.03
N LEU B 130 -6.63 39.49 -42.26
CA LEU B 130 -5.71 39.68 -43.39
C LEU B 130 -5.36 41.14 -43.59
N SER B 131 -6.36 42.03 -43.53
CA SER B 131 -6.11 43.45 -43.79
C SER B 131 -5.28 44.08 -42.67
N ALA B 132 -5.53 43.69 -41.42
CA ALA B 132 -4.72 44.22 -40.33
C ALA B 132 -3.27 43.74 -40.44
N ALA B 133 -3.07 42.44 -40.72
CA ALA B 133 -1.72 41.93 -40.86
C ALA B 133 -0.96 42.64 -41.98
N ILE B 134 -1.58 42.71 -43.17
CA ILE B 134 -0.88 43.32 -44.30
C ILE B 134 -0.72 44.83 -44.10
N GLY B 135 -1.67 45.49 -43.43
CA GLY B 135 -1.53 46.91 -43.20
C GLY B 135 -0.43 47.25 -42.23
N VAL B 136 -0.29 46.47 -41.16
CA VAL B 136 0.84 46.66 -40.25
C VAL B 136 2.15 46.36 -40.95
N LEU B 137 2.17 45.33 -41.81
CA LEU B 137 3.38 45.01 -42.55
C LEU B 137 3.80 46.15 -43.47
N SER B 138 2.85 46.72 -44.21
CA SER B 138 3.19 47.82 -45.12
C SER B 138 3.52 49.09 -44.36
N GLN B 139 2.92 49.30 -43.17
CA GLN B 139 3.24 50.48 -42.37
C GLN B 139 4.66 50.40 -41.82
N GLN B 140 5.04 49.25 -41.28
CA GLN B 140 6.34 49.08 -40.66
C GLN B 140 7.34 48.43 -41.58
N SER B 141 7.16 48.51 -42.90
CA SER B 141 8.06 47.80 -43.81
C SER B 141 9.50 48.28 -43.63
N ALA B 142 9.70 49.59 -43.63
CA ALA B 142 11.04 50.14 -43.46
C ALA B 142 11.63 49.72 -42.13
N GLY B 143 10.83 49.81 -41.06
CA GLY B 143 11.34 49.48 -39.74
C GLY B 143 11.63 48.01 -39.56
N ILE B 144 10.86 47.14 -40.22
CA ILE B 144 11.13 45.70 -40.18
C ILE B 144 12.42 45.39 -40.92
N GLY B 145 12.69 46.10 -42.02
CA GLY B 145 14.00 45.98 -42.65
C GLY B 145 15.13 46.42 -41.71
N ASP B 146 14.95 47.60 -41.12
CA ASP B 146 15.91 48.09 -40.13
C ASP B 146 16.16 47.05 -39.05
N THR B 147 15.11 46.37 -38.60
CA THR B 147 15.27 45.33 -37.59
C THR B 147 15.97 44.10 -38.15
N ALA B 148 15.66 43.73 -39.39
CA ALA B 148 16.30 42.57 -40.01
C ALA B 148 17.79 42.74 -40.12
N LEU B 149 18.25 43.99 -40.17
CA LEU B 149 19.69 44.26 -40.21
C LEU B 149 20.28 44.58 -38.84
N SER B 150 19.51 45.24 -37.96
CA SER B 150 20.03 45.75 -36.69
C SER B 150 19.94 44.71 -35.58
N GLY B 151 18.92 43.86 -35.60
CA GLY B 151 18.63 43.00 -34.47
C GLY B 151 17.94 43.70 -33.33
N ILE B 152 17.38 44.88 -33.59
CA ILE B 152 16.84 45.75 -32.55
C ILE B 152 15.35 45.90 -32.76
N LEU B 153 14.58 45.80 -31.69
CA LEU B 153 13.14 45.97 -31.75
C LEU B 153 12.69 47.39 -31.39
N ALA C 1 -7.95 17.72 -76.83
CA ALA C 1 -8.11 19.14 -77.13
C ALA C 1 -9.31 19.71 -76.35
N TYR C 2 -9.20 19.75 -75.01
CA TYR C 2 -10.25 20.25 -74.13
C TYR C 2 -9.85 21.60 -73.56
N SER C 3 -10.56 22.67 -73.96
CA SER C 3 -10.28 24.04 -73.49
C SER C 3 -11.58 24.85 -73.53
N PRO C 4 -12.20 25.07 -72.38
CA PRO C 4 -13.47 25.81 -72.33
C PRO C 4 -13.25 27.32 -72.49
N SER C 5 -14.35 28.02 -72.75
CA SER C 5 -14.38 29.47 -72.96
C SER C 5 -14.78 30.20 -71.68
N THR C 6 -14.43 31.49 -71.62
CA THR C 6 -14.64 32.26 -70.39
C THR C 6 -16.11 32.33 -70.01
N PRO C 7 -17.02 32.87 -70.86
CA PRO C 7 -18.44 32.62 -70.60
C PRO C 7 -18.91 31.35 -71.28
N VAL C 8 -19.31 30.35 -70.52
CA VAL C 8 -19.90 29.15 -71.07
C VAL C 8 -21.40 29.34 -71.11
N THR C 9 -21.98 29.25 -72.30
CA THR C 9 -23.43 29.30 -72.42
C THR C 9 -24.00 28.02 -71.84
N GLY C 10 -24.64 28.13 -70.67
CA GLY C 10 -25.19 26.96 -70.01
C GLY C 10 -26.40 26.42 -70.75
N ALA C 11 -26.56 25.10 -70.70
CA ALA C 11 -27.66 24.45 -71.41
C ALA C 11 -28.99 24.87 -70.81
N ALA C 12 -30.01 24.90 -71.65
CA ALA C 12 -31.30 25.43 -71.22
C ALA C 12 -31.79 24.68 -70.00
N GLN C 13 -32.37 25.42 -69.05
CA GLN C 13 -32.99 24.83 -67.87
C GLN C 13 -34.31 25.53 -67.62
N THR C 14 -35.13 24.92 -66.77
CA THR C 14 -36.54 25.30 -66.68
C THR C 14 -36.70 26.74 -66.21
N GLY C 15 -36.17 27.08 -65.05
CA GLY C 15 -36.34 28.44 -64.58
C GLY C 15 -35.32 29.45 -65.05
N PHE C 16 -34.40 29.09 -65.93
CA PHE C 16 -33.28 29.95 -66.28
C PHE C 16 -33.50 30.65 -67.61
N THR C 17 -33.20 31.94 -67.62
CA THR C 17 -33.25 32.74 -68.84
C THR C 17 -31.81 33.10 -69.21
N SER C 18 -31.38 32.61 -70.38
CA SER C 18 -30.06 32.86 -70.96
C SER C 18 -28.94 32.71 -69.93
N PRO C 19 -28.74 31.50 -69.36
CA PRO C 19 -27.74 31.34 -68.30
C PRO C 19 -26.34 31.13 -68.82
N THR C 20 -25.38 31.84 -68.25
CA THR C 20 -23.97 31.71 -68.60
C THR C 20 -23.16 31.53 -67.32
N TYR C 21 -22.03 30.81 -67.43
CA TYR C 21 -21.17 30.55 -66.29
C TYR C 21 -19.75 30.97 -66.62
N THR C 22 -19.18 31.86 -65.80
CA THR C 22 -17.81 32.31 -65.96
C THR C 22 -16.89 31.30 -65.28
N LEU C 23 -15.92 30.77 -66.03
CA LEU C 23 -14.97 29.80 -65.50
C LEU C 23 -13.66 30.49 -65.18
N THR C 24 -13.14 30.22 -63.99
CA THR C 24 -11.79 30.62 -63.62
C THR C 24 -10.92 29.36 -63.58
N SER C 25 -9.74 29.45 -64.16
CA SER C 25 -8.86 28.28 -64.20
C SER C 25 -8.52 27.85 -62.78
N ASP C 26 -8.58 26.54 -62.54
CA ASP C 26 -8.23 25.96 -61.25
C ASP C 26 -7.28 24.81 -61.47
N THR C 27 -6.52 24.48 -60.44
CA THR C 27 -5.52 23.43 -60.53
C THR C 27 -6.14 22.09 -60.14
N ALA C 28 -5.96 21.10 -61.01
CA ALA C 28 -6.68 19.84 -60.99
C ALA C 28 -6.13 18.89 -59.92
N PRO C 29 -6.90 17.86 -59.55
CA PRO C 29 -6.43 16.98 -58.46
C PRO C 29 -5.32 16.06 -58.90
N THR C 30 -5.37 15.57 -60.13
CA THR C 30 -4.30 14.79 -60.73
C THR C 30 -3.51 15.66 -61.69
N ALA C 31 -2.38 15.12 -62.13
CA ALA C 31 -1.58 15.80 -63.13
C ALA C 31 -2.10 15.57 -64.54
N LEU C 32 -3.07 14.66 -64.69
CA LEU C 32 -3.65 14.33 -65.98
C LEU C 32 -5.05 14.90 -66.14
N GLY C 33 -5.39 15.91 -65.36
CA GLY C 33 -6.69 16.55 -65.43
C GLY C 33 -6.55 18.04 -65.64
N LYS C 34 -7.56 18.62 -66.28
CA LYS C 34 -7.72 20.05 -66.39
C LYS C 34 -9.01 20.43 -65.67
N GLN C 35 -8.91 21.37 -64.74
CA GLN C 35 -10.06 21.74 -63.92
C GLN C 35 -10.31 23.23 -64.01
N HIS C 36 -11.57 23.60 -64.14
CA HIS C 36 -11.98 24.99 -63.97
C HIS C 36 -13.01 25.03 -62.84
N ALA C 37 -13.20 26.22 -62.28
CA ALA C 37 -14.22 26.40 -61.24
C ALA C 37 -15.10 27.59 -61.59
N VAL C 38 -16.39 27.47 -61.29
CA VAL C 38 -17.36 28.49 -61.67
C VAL C 38 -17.23 29.62 -60.66
N THR C 39 -16.55 30.70 -61.06
CA THR C 39 -16.33 31.83 -60.17
C THR C 39 -17.54 32.76 -60.12
N ALA C 40 -18.32 32.85 -61.20
CA ALA C 40 -19.48 33.75 -61.21
C ALA C 40 -20.50 33.27 -62.24
N THR C 41 -21.75 33.68 -62.03
CA THR C 41 -22.86 33.32 -62.91
C THR C 41 -23.46 34.57 -63.54
N GLY C 42 -23.82 34.48 -64.82
CA GLY C 42 -24.60 35.49 -65.48
C GLY C 42 -25.90 34.89 -65.97
N GLY C 43 -26.88 35.73 -66.26
CA GLY C 43 -28.21 35.27 -66.64
C GLY C 43 -29.17 35.31 -65.46
N THR C 44 -30.45 35.04 -65.77
CA THR C 44 -31.50 35.06 -64.76
C THR C 44 -31.68 33.65 -64.20
N GLN C 45 -30.74 33.27 -63.33
CA GLN C 45 -30.79 32.03 -62.57
C GLN C 45 -30.67 32.42 -61.11
N THR C 46 -31.82 32.64 -60.48
CA THR C 46 -31.83 33.22 -59.16
C THR C 46 -31.55 32.13 -58.12
N GLY C 47 -30.67 32.44 -57.17
CA GLY C 47 -30.31 31.52 -56.11
C GLY C 47 -29.10 30.66 -56.39
N VAL C 48 -28.56 30.70 -57.60
CA VAL C 48 -27.44 29.83 -57.96
C VAL C 48 -26.18 30.32 -57.25
N THR C 49 -25.56 29.43 -56.47
CA THR C 49 -24.37 29.76 -55.72
C THR C 49 -23.11 29.34 -56.49
N THR C 50 -22.11 30.22 -56.50
CA THR C 50 -20.87 29.96 -57.19
C THR C 50 -19.95 29.09 -56.33
N HIS C 51 -18.72 28.88 -56.80
CA HIS C 51 -17.79 28.02 -56.08
C HIS C 51 -17.36 28.66 -54.77
N SER C 52 -17.55 27.92 -53.68
CA SER C 52 -17.04 28.28 -52.37
C SER C 52 -16.29 27.08 -51.82
N VAL C 53 -15.57 27.29 -50.72
CA VAL C 53 -14.90 26.17 -50.09
C VAL C 53 -15.93 25.19 -49.54
N SER C 54 -17.02 25.71 -48.98
CA SER C 54 -18.03 24.85 -48.38
C SER C 54 -18.88 24.14 -49.44
N SER C 55 -19.20 24.83 -50.53
CA SER C 55 -20.04 24.28 -51.60
C SER C 55 -19.37 24.51 -52.95
N PRO C 56 -18.73 23.50 -53.53
CA PRO C 56 -17.93 23.73 -54.74
C PRO C 56 -18.77 23.74 -56.00
N PHE C 57 -18.20 24.36 -57.04
CA PHE C 57 -18.76 24.35 -58.40
C PHE C 57 -17.56 24.15 -59.31
N THR C 58 -17.28 22.89 -59.66
CA THR C 58 -16.04 22.53 -60.35
C THR C 58 -16.32 21.63 -61.55
N ILE C 59 -15.54 21.85 -62.61
CA ILE C 59 -15.67 21.13 -63.88
C ILE C 59 -14.28 20.60 -64.21
N THR C 60 -14.08 19.29 -64.07
CA THR C 60 -12.76 18.69 -64.24
C THR C 60 -12.81 17.57 -65.27
N PHE C 61 -11.82 17.55 -66.18
CA PHE C 61 -11.75 16.57 -67.26
C PHE C 61 -10.40 15.89 -67.22
N THR C 62 -10.41 14.56 -67.18
CA THR C 62 -9.21 13.76 -66.95
C THR C 62 -9.04 12.73 -68.04
N ARG C 63 -7.79 12.48 -68.43
CA ARG C 63 -7.40 11.43 -69.35
C ARG C 63 -6.73 10.29 -68.58
N PRO C 64 -6.75 9.06 -69.12
CA PRO C 64 -6.23 7.93 -68.36
C PRO C 64 -4.72 8.02 -68.15
N LYS C 65 -4.28 7.39 -67.05
CA LYS C 65 -2.85 7.39 -66.71
C LYS C 65 -2.05 6.69 -67.80
N THR C 66 -2.46 5.49 -68.19
CA THR C 66 -1.74 4.69 -69.17
C THR C 66 -2.68 4.36 -70.33
N MET C 67 -2.30 4.79 -71.54
CA MET C 67 -3.04 4.44 -72.73
C MET C 67 -2.83 2.97 -73.06
N LYS C 68 -3.83 2.36 -73.72
CA LYS C 68 -3.78 0.94 -74.08
C LYS C 68 -3.82 0.77 -75.60
N THR C 69 -2.88 -0.02 -76.12
CA THR C 69 -2.78 -0.30 -77.55
C THR C 69 -3.63 -1.53 -77.89
N VAL C 70 -3.98 -1.65 -79.17
CA VAL C 70 -4.98 -2.62 -79.59
C VAL C 70 -4.49 -4.06 -79.41
N GLY C 71 -3.20 -4.30 -79.64
CA GLY C 71 -2.67 -5.64 -79.53
C GLY C 71 -2.52 -6.32 -80.89
N VAL C 72 -1.89 -7.48 -80.87
CA VAL C 72 -1.46 -8.20 -82.07
C VAL C 72 -2.38 -9.40 -82.27
N PRO C 73 -2.91 -9.60 -83.47
CA PRO C 73 -3.76 -10.76 -83.72
C PRO C 73 -2.97 -12.06 -83.63
N ASN C 74 -3.65 -13.11 -83.17
CA ASN C 74 -3.03 -14.42 -83.01
C ASN C 74 -3.14 -15.22 -84.31
N SER C 75 -2.84 -16.51 -84.22
CA SER C 75 -2.81 -17.36 -85.41
C SER C 75 -4.16 -17.39 -86.12
N ASN C 76 -5.25 -17.37 -85.37
CA ASN C 76 -6.59 -17.37 -85.94
C ASN C 76 -6.99 -16.02 -86.54
N GLY C 77 -6.16 -14.98 -86.39
CA GLY C 77 -6.54 -13.65 -86.79
C GLY C 77 -7.32 -12.88 -85.76
N VAL C 78 -7.40 -13.39 -84.53
CA VAL C 78 -8.23 -12.82 -83.47
C VAL C 78 -7.35 -12.10 -82.46
N ILE C 79 -7.77 -10.91 -82.04
CA ILE C 79 -7.09 -10.15 -81.01
C ILE C 79 -7.70 -10.50 -79.66
N THR C 80 -6.84 -10.92 -78.72
CA THR C 80 -7.32 -11.64 -77.55
C THR C 80 -8.07 -10.72 -76.58
N ASN C 81 -7.52 -9.55 -76.26
CA ASN C 81 -8.11 -8.69 -75.26
C ASN C 81 -8.04 -7.24 -75.72
N ILE C 82 -9.21 -6.60 -75.83
CA ILE C 82 -9.31 -5.21 -76.21
C ILE C 82 -9.56 -4.42 -74.94
N GLY C 83 -8.49 -3.85 -74.39
CA GLY C 83 -8.64 -2.90 -73.31
C GLY C 83 -9.40 -1.67 -73.77
N ARG C 84 -9.76 -0.83 -72.81
CA ARG C 84 -10.52 0.37 -73.12
C ARG C 84 -9.97 1.54 -72.32
N ASN C 85 -9.58 2.62 -72.99
CA ASN C 85 -9.16 3.84 -72.29
C ASN C 85 -10.40 4.70 -72.06
N THR C 86 -10.61 5.13 -70.81
CA THR C 86 -11.77 5.90 -70.38
C THR C 86 -11.34 7.32 -69.99
N TYR C 87 -11.99 8.30 -70.57
CA TYR C 87 -11.80 9.70 -70.22
C TYR C 87 -12.97 10.12 -69.34
N GLY C 88 -12.68 11.00 -68.38
CA GLY C 88 -13.68 11.36 -67.37
C GLY C 88 -13.98 12.83 -67.20
N PHE C 89 -15.26 13.19 -67.25
CA PHE C 89 -15.70 14.57 -67.16
C PHE C 89 -16.64 14.69 -65.97
N LEU C 90 -16.28 15.52 -64.99
CA LEU C 90 -17.04 15.51 -63.75
C LEU C 90 -17.28 16.92 -63.23
N VAL C 91 -18.54 17.18 -62.88
CA VAL C 91 -18.99 18.45 -62.33
C VAL C 91 -19.45 18.18 -60.90
N ARG C 92 -18.96 18.99 -59.97
CA ARG C 92 -19.36 18.94 -58.56
C ARG C 92 -20.01 20.26 -58.18
N LYS C 93 -21.20 20.18 -57.57
CA LYS C 93 -21.96 21.38 -57.24
C LYS C 93 -22.44 21.34 -55.81
N GLY C 94 -22.20 22.41 -55.07
CA GLY C 94 -22.70 22.52 -53.71
C GLY C 94 -24.20 22.76 -53.71
N VAL C 95 -24.95 21.86 -53.06
CA VAL C 95 -26.41 21.89 -53.04
C VAL C 95 -26.87 21.64 -51.62
N ILE C 96 -27.83 22.42 -51.14
CA ILE C 96 -28.22 22.39 -49.73
C ILE C 96 -29.48 21.53 -49.56
N PRO C 97 -29.43 20.44 -48.78
CA PRO C 97 -30.60 19.55 -48.72
C PRO C 97 -31.72 20.04 -47.82
N ALA C 98 -31.44 20.63 -46.66
CA ALA C 98 -32.51 21.00 -45.77
C ALA C 98 -32.43 22.47 -45.38
N VAL C 99 -33.27 22.84 -44.41
CA VAL C 99 -33.43 24.25 -44.08
C VAL C 99 -32.18 24.79 -43.39
N ASN C 100 -31.49 23.95 -42.63
CA ASN C 100 -30.29 24.43 -41.96
C ASN C 100 -29.12 23.45 -42.09
N GLN C 101 -29.14 22.59 -43.11
CA GLN C 101 -28.11 21.56 -43.22
C GLN C 101 -26.88 22.07 -43.97
N SER C 102 -25.77 21.36 -43.74
CA SER C 102 -24.54 21.63 -44.45
C SER C 102 -24.69 21.25 -45.92
N PRO C 103 -24.02 21.95 -46.83
CA PRO C 103 -24.16 21.63 -48.25
C PRO C 103 -23.62 20.24 -48.57
N GLN C 104 -24.39 19.51 -49.36
CA GLN C 104 -24.05 18.25 -50.00
C GLN C 104 -23.54 18.51 -51.41
N VAL C 105 -22.83 17.54 -51.97
CA VAL C 105 -22.21 17.70 -53.28
C VAL C 105 -23.03 16.94 -54.31
N MET C 106 -23.93 17.63 -55.00
CA MET C 106 -24.49 17.05 -56.20
C MET C 106 -23.36 16.76 -57.18
N LEU C 107 -23.53 15.71 -57.98
CA LEU C 107 -22.41 15.21 -58.76
C LEU C 107 -22.91 14.72 -60.12
N VAL C 108 -22.40 15.33 -61.19
CA VAL C 108 -22.73 14.92 -62.56
C VAL C 108 -21.44 14.41 -63.18
N ARG C 109 -21.38 13.13 -63.50
CA ARG C 109 -20.14 12.56 -64.00
C ARG C 109 -20.36 11.74 -65.26
N VAL C 110 -19.51 12.00 -66.26
CA VAL C 110 -19.54 11.36 -67.55
C VAL C 110 -18.27 10.53 -67.67
N GLU C 111 -18.39 9.37 -68.29
CA GLU C 111 -17.27 8.50 -68.60
C GLU C 111 -17.37 8.08 -70.05
N ILE C 112 -16.29 8.27 -70.79
CA ILE C 112 -16.21 7.96 -72.21
C ILE C 112 -15.20 6.83 -72.34
N SER C 113 -15.67 5.60 -72.54
CA SER C 113 -14.81 4.43 -72.69
C SER C 113 -14.65 4.11 -74.18
N VAL C 114 -13.44 4.29 -74.68
CA VAL C 114 -13.08 4.02 -76.07
C VAL C 114 -12.27 2.74 -76.11
N PRO C 115 -12.66 1.76 -76.91
CA PRO C 115 -11.85 0.54 -77.02
C PRO C 115 -10.51 0.81 -77.70
N ALA C 116 -9.64 -0.18 -77.59
CA ALA C 116 -8.22 0.05 -77.79
C ALA C 116 -7.90 0.44 -79.24
N GLY C 117 -8.51 -0.25 -80.19
CA GLY C 117 -8.16 -0.09 -81.58
C GLY C 117 -9.06 0.93 -82.26
N ALA C 118 -10.15 1.26 -81.56
CA ALA C 118 -11.18 2.16 -82.09
C ALA C 118 -10.59 3.49 -82.54
N ASP C 119 -9.83 4.13 -81.65
CA ASP C 119 -9.38 5.52 -81.83
C ASP C 119 -8.68 5.73 -83.16
N THR C 120 -8.08 4.68 -83.69
CA THR C 120 -7.38 4.72 -84.97
C THR C 120 -8.22 4.13 -86.10
N TYR C 121 -8.68 2.88 -85.94
CA TYR C 121 -9.31 2.21 -87.07
C TYR C 121 -10.67 2.81 -87.41
N ASP C 122 -11.50 3.08 -86.40
CA ASP C 122 -12.88 3.54 -86.62
C ASP C 122 -13.11 4.80 -85.78
N ALA C 123 -12.66 5.94 -86.30
CA ALA C 123 -12.79 7.18 -85.56
C ALA C 123 -14.15 7.83 -85.78
N ALA C 124 -14.75 7.59 -86.95
CA ALA C 124 -16.03 8.22 -87.26
C ALA C 124 -17.11 7.73 -86.30
N ASN C 125 -17.09 6.45 -85.94
CA ASN C 125 -18.12 5.93 -85.04
C ASN C 125 -17.92 6.42 -83.61
N VAL C 126 -16.67 6.56 -83.18
CA VAL C 126 -16.39 7.19 -81.89
C VAL C 126 -16.96 8.60 -81.85
N LYS C 127 -16.59 9.42 -82.85
CA LYS C 127 -17.08 10.79 -82.90
C LYS C 127 -18.60 10.82 -82.94
N ALA C 128 -19.21 9.84 -83.62
CA ALA C 128 -20.67 9.80 -83.74
C ALA C 128 -21.33 9.48 -82.42
N ALA C 129 -20.79 8.52 -81.66
CA ALA C 129 -21.32 8.24 -80.33
C ALA C 129 -21.26 9.46 -79.45
N LEU C 130 -20.13 10.18 -79.48
CA LEU C 130 -19.99 11.39 -78.67
C LEU C 130 -20.99 12.45 -79.09
N SER C 131 -21.13 12.69 -80.40
CA SER C 131 -22.03 13.74 -80.87
C SER C 131 -23.49 13.41 -80.59
N ALA C 132 -23.86 12.13 -80.67
CA ALA C 132 -25.23 11.74 -80.35
C ALA C 132 -25.51 11.88 -78.86
N ALA C 133 -24.58 11.41 -78.01
CA ALA C 133 -24.76 11.54 -76.57
C ALA C 133 -24.90 13.01 -76.17
N ILE C 134 -23.96 13.86 -76.59
CA ILE C 134 -24.01 15.25 -76.19
C ILE C 134 -25.17 15.99 -76.86
N GLY C 135 -25.55 15.62 -78.08
CA GLY C 135 -26.69 16.27 -78.71
C GLY C 135 -28.00 15.96 -78.03
N VAL C 136 -28.19 14.70 -77.60
CA VAL C 136 -29.37 14.36 -76.83
C VAL C 136 -29.36 15.06 -75.48
N LEU C 137 -28.19 15.15 -74.84
CA LEU C 137 -28.10 15.85 -73.56
C LEU C 137 -28.50 17.32 -73.70
N SER C 138 -27.98 18.00 -74.72
CA SER C 138 -28.30 19.42 -74.88
C SER C 138 -29.73 19.63 -75.35
N GLN C 139 -30.29 18.68 -76.12
CA GLN C 139 -31.68 18.80 -76.54
C GLN C 139 -32.61 18.64 -75.34
N GLN C 140 -32.31 17.68 -74.47
CA GLN C 140 -33.17 17.39 -73.33
C GLN C 140 -32.61 17.91 -72.02
N SER C 141 -31.87 19.02 -72.05
CA SER C 141 -31.29 19.53 -70.81
C SER C 141 -32.36 20.00 -69.85
N ALA C 142 -33.30 20.81 -70.34
CA ALA C 142 -34.38 21.29 -69.49
C ALA C 142 -35.21 20.13 -68.96
N GLY C 143 -35.49 19.14 -69.82
CA GLY C 143 -36.29 18.01 -69.40
C GLY C 143 -35.59 17.11 -68.40
N ILE C 144 -34.26 16.96 -68.53
CA ILE C 144 -33.51 16.18 -67.56
C ILE C 144 -33.42 16.91 -66.23
N GLY C 145 -33.36 18.24 -66.23
CA GLY C 145 -33.50 18.97 -64.98
C GLY C 145 -34.87 18.74 -64.34
N ASP C 146 -35.93 18.87 -65.15
CA ASP C 146 -37.28 18.60 -64.67
C ASP C 146 -37.38 17.20 -64.07
N THR C 147 -36.71 16.23 -64.69
CA THR C 147 -36.71 14.87 -64.15
C THR C 147 -35.92 14.77 -62.85
N ALA C 148 -34.74 15.41 -62.81
CA ALA C 148 -33.90 15.35 -61.61
C ALA C 148 -34.59 15.97 -60.41
N LEU C 149 -35.51 16.90 -60.64
CA LEU C 149 -36.25 17.49 -59.54
C LEU C 149 -37.56 16.77 -59.25
N SER C 150 -38.24 16.28 -60.30
CA SER C 150 -39.57 15.73 -60.15
C SER C 150 -39.57 14.26 -59.75
N GLY C 151 -38.58 13.49 -60.18
CA GLY C 151 -38.72 12.07 -60.20
C GLY C 151 -39.55 11.56 -61.35
N ILE C 152 -39.96 12.44 -62.24
CA ILE C 152 -40.85 12.08 -63.35
C ILE C 152 -39.99 11.77 -64.56
N LEU C 153 -40.20 10.59 -65.13
CA LEU C 153 -39.49 10.18 -66.33
C LEU C 153 -40.44 10.25 -67.55
N ALA D 1 84.94 23.63 44.86
CA ALA D 1 85.64 24.79 44.33
C ALA D 1 86.56 24.42 43.16
N TYR D 2 85.95 23.95 42.06
CA TYR D 2 86.68 23.52 40.86
C TYR D 2 86.50 24.56 39.76
N SER D 3 87.59 25.29 39.42
CA SER D 3 87.56 26.32 38.39
C SER D 3 88.94 26.42 37.75
N PRO D 4 89.13 25.84 36.57
CA PRO D 4 90.43 25.87 35.91
C PRO D 4 90.75 27.24 35.31
N SER D 5 92.02 27.42 34.96
CA SER D 5 92.56 28.66 34.40
C SER D 5 92.69 28.57 32.89
N THR D 6 92.79 29.75 32.23
CA THR D 6 92.71 29.78 30.77
C THR D 6 93.87 29.03 30.12
N PRO D 7 95.15 29.36 30.39
CA PRO D 7 96.22 28.42 30.02
C PRO D 7 96.53 27.46 31.17
N VAL D 8 96.33 26.17 30.95
CA VAL D 8 96.68 25.16 31.94
C VAL D 8 98.08 24.70 31.62
N THR D 9 98.97 24.82 32.59
CA THR D 9 100.34 24.32 32.45
C THR D 9 100.27 22.80 32.48
N GLY D 10 100.40 22.16 31.31
CA GLY D 10 100.25 20.72 31.24
C GLY D 10 101.42 20.00 31.86
N ALA D 11 101.14 18.85 32.47
CA ALA D 11 102.17 18.11 33.18
C ALA D 11 103.24 17.63 32.20
N ALA D 12 104.45 17.47 32.72
CA ALA D 12 105.57 17.16 31.85
C ALA D 12 105.34 15.84 31.13
N GLN D 13 105.67 15.81 29.84
CA GLN D 13 105.59 14.61 29.03
C GLN D 13 106.88 14.49 28.22
N THR D 14 107.08 13.29 27.67
CA THR D 14 108.40 12.92 27.18
C THR D 14 108.86 13.81 26.03
N GLY D 15 108.06 13.89 24.97
CA GLY D 15 108.43 14.72 23.84
C GLY D 15 107.99 16.17 23.89
N PHE D 16 107.41 16.62 24.99
CA PHE D 16 106.79 17.94 25.05
C PHE D 16 107.71 18.93 25.74
N THR D 17 107.84 20.11 25.14
CA THR D 17 108.59 21.22 25.72
C THR D 17 107.61 22.30 26.15
N SER D 18 107.54 22.54 27.45
CA SER D 18 106.67 23.56 28.03
C SER D 18 105.24 23.54 27.46
N PRO D 19 104.50 22.44 27.68
CA PRO D 19 103.16 22.35 27.07
C PRO D 19 102.10 23.04 27.88
N THR D 20 101.23 23.79 27.20
CA THR D 20 100.09 24.47 27.82
C THR D 20 98.85 24.18 26.99
N TYR D 21 97.69 24.17 27.65
CA TYR D 21 96.43 23.89 26.96
C TYR D 21 95.44 24.99 27.28
N THR D 22 94.88 25.61 26.24
CA THR D 22 93.89 26.67 26.41
C THR D 22 92.51 26.03 26.54
N LEU D 23 91.81 26.35 27.61
CA LEU D 23 90.49 25.80 27.85
C LEU D 23 89.42 26.81 27.45
N THR D 24 88.39 26.32 26.76
CA THR D 24 87.20 27.10 26.47
C THR D 24 86.03 26.47 27.21
N SER D 25 85.17 27.30 27.79
CA SER D 25 84.10 26.79 28.62
C SER D 25 83.08 26.05 27.78
N ASP D 26 82.61 24.91 28.30
CA ASP D 26 81.66 24.06 27.59
C ASP D 26 80.52 23.68 28.53
N THR D 27 79.36 23.39 27.96
CA THR D 27 78.25 22.90 28.74
C THR D 27 78.40 21.41 28.98
N ALA D 28 78.21 20.98 30.23
CA ALA D 28 78.46 19.62 30.66
C ALA D 28 77.29 18.70 30.33
N PRO D 29 77.50 17.36 30.36
CA PRO D 29 76.42 16.44 29.97
C PRO D 29 75.35 16.28 31.03
N THR D 30 75.74 16.31 32.30
CA THR D 30 74.80 16.34 33.41
C THR D 30 74.69 17.76 33.96
N ALA D 31 73.68 17.96 34.79
CA ALA D 31 73.55 19.21 35.53
C ALA D 31 74.44 19.25 36.76
N LEU D 32 75.21 18.18 37.01
CA LEU D 32 76.11 18.09 38.15
C LEU D 32 77.56 18.17 37.72
N GLY D 33 77.83 18.62 36.50
CA GLY D 33 79.18 18.65 35.98
C GLY D 33 79.56 20.02 35.48
N LYS D 34 80.85 20.31 35.59
CA LYS D 34 81.47 21.46 34.93
C LYS D 34 82.47 20.91 33.92
N GLN D 35 82.34 21.34 32.66
CA GLN D 35 83.15 20.78 31.59
C GLN D 35 83.81 21.89 30.78
N HIS D 36 85.09 21.72 30.49
CA HIS D 36 85.80 22.58 29.56
C HIS D 36 86.30 21.74 28.39
N ALA D 37 86.50 22.39 27.25
CA ALA D 37 87.06 21.74 26.07
C ALA D 37 88.39 22.39 25.71
N VAL D 38 89.35 21.60 25.26
CA VAL D 38 90.67 22.11 24.92
C VAL D 38 90.58 22.66 23.50
N THR D 39 90.44 23.98 23.39
CA THR D 39 90.25 24.62 22.10
C THR D 39 91.57 24.83 21.35
N ALA D 40 92.70 24.92 22.05
CA ALA D 40 93.99 25.13 21.39
C ALA D 40 95.13 24.70 22.31
N THR D 41 96.27 24.40 21.70
CA THR D 41 97.46 23.96 22.43
C THR D 41 98.60 24.94 22.19
N GLY D 42 99.37 25.21 23.23
CA GLY D 42 100.60 25.95 23.13
C GLY D 42 101.75 25.12 23.63
N GLY D 43 102.97 25.47 23.26
CA GLY D 43 104.14 24.67 23.55
C GLY D 43 104.54 23.80 22.37
N THR D 44 105.67 23.11 22.52
CA THR D 44 106.21 22.26 21.46
C THR D 44 105.74 20.83 21.70
N GLN D 45 104.48 20.59 21.33
CA GLN D 45 103.86 19.27 21.34
C GLN D 45 103.33 19.04 19.92
N THR D 46 104.18 18.51 19.06
CA THR D 46 103.85 18.42 17.65
C THR D 46 102.90 17.26 17.41
N GLY D 47 101.85 17.50 16.61
CA GLY D 47 100.87 16.50 16.29
C GLY D 47 99.65 16.47 17.18
N VAL D 48 99.65 17.21 18.29
CA VAL D 48 98.53 17.17 19.22
C VAL D 48 97.33 17.84 18.59
N THR D 49 96.20 17.12 18.56
CA THR D 49 94.96 17.62 17.97
C THR D 49 94.04 18.16 19.06
N THR D 50 93.40 19.28 18.77
CA THR D 50 92.50 19.92 19.72
C THR D 50 91.10 19.31 19.60
N HIS D 51 90.17 19.85 20.39
CA HIS D 51 88.81 19.33 20.43
C HIS D 51 88.12 19.52 19.09
N SER D 52 87.67 18.42 18.50
CA SER D 52 86.86 18.41 17.29
C SER D 52 85.62 17.60 17.56
N VAL D 53 84.65 17.70 16.64
CA VAL D 53 83.48 16.86 16.76
C VAL D 53 83.86 15.39 16.63
N SER D 54 84.77 15.10 15.70
CA SER D 54 85.17 13.72 15.44
C SER D 54 86.06 13.18 16.55
N SER D 55 86.98 13.99 17.06
CA SER D 55 87.93 13.58 18.09
C SER D 55 87.93 14.59 19.23
N PRO D 56 87.28 14.29 20.35
CA PRO D 56 87.10 15.29 21.40
C PRO D 56 88.33 15.42 22.28
N PHE D 57 88.42 16.58 22.93
CA PHE D 57 89.41 16.84 23.97
C PHE D 57 88.67 17.60 25.08
N THR D 58 88.18 16.86 26.08
CA THR D 58 87.27 17.42 27.08
C THR D 58 87.68 17.03 28.49
N ILE D 59 87.46 17.95 29.42
CA ILE D 59 87.81 17.82 30.83
C ILE D 59 86.57 18.15 31.64
N THR D 60 85.93 17.13 32.20
CA THR D 60 84.66 17.29 32.91
C THR D 60 84.78 16.79 34.35
N PHE D 61 84.20 17.53 35.29
CA PHE D 61 84.27 17.22 36.71
C PHE D 61 82.85 17.25 37.29
N THR D 62 82.47 16.17 37.96
CA THR D 62 81.09 15.93 38.37
C THR D 62 81.01 15.59 39.85
N ARG D 63 79.95 16.06 40.49
CA ARG D 63 79.61 15.72 41.86
C ARG D 63 78.49 14.70 41.88
N PRO D 64 78.28 13.99 42.99
CA PRO D 64 77.22 12.97 43.03
C PRO D 64 75.83 13.59 43.05
N LYS D 65 74.86 12.83 42.54
CA LYS D 65 73.48 13.31 42.47
C LYS D 65 72.94 13.61 43.86
N THR D 66 73.16 12.70 44.80
CA THR D 66 72.66 12.83 46.17
C THR D 66 73.80 12.62 47.14
N MET D 67 73.96 13.58 48.06
CA MET D 67 74.96 13.46 49.11
C MET D 67 74.52 12.45 50.15
N LYS D 68 75.49 11.80 50.78
CA LYS D 68 75.21 10.76 51.76
C LYS D 68 75.64 11.24 53.14
N THR D 69 74.72 11.22 54.08
CA THR D 69 75.03 11.49 55.47
C THR D 69 75.31 10.18 56.19
N VAL D 70 76.03 10.27 57.30
CA VAL D 70 76.53 9.07 57.95
C VAL D 70 75.54 8.58 59.00
N GLY D 83 78.62 4.00 53.43
CA GLY D 83 78.28 4.85 52.30
C GLY D 83 79.43 5.72 51.81
N ARG D 84 79.38 6.16 50.56
CA ARG D 84 80.46 6.96 49.99
C ARG D 84 79.94 8.01 49.02
N ASN D 85 80.52 9.21 49.06
CA ASN D 85 80.29 10.23 48.03
C ASN D 85 81.49 10.19 47.09
N THR D 86 81.26 9.91 45.80
CA THR D 86 82.33 9.83 44.82
C THR D 86 82.22 10.99 43.85
N TYR D 87 83.32 11.73 43.70
CA TYR D 87 83.44 12.81 42.73
C TYR D 87 84.27 12.33 41.55
N GLY D 88 83.87 12.76 40.35
CA GLY D 88 84.48 12.23 39.14
C GLY D 88 85.13 13.24 38.20
N PHE D 89 86.37 12.99 37.82
CA PHE D 89 87.13 13.88 36.95
C PHE D 89 87.55 13.08 35.73
N LEU D 90 87.10 13.48 34.54
CA LEU D 90 87.29 12.65 33.37
C LEU D 90 87.73 13.45 32.15
N VAL D 91 88.76 12.95 31.47
CA VAL D 91 89.34 13.56 30.30
C VAL D 91 89.14 12.59 29.13
N ARG D 92 88.57 13.09 28.04
CA ARG D 92 88.38 12.34 26.81
C ARG D 92 89.23 12.95 25.71
N LYS D 93 90.00 12.10 25.00
CA LYS D 93 90.90 12.59 23.96
C LYS D 93 90.75 11.76 22.69
N GLY D 94 90.59 12.47 21.57
CA GLY D 94 90.55 11.81 20.28
C GLY D 94 91.93 11.29 19.90
N VAL D 95 92.06 9.97 19.71
CA VAL D 95 93.33 9.31 19.40
C VAL D 95 93.09 8.36 18.24
N ILE D 96 93.99 8.36 17.26
CA ILE D 96 93.74 7.64 16.01
C ILE D 96 94.53 6.33 16.04
N PRO D 97 93.86 5.16 15.96
CA PRO D 97 94.59 3.91 16.14
C PRO D 97 95.37 3.44 14.91
N ALA D 98 94.85 3.60 13.71
CA ALA D 98 95.59 3.10 12.55
C ALA D 98 95.74 4.17 11.48
N VAL D 99 96.34 3.73 10.37
CA VAL D 99 96.79 4.65 9.35
C VAL D 99 95.62 5.39 8.73
N ASN D 100 94.45 4.76 8.64
CA ASN D 100 93.31 5.44 8.06
C ASN D 100 92.05 5.30 8.89
N GLN D 101 92.16 4.89 10.14
CA GLN D 101 90.97 4.56 10.92
C GLN D 101 90.32 5.80 11.53
N SER D 102 89.07 5.59 11.95
CA SER D 102 88.34 6.62 12.68
C SER D 102 88.94 6.82 14.05
N PRO D 103 88.85 8.04 14.59
CA PRO D 103 89.43 8.30 15.92
C PRO D 103 88.66 7.55 17.00
N GLN D 104 89.42 6.90 17.87
CA GLN D 104 89.00 6.29 19.13
C GLN D 104 89.17 7.27 20.26
N VAL D 105 88.48 7.03 21.37
CA VAL D 105 88.49 7.95 22.50
C VAL D 105 89.38 7.35 23.59
N MET D 106 90.62 7.83 23.69
CA MET D 106 91.39 7.58 24.89
C MET D 106 90.69 8.24 26.07
N LEU D 107 90.84 7.63 27.24
CA LEU D 107 90.02 8.04 28.36
C LEU D 107 90.84 7.99 29.64
N VAL D 108 90.95 9.12 30.33
CA VAL D 108 91.65 9.20 31.62
C VAL D 108 90.61 9.60 32.64
N ARG D 109 90.26 8.71 33.56
CA ARG D 109 89.20 9.02 34.51
C ARG D 109 89.66 8.79 35.94
N VAL D 110 89.30 9.73 36.81
CA VAL D 110 89.66 9.74 38.22
C VAL D 110 88.37 9.72 39.02
N GLU D 111 88.36 8.90 40.06
CA GLU D 111 87.24 8.81 40.98
C GLU D 111 87.76 9.02 42.40
N ILE D 112 87.13 9.94 43.12
CA ILE D 112 87.50 10.28 44.48
C ILE D 112 86.33 9.88 45.37
N SER D 113 86.48 8.77 46.08
CA SER D 113 85.43 8.24 46.95
C SER D 113 85.75 8.63 48.39
N VAL D 114 84.98 9.56 48.92
CA VAL D 114 85.09 10.04 50.30
C VAL D 114 84.03 9.35 51.13
N PRO D 115 84.40 8.64 52.20
CA PRO D 115 83.39 8.07 53.11
C PRO D 115 82.53 9.16 53.72
N ALA D 116 81.45 8.74 54.37
CA ALA D 116 80.38 9.67 54.75
C ALA D 116 80.84 10.66 55.80
N GLY D 117 81.26 10.17 56.97
CA GLY D 117 81.64 11.09 58.04
C GLY D 117 83.00 11.70 57.88
N ALA D 118 83.75 11.22 56.88
CA ALA D 118 85.12 11.68 56.62
C ALA D 118 85.17 13.18 56.40
N ASP D 119 84.38 13.68 55.45
CA ASP D 119 84.44 15.07 54.99
C ASP D 119 84.44 16.07 56.14
N THR D 120 83.76 15.71 57.22
CA THR D 120 83.64 16.58 58.39
C THR D 120 84.61 16.20 59.50
N TYR D 121 84.58 14.94 59.94
CA TYR D 121 85.34 14.58 61.14
C TYR D 121 86.84 14.56 60.87
N ASP D 122 87.26 14.02 59.72
CA ASP D 122 88.70 13.88 59.42
C ASP D 122 88.94 14.46 58.04
N ALA D 123 89.09 15.78 57.98
CA ALA D 123 89.30 16.43 56.69
C ALA D 123 90.76 16.45 56.29
N ALA D 124 91.66 16.44 57.27
CA ALA D 124 93.08 16.48 56.97
C ALA D 124 93.52 15.24 56.21
N ASN D 125 93.02 14.07 56.59
CA ASN D 125 93.41 12.85 55.90
C ASN D 125 92.83 12.79 54.49
N VAL D 126 91.62 13.31 54.29
CA VAL D 126 91.06 13.43 52.95
C VAL D 126 91.96 14.27 52.07
N LYS D 127 92.27 15.49 52.55
CA LYS D 127 93.13 16.39 51.79
C LYS D 127 94.50 15.76 51.54
N ALA D 128 94.99 14.95 52.48
CA ALA D 128 96.30 14.34 52.34
C ALA D 128 96.29 13.24 51.29
N ALA D 129 95.23 12.43 51.25
CA ALA D 129 95.09 11.46 50.18
C ALA D 129 95.12 12.15 48.83
N LEU D 130 94.33 13.23 48.68
CA LEU D 130 94.31 13.94 47.41
C LEU D 130 95.69 14.54 47.08
N SER D 131 96.37 15.08 48.09
CA SER D 131 97.67 15.68 47.88
C SER D 131 98.70 14.65 47.43
N ALA D 132 98.78 13.53 48.13
CA ALA D 132 99.70 12.47 47.75
C ALA D 132 99.41 11.97 46.35
N ALA D 133 98.13 11.70 46.04
CA ALA D 133 97.76 11.16 44.75
C ALA D 133 98.17 12.11 43.62
N ILE D 134 97.74 13.37 43.71
CA ILE D 134 98.05 14.31 42.64
C ILE D 134 99.55 14.62 42.59
N GLY D 135 100.23 14.59 43.73
CA GLY D 135 101.66 14.87 43.73
C GLY D 135 102.47 13.77 43.05
N VAL D 136 102.12 12.51 43.32
CA VAL D 136 102.78 11.41 42.62
C VAL D 136 102.44 11.45 41.13
N LEU D 137 101.19 11.78 40.79
CA LEU D 137 100.81 11.88 39.39
C LEU D 137 101.63 12.93 38.65
N SER D 138 101.79 14.12 39.25
CA SER D 138 102.55 15.17 38.59
C SER D 138 104.04 14.85 38.58
N GLN D 139 104.54 14.17 39.60
CA GLN D 139 105.96 13.79 39.62
C GLN D 139 106.28 12.79 38.52
N GLN D 140 105.43 11.78 38.36
CA GLN D 140 105.69 10.71 37.40
C GLN D 140 104.91 10.90 36.11
N SER D 141 104.50 12.13 35.78
CA SER D 141 103.66 12.32 34.59
C SER D 141 104.37 11.83 33.33
N ALA D 142 105.63 12.24 33.15
CA ALA D 142 106.40 11.81 32.00
C ALA D 142 106.56 10.31 31.98
N GLY D 143 106.89 9.70 33.12
CA GLY D 143 107.08 8.27 33.16
C GLY D 143 105.81 7.47 32.96
N ILE D 144 104.66 8.02 33.38
CA ILE D 144 103.38 7.37 33.16
C ILE D 144 102.99 7.43 31.69
N GLY D 145 103.32 8.52 30.99
CA GLY D 145 103.19 8.51 29.55
C GLY D 145 104.10 7.49 28.88
N ASP D 146 105.37 7.45 29.30
CA ASP D 146 106.29 6.43 28.82
C ASP D 146 105.71 5.04 29.01
N THR D 147 105.05 4.81 30.15
CA THR D 147 104.44 3.51 30.41
C THR D 147 103.22 3.28 29.53
N ALA D 148 102.40 4.32 29.33
CA ALA D 148 101.21 4.19 28.50
C ALA D 148 101.56 3.83 27.06
N LEU D 149 102.78 4.17 26.64
CA LEU D 149 103.25 3.77 25.32
C LEU D 149 104.07 2.49 25.31
N SER D 150 104.81 2.21 26.39
CA SER D 150 105.71 1.05 26.43
C SER D 150 104.98 -0.23 26.80
N GLY D 151 104.01 -0.14 27.71
CA GLY D 151 103.44 -1.30 28.33
C GLY D 151 104.18 -1.79 29.54
N ILE D 152 105.16 -1.02 30.04
CA ILE D 152 106.08 -1.48 31.07
C ILE D 152 106.10 -0.51 32.23
N LEU D 153 106.03 -1.05 33.45
CA LEU D 153 106.16 -0.27 34.67
C LEU D 153 107.62 -0.13 35.10
N ALA E 1 61.91 34.89 40.14
CA ALA E 1 62.87 35.90 40.54
C ALA E 1 63.42 35.64 41.94
N TYR E 2 64.11 34.52 42.12
CA TYR E 2 64.67 34.11 43.42
C TYR E 2 66.18 34.29 43.40
N SER E 3 66.69 35.23 44.21
CA SER E 3 68.13 35.50 44.29
C SER E 3 68.46 36.03 45.69
N PRO E 4 68.96 35.18 46.57
CA PRO E 4 69.27 35.62 47.94
C PRO E 4 70.52 36.49 48.00
N SER E 5 70.70 37.13 49.16
CA SER E 5 71.78 38.08 49.41
C SER E 5 72.90 37.45 50.22
N THR E 6 74.06 38.12 50.24
CA THR E 6 75.24 37.49 50.83
C THR E 6 75.07 37.28 52.34
N PRO E 7 74.82 38.31 53.15
CA PRO E 7 74.34 38.05 54.50
C PRO E 7 72.82 38.03 54.54
N VAL E 8 72.23 36.88 54.86
CA VAL E 8 70.80 36.79 55.08
C VAL E 8 70.58 37.03 56.55
N THR E 9 69.74 37.99 56.87
CA THR E 9 69.40 38.26 58.26
C THR E 9 68.38 37.23 58.72
N GLY E 10 68.83 36.30 59.55
CA GLY E 10 67.99 35.20 59.95
C GLY E 10 66.85 35.64 60.83
N ALA E 11 65.73 34.95 60.68
CA ALA E 11 64.55 35.24 61.47
C ALA E 11 64.85 35.01 62.95
N ALA E 12 64.19 35.78 63.81
CA ALA E 12 64.50 35.77 65.22
C ALA E 12 64.30 34.38 65.80
N GLN E 13 65.23 33.99 66.65
CA GLN E 13 65.15 32.73 67.39
C GLN E 13 65.48 32.98 68.85
N THR E 14 65.14 32.02 69.69
CA THR E 14 65.08 32.25 71.14
C THR E 14 66.43 32.66 71.70
N GLY E 15 67.44 31.81 71.54
CA GLY E 15 68.74 32.14 72.08
C GLY E 15 69.66 32.96 71.20
N PHE E 16 69.20 33.39 70.02
CA PHE E 16 70.06 34.03 69.05
C PHE E 16 69.94 35.54 69.16
N THR E 17 71.07 36.22 69.15
CA THR E 17 71.13 37.68 69.13
C THR E 17 71.62 38.11 67.75
N SER E 18 70.72 38.71 66.98
CA SER E 18 71.02 39.30 65.66
C SER E 18 71.72 38.32 64.73
N PRO E 19 71.09 37.20 64.40
CA PRO E 19 71.79 36.17 63.63
C PRO E 19 71.76 36.46 62.13
N THR E 20 72.89 36.22 61.49
CA THR E 20 73.02 36.35 60.04
C THR E 20 73.72 35.11 59.51
N TYR E 21 73.41 34.77 58.27
CA TYR E 21 73.98 33.58 57.63
C TYR E 21 74.56 33.99 56.28
N THR E 22 75.84 33.69 56.07
CA THR E 22 76.52 33.98 54.82
C THR E 22 76.26 32.84 53.83
N LEU E 23 75.79 33.20 52.64
CA LEU E 23 75.48 32.21 51.61
C LEU E 23 76.60 32.20 50.58
N THR E 24 77.04 31.00 50.22
CA THR E 24 77.94 30.77 49.10
C THR E 24 77.18 30.00 48.03
N SER E 25 77.43 30.33 46.76
CA SER E 25 76.64 29.74 45.69
C SER E 25 77.04 28.28 45.46
N ASP E 26 76.03 27.43 45.26
CA ASP E 26 76.23 25.99 45.10
C ASP E 26 75.47 25.51 43.88
N THR E 27 75.95 24.40 43.30
CA THR E 27 75.25 23.75 42.21
C THR E 27 74.12 22.89 42.75
N ALA E 28 72.93 23.02 42.17
CA ALA E 28 71.72 22.39 42.64
C ALA E 28 71.59 20.97 42.11
N PRO E 29 70.82 20.11 42.79
CA PRO E 29 70.78 18.70 42.38
C PRO E 29 70.04 18.49 41.07
N THR E 30 68.89 19.13 40.88
CA THR E 30 68.25 19.13 39.58
C THR E 30 68.77 20.28 38.75
N ALA E 31 68.48 20.23 37.45
CA ALA E 31 68.70 21.39 36.62
C ALA E 31 67.65 22.47 36.84
N LEU E 32 66.62 22.19 37.63
CA LEU E 32 65.50 23.10 37.88
C LEU E 32 65.60 23.77 39.23
N GLY E 33 66.76 23.76 39.85
CA GLY E 33 66.91 24.33 41.17
C GLY E 33 68.04 25.33 41.22
N LYS E 34 67.88 26.32 42.10
CA LYS E 34 68.96 27.19 42.53
C LYS E 34 69.25 26.86 43.99
N GLN E 35 70.51 26.62 44.32
CA GLN E 35 70.87 26.18 45.66
C GLN E 35 72.03 27.00 46.19
N HIS E 36 71.92 27.43 47.44
CA HIS E 36 73.00 28.08 48.16
C HIS E 36 73.35 27.26 49.40
N ALA E 37 74.60 27.34 49.83
CA ALA E 37 75.05 26.69 51.05
C ALA E 37 75.47 27.73 52.07
N VAL E 38 75.16 27.48 53.33
CA VAL E 38 75.51 28.41 54.41
C VAL E 38 76.96 28.11 54.78
N THR E 39 77.88 28.92 54.22
CA THR E 39 79.31 28.69 54.42
C THR E 39 79.79 29.20 55.78
N ALA E 40 79.14 30.23 56.33
CA ALA E 40 79.58 30.80 57.60
C ALA E 40 78.42 31.50 58.29
N THR E 41 78.52 31.63 59.62
CA THR E 41 77.48 32.21 60.44
C THR E 41 78.00 33.44 61.18
N GLY E 42 77.18 34.49 61.24
CA GLY E 42 77.43 35.64 62.07
C GLY E 42 76.30 35.83 63.07
N GLY E 43 76.56 36.66 64.07
CA GLY E 43 75.63 36.85 65.17
C GLY E 43 76.01 35.99 66.37
N THR E 44 75.32 36.25 67.48
CA THR E 44 75.56 35.54 68.75
C THR E 44 74.66 34.31 68.87
N GLN E 45 74.89 33.40 67.94
CA GLN E 45 74.35 32.04 67.95
C GLN E 45 75.51 31.09 68.20
N THR E 46 75.48 30.41 69.33
CA THR E 46 76.62 29.61 69.75
C THR E 46 76.29 28.14 69.59
N GLY E 47 77.16 27.44 68.89
CA GLY E 47 77.00 26.04 68.62
C GLY E 47 76.49 25.73 67.22
N VAL E 48 76.18 26.76 66.43
CA VAL E 48 75.62 26.57 65.10
C VAL E 48 76.74 26.14 64.15
N THR E 49 76.53 25.01 63.47
CA THR E 49 77.52 24.47 62.55
C THR E 49 77.18 24.86 61.12
N THR E 50 78.22 25.13 60.32
CA THR E 50 78.04 25.54 58.93
C THR E 50 77.97 24.32 58.02
N HIS E 51 77.97 24.56 56.70
CA HIS E 51 77.69 23.50 55.75
C HIS E 51 78.89 22.59 55.56
N SER E 52 78.69 21.30 55.83
CA SER E 52 79.59 20.22 55.46
C SER E 52 78.83 19.27 54.54
N VAL E 53 79.51 18.24 54.05
CA VAL E 53 78.79 17.28 53.23
C VAL E 53 77.97 16.33 54.11
N SER E 54 78.54 15.90 55.24
CA SER E 54 77.80 15.02 56.14
C SER E 54 76.89 15.80 57.08
N SER E 55 77.18 17.07 57.32
CA SER E 55 76.32 17.96 58.12
C SER E 55 75.98 19.19 57.27
N PRO E 56 75.00 19.06 56.38
CA PRO E 56 74.75 20.12 55.41
C PRO E 56 74.03 21.33 56.01
N PHE E 57 74.12 22.44 55.28
CA PHE E 57 73.32 23.64 55.52
C PHE E 57 73.02 24.17 54.12
N THR E 58 71.89 23.75 53.56
CA THR E 58 71.58 24.02 52.16
C THR E 58 70.18 24.59 52.00
N ILE E 59 70.05 25.56 51.11
CA ILE E 59 68.81 26.27 50.82
C ILE E 59 68.61 26.17 49.33
N THR E 60 67.70 25.28 48.90
CA THR E 60 67.48 25.02 47.49
C THR E 60 66.04 25.32 47.10
N PHE E 61 65.83 25.91 45.93
CA PHE E 61 64.52 26.36 45.46
C PHE E 61 64.34 25.89 44.02
N THR E 62 63.25 25.19 43.77
CA THR E 62 63.03 24.46 42.53
C THR E 62 61.69 24.82 41.91
N ARG E 63 61.66 24.86 40.58
CA ARG E 63 60.46 25.01 39.78
C ARG E 63 60.03 23.65 39.22
N PRO E 64 58.78 23.51 38.80
CA PRO E 64 58.33 22.22 38.26
C PRO E 64 58.95 21.92 36.90
N LYS E 65 58.99 20.63 36.56
CA LYS E 65 59.58 20.20 35.30
C LYS E 65 58.76 20.70 34.11
N THR E 66 57.44 20.60 34.20
CA THR E 66 56.56 21.00 33.12
C THR E 66 55.45 21.89 33.66
N MET E 67 55.29 23.06 33.05
CA MET E 67 54.23 23.96 33.45
C MET E 67 52.88 23.41 33.00
N LYS E 68 51.82 23.85 33.68
CA LYS E 68 50.45 23.45 33.37
C LYS E 68 49.60 24.67 33.09
N THR E 69 48.85 24.63 31.99
CA THR E 69 47.96 25.71 31.57
C THR E 69 46.54 25.42 32.07
N VAL E 70 45.73 26.48 32.14
CA VAL E 70 44.43 26.41 32.78
C VAL E 70 43.49 25.47 32.05
N GLY E 71 43.60 25.38 30.75
CA GLY E 71 42.66 24.58 30.00
C GLY E 71 41.44 25.38 29.58
N VAL E 72 40.43 24.65 29.13
CA VAL E 72 39.33 25.25 28.39
C VAL E 72 38.00 24.73 28.93
N PRO E 73 36.99 25.58 29.11
CA PRO E 73 35.72 25.13 29.69
C PRO E 73 34.96 24.19 28.76
N ASN E 74 34.27 23.24 29.38
CA ASN E 74 33.51 22.21 28.66
C ASN E 74 32.10 22.71 28.39
N SER E 75 31.24 21.80 27.92
CA SER E 75 29.90 22.16 27.47
C SER E 75 29.08 22.89 28.52
N ASN E 76 29.35 22.64 29.80
CA ASN E 76 28.63 23.29 30.88
C ASN E 76 29.29 24.58 31.36
N GLY E 77 30.32 25.04 30.65
CA GLY E 77 31.05 26.21 31.08
C GLY E 77 32.00 25.99 32.24
N VAL E 78 32.31 24.73 32.55
CA VAL E 78 33.15 24.36 33.68
C VAL E 78 34.46 23.79 33.19
N ILE E 79 35.57 24.24 33.77
CA ILE E 79 36.90 23.71 33.42
C ILE E 79 37.12 22.43 34.18
N THR E 80 37.31 21.33 33.44
CA THR E 80 37.17 20.00 34.02
C THR E 80 38.25 19.71 35.05
N ASN E 81 39.50 20.03 34.72
CA ASN E 81 40.63 19.64 35.56
C ASN E 81 41.60 20.80 35.65
N ILE E 82 41.78 21.31 36.85
CA ILE E 82 42.73 22.38 37.12
C ILE E 82 43.95 21.73 37.77
N GLY E 83 44.98 21.49 36.96
CA GLY E 83 46.27 21.11 37.51
C GLY E 83 46.88 22.24 38.32
N ARG E 84 47.98 21.93 39.00
CA ARG E 84 48.64 22.94 39.84
C ARG E 84 50.16 22.83 39.71
N ASN E 85 50.83 23.96 39.49
CA ASN E 85 52.29 23.99 39.49
C ASN E 85 52.76 24.26 40.91
N THR E 86 53.61 23.39 41.45
CA THR E 86 54.15 23.53 42.80
C THR E 86 55.63 23.87 42.72
N TYR E 87 56.01 24.94 43.42
CA TYR E 87 57.40 25.34 43.57
C TYR E 87 57.89 24.95 44.96
N GLY E 88 59.13 24.50 45.03
CA GLY E 88 59.64 23.92 46.27
C GLY E 88 60.85 24.62 46.88
N PHE E 89 60.77 24.95 48.17
CA PHE E 89 61.84 25.64 48.88
C PHE E 89 62.24 24.76 50.06
N LEU E 90 63.49 24.29 50.08
CA LEU E 90 63.87 23.28 51.05
C LEU E 90 65.23 23.60 51.68
N VAL E 91 65.27 23.51 53.00
CA VAL E 91 66.46 23.76 53.80
C VAL E 91 66.82 22.45 54.50
N ARG E 92 68.07 22.04 54.34
CA ARG E 92 68.62 20.86 55.01
C ARG E 92 69.69 21.31 55.98
N LYS E 93 69.62 20.81 57.22
CA LYS E 93 70.55 21.21 58.26
C LYS E 93 71.06 20.01 59.02
N GLY E 94 72.38 19.91 59.13
CA GLY E 94 72.98 18.86 59.95
C GLY E 94 72.69 19.07 61.43
N VAL E 95 72.06 18.09 62.07
CA VAL E 95 71.70 18.16 63.49
C VAL E 95 72.14 16.88 64.16
N ILE E 96 72.69 16.98 65.37
CA ILE E 96 73.30 15.84 66.04
C ILE E 96 72.33 15.29 67.08
N PRO E 97 71.85 14.04 66.94
CA PRO E 97 70.81 13.57 67.86
C PRO E 97 71.33 13.08 69.21
N ALA E 98 72.44 12.36 69.25
CA ALA E 98 72.88 11.73 70.48
C ALA E 98 74.24 12.26 70.91
N VAL E 99 74.77 11.68 71.98
CA VAL E 99 76.00 12.20 72.57
C VAL E 99 77.17 11.95 71.64
N ASN E 100 77.23 10.78 71.03
CA ASN E 100 78.30 10.47 70.11
C ASN E 100 77.79 10.11 68.72
N GLN E 101 76.49 10.05 68.54
CA GLN E 101 75.96 9.66 67.24
C GLN E 101 76.25 10.71 66.19
N SER E 102 76.13 10.29 64.93
CA SER E 102 76.53 11.05 63.77
C SER E 102 75.39 11.98 63.33
N PRO E 103 75.71 13.02 62.57
CA PRO E 103 74.67 14.01 62.23
C PRO E 103 73.57 13.43 61.34
N GLN E 104 72.33 13.66 61.75
CA GLN E 104 71.10 13.48 60.99
C GLN E 104 70.72 14.80 60.32
N VAL E 105 69.73 14.75 59.44
CA VAL E 105 69.39 15.91 58.61
C VAL E 105 68.01 16.42 59.03
N MET E 106 67.98 17.47 59.85
CA MET E 106 66.73 18.21 60.01
C MET E 106 66.35 18.84 58.69
N LEU E 107 65.05 18.95 58.46
CA LEU E 107 64.55 19.30 57.14
C LEU E 107 63.39 20.27 57.27
N VAL E 108 63.49 21.44 56.63
CA VAL E 108 62.40 22.42 56.61
C VAL E 108 62.03 22.64 55.16
N ARG E 109 60.85 22.17 54.75
CA ARG E 109 60.46 22.25 53.35
C ARG E 109 59.12 22.96 53.17
N VAL E 110 59.07 23.81 52.15
CA VAL E 110 57.90 24.61 51.80
C VAL E 110 57.51 24.24 50.39
N GLU E 111 56.20 24.07 50.18
CA GLU E 111 55.64 23.79 48.87
C GLU E 111 54.57 24.81 48.57
N ILE E 112 54.67 25.44 47.40
CA ILE E 112 53.76 26.48 46.97
C ILE E 112 53.03 25.94 45.75
N SER E 113 51.79 25.48 45.93
CA SER E 113 50.98 24.95 44.84
C SER E 113 50.05 26.05 44.33
N VAL E 114 50.35 26.53 43.13
CA VAL E 114 49.58 27.56 42.44
C VAL E 114 48.70 26.86 41.40
N PRO E 115 47.37 26.97 41.50
CA PRO E 115 46.49 26.42 40.46
C PRO E 115 46.80 27.02 39.10
N ALA E 116 46.23 26.39 38.08
CA ALA E 116 46.67 26.66 36.72
C ALA E 116 46.33 28.08 36.30
N GLY E 117 45.04 28.43 36.28
CA GLY E 117 44.65 29.74 35.79
C GLY E 117 44.90 30.86 36.75
N ALA E 118 45.28 30.50 37.98
CA ALA E 118 45.53 31.46 39.06
C ALA E 118 46.58 32.48 38.66
N ASP E 119 47.76 31.99 38.24
CA ASP E 119 48.94 32.83 38.04
C ASP E 119 48.68 34.00 37.12
N THR E 120 47.71 33.86 36.22
CA THR E 120 47.36 34.92 35.28
C THR E 120 46.08 35.65 35.69
N TYR E 121 44.99 34.92 35.96
CA TYR E 121 43.71 35.58 36.18
C TYR E 121 43.65 36.28 37.54
N ASP E 122 44.13 35.63 38.60
CA ASP E 122 44.02 36.16 39.96
C ASP E 122 45.42 36.11 40.60
N ALA E 123 46.23 37.13 40.30
CA ALA E 123 47.59 37.14 40.82
C ALA E 123 47.63 37.75 42.21
N ALA E 124 46.71 38.68 42.48
CA ALA E 124 46.73 39.36 43.77
C ALA E 124 46.50 38.38 44.91
N ASN E 125 45.59 37.42 44.73
CA ASN E 125 45.34 36.45 45.80
C ASN E 125 46.50 35.49 45.97
N VAL E 126 47.17 35.11 44.88
CA VAL E 126 48.39 34.31 44.98
C VAL E 126 49.42 35.05 45.83
N LYS E 127 49.74 36.28 45.44
CA LYS E 127 50.72 37.07 46.18
C LYS E 127 50.29 37.24 47.64
N ALA E 128 48.98 37.36 47.89
CA ALA E 128 48.49 37.57 49.24
C ALA E 128 48.67 36.33 50.09
N ALA E 129 48.40 35.15 49.53
CA ALA E 129 48.65 33.92 50.26
C ALA E 129 50.12 33.81 50.63
N LEU E 130 51.00 34.12 49.67
CA LEU E 130 52.43 34.03 49.95
C LEU E 130 52.86 35.01 51.04
N SER E 131 52.36 36.25 50.97
CA SER E 131 52.79 37.27 51.95
C SER E 131 52.23 36.98 53.34
N ALA E 132 50.99 36.47 53.42
CA ALA E 132 50.45 36.10 54.72
C ALA E 132 51.22 34.93 55.32
N ALA E 133 51.49 33.90 54.51
CA ALA E 133 52.24 32.75 55.02
C ALA E 133 53.63 33.17 55.53
N ILE E 134 54.37 33.91 54.71
CA ILE E 134 55.73 34.29 55.10
C ILE E 134 55.70 35.30 56.25
N GLY E 135 54.69 36.16 56.32
CA GLY E 135 54.62 37.12 57.40
C GLY E 135 54.31 36.47 58.74
N VAL E 136 53.41 35.49 58.75
CA VAL E 136 53.16 34.74 59.98
C VAL E 136 54.40 33.94 60.37
N LEU E 137 55.10 33.38 59.38
CA LEU E 137 56.32 32.62 59.69
C LEU E 137 57.38 33.52 60.34
N SER E 138 57.59 34.72 59.77
CA SER E 138 58.60 35.60 60.34
C SER E 138 58.16 36.19 61.68
N GLN E 139 56.85 36.36 61.88
CA GLN E 139 56.36 36.86 63.16
C GLN E 139 56.55 35.84 64.27
N GLN E 140 56.20 34.58 63.99
CA GLN E 140 56.27 33.53 64.99
C GLN E 140 57.53 32.69 64.87
N SER E 141 58.60 33.23 64.28
CA SER E 141 59.80 32.42 64.07
C SER E 141 60.35 31.89 65.38
N ALA E 142 60.52 32.79 66.36
CA ALA E 142 61.04 32.40 67.66
C ALA E 142 60.13 31.37 68.31
N GLY E 143 58.81 31.60 68.26
CA GLY E 143 57.88 30.69 68.90
C GLY E 143 57.79 29.33 68.23
N ILE E 144 57.97 29.30 66.91
CA ILE E 144 57.99 28.03 66.19
C ILE E 144 59.25 27.25 66.54
N GLY E 145 60.37 27.93 66.74
CA GLY E 145 61.54 27.25 67.28
C GLY E 145 61.29 26.69 68.66
N ASP E 146 60.74 27.54 69.54
CA ASP E 146 60.35 27.08 70.88
C ASP E 146 59.48 25.84 70.81
N THR E 147 58.54 25.80 69.86
CA THR E 147 57.69 24.64 69.70
C THR E 147 58.45 23.45 69.16
N ALA E 148 59.39 23.68 68.23
CA ALA E 148 60.16 22.59 67.65
C ALA E 148 61.00 21.88 68.70
N LEU E 149 61.32 22.58 69.79
CA LEU E 149 62.05 21.97 70.89
C LEU E 149 61.15 21.50 72.03
N SER E 150 60.05 22.22 72.30
CA SER E 150 59.20 21.96 73.46
C SER E 150 58.14 20.92 73.19
N GLY E 151 57.63 20.84 71.96
CA GLY E 151 56.46 20.04 71.67
C GLY E 151 55.16 20.67 72.10
N ILE E 152 55.18 21.98 72.39
CA ILE E 152 54.05 22.66 73.00
C ILE E 152 53.53 23.71 72.03
N LEU E 153 52.21 23.76 71.88
CA LEU E 153 51.58 24.77 71.02
C LEU E 153 51.12 26.01 71.77
N ALA F 1 79.61 27.66 21.20
CA ALA F 1 79.85 28.93 21.88
C ALA F 1 78.63 29.84 21.77
N TYR F 2 77.52 29.43 22.40
CA TYR F 2 76.26 30.19 22.37
C TYR F 2 76.02 30.83 23.73
N SER F 3 76.08 32.18 23.78
CA SER F 3 75.87 32.94 25.02
C SER F 3 75.31 34.32 24.68
N PRO F 4 74.01 34.54 24.85
CA PRO F 4 73.42 35.83 24.51
C PRO F 4 73.73 36.91 25.56
N SER F 5 73.45 38.15 25.18
CA SER F 5 73.69 39.33 25.99
C SER F 5 72.42 39.77 26.71
N THR F 6 72.59 40.55 27.79
CA THR F 6 71.45 40.92 28.63
C THR F 6 70.41 41.73 27.86
N PRO F 7 70.75 42.89 27.27
CA PRO F 7 69.82 43.45 26.28
C PRO F 7 70.15 42.94 24.88
N VAL F 8 69.23 42.20 24.29
CA VAL F 8 69.37 41.76 22.90
C VAL F 8 68.70 42.79 22.02
N THR F 9 69.46 43.39 21.12
CA THR F 9 68.88 44.30 20.14
C THR F 9 68.03 43.48 19.18
N GLY F 10 66.70 43.62 19.28
CA GLY F 10 65.80 42.86 18.43
C GLY F 10 65.84 43.34 17.01
N ALA F 11 65.66 42.40 16.08
CA ALA F 11 65.73 42.75 14.66
C ALA F 11 64.58 43.67 14.29
N ALA F 12 64.82 44.52 13.30
CA ALA F 12 63.86 45.56 12.96
C ALA F 12 62.51 44.91 12.64
N GLN F 13 61.44 45.56 13.10
CA GLN F 13 60.08 45.15 12.78
C GLN F 13 59.27 46.38 12.45
N THR F 14 58.09 46.15 11.86
CA THR F 14 57.35 47.23 11.21
C THR F 14 56.95 48.31 12.21
N GLY F 15 56.20 47.93 13.24
CA GLY F 15 55.77 48.95 14.17
C GLY F 15 56.71 49.27 15.32
N PHE F 16 57.92 48.70 15.33
CA PHE F 16 58.80 48.80 16.49
C PHE F 16 59.89 49.83 16.26
N THR F 17 60.11 50.67 17.29
CA THR F 17 61.19 51.63 17.29
C THR F 17 62.23 51.17 18.31
N SER F 18 63.44 50.88 17.82
CA SER F 18 64.58 50.45 18.62
C SER F 18 64.20 49.41 19.67
N PRO F 19 63.76 48.21 19.25
CA PRO F 19 63.29 47.22 20.23
C PRO F 19 64.42 46.39 20.81
N THR F 20 64.41 46.23 22.12
CA THR F 20 65.39 45.40 22.83
C THR F 20 64.64 44.44 23.75
N TYR F 21 65.24 43.28 24.01
CA TYR F 21 64.64 42.26 24.86
C TYR F 21 65.63 41.86 25.93
N THR F 22 65.23 41.98 27.19
CA THR F 22 66.05 41.58 28.33
C THR F 22 65.85 40.09 28.56
N LEU F 23 66.95 39.33 28.57
CA LEU F 23 66.89 37.89 28.77
C LEU F 23 67.27 37.56 30.21
N THR F 24 66.47 36.73 30.85
CA THR F 24 66.80 36.15 32.15
C THR F 24 67.12 34.67 31.93
N SER F 25 68.21 34.22 32.54
CA SER F 25 68.61 32.83 32.36
C SER F 25 67.51 31.91 32.87
N ASP F 26 67.20 30.87 32.08
CA ASP F 26 66.21 29.87 32.46
C ASP F 26 66.81 28.49 32.26
N THR F 27 66.25 27.52 32.96
CA THR F 27 66.76 26.15 32.92
C THR F 27 66.06 25.39 31.80
N ALA F 28 66.86 24.75 30.94
CA ALA F 28 66.43 24.20 29.66
C ALA F 28 65.73 22.86 29.85
N PRO F 29 64.97 22.40 28.83
CA PRO F 29 64.21 21.16 29.01
C PRO F 29 65.08 19.93 28.98
N THR F 30 66.10 19.93 28.15
CA THR F 30 67.10 18.87 28.12
C THR F 30 68.37 19.34 28.81
N ALA F 31 69.27 18.39 29.05
CA ALA F 31 70.56 18.73 29.61
C ALA F 31 71.53 19.24 28.55
N LEU F 32 71.16 19.15 27.27
CA LEU F 32 72.00 19.58 26.18
C LEU F 32 71.49 20.88 25.55
N GLY F 33 70.69 21.63 26.29
CA GLY F 33 70.16 22.88 25.81
C GLY F 33 70.48 24.02 26.77
N LYS F 34 70.59 25.22 26.21
CA LYS F 34 70.69 26.45 26.98
C LYS F 34 69.46 27.29 26.66
N GLN F 35 68.72 27.69 27.69
CA GLN F 35 67.47 28.42 27.49
C GLN F 35 67.50 29.73 28.25
N HIS F 36 67.04 30.79 27.61
CA HIS F 36 66.74 32.03 28.27
C HIS F 36 65.27 32.36 28.08
N ALA F 37 64.74 33.22 28.93
CA ALA F 37 63.36 33.66 28.79
C ALA F 37 63.29 35.19 28.83
N VAL F 38 62.41 35.76 28.02
CA VAL F 38 62.33 37.21 27.89
C VAL F 38 61.55 37.73 29.09
N THR F 39 62.30 38.27 30.07
CA THR F 39 61.66 38.77 31.29
C THR F 39 61.08 40.17 31.10
N ALA F 40 61.65 40.99 30.22
CA ALA F 40 61.15 42.34 30.02
C ALA F 40 61.55 42.85 28.63
N THR F 41 60.78 43.82 28.15
CA THR F 41 61.01 44.44 26.84
C THR F 41 61.32 45.91 27.01
N GLY F 42 62.27 46.40 26.21
CA GLY F 42 62.53 47.81 26.07
C GLY F 42 62.31 48.24 24.63
N GLY F 43 62.13 49.54 24.41
CA GLY F 43 61.80 50.06 23.10
C GLY F 43 60.31 50.32 22.95
N THR F 44 59.96 50.94 21.82
CA THR F 44 58.56 51.29 21.53
C THR F 44 57.93 50.14 20.74
N GLN F 45 57.60 49.08 21.46
CA GLN F 45 56.85 47.94 20.92
C GLN F 45 55.63 47.78 21.83
N THR F 46 54.55 48.44 21.47
CA THR F 46 53.40 48.52 22.36
C THR F 46 52.58 47.24 22.26
N GLY F 47 52.18 46.70 23.41
CA GLY F 47 51.39 45.50 23.47
C GLY F 47 52.17 44.21 23.61
N VAL F 48 53.50 44.26 23.52
CA VAL F 48 54.30 43.05 23.57
C VAL F 48 54.30 42.51 24.98
N THR F 49 53.88 41.25 25.13
CA THR F 49 53.82 40.60 26.43
C THR F 49 55.07 39.76 26.68
N THR F 50 55.60 39.86 27.90
CA THR F 50 56.79 39.14 28.29
C THR F 50 56.43 37.70 28.67
N HIS F 51 57.43 36.96 29.17
CA HIS F 51 57.20 35.56 29.51
C HIS F 51 56.29 35.44 30.72
N SER F 52 55.21 34.69 30.55
CA SER F 52 54.32 34.30 31.64
C SER F 52 54.15 32.79 31.60
N VAL F 53 53.54 32.24 32.64
CA VAL F 53 53.25 30.81 32.61
C VAL F 53 52.23 30.51 31.52
N SER F 54 51.24 31.39 31.36
CA SER F 54 50.19 31.15 30.37
C SER F 54 50.67 31.38 28.95
N SER F 55 51.51 32.39 28.74
CA SER F 55 52.02 32.74 27.41
C SER F 55 53.53 32.92 27.48
N PRO F 56 54.30 31.93 27.02
CA PRO F 56 55.75 31.97 27.22
C PRO F 56 56.46 32.82 26.17
N PHE F 57 57.66 33.24 26.52
CA PHE F 57 58.59 33.93 25.60
C PHE F 57 59.96 33.34 25.91
N THR F 58 60.33 32.31 25.16
CA THR F 58 61.51 31.51 25.47
C THR F 58 62.39 31.31 24.24
N ILE F 59 63.70 31.31 24.46
CA ILE F 59 64.72 31.18 23.42
C ILE F 59 65.65 30.06 23.87
N THR F 60 65.56 28.91 23.23
CA THR F 60 66.31 27.72 23.64
C THR F 60 67.15 27.17 22.48
N PHE F 61 68.40 26.83 22.76
CA PHE F 61 69.34 26.34 21.75
C PHE F 61 69.93 25.03 22.22
N THR F 62 69.81 23.99 21.39
CA THR F 62 70.15 22.63 21.77
C THR F 62 71.14 22.03 20.77
N ARG F 63 72.06 21.22 21.30
CA ARG F 63 73.01 20.45 20.51
C ARG F 63 72.61 18.98 20.53
N PRO F 64 73.01 18.20 19.53
CA PRO F 64 72.54 16.81 19.44
C PRO F 64 73.07 15.96 20.58
N LYS F 65 72.30 14.92 20.91
CA LYS F 65 72.69 13.99 21.96
C LYS F 65 73.99 13.29 21.63
N THR F 66 74.08 12.71 20.43
CA THR F 66 75.25 11.96 20.01
C THR F 66 75.80 12.56 18.72
N MET F 67 77.06 13.00 18.77
CA MET F 67 77.73 13.49 17.58
C MET F 67 78.05 12.33 16.64
N LYS F 68 78.12 12.62 15.34
CA LYS F 68 78.39 11.60 14.33
C LYS F 68 79.69 11.91 13.60
N THR F 69 80.56 10.91 13.50
CA THR F 69 81.84 11.02 12.82
C THR F 69 81.68 10.67 11.34
N VAL F 70 82.63 11.12 10.53
CA VAL F 70 82.47 11.08 9.08
C VAL F 70 82.48 9.64 8.56
N GLY F 71 83.28 8.77 9.15
CA GLY F 71 83.39 7.40 8.69
C GLY F 71 84.61 7.17 7.83
N VAL F 72 84.84 5.91 7.50
CA VAL F 72 86.06 5.44 6.85
C VAL F 72 85.74 5.10 5.40
N PRO F 73 86.54 5.59 4.44
CA PRO F 73 86.28 5.25 3.04
C PRO F 73 86.53 3.78 2.76
N ASN F 74 85.74 3.23 1.83
CA ASN F 74 85.83 1.83 1.47
C ASN F 74 86.89 1.63 0.38
N SER F 75 86.90 0.44 -0.23
CA SER F 75 87.91 0.10 -1.22
C SER F 75 87.88 1.06 -2.41
N ASN F 76 86.69 1.50 -2.81
CA ASN F 76 86.56 2.44 -3.92
C ASN F 76 86.96 3.86 -3.56
N GLY F 77 87.26 4.13 -2.29
CA GLY F 77 87.50 5.49 -1.85
C GLY F 77 86.26 6.25 -1.46
N VAL F 78 85.12 5.56 -1.35
CA VAL F 78 83.83 6.20 -1.12
C VAL F 78 83.39 5.95 0.32
N ILE F 79 82.88 7.01 0.97
CA ILE F 79 82.34 6.90 2.32
C ILE F 79 80.84 6.62 2.22
N THR F 80 80.41 5.55 2.88
CA THR F 80 79.12 4.95 2.59
C THR F 80 77.96 5.81 3.05
N ASN F 81 78.01 6.30 4.29
CA ASN F 81 76.88 7.05 4.85
C ASN F 81 77.38 8.24 5.64
N ILE F 82 76.95 9.43 5.23
CA ILE F 82 77.31 10.68 5.90
C ILE F 82 76.12 11.06 6.75
N GLY F 83 76.17 10.73 8.03
CA GLY F 83 75.20 11.25 8.97
C GLY F 83 75.30 12.76 9.07
N ARG F 84 74.33 13.35 9.75
CA ARG F 84 74.29 14.80 9.90
C ARG F 84 73.90 15.16 11.32
N ASN F 85 74.74 15.96 12.00
CA ASN F 85 74.38 16.45 13.33
C ASN F 85 73.63 17.76 13.15
N THR F 86 72.46 17.87 13.79
CA THR F 86 71.56 19.02 13.69
C THR F 86 71.49 19.74 15.04
N TYR F 87 71.74 21.04 15.00
CA TYR F 87 71.58 21.90 16.16
C TYR F 87 70.27 22.66 16.01
N GLY F 88 69.60 22.91 17.14
CA GLY F 88 68.26 23.49 17.11
C GLY F 88 68.04 24.75 17.92
N PHE F 89 67.48 25.78 17.28
CA PHE F 89 67.26 27.07 17.91
C PHE F 89 65.77 27.36 17.84
N LEU F 90 65.13 27.53 18.99
CA LEU F 90 63.67 27.63 18.98
C LEU F 90 63.17 28.71 19.92
N VAL F 91 62.27 29.53 19.40
CA VAL F 91 61.64 30.62 20.13
C VAL F 91 60.16 30.29 20.23
N ARG F 92 59.61 30.37 21.44
CA ARG F 92 58.19 30.17 21.70
C ARG F 92 57.60 31.46 22.25
N LYS F 93 56.49 31.92 21.67
CA LYS F 93 55.90 33.18 22.06
C LYS F 93 54.40 33.04 22.28
N GLY F 94 53.93 33.53 23.42
CA GLY F 94 52.51 33.53 23.70
C GLY F 94 51.79 34.58 22.87
N VAL F 95 50.83 34.14 22.05
CA VAL F 95 50.10 35.00 21.11
C VAL F 95 48.62 34.69 21.22
N ILE F 96 47.78 35.71 21.27
CA ILE F 96 46.36 35.53 21.55
C ILE F 96 45.58 35.55 20.25
N PRO F 97 44.85 34.47 19.90
CA PRO F 97 44.19 34.45 18.57
C PRO F 97 42.89 35.23 18.50
N ALA F 98 42.05 35.19 19.53
CA ALA F 98 40.77 35.86 19.40
C ALA F 98 40.54 36.84 20.55
N VAL F 99 39.31 37.33 20.63
CA VAL F 99 39.00 38.41 21.54
C VAL F 99 39.03 37.92 22.97
N ASN F 100 38.64 36.67 23.21
CA ASN F 100 38.66 36.15 24.57
C ASN F 100 39.29 34.76 24.66
N GLN F 101 40.12 34.39 23.70
CA GLN F 101 40.68 33.04 23.68
C GLN F 101 41.94 32.92 24.52
N SER F 102 42.24 31.67 24.88
CA SER F 102 43.47 31.36 25.58
C SER F 102 44.66 31.56 24.66
N PRO F 103 45.81 31.96 25.20
CA PRO F 103 46.97 32.19 24.34
C PRO F 103 47.45 30.90 23.67
N GLN F 104 47.73 30.99 22.39
CA GLN F 104 48.40 30.01 21.55
C GLN F 104 49.90 30.30 21.50
N VAL F 105 50.68 29.30 21.12
CA VAL F 105 52.13 29.43 21.12
C VAL F 105 52.59 29.59 19.68
N MET F 106 52.81 30.84 19.25
CA MET F 106 53.57 31.04 18.03
C MET F 106 54.95 30.44 18.21
N LEU F 107 55.51 29.95 17.11
CA LEU F 107 56.71 29.14 17.22
C LEU F 107 57.64 29.42 16.05
N VAL F 108 58.86 29.89 16.35
CA VAL F 108 59.87 30.14 15.33
C VAL F 108 61.01 29.17 15.60
N ARG F 109 61.26 28.23 14.69
CA ARG F 109 62.27 27.22 14.95
C ARG F 109 63.23 27.07 13.78
N VAL F 110 64.51 27.05 14.12
CA VAL F 110 65.62 26.92 13.17
C VAL F 110 66.29 25.59 13.44
N GLU F 111 66.71 24.94 12.36
CA GLU F 111 67.48 23.71 12.42
C GLU F 111 68.68 23.84 11.52
N ILE F 112 69.87 23.57 12.06
CA ILE F 112 71.13 23.67 11.35
C ILE F 112 71.67 22.25 11.25
N SER F 113 71.55 21.64 10.07
CA SER F 113 72.05 20.29 9.83
C SER F 113 73.41 20.35 9.15
N VAL F 114 74.44 19.92 9.86
CA VAL F 114 75.82 19.89 9.37
C VAL F 114 76.18 18.46 9.07
N PRO F 115 76.65 18.14 7.87
CA PRO F 115 77.08 16.77 7.58
C PRO F 115 78.32 16.40 8.37
N ALA F 116 78.59 15.09 8.35
CA ALA F 116 79.47 14.50 9.36
C ALA F 116 80.90 15.01 9.25
N GLY F 117 81.41 15.11 8.02
CA GLY F 117 82.81 15.41 7.82
C GLY F 117 83.02 16.89 7.60
N ALA F 118 81.91 17.59 7.37
CA ALA F 118 81.92 19.02 7.06
C ALA F 118 82.65 19.82 8.12
N ASP F 119 82.27 19.64 9.38
CA ASP F 119 82.71 20.49 10.48
C ASP F 119 84.22 20.61 10.56
N THR F 120 84.93 19.60 10.07
CA THR F 120 86.39 19.59 10.05
C THR F 120 86.94 19.92 8.68
N TYR F 121 86.52 19.19 7.64
CA TYR F 121 87.18 19.35 6.34
C TYR F 121 86.85 20.68 5.69
N ASP F 122 85.58 21.10 5.71
CA ASP F 122 85.14 22.31 5.01
C ASP F 122 84.35 23.18 6.00
N ALA F 123 85.08 23.94 6.82
CA ALA F 123 84.42 24.76 7.81
C ALA F 123 84.00 26.11 7.25
N ALA F 124 84.73 26.60 6.25
CA ALA F 124 84.41 27.90 5.67
C ALA F 124 83.03 27.89 5.03
N ASN F 125 82.66 26.79 4.37
CA ASN F 125 81.35 26.74 3.72
C ASN F 125 80.22 26.62 4.73
N VAL F 126 80.45 25.87 5.81
CA VAL F 126 79.48 25.84 6.91
C VAL F 126 79.24 27.24 7.45
N LYS F 127 80.34 27.94 7.82
CA LYS F 127 80.21 29.29 8.35
C LYS F 127 79.52 30.20 7.35
N ALA F 128 79.77 29.98 6.05
CA ALA F 128 79.18 30.84 5.03
C ALA F 128 77.68 30.61 4.90
N ALA F 129 77.24 29.35 4.95
CA ALA F 129 75.81 29.07 4.94
C ALA F 129 75.12 29.74 6.11
N LEU F 130 75.73 29.64 7.31
CA LEU F 130 75.14 30.27 8.48
C LEU F 130 75.07 31.79 8.34
N SER F 131 76.17 32.40 7.88
CA SER F 131 76.19 33.85 7.78
C SER F 131 75.24 34.36 6.71
N ALA F 132 75.07 33.63 5.62
CA ALA F 132 74.12 34.04 4.60
C ALA F 132 72.68 33.89 5.09
N ALA F 133 72.36 32.76 5.73
CA ALA F 133 71.01 32.57 6.27
C ALA F 133 70.66 33.67 7.27
N ILE F 134 71.53 33.89 8.27
CA ILE F 134 71.22 34.88 9.29
C ILE F 134 71.28 36.30 8.72
N GLY F 135 72.16 36.57 7.76
CA GLY F 135 72.20 37.90 7.18
C GLY F 135 70.96 38.23 6.37
N VAL F 136 70.43 37.26 5.62
CA VAL F 136 69.16 37.48 4.92
C VAL F 136 68.02 37.62 5.92
N LEU F 137 68.03 36.85 7.01
CA LEU F 137 66.98 36.99 8.01
C LEU F 137 66.98 38.38 8.63
N SER F 138 68.16 38.89 9.01
CA SER F 138 68.22 40.21 9.65
C SER F 138 67.95 41.32 8.64
N GLN F 139 68.32 41.13 7.37
CA GLN F 139 68.01 42.13 6.36
C GLN F 139 66.51 42.22 6.12
N GLN F 140 65.85 41.08 6.04
CA GLN F 140 64.42 41.03 5.74
C GLN F 140 63.57 40.76 6.96
N SER F 141 64.01 41.18 8.16
CA SER F 141 63.23 40.90 9.35
C SER F 141 61.88 41.62 9.32
N ALA F 142 61.91 42.92 9.03
CA ALA F 142 60.67 43.68 8.95
C ALA F 142 59.75 43.12 7.88
N GLY F 143 60.32 42.76 6.73
CA GLY F 143 59.51 42.23 5.64
C GLY F 143 58.93 40.86 5.93
N ILE F 144 59.66 40.02 6.66
CA ILE F 144 59.15 38.72 7.04
C ILE F 144 58.06 38.86 8.08
N GLY F 145 58.16 39.85 8.97
CA GLY F 145 57.03 40.15 9.84
C GLY F 145 55.81 40.59 9.05
N ASP F 146 56.00 41.53 8.12
CA ASP F 146 54.92 41.97 7.23
C ASP F 146 54.29 40.78 6.52
N THR F 147 55.10 39.81 6.10
CA THR F 147 54.57 38.62 5.43
C THR F 147 53.81 37.74 6.41
N ALA F 148 54.35 37.54 7.61
CA ALA F 148 53.71 36.67 8.60
C ALA F 148 52.36 37.21 9.02
N LEU F 149 52.17 38.53 8.92
CA LEU F 149 50.87 39.11 9.24
C LEU F 149 49.96 39.23 8.03
N SER F 150 50.51 39.53 6.86
CA SER F 150 49.72 39.84 5.68
C SER F 150 49.31 38.61 4.91
N GLY F 151 50.12 37.56 4.90
CA GLY F 151 50.01 36.55 3.89
C GLY F 151 50.58 36.95 2.56
N ILE F 152 51.21 38.11 2.50
CA ILE F 152 51.74 38.66 1.25
C ILE F 152 53.20 38.26 1.13
N LEU F 153 53.54 37.63 0.02
CA LEU F 153 54.91 37.24 -0.25
C LEU F 153 55.53 38.17 -1.32
N ALA G 1 49.19 16.46 -79.35
CA ALA G 1 49.80 16.64 -80.66
C ALA G 1 51.08 15.82 -80.80
N TYR G 2 50.96 14.48 -80.75
CA TYR G 2 52.09 13.56 -80.84
C TYR G 2 52.07 12.87 -82.21
N SER G 3 53.05 13.20 -83.06
CA SER G 3 53.15 12.63 -84.42
C SER G 3 54.61 12.60 -84.83
N PRO G 4 55.27 11.44 -84.75
CA PRO G 4 56.68 11.35 -85.10
C PRO G 4 56.91 11.38 -86.61
N SER G 5 58.17 11.59 -86.99
CA SER G 5 58.61 11.71 -88.37
C SER G 5 59.22 10.40 -88.86
N THR G 6 59.29 10.25 -90.19
CA THR G 6 59.68 8.96 -90.77
C THR G 6 61.10 8.56 -90.39
N PRO G 7 62.15 9.36 -90.67
CA PRO G 7 63.42 9.11 -90.02
C PRO G 7 63.54 9.92 -88.72
N VAL G 8 63.65 9.22 -87.59
CA VAL G 8 63.87 9.88 -86.30
C VAL G 8 65.36 9.95 -86.08
N THR G 9 65.88 11.16 -85.89
CA THR G 9 67.28 11.36 -85.56
C THR G 9 67.49 10.87 -84.13
N GLY G 10 68.09 9.69 -83.99
CA GLY G 10 68.26 9.09 -82.68
C GLY G 10 69.28 9.82 -81.84
N ALA G 11 69.05 9.87 -80.54
CA ALA G 11 69.92 10.62 -79.66
C ALA G 11 71.31 10.00 -79.64
N ALA G 12 72.32 10.82 -79.37
CA ALA G 12 73.69 10.37 -79.48
C ALA G 12 73.93 9.21 -78.52
N GLN G 13 74.65 8.20 -79.00
CA GLN G 13 75.06 7.08 -78.17
C GLN G 13 76.53 6.78 -78.44
N THR G 14 77.13 5.98 -77.55
CA THR G 14 78.58 5.90 -77.47
C THR G 14 79.18 5.36 -78.76
N GLY G 15 78.75 4.17 -79.18
CA GLY G 15 79.31 3.59 -80.38
C GLY G 15 78.60 3.94 -81.68
N PHE G 16 77.63 4.85 -81.65
CA PHE G 16 76.79 5.11 -82.81
C PHE G 16 77.25 6.38 -83.53
N THR G 17 77.33 6.29 -84.86
CA THR G 17 77.65 7.43 -85.71
C THR G 17 76.40 7.80 -86.49
N SER G 18 75.87 8.99 -86.22
CA SER G 18 74.69 9.53 -86.90
C SER G 18 73.55 8.52 -87.00
N PRO G 19 72.99 8.06 -85.85
CA PRO G 19 71.96 7.03 -85.91
C PRO G 19 70.57 7.58 -86.19
N THR G 20 69.84 6.93 -87.09
CA THR G 20 68.47 7.28 -87.41
C THR G 20 67.62 6.02 -87.38
N TYR G 21 66.34 6.16 -87.05
CA TYR G 21 65.43 5.03 -86.97
C TYR G 21 64.19 5.31 -87.81
N THR G 22 63.89 4.40 -88.75
CA THR G 22 62.72 4.54 -89.60
C THR G 22 61.51 3.96 -88.87
N LEU G 23 60.46 4.75 -88.72
CA LEU G 23 59.25 4.30 -88.04
C LEU G 23 58.21 3.90 -89.06
N THR G 24 57.55 2.78 -88.80
CA THR G 24 56.39 2.34 -89.55
C THR G 24 55.18 2.37 -88.62
N SER G 25 54.04 2.83 -89.14
CA SER G 25 52.88 3.01 -88.28
C SER G 25 52.34 1.66 -87.85
N ASP G 26 51.95 1.57 -86.58
CA ASP G 26 51.44 0.34 -85.99
C ASP G 26 50.16 0.63 -85.22
N THR G 27 49.32 -0.39 -85.09
CA THR G 27 48.12 -0.26 -84.28
C THR G 27 48.48 -0.48 -82.81
N ALA G 28 47.98 0.40 -81.95
CA ALA G 28 48.34 0.42 -80.53
C ALA G 28 47.52 -0.60 -79.74
N PRO G 29 47.96 -0.95 -78.50
CA PRO G 29 47.24 -1.97 -77.73
C PRO G 29 45.95 -1.48 -77.12
N THR G 30 45.91 -0.22 -76.70
CA THR G 30 44.68 0.43 -76.26
C THR G 30 44.15 1.32 -77.35
N ALA G 31 42.90 1.77 -77.16
CA ALA G 31 42.32 2.77 -78.04
C ALA G 31 42.76 4.18 -77.68
N LEU G 32 43.60 4.32 -76.64
CA LEU G 32 44.10 5.61 -76.19
C LEU G 32 45.58 5.78 -76.51
N GLY G 33 46.12 4.96 -77.39
CA GLY G 33 47.52 5.00 -77.70
C GLY G 33 47.78 5.14 -79.18
N LYS G 34 48.90 5.80 -79.49
CA LYS G 34 49.47 5.83 -80.82
C LYS G 34 50.82 5.12 -80.76
N GLN G 35 51.01 4.13 -81.62
CA GLN G 35 52.20 3.29 -81.56
C GLN G 35 52.85 3.18 -82.92
N HIS G 36 54.18 3.33 -82.95
CA HIS G 36 54.97 3.06 -84.14
C HIS G 36 55.96 1.93 -83.83
N ALA G 37 56.37 1.22 -84.87
CA ALA G 37 57.38 0.19 -84.73
C ALA G 37 58.61 0.56 -85.56
N VAL G 38 59.79 0.24 -85.05
CA VAL G 38 61.03 0.59 -85.74
C VAL G 38 61.29 -0.51 -86.77
N THR G 39 60.94 -0.21 -88.03
CA THR G 39 61.05 -1.20 -89.09
C THR G 39 62.47 -1.31 -89.64
N ALA G 40 63.29 -0.26 -89.54
CA ALA G 40 64.66 -0.31 -90.05
C ALA G 40 65.51 0.76 -89.38
N THR G 41 66.83 0.54 -89.40
CA THR G 41 67.78 1.46 -88.80
C THR G 41 68.75 1.97 -89.86
N GLY G 42 69.08 3.26 -89.76
CA GLY G 42 70.12 3.86 -90.57
C GLY G 42 71.19 4.42 -89.67
N GLY G 43 72.38 4.66 -90.22
CA GLY G 43 73.53 5.06 -89.44
C GLY G 43 74.42 3.89 -89.10
N THR G 44 75.57 4.21 -88.48
CA THR G 44 76.56 3.19 -88.11
C THR G 44 76.32 2.76 -86.68
N GLN G 45 75.31 1.90 -86.52
CA GLN G 45 74.97 1.25 -85.25
C GLN G 45 74.95 -0.25 -85.54
N THR G 46 76.12 -0.86 -85.42
CA THR G 46 76.27 -2.25 -85.84
C THR G 46 75.67 -3.18 -84.80
N GLY G 47 74.90 -4.17 -85.26
CA GLY G 47 74.28 -5.14 -84.38
C GLY G 47 72.87 -4.80 -83.96
N VAL G 48 72.39 -3.60 -84.23
CA VAL G 48 71.07 -3.19 -83.78
C VAL G 48 70.01 -3.95 -84.56
N THR G 49 69.11 -4.62 -83.83
CA THR G 49 68.05 -5.41 -84.43
C THR G 49 66.74 -4.62 -84.47
N THR G 50 66.02 -4.73 -85.58
CA THR G 50 64.77 -4.02 -85.76
C THR G 50 63.62 -4.82 -85.16
N HIS G 51 62.40 -4.29 -85.30
CA HIS G 51 61.22 -4.92 -84.72
C HIS G 51 60.96 -6.27 -85.37
N SER G 52 60.94 -7.31 -84.53
CA SER G 52 60.57 -8.65 -84.93
C SER G 52 59.46 -9.13 -84.00
N VAL G 53 58.83 -10.25 -84.37
CA VAL G 53 57.86 -10.84 -83.47
C VAL G 53 58.53 -11.30 -82.19
N SER G 54 59.73 -11.88 -82.33
CA SER G 54 60.43 -12.42 -81.18
C SER G 54 61.02 -11.31 -80.31
N SER G 55 61.56 -10.26 -80.94
CA SER G 55 62.21 -9.16 -80.22
C SER G 55 61.67 -7.83 -80.73
N PRO G 56 60.76 -7.20 -79.99
CA PRO G 56 60.08 -6.01 -80.52
C PRO G 56 60.93 -4.75 -80.38
N PHE G 57 60.60 -3.77 -81.22
CA PHE G 57 61.14 -2.41 -81.14
C PHE G 57 59.97 -1.47 -81.38
N THR G 58 59.33 -1.02 -80.29
CA THR G 58 58.07 -0.28 -80.38
C THR G 58 58.09 0.97 -79.51
N ILE G 59 57.42 2.00 -80.01
CA ILE G 59 57.34 3.32 -79.39
C ILE G 59 55.86 3.69 -79.31
N THR G 60 55.28 3.61 -78.11
CA THR G 60 53.86 3.83 -77.92
C THR G 60 53.61 4.97 -76.92
N PHE G 61 52.63 5.83 -77.23
CA PHE G 61 52.31 6.99 -76.41
C PHE G 61 50.81 6.99 -76.13
N THR G 62 50.45 7.09 -74.86
CA THR G 62 49.08 6.88 -74.41
C THR G 62 48.60 8.03 -73.53
N ARG G 63 47.32 8.37 -73.67
CA ARG G 63 46.64 9.33 -72.82
C ARG G 63 45.79 8.60 -71.79
N PRO G 64 45.39 9.27 -70.71
CA PRO G 64 44.58 8.59 -69.70
C PRO G 64 43.16 8.32 -70.18
N LYS G 65 42.55 7.27 -69.60
CA LYS G 65 41.20 6.88 -69.98
C LYS G 65 40.21 7.99 -69.71
N THR G 66 40.28 8.59 -68.53
CA THR G 66 39.37 9.64 -68.10
C THR G 66 40.17 10.84 -67.63
N MET G 67 39.86 12.02 -68.17
CA MET G 67 40.49 13.26 -67.72
C MET G 67 39.93 13.67 -66.37
N LYS G 68 40.76 14.35 -65.60
CA LYS G 68 40.40 14.77 -64.25
C LYS G 68 40.29 16.29 -64.21
N THR G 69 39.12 16.78 -63.79
CA THR G 69 38.94 18.19 -63.53
C THR G 69 39.22 18.48 -62.06
N VAL G 70 39.54 19.74 -61.79
CA VAL G 70 40.01 20.10 -60.46
C VAL G 70 38.85 20.50 -59.56
N GLY G 83 44.32 15.23 -57.59
CA GLY G 83 44.19 14.39 -58.77
C GLY G 83 45.25 14.68 -59.83
N ARG G 84 45.51 13.70 -60.70
CA ARG G 84 46.55 13.86 -61.72
C ARG G 84 46.17 13.16 -63.02
N ASN G 85 46.47 13.80 -64.16
CA ASN G 85 46.39 13.16 -65.47
C ASN G 85 47.80 12.75 -65.86
N THR G 86 48.04 11.45 -66.05
CA THR G 86 49.36 10.95 -66.42
C THR G 86 49.35 10.44 -67.86
N TYR G 87 50.28 10.95 -68.66
CA TYR G 87 50.48 10.50 -70.03
C TYR G 87 51.71 9.61 -70.08
N GLY G 88 51.65 8.57 -70.90
CA GLY G 88 52.69 7.55 -70.90
C GLY G 88 53.39 7.29 -72.22
N PHE G 89 54.72 7.32 -72.21
CA PHE G 89 55.53 7.12 -73.41
C PHE G 89 56.46 5.95 -73.16
N LEU G 90 56.32 4.88 -73.93
CA LEU G 90 57.02 3.65 -73.62
C LEU G 90 57.66 3.01 -74.84
N VAL G 91 58.92 2.62 -74.69
CA VAL G 91 59.73 2.00 -75.73
C VAL G 91 60.08 0.59 -75.26
N ARG G 92 59.80 -0.40 -76.09
CA ARG G 92 60.15 -1.79 -75.84
C ARG G 92 61.16 -2.26 -76.87
N LYS G 93 62.26 -2.87 -76.39
CA LYS G 93 63.32 -3.30 -77.29
C LYS G 93 63.74 -4.73 -77.00
N GLY G 94 63.81 -5.53 -78.06
CA GLY G 94 64.30 -6.88 -77.92
C GLY G 94 65.80 -6.91 -77.67
N VAL G 95 66.23 -7.45 -76.53
CA VAL G 95 67.63 -7.48 -76.11
C VAL G 95 67.95 -8.89 -75.65
N ILE G 96 69.09 -9.43 -76.07
CA ILE G 96 69.38 -10.84 -75.85
C ILE G 96 70.35 -10.97 -74.69
N PRO G 97 69.97 -11.66 -73.59
CA PRO G 97 70.84 -11.66 -72.40
C PRO G 97 72.03 -12.61 -72.47
N ALA G 98 71.90 -13.79 -73.05
CA ALA G 98 73.03 -14.70 -73.06
C ALA G 98 73.30 -15.23 -74.45
N VAL G 99 74.29 -16.13 -74.50
CA VAL G 99 74.86 -16.56 -75.77
C VAL G 99 73.83 -17.27 -76.62
N ASN G 100 72.89 -17.98 -75.98
CA ASN G 100 71.87 -18.68 -76.77
C ASN G 100 70.46 -18.45 -76.24
N GLN G 101 70.26 -17.44 -75.41
CA GLN G 101 68.96 -17.30 -74.75
C GLN G 101 67.94 -16.59 -75.61
N SER G 102 66.68 -16.74 -75.19
CA SER G 102 65.58 -16.05 -75.83
C SER G 102 65.68 -14.55 -75.54
N PRO G 103 65.19 -13.71 -76.46
CA PRO G 103 65.28 -12.26 -76.24
C PRO G 103 64.36 -11.83 -75.09
N GLN G 104 64.92 -11.02 -74.21
CA GLN G 104 64.26 -10.27 -73.15
C GLN G 104 63.88 -8.89 -73.65
N VAL G 105 62.93 -8.26 -72.97
CA VAL G 105 62.42 -6.96 -73.39
C VAL G 105 63.01 -5.89 -72.50
N MET G 106 64.05 -5.20 -72.98
CA MET G 106 64.44 -3.96 -72.34
C MET G 106 63.30 -2.96 -72.47
N LEU G 107 63.19 -2.08 -71.48
CA LEU G 107 61.99 -1.26 -71.38
C LEU G 107 62.37 0.14 -70.91
N VAL G 108 62.04 1.15 -71.70
CA VAL G 108 62.28 2.54 -71.33
C VAL G 108 60.91 3.21 -71.27
N ARG G 109 60.47 3.59 -70.08
CA ARG G 109 59.13 4.14 -69.94
C ARG G 109 59.15 5.48 -69.22
N VAL G 110 58.38 6.42 -69.74
CA VAL G 110 58.27 7.78 -69.25
C VAL G 110 56.82 8.00 -68.85
N GLU G 111 56.63 8.65 -67.70
CA GLU G 111 55.32 9.03 -67.22
C GLU G 111 55.34 10.52 -66.92
N ILE G 112 54.35 11.22 -67.45
CA ILE G 112 54.20 12.66 -67.29
C ILE G 112 52.92 12.88 -66.51
N SER G 113 53.03 13.18 -65.22
CA SER G 113 51.88 13.40 -64.36
C SER G 113 51.67 14.91 -64.19
N VAL G 114 50.60 15.40 -64.81
CA VAL G 114 50.19 16.80 -64.75
C VAL G 114 49.08 16.91 -63.72
N PRO G 115 49.21 17.75 -62.69
CA PRO G 115 48.10 18.00 -61.77
C PRO G 115 46.90 18.59 -62.50
N ALA G 116 45.76 18.62 -61.79
CA ALA G 116 44.49 18.87 -62.44
C ALA G 116 44.39 20.28 -63.00
N GLY G 117 44.51 21.30 -62.14
CA GLY G 117 44.37 22.67 -62.61
C GLY G 117 45.57 23.22 -63.33
N ALA G 118 46.66 22.45 -63.30
CA ALA G 118 47.94 22.86 -63.90
C ALA G 118 47.77 23.20 -65.37
N ASP G 119 47.24 22.23 -66.15
CA ASP G 119 47.18 22.32 -67.61
C ASP G 119 46.64 23.64 -68.09
N THR G 120 45.73 24.24 -67.33
CA THR G 120 45.09 25.49 -67.69
C THR G 120 45.72 26.69 -66.98
N TYR G 121 45.79 26.66 -65.64
CA TYR G 121 46.19 27.85 -64.91
C TYR G 121 47.67 28.15 -65.09
N ASP G 122 48.53 27.12 -65.04
CA ASP G 122 49.98 27.33 -65.11
C ASP G 122 50.54 26.39 -66.18
N ALA G 123 50.45 26.83 -67.44
CA ALA G 123 50.92 25.99 -68.53
C ALA G 123 52.40 26.17 -68.78
N ALA G 124 52.93 27.35 -68.46
CA ALA G 124 54.34 27.61 -68.71
C ALA G 124 55.23 26.69 -67.87
N ASN G 125 54.86 26.47 -66.61
CA ASN G 125 55.68 25.60 -65.76
C ASN G 125 55.57 24.14 -66.19
N VAL G 126 54.41 23.70 -66.68
CA VAL G 126 54.28 22.37 -67.25
C VAL G 126 55.24 22.20 -68.42
N LYS G 127 55.15 23.13 -69.38
CA LYS G 127 56.03 23.06 -70.55
C LYS G 127 57.49 23.13 -70.15
N ALA G 128 57.80 23.86 -69.08
CA ALA G 128 59.19 24.01 -68.65
C ALA G 128 59.72 22.73 -68.02
N ALA G 129 58.88 22.05 -67.23
CA ALA G 129 59.27 20.74 -66.71
C ALA G 129 59.59 19.79 -67.86
N LEU G 130 58.71 19.74 -68.86
CA LEU G 130 58.95 18.86 -70.00
C LEU G 130 60.21 19.25 -70.76
N SER G 131 60.44 20.56 -70.92
CA SER G 131 61.61 21.06 -71.65
C SER G 131 62.90 20.69 -70.92
N ALA G 132 62.96 20.96 -69.62
CA ALA G 132 64.14 20.60 -68.84
C ALA G 132 64.40 19.10 -68.88
N ALA G 133 63.35 18.30 -68.66
CA ALA G 133 63.51 16.85 -68.63
C ALA G 133 64.07 16.33 -69.95
N ILE G 134 63.41 16.68 -71.07
CA ILE G 134 63.85 16.15 -72.35
C ILE G 134 65.20 16.74 -72.75
N GLY G 135 65.49 17.99 -72.34
CA GLY G 135 66.77 18.59 -72.68
C GLY G 135 67.93 17.93 -71.97
N VAL G 136 67.77 17.61 -70.69
CA VAL G 136 68.80 16.88 -69.97
C VAL G 136 68.95 15.47 -70.53
N LEU G 137 67.82 14.84 -70.90
CA LEU G 137 67.89 13.50 -71.48
C LEU G 137 68.69 13.50 -72.79
N SER G 138 68.42 14.47 -73.67
CA SER G 138 69.15 14.52 -74.93
C SER G 138 70.59 14.93 -74.73
N GLN G 139 70.88 15.78 -73.74
CA GLN G 139 72.25 16.18 -73.48
C GLN G 139 73.08 15.01 -72.99
N GLN G 140 72.53 14.23 -72.05
CA GLN G 140 73.27 13.14 -71.45
C GLN G 140 72.91 11.78 -72.05
N SER G 141 72.40 11.75 -73.29
CA SER G 141 71.96 10.48 -73.86
C SER G 141 73.10 9.48 -73.92
N ALA G 142 74.25 9.91 -74.43
CA ALA G 142 75.41 9.03 -74.53
C ALA G 142 75.84 8.57 -73.14
N GLY G 143 75.91 9.49 -72.18
CA GLY G 143 76.34 9.12 -70.85
C GLY G 143 75.37 8.22 -70.12
N ILE G 144 74.07 8.36 -70.40
CA ILE G 144 73.07 7.50 -69.79
C ILE G 144 73.16 6.10 -70.37
N GLY G 145 73.48 5.97 -71.66
CA GLY G 145 73.80 4.65 -72.19
C GLY G 145 75.04 4.07 -71.54
N ASP G 146 76.11 4.87 -71.44
CA ASP G 146 77.31 4.44 -70.72
C ASP G 146 76.97 3.95 -69.32
N THR G 147 76.05 4.63 -68.65
CA THR G 147 75.64 4.21 -67.31
C THR G 147 74.82 2.93 -67.35
N ALA G 148 73.92 2.80 -68.34
CA ALA G 148 73.10 1.60 -68.45
C ALA G 148 73.94 0.36 -68.69
N LEU G 149 75.14 0.53 -69.23
CA LEU G 149 76.07 -0.58 -69.39
C LEU G 149 77.07 -0.72 -68.25
N SER G 150 77.48 0.40 -67.63
CA SER G 150 78.52 0.38 -66.60
C SER G 150 77.95 0.03 -65.23
N GLY G 151 76.76 0.50 -64.92
CA GLY G 151 76.25 0.46 -63.57
C GLY G 151 76.66 1.62 -62.72
N ILE G 152 77.27 2.65 -63.30
CA ILE G 152 77.89 3.73 -62.54
C ILE G 152 77.36 5.08 -63.01
N LEU G 153 77.03 5.94 -62.06
CA LEU G 153 76.61 7.30 -62.33
C LEU G 153 77.81 8.26 -62.39
N ALA H 1 27.10 7.77 -90.11
CA ALA H 1 27.69 8.81 -90.96
C ALA H 1 27.81 10.14 -90.23
N TYR H 2 28.61 10.18 -89.16
CA TYR H 2 28.79 11.38 -88.34
C TYR H 2 30.18 11.95 -88.60
N SER H 3 30.22 13.16 -89.21
CA SER H 3 31.49 13.85 -89.52
C SER H 3 31.27 15.35 -89.50
N PRO H 4 31.61 16.03 -88.41
CA PRO H 4 31.38 17.47 -88.33
C PRO H 4 32.38 18.26 -89.19
N SER H 5 32.06 19.54 -89.37
CA SER H 5 32.80 20.47 -90.22
C SER H 5 33.71 21.37 -89.39
N THR H 6 34.66 22.03 -90.08
CA THR H 6 35.70 22.76 -89.34
C THR H 6 35.12 23.94 -88.58
N PRO H 7 34.44 24.91 -89.22
CA PRO H 7 33.61 25.82 -88.43
C PRO H 7 32.19 25.30 -88.32
N VAL H 8 31.76 24.99 -87.10
CA VAL H 8 30.38 24.65 -86.84
C VAL H 8 29.66 25.94 -86.49
N THR H 9 28.59 26.22 -87.22
CA THR H 9 27.80 27.40 -86.92
C THR H 9 26.90 27.10 -85.75
N GLY H 10 27.23 27.70 -84.60
CA GLY H 10 26.54 27.37 -83.38
C GLY H 10 25.12 27.87 -83.39
N ALA H 11 24.24 27.11 -82.73
CA ALA H 11 22.85 27.48 -82.64
C ALA H 11 22.71 28.79 -81.89
N ALA H 12 21.68 29.56 -82.25
CA ALA H 12 21.54 30.91 -81.73
C ALA H 12 21.43 30.89 -80.21
N GLN H 13 22.10 31.85 -79.58
CA GLN H 13 22.03 32.03 -78.14
C GLN H 13 21.84 33.51 -77.85
N THR H 14 21.44 33.82 -76.61
CA THR H 14 20.89 35.12 -76.30
C THR H 14 21.90 36.24 -76.54
N GLY H 15 23.05 36.18 -75.88
CA GLY H 15 24.03 37.23 -76.06
C GLY H 15 25.00 37.06 -77.20
N PHE H 16 24.86 36.01 -78.02
CA PHE H 16 25.84 35.68 -79.02
C PHE H 16 25.41 36.22 -80.37
N THR H 17 26.35 36.85 -81.08
CA THR H 17 26.13 37.34 -82.44
C THR H 17 26.94 36.44 -83.38
N SER H 18 26.22 35.63 -84.17
CA SER H 18 26.80 34.80 -85.22
C SER H 18 27.93 33.91 -84.71
N PRO H 19 27.67 33.03 -83.75
CA PRO H 19 28.74 32.26 -83.14
C PRO H 19 29.13 31.04 -83.96
N THR H 20 30.42 30.80 -84.06
CA THR H 20 30.97 29.63 -84.72
C THR H 20 32.03 29.01 -83.82
N TYR H 21 32.20 27.70 -83.94
CA TYR H 21 33.14 26.96 -83.12
C TYR H 21 34.03 26.12 -84.02
N THR H 22 35.35 26.30 -83.91
CA THR H 22 36.30 25.54 -84.69
C THR H 22 36.59 24.22 -83.99
N LEU H 23 36.46 23.12 -84.73
CA LEU H 23 36.67 21.79 -84.19
C LEU H 23 38.04 21.28 -84.63
N THR H 24 38.79 20.74 -83.68
CA THR H 24 40.02 20.01 -83.94
C THR H 24 39.78 18.54 -83.58
N SER H 25 40.35 17.63 -84.37
CA SER H 25 40.06 16.22 -84.17
C SER H 25 40.77 15.68 -82.94
N ASP H 26 40.06 14.86 -82.16
CA ASP H 26 40.56 14.32 -80.90
C ASP H 26 40.33 12.81 -80.87
N THR H 27 41.16 12.13 -80.09
CA THR H 27 40.97 10.70 -79.85
C THR H 27 39.92 10.50 -78.78
N ALA H 28 38.97 9.60 -79.05
CA ALA H 28 37.80 9.38 -78.22
C ALA H 28 38.12 8.40 -77.09
N PRO H 29 37.35 8.44 -76.00
CA PRO H 29 37.70 7.59 -74.84
C PRO H 29 37.47 6.11 -75.09
N THR H 30 36.34 5.75 -75.69
CA THR H 30 36.13 4.38 -76.12
C THR H 30 36.67 4.22 -77.54
N ALA H 31 36.81 2.96 -77.95
CA ALA H 31 37.06 2.70 -79.36
C ALA H 31 35.81 2.87 -80.20
N LEU H 32 34.65 3.10 -79.58
CA LEU H 32 33.37 3.21 -80.26
C LEU H 32 32.90 4.64 -80.39
N GLY H 33 33.80 5.61 -80.22
CA GLY H 33 33.42 7.00 -80.26
C GLY H 33 34.27 7.77 -81.24
N LYS H 34 33.67 8.82 -81.81
CA LYS H 34 34.37 9.86 -82.53
C LYS H 34 34.25 11.13 -81.69
N GLN H 35 35.37 11.80 -81.43
CA GLN H 35 35.37 12.95 -80.54
C GLN H 35 36.12 14.10 -81.19
N HIS H 36 35.55 15.30 -81.10
CA HIS H 36 36.21 16.52 -81.49
C HIS H 36 36.30 17.46 -80.30
N ALA H 37 37.33 18.31 -80.29
CA ALA H 37 37.49 19.32 -79.25
C ALA H 37 37.35 20.71 -79.87
N VAL H 38 36.72 21.63 -79.15
CA VAL H 38 36.54 22.99 -79.63
C VAL H 38 37.83 23.73 -79.30
N THR H 39 38.72 23.84 -80.31
CA THR H 39 40.02 24.46 -80.11
C THR H 39 39.94 25.99 -80.11
N ALA H 40 38.97 26.58 -80.82
CA ALA H 40 38.88 28.03 -80.90
C ALA H 40 37.46 28.45 -81.22
N THR H 41 37.12 29.67 -80.84
CA THR H 41 35.78 30.21 -81.01
C THR H 41 35.81 31.45 -81.90
N GLY H 42 34.83 31.55 -82.80
CA GLY H 42 34.58 32.75 -83.57
C GLY H 42 33.18 33.27 -83.31
N GLY H 43 32.96 34.52 -83.71
CA GLY H 43 31.71 35.21 -83.42
C GLY H 43 31.85 36.12 -82.20
N THR H 44 30.83 36.93 -81.99
CA THR H 44 30.78 37.88 -80.87
C THR H 44 30.13 37.26 -79.64
N GLN H 45 30.81 36.22 -79.15
CA GLN H 45 30.55 35.60 -77.85
C GLN H 45 31.74 35.92 -76.96
N THR H 46 31.49 36.68 -75.90
CA THR H 46 32.58 37.19 -75.08
C THR H 46 32.58 36.45 -73.75
N GLY H 47 33.75 35.92 -73.41
CA GLY H 47 33.95 35.15 -72.22
C GLY H 47 33.96 33.66 -72.42
N VAL H 48 33.73 33.19 -73.65
CA VAL H 48 33.66 31.77 -73.93
C VAL H 48 35.07 31.19 -73.96
N THR H 49 35.31 30.16 -73.16
CA THR H 49 36.61 29.52 -73.06
C THR H 49 36.67 28.28 -73.94
N THR H 50 37.83 28.04 -74.55
CA THR H 50 38.03 26.91 -75.44
C THR H 50 38.47 25.69 -74.64
N HIS H 51 38.84 24.62 -75.35
CA HIS H 51 39.07 23.33 -74.71
C HIS H 51 40.43 23.30 -74.01
N SER H 52 40.39 23.04 -72.71
CA SER H 52 41.55 22.68 -71.90
C SER H 52 41.30 21.29 -71.32
N VAL H 53 42.28 20.77 -70.59
CA VAL H 53 42.04 19.48 -69.96
C VAL H 53 41.19 19.64 -68.71
N SER H 54 41.44 20.69 -67.92
CA SER H 54 40.64 20.92 -66.72
C SER H 54 39.35 21.66 -67.04
N SER H 55 39.31 22.40 -68.15
CA SER H 55 38.10 23.09 -68.62
C SER H 55 37.81 22.63 -70.04
N PRO H 56 37.20 21.46 -70.21
CA PRO H 56 37.08 20.87 -71.54
C PRO H 56 35.99 21.53 -72.38
N PHE H 57 36.09 21.30 -73.69
CA PHE H 57 35.05 21.60 -74.66
C PHE H 57 35.11 20.45 -75.66
N THR H 58 34.31 19.41 -75.41
CA THR H 58 34.40 18.17 -76.16
C THR H 58 33.05 17.72 -76.66
N ILE H 59 33.02 17.22 -77.88
CA ILE H 59 31.82 16.76 -78.58
C ILE H 59 32.11 15.34 -79.03
N THR H 60 31.57 14.35 -78.31
CA THR H 60 31.85 12.95 -78.59
C THR H 60 30.57 12.20 -78.92
N PHE H 61 30.64 11.30 -79.89
CA PHE H 61 29.49 10.56 -80.40
C PHE H 61 29.84 9.08 -80.49
N THR H 62 29.03 8.24 -79.87
CA THR H 62 29.36 6.84 -79.63
C THR H 62 28.23 5.94 -80.12
N ARG H 63 28.61 4.77 -80.64
CA ARG H 63 27.72 3.69 -81.02
C ARG H 63 27.75 2.61 -79.94
N PRO H 64 26.74 1.74 -79.90
CA PRO H 64 26.74 0.69 -78.87
C PRO H 64 27.79 -0.38 -79.15
N LYS H 65 28.17 -1.08 -78.08
CA LYS H 65 29.20 -2.12 -78.19
C LYS H 65 28.71 -3.27 -79.05
N THR H 66 27.48 -3.71 -78.84
CA THR H 66 26.91 -4.85 -79.55
C THR H 66 25.55 -4.47 -80.10
N MET H 67 25.36 -4.68 -81.41
CA MET H 67 24.08 -4.42 -82.03
C MET H 67 23.07 -5.47 -81.60
N LYS H 68 21.79 -5.11 -81.70
CA LYS H 68 20.69 -6.00 -81.36
C LYS H 68 19.75 -6.15 -82.55
N THR H 69 19.40 -7.40 -82.86
CA THR H 69 18.51 -7.73 -83.96
C THR H 69 17.09 -7.90 -83.42
N VAL H 70 16.11 -7.78 -84.33
CA VAL H 70 14.70 -7.70 -83.94
C VAL H 70 14.22 -8.99 -83.29
N GLY H 71 14.76 -10.12 -83.70
CA GLY H 71 14.26 -11.37 -83.19
C GLY H 71 13.11 -11.92 -84.00
N VAL H 72 12.45 -12.91 -83.43
CA VAL H 72 11.54 -13.75 -84.20
C VAL H 72 10.23 -13.92 -83.42
N PRO H 73 9.08 -13.85 -84.09
CA PRO H 73 7.80 -13.96 -83.38
C PRO H 73 7.55 -15.35 -82.81
N ASN H 74 6.90 -15.37 -81.65
CA ASN H 74 6.61 -16.60 -80.93
C ASN H 74 5.28 -17.19 -81.40
N SER H 75 4.80 -18.20 -80.69
CA SER H 75 3.62 -18.97 -81.10
C SER H 75 2.39 -18.08 -81.34
N ASN H 76 2.30 -16.96 -80.65
CA ASN H 76 1.17 -16.06 -80.80
C ASN H 76 1.39 -14.98 -81.85
N GLY H 77 2.48 -15.08 -82.62
CA GLY H 77 2.80 -14.05 -83.58
C GLY H 77 3.37 -12.78 -82.99
N VAL H 78 3.81 -12.80 -81.73
CA VAL H 78 4.30 -11.63 -81.02
C VAL H 78 5.79 -11.78 -80.76
N ILE H 79 6.55 -10.73 -81.02
CA ILE H 79 7.99 -10.73 -80.75
C ILE H 79 8.21 -10.41 -79.29
N THR H 80 8.82 -11.35 -78.56
CA THR H 80 8.77 -11.33 -77.11
C THR H 80 9.50 -10.14 -76.52
N ASN H 81 10.70 -9.87 -77.01
CA ASN H 81 11.57 -8.87 -76.40
C ASN H 81 12.23 -8.06 -77.51
N ILE H 82 11.93 -6.77 -77.55
CA ILE H 82 12.53 -5.84 -78.49
C ILE H 82 13.58 -5.06 -77.72
N GLY H 83 14.84 -5.47 -77.86
CA GLY H 83 15.93 -4.65 -77.38
C GLY H 83 16.04 -3.36 -78.16
N ARG H 84 16.91 -2.47 -77.69
CA ARG H 84 17.08 -1.18 -78.35
C ARG H 84 18.55 -0.77 -78.40
N ASN H 85 19.03 -0.35 -79.57
CA ASN H 85 20.39 0.18 -79.68
C ASN H 85 20.34 1.68 -79.43
N THR H 86 21.12 2.17 -78.47
CA THR H 86 21.17 3.59 -78.13
C THR H 86 22.51 4.17 -78.57
N TYR H 87 22.45 5.26 -79.32
CA TYR H 87 23.62 6.02 -79.73
C TYR H 87 23.72 7.28 -78.87
N GLY H 88 24.95 7.65 -78.50
CA GLY H 88 25.14 8.72 -77.54
C GLY H 88 25.95 9.91 -78.03
N PHE H 89 25.41 11.11 -77.85
CA PHE H 89 26.04 12.35 -78.28
C PHE H 89 26.22 13.23 -77.06
N LEU H 90 27.46 13.54 -76.69
CA LEU H 90 27.70 14.20 -75.41
C LEU H 90 28.70 15.34 -75.56
N VAL H 91 28.35 16.48 -74.98
CA VAL H 91 29.17 17.68 -74.98
C VAL H 91 29.53 17.99 -73.54
N ARG H 92 30.83 18.17 -73.29
CA ARG H 92 31.35 18.57 -71.99
C ARG H 92 31.96 19.95 -72.11
N LYS H 93 31.60 20.84 -71.18
CA LYS H 93 32.07 22.22 -71.22
C LYS H 93 32.52 22.66 -69.85
N GLY H 94 33.74 23.20 -69.79
CA GLY H 94 34.25 23.78 -68.56
C GLY H 94 33.48 25.04 -68.19
N VAL H 95 32.88 25.06 -67.00
CA VAL H 95 32.08 26.19 -66.52
C VAL H 95 32.53 26.52 -65.10
N ILE H 96 32.63 27.80 -64.78
CA ILE H 96 33.21 28.24 -63.50
C ILE H 96 32.08 28.61 -62.56
N PRO H 97 31.92 27.90 -61.43
CA PRO H 97 30.75 28.19 -60.58
C PRO H 97 30.91 29.38 -59.65
N ALA H 98 32.06 29.58 -59.05
CA ALA H 98 32.21 30.60 -58.02
C ALA H 98 33.24 31.64 -58.44
N VAL H 99 33.51 32.58 -57.52
CA VAL H 99 34.37 33.70 -57.87
C VAL H 99 35.81 33.23 -58.05
N ASN H 100 36.26 32.34 -57.20
CA ASN H 100 37.61 31.81 -57.32
C ASN H 100 37.64 30.30 -57.48
N GLN H 101 36.48 29.65 -57.42
CA GLN H 101 36.48 28.20 -57.50
C GLN H 101 36.88 27.73 -58.89
N SER H 102 37.23 26.46 -58.96
CA SER H 102 37.83 25.82 -60.12
C SER H 102 36.74 25.35 -61.07
N PRO H 103 37.07 25.13 -62.35
CA PRO H 103 36.03 24.78 -63.32
C PRO H 103 35.39 23.42 -63.06
N GLN H 104 34.05 23.42 -63.04
CA GLN H 104 33.19 22.25 -63.08
C GLN H 104 32.79 21.96 -64.52
N VAL H 105 32.15 20.82 -64.75
CA VAL H 105 31.87 20.36 -66.11
C VAL H 105 30.36 20.41 -66.34
N MET H 106 29.88 21.45 -67.01
CA MET H 106 28.53 21.39 -67.55
C MET H 106 28.46 20.30 -68.61
N LEU H 107 27.30 19.67 -68.72
CA LEU H 107 27.18 18.45 -69.50
C LEU H 107 25.88 18.47 -70.28
N VAL H 108 25.96 18.32 -71.60
CA VAL H 108 24.77 18.25 -72.45
C VAL H 108 24.83 16.91 -73.18
N ARG H 109 23.95 15.99 -72.82
CA ARG H 109 24.02 14.64 -73.40
C ARG H 109 22.69 14.24 -74.03
N VAL H 110 22.79 13.62 -75.20
CA VAL H 110 21.67 13.15 -76.00
C VAL H 110 21.80 11.65 -76.15
N GLU H 111 20.69 10.95 -76.00
CA GLU H 111 20.63 9.51 -76.20
C GLU H 111 19.54 9.21 -77.20
N ILE H 112 19.87 8.42 -78.21
CA ILE H 112 18.96 8.06 -79.28
C ILE H 112 18.76 6.56 -79.19
N SER H 113 17.63 6.12 -78.63
CA SER H 113 17.31 4.70 -78.49
C SER H 113 16.41 4.29 -79.65
N VAL H 114 16.98 3.50 -80.56
CA VAL H 114 16.27 2.96 -81.72
C VAL H 114 15.91 1.51 -81.41
N PRO H 115 14.62 1.16 -81.38
CA PRO H 115 14.23 -0.25 -81.21
C PRO H 115 14.83 -1.13 -82.30
N ALA H 116 14.74 -2.44 -82.06
CA ALA H 116 15.52 -3.38 -82.84
C ALA H 116 15.07 -3.40 -84.30
N GLY H 117 13.81 -3.77 -84.55
CA GLY H 117 13.34 -3.91 -85.91
C GLY H 117 13.07 -2.61 -86.61
N ALA H 118 13.10 -1.51 -85.85
CA ALA H 118 12.83 -0.17 -86.35
C ALA H 118 13.74 0.20 -87.50
N ASP H 119 15.06 0.09 -87.28
CA ASP H 119 16.06 0.62 -88.19
C ASP H 119 15.89 0.10 -89.61
N THR H 120 15.29 -1.07 -89.76
CA THR H 120 15.06 -1.67 -91.07
C THR H 120 13.61 -1.53 -91.51
N TYR H 121 12.64 -1.93 -90.66
CA TYR H 121 11.25 -1.97 -91.12
C TYR H 121 10.65 -0.58 -91.25
N ASP H 122 10.88 0.30 -90.28
CA ASP H 122 10.27 1.64 -90.26
C ASP H 122 11.37 2.67 -90.07
N ALA H 123 12.03 3.03 -91.17
CA ALA H 123 13.13 3.97 -91.07
C ALA H 123 12.63 5.41 -91.13
N ALA H 124 11.51 5.63 -91.81
CA ALA H 124 10.99 6.97 -91.97
C ALA H 124 10.61 7.58 -90.62
N ASN H 125 10.01 6.77 -89.74
CA ASN H 125 9.62 7.29 -88.44
C ASN H 125 10.82 7.55 -87.55
N VAL H 126 11.86 6.71 -87.65
CA VAL H 126 13.11 6.98 -86.95
C VAL H 126 13.67 8.33 -87.37
N LYS H 127 13.86 8.50 -88.68
CA LYS H 127 14.38 9.77 -89.19
C LYS H 127 13.51 10.94 -88.78
N ALA H 128 12.18 10.72 -88.72
CA ALA H 128 11.26 11.80 -88.38
C ALA H 128 11.40 12.20 -86.92
N ALA H 129 11.54 11.22 -86.03
CA ALA H 129 11.78 11.55 -84.62
C ALA H 129 13.05 12.36 -84.48
N LEU H 130 14.12 11.94 -85.17
CA LEU H 130 15.38 12.67 -85.08
C LEU H 130 15.24 14.09 -85.61
N SER H 131 14.58 14.27 -86.75
CA SER H 131 14.47 15.60 -87.35
C SER H 131 13.58 16.52 -86.53
N ALA H 132 12.50 15.99 -85.95
CA ALA H 132 11.66 16.81 -85.09
C ALA H 132 12.40 17.22 -83.83
N ALA H 133 13.11 16.28 -83.19
CA ALA H 133 13.86 16.61 -81.99
C ALA H 133 14.90 17.69 -82.27
N ILE H 134 15.72 17.48 -83.30
CA ILE H 134 16.79 18.44 -83.59
C ILE H 134 16.23 19.77 -84.10
N GLY H 135 15.09 19.74 -84.81
CA GLY H 135 14.51 20.99 -85.29
C GLY H 135 13.94 21.83 -84.17
N VAL H 136 13.27 21.19 -83.21
CA VAL H 136 12.79 21.93 -82.03
C VAL H 136 13.97 22.45 -81.22
N LEU H 137 15.05 21.65 -81.11
CA LEU H 137 16.23 22.11 -80.38
C LEU H 137 16.84 23.34 -81.02
N SER H 138 16.99 23.33 -82.36
CA SER H 138 17.60 24.48 -83.03
C SER H 138 16.65 25.68 -83.04
N GLN H 139 15.34 25.45 -83.05
CA GLN H 139 14.39 26.55 -83.00
C GLN H 139 14.42 27.25 -81.65
N GLN H 140 14.40 26.47 -80.58
CA GLN H 140 14.36 27.03 -79.24
C GLN H 140 15.74 27.10 -78.58
N SER H 141 16.81 27.14 -79.37
CA SER H 141 18.14 27.12 -78.77
C SER H 141 18.34 28.29 -77.82
N ALA H 142 18.03 29.49 -78.30
CA ALA H 142 18.18 30.69 -77.48
C ALA H 142 17.32 30.59 -76.22
N GLY H 143 16.08 30.15 -76.38
CA GLY H 143 15.18 30.08 -75.24
C GLY H 143 15.56 29.02 -74.23
N ILE H 144 16.13 27.92 -74.71
CA ILE H 144 16.62 26.88 -73.80
C ILE H 144 17.83 27.38 -73.02
N GLY H 145 18.69 28.18 -73.66
CA GLY H 145 19.74 28.85 -72.89
C GLY H 145 19.17 29.79 -71.83
N ASP H 146 18.22 30.63 -72.25
CA ASP H 146 17.54 31.51 -71.31
C ASP H 146 16.98 30.73 -70.14
N THR H 147 16.42 29.55 -70.40
CA THR H 147 15.87 28.72 -69.33
C THR H 147 16.99 28.14 -68.47
N ALA H 148 18.10 27.73 -69.09
CA ALA H 148 19.21 27.15 -68.35
C ALA H 148 19.78 28.14 -67.36
N LEU H 149 19.62 29.42 -67.61
CA LEU H 149 20.07 30.45 -66.68
C LEU H 149 18.96 30.97 -65.77
N SER H 150 17.72 31.04 -66.26
CA SER H 150 16.62 31.67 -65.54
C SER H 150 15.91 30.70 -64.60
N GLY H 151 15.82 29.43 -64.97
CA GLY H 151 14.98 28.49 -64.26
C GLY H 151 13.52 28.61 -64.61
N ILE H 152 13.20 29.30 -65.71
CA ILE H 152 11.83 29.65 -66.04
C ILE H 152 11.46 28.96 -67.35
N LEU H 153 10.26 28.38 -67.38
CA LEU H 153 9.76 27.73 -68.57
C LEU H 153 8.86 28.62 -69.42
N ALA I 1 50.85 -4.80 -91.59
CA ALA I 1 50.63 -3.70 -92.51
C ALA I 1 49.35 -3.95 -93.33
N TYR I 2 48.19 -3.92 -92.65
CA TYR I 2 46.89 -4.15 -93.28
C TYR I 2 46.11 -2.83 -93.35
N SER I 3 45.91 -2.32 -94.59
CA SER I 3 45.18 -1.07 -94.81
C SER I 3 44.51 -1.11 -96.18
N PRO I 4 43.21 -1.35 -96.24
CA PRO I 4 42.51 -1.43 -97.53
C PRO I 4 42.28 -0.06 -98.15
N SER I 5 41.91 -0.08 -99.43
CA SER I 5 41.65 1.11 -100.24
C SER I 5 40.16 1.42 -100.30
N THR I 6 39.84 2.68 -100.62
CA THR I 6 38.45 3.12 -100.58
C THR I 6 37.57 2.35 -101.55
N PRO I 7 37.84 2.33 -102.87
CA PRO I 7 37.19 1.32 -103.70
C PRO I 7 38.03 0.05 -103.77
N VAL I 8 37.49 -1.05 -103.25
CA VAL I 8 38.14 -2.34 -103.37
C VAL I 8 37.60 -3.02 -104.62
N THR I 9 38.48 -3.34 -105.55
CA THR I 9 38.07 -4.10 -106.72
C THR I 9 37.72 -5.52 -106.27
N GLY I 10 36.43 -5.85 -106.28
CA GLY I 10 36.01 -7.16 -105.83
C GLY I 10 36.39 -8.24 -106.82
N ALA I 11 36.69 -9.43 -106.29
CA ALA I 11 37.13 -10.53 -107.13
C ALA I 11 36.00 -10.97 -108.07
N ALA I 12 36.38 -11.46 -109.23
CA ALA I 12 35.39 -11.76 -110.26
C ALA I 12 34.35 -12.74 -109.71
N GLN I 13 33.09 -12.51 -110.07
CA GLN I 13 32.01 -13.40 -109.72
C GLN I 13 31.12 -13.58 -110.93
N THR I 14 30.25 -14.59 -110.87
CA THR I 14 29.56 -15.07 -112.06
C THR I 14 28.67 -14.00 -112.66
N GLY I 15 27.72 -13.48 -111.89
CA GLY I 15 26.84 -12.48 -112.45
C GLY I 15 27.31 -11.04 -112.37
N PHE I 16 28.53 -10.79 -111.92
CA PHE I 16 28.97 -9.43 -111.64
C PHE I 16 29.86 -8.89 -112.75
N THR I 17 29.60 -7.65 -113.14
CA THR I 17 30.42 -6.93 -114.11
C THR I 17 31.15 -5.82 -113.36
N SER I 18 32.49 -5.92 -113.35
CA SER I 18 33.39 -4.95 -112.73
C SER I 18 32.90 -4.51 -111.35
N PRO I 19 32.84 -5.43 -110.37
CA PRO I 19 32.28 -5.07 -109.05
C PRO I 19 33.31 -4.43 -108.13
N THR I 20 32.92 -3.33 -107.49
CA THR I 20 33.76 -2.64 -106.53
C THR I 20 32.96 -2.41 -105.25
N TYR I 21 33.67 -2.36 -104.12
CA TYR I 21 33.03 -2.17 -102.82
C TYR I 21 33.70 -1.01 -102.10
N THR I 22 32.91 0.00 -101.71
CA THR I 22 33.40 1.15 -100.97
C THR I 22 33.41 0.78 -99.49
N LEU I 23 34.57 0.93 -98.85
CA LEU I 23 34.72 0.62 -97.45
C LEU I 23 34.69 1.90 -96.63
N THR I 24 33.90 1.91 -95.57
CA THR I 24 33.91 2.97 -94.57
C THR I 24 34.56 2.41 -93.30
N SER I 25 35.47 3.18 -92.72
CA SER I 25 36.16 2.71 -91.52
C SER I 25 35.14 2.45 -90.41
N ASP I 26 35.29 1.32 -89.74
CA ASP I 26 34.45 0.96 -88.60
C ASP I 26 35.33 0.54 -87.44
N THR I 27 34.77 0.64 -86.24
CA THR I 27 35.51 0.33 -85.02
C THR I 27 35.36 -1.15 -84.69
N ALA I 28 36.49 -1.82 -84.47
CA ALA I 28 36.58 -3.27 -84.41
C ALA I 28 36.12 -3.80 -83.06
N PRO I 29 35.82 -5.11 -82.97
CA PRO I 29 35.29 -5.64 -81.71
C PRO I 29 36.34 -5.75 -80.63
N THR I 30 37.55 -6.10 -81.00
CA THR I 30 38.69 -6.13 -80.10
C THR I 30 39.56 -4.91 -80.35
N ALA I 31 40.51 -4.70 -79.44
CA ALA I 31 41.48 -3.63 -79.63
C ALA I 31 42.62 -4.04 -80.54
N LEU I 32 42.68 -5.31 -80.92
CA LEU I 32 43.73 -5.84 -81.78
C LEU I 32 43.20 -6.14 -83.17
N GLY I 33 42.09 -5.53 -83.55
CA GLY I 33 41.50 -5.72 -84.87
C GLY I 33 41.30 -4.40 -85.58
N LYS I 34 41.35 -4.46 -86.90
CA LYS I 34 40.96 -3.35 -87.75
C LYS I 34 39.77 -3.79 -88.58
N GLN I 35 38.68 -3.02 -88.53
CA GLN I 35 37.45 -3.41 -89.18
C GLN I 35 36.99 -2.29 -90.12
N HIS I 36 36.55 -2.69 -91.32
CA HIS I 36 35.84 -1.79 -92.20
C HIS I 36 34.47 -2.38 -92.48
N ALA I 37 33.55 -1.55 -92.94
CA ALA I 37 32.22 -2.02 -93.31
C ALA I 37 31.87 -1.51 -94.69
N VAL I 38 31.18 -2.34 -95.47
CA VAL I 38 30.88 -2.01 -96.87
C VAL I 38 29.69 -1.07 -96.85
N THR I 39 29.96 0.23 -97.03
CA THR I 39 28.91 1.23 -97.00
C THR I 39 28.16 1.33 -98.33
N ALA I 40 28.81 1.03 -99.45
CA ALA I 40 28.16 1.12 -100.75
C ALA I 40 28.86 0.22 -101.76
N THR I 41 28.12 -0.16 -102.80
CA THR I 41 28.61 -1.03 -103.86
C THR I 41 28.59 -0.29 -105.19
N GLY I 42 29.63 -0.49 -106.00
CA GLY I 42 29.64 -0.05 -107.37
C GLY I 42 29.80 -1.24 -108.29
N GLY I 43 29.46 -1.06 -109.57
CA GLY I 43 29.47 -2.16 -110.52
C GLY I 43 28.09 -2.74 -110.72
N THR I 44 27.99 -3.65 -111.69
CA THR I 44 26.71 -4.29 -112.04
C THR I 44 26.59 -5.59 -111.24
N GLN I 45 26.26 -5.42 -109.97
CA GLN I 45 25.93 -6.53 -109.06
C GLN I 45 24.55 -6.23 -108.50
N THR I 46 23.53 -6.72 -109.18
CA THR I 46 22.17 -6.33 -108.85
C THR I 46 21.68 -7.13 -107.66
N GLY I 47 21.05 -6.44 -106.70
CA GLY I 47 20.51 -7.06 -105.51
C GLY I 47 21.43 -7.09 -104.32
N VAL I 48 22.69 -6.68 -104.49
CA VAL I 48 23.66 -6.75 -103.40
C VAL I 48 23.32 -5.69 -102.36
N THR I 49 23.11 -6.12 -101.12
CA THR I 49 22.77 -5.22 -100.02
C THR I 49 24.01 -4.83 -99.24
N THR I 50 24.11 -3.54 -98.91
CA THR I 50 25.24 -3.02 -98.16
C THR I 50 25.05 -3.29 -96.67
N HIS I 51 25.96 -2.73 -95.85
CA HIS I 51 25.91 -2.98 -94.41
C HIS I 51 24.71 -2.29 -93.80
N SER I 52 23.89 -3.06 -93.10
CA SER I 52 22.80 -2.56 -92.28
C SER I 52 22.94 -3.16 -90.90
N VAL I 53 22.14 -2.65 -89.96
CA VAL I 53 22.14 -3.25 -88.63
C VAL I 53 21.60 -4.67 -88.69
N SER I 54 20.56 -4.87 -89.51
CA SER I 54 19.93 -6.19 -89.58
C SER I 54 20.78 -7.18 -90.36
N SER I 55 21.44 -6.73 -91.43
CA SER I 55 22.26 -7.59 -92.28
C SER I 55 23.62 -6.93 -92.51
N PRO I 56 24.66 -7.38 -91.81
CA PRO I 56 25.95 -6.68 -91.87
C PRO I 56 26.77 -7.07 -93.08
N PHE I 57 27.71 -6.18 -93.43
CA PHE I 57 28.72 -6.42 -94.46
C PHE I 57 30.01 -5.86 -93.87
N THR I 58 30.79 -6.73 -93.23
CA THR I 58 31.94 -6.29 -92.44
C THR I 58 33.18 -7.12 -92.77
N ILE I 59 34.33 -6.45 -92.78
CA ILE I 59 35.62 -7.04 -93.09
C ILE I 59 36.57 -6.68 -91.96
N THR I 60 36.89 -7.66 -91.11
CA THR I 60 37.69 -7.41 -89.92
C THR I 60 38.93 -8.31 -89.90
N PHE I 61 40.08 -7.72 -89.55
CA PHE I 61 41.36 -8.44 -89.53
C PHE I 61 42.00 -8.24 -88.17
N THR I 62 42.35 -9.35 -87.52
CA THR I 62 42.81 -9.35 -86.14
C THR I 62 44.15 -10.05 -86.02
N ARG I 63 45.00 -9.54 -85.13
CA ARG I 63 46.26 -10.13 -84.76
C ARG I 63 46.17 -10.75 -83.37
N PRO I 64 47.00 -11.74 -83.05
CA PRO I 64 46.85 -12.44 -81.77
C PRO I 64 47.15 -11.54 -80.58
N LYS I 65 46.52 -11.86 -79.45
CA LYS I 65 46.72 -11.10 -78.22
C LYS I 65 48.18 -11.16 -77.78
N THR I 66 48.74 -12.36 -77.69
CA THR I 66 50.10 -12.57 -77.22
C THR I 66 50.91 -13.29 -78.30
N MET I 67 51.98 -12.66 -78.76
CA MET I 67 52.89 -13.30 -79.70
C MET I 67 53.70 -14.38 -79.00
N LYS I 68 54.10 -15.40 -79.76
CA LYS I 68 54.87 -16.52 -79.22
C LYS I 68 56.25 -16.59 -79.85
N THR I 69 57.28 -16.69 -79.01
CA THR I 69 58.66 -16.80 -79.45
C THR I 69 59.04 -18.26 -79.66
N VAL I 70 60.09 -18.47 -80.45
CA VAL I 70 60.41 -19.82 -80.93
C VAL I 70 60.84 -20.74 -79.80
N GLY I 71 61.57 -20.22 -78.83
CA GLY I 71 62.07 -21.03 -77.73
C GLY I 71 63.52 -21.43 -77.92
N VAL I 72 64.06 -22.04 -76.88
CA VAL I 72 65.49 -22.33 -76.77
C VAL I 72 65.72 -23.82 -76.98
N PRO I 73 66.66 -24.21 -77.84
CA PRO I 73 66.93 -25.64 -78.03
C PRO I 73 67.52 -26.27 -76.79
N ASN I 74 67.18 -27.55 -76.58
CA ASN I 74 67.64 -28.29 -75.43
C ASN I 74 69.00 -28.94 -75.72
N SER I 75 69.42 -29.85 -74.84
CA SER I 75 70.74 -30.48 -74.95
C SER I 75 70.90 -31.21 -76.28
N ASN I 76 69.84 -31.85 -76.78
CA ASN I 76 69.89 -32.55 -78.04
C ASN I 76 69.87 -31.63 -79.25
N GLY I 77 69.71 -30.32 -79.05
CA GLY I 77 69.54 -29.40 -80.15
C GLY I 77 68.12 -29.26 -80.63
N VAL I 78 67.15 -29.80 -79.90
CA VAL I 78 65.76 -29.85 -80.31
C VAL I 78 64.95 -28.82 -79.52
N ILE I 79 64.08 -28.10 -80.22
CA ILE I 79 63.17 -27.14 -79.59
C ILE I 79 61.86 -27.85 -79.27
N THR I 80 61.45 -27.78 -78.00
CA THR I 80 60.46 -28.71 -77.48
C THR I 80 59.07 -28.43 -78.04
N ASN I 81 58.63 -27.17 -78.03
CA ASN I 81 57.27 -26.84 -78.44
C ASN I 81 57.27 -25.58 -79.28
N ILE I 82 56.77 -25.70 -80.51
CA ILE I 82 56.66 -24.58 -81.43
C ILE I 82 55.21 -24.13 -81.40
N GLY I 83 54.93 -23.10 -80.61
CA GLY I 83 53.63 -22.46 -80.69
C GLY I 83 53.41 -21.84 -82.05
N ARG I 84 52.18 -21.40 -82.29
CA ARG I 84 51.82 -20.81 -83.58
C ARG I 84 50.96 -19.58 -83.35
N ASN I 85 51.38 -18.43 -83.89
CA ASN I 85 50.54 -17.23 -83.83
C ASN I 85 49.64 -17.23 -85.06
N THR I 86 48.33 -17.05 -84.85
CA THR I 86 47.31 -17.09 -85.90
C THR I 86 46.70 -15.70 -86.06
N TYR I 87 46.69 -15.22 -87.29
CA TYR I 87 46.02 -13.98 -87.65
C TYR I 87 44.71 -14.33 -88.33
N GLY I 88 43.68 -13.50 -88.10
CA GLY I 88 42.34 -13.81 -88.55
C GLY I 88 41.65 -12.77 -89.40
N PHE I 89 41.13 -13.19 -90.56
CA PHE I 89 40.48 -12.28 -91.50
C PHE I 89 39.06 -12.78 -91.72
N LEU I 90 38.07 -11.96 -91.41
CA LEU I 90 36.70 -12.46 -91.40
C LEU I 90 35.75 -11.46 -92.03
N VAL I 91 34.91 -11.97 -92.93
CA VAL I 91 33.89 -11.20 -93.62
C VAL I 91 32.54 -11.76 -93.19
N ARG I 92 31.64 -10.88 -92.78
CA ARG I 92 30.27 -11.21 -92.41
C ARG I 92 29.31 -10.52 -93.36
N LYS I 93 28.37 -11.28 -93.93
CA LYS I 93 27.45 -10.73 -94.93
C LYS I 93 26.02 -11.12 -94.62
N GLY I 94 25.14 -10.13 -94.61
CA GLY I 94 23.73 -10.39 -94.42
C GLY I 94 23.12 -11.04 -95.66
N VAL I 95 22.56 -12.25 -95.51
CA VAL I 95 22.02 -13.04 -96.61
C VAL I 95 20.66 -13.58 -96.18
N ILE I 96 19.68 -13.51 -97.05
CA ILE I 96 18.30 -13.83 -96.69
C ILE I 96 17.97 -15.24 -97.16
N PRO I 97 17.60 -16.17 -96.24
CA PRO I 97 17.41 -17.55 -96.68
C PRO I 97 16.07 -17.83 -97.34
N ALA I 98 14.98 -17.26 -96.88
CA ALA I 98 13.69 -17.60 -97.46
C ALA I 98 12.94 -16.36 -97.92
N VAL I 99 11.67 -16.58 -98.27
CA VAL I 99 10.90 -15.53 -98.92
C VAL I 99 10.57 -14.43 -97.93
N ASN I 100 10.37 -14.77 -96.66
CA ASN I 100 10.07 -13.74 -95.67
C ASN I 100 10.88 -13.90 -94.40
N GLN I 101 12.03 -14.56 -94.46
CA GLN I 101 12.80 -14.82 -93.25
C GLN I 101 13.74 -13.68 -92.90
N SER I 102 14.14 -13.66 -91.63
CA SER I 102 15.13 -12.71 -91.15
C SER I 102 16.49 -13.03 -91.76
N PRO I 103 17.32 -12.01 -92.00
CA PRO I 103 18.63 -12.27 -92.60
C PRO I 103 19.51 -13.10 -91.68
N GLN I 104 20.17 -14.10 -92.27
CA GLN I 104 21.23 -14.91 -91.71
C GLN I 104 22.58 -14.33 -92.10
N VAL I 105 23.62 -14.71 -91.35
CA VAL I 105 24.95 -14.15 -91.56
C VAL I 105 25.80 -15.18 -92.29
N MET I 106 25.90 -15.06 -93.61
CA MET I 106 26.95 -15.79 -94.30
C MET I 106 28.29 -15.34 -93.76
N LEU I 107 29.25 -16.26 -93.76
CA LEU I 107 30.48 -16.00 -93.03
C LEU I 107 31.66 -16.60 -93.79
N VAL I 108 32.62 -15.76 -94.18
CA VAL I 108 33.84 -16.19 -94.86
C VAL I 108 34.99 -15.86 -93.93
N ARG I 109 35.68 -16.88 -93.42
CA ARG I 109 36.73 -16.63 -92.45
C ARG I 109 38.02 -17.35 -92.81
N VAL I 110 39.12 -16.60 -92.74
CA VAL I 110 40.45 -17.06 -93.04
C VAL I 110 41.25 -17.04 -91.75
N GLU I 111 42.10 -18.05 -91.57
CA GLU I 111 43.03 -18.11 -90.45
C GLU I 111 44.41 -18.43 -91.00
N ILE I 112 45.39 -17.62 -90.61
CA ILE I 112 46.77 -17.75 -91.05
C ILE I 112 47.57 -18.12 -89.81
N SER I 113 47.95 -19.38 -89.68
CA SER I 113 48.73 -19.87 -88.54
C SER I 113 50.20 -19.96 -88.94
N VAL I 114 51.02 -19.11 -88.34
CA VAL I 114 52.46 -19.06 -88.59
C VAL I 114 53.16 -19.65 -87.38
N PRO I 115 54.03 -20.63 -87.57
CA PRO I 115 54.78 -21.18 -86.44
C PRO I 115 55.76 -20.18 -85.87
N ALA I 116 56.26 -20.52 -84.69
CA ALA I 116 56.88 -19.52 -83.81
C ALA I 116 58.16 -18.94 -84.42
N GLY I 117 58.99 -19.79 -84.99
CA GLY I 117 60.30 -19.38 -85.44
C GLY I 117 60.29 -19.00 -86.91
N ALA I 118 59.20 -19.37 -87.57
CA ALA I 118 59.03 -19.17 -89.01
C ALA I 118 59.24 -17.71 -89.40
N ASP I 119 58.52 -16.81 -88.74
CA ASP I 119 58.42 -15.41 -89.14
C ASP I 119 59.78 -14.76 -89.32
N THR I 120 60.78 -15.25 -88.61
CA THR I 120 62.15 -14.77 -88.69
C THR I 120 63.04 -15.66 -89.55
N TYR I 121 63.10 -16.96 -89.24
CA TYR I 121 64.09 -17.80 -89.90
C TYR I 121 63.74 -18.05 -91.36
N ASP I 122 62.47 -18.35 -91.66
CA ASP I 122 62.04 -18.72 -93.02
C ASP I 122 60.84 -17.86 -93.40
N ALA I 123 61.13 -16.63 -93.84
CA ALA I 123 60.05 -15.72 -94.20
C ALA I 123 59.58 -15.93 -95.63
N ALA I 124 60.48 -16.38 -96.50
CA ALA I 124 60.12 -16.57 -97.90
C ALA I 124 59.03 -17.63 -98.05
N ASN I 125 59.10 -18.69 -97.25
CA ASN I 125 58.10 -19.75 -97.37
C ASN I 125 56.75 -19.32 -96.81
N VAL I 126 56.76 -18.53 -95.73
CA VAL I 126 55.52 -17.93 -95.23
C VAL I 126 54.87 -17.07 -96.31
N LYS I 127 55.65 -16.14 -96.88
CA LYS I 127 55.11 -15.28 -97.93
C LYS I 127 54.61 -16.10 -99.10
N ALA I 128 55.29 -17.21 -99.40
CA ALA I 128 54.90 -18.04 -100.54
C ALA I 128 53.58 -18.76 -100.28
N ALA I 129 53.40 -19.29 -99.07
CA ALA I 129 52.11 -19.91 -98.74
C ALA I 129 50.98 -18.91 -98.86
N LEU I 130 51.19 -17.68 -98.37
CA LEU I 130 50.16 -16.66 -98.47
C LEU I 130 49.86 -16.30 -99.93
N SER I 131 50.91 -16.12 -100.74
CA SER I 131 50.69 -15.71 -102.12
C SER I 131 50.04 -16.82 -102.93
N ALA I 132 50.36 -18.08 -102.64
CA ALA I 132 49.71 -19.18 -103.35
C ALA I 132 48.25 -19.31 -102.94
N ALA I 133 47.96 -19.23 -101.64
CA ALA I 133 46.58 -19.31 -101.18
C ALA I 133 45.74 -18.20 -101.80
N ILE I 134 46.19 -16.96 -101.68
CA ILE I 134 45.39 -15.84 -102.20
C ILE I 134 45.36 -15.84 -103.72
N GLY I 135 46.43 -16.29 -104.40
CA GLY I 135 46.40 -16.35 -105.84
C GLY I 135 45.43 -17.38 -106.37
N VAL I 136 45.36 -18.54 -105.72
CA VAL I 136 44.35 -19.54 -106.11
C VAL I 136 42.95 -19.02 -105.81
N LEU I 137 42.77 -18.33 -104.67
CA LEU I 137 41.45 -17.78 -104.37
C LEU I 137 41.00 -16.78 -105.43
N SER I 138 41.88 -15.86 -105.82
CA SER I 138 41.48 -14.85 -106.81
C SER I 138 41.34 -15.47 -108.21
N GLN I 139 42.12 -16.50 -108.52
CA GLN I 139 41.96 -17.17 -109.82
C GLN I 139 40.62 -17.88 -109.89
N GLN I 140 40.24 -18.57 -108.82
CA GLN I 140 39.01 -19.35 -108.81
C GLN I 140 37.89 -18.68 -108.04
N SER I 141 37.84 -17.35 -108.01
CA SER I 141 36.80 -16.66 -107.26
C SER I 141 35.43 -16.95 -107.85
N ALA I 142 35.29 -16.76 -109.17
CA ALA I 142 34.01 -17.02 -109.82
C ALA I 142 33.61 -18.47 -109.64
N GLY I 143 34.56 -19.40 -109.78
CA GLY I 143 34.25 -20.81 -109.66
C GLY I 143 33.88 -21.22 -108.25
N ILE I 144 34.49 -20.59 -107.24
CA ILE I 144 34.14 -20.88 -105.85
C ILE I 144 32.76 -20.30 -105.54
N GLY I 145 32.40 -19.17 -106.12
CA GLY I 145 31.01 -18.72 -106.00
C GLY I 145 30.05 -19.70 -106.63
N ASP I 146 30.34 -20.14 -107.86
CA ASP I 146 29.53 -21.15 -108.53
C ASP I 146 29.38 -22.39 -107.66
N THR I 147 30.45 -22.78 -106.98
CA THR I 147 30.38 -23.94 -106.09
C THR I 147 29.53 -23.65 -104.85
N ALA I 148 29.71 -22.48 -104.25
CA ALA I 148 28.97 -22.13 -103.04
C ALA I 148 27.47 -22.07 -103.30
N LEU I 149 27.08 -21.80 -104.55
CA LEU I 149 25.65 -21.78 -104.88
C LEU I 149 25.17 -23.13 -105.40
N SER I 150 26.00 -23.86 -106.15
CA SER I 150 25.56 -25.07 -106.83
C SER I 150 25.65 -26.30 -105.94
N GLY I 151 26.60 -26.36 -105.03
CA GLY I 151 27.01 -27.63 -104.47
C GLY I 151 27.88 -28.43 -105.37
N ILE I 152 28.26 -27.88 -106.51
CA ILE I 152 29.05 -28.61 -107.50
C ILE I 152 30.51 -28.32 -107.27
N LEU I 153 31.30 -29.37 -107.12
CA LEU I 153 32.73 -29.25 -106.94
C LEU I 153 33.47 -29.65 -108.25
N ALA J 1 72.95 25.57 -48.49
CA ALA J 1 74.28 26.14 -48.68
C ALA J 1 75.07 26.15 -47.37
N TYR J 2 75.36 24.97 -46.82
CA TYR J 2 76.09 24.82 -45.56
C TYR J 2 77.51 24.32 -45.85
N SER J 3 78.51 25.19 -45.62
CA SER J 3 79.92 24.86 -45.85
C SER J 3 80.79 25.66 -44.89
N PRO J 4 81.26 25.05 -43.82
CA PRO J 4 82.07 25.76 -42.83
C PRO J 4 83.49 26.01 -43.33
N SER J 5 84.19 26.91 -42.62
CA SER J 5 85.54 27.34 -42.93
C SER J 5 86.57 26.61 -42.06
N THR J 6 87.84 26.62 -42.52
CA THR J 6 88.85 25.79 -41.87
C THR J 6 89.09 26.19 -40.42
N PRO J 7 89.47 27.45 -40.11
CA PRO J 7 89.36 27.90 -38.72
C PRO J 7 88.01 28.54 -38.44
N VAL J 8 87.23 27.95 -37.54
CA VAL J 8 85.96 28.52 -37.12
C VAL J 8 86.22 29.38 -35.90
N THR J 9 85.87 30.66 -35.99
CA THR J 9 85.98 31.56 -34.85
C THR J 9 84.92 31.17 -33.85
N GLY J 10 85.33 30.50 -32.77
CA GLY J 10 84.37 29.99 -31.81
C GLY J 10 83.76 31.11 -30.98
N ALA J 11 82.49 30.92 -30.62
CA ALA J 11 81.76 31.97 -29.91
C ALA J 11 82.39 32.20 -28.54
N ALA J 12 82.24 33.42 -28.04
CA ALA J 12 82.92 33.79 -26.81
C ALA J 12 82.48 32.90 -25.68
N GLN J 13 83.44 32.47 -24.85
CA GLN J 13 83.16 31.69 -23.66
C GLN J 13 83.97 32.27 -22.50
N THR J 14 83.60 31.86 -21.29
CA THR J 14 84.03 32.57 -20.09
C THR J 14 85.54 32.53 -19.93
N GLY J 15 86.13 31.34 -19.89
CA GLY J 15 87.55 31.24 -19.72
C GLY J 15 88.39 31.24 -20.99
N PHE J 16 87.77 31.47 -22.14
CA PHE J 16 88.46 31.31 -23.42
C PHE J 16 88.90 32.66 -23.97
N THR J 17 90.14 32.73 -24.44
CA THR J 17 90.68 33.92 -25.09
C THR J 17 90.85 33.60 -26.57
N SER J 18 90.10 34.29 -27.42
CA SER J 18 90.17 34.15 -28.87
C SER J 18 90.17 32.69 -29.33
N PRO J 19 89.09 31.93 -29.05
CA PRO J 19 89.10 30.51 -29.38
C PRO J 19 88.73 30.24 -30.84
N THR J 20 89.48 29.35 -31.48
CA THR J 20 89.22 28.92 -32.84
C THR J 20 89.28 27.40 -32.90
N TYR J 21 88.51 26.81 -33.82
CA TYR J 21 88.47 25.35 -33.96
C TYR J 21 88.75 24.98 -35.40
N THR J 22 89.73 24.12 -35.62
CA THR J 22 90.08 23.66 -36.96
C THR J 22 89.20 22.46 -37.30
N LEU J 23 88.49 22.55 -38.42
CA LEU J 23 87.60 21.47 -38.84
C LEU J 23 88.29 20.63 -39.91
N THR J 24 88.17 19.32 -39.78
CA THR J 24 88.59 18.38 -40.80
C THR J 24 87.34 17.67 -41.34
N SER J 25 87.29 17.49 -42.65
CA SER J 25 86.09 16.94 -43.26
C SER J 25 85.90 15.49 -42.87
N ASP J 26 84.66 15.11 -42.58
CA ASP J 26 84.32 13.76 -42.14
C ASP J 26 83.13 13.26 -42.93
N THR J 27 83.03 11.94 -43.05
CA THR J 27 81.85 11.34 -43.68
C THR J 27 80.72 11.24 -42.66
N ALA J 28 79.53 11.65 -43.08
CA ALA J 28 78.38 11.77 -42.20
C ALA J 28 77.68 10.41 -42.02
N PRO J 29 76.81 10.28 -40.98
CA PRO J 29 76.19 8.97 -40.72
C PRO J 29 75.07 8.64 -41.68
N THR J 30 74.31 9.65 -42.12
CA THR J 30 73.32 9.49 -43.16
C THR J 30 73.87 10.02 -44.48
N ALA J 31 73.16 9.71 -45.56
CA ALA J 31 73.47 10.29 -46.86
C ALA J 31 72.88 11.67 -47.02
N LEU J 32 72.18 12.18 -45.99
CA LEU J 32 71.57 13.50 -46.00
C LEU J 32 72.29 14.48 -45.08
N GLY J 33 73.51 14.14 -44.68
CA GLY J 33 74.24 14.95 -43.73
C GLY J 33 75.61 15.33 -44.25
N LYS J 34 76.07 16.49 -43.82
CA LYS J 34 77.44 16.93 -43.98
C LYS J 34 78.04 17.06 -42.58
N GLN J 35 79.16 16.39 -42.34
CA GLN J 35 79.74 16.33 -41.00
C GLN J 35 81.21 16.70 -41.03
N HIS J 36 81.63 17.54 -40.10
CA HIS J 36 83.04 17.83 -39.87
C HIS J 36 83.41 17.39 -38.46
N ALA J 37 84.69 17.11 -38.26
CA ALA J 37 85.21 16.78 -36.94
C ALA J 37 86.24 17.81 -36.53
N VAL J 38 86.26 18.16 -35.24
CA VAL J 38 87.20 19.16 -34.73
C VAL J 38 88.53 18.47 -34.49
N THR J 39 89.46 18.61 -35.43
CA THR J 39 90.73 17.91 -35.35
C THR J 39 91.73 18.63 -34.44
N ALA J 40 91.60 19.94 -34.25
CA ALA J 40 92.53 20.68 -33.40
C ALA J 40 91.90 22.00 -32.96
N THR J 41 92.41 22.53 -31.84
CA THR J 41 91.92 23.78 -31.27
C THR J 41 93.05 24.80 -31.22
N GLY J 42 92.69 26.06 -31.52
CA GLY J 42 93.59 27.18 -31.35
C GLY J 42 92.98 28.17 -30.39
N GLY J 43 93.79 29.05 -29.82
CA GLY J 43 93.35 29.96 -28.79
C GLY J 43 93.68 29.44 -27.40
N THR J 44 93.42 30.29 -26.41
CA THR J 44 93.71 29.95 -25.00
C THR J 44 92.45 29.36 -24.37
N GLN J 45 92.23 28.08 -24.69
CA GLN J 45 91.17 27.26 -24.09
C GLN J 45 91.86 26.03 -23.53
N THR J 46 92.31 26.13 -22.29
CA THR J 46 93.14 25.09 -21.71
C THR J 46 92.28 23.91 -21.28
N GLY J 47 92.73 22.69 -21.62
CA GLY J 47 92.02 21.48 -21.27
C GLY J 47 91.06 20.97 -22.32
N VAL J 48 90.81 21.74 -23.38
CA VAL J 48 89.84 21.32 -24.39
C VAL J 48 90.41 20.17 -25.19
N THR J 49 89.65 19.07 -25.26
CA THR J 49 90.08 17.87 -25.97
C THR J 49 89.45 17.83 -27.37
N THR J 50 90.24 17.41 -28.35
CA THR J 50 89.78 17.35 -29.73
C THR J 50 89.09 16.01 -29.98
N HIS J 51 88.67 15.80 -31.24
CA HIS J 51 87.93 14.60 -31.60
C HIS J 51 88.82 13.37 -31.45
N SER J 52 88.37 12.43 -30.63
CA SER J 52 88.98 11.12 -30.46
C SER J 52 87.93 10.06 -30.68
N VAL J 53 88.37 8.81 -30.81
CA VAL J 53 87.42 7.72 -30.89
C VAL J 53 86.63 7.62 -29.60
N SER J 54 87.31 7.79 -28.47
CA SER J 54 86.66 7.64 -27.17
C SER J 54 85.75 8.83 -26.86
N SER J 55 86.20 10.04 -27.20
CA SER J 55 85.45 11.27 -26.91
C SER J 55 85.34 12.12 -28.17
N PRO J 56 84.19 12.11 -28.84
CA PRO J 56 84.09 12.77 -30.14
C PRO J 56 83.89 14.28 -30.02
N PHE J 57 84.26 14.98 -31.09
CA PHE J 57 83.97 16.39 -31.27
C PHE J 57 83.53 16.57 -32.72
N THR J 58 82.20 16.53 -32.94
CA THR J 58 81.65 16.45 -34.30
C THR J 58 80.52 17.46 -34.49
N ILE J 59 80.44 17.98 -35.71
CA ILE J 59 79.48 19.00 -36.11
C ILE J 59 78.81 18.50 -37.39
N THR J 60 77.57 18.05 -37.28
CA THR J 60 76.86 17.44 -38.40
C THR J 60 75.56 18.19 -38.69
N PHE J 61 75.26 18.39 -39.98
CA PHE J 61 74.08 19.14 -40.41
C PHE J 61 73.34 18.30 -41.45
N THR J 62 72.05 18.10 -41.22
CA THR J 62 71.25 17.14 -41.98
C THR J 62 69.98 17.79 -42.50
N ARG J 63 69.57 17.38 -43.70
CA ARG J 63 68.31 17.76 -44.32
C ARG J 63 67.30 16.62 -44.18
N PRO J 64 66.01 16.88 -44.34
CA PRO J 64 65.03 15.80 -44.20
C PRO J 64 65.07 14.83 -45.39
N LYS J 65 64.65 13.59 -45.11
CA LYS J 65 64.67 12.56 -46.13
C LYS J 65 63.77 12.93 -47.31
N THR J 66 62.56 13.39 -47.01
CA THR J 66 61.57 13.74 -48.02
C THR J 66 61.06 15.15 -47.76
N MET J 67 61.11 16.00 -48.78
CA MET J 67 60.56 17.35 -48.69
C MET J 67 59.05 17.30 -48.71
N LYS J 68 58.42 18.27 -48.05
CA LYS J 68 56.97 18.33 -47.95
C LYS J 68 56.46 19.53 -48.73
N THR J 69 55.56 19.28 -49.66
CA THR J 69 54.85 20.34 -50.35
C THR J 69 53.54 20.64 -49.64
N VAL J 70 53.04 21.83 -49.86
CA VAL J 70 51.89 22.31 -49.09
C VAL J 70 50.58 21.95 -49.77
N GLY J 83 52.15 20.38 -42.25
CA GLY J 83 53.41 19.69 -42.46
C GLY J 83 54.63 20.57 -42.24
N ARG J 84 55.78 19.96 -41.97
CA ARG J 84 56.99 20.74 -41.68
C ARG J 84 58.24 20.04 -42.21
N ASN J 85 59.18 20.81 -42.77
CA ASN J 85 60.51 20.32 -43.11
C ASN J 85 61.44 20.78 -41.99
N THR J 86 62.08 19.83 -41.29
CA THR J 86 62.99 20.15 -40.19
C THR J 86 64.42 19.82 -40.59
N TYR J 87 65.30 20.81 -40.46
CA TYR J 87 66.73 20.64 -40.68
C TYR J 87 67.44 20.56 -39.34
N GLY J 88 68.46 19.71 -39.26
CA GLY J 88 69.10 19.42 -37.98
C GLY J 88 70.59 19.68 -37.90
N PHE J 89 71.01 20.43 -36.89
CA PHE J 89 72.41 20.79 -36.68
C PHE J 89 72.83 20.29 -35.31
N LEU J 90 73.79 19.38 -35.26
CA LEU J 90 74.10 18.71 -34.00
C LEU J 90 75.59 18.61 -33.75
N VAL J 91 75.98 18.96 -32.53
CA VAL J 91 77.36 18.94 -32.07
C VAL J 91 77.47 17.93 -30.94
N ARG J 92 78.41 17.00 -31.05
CA ARG J 92 78.69 16.00 -30.03
C ARG J 92 80.09 16.25 -29.48
N LYS J 93 80.20 16.29 -28.14
CA LYS J 93 81.48 16.58 -27.51
C LYS J 93 81.77 15.59 -26.39
N GLY J 94 82.98 15.03 -26.42
CA GLY J 94 83.42 14.15 -25.36
C GLY J 94 83.70 14.93 -24.08
N VAL J 95 82.97 14.63 -23.00
CA VAL J 95 83.06 15.33 -21.72
C VAL J 95 83.17 14.29 -20.62
N ILE J 96 84.07 14.49 -19.67
CA ILE J 96 84.38 13.46 -18.70
C ILE J 96 83.69 13.79 -17.38
N PRO J 97 82.78 12.93 -16.88
CA PRO J 97 82.00 13.33 -15.69
C PRO J 97 82.73 13.19 -14.37
N ALA J 98 83.55 12.16 -14.17
CA ALA J 98 84.20 12.03 -12.87
C ALA J 98 85.69 11.83 -13.02
N VAL J 99 86.32 11.61 -11.86
CA VAL J 99 87.77 11.65 -11.77
C VAL J 99 88.39 10.54 -12.60
N ASN J 100 87.73 9.41 -12.73
CA ASN J 100 88.29 8.32 -13.53
C ASN J 100 87.29 7.71 -14.49
N GLN J 101 86.17 8.37 -14.76
CA GLN J 101 85.11 7.75 -15.53
C GLN J 101 85.35 7.84 -17.03
N SER J 102 84.61 7.01 -17.75
CA SER J 102 84.60 7.04 -19.20
C SER J 102 83.95 8.33 -19.70
N PRO J 103 84.37 8.83 -20.86
CA PRO J 103 83.78 10.06 -21.37
C PRO J 103 82.32 9.84 -21.77
N GLN J 104 81.48 10.78 -21.35
CA GLN J 104 80.09 10.96 -21.74
C GLN J 104 80.01 11.94 -22.90
N VAL J 105 78.90 11.92 -23.63
CA VAL J 105 78.74 12.75 -24.81
C VAL J 105 77.82 13.91 -24.46
N MET J 106 78.41 15.08 -24.19
CA MET J 106 77.60 16.29 -24.19
C MET J 106 77.05 16.51 -25.58
N LEU J 107 75.87 17.12 -25.65
CA LEU J 107 75.15 17.15 -26.91
C LEU J 107 74.45 18.48 -27.07
N VAL J 108 74.76 19.22 -28.14
CA VAL J 108 74.10 20.48 -28.44
C VAL J 108 73.41 20.30 -29.78
N ARG J 109 72.08 20.28 -29.78
CA ARG J 109 71.35 20.01 -31.01
C ARG J 109 70.32 21.09 -31.30
N VAL J 110 70.27 21.49 -32.57
CA VAL J 110 69.40 22.53 -33.08
C VAL J 110 68.49 21.91 -34.13
N GLU J 111 67.21 22.27 -34.07
CA GLU J 111 66.22 21.83 -35.04
C GLU J 111 65.52 23.07 -35.60
N ILE J 112 65.49 23.16 -36.93
CA ILE J 112 64.87 24.27 -37.64
C ILE J 112 63.69 23.70 -38.39
N SER J 113 62.48 23.93 -37.88
CA SER J 113 61.25 23.43 -38.50
C SER J 113 60.60 24.56 -39.29
N VAL J 114 60.66 24.43 -40.61
CA VAL J 114 60.07 25.38 -41.55
C VAL J 114 58.74 24.80 -42.02
N PRO J 115 57.62 25.50 -41.85
CA PRO J 115 56.35 25.04 -42.43
C PRO J 115 56.44 24.92 -43.95
N ALA J 116 55.42 24.29 -44.53
CA ALA J 116 55.51 23.85 -45.92
C ALA J 116 55.58 25.02 -46.89
N GLY J 117 54.55 25.87 -46.90
CA GLY J 117 54.52 26.98 -47.85
C GLY J 117 55.41 28.13 -47.49
N ALA J 118 55.97 28.09 -46.27
CA ALA J 118 56.81 29.17 -45.75
C ALA J 118 57.98 29.46 -46.67
N ASP J 119 58.78 28.42 -46.97
CA ASP J 119 60.05 28.56 -47.68
C ASP J 119 59.92 29.41 -48.93
N THR J 120 58.75 29.36 -49.58
CA THR J 120 58.51 30.08 -50.81
C THR J 120 57.73 31.37 -50.56
N TYR J 121 56.56 31.29 -49.93
CA TYR J 121 55.69 32.46 -49.85
C TYR J 121 56.25 33.53 -48.92
N ASP J 122 56.79 33.13 -47.76
CA ASP J 122 57.28 34.09 -46.77
C ASP J 122 58.70 33.69 -46.37
N ALA J 123 59.66 34.10 -47.18
CA ALA J 123 61.04 33.73 -46.91
C ALA J 123 61.71 34.70 -45.96
N ALA J 124 61.25 35.95 -45.96
CA ALA J 124 61.87 36.96 -45.09
C ALA J 124 61.67 36.61 -43.62
N ASN J 125 60.48 36.13 -43.26
CA ASN J 125 60.25 35.79 -41.86
C ASN J 125 61.02 34.54 -41.44
N VAL J 126 61.19 33.58 -42.35
CA VAL J 126 62.06 32.43 -42.07
C VAL J 126 63.48 32.90 -41.76
N LYS J 127 64.04 33.69 -42.68
CA LYS J 127 65.40 34.19 -42.48
C LYS J 127 65.50 35.02 -41.21
N ALA J 128 64.43 35.73 -40.84
CA ALA J 128 64.46 36.57 -39.65
C ALA J 128 64.44 35.74 -38.38
N ALA J 129 63.64 34.67 -38.35
CA ALA J 129 63.69 33.75 -37.24
C ALA J 129 65.10 33.20 -37.04
N LEU J 130 65.73 32.77 -38.13
CA LEU J 130 67.08 32.23 -38.03
C LEU J 130 68.07 33.30 -37.57
N SER J 131 67.91 34.53 -38.08
CA SER J 131 68.81 35.62 -37.71
C SER J 131 68.68 35.97 -36.23
N ALA J 132 67.46 36.14 -35.75
CA ALA J 132 67.25 36.43 -34.34
C ALA J 132 67.81 35.32 -33.45
N ALA J 133 67.50 34.06 -33.80
CA ALA J 133 67.94 32.93 -32.98
C ALA J 133 69.47 32.90 -32.89
N ILE J 134 70.15 32.90 -34.03
CA ILE J 134 71.59 32.79 -34.01
C ILE J 134 72.23 34.05 -33.41
N GLY J 135 71.60 35.22 -33.59
CA GLY J 135 72.16 36.43 -33.03
C GLY J 135 72.10 36.46 -31.52
N VAL J 136 70.97 36.03 -30.95
CA VAL J 136 70.88 35.92 -29.50
C VAL J 136 71.84 34.86 -28.97
N LEU J 137 71.98 33.75 -29.71
CA LEU J 137 72.92 32.70 -29.28
C LEU J 137 74.35 33.24 -29.23
N SER J 138 74.78 33.96 -30.27
CA SER J 138 76.15 34.47 -30.28
C SER J 138 76.33 35.60 -29.27
N GLN J 139 75.28 36.39 -29.03
CA GLN J 139 75.38 37.46 -28.04
C GLN J 139 75.55 36.90 -26.63
N GLN J 140 74.76 35.88 -26.29
CA GLN J 140 74.77 35.32 -24.95
C GLN J 140 75.59 34.05 -24.86
N SER J 141 76.54 33.82 -25.77
CA SER J 141 77.28 32.56 -25.77
C SER J 141 77.99 32.35 -24.44
N ALA J 142 78.71 33.37 -23.98
CA ALA J 142 79.43 33.28 -22.71
C ALA J 142 78.47 33.02 -21.57
N GLY J 143 77.35 33.76 -21.54
CA GLY J 143 76.40 33.59 -20.45
C GLY J 143 75.69 32.27 -20.46
N ILE J 144 75.47 31.69 -21.65
CA ILE J 144 74.84 30.38 -21.76
C ILE J 144 75.81 29.30 -21.29
N GLY J 145 77.11 29.45 -21.54
CA GLY J 145 78.07 28.57 -20.91
C GLY J 145 78.06 28.70 -19.39
N ASP J 146 78.09 29.94 -18.90
CA ASP J 146 77.98 30.20 -17.47
C ASP J 146 76.75 29.51 -16.89
N THR J 147 75.64 29.52 -17.63
CA THR J 147 74.42 28.86 -17.17
C THR J 147 74.56 27.34 -17.23
N ALA J 148 75.19 26.82 -18.28
CA ALA J 148 75.37 25.37 -18.41
C ALA J 148 76.21 24.81 -17.29
N LEU J 149 77.04 25.65 -16.67
CA LEU J 149 77.82 25.23 -15.51
C LEU J 149 77.17 25.59 -14.18
N SER J 150 76.42 26.70 -14.11
CA SER J 150 75.84 27.17 -12.86
C SER J 150 74.53 26.47 -12.53
N GLY J 151 73.72 26.20 -13.54
CA GLY J 151 72.35 25.78 -13.33
C GLY J 151 71.38 26.93 -13.19
N ILE J 152 71.81 28.16 -13.45
CA ILE J 152 71.02 29.35 -13.14
C ILE J 152 70.88 30.22 -14.38
N LEU J 153 69.66 30.69 -14.62
CA LEU J 153 69.37 31.63 -15.70
C LEU J 153 69.54 33.08 -15.24
N ALA K 1 77.84 7.04 -66.17
CA ALA K 1 78.49 8.28 -66.56
C ALA K 1 77.49 9.41 -66.77
N TYR K 2 76.78 9.81 -65.70
CA TYR K 2 75.76 10.85 -65.77
C TYR K 2 76.29 12.11 -65.08
N SER K 3 76.49 13.19 -65.87
CA SER K 3 76.99 14.46 -65.35
C SER K 3 76.48 15.60 -66.21
N PRO K 4 75.41 16.28 -65.78
CA PRO K 4 74.84 17.36 -66.60
C PRO K 4 75.71 18.61 -66.58
N SER K 5 75.40 19.54 -67.50
CA SER K 5 76.14 20.76 -67.72
C SER K 5 75.44 21.95 -67.08
N THR K 6 76.18 23.07 -66.94
CA THR K 6 75.65 24.19 -66.17
C THR K 6 74.43 24.81 -66.84
N PRO K 7 74.50 25.30 -68.09
CA PRO K 7 73.26 25.56 -68.82
C PRO K 7 72.83 24.34 -69.61
N VAL K 8 71.68 23.77 -69.28
CA VAL K 8 71.09 22.71 -70.07
C VAL K 8 70.18 23.37 -71.08
N THR K 9 70.39 23.08 -72.34
CA THR K 9 69.53 23.62 -73.38
C THR K 9 68.26 22.80 -73.42
N GLY K 10 67.16 23.39 -72.94
CA GLY K 10 65.93 22.66 -72.79
C GLY K 10 65.33 22.30 -74.14
N ALA K 11 64.67 21.15 -74.17
CA ALA K 11 64.00 20.70 -75.38
C ALA K 11 62.91 21.67 -75.77
N ALA K 12 62.67 21.77 -77.08
CA ALA K 12 61.77 22.79 -77.59
C ALA K 12 60.38 22.60 -77.01
N GLN K 13 59.76 23.73 -76.66
CA GLN K 13 58.38 23.74 -76.18
C GLN K 13 57.64 24.87 -76.89
N THR K 14 56.31 24.81 -76.80
CA THR K 14 55.46 25.59 -77.70
C THR K 14 55.69 27.08 -77.55
N GLY K 15 55.49 27.62 -76.34
CA GLY K 15 55.67 29.04 -76.16
C GLY K 15 57.07 29.50 -75.82
N PHE K 16 58.05 28.60 -75.79
CA PHE K 16 59.39 28.92 -75.31
C PHE K 16 60.30 29.25 -76.49
N THR K 17 61.06 30.33 -76.36
CA THR K 17 62.06 30.71 -77.34
C THR K 17 63.44 30.47 -76.72
N SER K 18 64.15 29.46 -77.23
CA SER K 18 65.52 29.15 -76.86
C SER K 18 65.70 28.99 -75.35
N PRO K 19 65.01 28.03 -74.73
CA PRO K 19 65.03 27.94 -73.26
C PRO K 19 66.24 27.17 -72.77
N THR K 20 66.83 27.69 -71.69
CA THR K 20 67.95 27.06 -71.02
C THR K 20 67.66 27.04 -69.52
N TYR K 21 68.21 26.04 -68.83
CA TYR K 21 68.00 25.88 -67.41
C TYR K 21 69.35 25.73 -66.73
N THR K 22 69.63 26.58 -65.74
CA THR K 22 70.87 26.53 -64.98
C THR K 22 70.72 25.53 -63.84
N LEU K 23 71.65 24.59 -63.76
CA LEU K 23 71.62 23.56 -62.73
C LEU K 23 72.61 23.90 -61.63
N THR K 24 72.16 23.79 -60.39
CA THR K 24 73.02 23.86 -59.22
C THR K 24 73.05 22.48 -58.56
N SER K 25 74.20 22.09 -58.04
CA SER K 25 74.34 20.74 -57.52
C SER K 25 73.63 20.59 -56.18
N ASP K 26 72.92 19.46 -56.02
CA ASP K 26 72.12 19.20 -54.84
C ASP K 26 72.45 17.81 -54.29
N THR K 27 72.21 17.63 -53.00
CA THR K 27 72.35 16.32 -52.38
C THR K 27 71.10 15.50 -52.63
N ALA K 28 71.29 14.25 -53.06
CA ALA K 28 70.22 13.37 -53.49
C ALA K 28 69.59 12.64 -52.31
N PRO K 29 68.34 12.18 -52.45
CA PRO K 29 67.67 11.59 -51.28
C PRO K 29 68.24 10.23 -50.89
N THR K 30 68.52 9.37 -51.84
CA THR K 30 69.23 8.14 -51.55
C THR K 30 70.73 8.39 -51.68
N ALA K 31 71.51 7.46 -51.16
CA ALA K 31 72.93 7.45 -51.45
C ALA K 31 73.22 6.99 -52.87
N LEU K 32 72.22 6.51 -53.60
CA LEU K 32 72.38 5.95 -54.93
C LEU K 32 71.92 6.91 -56.02
N GLY K 33 71.78 8.18 -55.70
CA GLY K 33 71.30 9.15 -56.66
C GLY K 33 72.23 10.33 -56.79
N LYS K 34 72.24 10.90 -57.99
CA LYS K 34 72.82 12.21 -58.24
C LYS K 34 71.66 13.15 -58.57
N GLN K 35 71.60 14.29 -57.89
CA GLN K 35 70.47 15.20 -58.05
C GLN K 35 70.96 16.62 -58.28
N HIS K 36 70.36 17.29 -59.25
CA HIS K 36 70.58 18.71 -59.47
C HIS K 36 69.26 19.46 -59.33
N ALA K 37 69.34 20.73 -58.92
CA ALA K 37 68.16 21.59 -58.82
C ALA K 37 68.27 22.72 -59.83
N VAL K 38 67.15 23.10 -60.44
CA VAL K 38 67.13 24.17 -61.42
C VAL K 38 67.05 25.47 -60.63
N THR K 39 68.21 26.11 -60.43
CA THR K 39 68.28 27.32 -59.62
C THR K 39 67.82 28.56 -60.39
N ALA K 40 67.97 28.58 -61.73
CA ALA K 40 67.59 29.75 -62.50
C ALA K 40 67.29 29.34 -63.94
N THR K 41 66.48 30.17 -64.61
CA THR K 41 66.03 29.90 -65.97
C THR K 41 66.49 31.01 -66.91
N GLY K 42 66.94 30.62 -68.10
CA GLY K 42 67.20 31.54 -69.18
C GLY K 42 66.35 31.20 -70.39
N GLY K 43 66.28 32.15 -71.32
CA GLY K 43 65.40 32.04 -72.48
C GLY K 43 64.10 32.77 -72.26
N THR K 44 63.33 32.88 -73.35
CA THR K 44 62.04 33.59 -73.34
C THR K 44 60.90 32.62 -73.00
N GLN K 45 60.98 32.10 -71.79
CA GLN K 45 59.91 31.35 -71.14
C GLN K 45 59.40 32.20 -69.99
N THR K 46 58.15 32.62 -70.07
CA THR K 46 57.62 33.58 -69.12
C THR K 46 56.65 32.87 -68.19
N GLY K 47 56.89 33.04 -66.90
CA GLY K 47 56.10 32.42 -65.87
C GLY K 47 56.72 31.19 -65.25
N VAL K 48 57.88 30.76 -65.75
CA VAL K 48 58.52 29.55 -65.26
C VAL K 48 59.19 29.84 -63.92
N THR K 49 58.84 29.05 -62.90
CA THR K 49 59.37 29.22 -61.56
C THR K 49 60.53 28.27 -61.32
N THR K 50 61.53 28.75 -60.57
CA THR K 50 62.73 27.97 -60.28
C THR K 50 62.51 27.13 -59.02
N HIS K 51 63.58 26.49 -58.55
CA HIS K 51 63.45 25.49 -57.49
C HIS K 51 63.28 26.15 -56.12
N SER K 52 62.17 25.82 -55.47
CA SER K 52 61.94 26.10 -54.07
C SER K 52 61.74 24.76 -53.36
N VAL K 53 61.55 24.81 -52.04
CA VAL K 53 61.27 23.56 -51.34
C VAL K 53 59.82 23.14 -51.53
N SER K 54 58.90 24.10 -51.48
CA SER K 54 57.49 23.78 -51.70
C SER K 54 57.13 23.71 -53.17
N SER K 55 57.91 24.39 -54.04
CA SER K 55 57.73 24.34 -55.48
C SER K 55 59.04 23.90 -56.12
N PRO K 56 59.33 22.60 -56.10
CA PRO K 56 60.66 22.13 -56.51
C PRO K 56 60.86 22.15 -58.02
N PHE K 57 62.13 22.10 -58.40
CA PHE K 57 62.58 21.86 -59.77
C PHE K 57 63.83 20.99 -59.62
N THR K 58 63.63 19.67 -59.64
CA THR K 58 64.71 18.73 -59.32
C THR K 58 64.83 17.65 -60.37
N ILE K 59 66.08 17.31 -60.69
CA ILE K 59 66.43 16.32 -61.71
C ILE K 59 67.34 15.32 -61.01
N THR K 60 66.81 14.16 -60.66
CA THR K 60 67.55 13.15 -59.90
C THR K 60 67.64 11.85 -60.70
N PHE K 61 68.81 11.20 -60.64
CA PHE K 61 69.09 9.99 -61.41
C PHE K 61 69.71 8.96 -60.49
N THR K 62 69.13 7.76 -60.45
CA THR K 62 69.44 6.76 -59.45
C THR K 62 69.75 5.43 -60.10
N ARG K 63 70.70 4.70 -59.50
CA ARG K 63 71.05 3.33 -59.85
C ARG K 63 70.41 2.37 -58.86
N PRO K 64 70.28 1.08 -59.21
CA PRO K 64 69.66 0.14 -58.28
C PRO K 64 70.56 -0.17 -57.09
N LYS K 65 69.94 -0.62 -56.00
CA LYS K 65 70.67 -0.92 -54.78
C LYS K 65 71.62 -2.10 -54.98
N THR K 66 71.15 -3.14 -55.65
CA THR K 66 71.93 -4.35 -55.86
C THR K 66 71.87 -4.74 -57.33
N MET K 67 73.04 -4.92 -57.94
CA MET K 67 73.11 -5.36 -59.32
C MET K 67 72.69 -6.82 -59.44
N LYS K 68 72.24 -7.21 -60.62
CA LYS K 68 71.84 -8.58 -60.90
C LYS K 68 72.63 -9.13 -62.08
N THR K 69 73.18 -10.33 -61.91
CA THR K 69 73.95 -11.03 -62.92
C THR K 69 73.04 -11.98 -63.70
N VAL K 70 73.50 -12.34 -64.91
CA VAL K 70 72.67 -13.07 -65.85
C VAL K 70 72.30 -14.46 -65.34
N GLY K 71 73.18 -15.09 -64.59
CA GLY K 71 72.91 -16.44 -64.16
C GLY K 71 73.42 -17.45 -65.16
N VAL K 72 72.98 -18.69 -64.95
CA VAL K 72 73.60 -19.84 -65.59
C VAL K 72 72.53 -20.74 -66.19
N PRO K 73 72.73 -21.26 -67.40
CA PRO K 73 71.69 -22.10 -68.03
C PRO K 73 71.50 -23.43 -67.33
N ASN K 74 70.25 -23.89 -67.32
CA ASN K 74 69.87 -25.12 -66.65
C ASN K 74 70.02 -26.30 -67.61
N SER K 75 69.51 -27.46 -67.20
CA SER K 75 69.72 -28.71 -67.94
C SER K 75 69.27 -28.63 -69.39
N ASN K 76 68.28 -27.78 -69.69
CA ASN K 76 67.79 -27.64 -71.05
C ASN K 76 68.50 -26.54 -71.83
N GLY K 77 69.57 -25.98 -71.28
CA GLY K 77 70.25 -24.87 -71.93
C GLY K 77 69.54 -23.55 -71.82
N VAL K 78 68.56 -23.42 -70.93
CA VAL K 78 67.74 -22.21 -70.79
C VAL K 78 68.04 -21.56 -69.45
N ILE K 79 68.22 -20.24 -69.47
CA ILE K 79 68.46 -19.48 -68.24
C ILE K 79 67.12 -19.19 -67.58
N THR K 80 66.95 -19.69 -66.36
CA THR K 80 65.61 -19.82 -65.79
C THR K 80 64.98 -18.46 -65.52
N ASN K 81 65.75 -17.54 -64.94
CA ASN K 81 65.20 -16.27 -64.46
C ASN K 81 66.18 -15.17 -64.81
N ILE K 82 65.74 -14.25 -65.66
CA ILE K 82 66.51 -13.07 -66.03
C ILE K 82 65.95 -11.91 -65.25
N GLY K 83 66.61 -11.56 -64.15
CA GLY K 83 66.30 -10.31 -63.47
C GLY K 83 66.67 -9.11 -64.34
N ARG K 84 66.27 -7.93 -63.88
CA ARG K 84 66.54 -6.71 -64.64
C ARG K 84 66.95 -5.56 -63.71
N ASN K 85 68.05 -4.88 -64.04
CA ASN K 85 68.45 -3.69 -63.29
C ASN K 85 67.77 -2.48 -63.92
N THR K 86 67.02 -1.70 -63.12
CA THR K 86 66.32 -0.51 -63.60
C THR K 86 66.99 0.73 -63.03
N TYR K 87 67.33 1.66 -63.90
CA TYR K 87 67.87 2.96 -63.53
C TYR K 87 66.76 4.01 -63.67
N GLY K 88 66.73 4.95 -62.74
CA GLY K 88 65.62 5.89 -62.66
C GLY K 88 65.97 7.36 -62.80
N PHE K 89 65.29 8.06 -63.71
CA PHE K 89 65.53 9.47 -63.98
C PHE K 89 64.23 10.22 -63.73
N LEU K 90 64.23 11.13 -62.75
CA LEU K 90 62.98 11.72 -62.32
C LEU K 90 63.10 13.23 -62.14
N VAL K 91 62.14 13.95 -62.69
CA VAL K 91 62.06 15.40 -62.63
C VAL K 91 60.79 15.77 -61.86
N ARG K 92 60.95 16.60 -60.83
CA ARG K 92 59.84 17.12 -60.05
C ARG K 92 59.73 18.62 -60.27
N LYS K 93 58.52 19.09 -60.57
CA LYS K 93 58.33 20.51 -60.86
C LYS K 93 57.11 21.04 -60.12
N GLY K 94 57.30 22.14 -59.41
CA GLY K 94 56.20 22.82 -58.75
C GLY K 94 55.25 23.43 -59.77
N VAL K 95 53.98 23.04 -59.73
CA VAL K 95 52.95 23.52 -60.67
C VAL K 95 51.74 23.94 -59.85
N ILE K 96 51.11 25.04 -60.24
CA ILE K 96 50.03 25.63 -59.44
C ILE K 96 48.70 25.26 -60.06
N PRO K 97 47.83 24.50 -59.38
CA PRO K 97 46.60 24.04 -60.04
C PRO K 97 45.48 25.07 -60.08
N ALA K 98 45.25 25.82 -59.01
CA ALA K 98 44.09 26.68 -58.93
C ALA K 98 44.50 28.15 -58.80
N VAL K 99 43.50 29.01 -58.64
CA VAL K 99 43.76 30.44 -58.64
C VAL K 99 44.55 30.85 -57.40
N ASN K 100 44.19 30.28 -56.25
CA ASN K 100 44.90 30.58 -55.02
C ASN K 100 45.48 29.35 -54.38
N GLN K 101 45.24 28.16 -54.93
CA GLN K 101 45.72 26.96 -54.29
C GLN K 101 47.24 26.88 -54.37
N SER K 102 47.80 26.01 -53.53
CA SER K 102 49.21 25.89 -53.28
C SER K 102 49.84 24.96 -54.32
N PRO K 103 51.16 25.05 -54.51
CA PRO K 103 51.79 24.26 -55.59
C PRO K 103 51.73 22.76 -55.33
N GLN K 104 51.28 22.02 -56.34
CA GLN K 104 51.37 20.58 -56.49
C GLN K 104 52.62 20.23 -57.29
N VAL K 105 52.95 18.93 -57.35
CA VAL K 105 54.20 18.50 -57.94
C VAL K 105 53.90 17.73 -59.22
N MET K 106 54.03 18.39 -60.37
CA MET K 106 54.10 17.64 -61.62
C MET K 106 55.34 16.77 -61.62
N LEU K 107 55.24 15.62 -62.27
CA LEU K 107 56.25 14.59 -62.13
C LEU K 107 56.52 13.95 -63.48
N VAL K 108 57.77 13.96 -63.94
CA VAL K 108 58.17 13.31 -65.18
C VAL K 108 59.23 12.28 -64.83
N ARG K 109 58.88 10.99 -64.93
CA ARG K 109 59.81 9.95 -64.50
C ARG K 109 60.06 8.93 -65.61
N VAL K 110 61.32 8.54 -65.75
CA VAL K 110 61.80 7.61 -66.74
C VAL K 110 62.42 6.44 -66.01
N GLU K 111 62.13 5.23 -66.47
CA GLU K 111 62.69 4.01 -65.93
C GLU K 111 63.32 3.23 -67.08
N ILE K 112 64.57 2.82 -66.89
CA ILE K 112 65.33 2.11 -67.88
C ILE K 112 65.61 0.73 -67.30
N SER K 113 64.87 -0.30 -67.72
CA SER K 113 65.04 -1.66 -67.25
C SER K 113 65.90 -2.41 -68.26
N VAL K 114 67.14 -2.70 -67.84
CA VAL K 114 68.11 -3.46 -68.63
C VAL K 114 68.12 -4.89 -68.11
N PRO K 115 67.78 -5.89 -68.93
CA PRO K 115 67.91 -7.29 -68.50
C PRO K 115 69.33 -7.62 -68.10
N ALA K 116 69.47 -8.78 -67.46
CA ALA K 116 70.71 -9.09 -66.76
C ALA K 116 71.87 -9.25 -67.74
N GLY K 117 71.78 -10.23 -68.64
CA GLY K 117 72.89 -10.50 -69.53
C GLY K 117 73.06 -9.51 -70.65
N ALA K 118 72.06 -8.63 -70.79
CA ALA K 118 72.03 -7.63 -71.85
C ALA K 118 73.26 -6.74 -71.82
N ASP K 119 73.53 -6.14 -70.65
CA ASP K 119 74.53 -5.07 -70.52
C ASP K 119 75.89 -5.50 -71.03
N THR K 120 76.17 -6.81 -71.01
CA THR K 120 77.44 -7.34 -71.48
C THR K 120 77.32 -7.98 -72.85
N TYR K 121 76.35 -8.89 -73.05
CA TYR K 121 76.32 -9.66 -74.29
C TYR K 121 75.85 -8.81 -75.47
N ASP K 122 74.78 -8.01 -75.28
CA ASP K 122 74.18 -7.23 -76.36
C ASP K 122 74.07 -5.79 -75.92
N ALA K 123 75.18 -5.05 -76.05
CA ALA K 123 75.17 -3.67 -75.60
C ALA K 123 74.65 -2.73 -76.68
N ALA K 124 74.84 -3.11 -77.93
CA ALA K 124 74.41 -2.25 -79.04
C ALA K 124 72.90 -2.05 -79.02
N ASN K 125 72.14 -3.11 -78.74
CA ASN K 125 70.69 -2.98 -78.71
C ASN K 125 70.21 -2.17 -77.51
N VAL K 126 70.89 -2.31 -76.37
CA VAL K 126 70.60 -1.46 -75.22
C VAL K 126 70.77 0.01 -75.60
N LYS K 127 71.96 0.36 -76.11
CA LYS K 127 72.23 1.73 -76.50
C LYS K 127 71.23 2.21 -77.55
N ALA K 128 70.80 1.30 -78.45
CA ALA K 128 69.87 1.69 -79.51
C ALA K 128 68.50 1.99 -78.96
N ALA K 129 68.02 1.18 -78.01
CA ALA K 129 66.75 1.49 -77.37
C ALA K 129 66.80 2.86 -76.70
N LEU K 130 67.90 3.13 -75.98
CA LEU K 130 68.02 4.42 -75.31
C LEU K 130 68.04 5.58 -76.30
N SER K 131 68.79 5.44 -77.40
CA SER K 131 68.92 6.53 -78.35
C SER K 131 67.62 6.76 -79.11
N ALA K 132 66.90 5.69 -79.46
CA ALA K 132 65.60 5.86 -80.12
C ALA K 132 64.60 6.53 -79.18
N ALA K 133 64.53 6.07 -77.93
CA ALA K 133 63.61 6.67 -76.97
C ALA K 133 63.90 8.16 -76.79
N ILE K 134 65.15 8.51 -76.51
CA ILE K 134 65.48 9.91 -76.25
C ILE K 134 65.37 10.74 -77.54
N GLY K 135 65.64 10.15 -78.71
CA GLY K 135 65.52 10.91 -79.93
C GLY K 135 64.08 11.23 -80.29
N VAL K 136 63.17 10.27 -80.08
CA VAL K 136 61.76 10.54 -80.29
C VAL K 136 61.27 11.56 -79.27
N LEU K 137 61.75 11.47 -78.02
CA LEU K 137 61.35 12.45 -77.00
C LEU K 137 61.78 13.87 -77.39
N SER K 138 63.02 14.02 -77.84
CA SER K 138 63.50 15.35 -78.21
C SER K 138 62.85 15.85 -79.50
N GLN K 139 62.49 14.94 -80.40
CA GLN K 139 61.82 15.34 -81.64
C GLN K 139 60.41 15.85 -81.35
N GLN K 140 59.66 15.12 -80.53
CA GLN K 140 58.28 15.47 -80.24
C GLN K 140 58.13 16.22 -78.93
N SER K 141 59.18 16.90 -78.46
CA SER K 141 59.09 17.57 -77.16
C SER K 141 57.96 18.59 -77.15
N ALA K 142 57.94 19.46 -78.15
CA ALA K 142 56.90 20.48 -78.24
C ALA K 142 55.53 19.85 -78.31
N GLY K 143 55.38 18.82 -79.14
CA GLY K 143 54.08 18.19 -79.31
C GLY K 143 53.61 17.43 -78.08
N ILE K 144 54.55 16.85 -77.32
CA ILE K 144 54.19 16.19 -76.07
C ILE K 144 53.74 17.22 -75.03
N GLY K 145 54.36 18.39 -75.02
CA GLY K 145 53.83 19.47 -74.19
C GLY K 145 52.43 19.87 -74.60
N ASP K 146 52.25 20.09 -75.91
CA ASP K 146 50.92 20.39 -76.44
C ASP K 146 49.90 19.36 -76.00
N THR K 147 50.29 18.08 -76.00
CA THR K 147 49.40 17.02 -75.56
C THR K 147 49.16 17.07 -74.06
N ALA K 148 50.21 17.38 -73.28
CA ALA K 148 50.06 17.45 -71.83
C ALA K 148 49.09 18.51 -71.42
N LEU K 149 48.89 19.53 -72.26
CA LEU K 149 47.91 20.56 -71.98
C LEU K 149 46.56 20.33 -72.68
N SER K 150 46.57 19.75 -73.89
CA SER K 150 45.38 19.63 -74.72
C SER K 150 44.58 18.37 -74.41
N GLY K 151 45.25 17.29 -74.04
CA GLY K 151 44.62 15.99 -73.95
C GLY K 151 44.41 15.32 -75.29
N ILE K 152 45.09 15.79 -76.32
CA ILE K 152 44.84 15.37 -77.69
C ILE K 152 46.08 14.68 -78.23
N LEU K 153 45.87 13.54 -78.89
CA LEU K 153 46.99 12.81 -79.50
C LEU K 153 47.19 13.14 -80.97
N ALA L 1 90.64 9.54 -42.63
CA ALA L 1 91.09 10.40 -43.71
C ALA L 1 91.46 9.56 -44.94
N TYR L 2 90.47 8.90 -45.55
CA TYR L 2 90.67 8.04 -46.72
C TYR L 2 90.10 8.73 -47.97
N SER L 3 90.99 9.13 -48.90
CA SER L 3 90.59 9.79 -50.15
C SER L 3 91.62 9.50 -51.23
N PRO L 4 91.31 8.59 -52.15
CA PRO L 4 92.26 8.23 -53.20
C PRO L 4 92.34 9.29 -54.30
N SER L 5 93.38 9.16 -55.12
CA SER L 5 93.67 10.07 -56.23
C SER L 5 93.14 9.54 -57.55
N THR L 6 92.96 10.44 -58.52
CA THR L 6 92.33 10.05 -59.79
C THR L 6 93.14 8.99 -60.52
N PRO L 7 94.42 9.21 -60.87
CA PRO L 7 95.25 8.07 -61.28
C PRO L 7 95.95 7.46 -60.07
N VAL L 8 95.62 6.22 -59.74
CA VAL L 8 96.31 5.50 -58.69
C VAL L 8 97.45 4.72 -59.33
N THR L 9 98.68 4.99 -58.91
CA THR L 9 99.81 4.22 -59.38
C THR L 9 99.71 2.81 -58.79
N GLY L 10 99.38 1.83 -59.64
CA GLY L 10 99.22 0.47 -59.17
C GLY L 10 100.56 -0.16 -58.79
N ALA L 11 100.52 -1.01 -57.77
CA ALA L 11 101.74 -1.65 -57.29
C ALA L 11 102.32 -2.55 -58.36
N ALA L 12 103.65 -2.68 -58.35
CA ALA L 12 104.32 -3.41 -59.41
C ALA L 12 103.77 -4.82 -59.52
N GLN L 13 103.61 -5.28 -60.76
CA GLN L 13 103.20 -6.65 -61.02
C GLN L 13 104.04 -7.20 -62.16
N THR L 14 103.99 -8.52 -62.33
CA THR L 14 104.98 -9.21 -63.15
C THR L 14 104.91 -8.75 -64.61
N GLY L 15 103.75 -8.90 -65.24
CA GLY L 15 103.68 -8.49 -66.63
C GLY L 15 103.35 -7.04 -66.91
N PHE L 16 103.26 -6.19 -65.89
CA PHE L 16 102.76 -4.84 -66.06
C PHE L 16 103.89 -3.83 -66.10
N THR L 17 103.81 -2.91 -67.05
CA THR L 17 104.74 -1.80 -67.18
C THR L 17 104.00 -0.52 -66.79
N SER L 18 104.45 0.12 -65.72
CA SER L 18 103.91 1.38 -65.21
C SER L 18 102.38 1.39 -65.19
N PRO L 19 101.74 0.52 -64.39
CA PRO L 19 100.27 0.43 -64.41
C PRO L 19 99.61 1.46 -63.51
N THR L 20 98.58 2.11 -64.05
CA THR L 20 97.79 3.09 -63.30
C THR L 20 96.32 2.76 -63.47
N TYR L 21 95.52 3.09 -62.46
CA TYR L 21 94.08 2.83 -62.47
C TYR L 21 93.32 4.12 -62.19
N THR L 22 92.43 4.49 -63.10
CA THR L 22 91.59 5.67 -62.94
C THR L 22 90.37 5.27 -62.11
N LEU L 23 90.14 5.98 -61.01
CA LEU L 23 89.00 5.71 -60.14
C LEU L 23 87.89 6.71 -60.41
N THR L 24 86.68 6.21 -60.56
CA THR L 24 85.48 7.03 -60.60
C THR L 24 84.71 6.83 -59.31
N SER L 25 84.27 7.92 -58.69
CA SER L 25 83.56 7.82 -57.43
C SER L 25 82.30 6.98 -57.62
N ASP L 26 82.07 6.07 -56.68
CA ASP L 26 80.88 5.23 -56.67
C ASP L 26 80.24 5.28 -55.30
N THR L 27 78.94 4.97 -55.25
CA THR L 27 78.20 5.03 -54.01
C THR L 27 78.27 3.69 -53.30
N ALA L 28 78.64 3.73 -52.02
CA ALA L 28 79.04 2.57 -51.23
C ALA L 28 77.83 1.77 -50.76
N PRO L 29 78.03 0.50 -50.35
CA PRO L 29 76.87 -0.31 -49.96
C PRO L 29 76.28 0.10 -48.64
N THR L 30 77.12 0.48 -47.69
CA THR L 30 76.69 1.02 -46.42
C THR L 30 76.85 2.53 -46.41
N ALA L 31 76.28 3.15 -45.39
CA ALA L 31 76.46 4.58 -45.22
C ALA L 31 77.78 4.92 -44.55
N LEU L 32 78.50 3.92 -44.07
CA LEU L 32 79.78 4.11 -43.39
C LEU L 32 80.95 3.68 -44.26
N GLY L 33 80.74 3.60 -45.57
CA GLY L 33 81.79 3.21 -46.49
C GLY L 33 81.97 4.26 -47.58
N LYS L 34 83.20 4.32 -48.10
CA LYS L 34 83.51 5.10 -49.28
C LYS L 34 83.98 4.14 -50.34
N GLN L 35 83.36 4.19 -51.52
CA GLN L 35 83.65 3.25 -52.58
C GLN L 35 84.02 3.99 -53.86
N HIS L 36 85.06 3.51 -54.53
CA HIS L 36 85.36 3.94 -55.88
C HIS L 36 85.34 2.71 -56.78
N ALA L 37 85.20 2.94 -58.08
CA ALA L 37 85.23 1.85 -59.05
C ALA L 37 86.21 2.18 -60.16
N VAL L 38 86.93 1.16 -60.64
CA VAL L 38 87.98 1.37 -61.62
C VAL L 38 87.30 1.52 -62.98
N THR L 39 87.17 2.77 -63.44
CA THR L 39 86.50 3.03 -64.72
C THR L 39 87.42 2.80 -65.92
N ALA L 40 88.74 2.98 -65.76
CA ALA L 40 89.67 2.79 -66.86
C ALA L 40 91.06 2.48 -66.34
N THR L 41 91.86 1.83 -67.19
CA THR L 41 93.23 1.47 -66.87
C THR L 41 94.20 2.15 -67.82
N GLY L 42 95.32 2.61 -67.27
CA GLY L 42 96.44 3.08 -68.06
C GLY L 42 97.66 2.23 -67.78
N GLY L 43 98.65 2.27 -68.66
CA GLY L 43 99.82 1.44 -68.56
C GLY L 43 99.71 0.21 -69.46
N THR L 44 100.83 -0.54 -69.53
CA THR L 44 100.89 -1.74 -70.36
C THR L 44 100.51 -2.95 -69.51
N GLN L 45 99.21 -3.09 -69.29
CA GLN L 45 98.61 -4.24 -68.62
C GLN L 45 97.56 -4.78 -69.59
N THR L 46 97.97 -5.70 -70.45
CA THR L 46 97.12 -6.14 -71.54
C THR L 46 96.12 -7.16 -71.03
N GLY L 47 94.85 -6.99 -71.42
CA GLY L 47 93.79 -7.89 -71.03
C GLY L 47 93.02 -7.48 -69.79
N VAL L 48 93.47 -6.45 -69.08
CA VAL L 48 92.83 -6.05 -67.83
C VAL L 48 91.48 -5.42 -68.13
N THR L 49 90.42 -5.99 -67.55
CA THR L 49 89.06 -5.50 -67.76
C THR L 49 88.65 -4.55 -66.64
N THR L 50 88.02 -3.45 -67.03
CA THR L 50 87.57 -2.44 -66.07
C THR L 50 86.24 -2.87 -65.45
N HIS L 51 85.65 -1.97 -64.66
CA HIS L 51 84.42 -2.31 -63.95
C HIS L 51 83.26 -2.42 -64.93
N SER L 52 82.59 -3.56 -64.89
CA SER L 52 81.35 -3.80 -65.62
C SER L 52 80.32 -4.31 -64.63
N VAL L 53 79.07 -4.39 -65.07
CA VAL L 53 78.05 -4.97 -64.22
C VAL L 53 78.33 -6.46 -64.01
N SER L 54 78.79 -7.14 -65.07
CA SER L 54 79.02 -8.57 -64.97
C SER L 54 80.30 -8.89 -64.19
N SER L 55 81.34 -8.08 -64.36
CA SER L 55 82.63 -8.29 -63.69
C SER L 55 83.10 -6.99 -63.05
N PRO L 56 82.94 -6.84 -61.73
CA PRO L 56 83.20 -5.56 -61.09
C PRO L 56 84.69 -5.36 -60.80
N PHE L 57 85.05 -4.07 -60.65
CA PHE L 57 86.38 -3.65 -60.20
C PHE L 57 86.12 -2.52 -59.21
N THR L 58 86.05 -2.86 -57.92
CA THR L 58 85.59 -1.93 -56.90
C THR L 58 86.54 -1.93 -55.69
N ILE L 59 86.73 -0.75 -55.13
CA ILE L 59 87.62 -0.51 -53.99
C ILE L 59 86.80 0.22 -52.94
N THR L 60 86.43 -0.48 -51.86
CA THR L 60 85.55 0.08 -50.84
C THR L 60 86.20 0.00 -49.46
N PHE L 61 86.09 1.09 -48.69
CA PHE L 61 86.71 1.19 -47.37
C PHE L 61 85.65 1.61 -46.37
N THR L 62 85.50 0.83 -45.30
CA THR L 62 84.41 0.98 -44.36
C THR L 62 84.94 1.11 -42.94
N ARG L 63 84.28 1.93 -42.14
CA ARG L 63 84.55 2.10 -40.73
C ARG L 63 83.44 1.43 -39.92
N PRO L 64 83.71 1.04 -38.67
CA PRO L 64 82.70 0.28 -37.91
C PRO L 64 81.48 1.12 -37.57
N LYS L 65 80.36 0.43 -37.42
CA LYS L 65 79.10 1.09 -37.09
C LYS L 65 79.19 1.80 -35.74
N THR L 66 79.65 1.09 -34.71
CA THR L 66 79.74 1.63 -33.36
C THR L 66 81.19 1.53 -32.88
N MET L 67 81.76 2.68 -32.54
CA MET L 67 83.09 2.70 -31.95
C MET L 67 83.05 2.18 -30.52
N LYS L 68 84.15 1.61 -30.06
CA LYS L 68 84.25 1.06 -28.71
C LYS L 68 85.30 1.79 -27.88
N THR L 69 84.91 2.20 -26.68
CA THR L 69 85.79 2.90 -25.76
C THR L 69 86.52 1.90 -24.88
N VAL L 70 87.65 2.34 -24.31
CA VAL L 70 88.57 1.43 -23.66
C VAL L 70 87.97 0.82 -22.39
N GLY L 71 87.18 1.57 -21.65
CA GLY L 71 86.60 1.08 -20.42
C GLY L 71 87.36 1.56 -19.18
N VAL L 72 86.78 1.27 -18.04
CA VAL L 72 87.24 1.80 -16.74
C VAL L 72 87.94 0.69 -15.97
N PRO L 73 89.13 0.93 -15.43
CA PRO L 73 89.80 -0.11 -14.65
C PRO L 73 89.07 -0.40 -13.36
N ASN L 74 89.14 -1.67 -12.94
CA ASN L 74 88.46 -2.12 -11.73
C ASN L 74 89.36 -1.90 -10.51
N SER L 75 88.98 -2.50 -9.37
CA SER L 75 89.70 -2.30 -8.13
C SER L 75 91.16 -2.72 -8.23
N ASN L 76 91.43 -3.80 -8.97
CA ASN L 76 92.79 -4.27 -9.15
C ASN L 76 93.61 -3.42 -10.12
N GLY L 77 93.00 -2.44 -10.76
CA GLY L 77 93.66 -1.69 -11.80
C GLY L 77 93.59 -2.30 -13.17
N VAL L 78 92.76 -3.33 -13.35
CA VAL L 78 92.69 -4.10 -14.58
C VAL L 78 91.41 -3.74 -15.34
N ILE L 79 91.54 -3.56 -16.65
CA ILE L 79 90.40 -3.30 -17.52
C ILE L 79 89.89 -4.62 -18.07
N THR L 80 88.60 -4.87 -17.86
CA THR L 80 88.06 -6.22 -17.97
C THR L 80 88.02 -6.71 -19.42
N ASN L 81 87.51 -5.89 -20.33
CA ASN L 81 87.33 -6.33 -21.71
C ASN L 81 87.73 -5.21 -22.67
N ILE L 82 88.70 -5.50 -23.53
CA ILE L 82 89.16 -4.56 -24.53
C ILE L 82 88.52 -4.97 -25.86
N GLY L 83 87.43 -4.32 -26.21
CA GLY L 83 86.88 -4.48 -27.55
C GLY L 83 87.86 -3.99 -28.60
N ARG L 84 87.53 -4.28 -29.85
CA ARG L 84 88.40 -3.89 -30.95
C ARG L 84 87.55 -3.35 -32.10
N ASN L 85 87.84 -2.12 -32.54
CA ASN L 85 87.17 -1.58 -33.73
C ASN L 85 87.98 -1.98 -34.95
N THR L 86 87.30 -2.56 -35.95
CA THR L 86 87.92 -3.07 -37.18
C THR L 86 87.46 -2.23 -38.36
N TYR L 87 88.42 -1.74 -39.13
CA TYR L 87 88.16 -1.04 -40.39
C TYR L 87 88.44 -2.00 -41.52
N GLY L 88 87.66 -1.89 -42.60
CA GLY L 88 87.71 -2.85 -43.69
C GLY L 88 87.94 -2.30 -45.08
N PHE L 89 88.94 -2.84 -45.79
CA PHE L 89 89.31 -2.38 -47.11
C PHE L 89 89.17 -3.55 -48.06
N LEU L 90 88.33 -3.42 -49.08
CA LEU L 90 88.02 -4.57 -49.90
C LEU L 90 87.97 -4.22 -51.38
N VAL L 91 88.65 -5.04 -52.17
CA VAL L 91 88.71 -4.91 -53.62
C VAL L 91 88.04 -6.13 -54.22
N ARG L 92 87.12 -5.91 -55.14
CA ARG L 92 86.44 -6.96 -55.88
C ARG L 92 86.78 -6.83 -57.36
N LYS L 93 87.20 -7.94 -57.98
CA LYS L 93 87.63 -7.91 -59.37
C LYS L 93 86.99 -9.04 -60.16
N GLY L 94 86.41 -8.70 -61.30
CA GLY L 94 85.85 -9.70 -62.18
C GLY L 94 86.94 -10.48 -62.88
N VAL L 95 86.97 -11.80 -62.69
CA VAL L 95 88.00 -12.69 -63.23
C VAL L 95 87.34 -13.90 -63.83
N ILE L 96 87.78 -14.32 -65.01
CA ILE L 96 87.08 -15.36 -65.76
C ILE L 96 87.80 -16.69 -65.56
N PRO L 97 87.13 -17.72 -65.01
CA PRO L 97 87.85 -18.96 -64.70
C PRO L 97 88.09 -19.87 -65.90
N ALA L 98 87.14 -20.02 -66.81
CA ALA L 98 87.34 -20.97 -67.89
C ALA L 98 87.15 -20.30 -69.25
N VAL L 99 87.11 -21.15 -70.28
CA VAL L 99 87.13 -20.64 -71.64
C VAL L 99 85.81 -19.97 -71.98
N ASN L 100 84.71 -20.45 -71.43
CA ASN L 100 83.43 -19.83 -71.71
C ASN L 100 82.59 -19.61 -70.46
N GLN L 101 83.22 -19.53 -69.29
CA GLN L 101 82.47 -19.42 -68.05
C GLN L 101 82.13 -17.97 -67.71
N SER L 102 81.11 -17.82 -66.86
CA SER L 102 80.74 -16.53 -66.33
C SER L 102 81.83 -16.01 -65.39
N PRO L 103 82.02 -14.69 -65.32
CA PRO L 103 83.06 -14.17 -64.45
C PRO L 103 82.77 -14.44 -62.99
N GLN L 104 83.81 -14.87 -62.28
CA GLN L 104 83.89 -15.02 -60.83
C GLN L 104 84.51 -13.77 -60.23
N VAL L 105 84.30 -13.56 -58.93
CA VAL L 105 84.77 -12.36 -58.26
C VAL L 105 86.00 -12.72 -57.43
N MET L 106 87.19 -12.48 -57.98
CA MET L 106 88.37 -12.47 -57.13
C MET L 106 88.19 -11.39 -56.07
N LEU L 107 88.77 -11.64 -54.91
CA LEU L 107 88.45 -10.80 -53.76
C LEU L 107 89.69 -10.61 -52.90
N VAL L 108 90.12 -9.36 -52.73
CA VAL L 108 91.26 -9.02 -51.87
C VAL L 108 90.71 -8.18 -50.74
N ARG L 109 90.78 -8.69 -49.52
CA ARG L 109 90.17 -7.97 -48.40
C ARG L 109 91.13 -7.85 -47.22
N VAL L 110 91.22 -6.64 -46.69
CA VAL L 110 92.07 -6.28 -45.57
C VAL L 110 91.16 -5.91 -44.41
N GLU L 111 91.57 -6.30 -43.22
CA GLU L 111 90.90 -5.93 -41.98
C GLU L 111 91.93 -5.41 -41.00
N ILE L 112 91.67 -4.24 -40.46
CA ILE L 112 92.56 -3.56 -39.52
C ILE L 112 91.82 -3.51 -38.20
N SER L 113 92.18 -4.38 -37.25
CA SER L 113 91.56 -4.43 -35.94
C SER L 113 92.44 -3.68 -34.93
N VAL L 114 91.93 -2.57 -34.44
CA VAL L 114 92.60 -1.72 -33.46
C VAL L 114 91.92 -1.93 -32.12
N PRO L 115 92.67 -2.26 -31.06
CA PRO L 115 92.05 -2.39 -29.74
C PRO L 115 91.58 -1.05 -29.21
N ALA L 116 90.78 -1.15 -28.15
CA ALA L 116 89.91 -0.05 -27.76
C ALA L 116 90.70 1.18 -27.31
N GLY L 117 91.75 0.96 -26.51
CA GLY L 117 92.46 2.05 -25.89
C GLY L 117 93.66 2.46 -26.70
N ALA L 118 94.01 1.59 -27.68
CA ALA L 118 95.19 1.78 -28.51
C ALA L 118 95.19 3.13 -29.20
N ASP L 119 94.09 3.46 -29.88
CA ASP L 119 94.02 4.60 -30.79
C ASP L 119 94.45 5.90 -30.12
N THR L 120 94.28 5.98 -28.80
CA THR L 120 94.65 7.13 -28.02
C THR L 120 95.98 6.94 -27.29
N TYR L 121 96.10 5.87 -26.50
CA TYR L 121 97.27 5.73 -25.62
C TYR L 121 98.53 5.45 -26.43
N ASP L 122 98.47 4.52 -27.39
CA ASP L 122 99.66 4.07 -28.13
C ASP L 122 99.35 4.17 -29.63
N ALA L 123 99.48 5.38 -30.17
CA ALA L 123 99.19 5.58 -31.59
C ALA L 123 100.38 5.25 -32.46
N ALA L 124 101.59 5.42 -31.94
CA ALA L 124 102.78 5.16 -32.74
C ALA L 124 102.86 3.70 -33.15
N ASN L 125 102.48 2.78 -32.26
CA ASN L 125 102.56 1.36 -32.59
C ASN L 125 101.48 0.96 -33.59
N VAL L 126 100.30 1.54 -33.48
CA VAL L 126 99.26 1.33 -34.50
C VAL L 126 99.77 1.78 -35.87
N LYS L 127 100.26 3.02 -35.95
CA LYS L 127 100.78 3.53 -37.22
C LYS L 127 101.90 2.65 -37.73
N ALA L 128 102.72 2.10 -36.82
CA ALA L 128 103.86 1.28 -37.23
C ALA L 128 103.40 -0.07 -37.80
N ALA L 129 102.40 -0.69 -37.17
CA ALA L 129 101.85 -1.92 -37.72
C ALA L 129 101.31 -1.69 -39.12
N LEU L 130 100.58 -0.59 -39.31
CA LEU L 130 100.03 -0.28 -40.63
C LEU L 130 101.14 -0.05 -41.65
N SER L 131 102.16 0.74 -41.28
CA SER L 131 103.21 1.05 -42.25
C SER L 131 104.04 -0.18 -42.58
N ALA L 132 104.26 -1.08 -41.62
CA ALA L 132 105.00 -2.30 -41.91
C ALA L 132 104.18 -3.23 -42.80
N ALA L 133 102.90 -3.40 -42.50
CA ALA L 133 102.04 -4.26 -43.33
C ALA L 133 102.00 -3.75 -44.77
N ILE L 134 101.69 -2.47 -44.95
CA ILE L 134 101.57 -1.93 -46.31
C ILE L 134 102.93 -1.84 -47.00
N GLY L 135 104.01 -1.59 -46.26
CA GLY L 135 105.32 -1.55 -46.88
C GLY L 135 105.78 -2.91 -47.38
N VAL L 136 105.50 -3.97 -46.61
CA VAL L 136 105.81 -5.32 -47.08
C VAL L 136 104.92 -5.67 -48.28
N LEU L 137 103.65 -5.28 -48.25
CA LEU L 137 102.77 -5.55 -49.39
C LEU L 137 103.29 -4.88 -50.66
N SER L 138 103.66 -3.60 -50.58
CA SER L 138 104.13 -2.92 -51.78
C SER L 138 105.51 -3.40 -52.20
N GLN L 139 106.36 -3.82 -51.26
CA GLN L 139 107.66 -4.38 -51.63
C GLN L 139 107.49 -5.70 -52.37
N GLN L 140 106.60 -6.55 -51.88
CA GLN L 140 106.41 -7.88 -52.45
C GLN L 140 105.16 -7.98 -53.30
N SER L 141 104.73 -6.89 -53.95
CA SER L 141 103.51 -6.94 -54.74
C SER L 141 103.67 -7.88 -55.93
N ALA L 142 104.76 -7.71 -56.69
CA ALA L 142 105.00 -8.58 -57.84
C ALA L 142 105.12 -10.03 -57.40
N GLY L 143 105.83 -10.27 -56.29
CA GLY L 143 106.02 -11.63 -55.82
C GLY L 143 104.76 -12.27 -55.31
N ILE L 144 103.86 -11.48 -54.69
CA ILE L 144 102.58 -12.01 -54.23
C ILE L 144 101.68 -12.30 -55.42
N GLY L 145 101.75 -11.50 -56.49
CA GLY L 145 101.07 -11.89 -57.71
C GLY L 145 101.59 -13.20 -58.27
N ASP L 146 102.92 -13.32 -58.38
CA ASP L 146 103.54 -14.56 -58.82
C ASP L 146 103.07 -15.73 -57.98
N THR L 147 102.93 -15.53 -56.67
CA THR L 147 102.44 -16.60 -55.81
C THR L 147 100.97 -16.90 -56.06
N ALA L 148 100.14 -15.87 -56.21
CA ALA L 148 98.72 -16.06 -56.42
C ALA L 148 98.44 -16.80 -57.72
N LEU L 149 99.35 -16.70 -58.69
CA LEU L 149 99.17 -17.45 -59.93
C LEU L 149 99.87 -18.81 -59.91
N SER L 150 101.03 -18.91 -59.25
CA SER L 150 101.84 -20.11 -59.32
C SER L 150 101.43 -21.16 -58.30
N GLY L 151 100.95 -20.74 -57.14
CA GLY L 151 100.93 -21.63 -56.00
C GLY L 151 102.27 -21.77 -55.33
N ILE L 152 103.27 -21.02 -55.79
CA ILE L 152 104.63 -21.13 -55.28
C ILE L 152 104.82 -20.10 -54.18
N LEU L 153 105.25 -20.57 -53.02
CA LEU L 153 105.52 -19.71 -51.89
C LEU L 153 107.06 -19.55 -51.70
N ALA M 1 108.75 -6.06 57.06
CA ALA M 1 110.20 -5.94 57.06
C ALA M 1 110.89 -7.29 57.31
N TYR M 2 110.70 -8.24 56.38
CA TYR M 2 111.26 -9.59 56.50
C TYR M 2 112.42 -9.73 55.51
N SER M 3 113.65 -9.84 56.04
CA SER M 3 114.87 -9.99 55.23
C SER M 3 115.91 -10.77 56.01
N PRO M 4 116.08 -12.05 55.73
CA PRO M 4 117.04 -12.87 56.46
C PRO M 4 118.48 -12.58 56.04
N SER M 5 119.41 -13.06 56.88
CA SER M 5 120.84 -12.87 56.70
C SER M 5 121.50 -14.10 56.07
N THR M 6 122.70 -13.90 55.51
CA THR M 6 123.32 -14.95 54.71
C THR M 6 123.62 -16.20 55.52
N PRO M 7 124.40 -16.15 56.62
CA PRO M 7 124.38 -17.27 57.56
C PRO M 7 123.35 -17.07 58.65
N VAL M 8 122.36 -17.97 58.71
CA VAL M 8 121.36 -17.94 59.78
C VAL M 8 121.85 -18.83 60.89
N THR M 9 121.99 -18.26 62.08
CA THR M 9 122.36 -19.03 63.26
C THR M 9 121.17 -19.91 63.64
N GLY M 10 121.26 -21.20 63.31
CA GLY M 10 120.14 -22.10 63.54
C GLY M 10 119.92 -22.37 65.01
N ALA M 11 118.65 -22.53 65.38
CA ALA M 11 118.32 -22.73 66.80
C ALA M 11 118.92 -24.02 67.31
N ALA M 12 119.19 -24.06 68.61
CA ALA M 12 119.90 -25.20 69.18
C ALA M 12 119.10 -26.48 68.96
N GLN M 13 119.79 -27.54 68.59
CA GLN M 13 119.20 -28.86 68.44
C GLN M 13 120.10 -29.88 69.12
N THR M 14 119.55 -31.08 69.34
CA THR M 14 120.15 -32.03 70.27
C THR M 14 121.54 -32.46 69.82
N GLY M 15 121.65 -32.99 68.61
CA GLY M 15 122.94 -33.43 68.14
C GLY M 15 123.78 -32.41 67.41
N PHE M 16 123.35 -31.15 67.35
CA PHE M 16 123.99 -30.14 66.53
C PHE M 16 124.92 -29.27 67.37
N THR M 17 126.12 -29.04 66.86
CA THR M 17 127.08 -28.13 67.48
C THR M 17 127.21 -26.90 66.59
N SER M 18 126.80 -25.74 67.13
CA SER M 18 126.88 -24.47 66.44
C SER M 18 126.38 -24.53 64.99
N PRO M 19 125.09 -24.84 64.77
CA PRO M 19 124.60 -25.00 63.39
C PRO M 19 124.24 -23.68 62.75
N THR M 20 124.65 -23.52 61.49
CA THR M 20 124.33 -22.35 60.69
C THR M 20 123.84 -22.81 59.33
N TYR M 21 122.96 -22.03 58.71
CA TYR M 21 122.42 -22.37 57.40
C TYR M 21 122.60 -21.20 56.45
N THR M 22 123.23 -21.46 55.30
CA THR M 22 123.45 -20.43 54.29
C THR M 22 122.22 -20.37 53.40
N LEU M 23 121.64 -19.17 53.27
CA LEU M 23 120.46 -18.97 52.46
C LEU M 23 120.84 -18.39 51.11
N THR M 24 120.25 -18.92 50.05
CA THR M 24 120.36 -18.36 48.72
C THR M 24 118.98 -17.87 48.30
N SER M 25 118.93 -16.71 47.66
CA SER M 25 117.65 -16.11 47.34
C SER M 25 116.93 -16.93 46.27
N ASP M 26 115.62 -17.10 46.44
CA ASP M 26 114.81 -17.90 45.54
C ASP M 26 113.55 -17.12 45.18
N THR M 27 112.98 -17.43 44.02
CA THR M 27 111.72 -16.83 43.63
C THR M 27 110.57 -17.60 44.28
N ALA M 28 109.62 -16.86 44.86
CA ALA M 28 108.54 -17.44 45.65
C ALA M 28 107.41 -17.94 44.75
N PRO M 29 106.50 -18.78 45.29
CA PRO M 29 105.43 -19.35 44.45
C PRO M 29 104.31 -18.37 44.15
N THR M 30 103.99 -17.50 45.11
CA THR M 30 103.07 -16.40 44.89
C THR M 30 103.83 -15.10 44.69
N ALA M 31 103.12 -14.08 44.23
CA ALA M 31 103.68 -12.74 44.16
C ALA M 31 103.64 -12.03 45.51
N LEU M 32 103.12 -12.69 46.54
CA LEU M 32 103.01 -12.14 47.89
C LEU M 32 103.99 -12.79 48.85
N GLY M 33 104.98 -13.50 48.33
CA GLY M 33 105.91 -14.22 49.16
C GLY M 33 107.35 -13.86 48.86
N LYS M 34 108.16 -13.96 49.90
CA LYS M 34 109.62 -13.92 49.78
C LYS M 34 110.15 -15.27 50.23
N GLN M 35 110.95 -15.92 49.38
CA GLN M 35 111.39 -17.28 49.66
C GLN M 35 112.90 -17.39 49.49
N HIS M 36 113.54 -18.05 50.45
CA HIS M 36 114.95 -18.41 50.33
C HIS M 36 115.06 -19.93 50.37
N ALA M 37 116.14 -20.45 49.78
CA ALA M 37 116.44 -21.86 49.83
C ALA M 37 117.76 -22.09 50.56
N VAL M 38 117.84 -23.17 51.34
CA VAL M 38 119.03 -23.47 52.11
C VAL M 38 120.01 -24.17 51.17
N THR M 39 120.98 -23.41 50.65
CA THR M 39 121.92 -23.95 49.67
C THR M 39 123.06 -24.73 50.32
N ALA M 40 123.40 -24.44 51.58
CA ALA M 40 124.49 -25.15 52.25
C ALA M 40 124.35 -25.02 53.76
N THR M 41 124.96 -25.96 54.48
CA THR M 41 124.93 -26.00 55.94
C THR M 41 126.34 -25.89 56.50
N GLY M 42 126.48 -25.14 57.58
CA GLY M 42 127.71 -25.08 58.34
C GLY M 42 127.44 -25.54 59.77
N GLY M 43 128.48 -25.91 60.48
CA GLY M 43 128.34 -26.49 61.81
C GLY M 43 128.40 -28.01 61.77
N THR M 44 128.40 -28.61 62.96
CA THR M 44 128.48 -30.06 63.10
C THR M 44 127.07 -30.63 63.21
N GLN M 45 126.42 -30.73 62.06
CA GLN M 45 125.11 -31.35 61.89
C GLN M 45 125.27 -32.41 60.81
N THR M 46 125.67 -33.60 61.21
CA THR M 46 126.05 -34.63 60.25
C THR M 46 124.79 -35.26 59.66
N GLY M 47 124.79 -35.43 58.34
CA GLY M 47 123.68 -36.03 57.64
C GLY M 47 122.66 -35.06 57.09
N VAL M 48 122.75 -33.78 57.46
CA VAL M 48 121.75 -32.81 57.01
C VAL M 48 121.92 -32.56 55.52
N THR M 49 120.82 -32.72 54.78
CA THR M 49 120.82 -32.53 53.34
C THR M 49 120.29 -31.14 52.98
N THR M 50 120.93 -30.51 52.01
CA THR M 50 120.55 -29.17 51.58
C THR M 50 119.44 -29.26 50.52
N HIS M 51 119.03 -28.09 50.02
CA HIS M 51 117.93 -28.03 49.05
C HIS M 51 118.31 -28.73 47.76
N SER M 52 117.50 -29.72 47.39
CA SER M 52 117.61 -30.42 46.12
C SER M 52 116.25 -30.38 45.45
N VAL M 53 116.23 -30.75 44.17
CA VAL M 53 114.95 -30.86 43.49
C VAL M 53 114.11 -31.95 44.12
N SER M 54 114.75 -33.07 44.48
CA SER M 54 114.02 -34.21 45.04
C SER M 54 113.59 -33.93 46.48
N SER M 55 114.45 -33.30 47.27
CA SER M 55 114.18 -33.03 48.68
C SER M 55 114.45 -31.57 48.99
N PRO M 56 113.42 -30.73 49.10
CA PRO M 56 113.63 -29.29 49.22
C PRO M 56 113.97 -28.87 50.64
N PHE M 57 114.61 -27.71 50.73
CA PHE M 57 114.86 -27.02 52.00
C PHE M 57 114.58 -25.55 51.75
N THR M 58 113.35 -25.12 52.05
CA THR M 58 112.88 -23.78 51.66
C THR M 58 112.19 -23.08 52.81
N ILE M 59 112.37 -21.76 52.85
CA ILE M 59 111.86 -20.87 53.89
C ILE M 59 111.12 -19.74 53.18
N THR M 60 109.79 -19.77 53.21
CA THR M 60 108.97 -18.81 52.49
C THR M 60 108.04 -18.06 53.45
N PHE M 61 107.90 -16.75 53.24
CA PHE M 61 107.09 -15.88 54.10
C PHE M 61 106.16 -15.06 53.22
N THR M 62 104.86 -15.12 53.53
CA THR M 62 103.82 -14.59 52.67
C THR M 62 102.89 -13.67 53.44
N ARG M 63 102.42 -12.62 52.77
CA ARG M 63 101.42 -11.70 53.26
C ARG M 63 100.07 -12.02 52.62
N PRO M 64 98.97 -11.55 53.21
CA PRO M 64 97.65 -11.86 52.63
C PRO M 64 97.40 -11.10 51.32
N LYS M 65 96.56 -11.69 50.47
CA LYS M 65 96.26 -11.09 49.18
C LYS M 65 95.61 -9.72 49.37
N THR M 66 94.63 -9.63 50.25
CA THR M 66 93.89 -8.40 50.49
C THR M 66 93.89 -8.08 51.98
N MET M 67 94.30 -6.86 52.33
CA MET M 67 94.27 -6.41 53.71
C MET M 67 92.83 -6.12 54.14
N LYS M 68 92.58 -6.30 55.43
CA LYS M 68 91.24 -6.13 55.98
C LYS M 68 91.22 -4.92 56.89
N THR M 69 90.34 -3.97 56.61
CA THR M 69 90.11 -2.85 57.50
C THR M 69 88.95 -3.18 58.43
N VAL M 70 88.92 -2.49 59.57
CA VAL M 70 87.99 -2.85 60.62
C VAL M 70 86.68 -2.10 60.47
N GLY M 83 87.18 -9.87 61.41
CA GLY M 83 88.13 -10.12 60.32
C GLY M 83 89.56 -10.25 60.80
N ARG M 84 90.41 -10.91 60.01
CA ARG M 84 91.80 -11.14 60.40
C ARG M 84 92.74 -11.10 59.20
N ASN M 85 93.91 -10.49 59.37
CA ASN M 85 95.00 -10.58 58.40
C ASN M 85 95.98 -11.63 58.92
N THR M 86 96.19 -12.71 58.16
CA THR M 86 97.11 -13.77 58.56
C THR M 86 98.34 -13.77 57.67
N TYR M 87 99.51 -13.72 58.31
CA TYR M 87 100.79 -13.83 57.63
C TYR M 87 101.36 -15.23 57.83
N GLY M 88 102.00 -15.76 56.80
CA GLY M 88 102.42 -17.15 56.83
C GLY M 88 103.91 -17.41 56.62
N PHE M 89 104.52 -18.18 57.51
CA PHE M 89 105.93 -18.50 57.46
C PHE M 89 106.08 -20.00 57.41
N LEU M 90 106.65 -20.53 56.33
CA LEU M 90 106.63 -21.96 56.11
C LEU M 90 107.98 -22.50 55.65
N VAL M 91 108.40 -23.59 56.28
CA VAL M 91 109.65 -24.26 56.01
C VAL M 91 109.33 -25.67 55.51
N ARG M 92 109.89 -26.02 54.36
CA ARG M 92 109.74 -27.36 53.79
C ARG M 92 111.10 -28.05 53.77
N LYS M 93 111.16 -29.29 54.26
CA LYS M 93 112.42 -30.01 54.35
C LYS M 93 112.28 -31.42 53.81
N GLY M 94 113.21 -31.80 52.93
CA GLY M 94 113.24 -33.16 52.42
C GLY M 94 113.72 -34.13 53.49
N VAL M 95 112.88 -35.09 53.86
CA VAL M 95 113.15 -36.06 54.93
C VAL M 95 112.81 -37.44 54.39
N ILE M 96 113.68 -38.42 54.63
CA ILE M 96 113.56 -39.73 54.00
C ILE M 96 112.96 -40.71 55.00
N PRO M 97 111.78 -41.29 54.72
CA PRO M 97 111.14 -42.12 55.75
C PRO M 97 111.70 -43.53 55.89
N ALA M 98 112.08 -44.19 54.82
CA ALA M 98 112.57 -45.56 54.97
C ALA M 98 113.90 -45.75 54.27
N VAL M 99 114.35 -47.01 54.33
CA VAL M 99 115.71 -47.34 53.94
C VAL M 99 115.94 -47.05 52.47
N ASN M 100 114.91 -47.19 51.63
CA ASN M 100 115.10 -46.91 50.21
C ASN M 100 113.99 -46.04 49.63
N GLN M 101 113.21 -45.38 50.47
CA GLN M 101 112.04 -44.69 49.96
C GLN M 101 112.36 -43.30 49.42
N SER M 102 111.41 -42.78 48.66
CA SER M 102 111.50 -41.43 48.14
C SER M 102 111.37 -40.42 49.28
N PRO M 103 112.00 -39.25 49.15
CA PRO M 103 111.92 -38.26 50.22
C PRO M 103 110.50 -37.70 50.34
N GLN M 104 110.02 -37.64 51.58
CA GLN M 104 108.81 -36.97 52.03
C GLN M 104 109.15 -35.55 52.49
N VAL M 105 108.15 -34.69 52.53
CA VAL M 105 108.36 -33.28 52.88
C VAL M 105 107.90 -33.06 54.31
N MET M 106 108.84 -33.02 55.25
CA MET M 106 108.52 -32.49 56.55
C MET M 106 108.16 -31.02 56.40
N LEU M 107 107.29 -30.55 57.27
CA LEU M 107 106.69 -29.24 57.06
C LEU M 107 106.52 -28.53 58.39
N VAL M 108 107.13 -27.35 58.53
CA VAL M 108 106.99 -26.53 59.73
C VAL M 108 106.34 -25.23 59.28
N ARG M 109 105.09 -25.00 59.70
CA ARG M 109 104.38 -23.82 59.22
C ARG M 109 103.83 -23.00 60.39
N VAL M 110 103.99 -21.69 60.28
CA VAL M 110 103.57 -20.72 61.28
C VAL M 110 102.55 -19.79 60.63
N GLU M 111 101.49 -19.50 61.37
CA GLU M 111 100.46 -18.57 60.93
C GLU M 111 100.28 -17.51 62.02
N ILE M 112 100.34 -16.25 61.62
CA ILE M 112 100.21 -15.12 62.52
C ILE M 112 98.94 -14.39 62.12
N SER M 113 97.86 -14.57 62.89
CA SER M 113 96.57 -13.96 62.61
C SER M 113 96.41 -12.72 63.50
N VAL M 114 96.49 -11.55 62.88
CA VAL M 114 96.33 -10.26 63.54
C VAL M 114 94.90 -9.78 63.27
N PRO M 115 94.10 -9.52 64.31
CA PRO M 115 92.79 -8.90 64.08
C PRO M 115 92.90 -7.55 63.39
N ALA M 116 91.76 -7.04 62.94
CA ALA M 116 91.75 -5.91 62.01
C ALA M 116 92.28 -4.63 62.65
N GLY M 117 91.63 -4.16 63.71
CA GLY M 117 92.05 -2.91 64.33
C GLY M 117 93.27 -3.02 65.20
N ALA M 118 93.71 -4.26 65.44
CA ALA M 118 94.85 -4.54 66.30
C ALA M 118 96.10 -3.80 65.85
N ASP M 119 96.49 -4.01 64.58
CA ASP M 119 97.76 -3.53 64.03
C ASP M 119 98.00 -2.06 64.34
N THR M 120 96.94 -1.28 64.43
CA THR M 120 97.03 0.15 64.69
C THR M 120 96.76 0.50 66.14
N TYR M 121 95.60 0.07 66.68
CA TYR M 121 95.21 0.55 68.00
C TYR M 121 96.06 -0.06 69.10
N ASP M 122 96.36 -1.35 69.02
CA ASP M 122 97.11 -2.04 70.08
C ASP M 122 98.27 -2.80 69.43
N ALA M 123 99.35 -2.09 69.17
CA ALA M 123 100.50 -2.70 68.52
C ALA M 123 101.43 -3.38 69.51
N ALA M 124 101.45 -2.89 70.75
CA ALA M 124 102.33 -3.46 71.75
C ALA M 124 101.95 -4.91 72.05
N ASN M 125 100.66 -5.20 72.16
CA ASN M 125 100.24 -6.57 72.45
C ASN M 125 100.50 -7.50 71.27
N VAL M 126 100.35 -7.01 70.05
CA VAL M 126 100.74 -7.80 68.87
C VAL M 126 102.21 -8.18 68.95
N LYS M 127 103.06 -7.17 69.12
CA LYS M 127 104.50 -7.43 69.20
C LYS M 127 104.83 -8.35 70.36
N ALA M 128 104.06 -8.27 71.46
CA ALA M 128 104.33 -9.09 72.63
C ALA M 128 103.95 -10.54 72.39
N ALA M 129 102.83 -10.78 71.71
CA ALA M 129 102.49 -12.13 71.31
C ALA M 129 103.60 -12.74 70.46
N LEU M 130 104.07 -11.99 69.47
CA LEU M 130 105.14 -12.50 68.62
C LEU M 130 106.42 -12.75 69.42
N SER M 131 106.74 -11.85 70.34
CA SER M 131 107.95 -11.98 71.15
C SER M 131 107.88 -13.21 72.04
N ALA M 132 106.77 -13.39 72.77
CA ALA M 132 106.61 -14.57 73.62
C ALA M 132 106.69 -15.85 72.79
N ALA M 133 105.97 -15.89 71.67
CA ALA M 133 105.93 -17.10 70.85
C ALA M 133 107.34 -17.48 70.37
N ILE M 134 108.03 -16.53 69.72
CA ILE M 134 109.34 -16.85 69.19
C ILE M 134 110.35 -17.09 70.31
N GLY M 135 110.19 -16.43 71.46
CA GLY M 135 111.12 -16.64 72.56
C GLY M 135 111.00 -18.03 73.16
N VAL M 136 109.77 -18.50 73.35
CA VAL M 136 109.58 -19.87 73.83
C VAL M 136 110.06 -20.87 72.80
N LEU M 137 109.83 -20.59 71.51
CA LEU M 137 110.30 -21.49 70.46
C LEU M 137 111.83 -21.62 70.48
N SER M 138 112.53 -20.48 70.60
CA SER M 138 113.99 -20.55 70.62
C SER M 138 114.52 -21.15 71.91
N GLN M 139 113.81 -20.92 73.03
CA GLN M 139 114.25 -21.51 74.30
C GLN M 139 114.12 -23.03 74.27
N GLN M 140 113.00 -23.54 73.77
CA GLN M 140 112.75 -24.97 73.77
C GLN M 140 113.05 -25.62 72.43
N SER M 141 113.91 -25.02 71.60
CA SER M 141 114.14 -25.57 70.26
C SER M 141 114.67 -27.00 70.35
N ALA M 142 115.68 -27.21 71.19
CA ALA M 142 116.25 -28.54 71.35
C ALA M 142 115.20 -29.52 71.86
N GLY M 143 114.43 -29.11 72.87
CA GLY M 143 113.43 -30.00 73.43
C GLY M 143 112.29 -30.30 72.49
N ILE M 144 111.94 -29.35 71.62
CA ILE M 144 110.89 -29.58 70.62
C ILE M 144 111.37 -30.54 69.55
N GLY M 145 112.65 -30.48 69.19
CA GLY M 145 113.20 -31.54 68.35
C GLY M 145 113.17 -32.90 69.03
N ASP M 146 113.61 -32.94 70.29
CA ASP M 146 113.52 -34.16 71.09
C ASP M 146 112.10 -34.71 71.08
N THR M 147 111.11 -33.83 71.17
CA THR M 147 109.71 -34.25 71.15
C THR M 147 109.30 -34.73 69.76
N ALA M 148 109.74 -34.04 68.71
CA ALA M 148 109.41 -34.43 67.34
C ALA M 148 109.93 -35.80 67.00
N LEU M 149 110.98 -36.24 67.70
CA LEU M 149 111.50 -37.60 67.53
C LEU M 149 110.94 -38.60 68.54
N SER M 150 110.64 -38.16 69.77
CA SER M 150 110.20 -39.06 70.84
C SER M 150 108.72 -39.37 70.75
N GLY M 151 107.92 -38.37 70.39
CA GLY M 151 106.48 -38.47 70.54
C GLY M 151 105.98 -38.05 71.90
N ILE M 152 106.83 -37.47 72.75
CA ILE M 152 106.51 -37.22 74.15
C ILE M 152 106.76 -35.76 74.49
N LEU M 153 105.80 -35.16 75.20
CA LEU M 153 105.92 -33.80 75.70
C LEU M 153 106.58 -33.77 77.08
N ALA N 1 107.57 3.30 32.76
CA ALA N 1 108.65 3.96 33.48
C ALA N 1 108.13 4.71 34.72
N TYR N 2 107.55 3.98 35.68
CA TYR N 2 106.97 4.56 36.88
C TYR N 2 107.89 4.25 38.07
N SER N 3 108.50 5.29 38.65
CA SER N 3 109.39 5.14 39.80
C SER N 3 109.37 6.41 40.64
N PRO N 4 108.60 6.44 41.72
CA PRO N 4 108.50 7.65 42.54
C PRO N 4 109.76 7.89 43.37
N SER N 5 109.84 9.10 43.93
CA SER N 5 110.98 9.58 44.68
C SER N 5 110.73 9.52 46.18
N THR N 6 111.81 9.63 46.98
CA THR N 6 111.68 9.38 48.41
C THR N 6 110.80 10.42 49.08
N PRO N 7 111.10 11.73 49.02
CA PRO N 7 110.07 12.71 49.37
C PRO N 7 109.28 13.12 48.14
N VAL N 8 107.99 12.82 48.13
CA VAL N 8 107.09 13.31 47.09
C VAL N 8 106.53 14.62 47.58
N THR N 9 106.69 15.67 46.79
CA THR N 9 106.13 16.96 47.15
C THR N 9 104.65 16.94 46.82
N GLY N 10 103.83 16.90 47.86
CA GLY N 10 102.41 16.74 47.66
C GLY N 10 101.78 17.97 47.05
N ALA N 11 100.76 17.73 46.23
CA ALA N 11 100.04 18.82 45.60
C ALA N 11 99.38 19.70 46.64
N ALA N 12 99.27 20.98 46.32
CA ALA N 12 98.82 21.97 47.30
C ALA N 12 97.43 21.61 47.80
N GLN N 13 97.23 21.77 49.10
CA GLN N 13 95.93 21.57 49.73
C GLN N 13 95.67 22.74 50.68
N THR N 14 94.40 22.87 51.08
CA THR N 14 93.94 24.12 51.69
C THR N 14 94.69 24.43 52.98
N GLY N 15 94.62 23.52 53.95
CA GLY N 15 95.29 23.79 55.21
C GLY N 15 96.75 23.39 55.30
N PHE N 16 97.34 22.88 54.21
CA PHE N 16 98.68 22.31 54.26
C PHE N 16 99.71 23.34 53.81
N THR N 17 100.79 23.45 54.56
CA THR N 17 101.92 24.30 54.21
C THR N 17 103.07 23.41 53.80
N SER N 18 103.41 23.42 52.51
CA SER N 18 104.56 22.72 51.94
C SER N 18 104.59 21.24 52.30
N PRO N 19 103.56 20.47 51.92
CA PRO N 19 103.48 19.09 52.37
C PRO N 19 104.31 18.15 51.51
N THR N 20 104.99 17.22 52.18
CA THR N 20 105.77 16.19 51.53
C THR N 20 105.42 14.84 52.17
N TYR N 21 105.55 13.78 51.38
CA TYR N 21 105.21 12.44 51.84
C TYR N 21 106.38 11.52 51.53
N THR N 22 106.89 10.84 52.56
CA THR N 22 108.00 9.90 52.40
C THR N 22 107.44 8.54 51.99
N LEU N 23 107.98 7.98 50.92
CA LEU N 23 107.52 6.70 50.40
C LEU N 23 108.51 5.62 50.80
N THR N 24 107.99 4.51 51.31
CA THR N 24 108.75 3.29 51.54
C THR N 24 108.25 2.22 50.58
N SER N 25 109.16 1.40 50.06
CA SER N 25 108.78 0.45 49.03
C SER N 25 107.99 -0.71 49.62
N ASP N 26 106.93 -1.11 48.93
CA ASP N 26 106.02 -2.15 49.39
C ASP N 26 105.80 -3.17 48.28
N THR N 27 105.45 -4.39 48.68
CA THR N 27 105.08 -5.43 47.72
C THR N 27 103.63 -5.25 47.30
N ALA N 28 103.38 -5.29 45.99
CA ALA N 28 102.09 -4.99 45.41
C ALA N 28 101.19 -6.22 45.41
N PRO N 29 99.86 -6.02 45.35
CA PRO N 29 98.97 -7.18 45.47
C PRO N 29 99.00 -8.10 44.27
N THR N 30 98.98 -7.55 43.07
CA THR N 30 99.20 -8.35 41.88
C THR N 30 100.69 -8.42 41.58
N ALA N 31 101.05 -9.34 40.70
CA ALA N 31 102.39 -9.32 40.15
C ALA N 31 102.57 -8.22 39.11
N LEU N 32 101.50 -7.53 38.74
CA LEU N 32 101.51 -6.50 37.71
C LEU N 32 101.49 -5.10 38.29
N GLY N 33 101.81 -4.94 39.56
CA GLY N 33 101.75 -3.65 40.19
C GLY N 33 103.05 -3.31 40.88
N LYS N 34 103.33 -2.00 40.94
CA LYS N 34 104.33 -1.44 41.80
C LYS N 34 103.62 -0.62 42.86
N GLN N 35 103.93 -0.86 44.14
CA GLN N 35 103.21 -0.21 45.23
C GLN N 35 104.19 0.39 46.22
N HIS N 36 103.92 1.62 46.64
CA HIS N 36 104.64 2.26 47.72
C HIS N 36 103.67 2.61 48.85
N ALA N 37 104.19 2.63 50.08
CA ALA N 37 103.40 3.03 51.23
C ALA N 37 103.96 4.33 51.81
N VAL N 38 103.07 5.21 52.27
CA VAL N 38 103.48 6.49 52.85
C VAL N 38 103.83 6.19 54.31
N THR N 39 105.14 6.01 54.56
CA THR N 39 105.60 5.66 55.90
C THR N 39 105.65 6.86 56.84
N ALA N 40 105.86 8.08 56.31
CA ALA N 40 105.97 9.26 57.17
C ALA N 40 105.62 10.51 56.37
N THR N 41 105.19 11.54 57.09
CA THR N 41 104.75 12.79 56.49
C THR N 41 105.62 13.95 56.98
N GLY N 42 105.96 14.85 56.04
CA GLY N 42 106.59 16.11 56.37
C GLY N 42 105.74 17.27 55.89
N GLY N 43 106.06 18.46 56.38
CA GLY N 43 105.25 19.64 56.13
C GLY N 43 104.29 19.92 57.27
N THR N 44 103.67 21.10 57.20
CA THR N 44 102.72 21.55 58.23
C THR N 44 101.30 21.13 57.87
N GLN N 45 101.12 19.82 57.83
CA GLN N 45 99.82 19.16 57.76
C GLN N 45 99.60 18.46 59.09
N THR N 46 98.59 18.90 59.82
CA THR N 46 98.39 18.43 61.19
C THR N 46 97.18 17.51 61.22
N GLY N 47 97.40 16.32 61.77
CA GLY N 47 96.38 15.30 61.87
C GLY N 47 96.50 14.22 60.83
N VAL N 48 97.44 14.33 59.91
CA VAL N 48 97.58 13.36 58.82
C VAL N 48 98.24 12.10 59.37
N THR N 49 97.58 10.95 59.16
CA THR N 49 98.06 9.66 59.65
C THR N 49 98.80 8.92 58.54
N THR N 50 99.87 8.21 58.93
CA THR N 50 100.68 7.47 57.97
C THR N 50 100.11 6.06 57.78
N HIS N 51 100.86 5.22 57.05
CA HIS N 51 100.33 3.94 56.62
C HIS N 51 100.33 2.91 57.76
N SER N 52 99.16 2.40 58.07
CA SER N 52 98.96 1.23 58.91
C SER N 52 98.26 0.17 58.08
N VAL N 53 98.03 -1.00 58.66
CA VAL N 53 97.30 -2.01 57.91
C VAL N 53 95.81 -1.72 57.94
N SER N 54 95.28 -1.28 59.09
CA SER N 54 93.86 -0.94 59.17
C SER N 54 93.58 0.47 58.68
N SER N 55 94.59 1.35 58.69
CA SER N 55 94.48 2.72 58.17
C SER N 55 95.58 2.92 57.14
N PRO N 56 95.38 2.43 55.91
CA PRO N 56 96.47 2.41 54.93
C PRO N 56 96.75 3.77 54.33
N PHE N 57 97.93 3.88 53.74
CA PHE N 57 98.33 5.00 52.88
C PHE N 57 99.18 4.35 51.78
N THR N 58 98.52 3.97 50.68
CA THR N 58 99.17 3.17 49.65
C THR N 58 98.96 3.77 48.27
N ILE N 59 100.01 3.72 47.46
CA ILE N 59 100.03 4.27 46.11
C ILE N 59 100.50 3.13 45.21
N THR N 60 99.56 2.51 44.49
CA THR N 60 99.85 1.35 43.67
C THR N 60 99.51 1.63 42.20
N PHE N 61 100.35 1.16 41.29
CA PHE N 61 100.22 1.42 39.86
C PHE N 61 100.39 0.12 39.11
N THR N 62 99.42 -0.21 38.27
CA THR N 62 99.30 -1.52 37.67
C THR N 62 99.15 -1.42 36.15
N ARG N 63 99.73 -2.38 35.45
CA ARG N 63 99.59 -2.58 34.01
C ARG N 63 98.60 -3.70 33.74
N PRO N 64 98.04 -3.78 32.53
CA PRO N 64 97.07 -4.85 32.25
C PRO N 64 97.75 -6.21 32.14
N LYS N 65 96.94 -7.25 32.35
CA LYS N 65 97.45 -8.62 32.31
C LYS N 65 97.93 -9.00 30.91
N THR N 66 97.15 -8.64 29.89
CA THR N 66 97.46 -8.98 28.51
C THR N 66 97.33 -7.74 27.65
N MET N 67 98.39 -7.45 26.89
CA MET N 67 98.37 -6.33 25.98
C MET N 67 97.46 -6.63 24.78
N LYS N 68 96.97 -5.57 24.15
CA LYS N 68 96.11 -5.70 22.98
C LYS N 68 96.72 -4.93 21.80
N THR N 69 96.77 -5.59 20.65
CA THR N 69 97.31 -5.01 19.42
C THR N 69 96.16 -4.45 18.59
N VAL N 70 96.52 -3.53 17.68
CA VAL N 70 95.52 -2.74 16.95
C VAL N 70 94.65 -3.62 16.05
N GLY N 71 95.22 -4.68 15.50
CA GLY N 71 94.46 -5.47 14.56
C GLY N 71 94.62 -4.99 13.14
N VAL N 72 93.75 -5.50 12.29
CA VAL N 72 93.96 -5.40 10.85
C VAL N 72 92.67 -4.95 10.17
N PRO N 73 92.73 -4.04 9.21
CA PRO N 73 91.49 -3.55 8.56
C PRO N 73 90.81 -4.61 7.72
N ASN N 74 89.47 -4.54 7.73
CA ASN N 74 88.63 -5.50 7.01
C ASN N 74 88.41 -5.03 5.57
N SER N 75 87.49 -5.71 4.88
CA SER N 75 87.28 -5.48 3.45
C SER N 75 86.97 -4.02 3.12
N ASN N 76 86.36 -3.29 4.05
CA ASN N 76 86.02 -1.89 3.83
C ASN N 76 87.12 -0.94 4.28
N GLY N 77 88.28 -1.44 4.64
CA GLY N 77 89.35 -0.60 5.14
C GLY N 77 89.17 -0.13 6.56
N VAL N 78 88.25 -0.74 7.32
CA VAL N 78 87.91 -0.33 8.67
C VAL N 78 88.35 -1.40 9.66
N ILE N 79 89.00 -0.98 10.74
CA ILE N 79 89.43 -1.91 11.79
C ILE N 79 88.25 -2.18 12.70
N THR N 80 87.84 -3.45 12.78
CA THR N 80 86.53 -3.79 13.31
C THR N 80 86.42 -3.47 14.79
N ASN N 81 87.43 -3.85 15.57
CA ASN N 81 87.35 -3.77 17.03
C ASN N 81 88.68 -3.25 17.56
N ILE N 82 88.63 -2.08 18.18
CA ILE N 82 89.80 -1.49 18.81
C ILE N 82 89.65 -1.72 20.31
N GLY N 83 90.34 -2.74 20.82
CA GLY N 83 90.46 -2.90 22.25
C GLY N 83 91.28 -1.77 22.86
N ARG N 84 91.31 -1.74 24.19
CA ARG N 84 92.04 -0.67 24.88
C ARG N 84 92.77 -1.23 26.10
N ASN N 85 94.06 -0.89 26.24
CA ASN N 85 94.82 -1.27 27.43
C ASN N 85 94.67 -0.15 28.46
N THR N 86 94.19 -0.49 29.66
CA THR N 86 94.00 0.46 30.75
C THR N 86 95.04 0.22 31.83
N TYR N 87 95.74 1.28 32.22
CA TYR N 87 96.68 1.28 33.32
C TYR N 87 96.03 1.95 34.53
N GLY N 88 96.29 1.41 35.71
CA GLY N 88 95.59 1.84 36.91
C GLY N 88 96.45 2.40 38.03
N PHE N 89 96.11 3.59 38.51
CA PHE N 89 96.86 4.27 39.56
C PHE N 89 95.90 4.51 40.73
N LEU N 90 96.18 3.90 41.89
CA LEU N 90 95.20 3.93 42.96
C LEU N 90 95.84 4.23 44.30
N VAL N 91 95.23 5.17 45.03
CA VAL N 91 95.68 5.60 46.34
C VAL N 91 94.59 5.24 47.34
N ARG N 92 94.98 4.53 48.40
CA ARG N 92 94.09 4.17 49.50
C ARG N 92 94.55 4.89 50.76
N LYS N 93 93.60 5.54 51.45
CA LYS N 93 93.94 6.32 52.64
C LYS N 93 92.96 6.02 53.75
N GLY N 94 93.50 5.70 54.92
CA GLY N 94 92.68 5.52 56.10
C GLY N 94 92.06 6.83 56.56
N VAL N 95 90.73 6.89 56.63
CA VAL N 95 90.00 8.09 57.02
C VAL N 95 88.97 7.70 58.08
N ILE N 96 88.80 8.53 59.10
CA ILE N 96 87.97 8.17 60.25
C ILE N 96 86.62 8.88 60.11
N PRO N 97 85.51 8.14 59.99
CA PRO N 97 84.24 8.82 59.71
C PRO N 97 83.55 9.40 60.95
N ALA N 98 83.57 8.69 62.08
CA ALA N 98 82.78 9.12 63.23
C ALA N 98 83.68 9.41 64.42
N VAL N 99 83.05 9.72 65.56
CA VAL N 99 83.81 10.15 66.72
C VAL N 99 84.61 8.99 67.29
N ASN N 100 84.03 7.81 67.34
CA ASN N 100 84.73 6.64 67.83
C ASN N 100 84.80 5.53 66.82
N GLN N 101 84.18 5.69 65.66
CA GLN N 101 84.17 4.62 64.68
C GLN N 101 85.57 4.39 64.11
N SER N 102 85.72 3.22 63.49
CA SER N 102 86.98 2.70 63.02
C SER N 102 87.29 3.24 61.63
N PRO N 103 88.56 3.22 61.21
CA PRO N 103 88.93 3.84 59.93
C PRO N 103 88.32 3.11 58.74
N GLN N 104 87.68 3.89 57.86
CA GLN N 104 87.26 3.52 56.52
C GLN N 104 88.33 3.93 55.51
N VAL N 105 88.17 3.50 54.27
CA VAL N 105 89.23 3.68 53.27
C VAL N 105 88.73 4.66 52.21
N MET N 106 89.15 5.92 52.32
CA MET N 106 89.01 6.82 51.18
C MET N 106 89.85 6.31 50.02
N LEU N 107 89.38 6.55 48.81
CA LEU N 107 89.95 5.90 47.65
C LEU N 107 90.03 6.90 46.50
N VAL N 108 91.23 7.09 45.95
CA VAL N 108 91.44 7.96 44.79
C VAL N 108 92.03 7.11 43.68
N ARG N 109 91.26 6.83 42.63
CA ARG N 109 91.72 5.93 41.60
C ARG N 109 91.65 6.57 40.21
N VAL N 110 92.69 6.35 39.43
CA VAL N 110 92.86 6.87 38.08
C VAL N 110 92.97 5.70 37.14
N GLU N 111 92.29 5.78 36.02
CA GLU N 111 92.35 4.77 34.97
C GLU N 111 92.71 5.45 33.66
N ILE N 112 93.73 4.93 32.99
CA ILE N 112 94.23 5.48 31.75
C ILE N 112 93.97 4.42 30.67
N SER N 113 92.93 4.61 29.86
CA SER N 113 92.58 3.69 28.79
C SER N 113 93.17 4.22 27.48
N VAL N 114 94.19 3.52 26.99
CA VAL N 114 94.86 3.83 25.73
C VAL N 114 94.34 2.87 24.68
N PRO N 115 93.71 3.35 23.61
CA PRO N 115 93.29 2.48 22.51
C PRO N 115 94.48 1.74 21.91
N ALA N 116 94.16 0.74 21.09
CA ALA N 116 95.17 -0.24 20.70
C ALA N 116 96.24 0.40 19.83
N GLY N 117 95.86 0.93 18.67
CA GLY N 117 96.85 1.47 17.75
C GLY N 117 97.41 2.80 18.14
N ALA N 118 96.80 3.42 19.17
CA ALA N 118 97.19 4.73 19.67
C ALA N 118 98.66 4.78 20.06
N ASP N 119 99.06 3.85 20.94
CA ASP N 119 100.36 3.90 21.59
C ASP N 119 101.51 3.98 20.60
N THR N 120 101.31 3.48 19.39
CA THR N 120 102.31 3.52 18.35
C THR N 120 102.05 4.60 17.30
N TYR N 121 100.84 4.65 16.75
CA TYR N 121 100.59 5.55 15.62
C TYR N 121 100.50 7.01 16.07
N ASP N 122 99.80 7.28 17.18
CA ASP N 122 99.57 8.66 17.64
C ASP N 122 99.96 8.74 19.11
N ALA N 123 101.26 8.92 19.35
CA ALA N 123 101.74 8.95 20.73
C ALA N 123 101.62 10.35 21.31
N ALA N 124 101.73 11.36 20.45
CA ALA N 124 101.70 12.74 20.93
C ALA N 124 100.36 13.06 21.58
N ASN N 125 99.26 12.58 21.00
CA ASN N 125 97.95 12.87 21.58
C ASN N 125 97.74 12.10 22.88
N VAL N 126 98.26 10.88 22.98
CA VAL N 126 98.24 10.15 24.24
C VAL N 126 98.94 10.96 25.33
N LYS N 127 100.20 11.33 25.06
CA LYS N 127 100.96 12.11 26.03
C LYS N 127 100.26 13.42 26.37
N ALA N 128 99.58 14.02 25.39
CA ALA N 128 98.90 15.29 25.61
C ALA N 128 97.70 15.13 26.52
N ALA N 129 96.92 14.07 26.32
CA ALA N 129 95.81 13.81 27.23
C ALA N 129 96.32 13.62 28.65
N LEU N 130 97.40 12.85 28.81
CA LEU N 130 97.95 12.64 30.15
C LEU N 130 98.43 13.94 30.78
N SER N 131 99.14 14.77 30.02
CA SER N 131 99.69 16.00 30.58
C SER N 131 98.60 17.01 30.90
N ALA N 132 97.56 17.10 30.06
CA ALA N 132 96.45 18.00 30.37
C ALA N 132 95.71 17.54 31.62
N ALA N 133 95.42 16.24 31.72
CA ALA N 133 94.72 15.72 32.89
C ALA N 133 95.51 15.99 34.16
N ILE N 134 96.79 15.63 34.17
CA ILE N 134 97.59 15.79 35.38
C ILE N 134 97.85 17.27 35.68
N GLY N 135 97.95 18.11 34.64
CA GLY N 135 98.18 19.53 34.88
C GLY N 135 96.97 20.21 35.48
N VAL N 136 95.77 19.87 35.00
CA VAL N 136 94.56 20.40 35.61
C VAL N 136 94.41 19.88 37.04
N LEU N 137 94.76 18.61 37.27
CA LEU N 137 94.69 18.06 38.63
C LEU N 137 95.61 18.81 39.58
N SER N 138 96.87 19.06 39.16
CA SER N 138 97.80 19.76 40.04
C SER N 138 97.44 21.23 40.20
N GLN N 139 96.82 21.84 39.18
CA GLN N 139 96.40 23.23 39.29
C GLN N 139 95.25 23.38 40.27
N GLN N 140 94.26 22.52 40.18
CA GLN N 140 93.08 22.60 41.02
C GLN N 140 93.13 21.67 42.22
N SER N 141 94.33 21.28 42.66
CA SER N 141 94.41 20.31 43.75
C SER N 141 93.74 20.83 45.00
N ALA N 142 94.08 22.06 45.39
CA ALA N 142 93.49 22.66 46.58
C ALA N 142 91.97 22.76 46.43
N GLY N 143 91.51 23.21 45.27
CA GLY N 143 90.08 23.39 45.07
C GLY N 143 89.31 22.09 45.02
N ILE N 144 89.94 21.03 44.50
CA ILE N 144 89.30 19.72 44.50
C ILE N 144 89.20 19.17 45.91
N GLY N 145 90.21 19.44 46.76
CA GLY N 145 90.05 19.12 48.17
C GLY N 145 88.91 19.89 48.82
N ASP N 146 88.89 21.21 48.58
CA ASP N 146 87.79 22.03 49.05
C ASP N 146 86.44 21.46 48.64
N THR N 147 86.35 20.97 47.40
CA THR N 147 85.11 20.38 46.92
C THR N 147 84.84 19.04 47.60
N ALA N 148 85.88 18.24 47.82
CA ALA N 148 85.70 16.94 48.47
C ALA N 148 85.14 17.09 49.87
N LEU N 149 85.36 18.24 50.49
CA LEU N 149 84.80 18.50 51.82
C LEU N 149 83.51 19.31 51.77
N SER N 150 83.37 20.23 50.81
CA SER N 150 82.26 21.17 50.78
C SER N 150 81.05 20.61 50.04
N GLY N 151 81.28 19.78 49.02
CA GLY N 151 80.20 19.38 48.13
C GLY N 151 79.84 20.44 47.11
N ILE N 152 80.69 21.44 46.93
CA ILE N 152 80.38 22.61 46.12
C ILE N 152 81.32 22.66 44.93
N LEU N 153 80.76 22.93 43.75
CA LEU N 153 81.56 23.05 42.54
C LEU N 153 81.93 24.48 42.21
N ALA O 1 119.20 -19.96 39.68
CA ALA O 1 119.98 -18.75 39.88
C ALA O 1 120.10 -17.96 38.57
N TYR O 2 118.96 -17.43 38.08
CA TYR O 2 118.90 -16.67 36.84
C TYR O 2 118.67 -15.19 37.15
N SER O 3 119.70 -14.35 36.88
CA SER O 3 119.63 -12.91 37.11
C SER O 3 120.54 -12.18 36.13
N PRO O 4 119.97 -11.58 35.08
CA PRO O 4 120.77 -10.89 34.08
C PRO O 4 121.29 -9.53 34.58
N SER O 5 122.25 -8.99 33.83
CA SER O 5 122.91 -7.72 34.12
C SER O 5 122.29 -6.59 33.32
N THR O 6 122.49 -5.35 33.80
CA THR O 6 121.84 -4.20 33.19
C THR O 6 122.25 -4.02 31.74
N PRO O 7 123.54 -3.84 31.40
CA PRO O 7 123.92 -3.99 29.99
C PRO O 7 124.30 -5.43 29.68
N VAL O 8 123.53 -6.10 28.83
CA VAL O 8 123.86 -7.43 28.37
C VAL O 8 124.68 -7.29 27.10
N THR O 9 125.90 -7.81 27.11
CA THR O 9 126.69 -7.85 25.90
C THR O 9 126.07 -8.83 24.92
N GLY O 10 125.46 -8.32 23.86
CA GLY O 10 124.80 -9.17 22.89
C GLY O 10 125.79 -9.97 22.07
N ALA O 11 125.40 -11.18 21.70
CA ALA O 11 126.28 -12.06 20.96
C ALA O 11 126.57 -11.48 19.58
N ALA O 12 127.74 -11.77 19.06
CA ALA O 12 128.17 -11.15 17.81
C ALA O 12 127.16 -11.41 16.72
N GLN O 13 126.90 -10.39 15.90
CA GLN O 13 126.04 -10.53 14.73
C GLN O 13 126.69 -9.80 13.57
N THR O 14 126.18 -10.08 12.36
CA THR O 14 126.89 -9.72 11.15
C THR O 14 127.07 -8.21 11.03
N GLY O 15 125.97 -7.47 11.03
CA GLY O 15 126.12 -6.04 10.88
C GLY O 15 126.34 -5.24 12.15
N PHE O 16 126.52 -5.89 13.29
CA PHE O 16 126.54 -5.18 14.58
C PHE O 16 127.97 -5.01 15.08
N THR O 17 128.26 -3.81 15.55
CA THR O 17 129.53 -3.50 16.19
C THR O 17 129.28 -3.29 17.67
N SER O 18 129.88 -4.15 18.50
CA SER O 18 129.80 -4.12 19.96
C SER O 18 128.38 -3.86 20.46
N PRO O 19 127.42 -4.77 20.19
CA PRO O 19 126.03 -4.53 20.57
C PRO O 19 125.72 -4.89 22.01
N THR O 20 125.03 -4.00 22.71
CA THR O 20 124.62 -4.22 24.08
C THR O 20 123.12 -3.91 24.20
N TYR O 21 122.45 -4.60 25.12
CA TYR O 21 121.02 -4.41 25.34
C TYR O 21 120.76 -4.12 26.80
N THR O 22 120.11 -2.99 27.07
CA THR O 22 119.73 -2.61 28.42
C THR O 22 118.42 -3.28 28.77
N LEU O 23 118.40 -4.03 29.88
CA LEU O 23 117.20 -4.73 30.32
C LEU O 23 116.54 -3.94 31.44
N THR O 24 115.22 -3.76 31.33
CA THR O 24 114.41 -3.23 32.41
C THR O 24 113.56 -4.36 32.96
N SER O 25 113.50 -4.48 34.28
CA SER O 25 112.74 -5.56 34.89
C SER O 25 111.27 -5.45 34.49
N ASP O 26 110.68 -6.57 34.11
CA ASP O 26 109.27 -6.64 33.75
C ASP O 26 108.62 -7.79 34.51
N THR O 27 107.31 -7.70 34.66
CA THR O 27 106.57 -8.70 35.43
C THR O 27 106.12 -9.82 34.50
N ALA O 28 106.42 -11.05 34.89
CA ALA O 28 106.32 -12.24 34.04
C ALA O 28 104.89 -12.73 33.90
N PRO O 29 104.60 -13.56 32.89
CA PRO O 29 103.21 -13.98 32.68
C PRO O 29 102.74 -14.98 33.72
N THR O 30 103.61 -15.87 34.14
CA THR O 30 103.34 -16.80 35.23
C THR O 30 104.03 -16.33 36.48
N ALA O 31 103.67 -16.96 37.60
CA ALA O 31 104.34 -16.68 38.86
C ALA O 31 105.66 -17.42 38.99
N LEU O 32 105.95 -18.34 38.06
CA LEU O 32 107.18 -19.12 38.08
C LEU O 32 108.15 -18.68 37.00
N GLY O 33 108.00 -17.45 36.52
CA GLY O 33 108.88 -16.91 35.51
C GLY O 33 109.48 -15.59 35.95
N LYS O 34 110.67 -15.31 35.44
CA LYS O 34 111.30 -14.01 35.58
C LYS O 34 111.45 -13.42 34.19
N GLN O 35 110.95 -12.20 33.99
CA GLN O 35 110.94 -11.58 32.67
C GLN O 35 111.61 -10.22 32.73
N HIS O 36 112.44 -9.95 31.74
CA HIS O 36 112.95 -8.60 31.51
C HIS O 36 112.53 -8.17 30.11
N ALA O 37 112.55 -6.86 29.87
CA ALA O 37 112.24 -6.34 28.55
C ALA O 37 113.33 -5.37 28.11
N VAL O 38 113.66 -5.40 26.82
CA VAL O 38 114.77 -4.60 26.31
C VAL O 38 114.25 -3.17 26.14
N THR O 39 114.61 -2.30 27.10
CA THR O 39 114.14 -0.93 27.06
C THR O 39 114.98 -0.06 26.12
N ALA O 40 116.25 -0.38 25.92
CA ALA O 40 117.10 0.43 25.05
C ALA O 40 118.27 -0.41 24.54
N THR O 41 118.83 0.03 23.41
CA THR O 41 119.96 -0.65 22.77
C THR O 41 121.16 0.29 22.72
N GLY O 42 122.34 -0.27 22.97
CA GLY O 42 123.59 0.42 22.73
C GLY O 42 124.41 -0.34 21.70
N GLY O 43 125.39 0.33 21.10
CA GLY O 43 126.17 -0.26 20.04
C GLY O 43 125.68 0.17 18.66
N THR O 44 126.45 -0.21 17.64
CA THR O 44 126.13 0.17 16.26
C THR O 44 125.29 -0.95 15.64
N GLN O 45 124.02 -0.98 16.01
CA GLN O 45 123.02 -1.87 15.44
C GLN O 45 121.89 -0.96 14.94
N THR O 46 121.99 -0.55 13.69
CA THR O 46 121.10 0.46 13.18
C THR O 46 119.77 -0.16 12.78
N GLY O 47 118.67 0.47 13.20
CA GLY O 47 117.34 0.01 12.89
C GLY O 47 116.71 -0.88 13.94
N VAL O 48 117.45 -1.27 14.97
CA VAL O 48 116.94 -2.18 15.98
C VAL O 48 115.92 -1.44 16.84
N THR O 49 114.71 -1.98 16.90
CA THR O 49 113.62 -1.39 17.68
C THR O 49 113.53 -2.03 19.06
N THR O 50 113.34 -1.20 20.08
CA THR O 50 113.24 -1.67 21.45
C THR O 50 111.81 -2.16 21.72
N HIS O 51 111.54 -2.49 22.99
CA HIS O 51 110.24 -3.03 23.35
C HIS O 51 109.17 -1.95 23.25
N SER O 52 108.13 -2.25 22.48
CA SER O 52 106.94 -1.43 22.40
C SER O 52 105.74 -2.34 22.63
N VAL O 53 104.57 -1.73 22.80
CA VAL O 53 103.36 -2.54 22.93
C VAL O 53 103.09 -3.27 21.62
N SER O 54 103.31 -2.59 20.49
CA SER O 54 103.02 -3.20 19.20
C SER O 54 104.05 -4.25 18.81
N SER O 55 105.32 -4.02 19.13
CA SER O 55 106.42 -4.93 18.79
C SER O 55 107.28 -5.19 20.01
N PRO O 56 107.13 -6.32 20.68
CA PRO O 56 107.80 -6.55 21.96
C PRO O 56 109.24 -7.01 21.78
N PHE O 57 110.02 -6.79 22.84
CA PHE O 57 111.39 -7.30 22.95
C PHE O 57 111.51 -7.80 24.40
N THR O 58 111.26 -9.08 24.60
CA THR O 58 111.12 -9.65 25.93
C THR O 58 111.93 -10.93 26.09
N ILE O 59 112.50 -11.10 27.27
CA ILE O 59 113.36 -12.23 27.62
C ILE O 59 112.80 -12.82 28.92
N THR O 60 112.16 -13.98 28.82
CA THR O 60 111.48 -14.59 29.96
C THR O 60 112.00 -16.01 30.21
N PHE O 61 112.24 -16.33 31.48
CA PHE O 61 112.79 -17.64 31.86
C PHE O 61 111.90 -18.24 32.93
N THR O 62 111.42 -19.46 32.69
CA THR O 62 110.41 -20.09 33.52
C THR O 62 110.89 -21.45 34.00
N ARG O 63 110.53 -21.81 35.23
CA ARG O 63 110.76 -23.11 35.82
C ARG O 63 109.45 -23.88 35.89
N PRO O 64 109.50 -25.21 35.92
CA PRO O 64 108.25 -25.99 35.86
C PRO O 64 107.39 -25.80 37.11
N LYS O 65 106.09 -25.98 36.91
CA LYS O 65 105.13 -25.84 38.01
C LYS O 65 105.41 -26.87 39.10
N THR O 66 105.53 -28.15 38.72
CA THR O 66 105.74 -29.24 39.67
C THR O 66 107.03 -29.98 39.31
N MET O 67 107.96 -30.01 40.25
CA MET O 67 109.18 -30.78 40.07
C MET O 67 108.87 -32.27 40.18
N LYS O 68 109.68 -33.09 39.50
CA LYS O 68 109.50 -34.53 39.48
C LYS O 68 110.70 -35.24 40.09
N THR O 69 110.42 -36.15 41.03
CA THR O 69 111.45 -36.93 41.71
C THR O 69 111.73 -38.21 40.92
N VAL O 70 112.90 -38.80 41.18
CA VAL O 70 113.41 -39.87 40.33
C VAL O 70 112.56 -41.14 40.45
N GLY O 71 112.06 -41.43 41.64
CA GLY O 71 111.28 -42.63 41.86
C GLY O 71 112.10 -43.74 42.49
N VAL O 72 111.40 -44.81 42.85
CA VAL O 72 111.95 -45.90 43.65
C VAL O 72 112.16 -47.10 42.75
N PRO O 73 113.32 -47.74 42.78
CA PRO O 73 113.55 -48.93 41.96
C PRO O 73 112.69 -50.10 42.42
N ASN O 74 112.28 -50.92 41.44
CA ASN O 74 111.43 -52.07 41.71
C ASN O 74 112.28 -53.29 42.08
N SER O 75 111.65 -54.47 42.10
CA SER O 75 112.33 -55.68 42.52
C SER O 75 113.54 -55.99 41.64
N ASN O 76 113.45 -55.71 40.35
CA ASN O 76 114.56 -55.95 39.43
C ASN O 76 115.67 -54.91 39.55
N GLY O 77 115.49 -53.88 40.38
CA GLY O 77 116.44 -52.79 40.43
C GLY O 77 116.20 -51.70 39.41
N VAL O 78 115.07 -51.74 38.71
CA VAL O 78 114.79 -50.83 37.59
C VAL O 78 113.78 -49.79 38.03
N ILE O 79 114.03 -48.53 37.66
CA ILE O 79 113.11 -47.44 37.92
C ILE O 79 112.18 -47.28 36.72
N THR O 80 110.88 -47.32 36.99
CA THR O 80 109.89 -47.58 35.93
C THR O 80 109.76 -46.39 34.98
N ASN O 81 109.62 -45.18 35.51
CA ASN O 81 109.37 -44.01 34.68
C ASN O 81 110.18 -42.83 35.17
N ILE O 82 111.03 -42.29 34.29
CA ILE O 82 111.85 -41.14 34.59
C ILE O 82 111.18 -39.94 33.94
N GLY O 83 110.40 -39.20 34.72
CA GLY O 83 109.91 -37.92 34.26
C GLY O 83 111.05 -36.96 33.98
N ARG O 84 110.70 -35.83 33.37
CA ARG O 84 111.71 -34.84 33.02
C ARG O 84 111.18 -33.44 33.33
N ASN O 85 111.90 -32.68 34.15
CA ASN O 85 111.53 -31.29 34.39
C ASN O 85 112.20 -30.42 33.33
N THR O 86 111.42 -29.57 32.67
CA THR O 86 111.87 -28.71 31.57
C THR O 86 111.81 -27.25 32.00
N TYR O 87 112.92 -26.55 31.84
CA TYR O 87 112.98 -25.12 32.07
C TYR O 87 112.97 -24.42 30.71
N GLY O 88 112.33 -23.25 30.66
CA GLY O 88 112.08 -22.57 29.39
C GLY O 88 112.58 -21.14 29.29
N PHE O 89 113.34 -20.85 28.24
CA PHE O 89 113.92 -19.52 28.03
C PHE O 89 113.43 -19.01 26.69
N LEU O 90 112.73 -17.87 26.69
CA LEU O 90 112.08 -17.44 25.47
C LEU O 90 112.23 -15.95 25.25
N VAL O 91 112.62 -15.60 24.02
CA VAL O 91 112.80 -14.23 23.58
C VAL O 91 111.76 -13.97 22.50
N ARG O 92 111.03 -12.86 22.64
CA ARG O 92 110.04 -12.41 21.66
C ARG O 92 110.48 -11.06 21.11
N LYS O 93 110.51 -10.94 19.78
CA LYS O 93 110.99 -9.70 19.16
C LYS O 93 110.03 -9.24 18.07
N GLY O 94 109.68 -7.96 18.13
CA GLY O 94 108.83 -7.37 17.11
C GLY O 94 109.62 -7.18 15.82
N VAL O 95 109.15 -7.79 14.73
CA VAL O 95 109.83 -7.79 13.43
C VAL O 95 108.81 -7.51 12.35
N ILE O 96 109.13 -6.63 11.41
CA ILE O 96 108.14 -6.15 10.45
C ILE O 96 108.33 -6.92 9.13
N PRO O 97 107.30 -7.64 8.65
CA PRO O 97 107.52 -8.47 7.45
C PRO O 97 107.47 -7.71 6.13
N ALA O 98 106.58 -6.74 5.96
CA ALA O 98 106.47 -6.08 4.67
C ALA O 98 106.61 -4.57 4.81
N VAL O 99 106.33 -3.90 3.70
CA VAL O 99 106.59 -2.47 3.62
C VAL O 99 105.63 -1.70 4.50
N ASN O 100 104.39 -2.18 4.63
CA ASN O 100 103.43 -1.48 5.48
C ASN O 100 102.67 -2.41 6.40
N GLN O 101 103.23 -3.58 6.70
CA GLN O 101 102.50 -4.56 7.50
C GLN O 101 102.69 -4.34 9.00
N SER O 102 101.75 -4.90 9.76
CA SER O 102 101.83 -4.89 11.21
C SER O 102 102.99 -5.77 11.67
N PRO O 103 103.64 -5.44 12.78
CA PRO O 103 104.76 -6.25 13.24
C PRO O 103 104.32 -7.65 13.64
N GLN O 104 105.09 -8.63 13.20
CA GLN O 104 105.04 -10.04 13.59
C GLN O 104 106.03 -10.29 14.71
N VAL O 105 105.84 -11.39 15.43
CA VAL O 105 106.67 -11.71 16.58
C VAL O 105 107.65 -12.80 16.20
N MET O 106 108.87 -12.42 15.82
CA MET O 106 109.94 -13.42 15.78
C MET O 106 110.11 -14.01 17.17
N LEU O 107 110.49 -15.27 17.21
CA LEU O 107 110.44 -16.01 18.46
C LEU O 107 111.62 -16.96 18.56
N VAL O 108 112.46 -16.78 19.58
CA VAL O 108 113.60 -17.66 19.83
C VAL O 108 113.33 -18.34 21.18
N ARG O 109 113.14 -19.66 21.16
CA ARG O 109 112.78 -20.35 22.40
C ARG O 109 113.65 -21.57 22.63
N VAL O 110 114.15 -21.66 23.85
CA VAL O 110 115.02 -22.73 24.32
C VAL O 110 114.24 -23.53 25.37
N GLU O 111 114.43 -24.84 25.34
CA GLU O 111 113.87 -25.74 26.34
C GLU O 111 114.97 -26.66 26.83
N ILE O 112 115.12 -26.73 28.14
CA ILE O 112 116.13 -27.53 28.80
C ILE O 112 115.39 -28.61 29.57
N SER O 113 115.38 -29.84 29.05
CA SER O 113 114.71 -30.96 29.69
C SER O 113 115.75 -31.80 30.44
N VAL O 114 115.65 -31.79 31.76
CA VAL O 114 116.53 -32.54 32.65
C VAL O 114 115.76 -33.74 33.19
N PRO O 115 116.28 -34.95 33.06
CA PRO O 115 115.59 -36.11 33.63
C PRO O 115 115.60 -36.08 35.14
N ALA O 116 114.77 -36.95 35.71
CA ALA O 116 114.33 -36.79 37.08
C ALA O 116 115.49 -36.94 38.07
N GLY O 117 116.34 -37.93 37.85
CA GLY O 117 117.37 -38.28 38.81
C GLY O 117 118.67 -37.60 38.48
N ALA O 118 118.73 -37.05 37.26
CA ALA O 118 119.95 -36.42 36.74
C ALA O 118 120.48 -35.34 37.66
N ASP O 119 119.59 -34.40 38.03
CA ASP O 119 119.98 -33.16 38.72
C ASP O 119 120.81 -33.43 39.97
N THR O 120 120.61 -34.60 40.58
CA THR O 120 121.34 -35.01 41.76
C THR O 120 122.47 -35.99 41.44
N TYR O 121 122.15 -37.10 40.76
CA TYR O 121 123.15 -38.15 40.61
C TYR O 121 124.27 -37.74 39.66
N ASP O 122 123.93 -37.14 38.51
CA ASP O 122 124.92 -36.81 37.47
C ASP O 122 124.74 -35.34 37.10
N ALA O 123 125.33 -34.45 37.90
CA ALA O 123 125.19 -33.03 37.65
C ALA O 123 126.23 -32.53 36.66
N ALA O 124 127.39 -33.18 36.61
CA ALA O 124 128.45 -32.74 35.72
C ALA O 124 128.02 -32.86 34.27
N ASN O 125 127.29 -33.93 33.93
CA ASN O 125 126.88 -34.10 32.54
C ASN O 125 125.77 -33.12 32.14
N VAL O 126 124.87 -32.81 33.08
CA VAL O 126 123.88 -31.75 32.84
C VAL O 126 124.59 -30.43 32.56
N LYS O 127 125.50 -30.02 33.45
CA LYS O 127 126.22 -28.77 33.25
C LYS O 127 126.98 -28.79 31.93
N ALA O 128 127.50 -29.96 31.55
CA ALA O 128 128.28 -30.07 30.32
C ALA O 128 127.41 -29.90 29.08
N ALA O 129 126.22 -30.51 29.08
CA ALA O 129 125.30 -30.31 27.97
C ALA O 129 124.94 -28.83 27.82
N LEU O 130 124.66 -28.16 28.95
CA LEU O 130 124.33 -26.74 28.89
C LEU O 130 125.50 -25.91 28.37
N SER O 131 126.71 -26.18 28.87
CA SER O 131 127.86 -25.37 28.46
C SER O 131 128.21 -25.61 26.99
N ALA O 132 128.04 -26.84 26.50
CA ALA O 132 128.31 -27.11 25.09
C ALA O 132 127.26 -26.45 24.20
N ALA O 133 125.99 -26.56 24.56
CA ALA O 133 124.93 -25.92 23.78
C ALA O 133 125.13 -24.41 23.70
N ILE O 134 125.32 -23.76 24.85
CA ILE O 134 125.47 -22.31 24.86
C ILE O 134 126.80 -21.88 24.24
N GLY O 135 127.86 -22.68 24.40
CA GLY O 135 129.13 -22.33 23.79
C GLY O 135 129.09 -22.39 22.27
N VAL O 136 128.41 -23.40 21.72
CA VAL O 136 128.24 -23.47 20.27
C VAL O 136 127.35 -22.32 19.80
N LEU O 137 126.30 -21.98 20.56
CA LEU O 137 125.45 -20.87 20.16
C LEU O 137 126.23 -19.56 20.12
N SER O 138 127.04 -19.27 21.14
CA SER O 138 127.79 -18.02 21.15
C SER O 138 128.92 -18.03 20.13
N GLN O 139 129.50 -19.20 19.84
CA GLN O 139 130.53 -19.27 18.81
C GLN O 139 129.95 -19.00 17.44
N GLN O 140 128.79 -19.56 17.15
CA GLN O 140 128.17 -19.44 15.84
C GLN O 140 127.00 -18.47 15.83
N SER O 141 127.03 -17.44 16.68
CA SER O 141 125.91 -16.50 16.72
C SER O 141 125.79 -15.73 15.41
N ALA O 142 126.90 -15.17 14.93
CA ALA O 142 126.87 -14.43 13.67
C ALA O 142 126.44 -15.34 12.53
N GLY O 143 126.96 -16.58 12.51
CA GLY O 143 126.63 -17.49 11.43
C GLY O 143 125.19 -17.96 11.47
N ILE O 144 124.62 -18.12 12.67
CA ILE O 144 123.20 -18.49 12.78
C ILE O 144 122.31 -17.32 12.36
N GLY O 145 122.73 -16.09 12.64
CA GLY O 145 122.01 -14.95 12.07
C GLY O 145 122.06 -14.96 10.55
N ASP O 146 123.26 -15.13 9.99
CA ASP O 146 123.42 -15.25 8.54
C ASP O 146 122.52 -16.34 7.97
N THR O 147 122.38 -17.46 8.68
CA THR O 147 121.51 -18.53 8.23
C THR O 147 120.04 -18.14 8.34
N ALA O 148 119.65 -17.50 9.44
CA ALA O 148 118.26 -17.12 9.65
C ALA O 148 117.80 -16.11 8.60
N LEU O 149 118.73 -15.35 8.04
CA LEU O 149 118.37 -14.41 6.98
C LEU O 149 118.53 -15.00 5.59
N SER O 150 119.54 -15.85 5.38
CA SER O 150 119.87 -16.33 4.05
C SER O 150 119.06 -17.55 3.65
N GLY O 151 118.69 -18.40 4.58
CA GLY O 151 118.31 -19.76 4.25
C GLY O 151 119.48 -20.65 3.95
N ILE O 152 120.69 -20.15 4.12
CA ILE O 152 121.90 -20.90 3.79
C ILE O 152 122.38 -21.62 5.04
N LEU O 153 122.56 -22.92 4.92
CA LEU O 153 123.08 -23.73 6.01
C LEU O 153 124.55 -24.13 5.74
N ALA P 1 -22.09 32.91 67.62
CA ALA P 1 -21.62 33.82 68.67
C ALA P 1 -21.23 33.06 69.93
N TYR P 2 -20.20 32.21 69.83
CA TYR P 2 -19.72 31.39 70.95
C TYR P 2 -18.40 31.96 71.46
N SER P 3 -18.42 32.52 72.69
CA SER P 3 -17.22 33.11 73.31
C SER P 3 -17.34 33.00 74.83
N PRO P 4 -16.66 32.03 75.43
CA PRO P 4 -16.76 31.83 76.88
C PRO P 4 -15.97 32.89 77.65
N SER P 5 -16.25 32.96 78.95
CA SER P 5 -15.65 33.92 79.88
C SER P 5 -14.52 33.28 80.67
N THR P 6 -13.65 34.14 81.25
CA THR P 6 -12.42 33.64 81.85
C THR P 6 -12.69 32.73 83.04
N PRO P 7 -13.42 33.15 84.10
CA PRO P 7 -13.95 32.16 85.04
C PRO P 7 -15.34 31.69 84.63
N VAL P 8 -15.49 30.41 84.34
CA VAL P 8 -16.78 29.83 84.04
C VAL P 8 -17.36 29.30 85.34
N THR P 9 -18.54 29.79 85.69
CA THR P 9 -19.25 29.29 86.87
C THR P 9 -19.74 27.88 86.54
N GLY P 10 -19.06 26.87 87.08
CA GLY P 10 -19.39 25.49 86.76
C GLY P 10 -20.71 25.06 87.38
N ALA P 11 -21.44 24.21 86.67
CA ALA P 11 -22.75 23.81 87.13
C ALA P 11 -22.64 23.02 88.42
N ALA P 12 -23.69 23.08 89.22
CA ALA P 12 -23.64 22.49 90.56
C ALA P 12 -23.37 21.00 90.46
N GLN P 13 -22.49 20.51 91.33
CA GLN P 13 -22.19 19.10 91.44
C GLN P 13 -22.18 18.70 92.91
N THR P 14 -22.23 17.39 93.15
CA THR P 14 -22.60 16.88 94.48
C THR P 14 -21.59 17.31 95.54
N GLY P 15 -20.32 16.99 95.33
CA GLY P 15 -19.32 17.35 96.32
C GLY P 15 -18.67 18.70 96.14
N PHE P 16 -19.13 19.52 95.19
CA PHE P 16 -18.46 20.76 94.85
C PHE P 16 -19.13 21.95 95.50
N THR P 17 -18.33 22.83 96.07
CA THR P 17 -18.80 24.08 96.65
C THR P 17 -18.32 25.23 95.78
N SER P 18 -19.26 25.93 95.14
CA SER P 18 -18.98 27.08 94.30
C SER P 18 -17.84 26.84 93.31
N PRO P 19 -18.00 25.87 92.38
CA PRO P 19 -16.90 25.53 91.48
C PRO P 19 -16.81 26.47 90.28
N THR P 20 -15.60 26.90 89.96
CA THR P 20 -15.33 27.74 88.79
C THR P 20 -14.14 27.15 88.03
N TYR P 21 -14.12 27.36 86.72
CA TYR P 21 -13.04 26.83 85.89
C TYR P 21 -12.46 27.96 85.05
N THR P 22 -11.15 28.14 85.14
CA THR P 22 -10.45 29.18 84.37
C THR P 22 -10.10 28.60 83.01
N LEU P 23 -10.52 29.29 81.95
CA LEU P 23 -10.26 28.84 80.59
C LEU P 23 -9.09 29.62 80.01
N THR P 24 -8.19 28.89 79.35
CA THR P 24 -7.12 29.48 78.56
C THR P 24 -7.37 29.15 77.10
N SER P 25 -7.14 30.13 76.23
CA SER P 25 -7.47 29.94 74.82
C SER P 25 -6.53 28.92 74.20
N ASP P 26 -7.08 28.04 73.36
CA ASP P 26 -6.34 26.97 72.71
C ASP P 26 -6.67 26.95 71.23
N THR P 27 -5.74 26.45 70.43
CA THR P 27 -6.00 26.26 69.01
C THR P 27 -6.75 24.96 68.79
N ALA P 28 -7.81 25.02 67.99
CA ALA P 28 -8.73 23.91 67.79
C ALA P 28 -8.19 22.91 66.76
N PRO P 29 -8.75 21.68 66.72
CA PRO P 29 -8.20 20.67 65.80
C PRO P 29 -8.60 20.89 64.35
N THR P 30 -9.81 21.38 64.12
CA THR P 30 -10.24 21.80 62.80
C THR P 30 -10.17 23.31 62.68
N ALA P 31 -10.30 23.79 61.45
CA ALA P 31 -10.42 25.23 61.20
C ALA P 31 -11.85 25.72 61.43
N LEU P 32 -12.76 24.83 61.81
CA LEU P 32 -14.15 25.18 62.06
C LEU P 32 -14.49 25.11 63.54
N GLY P 33 -13.48 25.10 64.40
CA GLY P 33 -13.70 24.96 65.83
C GLY P 33 -13.03 26.06 66.61
N LYS P 34 -13.65 26.38 67.74
CA LYS P 34 -13.05 27.23 68.76
C LYS P 34 -12.89 26.37 70.01
N GLN P 35 -11.67 26.30 70.55
CA GLN P 35 -11.37 25.40 71.66
C GLN P 35 -10.68 26.15 72.78
N HIS P 36 -11.12 25.91 74.01
CA HIS P 36 -10.43 26.38 75.20
C HIS P 36 -9.99 25.18 76.02
N ALA P 37 -8.94 25.37 76.82
CA ALA P 37 -8.48 24.35 77.75
C ALA P 37 -8.62 24.86 79.18
N VAL P 38 -8.97 23.96 80.09
CA VAL P 38 -9.17 24.33 81.49
C VAL P 38 -7.79 24.33 82.15
N THR P 39 -7.21 25.52 82.29
CA THR P 39 -5.86 25.65 82.82
C THR P 39 -5.81 25.58 84.35
N ALA P 40 -6.90 25.95 85.03
CA ALA P 40 -6.93 25.92 86.50
C ALA P 40 -8.36 25.87 87.00
N THR P 41 -8.53 25.38 88.23
CA THR P 41 -9.84 25.27 88.87
C THR P 41 -9.88 26.10 90.14
N GLY P 42 -11.01 26.74 90.37
CA GLY P 42 -11.28 27.43 91.62
C GLY P 42 -12.52 26.84 92.26
N GLY P 43 -12.69 27.07 93.55
CA GLY P 43 -13.76 26.44 94.31
C GLY P 43 -13.27 25.20 95.06
N THR P 44 -14.17 24.65 95.87
CA THR P 44 -13.85 23.47 96.69
C THR P 44 -14.28 22.21 95.93
N GLN P 45 -13.45 21.84 94.96
CA GLN P 45 -13.58 20.60 94.20
C GLN P 45 -12.26 19.87 94.34
N THR P 46 -12.14 19.07 95.38
CA THR P 46 -10.86 18.48 95.74
C THR P 46 -10.58 17.29 94.82
N GLY P 47 -9.35 17.20 94.32
CA GLY P 47 -8.94 16.13 93.44
C GLY P 47 -9.08 16.41 91.95
N VAL P 48 -9.74 17.50 91.58
CA VAL P 48 -9.96 17.79 90.17
C VAL P 48 -8.65 18.17 89.50
N THR P 49 -8.32 17.46 88.43
CA THR P 49 -7.08 17.69 87.69
C THR P 49 -7.33 18.57 86.47
N THR P 50 -6.42 19.51 86.22
CA THR P 50 -6.55 20.43 85.11
C THR P 50 -5.97 19.81 83.84
N HIS P 51 -5.98 20.58 82.75
CA HIS P 51 -5.52 20.08 81.45
C HIS P 51 -4.04 19.76 81.51
N SER P 52 -3.70 18.52 81.20
CA SER P 52 -2.34 18.06 81.04
C SER P 52 -2.21 17.37 79.69
N VAL P 53 -0.97 17.13 79.29
CA VAL P 53 -0.77 16.35 78.07
C VAL P 53 -1.33 14.95 78.23
N SER P 54 -1.11 14.35 79.41
CA SER P 54 -1.54 12.98 79.64
C SER P 54 -3.05 12.89 79.82
N SER P 55 -3.65 13.86 80.53
CA SER P 55 -5.07 13.86 80.82
C SER P 55 -5.68 15.22 80.47
N PRO P 56 -6.36 15.34 79.33
CA PRO P 56 -6.81 16.64 78.86
C PRO P 56 -8.07 17.11 79.56
N PHE P 57 -8.27 18.43 79.53
CA PHE P 57 -9.51 19.07 79.96
C PHE P 57 -9.79 20.16 78.93
N THR P 58 -10.62 19.83 77.92
CA THR P 58 -10.80 20.69 76.77
C THR P 58 -12.28 20.85 76.42
N ILE P 59 -12.62 22.05 75.94
CA ILE P 59 -13.98 22.44 75.60
C ILE P 59 -13.93 23.03 74.19
N THR P 60 -14.41 22.27 73.21
CA THR P 60 -14.31 22.66 71.80
C THR P 60 -15.71 22.72 71.17
N PHE P 61 -15.94 23.75 70.35
CA PHE P 61 -17.24 23.97 69.71
C PHE P 61 -17.01 24.18 68.22
N THR P 62 -17.72 23.41 67.40
CA THR P 62 -17.45 23.33 65.97
C THR P 62 -18.73 23.54 65.17
N ARG P 63 -18.58 24.20 64.02
CA ARG P 63 -19.64 24.38 63.03
C ARG P 63 -19.45 23.41 61.88
N PRO P 64 -20.48 23.15 61.08
CA PRO P 64 -20.32 22.20 59.97
C PRO P 64 -19.47 22.77 58.84
N LYS P 65 -18.84 21.85 58.10
CA LYS P 65 -17.95 22.25 57.01
C LYS P 65 -18.72 23.04 55.95
N THR P 66 -19.89 22.53 55.56
CA THR P 66 -20.71 23.13 54.52
C THR P 66 -22.12 23.32 55.04
N MET P 67 -22.63 24.54 54.92
CA MET P 67 -24.01 24.83 55.29
C MET P 67 -24.97 24.25 54.27
N LYS P 68 -26.16 23.90 54.72
CA LYS P 68 -27.16 23.28 53.86
C LYS P 68 -28.34 24.24 53.69
N THR P 69 -28.65 24.55 52.44
CA THR P 69 -29.85 25.31 52.12
C THR P 69 -30.99 24.35 51.83
N VAL P 70 -32.21 24.86 51.97
CA VAL P 70 -33.37 23.98 51.91
C VAL P 70 -33.90 23.90 50.48
N GLY P 83 -32.37 17.65 54.97
CA GLY P 83 -31.01 18.02 55.33
C GLY P 83 -30.89 18.68 56.70
N ARG P 84 -29.71 18.63 57.30
CA ARG P 84 -29.51 19.19 58.64
C ARG P 84 -28.12 19.80 58.80
N ASN P 85 -28.04 20.94 59.48
CA ASN P 85 -26.77 21.51 59.92
C ASN P 85 -26.60 21.16 61.39
N THR P 86 -25.53 20.42 61.73
CA THR P 86 -25.28 20.01 63.10
C THR P 86 -24.05 20.73 63.65
N TYR P 87 -24.23 21.39 64.79
CA TYR P 87 -23.15 22.04 65.51
C TYR P 87 -22.75 21.17 66.70
N GLY P 88 -21.44 21.14 66.97
CA GLY P 88 -20.93 20.21 67.97
C GLY P 88 -20.16 20.82 69.13
N PHE P 89 -20.53 20.46 70.35
CA PHE P 89 -19.90 20.99 71.56
C PHE P 89 -19.37 19.81 72.36
N LEU P 90 -18.06 19.75 72.56
CA LEU P 90 -17.47 18.54 73.13
C LEU P 90 -16.43 18.87 74.20
N VAL P 91 -16.55 18.16 75.33
CA VAL P 91 -15.67 18.31 76.48
C VAL P 91 -14.95 16.98 76.67
N ARG P 92 -13.62 17.05 76.75
CA ARG P 92 -12.78 15.88 77.03
C ARG P 92 -12.09 16.06 78.37
N LYS P 93 -12.17 15.03 79.22
CA LYS P 93 -11.60 15.13 80.57
C LYS P 93 -10.77 13.90 80.89
N GLY P 94 -9.56 14.13 81.38
CA GLY P 94 -8.71 13.05 81.82
C GLY P 94 -9.23 12.45 83.12
N VAL P 95 -9.57 11.16 83.10
CA VAL P 95 -10.15 10.44 84.24
C VAL P 95 -9.41 9.15 84.42
N ILE P 96 -9.04 8.79 85.64
CA ILE P 96 -8.14 7.67 85.88
C ILE P 96 -8.96 6.47 86.34
N PRO P 97 -8.97 5.35 85.60
CA PRO P 97 -9.87 4.25 85.97
C PRO P 97 -9.40 3.38 87.12
N ALA P 98 -8.13 3.08 87.25
CA ALA P 98 -7.70 2.22 88.33
C ALA P 98 -6.57 2.82 89.14
N VAL P 99 -6.09 2.02 90.09
CA VAL P 99 -5.18 2.52 91.11
C VAL P 99 -3.87 2.96 90.50
N ASN P 100 -3.44 2.32 89.40
CA ASN P 100 -2.18 2.72 88.79
C ASN P 100 -2.30 2.86 87.28
N GLN P 101 -3.51 2.95 86.73
CA GLN P 101 -3.66 2.91 85.29
C GLN P 101 -3.45 4.27 84.64
N SER P 102 -3.25 4.21 83.32
CA SER P 102 -3.14 5.42 82.52
C SER P 102 -4.49 6.12 82.45
N PRO P 103 -4.48 7.44 82.32
CA PRO P 103 -5.75 8.18 82.26
C PRO P 103 -6.50 7.86 80.98
N GLN P 104 -7.80 7.58 81.13
CA GLN P 104 -8.81 7.46 80.10
C GLN P 104 -9.49 8.80 79.89
N VAL P 105 -10.14 8.96 78.73
CA VAL P 105 -10.77 10.23 78.38
C VAL P 105 -12.27 10.09 78.57
N MET P 106 -12.79 10.60 79.68
CA MET P 106 -14.23 10.80 79.76
C MET P 106 -14.63 11.84 78.72
N LEU P 107 -15.85 11.70 78.22
CA LEU P 107 -16.23 12.47 77.05
C LEU P 107 -17.69 12.90 77.17
N VAL P 108 -17.93 14.21 77.14
CA VAL P 108 -19.28 14.76 77.18
C VAL P 108 -19.48 15.51 75.87
N ARG P 109 -20.35 15.00 75.00
CA ARG P 109 -20.51 15.61 73.69
C ARG P 109 -21.97 15.92 73.40
N VAL P 110 -22.19 17.11 72.85
CA VAL P 110 -23.50 17.64 72.52
C VAL P 110 -23.53 17.88 71.01
N GLU P 111 -24.64 17.50 70.40
CA GLU P 111 -24.88 17.74 68.98
C GLU P 111 -26.21 18.46 68.83
N ILE P 112 -26.20 19.57 68.10
CA ILE P 112 -27.36 20.39 67.86
C ILE P 112 -27.65 20.31 66.36
N SER P 113 -28.66 19.54 65.97
CA SER P 113 -29.03 19.36 64.58
C SER P 113 -30.23 20.24 64.27
N VAL P 114 -29.98 21.30 63.50
CA VAL P 114 -30.99 22.24 63.06
C VAL P 114 -31.38 21.88 61.63
N PRO P 115 -32.66 21.61 61.35
CA PRO P 115 -33.10 21.41 59.96
C PRO P 115 -32.82 22.63 59.11
N ALA P 116 -32.96 22.45 57.78
CA ALA P 116 -32.45 23.43 56.83
C ALA P 116 -33.20 24.75 56.92
N GLY P 117 -34.51 24.74 56.67
CA GLY P 117 -35.27 25.98 56.67
C GLY P 117 -35.59 26.52 58.04
N ALA P 118 -35.30 25.71 59.07
CA ALA P 118 -35.61 26.06 60.45
C ALA P 118 -34.97 27.39 60.85
N ASP P 119 -33.65 27.49 60.67
CA ASP P 119 -32.85 28.62 61.17
C ASP P 119 -33.46 29.97 60.80
N THR P 120 -34.12 30.03 59.65
CA THR P 120 -34.73 31.25 59.16
C THR P 120 -36.22 31.31 59.43
N TYR P 121 -36.99 30.31 59.00
CA TYR P 121 -38.44 30.41 59.06
C TYR P 121 -38.96 30.32 60.49
N ASP P 122 -38.41 29.41 61.30
CA ASP P 122 -38.90 29.19 62.65
C ASP P 122 -37.70 29.25 63.60
N ALA P 123 -37.30 30.45 63.98
CA ALA P 123 -36.14 30.59 64.85
C ALA P 123 -36.52 30.48 66.32
N ALA P 124 -37.77 30.84 66.65
CA ALA P 124 -38.19 30.80 68.05
C ALA P 124 -38.18 29.37 68.58
N ASN P 125 -38.64 28.42 67.77
CA ASN P 125 -38.65 27.03 68.23
C ASN P 125 -37.26 26.45 68.35
N VAL P 126 -36.34 26.85 67.46
CA VAL P 126 -34.94 26.46 67.60
C VAL P 126 -34.39 26.94 68.94
N LYS P 127 -34.53 28.25 69.19
CA LYS P 127 -34.04 28.82 70.44
C LYS P 127 -34.70 28.17 71.65
N ALA P 128 -35.97 27.77 71.51
CA ALA P 128 -36.68 27.17 72.63
C ALA P 128 -36.19 25.76 72.91
N ALA P 129 -35.91 24.98 71.87
CA ALA P 129 -35.28 23.68 72.07
C ALA P 129 -33.97 23.82 72.83
N LEU P 130 -33.13 24.77 72.40
CA LEU P 130 -31.85 24.97 73.07
C LEU P 130 -32.05 25.43 74.52
N SER P 131 -33.03 26.31 74.74
CA SER P 131 -33.30 26.83 76.08
C SER P 131 -33.76 25.72 77.02
N ALA P 132 -34.75 24.93 76.58
CA ALA P 132 -35.23 23.81 77.39
C ALA P 132 -34.10 22.83 77.69
N ALA P 133 -33.34 22.45 76.66
CA ALA P 133 -32.26 21.47 76.85
C ALA P 133 -31.24 21.95 77.88
N ILE P 134 -30.70 23.15 77.68
CA ILE P 134 -29.67 23.64 78.58
C ILE P 134 -30.26 23.93 79.96
N GLY P 135 -31.53 24.34 80.04
CA GLY P 135 -32.13 24.61 81.33
C GLY P 135 -32.32 23.37 82.16
N VAL P 136 -32.78 22.28 81.54
CA VAL P 136 -32.89 21.01 82.26
C VAL P 136 -31.51 20.50 82.64
N LEU P 137 -30.52 20.67 81.75
CA LEU P 137 -29.16 20.23 82.08
C LEU P 137 -28.62 20.97 83.30
N SER P 138 -28.80 22.29 83.36
CA SER P 138 -28.28 23.04 84.50
C SER P 138 -29.10 22.76 85.76
N GLN P 139 -30.41 22.51 85.62
CA GLN P 139 -31.22 22.19 86.79
C GLN P 139 -30.82 20.86 87.40
N GLN P 140 -30.60 19.84 86.58
CA GLN P 140 -30.30 18.52 87.06
C GLN P 140 -28.81 18.20 87.00
N SER P 141 -27.94 19.22 86.99
CA SER P 141 -26.51 18.96 86.85
C SER P 141 -25.99 18.04 87.95
N ALA P 142 -26.32 18.39 89.20
CA ALA P 142 -25.90 17.58 90.33
C ALA P 142 -26.44 16.16 90.23
N GLY P 143 -27.73 16.03 89.90
CA GLY P 143 -28.33 14.72 89.81
C GLY P 143 -27.79 13.88 88.67
N ILE P 144 -27.40 14.52 87.57
CA ILE P 144 -26.82 13.81 86.44
C ILE P 144 -25.42 13.33 86.78
N GLY P 145 -24.67 14.10 87.57
CA GLY P 145 -23.42 13.55 88.11
C GLY P 145 -23.66 12.38 89.03
N ASP P 146 -24.62 12.52 89.95
CA ASP P 146 -25.01 11.40 90.81
C ASP P 146 -25.35 10.18 90.00
N THR P 147 -26.02 10.36 88.86
CA THR P 147 -26.36 9.23 88.00
C THR P 147 -25.13 8.68 87.29
N ALA P 148 -24.23 9.56 86.82
CA ALA P 148 -23.02 9.11 86.15
C ALA P 148 -22.14 8.28 87.06
N LEU P 149 -22.28 8.45 88.37
CA LEU P 149 -21.56 7.62 89.32
C LEU P 149 -22.37 6.42 89.83
N SER P 150 -23.70 6.56 89.94
CA SER P 150 -24.55 5.52 90.51
C SER P 150 -24.91 4.45 89.49
N GLY P 151 -25.14 4.85 88.25
CA GLY P 151 -25.75 3.98 87.27
C GLY P 151 -27.26 3.98 87.29
N ILE P 152 -27.88 4.90 88.04
CA ILE P 152 -29.32 4.85 88.30
C ILE P 152 -29.95 6.19 87.95
N LEU P 153 -31.09 6.12 87.25
CA LEU P 153 -31.88 7.30 86.92
C LEU P 153 -32.89 7.61 88.03
N ALA Q 1 -3.42 41.31 51.47
CA ALA Q 1 -3.88 42.41 52.31
C ALA Q 1 -5.38 42.69 52.09
N TYR Q 2 -6.23 41.72 52.44
CA TYR Q 2 -7.67 41.82 52.26
C TYR Q 2 -8.32 42.01 53.63
N SER Q 3 -8.93 43.18 53.86
CA SER Q 3 -9.61 43.49 55.12
C SER Q 3 -10.73 44.49 54.87
N PRO Q 4 -11.97 44.03 54.75
CA PRO Q 4 -13.09 44.94 54.46
C PRO Q 4 -13.46 45.79 55.67
N SER Q 5 -14.27 46.83 55.41
CA SER Q 5 -14.68 47.82 56.39
C SER Q 5 -16.10 47.54 56.89
N THR Q 6 -16.46 48.19 58.01
CA THR Q 6 -17.72 47.84 58.67
C THR Q 6 -18.92 48.19 57.81
N PRO Q 7 -19.13 49.45 57.38
CA PRO Q 7 -20.08 49.68 56.30
C PRO Q 7 -19.37 49.65 54.96
N VAL Q 8 -19.72 48.69 54.11
CA VAL Q 8 -19.24 48.65 52.73
C VAL Q 8 -20.25 49.42 51.90
N THR Q 9 -19.78 50.41 51.18
CA THR Q 9 -20.66 51.16 50.30
C THR Q 9 -20.87 50.36 49.03
N GLY Q 10 -22.08 49.81 48.89
CA GLY Q 10 -22.35 48.91 47.80
C GLY Q 10 -22.36 49.61 46.47
N ALA Q 11 -21.91 48.90 45.44
CA ALA Q 11 -21.91 49.44 44.10
C ALA Q 11 -23.32 49.76 43.65
N ALA Q 12 -23.44 50.79 42.81
CA ALA Q 12 -24.75 51.30 42.43
C ALA Q 12 -25.57 50.21 41.77
N GLN Q 13 -26.85 50.17 42.11
CA GLN Q 13 -27.81 49.27 41.51
C GLN Q 13 -29.07 50.04 41.18
N THR Q 14 -29.91 49.43 40.33
CA THR Q 14 -30.97 50.19 39.66
C THR Q 14 -31.96 50.79 40.66
N GLY Q 15 -32.60 49.96 41.47
CA GLY Q 15 -33.56 50.49 42.41
C GLY Q 15 -33.01 50.94 43.74
N PHE Q 16 -31.71 50.90 43.95
CA PHE Q 16 -31.12 51.16 45.26
C PHE Q 16 -30.66 52.61 45.35
N THR Q 17 -30.99 53.25 46.47
CA THR Q 17 -30.52 54.60 46.75
C THR Q 17 -29.49 54.52 47.88
N SER Q 18 -28.22 54.77 47.55
CA SER Q 18 -27.12 54.85 48.51
C SER Q 18 -27.02 53.61 49.39
N PRO Q 19 -26.81 52.44 48.81
CA PRO Q 19 -26.86 51.21 49.60
C PRO Q 19 -25.54 50.94 50.29
N THR Q 20 -25.63 50.50 51.54
CA THR Q 20 -24.48 50.09 52.34
C THR Q 20 -24.80 48.75 52.99
N TYR Q 21 -23.75 47.97 53.24
CA TYR Q 21 -23.89 46.66 53.83
C TYR Q 21 -22.95 46.55 55.02
N THR Q 22 -23.49 46.22 56.18
CA THR Q 22 -22.71 46.04 57.40
C THR Q 22 -22.16 44.62 57.44
N LEU Q 23 -20.85 44.51 57.63
CA LEU Q 23 -20.19 43.21 57.67
C LEU Q 23 -19.89 42.83 59.12
N THR Q 24 -20.21 41.60 59.47
CA THR Q 24 -19.81 41.00 60.73
C THR Q 24 -18.82 39.88 60.43
N SER Q 25 -17.81 39.72 61.27
CA SER Q 25 -16.75 38.77 60.98
C SER Q 25 -17.22 37.34 61.20
N ASP Q 26 -16.85 36.45 60.27
CA ASP Q 26 -17.28 35.06 60.27
C ASP Q 26 -16.08 34.15 60.10
N THR Q 27 -16.21 32.92 60.59
CA THR Q 27 -15.19 31.91 60.38
C THR Q 27 -15.37 31.28 59.00
N ALA Q 28 -14.28 31.17 58.26
CA ALA Q 28 -14.28 30.74 56.87
C ALA Q 28 -14.25 29.22 56.77
N PRO Q 29 -14.70 28.66 55.64
CA PRO Q 29 -14.81 27.20 55.56
C PRO Q 29 -13.45 26.51 55.49
N THR Q 30 -12.54 27.01 54.67
CA THR Q 30 -11.17 26.53 54.70
C THR Q 30 -10.37 27.31 55.73
N ALA Q 31 -9.20 26.78 56.06
CA ALA Q 31 -8.25 27.57 56.83
C ALA Q 31 -7.57 28.64 55.98
N LEU Q 32 -7.81 28.64 54.66
CA LEU Q 32 -7.17 29.56 53.73
C LEU Q 32 -8.09 30.68 53.30
N GLY Q 33 -9.16 30.92 54.03
CA GLY Q 33 -10.12 31.93 53.66
C GLY Q 33 -10.38 32.90 54.78
N LYS Q 34 -10.69 34.13 54.40
CA LYS Q 34 -11.29 35.12 55.29
C LYS Q 34 -12.72 35.34 54.82
N GLN Q 35 -13.67 35.26 55.75
CA GLN Q 35 -15.08 35.35 55.38
C GLN Q 35 -15.81 36.33 56.28
N HIS Q 36 -16.62 37.18 55.67
CA HIS Q 36 -17.53 38.06 56.40
C HIS Q 36 -18.96 37.77 56.00
N ALA Q 37 -19.89 38.01 56.92
CA ALA Q 37 -21.31 37.84 56.65
C ALA Q 37 -22.01 39.20 56.71
N VAL Q 38 -22.96 39.43 55.82
CA VAL Q 38 -23.70 40.69 55.79
C VAL Q 38 -24.80 40.58 56.85
N THR Q 39 -24.53 41.12 58.04
CA THR Q 39 -25.47 41.01 59.15
C THR Q 39 -26.64 42.00 59.03
N ALA Q 40 -26.44 43.15 58.39
CA ALA Q 40 -27.49 44.15 58.28
C ALA Q 40 -27.26 45.04 57.07
N THR Q 41 -28.34 45.62 56.57
CA THR Q 41 -28.32 46.45 55.38
C THR Q 41 -28.78 47.87 55.70
N GLY Q 42 -28.08 48.86 55.12
CA GLY Q 42 -28.51 50.24 55.15
C GLY Q 42 -28.70 50.76 53.73
N GLY Q 43 -29.37 51.90 53.64
CA GLY Q 43 -29.76 52.47 52.35
C GLY Q 43 -31.19 52.11 51.99
N THR Q 44 -31.67 52.75 50.93
CA THR Q 44 -33.05 52.55 50.46
C THR Q 44 -33.11 51.43 49.41
N GLN Q 45 -32.76 50.24 49.89
CA GLN Q 45 -32.95 48.98 49.18
C GLN Q 45 -34.04 48.21 49.93
N THR Q 46 -35.16 47.99 49.28
CA THR Q 46 -36.31 47.41 49.96
C THR Q 46 -36.50 45.98 49.49
N GLY Q 47 -36.58 45.08 50.46
CA GLY Q 47 -36.73 43.68 50.22
C GLY Q 47 -35.45 42.88 50.36
N VAL Q 48 -34.33 43.54 50.62
CA VAL Q 48 -33.04 42.86 50.71
C VAL Q 48 -32.94 42.14 52.04
N THR Q 49 -32.67 40.84 52.00
CA THR Q 49 -32.57 40.01 53.19
C THR Q 49 -31.11 39.85 53.61
N THR Q 50 -30.88 39.83 54.93
CA THR Q 50 -29.54 39.71 55.48
C THR Q 50 -29.16 38.23 55.63
N HIS Q 51 -28.03 37.98 56.27
CA HIS Q 51 -27.44 36.64 56.29
C HIS Q 51 -28.17 35.74 57.28
N SER Q 52 -28.71 34.64 56.76
CA SER Q 52 -29.21 33.52 57.54
C SER Q 52 -28.40 32.29 57.15
N VAL Q 53 -28.67 31.15 57.79
CA VAL Q 53 -27.96 29.95 57.37
C VAL Q 53 -28.59 29.38 56.11
N SER Q 54 -29.93 29.39 56.02
CA SER Q 54 -30.59 28.88 54.83
C SER Q 54 -30.64 29.93 53.71
N SER Q 55 -30.56 31.22 54.07
CA SER Q 55 -30.52 32.32 53.11
C SER Q 55 -29.26 33.15 53.39
N PRO Q 56 -28.10 32.69 52.92
CA PRO Q 56 -26.84 33.33 53.33
C PRO Q 56 -26.60 34.65 52.61
N PHE Q 57 -25.69 35.42 53.20
CA PHE Q 57 -25.10 36.62 52.59
C PHE Q 57 -23.64 36.60 53.06
N THR Q 58 -22.78 35.97 52.26
CA THR Q 58 -21.40 35.72 52.67
C THR Q 58 -20.42 36.16 51.61
N ILE Q 59 -19.31 36.75 52.07
CA ILE Q 59 -18.25 37.28 51.24
C ILE Q 59 -16.95 36.64 51.71
N THR Q 60 -16.47 35.65 50.97
CA THR Q 60 -15.30 34.88 51.38
C THR Q 60 -14.19 34.99 50.34
N PHE Q 61 -12.94 35.12 50.81
CA PHE Q 61 -11.79 35.34 49.94
C PHE Q 61 -10.68 34.38 50.36
N THR Q 62 -10.18 33.63 49.39
CA THR Q 62 -9.30 32.48 49.66
C THR Q 62 -8.03 32.57 48.83
N ARG Q 63 -6.92 32.12 49.41
CA ARG Q 63 -5.64 31.95 48.77
C ARG Q 63 -5.42 30.48 48.42
N PRO Q 64 -4.51 30.18 47.50
CA PRO Q 64 -4.29 28.77 47.14
C PRO Q 64 -3.58 28.01 48.25
N LYS Q 65 -3.75 26.68 48.22
CA LYS Q 65 -3.15 25.84 49.25
C LYS Q 65 -1.63 25.86 49.16
N THR Q 66 -1.08 25.77 47.95
CA THR Q 66 0.35 25.72 47.73
C THR Q 66 0.74 26.73 46.67
N MET Q 67 1.69 27.60 47.00
CA MET Q 67 2.18 28.57 46.03
C MET Q 67 3.02 27.88 44.96
N LYS Q 68 3.12 28.52 43.80
CA LYS Q 68 3.91 28.01 42.68
C LYS Q 68 4.94 29.04 42.27
N THR Q 69 6.19 28.58 42.10
CA THR Q 69 7.31 29.41 41.70
C THR Q 69 7.49 29.30 40.18
N VAL Q 70 8.17 30.30 39.61
CA VAL Q 70 8.26 30.45 38.16
C VAL Q 70 9.01 29.29 37.52
N GLY Q 71 9.99 28.74 38.20
CA GLY Q 71 10.79 27.71 37.59
C GLY Q 71 11.98 28.28 36.85
N VAL Q 72 12.59 27.41 36.05
CA VAL Q 72 13.93 27.68 35.52
C VAL Q 72 13.95 27.38 34.03
N PRO Q 73 14.58 28.23 33.20
CA PRO Q 73 14.58 27.99 31.76
C PRO Q 73 15.40 26.77 31.36
N ASN Q 74 14.92 26.08 30.32
CA ASN Q 74 15.54 24.87 29.82
C ASN Q 74 16.61 25.21 28.78
N SER Q 75 17.11 24.17 28.09
CA SER Q 75 18.25 24.32 27.19
C SER Q 75 18.03 25.38 26.12
N ASN Q 76 16.77 25.62 25.74
CA ASN Q 76 16.45 26.60 24.71
C ASN Q 76 16.17 27.97 25.28
N GLY Q 77 16.39 28.18 26.57
CA GLY Q 77 16.07 29.43 27.21
C GLY Q 77 14.60 29.65 27.47
N VAL Q 78 13.78 28.60 27.40
CA VAL Q 78 12.33 28.69 27.55
C VAL Q 78 11.92 27.99 28.84
N ILE Q 79 11.05 28.65 29.61
CA ILE Q 79 10.52 28.05 30.84
C ILE Q 79 9.37 27.13 30.49
N THR Q 80 9.53 25.85 30.81
CA THR Q 80 8.69 24.82 30.21
C THR Q 80 7.24 24.94 30.64
N ASN Q 81 7.00 25.15 31.93
CA ASN Q 81 5.64 25.09 32.47
C ASN Q 81 5.48 26.22 33.47
N ILE Q 82 4.59 27.15 33.16
CA ILE Q 82 4.25 28.25 34.04
C ILE Q 82 2.93 27.90 34.71
N GLY Q 83 3.00 27.39 35.94
CA GLY Q 83 1.81 27.27 36.75
C GLY Q 83 1.22 28.62 37.10
N ARG Q 84 0.04 28.60 37.70
CA ARG Q 84 -0.63 29.85 38.06
C ARG Q 84 -1.31 29.73 39.43
N ASN Q 85 -1.08 30.72 40.30
CA ASN Q 85 -1.78 30.76 41.59
C ASN Q 85 -3.07 31.55 41.39
N THR Q 86 -4.20 30.94 41.74
CA THR Q 86 -5.52 31.58 41.62
C THR Q 86 -6.06 31.89 43.00
N TYR Q 87 -6.46 33.15 43.20
CA TYR Q 87 -7.13 33.60 44.41
C TYR Q 87 -8.62 33.75 44.14
N GLY Q 88 -9.44 33.37 45.12
CA GLY Q 88 -10.87 33.29 44.91
C GLY Q 88 -11.73 34.17 45.79
N PHE Q 89 -12.62 34.95 45.20
CA PHE Q 89 -13.50 35.88 45.91
C PHE Q 89 -14.93 35.50 45.59
N LEU Q 90 -15.71 35.08 46.59
CA LEU Q 90 -17.01 34.50 46.31
C LEU Q 90 -18.07 35.05 47.26
N VAL Q 91 -19.19 35.44 46.67
CA VAL Q 91 -20.34 35.98 47.39
C VAL Q 91 -21.51 35.03 47.19
N ARG Q 92 -22.12 34.61 48.28
CA ARG Q 92 -23.31 33.76 48.26
C ARG Q 92 -24.48 34.56 48.82
N LYS Q 93 -25.61 34.53 48.11
CA LYS Q 93 -26.77 35.30 48.52
C LYS Q 93 -28.03 34.46 48.42
N GLY Q 94 -28.80 34.44 49.50
CA GLY Q 94 -30.08 33.77 49.50
C GLY Q 94 -31.08 34.50 48.60
N VAL Q 95 -31.62 33.81 47.59
CA VAL Q 95 -32.57 34.39 46.64
C VAL Q 95 -33.75 33.44 46.52
N ILE Q 96 -34.96 34.00 46.45
CA ILE Q 96 -36.17 33.19 46.50
C ILE Q 96 -36.71 33.04 45.08
N PRO Q 97 -36.79 31.81 44.52
CA PRO Q 97 -37.17 31.69 43.12
C PRO Q 97 -38.68 31.73 42.87
N ALA Q 98 -39.49 31.10 43.71
CA ALA Q 98 -40.91 30.95 43.43
C ALA Q 98 -41.74 31.64 44.51
N VAL Q 99 -43.07 31.49 44.39
CA VAL Q 99 -43.96 32.20 45.28
C VAL Q 99 -43.86 31.65 46.69
N ASN Q 100 -43.78 30.34 46.83
CA ASN Q 100 -43.64 29.73 48.13
C ASN Q 100 -42.40 28.89 48.26
N GLN Q 101 -41.62 28.75 47.20
CA GLN Q 101 -40.44 27.90 47.27
C GLN Q 101 -39.38 28.51 48.18
N SER Q 102 -38.45 27.65 48.57
CA SER Q 102 -37.45 27.94 49.58
C SER Q 102 -36.24 28.63 48.94
N PRO Q 103 -35.43 29.32 49.73
CA PRO Q 103 -34.34 30.11 49.14
C PRO Q 103 -33.26 29.24 48.49
N GLN Q 104 -32.93 29.57 47.25
CA GLN Q 104 -31.77 29.10 46.50
C GLN Q 104 -30.62 30.09 46.68
N VAL Q 105 -29.43 29.70 46.21
CA VAL Q 105 -28.22 30.48 46.47
C VAL Q 105 -27.73 31.09 45.17
N MET Q 106 -28.03 32.37 44.94
CA MET Q 106 -27.32 33.08 43.89
C MET Q 106 -25.85 33.19 44.26
N LEU Q 107 -25.00 33.18 43.24
CA LEU Q 107 -23.57 33.02 43.47
C LEU Q 107 -22.80 33.95 42.56
N VAL Q 108 -21.95 34.80 43.12
CA VAL Q 108 -21.09 35.70 42.35
C VAL Q 108 -19.65 35.37 42.72
N ARG Q 109 -18.91 34.77 41.79
CA ARG Q 109 -17.55 34.32 42.12
C ARG Q 109 -16.53 34.90 41.14
N VAL Q 110 -15.41 35.31 41.69
CA VAL Q 110 -14.30 35.92 40.97
C VAL Q 110 -13.07 35.05 41.21
N GLU Q 111 -12.33 34.80 40.14
CA GLU Q 111 -11.08 34.04 40.20
C GLU Q 111 -9.99 34.88 39.57
N ILE Q 112 -8.88 35.03 40.28
CA ILE Q 112 -7.75 35.83 39.86
C ILE Q 112 -6.59 34.86 39.69
N SER Q 113 -6.28 34.49 38.44
CA SER Q 113 -5.17 33.58 38.13
C SER Q 113 -3.95 34.42 37.75
N VAL Q 114 -2.96 34.43 38.64
CA VAL Q 114 -1.69 35.12 38.45
C VAL Q 114 -0.65 34.09 38.03
N PRO Q 115 -0.06 34.19 36.85
CA PRO Q 115 1.03 33.28 36.46
C PRO Q 115 2.19 33.35 37.46
N ALA Q 116 3.09 32.39 37.32
CA ALA Q 116 4.07 32.16 38.37
C ALA Q 116 5.03 33.32 38.50
N GLY Q 117 5.79 33.61 37.43
CA GLY Q 117 6.80 34.65 37.52
C GLY Q 117 6.27 36.05 37.49
N ALA Q 118 4.97 36.18 37.21
CA ALA Q 118 4.29 37.45 37.09
C ALA Q 118 4.43 38.27 38.35
N ASP Q 119 4.04 37.69 39.50
CA ASP Q 119 3.89 38.41 40.75
C ASP Q 119 5.16 39.17 41.14
N THR Q 120 6.31 38.69 40.68
CA THR Q 120 7.58 39.33 40.97
C THR Q 120 8.11 40.14 39.79
N TYR Q 121 8.18 39.54 38.60
CA TYR Q 121 8.84 40.22 37.48
C TYR Q 121 8.00 41.36 36.93
N ASP Q 122 6.68 41.15 36.75
CA ASP Q 122 5.81 42.13 36.12
C ASP Q 122 4.61 42.35 37.04
N ALA Q 123 4.79 43.20 38.05
CA ALA Q 123 3.70 43.42 39.01
C ALA Q 123 2.76 44.50 38.53
N ALA Q 124 3.28 45.45 37.73
CA ALA Q 124 2.45 46.55 37.27
C ALA Q 124 1.31 46.04 36.39
N ASN Q 125 1.59 45.07 35.52
CA ASN Q 125 0.53 44.56 34.66
C ASN Q 125 -0.49 43.74 35.44
N VAL Q 126 -0.05 43.00 36.46
CA VAL Q 126 -0.98 42.32 37.35
C VAL Q 126 -1.94 43.32 37.98
N LYS Q 127 -1.37 44.33 38.64
CA LYS Q 127 -2.19 45.36 39.28
C LYS Q 127 -3.10 46.04 38.28
N ALA Q 128 -2.64 46.22 37.04
CA ALA Q 128 -3.43 46.90 36.03
C ALA Q 128 -4.61 46.05 35.58
N ALA Q 129 -4.40 44.75 35.41
CA ALA Q 129 -5.53 43.87 35.09
C ALA Q 129 -6.57 43.93 36.20
N LEU Q 130 -6.12 43.88 37.46
CA LEU Q 130 -7.07 43.93 38.57
C LEU Q 130 -7.84 45.25 38.60
N SER Q 131 -7.14 46.37 38.40
CA SER Q 131 -7.81 47.67 38.49
C SER Q 131 -8.76 47.89 37.33
N ALA Q 132 -8.39 47.44 36.13
CA ALA Q 132 -9.30 47.56 34.99
C ALA Q 132 -10.55 46.70 35.19
N ALA Q 133 -10.36 45.45 35.64
CA ALA Q 133 -11.51 44.58 35.88
C ALA Q 133 -12.45 45.17 36.91
N ILE Q 134 -11.91 45.58 38.07
CA ILE Q 134 -12.76 46.09 39.13
C ILE Q 134 -13.35 47.45 38.76
N GLY Q 135 -12.63 48.27 37.97
CA GLY Q 135 -13.17 49.55 37.58
C GLY Q 135 -14.32 49.42 36.60
N VAL Q 136 -14.21 48.51 35.63
CA VAL Q 136 -15.33 48.25 34.74
C VAL Q 136 -16.51 47.67 35.51
N LEU Q 137 -16.23 46.79 36.49
CA LEU Q 137 -17.32 46.22 37.29
C LEU Q 137 -18.06 47.31 38.06
N SER Q 138 -17.33 48.22 38.71
CA SER Q 138 -17.98 49.27 39.48
C SER Q 138 -18.67 50.29 38.57
N GLN Q 139 -18.13 50.51 37.36
CA GLN Q 139 -18.77 51.44 36.44
C GLN Q 139 -20.10 50.89 35.93
N GLN Q 140 -20.12 49.61 35.54
CA GLN Q 140 -21.30 49.00 34.97
C GLN Q 140 -22.09 48.19 35.99
N SER Q 141 -21.95 48.49 37.29
CA SER Q 141 -22.63 47.68 38.30
C SER Q 141 -24.14 47.69 38.09
N ALA Q 142 -24.71 48.88 37.94
CA ALA Q 142 -26.15 48.99 37.73
C ALA Q 142 -26.57 48.25 36.47
N GLY Q 143 -25.82 48.43 35.39
CA GLY Q 143 -26.18 47.80 34.13
C GLY Q 143 -26.04 46.29 34.14
N ILE Q 144 -25.06 45.78 34.89
CA ILE Q 144 -24.89 44.34 35.03
C ILE Q 144 -26.04 43.76 35.84
N GLY Q 145 -26.53 44.49 36.85
CA GLY Q 145 -27.76 44.07 37.51
C GLY Q 145 -28.94 44.05 36.57
N ASP Q 146 -29.11 45.14 35.82
CA ASP Q 146 -30.16 45.20 34.80
C ASP Q 146 -30.09 44.00 33.87
N THR Q 147 -28.87 43.61 33.48
CA THR Q 147 -28.71 42.45 32.60
C THR Q 147 -29.03 41.15 33.33
N ALA Q 148 -28.65 41.05 34.61
CA ALA Q 148 -28.91 39.84 35.37
C ALA Q 148 -30.39 39.58 35.50
N LEU Q 149 -31.21 40.63 35.40
CA LEU Q 149 -32.65 40.47 35.44
C LEU Q 149 -33.31 40.44 34.06
N SER Q 150 -32.75 41.18 33.08
CA SER Q 150 -33.37 41.35 31.77
C SER Q 150 -32.97 40.26 30.80
N GLY Q 151 -31.75 39.74 30.90
CA GLY Q 151 -31.20 38.86 29.88
C GLY Q 151 -30.72 39.60 28.65
N ILE Q 152 -30.55 40.91 28.75
CA ILE Q 152 -30.27 41.76 27.60
C ILE Q 152 -28.88 42.36 27.76
N LEU Q 153 -28.11 42.35 26.67
CA LEU Q 153 -26.78 42.95 26.69
C LEU Q 153 -26.76 44.37 26.14
N ALA R 1 1.02 27.98 74.43
CA ALA R 1 0.76 29.40 74.53
C ALA R 1 1.74 30.19 73.67
N TYR R 2 1.64 30.03 72.34
CA TYR R 2 2.52 30.69 71.37
C TYR R 2 1.74 31.79 70.64
N SER R 3 2.11 33.06 70.89
CA SER R 3 1.45 34.21 70.27
C SER R 3 2.45 35.37 70.16
N PRO R 4 3.00 35.61 68.98
CA PRO R 4 3.99 36.69 68.82
C PRO R 4 3.35 38.07 68.80
N SER R 5 4.19 39.09 68.93
CA SER R 5 3.80 40.49 68.97
C SER R 5 3.97 41.15 67.60
N THR R 6 3.26 42.27 67.38
CA THR R 6 3.26 42.88 66.06
C THR R 6 4.65 43.34 65.64
N PRO R 7 5.35 44.22 66.39
CA PRO R 7 6.78 44.37 66.12
C PRO R 7 7.59 43.39 66.96
N VAL R 8 8.28 42.46 66.30
CA VAL R 8 9.19 41.56 67.00
C VAL R 8 10.57 42.18 66.98
N THR R 9 11.13 42.42 68.16
CA THR R 9 12.50 42.90 68.24
C THR R 9 13.43 41.78 67.79
N GLY R 10 14.03 41.93 66.61
CA GLY R 10 14.91 40.90 66.10
C GLY R 10 16.21 40.82 66.86
N ALA R 11 16.75 39.61 66.98
CA ALA R 11 17.97 39.41 67.73
C ALA R 11 19.13 40.12 67.06
N ALA R 12 20.10 40.55 67.86
CA ALA R 12 21.17 41.38 67.33
C ALA R 12 21.88 40.65 66.20
N GLN R 13 22.23 41.40 65.16
CA GLN R 13 23.01 40.88 64.05
C GLN R 13 24.08 41.89 63.68
N THR R 14 25.05 41.44 62.89
CA THR R 14 26.29 42.21 62.73
C THR R 14 26.02 43.56 62.08
N GLY R 15 25.43 43.58 60.90
CA GLY R 15 25.21 44.85 60.26
C GLY R 15 23.93 45.58 60.62
N PHE R 16 23.15 45.08 61.57
CA PHE R 16 21.82 45.61 61.83
C PHE R 16 21.81 46.50 63.05
N THR R 17 21.15 47.65 62.92
CA THR R 17 20.93 48.58 64.01
C THR R 17 19.45 48.53 64.39
N SER R 18 19.17 48.10 65.61
CA SER R 18 17.82 48.01 66.18
C SER R 18 16.81 47.42 65.21
N PRO R 19 16.98 46.15 64.80
CA PRO R 19 16.09 45.57 63.79
C PRO R 19 14.80 45.03 64.38
N THR R 20 13.68 45.36 63.74
CA THR R 20 12.37 44.86 64.13
C THR R 20 11.67 44.29 62.91
N TYR R 21 10.80 43.31 63.13
CA TYR R 21 10.06 42.65 62.05
C TYR R 21 8.57 42.68 62.36
N THR R 22 7.78 43.26 61.45
CA THR R 22 6.34 43.31 61.59
C THR R 22 5.76 41.99 61.07
N LEU R 23 4.98 41.31 61.90
CA LEU R 23 4.36 40.04 61.51
C LEU R 23 2.91 40.28 61.14
N THR R 24 2.51 39.71 60.00
CA THR R 24 1.10 39.65 59.61
C THR R 24 0.65 38.21 59.75
N SER R 25 -0.52 38.02 60.36
CA SER R 25 -1.03 36.66 60.55
C SER R 25 -1.21 35.97 59.20
N ASP R 26 -0.75 34.73 59.12
CA ASP R 26 -0.90 33.91 57.93
C ASP R 26 -1.47 32.55 58.32
N THR R 27 -2.10 31.89 57.34
CA THR R 27 -2.76 30.62 57.59
C THR R 27 -1.76 29.49 57.37
N ALA R 28 -1.66 28.60 58.35
CA ALA R 28 -0.60 27.61 58.47
C ALA R 28 -0.83 26.42 57.54
N PRO R 29 0.21 25.62 57.28
CA PRO R 29 0.03 24.51 56.33
C PRO R 29 -0.77 23.37 56.90
N THR R 30 -0.59 23.09 58.18
CA THR R 30 -1.39 22.11 58.90
C THR R 30 -2.42 22.82 59.76
N ALA R 31 -3.36 22.03 60.29
CA ALA R 31 -4.33 22.57 61.21
C ALA R 31 -3.78 22.67 62.62
N LEU R 32 -2.59 22.11 62.87
CA LEU R 32 -1.97 22.13 64.18
C LEU R 32 -0.80 23.11 64.23
N GLY R 33 -0.75 24.06 63.32
CA GLY R 33 0.30 25.05 63.28
C GLY R 33 -0.26 26.46 63.31
N LYS R 34 0.53 27.37 63.85
CA LYS R 34 0.26 28.81 63.78
C LYS R 34 1.39 29.44 62.99
N GLN R 35 1.04 30.19 61.94
CA GLN R 35 2.04 30.76 61.06
C GLN R 35 1.84 32.27 60.96
N HIS R 36 2.93 33.01 61.01
CA HIS R 36 2.93 34.41 60.66
C HIS R 36 3.91 34.62 59.51
N ALA R 37 3.77 35.73 58.80
CA ALA R 37 4.69 36.06 57.73
C ALA R 37 5.19 37.49 57.90
N VAL R 38 6.46 37.72 57.59
CA VAL R 38 7.09 39.01 57.82
C VAL R 38 6.64 39.93 56.68
N THR R 39 5.67 40.79 56.96
CA THR R 39 5.15 41.70 55.93
C THR R 39 6.03 42.92 55.74
N ALA R 40 6.74 43.38 56.78
CA ALA R 40 7.59 44.55 56.66
C ALA R 40 8.68 44.53 57.71
N THR R 41 9.77 45.25 57.42
CA THR R 41 10.92 45.35 58.32
C THR R 41 11.12 46.79 58.76
N GLY R 42 11.46 46.96 60.03
CA GLY R 42 11.91 48.24 60.55
C GLY R 42 13.32 48.11 61.08
N GLY R 43 14.01 49.23 61.24
CA GLY R 43 15.40 49.23 61.64
C GLY R 43 16.34 49.40 60.45
N THR R 44 17.63 49.55 60.75
CA THR R 44 18.65 49.75 59.72
C THR R 44 19.23 48.39 59.35
N GLN R 45 18.45 47.65 58.55
CA GLN R 45 18.87 46.39 57.95
C GLN R 45 18.68 46.54 56.46
N THR R 46 19.71 47.01 55.78
CA THR R 46 19.57 47.39 54.39
C THR R 46 19.65 46.15 53.50
N GLY R 47 18.72 46.06 52.55
CA GLY R 47 18.66 44.95 51.61
C GLY R 47 17.75 43.82 52.02
N VAL R 48 17.20 43.86 53.24
CA VAL R 48 16.38 42.76 53.73
C VAL R 48 15.05 42.75 52.99
N THR R 49 14.73 41.64 52.35
CA THR R 49 13.48 41.51 51.59
C THR R 49 12.40 40.84 52.43
N THR R 50 11.19 41.39 52.36
CA THR R 50 10.07 40.86 53.11
C THR R 50 9.46 39.67 52.39
N HIS R 51 8.33 39.18 52.90
CA HIS R 51 7.71 37.98 52.32
C HIS R 51 7.14 38.31 50.95
N SER R 52 7.54 37.52 49.96
CA SER R 52 6.97 37.54 48.62
C SER R 52 6.60 36.12 48.25
N VAL R 53 5.87 35.98 47.15
CA VAL R 53 5.57 34.64 46.67
C VAL R 53 6.84 33.94 46.23
N SER R 54 7.75 34.68 45.59
CA SER R 54 8.98 34.08 45.07
C SER R 54 9.97 33.79 46.19
N SER R 55 10.06 34.68 47.18
CA SER R 55 11.00 34.53 48.29
C SER R 55 10.28 34.73 49.61
N PRO R 56 9.95 33.66 50.33
CA PRO R 56 9.10 33.79 51.52
C PRO R 56 9.90 34.20 52.76
N PHE R 57 9.16 34.75 53.73
CA PHE R 57 9.68 35.07 55.05
C PHE R 57 8.57 34.66 56.02
N THR R 58 8.66 33.43 56.52
CA THR R 58 7.58 32.81 57.28
C THR R 58 8.09 32.19 58.58
N ILE R 59 7.27 32.31 59.62
CA ILE R 59 7.58 31.81 60.96
C ILE R 59 6.40 30.96 61.39
N THR R 60 6.59 29.64 61.41
CA THR R 60 5.50 28.71 61.69
C THR R 60 5.87 27.78 62.86
N PHE R 61 4.91 27.59 63.78
CA PHE R 61 5.12 26.78 64.98
C PHE R 61 4.02 25.73 65.06
N THR R 62 4.42 24.47 65.18
CA THR R 62 3.51 23.34 65.08
C THR R 62 3.64 22.44 66.29
N ARG R 63 2.51 21.89 66.73
CA ARG R 63 2.43 20.90 67.79
C ARG R 63 2.13 19.53 67.19
N PRO R 64 2.50 18.45 67.88
CA PRO R 64 2.34 17.11 67.27
C PRO R 64 0.88 16.74 67.08
N LYS R 65 0.65 15.88 66.09
CA LYS R 65 -0.70 15.41 65.79
C LYS R 65 -1.29 14.66 66.98
N THR R 66 -0.55 13.68 67.50
CA THR R 66 -1.01 12.83 68.59
C THR R 66 -0.04 12.95 69.76
N MET R 67 -0.54 13.39 70.91
CA MET R 67 0.26 13.42 72.13
C MET R 67 0.48 12.00 72.64
N LYS R 68 1.60 11.81 73.34
CA LYS R 68 1.96 10.50 73.87
C LYS R 68 2.03 10.54 75.40
N THR R 69 1.36 9.58 76.04
CA THR R 69 1.32 9.46 77.50
C THR R 69 2.48 8.59 77.96
N VAL R 70 2.84 8.74 79.24
CA VAL R 70 4.07 8.17 79.76
C VAL R 70 4.02 6.64 79.77
N GLY R 71 2.86 6.06 80.06
CA GLY R 71 2.75 4.61 80.14
C GLY R 71 2.78 4.10 81.57
N VAL R 72 2.52 2.81 81.70
CA VAL R 72 2.30 2.16 82.99
C VAL R 72 3.52 1.32 83.32
N PRO R 73 4.07 1.43 84.53
CA PRO R 73 5.22 0.60 84.89
C PRO R 73 4.85 -0.87 84.99
N ASN R 74 5.81 -1.73 84.64
CA ASN R 74 5.60 -3.16 84.66
C ASN R 74 5.92 -3.73 86.05
N SER R 75 6.02 -5.06 86.13
CA SER R 75 6.22 -5.72 87.42
C SER R 75 7.51 -5.26 88.10
N ASN R 76 8.56 -5.02 87.32
CA ASN R 76 9.83 -4.55 87.86
C ASN R 76 9.81 -3.08 88.28
N GLY R 77 8.72 -2.37 88.01
CA GLY R 77 8.69 -0.94 88.24
C GLY R 77 9.22 -0.11 87.09
N VAL R 78 9.46 -0.72 85.93
CA VAL R 78 10.10 -0.07 84.81
C VAL R 78 9.06 0.22 83.72
N ILE R 79 9.12 1.43 83.16
CA ILE R 79 8.26 1.82 82.04
C ILE R 79 8.97 1.49 80.74
N THR R 80 8.29 0.72 79.89
CA THR R 80 8.97 0.03 78.80
C THR R 80 9.43 1.00 77.71
N ASN R 81 8.57 1.90 77.27
CA ASN R 81 8.90 2.78 76.14
C ASN R 81 8.41 4.19 76.42
N ILE R 82 9.33 5.13 76.42
CA ILE R 82 9.02 6.55 76.63
C ILE R 82 9.03 7.21 75.26
N GLY R 83 7.86 7.35 74.67
CA GLY R 83 7.73 8.17 73.48
C GLY R 83 8.10 9.61 73.76
N ARG R 84 8.22 10.40 72.70
CA ARG R 84 8.59 11.80 72.84
C ARG R 84 7.73 12.64 71.90
N ASN R 85 7.04 13.64 72.45
CA ASN R 85 6.30 14.59 71.62
C ASN R 85 7.23 15.72 71.25
N THR R 86 7.30 16.05 69.95
CA THR R 86 8.21 17.07 69.40
C THR R 86 7.38 18.22 68.86
N TYR R 87 7.71 19.43 69.29
CA TYR R 87 7.13 20.65 68.77
C TYR R 87 8.14 21.28 67.81
N GLY R 88 7.63 21.91 66.75
CA GLY R 88 8.48 22.40 65.68
C GLY R 88 8.35 23.88 65.34
N PHE R 89 9.46 24.59 65.30
CA PHE R 89 9.48 26.02 65.03
C PHE R 89 10.35 26.26 63.81
N LEU R 90 9.79 26.82 62.75
CA LEU R 90 10.54 26.88 61.50
C LEU R 90 10.37 28.22 60.81
N VAL R 91 11.50 28.78 60.39
CA VAL R 91 11.57 30.04 59.68
C VAL R 91 12.10 29.74 58.28
N ARG R 92 11.40 30.25 57.27
CA ARG R 92 11.82 30.15 55.88
C ARG R 92 12.08 31.54 55.33
N LYS R 93 13.24 31.73 54.69
CA LYS R 93 13.61 33.05 54.19
C LYS R 93 14.12 32.96 52.77
N GLY R 94 13.57 33.83 51.91
CA GLY R 94 14.04 33.91 50.54
C GLY R 94 15.41 34.57 50.47
N VAL R 95 16.40 33.85 49.93
CA VAL R 95 17.79 34.30 49.87
C VAL R 95 18.32 34.01 48.47
N ILE R 96 19.01 34.98 47.88
CA ILE R 96 19.41 34.88 46.48
C ILE R 96 20.86 34.41 46.39
N PRO R 97 21.15 33.27 45.74
CA PRO R 97 22.53 32.76 45.76
C PRO R 97 23.47 33.43 44.78
N ALA R 98 23.04 33.77 43.57
CA ALA R 98 23.98 34.32 42.61
C ALA R 98 23.47 35.64 42.05
N VAL R 99 24.18 36.11 41.02
CA VAL R 99 23.93 37.44 40.51
C VAL R 99 22.60 37.52 39.80
N ASN R 100 22.18 36.43 39.15
CA ASN R 100 20.90 36.44 38.47
C ASN R 100 20.07 35.20 38.75
N GLN R 101 20.33 34.51 39.85
CA GLN R 101 19.63 33.26 40.12
C GLN R 101 18.30 33.46 40.83
N SER R 102 17.46 32.44 40.72
CA SER R 102 16.19 32.43 41.42
C SER R 102 16.43 32.30 42.93
N PRO R 103 15.56 32.88 43.75
CA PRO R 103 15.77 32.80 45.20
C PRO R 103 15.65 31.37 45.70
N GLN R 104 16.60 31.00 46.56
CA GLN R 104 16.63 29.77 47.36
C GLN R 104 16.04 30.06 48.74
N VAL R 105 15.64 29.00 49.43
CA VAL R 105 14.98 29.13 50.72
C VAL R 105 15.99 28.78 51.81
N MET R 106 16.63 29.79 52.39
CA MET R 106 17.32 29.54 53.65
C MET R 106 16.30 29.07 54.68
N LEU R 107 16.77 28.23 55.60
CA LEU R 107 15.83 27.53 56.46
C LEU R 107 16.42 27.38 57.86
N VAL R 108 15.75 27.93 58.86
CA VAL R 108 16.16 27.82 60.26
C VAL R 108 15.07 27.04 60.97
N ARG R 109 15.38 25.84 61.44
CA ARG R 109 14.36 25.00 62.04
C ARG R 109 14.79 24.46 63.39
N VAL R 110 13.89 24.58 64.37
CA VAL R 110 14.08 24.14 65.74
C VAL R 110 13.11 23.00 65.98
N GLU R 111 13.56 22.01 66.73
CA GLU R 111 12.73 20.90 67.18
C GLU R 111 12.93 20.71 68.68
N ILE R 112 11.83 20.68 69.41
CA ILE R 112 11.83 20.54 70.85
C ILE R 112 11.18 19.19 71.15
N SER R 113 12.00 18.18 71.48
CA SER R 113 11.51 16.85 71.80
C SER R 113 11.44 16.68 73.32
N VAL R 114 10.22 16.56 73.82
CA VAL R 114 9.93 16.37 75.25
C VAL R 114 9.53 14.93 75.46
N PRO R 115 10.18 14.20 76.37
CA PRO R 115 9.76 12.83 76.66
C PRO R 115 8.39 12.79 77.32
N ALA R 116 7.85 11.58 77.35
CA ALA R 116 6.42 11.41 77.56
C ALA R 116 5.98 11.87 78.95
N GLY R 117 6.75 11.52 79.98
CA GLY R 117 6.34 11.74 81.34
C GLY R 117 6.90 13.05 81.87
N ALA R 118 7.85 13.60 81.11
CA ALA R 118 8.56 14.82 81.50
C ALA R 118 7.61 15.96 81.79
N ASP R 119 6.71 16.24 80.85
CA ASP R 119 5.89 17.44 80.86
C ASP R 119 5.13 17.61 82.17
N THR R 120 4.84 16.51 82.84
CA THR R 120 4.15 16.50 84.12
C THR R 120 5.10 16.33 85.30
N TYR R 121 5.92 15.26 85.29
CA TYR R 121 6.70 14.94 86.48
C TYR R 121 7.83 15.95 86.70
N ASP R 122 8.56 16.32 85.65
CA ASP R 122 9.74 17.19 85.78
C ASP R 122 9.60 18.35 84.78
N ALA R 123 8.83 19.36 85.16
CA ALA R 123 8.61 20.48 84.27
C ALA R 123 9.71 21.52 84.38
N ALA R 124 10.33 21.62 85.55
CA ALA R 124 11.38 22.61 85.76
C ALA R 124 12.56 22.36 84.84
N ASN R 125 12.92 21.08 84.63
CA ASN R 125 14.07 20.79 83.79
C ASN R 125 13.75 21.01 82.32
N VAL R 126 12.52 20.72 81.90
CA VAL R 126 12.10 21.07 80.55
C VAL R 126 12.22 22.58 80.32
N LYS R 127 11.61 23.37 81.21
CA LYS R 127 11.69 24.82 81.08
C LYS R 127 13.13 25.29 81.09
N ALA R 128 13.99 24.63 81.86
CA ALA R 128 15.39 25.03 81.96
C ALA R 128 16.15 24.75 80.67
N ALA R 129 15.91 23.59 80.05
CA ALA R 129 16.52 23.31 78.76
C ALA R 129 16.11 24.35 77.73
N LEU R 130 14.83 24.70 77.70
CA LEU R 130 14.36 25.69 76.75
C LEU R 130 15.00 27.05 77.01
N SER R 131 15.05 27.49 78.28
CA SER R 131 15.58 28.81 78.58
C SER R 131 17.08 28.87 78.32
N ALA R 132 17.81 27.78 78.54
CA ALA R 132 19.24 27.78 78.25
C ALA R 132 19.49 27.80 76.75
N ALA R 133 18.75 26.97 75.99
CA ALA R 133 18.90 26.97 74.53
C ALA R 133 18.62 28.35 73.94
N ILE R 134 17.46 28.93 74.29
CA ILE R 134 17.10 30.22 73.71
C ILE R 134 17.99 31.35 74.24
N GLY R 135 18.44 31.25 75.50
CA GLY R 135 19.33 32.29 76.03
C GLY R 135 20.69 32.28 75.36
N VAL R 136 21.24 31.10 75.07
CA VAL R 136 22.49 31.02 74.33
C VAL R 136 22.29 31.51 72.90
N LEU R 137 21.14 31.17 72.28
CA LEU R 137 20.88 31.66 70.93
C LEU R 137 20.82 33.18 70.88
N SER R 138 20.11 33.80 71.82
CA SER R 138 20.01 35.26 71.79
C SER R 138 21.32 35.93 72.20
N GLN R 139 22.10 35.29 73.07
CA GLN R 139 23.40 35.86 73.43
C GLN R 139 24.35 35.83 72.25
N GLN R 140 24.37 34.72 71.50
CA GLN R 140 25.29 34.55 70.39
C GLN R 140 24.62 34.73 69.04
N SER R 141 23.58 35.57 68.94
CA SER R 141 22.88 35.73 67.67
C SER R 141 23.80 36.36 66.63
N ALA R 142 24.45 37.46 67.00
CA ALA R 142 25.36 38.13 66.06
C ALA R 142 26.49 37.20 65.66
N GLY R 143 27.04 36.45 66.63
CA GLY R 143 28.13 35.56 66.34
C GLY R 143 27.74 34.38 65.48
N ILE R 144 26.52 33.87 65.65
CA ILE R 144 26.04 32.78 64.81
C ILE R 144 25.76 33.29 63.40
N GLY R 145 25.31 34.53 63.24
CA GLY R 145 25.25 35.10 61.91
C GLY R 145 26.64 35.20 61.27
N ASP R 146 27.60 35.75 62.03
CA ASP R 146 28.98 35.81 61.55
C ASP R 146 29.48 34.44 61.13
N THR R 147 29.12 33.40 61.88
CA THR R 147 29.53 32.04 61.51
C THR R 147 28.82 31.56 60.26
N ALA R 148 27.51 31.81 60.16
CA ALA R 148 26.73 31.36 59.00
C ALA R 148 27.22 31.99 57.72
N LEU R 149 27.84 33.18 57.81
CA LEU R 149 28.38 33.81 56.63
C LEU R 149 29.86 33.48 56.40
N SER R 150 30.64 33.34 57.48
CA SER R 150 32.08 33.19 57.36
C SER R 150 32.51 31.75 57.16
N GLY R 151 31.78 30.78 57.70
CA GLY R 151 32.32 29.46 57.89
C GLY R 151 33.26 29.37 59.08
N ILE R 152 33.37 30.44 59.83
CA ILE R 152 34.31 30.51 60.96
C ILE R 152 33.56 30.11 62.23
N LEU R 153 34.10 29.12 62.93
CA LEU R 153 33.53 28.68 64.19
C LEU R 153 34.39 29.18 65.37
N ALA S 1 -118.86 -71.22 16.31
CA ALA S 1 -120.01 -70.49 15.82
C ALA S 1 -119.79 -68.97 15.89
N TYR S 2 -118.81 -68.45 15.14
CA TYR S 2 -118.46 -67.04 15.12
C TYR S 2 -118.94 -66.41 13.81
N SER S 3 -119.96 -65.53 13.89
CA SER S 3 -120.52 -64.86 12.73
C SER S 3 -121.08 -63.50 13.15
N PRO S 4 -120.35 -62.42 12.89
CA PRO S 4 -120.81 -61.10 13.30
C PRO S 4 -121.92 -60.57 12.40
N SER S 5 -122.58 -59.52 12.90
CA SER S 5 -123.72 -58.87 12.23
C SER S 5 -123.28 -57.61 11.49
N THR S 6 -124.13 -57.18 10.53
CA THR S 6 -123.71 -56.10 9.64
C THR S 6 -123.44 -54.80 10.37
N PRO S 7 -124.39 -54.22 11.13
CA PRO S 7 -124.01 -53.17 12.07
C PRO S 7 -123.68 -53.75 13.44
N VAL S 8 -122.44 -53.59 13.89
CA VAL S 8 -122.03 -54.02 15.21
C VAL S 8 -122.21 -52.84 16.14
N THR S 9 -123.00 -53.02 17.19
CA THR S 9 -123.19 -52.00 18.21
C THR S 9 -121.89 -51.92 19.01
N GLY S 10 -121.09 -50.88 18.75
CA GLY S 10 -119.79 -50.77 19.39
C GLY S 10 -119.92 -50.43 20.87
N ALA S 11 -118.99 -50.96 21.65
CA ALA S 11 -119.06 -50.77 23.10
C ALA S 11 -118.88 -49.31 23.45
N ALA S 12 -119.46 -48.91 24.57
CA ALA S 12 -119.49 -47.50 24.93
C ALA S 12 -118.07 -46.97 25.06
N GLN S 13 -117.85 -45.77 24.55
CA GLN S 13 -116.57 -45.08 24.67
C GLN S 13 -116.84 -43.62 25.06
N THR S 14 -115.79 -42.96 25.51
CA THR S 14 -115.95 -41.70 26.24
C THR S 14 -116.59 -40.63 25.37
N GLY S 15 -115.99 -40.33 24.23
CA GLY S 15 -116.54 -39.31 23.36
C GLY S 15 -117.56 -39.77 22.34
N PHE S 16 -117.97 -41.04 22.37
CA PHE S 16 -118.80 -41.61 21.32
C PHE S 16 -120.27 -41.65 21.75
N THR S 17 -121.15 -41.22 20.85
CA THR S 17 -122.59 -41.30 21.06
C THR S 17 -123.15 -42.36 20.11
N SER S 18 -123.68 -43.44 20.70
CA SER S 18 -124.29 -44.53 19.95
C SER S 18 -123.45 -45.00 18.76
N PRO S 19 -122.24 -45.52 19.02
CA PRO S 19 -121.36 -45.89 17.89
C PRO S 19 -121.66 -47.26 17.34
N THR S 20 -121.70 -47.37 16.01
CA THR S 20 -121.91 -48.63 15.31
C THR S 20 -120.85 -48.75 14.21
N TYR S 21 -120.47 -49.98 13.89
CA TYR S 21 -119.46 -50.24 12.87
C TYR S 21 -120.01 -51.21 11.84
N THR S 22 -119.97 -50.84 10.57
CA THR S 22 -120.44 -51.69 9.49
C THR S 22 -119.30 -52.60 9.07
N LEU S 23 -119.53 -53.91 9.09
CA LEU S 23 -118.52 -54.89 8.71
C LEU S 23 -118.75 -55.35 7.28
N THR S 24 -117.67 -55.43 6.51
CA THR S 24 -117.67 -56.03 5.20
C THR S 24 -116.81 -57.29 5.25
N SER S 25 -117.27 -58.35 4.60
CA SER S 25 -116.57 -59.62 4.70
C SER S 25 -115.23 -59.54 3.99
N ASP S 26 -114.20 -60.13 4.60
CA ASP S 26 -112.84 -60.10 4.07
C ASP S 26 -112.27 -61.51 4.13
N THR S 27 -111.31 -61.78 3.24
CA THR S 27 -110.59 -63.04 3.27
C THR S 27 -109.47 -62.97 4.31
N ALA S 28 -109.39 -64.01 5.13
CA ALA S 28 -108.49 -64.05 6.28
C ALA S 28 -107.07 -64.44 5.85
N PRO S 29 -106.06 -64.20 6.72
CA PRO S 29 -104.66 -64.49 6.32
C PRO S 29 -104.33 -65.97 6.36
N THR S 30 -104.89 -66.69 7.32
CA THR S 30 -104.79 -68.14 7.37
C THR S 30 -106.07 -68.78 6.86
N ALA S 31 -106.00 -70.08 6.62
CA ALA S 31 -107.19 -70.85 6.29
C ALA S 31 -107.99 -71.23 7.53
N LEU S 32 -107.53 -70.83 8.71
CA LEU S 32 -108.19 -71.12 9.98
C LEU S 32 -108.82 -69.88 10.58
N GLY S 33 -108.98 -68.83 9.80
CA GLY S 33 -109.49 -67.56 10.31
C GLY S 33 -110.68 -67.07 9.52
N LYS S 34 -111.56 -66.37 10.21
CA LYS S 34 -112.62 -65.60 9.61
C LYS S 34 -112.36 -64.13 9.91
N GLN S 35 -112.31 -63.29 8.89
CA GLN S 35 -111.92 -61.90 9.07
C GLN S 35 -112.93 -60.97 8.40
N HIS S 36 -113.30 -59.92 9.12
CA HIS S 36 -114.10 -58.84 8.55
C HIS S 36 -113.30 -57.54 8.64
N ALA S 37 -113.61 -56.61 7.75
CA ALA S 37 -113.01 -55.29 7.76
C ALA S 37 -114.09 -54.24 8.02
N VAL S 38 -113.74 -53.19 8.76
CA VAL S 38 -114.69 -52.14 9.10
C VAL S 38 -114.72 -51.17 7.93
N THR S 39 -115.73 -51.31 7.07
CA THR S 39 -115.81 -50.50 5.86
C THR S 39 -116.40 -49.11 6.13
N ALA S 40 -117.20 -48.94 7.18
CA ALA S 40 -117.79 -47.63 7.48
C ALA S 40 -118.23 -47.58 8.94
N THR S 41 -118.34 -46.35 9.45
CA THR S 41 -118.74 -46.12 10.84
C THR S 41 -120.02 -45.30 10.88
N GLY S 42 -120.90 -45.65 11.81
CA GLY S 42 -122.08 -44.87 12.10
C GLY S 42 -122.05 -44.43 13.55
N GLY S 43 -122.83 -43.40 13.89
CA GLY S 43 -122.78 -42.81 15.21
C GLY S 43 -121.91 -41.56 15.24
N THR S 44 -121.91 -40.89 16.40
CA THR S 44 -121.15 -39.65 16.57
C THR S 44 -119.80 -39.99 17.18
N GLN S 45 -118.90 -40.48 16.32
CA GLN S 45 -117.51 -40.75 16.66
C GLN S 45 -116.68 -39.98 15.63
N THR S 46 -116.39 -38.73 15.95
CA THR S 46 -115.76 -37.84 14.97
C THR S 46 -114.28 -38.15 14.88
N GLY S 47 -113.77 -38.22 13.65
CA GLY S 47 -112.37 -38.49 13.39
C GLY S 47 -112.03 -39.96 13.17
N VAL S 48 -112.95 -40.87 13.42
CA VAL S 48 -112.67 -42.29 13.29
C VAL S 48 -112.48 -42.65 11.82
N THR S 49 -111.35 -43.26 11.51
CA THR S 49 -111.01 -43.65 10.14
C THR S 49 -111.34 -45.12 9.91
N THR S 50 -111.89 -45.42 8.73
CA THR S 50 -112.26 -46.77 8.40
C THR S 50 -111.07 -47.52 7.79
N HIS S 51 -111.31 -48.77 7.39
CA HIS S 51 -110.24 -49.61 6.86
C HIS S 51 -109.70 -49.03 5.55
N SER S 52 -108.40 -48.76 5.54
CA SER S 52 -107.68 -48.34 4.35
C SER S 52 -106.49 -49.26 4.16
N VAL S 53 -105.86 -49.18 3.00
CA VAL S 53 -104.63 -49.94 2.80
C VAL S 53 -103.55 -49.44 3.74
N SER S 54 -103.48 -48.11 3.92
CA SER S 54 -102.44 -47.53 4.75
C SER S 54 -102.71 -47.77 6.23
N SER S 55 -103.97 -47.65 6.65
CA SER S 55 -104.35 -47.80 8.06
C SER S 55 -105.52 -48.78 8.17
N PRO S 56 -105.27 -50.01 8.58
CA PRO S 56 -106.32 -51.03 8.55
C PRO S 56 -107.26 -50.94 9.74
N PHE S 57 -108.45 -51.49 9.54
CA PHE S 57 -109.43 -51.70 10.61
C PHE S 57 -110.02 -53.09 10.40
N THR S 58 -109.45 -54.09 11.07
CA THR S 58 -109.77 -55.48 10.80
C THR S 58 -110.03 -56.27 12.07
N ILE S 59 -110.96 -57.22 11.97
CA ILE S 59 -111.41 -58.06 13.07
C ILE S 59 -111.33 -59.50 12.60
N THR S 60 -110.33 -60.23 13.09
CA THR S 60 -110.06 -61.59 12.63
C THR S 60 -110.11 -62.58 13.81
N PHE S 61 -110.73 -63.74 13.59
CA PHE S 61 -110.89 -64.76 14.63
C PHE S 61 -110.41 -66.10 14.08
N THR S 62 -109.51 -66.75 14.80
CA THR S 62 -108.79 -67.91 14.33
C THR S 62 -108.86 -69.06 15.31
N ARG S 63 -108.94 -70.28 14.78
CA ARG S 63 -108.89 -71.51 15.54
C ARG S 63 -107.50 -72.13 15.43
N PRO S 64 -107.13 -73.05 16.32
CA PRO S 64 -105.79 -73.65 16.23
C PRO S 64 -105.66 -74.61 15.06
N LYS S 65 -104.42 -74.76 14.58
CA LYS S 65 -104.16 -75.62 13.43
C LYS S 65 -104.54 -77.07 13.74
N THR S 66 -104.14 -77.55 14.92
CA THR S 66 -104.40 -78.93 15.32
C THR S 66 -105.04 -78.93 16.71
N MET S 67 -106.17 -79.63 16.83
CA MET S 67 -106.84 -79.79 18.11
C MET S 67 -106.07 -80.77 18.98
N LYS S 68 -106.16 -80.57 20.29
CA LYS S 68 -105.43 -81.39 21.24
C LYS S 68 -106.42 -82.22 22.04
N THR S 69 -106.23 -83.53 22.03
CA THR S 69 -106.99 -84.41 22.89
C THR S 69 -106.22 -84.66 24.18
N VAL S 70 -106.95 -85.05 25.22
CA VAL S 70 -106.36 -85.13 26.54
C VAL S 70 -105.78 -86.51 26.81
N GLY S 83 -101.84 -79.84 27.93
CA GLY S 83 -102.07 -79.26 26.60
C GLY S 83 -103.20 -78.25 26.57
N ARG S 84 -103.20 -77.37 25.58
CA ARG S 84 -104.23 -76.32 25.49
C ARG S 84 -104.58 -76.01 24.04
N ASN S 85 -105.87 -75.79 23.77
CA ASN S 85 -106.33 -75.26 22.49
C ASN S 85 -106.59 -73.77 22.70
N THR S 86 -105.89 -72.91 21.97
CA THR S 86 -106.05 -71.46 22.09
C THR S 86 -106.71 -70.89 20.84
N TYR S 87 -107.80 -70.16 21.03
CA TYR S 87 -108.49 -69.46 19.97
C TYR S 87 -108.14 -67.98 20.04
N GLY S 88 -107.99 -67.34 18.88
CA GLY S 88 -107.49 -65.98 18.84
C GLY S 88 -108.37 -64.96 18.15
N PHE S 89 -108.64 -63.84 18.83
CA PHE S 89 -109.50 -62.79 18.31
C PHE S 89 -108.70 -61.50 18.30
N LEU S 90 -108.48 -60.92 17.12
CA LEU S 90 -107.54 -59.82 17.00
C LEU S 90 -108.09 -58.69 16.14
N VAL S 91 -107.95 -57.46 16.65
CA VAL S 91 -108.41 -56.25 16.00
C VAL S 91 -107.18 -55.39 15.72
N ARG S 92 -107.03 -54.97 14.46
CA ARG S 92 -105.97 -54.07 14.05
C ARG S 92 -106.56 -52.74 13.61
N LYS S 93 -106.02 -51.64 14.11
CA LYS S 93 -106.55 -50.33 13.80
C LYS S 93 -105.44 -49.35 13.42
N GLY S 94 -105.65 -48.66 12.30
CA GLY S 94 -104.72 -47.63 11.89
C GLY S 94 -104.82 -46.41 12.79
N VAL S 95 -103.73 -46.06 13.47
CA VAL S 95 -103.68 -44.94 14.43
C VAL S 95 -102.45 -44.11 14.12
N ILE S 96 -102.60 -42.80 14.10
CA ILE S 96 -101.53 -41.93 13.62
C ILE S 96 -100.81 -41.31 14.82
N PRO S 97 -99.50 -41.56 14.99
CA PRO S 97 -98.84 -41.11 16.22
C PRO S 97 -98.47 -39.63 16.24
N ALA S 98 -98.03 -39.05 15.13
CA ALA S 98 -97.63 -37.65 15.18
C ALA S 98 -98.29 -36.83 14.09
N VAL S 99 -97.90 -35.56 14.04
CA VAL S 99 -98.60 -34.58 13.23
C VAL S 99 -98.50 -34.91 11.76
N ASN S 100 -97.39 -35.53 11.34
CA ASN S 100 -97.27 -35.88 9.92
C ASN S 100 -96.78 -37.30 9.71
N GLN S 101 -96.85 -38.16 10.73
CA GLN S 101 -96.23 -39.46 10.61
C GLN S 101 -97.13 -40.47 9.91
N SER S 102 -96.50 -41.57 9.50
CA SER S 102 -97.20 -42.69 8.91
C SER S 102 -98.05 -43.38 9.97
N PRO S 103 -99.17 -43.98 9.57
CA PRO S 103 -100.02 -44.64 10.55
C PRO S 103 -99.34 -45.89 11.11
N GLN S 104 -99.40 -46.01 12.43
CA GLN S 104 -99.04 -47.17 13.23
C GLN S 104 -100.27 -48.04 13.47
N VAL S 105 -100.05 -49.31 13.81
CA VAL S 105 -101.13 -50.25 13.98
C VAL S 105 -101.36 -50.47 15.47
N MET S 106 -102.37 -49.80 16.03
CA MET S 106 -102.85 -50.21 17.34
C MET S 106 -103.41 -51.61 17.24
N LEU S 107 -103.30 -52.36 18.32
CA LEU S 107 -103.56 -53.79 18.26
C LEU S 107 -104.27 -54.24 19.53
N VAL S 108 -105.46 -54.82 19.39
CA VAL S 108 -106.21 -55.37 20.52
C VAL S 108 -106.35 -56.85 20.25
N ARG S 109 -105.69 -57.68 21.05
CA ARG S 109 -105.71 -59.12 20.79
C ARG S 109 -106.14 -59.91 22.03
N VAL S 110 -107.01 -60.89 21.80
CA VAL S 110 -107.58 -61.74 22.82
C VAL S 110 -107.17 -63.16 22.51
N GLU S 111 -106.77 -63.90 23.54
CA GLU S 111 -106.43 -65.31 23.44
C GLU S 111 -107.25 -66.08 24.46
N ILE S 112 -107.93 -67.12 24.00
CA ILE S 112 -108.77 -67.96 24.83
C ILE S 112 -108.13 -69.34 24.84
N SER S 113 -107.46 -69.69 25.94
CA SER S 113 -106.78 -70.97 26.08
C SER S 113 -107.66 -71.90 26.91
N VAL S 114 -108.22 -72.89 26.23
CA VAL S 114 -109.06 -73.92 26.84
C VAL S 114 -108.21 -75.16 27.05
N PRO S 115 -108.09 -75.67 28.27
CA PRO S 115 -107.40 -76.96 28.48
C PRO S 115 -108.08 -78.09 27.72
N ALA S 116 -107.39 -79.23 27.67
CA ALA S 116 -107.77 -80.29 26.73
C ALA S 116 -109.12 -80.91 27.09
N GLY S 117 -109.24 -81.49 28.28
CA GLY S 117 -110.48 -82.15 28.65
C GLY S 117 -111.59 -81.22 29.05
N ALA S 118 -111.26 -79.94 29.19
CA ALA S 118 -112.21 -78.92 29.64
C ALA S 118 -113.43 -78.87 28.74
N ASP S 119 -113.21 -78.69 27.43
CA ASP S 119 -114.28 -78.44 26.46
C ASP S 119 -115.43 -79.42 26.60
N THR S 120 -115.12 -80.65 26.99
CA THR S 120 -116.12 -81.70 27.13
C THR S 120 -116.56 -81.89 28.57
N TYR S 121 -115.62 -82.13 29.48
CA TYR S 121 -116.00 -82.53 30.83
C TYR S 121 -116.61 -81.38 31.61
N ASP S 122 -116.05 -80.17 31.49
CA ASP S 122 -116.52 -79.02 32.27
C ASP S 122 -116.73 -77.86 31.31
N ALA S 123 -117.89 -77.84 30.66
CA ALA S 123 -118.17 -76.80 29.70
C ALA S 123 -118.76 -75.57 30.35
N ALA S 124 -119.45 -75.74 31.49
CA ALA S 124 -120.07 -74.62 32.16
C ALA S 124 -119.02 -73.62 32.64
N ASN S 125 -117.92 -74.12 33.20
CA ASN S 125 -116.88 -73.21 33.68
C ASN S 125 -116.16 -72.50 32.55
N VAL S 126 -115.97 -73.18 31.42
CA VAL S 126 -115.43 -72.52 30.22
C VAL S 126 -116.33 -71.36 29.81
N LYS S 127 -117.62 -71.64 29.63
CA LYS S 127 -118.56 -70.60 29.23
C LYS S 127 -118.61 -69.49 30.26
N ALA S 128 -118.42 -69.82 31.55
CA ALA S 128 -118.50 -68.81 32.60
C ALA S 128 -117.27 -67.90 32.58
N ALA S 129 -116.09 -68.46 32.34
CA ALA S 129 -114.91 -67.64 32.15
C ALA S 129 -115.11 -66.65 31.01
N LEU S 130 -115.62 -67.14 29.88
CA LEU S 130 -115.85 -66.25 28.74
C LEU S 130 -116.90 -65.18 29.07
N SER S 131 -117.95 -65.58 29.78
CA SER S 131 -119.03 -64.66 30.14
C SER S 131 -118.51 -63.55 31.07
N ALA S 132 -117.81 -63.93 32.13
CA ALA S 132 -117.24 -62.94 33.03
C ALA S 132 -116.29 -62.00 32.31
N ALA S 133 -115.38 -62.56 31.51
CA ALA S 133 -114.40 -61.74 30.81
C ALA S 133 -115.07 -60.72 29.90
N ILE S 134 -115.95 -61.18 29.02
CA ILE S 134 -116.58 -60.25 28.08
C ILE S 134 -117.53 -59.30 28.79
N GLY S 135 -118.14 -59.74 29.90
CA GLY S 135 -119.05 -58.86 30.62
C GLY S 135 -118.32 -57.72 31.32
N VAL S 136 -117.18 -58.02 31.93
CA VAL S 136 -116.37 -56.96 32.53
C VAL S 136 -115.82 -56.03 31.44
N LEU S 137 -115.43 -56.61 30.29
CA LEU S 137 -114.93 -55.77 29.20
C LEU S 137 -116.00 -54.80 28.71
N SER S 138 -117.23 -55.27 28.51
CA SER S 138 -118.28 -54.38 28.03
C SER S 138 -118.71 -53.39 29.11
N GLN S 139 -118.66 -53.80 30.39
CA GLN S 139 -119.02 -52.88 31.45
C GLN S 139 -118.02 -51.74 31.56
N GLN S 140 -116.73 -52.05 31.50
CA GLN S 140 -115.69 -51.05 31.67
C GLN S 140 -115.12 -50.56 30.34
N SER S 141 -115.86 -50.69 29.24
CA SER S 141 -115.31 -50.33 27.93
C SER S 141 -114.87 -48.86 27.91
N ALA S 142 -115.76 -47.98 28.36
CA ALA S 142 -115.45 -46.56 28.39
C ALA S 142 -114.23 -46.29 29.28
N GLY S 143 -114.21 -46.89 30.47
CA GLY S 143 -113.12 -46.66 31.39
C GLY S 143 -111.78 -47.23 30.90
N ILE S 144 -111.83 -48.34 30.15
CA ILE S 144 -110.62 -48.92 29.59
C ILE S 144 -110.08 -48.04 28.47
N GLY S 145 -110.95 -47.41 27.69
CA GLY S 145 -110.48 -46.38 26.77
C GLY S 145 -109.86 -45.20 27.50
N ASP S 146 -110.55 -44.71 28.53
CA ASP S 146 -109.99 -43.65 29.38
C ASP S 146 -108.61 -44.02 29.88
N THR S 147 -108.42 -45.29 30.25
CA THR S 147 -107.12 -45.75 30.73
C THR S 147 -106.10 -45.83 29.59
N ALA S 148 -106.53 -46.30 28.42
CA ALA S 148 -105.63 -46.40 27.27
C ALA S 148 -105.10 -45.05 26.85
N LEU S 149 -105.83 -43.97 27.18
CA LEU S 149 -105.37 -42.63 26.91
C LEU S 149 -104.67 -41.97 28.10
N SER S 150 -105.07 -42.30 29.33
CA SER S 150 -104.54 -41.65 30.53
C SER S 150 -103.23 -42.28 30.98
N GLY S 151 -103.11 -43.59 30.86
CA GLY S 151 -102.04 -44.31 31.49
C GLY S 151 -102.32 -44.73 32.92
N ILE S 152 -103.55 -44.55 33.39
CA ILE S 152 -103.89 -44.72 34.79
C ILE S 152 -105.04 -45.70 34.95
N LEU S 153 -104.89 -46.61 35.91
CA LEU S 153 -105.95 -47.55 36.28
C LEU S 153 -106.87 -46.97 37.35
N ALA T 1 -116.14 -83.34 -6.61
CA ALA T 1 -117.55 -83.14 -6.33
C ALA T 1 -117.99 -83.84 -5.04
N TYR T 2 -117.42 -83.42 -3.90
CA TYR T 2 -117.70 -84.03 -2.60
C TYR T 2 -118.56 -83.06 -1.78
N SER T 3 -119.81 -83.46 -1.50
CA SER T 3 -120.74 -82.64 -0.72
C SER T 3 -121.73 -83.54 0.01
N PRO T 4 -121.50 -83.83 1.29
CA PRO T 4 -122.39 -84.73 2.03
C PRO T 4 -123.73 -84.06 2.37
N SER T 5 -124.67 -84.89 2.79
CA SER T 5 -126.04 -84.51 3.10
C SER T 5 -126.26 -84.36 4.60
N THR T 6 -127.38 -83.69 4.96
CA THR T 6 -127.58 -83.34 6.37
C THR T 6 -127.73 -84.57 7.24
N PRO T 7 -128.72 -85.46 7.01
CA PRO T 7 -128.64 -86.78 7.63
C PRO T 7 -127.92 -87.76 6.73
N VAL T 8 -126.77 -88.26 7.17
CA VAL T 8 -126.08 -89.34 6.47
C VAL T 8 -126.59 -90.63 7.07
N THR T 9 -127.09 -91.51 6.21
CA THR T 9 -127.55 -92.81 6.66
C THR T 9 -126.33 -93.71 6.85
N GLY T 10 -126.01 -93.98 8.11
CA GLY T 10 -124.79 -94.69 8.42
C GLY T 10 -124.87 -96.14 7.98
N ALA T 11 -123.72 -96.66 7.58
CA ALA T 11 -123.64 -98.05 7.16
C ALA T 11 -124.00 -98.96 8.33
N ALA T 12 -124.57 -100.12 7.99
CA ALA T 12 -125.11 -101.00 9.02
C ALA T 12 -124.02 -101.43 9.97
N GLN T 13 -124.36 -101.46 11.26
CA GLN T 13 -123.46 -101.95 12.30
C GLN T 13 -124.26 -102.88 13.22
N THR T 14 -123.51 -103.64 14.01
CA THR T 14 -124.09 -104.81 14.68
C THR T 14 -125.22 -104.42 15.62
N GLY T 15 -124.93 -103.58 16.61
CA GLY T 15 -125.97 -103.22 17.55
C GLY T 15 -126.84 -102.03 17.15
N PHE T 16 -126.66 -101.47 15.96
CA PHE T 16 -127.33 -100.23 15.57
C PHE T 16 -128.57 -100.55 14.76
N THR T 17 -129.67 -99.89 15.09
CA THR T 17 -130.91 -99.99 14.33
C THR T 17 -131.12 -98.67 13.60
N SER T 18 -130.98 -98.70 12.27
CA SER T 18 -131.25 -97.57 11.38
C SER T 18 -130.50 -96.30 11.79
N PRO T 19 -129.17 -96.33 11.82
CA PRO T 19 -128.42 -95.19 12.35
C PRO T 19 -128.23 -94.11 11.32
N THR T 20 -128.38 -92.86 11.76
CA THR T 20 -128.14 -91.68 10.94
C THR T 20 -127.29 -90.71 11.73
N TYR T 21 -126.51 -89.92 11.01
CA TYR T 21 -125.61 -88.95 11.62
C TYR T 21 -125.84 -87.59 10.98
N THR T 22 -126.13 -86.59 11.81
CA THR T 22 -126.34 -85.22 11.33
C THR T 22 -125.00 -84.52 11.22
N LEU T 23 -124.74 -83.94 10.05
CA LEU T 23 -123.48 -83.25 9.80
C LEU T 23 -123.70 -81.74 9.89
N THR T 24 -122.81 -81.07 10.60
CA THR T 24 -122.73 -79.63 10.63
C THR T 24 -121.43 -79.21 9.95
N SER T 25 -121.46 -78.11 9.20
CA SER T 25 -120.29 -77.73 8.42
C SER T 25 -119.20 -77.16 9.31
N ASP T 26 -117.95 -77.56 9.03
CA ASP T 26 -116.81 -77.17 9.83
C ASP T 26 -115.70 -76.66 8.91
N THR T 27 -114.84 -75.81 9.47
CA THR T 27 -113.66 -75.34 8.76
C THR T 27 -112.55 -76.39 8.85
N ALA T 28 -111.95 -76.71 7.71
CA ALA T 28 -110.98 -77.78 7.57
C ALA T 28 -109.58 -77.32 7.95
N PRO T 29 -108.70 -78.25 8.33
CA PRO T 29 -107.38 -77.81 8.82
C PRO T 29 -106.48 -77.25 7.73
N THR T 30 -106.43 -77.89 6.57
CA THR T 30 -105.76 -77.32 5.43
C THR T 30 -106.74 -76.45 4.65
N ALA T 31 -106.19 -75.63 3.75
CA ALA T 31 -107.05 -74.97 2.77
C ALA T 31 -107.51 -75.93 1.68
N LEU T 32 -107.02 -77.17 1.66
CA LEU T 32 -107.32 -78.14 0.63
C LEU T 32 -108.31 -79.19 1.10
N GLY T 33 -109.02 -78.93 2.18
CA GLY T 33 -109.94 -79.90 2.73
C GLY T 33 -111.33 -79.31 2.91
N LYS T 34 -112.31 -80.20 2.79
CA LYS T 34 -113.68 -79.93 3.24
C LYS T 34 -113.94 -80.83 4.43
N GLN T 35 -114.43 -80.25 5.54
CA GLN T 35 -114.60 -81.01 6.76
C GLN T 35 -115.99 -80.76 7.34
N HIS T 36 -116.64 -81.84 7.76
CA HIS T 36 -117.89 -81.77 8.50
C HIS T 36 -117.72 -82.41 9.87
N ALA T 37 -118.49 -81.95 10.84
CA ALA T 37 -118.48 -82.54 12.17
C ALA T 37 -119.84 -83.16 12.46
N VAL T 38 -119.85 -84.30 13.13
CA VAL T 38 -121.09 -85.00 13.47
C VAL T 38 -121.63 -84.33 14.74
N THR T 39 -122.57 -83.40 14.55
CA THR T 39 -123.11 -82.63 15.67
C THR T 39 -124.15 -83.41 16.47
N ALA T 40 -124.86 -84.35 15.84
CA ALA T 40 -125.90 -85.10 16.53
C ALA T 40 -126.14 -86.43 15.84
N THR T 41 -126.65 -87.39 16.61
CA THR T 41 -126.88 -88.75 16.13
C THR T 41 -128.37 -89.11 16.22
N GLY T 42 -128.87 -89.78 15.18
CA GLY T 42 -130.18 -90.37 15.20
C GLY T 42 -130.09 -91.88 14.98
N GLY T 43 -131.19 -92.57 15.28
CA GLY T 43 -131.22 -94.02 15.24
C GLY T 43 -131.01 -94.61 16.63
N THR T 44 -131.22 -95.92 16.71
CA THR T 44 -131.09 -96.66 17.97
C THR T 44 -129.67 -97.20 18.15
N GLN T 45 -128.76 -96.25 18.24
CA GLN T 45 -127.37 -96.48 18.65
C GLN T 45 -127.20 -95.83 20.02
N THR T 46 -126.92 -96.65 21.02
CA THR T 46 -126.91 -96.17 22.39
C THR T 46 -125.47 -96.11 22.89
N GLY T 47 -125.10 -94.94 23.39
CA GLY T 47 -123.77 -94.70 23.89
C GLY T 47 -122.90 -93.92 22.92
N VAL T 48 -123.39 -93.62 21.73
CA VAL T 48 -122.59 -92.94 20.72
C VAL T 48 -122.49 -91.45 21.07
N THR T 49 -121.27 -90.95 21.17
CA THR T 49 -121.01 -89.56 21.54
C THR T 49 -120.77 -88.72 20.28
N THR T 50 -121.26 -87.48 20.31
CA THR T 50 -121.14 -86.57 19.18
C THR T 50 -119.83 -85.79 19.27
N HIS T 51 -119.66 -84.81 18.39
CA HIS T 51 -118.38 -84.14 18.23
C HIS T 51 -118.12 -83.15 19.35
N SER T 52 -117.03 -83.35 20.07
CA SER T 52 -116.45 -82.40 20.99
C SER T 52 -115.04 -82.08 20.49
N VAL T 53 -114.35 -81.17 21.19
CA VAL T 53 -112.98 -80.90 20.78
C VAL T 53 -112.05 -81.99 21.30
N SER T 54 -112.27 -82.45 22.54
CA SER T 54 -111.44 -83.53 23.08
C SER T 54 -111.91 -84.91 22.63
N SER T 55 -113.20 -85.04 22.27
CA SER T 55 -113.76 -86.28 21.73
C SER T 55 -114.39 -85.97 20.38
N PRO T 56 -113.58 -85.89 19.33
CA PRO T 56 -114.08 -85.41 18.04
C PRO T 56 -114.91 -86.46 17.30
N PHE T 57 -115.69 -85.95 16.34
CA PHE T 57 -116.38 -86.76 15.33
C PHE T 57 -116.30 -85.93 14.05
N THR T 58 -115.25 -86.17 13.27
CA THR T 58 -114.93 -85.32 12.12
C THR T 58 -114.71 -86.15 10.86
N ILE T 59 -115.23 -85.64 9.75
CA ILE T 59 -115.16 -86.28 8.44
C ILE T 59 -114.56 -85.26 7.49
N THR T 60 -113.28 -85.41 7.17
CA THR T 60 -112.55 -84.44 6.36
C THR T 60 -112.02 -85.11 5.09
N PHE T 61 -112.09 -84.38 3.98
CA PHE T 61 -111.71 -84.90 2.66
C PHE T 61 -110.84 -83.87 1.96
N THR T 62 -109.67 -84.31 1.52
CA THR T 62 -108.60 -83.42 1.07
C THR T 62 -108.10 -83.83 -0.31
N ARG T 63 -107.75 -82.84 -1.11
CA ARG T 63 -107.09 -82.99 -2.40
C ARG T 63 -105.59 -82.71 -2.26
N PRO T 64 -104.77 -83.15 -3.20
CA PRO T 64 -103.34 -82.89 -3.08
C PRO T 64 -102.99 -81.43 -3.34
N LYS T 65 -101.83 -81.03 -2.81
CA LYS T 65 -101.40 -79.64 -2.95
C LYS T 65 -101.10 -79.30 -4.40
N THR T 66 -100.42 -80.19 -5.11
CA THR T 66 -100.03 -79.96 -6.50
C THR T 66 -100.41 -81.17 -7.34
N MET T 67 -101.14 -80.92 -8.42
CA MET T 67 -101.52 -81.99 -9.32
C MET T 67 -100.30 -82.45 -10.12
N LYS T 68 -100.36 -83.69 -10.61
CA LYS T 68 -99.30 -84.28 -11.41
C LYS T 68 -99.85 -84.72 -12.76
N THR T 69 -99.15 -84.35 -13.83
CA THR T 69 -99.51 -84.71 -15.19
C THR T 69 -98.74 -85.95 -15.62
N VAL T 70 -99.28 -86.62 -16.64
CA VAL T 70 -98.77 -87.95 -17.03
C VAL T 70 -97.35 -87.90 -17.54
N GLY T 71 -96.96 -86.81 -18.19
CA GLY T 71 -95.64 -86.75 -18.77
C GLY T 71 -95.62 -87.28 -20.18
N VAL T 72 -94.40 -87.50 -20.66
CA VAL T 72 -94.18 -87.70 -22.09
C VAL T 72 -93.28 -88.91 -22.31
N PRO T 73 -93.57 -89.76 -23.29
CA PRO T 73 -92.75 -90.97 -23.49
C PRO T 73 -91.34 -90.65 -23.99
N ASN T 74 -90.40 -91.46 -23.54
CA ASN T 74 -88.98 -91.29 -23.87
C ASN T 74 -88.67 -92.03 -25.17
N SER T 75 -87.36 -92.12 -25.48
CA SER T 75 -86.90 -92.66 -26.76
C SER T 75 -87.44 -94.07 -27.04
N ASN T 76 -87.71 -94.85 -26.00
CA ASN T 76 -88.22 -96.21 -26.16
C ASN T 76 -89.73 -96.27 -26.17
N GLY T 77 -90.42 -95.13 -26.20
CA GLY T 77 -91.86 -95.11 -26.14
C GLY T 77 -92.43 -95.38 -24.76
N VAL T 78 -91.61 -95.28 -23.71
CA VAL T 78 -92.02 -95.59 -22.34
C VAL T 78 -92.02 -94.31 -21.51
N ILE T 79 -93.09 -94.11 -20.74
CA ILE T 79 -93.16 -92.95 -19.85
C ILE T 79 -92.40 -93.26 -18.57
N THR T 80 -91.36 -92.46 -18.30
CA THR T 80 -90.35 -92.86 -17.33
C THR T 80 -90.90 -92.93 -15.93
N ASN T 81 -91.67 -91.93 -15.51
CA ASN T 81 -92.10 -91.81 -14.13
C ASN T 81 -93.56 -91.37 -14.10
N ILE T 82 -94.41 -92.23 -13.58
CA ILE T 82 -95.83 -91.95 -13.40
C ILE T 82 -96.03 -91.59 -11.94
N GLY T 83 -96.08 -90.30 -11.64
CA GLY T 83 -96.52 -89.87 -10.32
C GLY T 83 -97.98 -90.22 -10.09
N ARG T 84 -98.44 -90.01 -8.86
CA ARG T 84 -99.81 -90.33 -8.50
C ARG T 84 -100.41 -89.27 -7.58
N ASN T 85 -101.60 -88.79 -7.91
CA ASN T 85 -102.31 -87.85 -7.04
C ASN T 85 -103.17 -88.67 -6.08
N THR T 86 -102.98 -88.47 -4.76
CA THR T 86 -103.73 -89.17 -3.73
C THR T 86 -104.70 -88.20 -3.05
N TYR T 87 -105.96 -88.60 -2.98
CA TYR T 87 -107.00 -87.87 -2.26
C TYR T 87 -107.28 -88.59 -0.95
N GLY T 88 -107.51 -87.81 0.10
CA GLY T 88 -107.61 -88.38 1.44
C GLY T 88 -108.92 -88.15 2.16
N PHE T 89 -109.53 -89.21 2.68
CA PHE T 89 -110.80 -89.16 3.38
C PHE T 89 -110.59 -89.72 4.78
N LEU T 90 -110.79 -88.89 5.80
CA LEU T 90 -110.39 -89.30 7.14
C LEU T 90 -111.47 -88.95 8.16
N VAL T 91 -111.78 -89.93 9.01
CA VAL T 91 -112.77 -89.81 10.07
C VAL T 91 -112.05 -89.98 11.40
N ARG T 92 -112.24 -89.02 12.30
CA ARG T 92 -111.70 -89.07 13.65
C ARG T 92 -112.85 -89.19 14.63
N LYS T 93 -112.75 -90.13 15.57
CA LYS T 93 -113.81 -90.38 16.52
C LYS T 93 -113.25 -90.52 17.93
N GLY T 94 -113.82 -89.75 18.86
CA GLY T 94 -113.45 -89.89 20.26
C GLY T 94 -113.91 -91.23 20.81
N VAL T 95 -112.97 -92.02 21.34
CA VAL T 95 -113.26 -93.35 21.89
C VAL T 95 -112.58 -93.45 23.25
N ILE T 96 -113.26 -94.04 24.22
CA ILE T 96 -112.78 -94.05 25.60
C ILE T 96 -112.15 -95.42 25.89
N PRO T 97 -110.84 -95.48 26.20
CA PRO T 97 -110.21 -96.80 26.34
C PRO T 97 -110.42 -97.46 27.70
N ALA T 98 -110.36 -96.70 28.79
CA ALA T 98 -110.37 -97.30 30.12
C ALA T 98 -111.59 -96.83 30.91
N VAL T 99 -111.64 -97.26 32.18
CA VAL T 99 -112.81 -96.98 32.99
C VAL T 99 -112.90 -95.50 33.31
N ASN T 100 -111.77 -94.88 33.62
CA ASN T 100 -111.75 -93.46 33.91
C ASN T 100 -110.84 -92.69 32.99
N GLN T 101 -110.12 -93.37 32.10
CA GLN T 101 -109.18 -92.66 31.26
C GLN T 101 -109.92 -91.77 30.25
N SER T 102 -109.15 -90.85 29.68
CA SER T 102 -109.64 -89.78 28.84
C SER T 102 -109.76 -90.26 27.40
N PRO T 103 -110.57 -89.58 26.58
CA PRO T 103 -110.83 -90.08 25.21
C PRO T 103 -109.58 -90.03 24.33
N GLN T 104 -109.30 -91.17 23.69
CA GLN T 104 -108.36 -91.33 22.59
C GLN T 104 -109.09 -91.20 21.27
N VAL T 105 -108.34 -91.14 20.17
CA VAL T 105 -108.92 -90.86 18.87
C VAL T 105 -108.83 -92.10 18.00
N MET T 106 -109.92 -92.85 17.88
CA MET T 106 -109.99 -93.84 16.80
C MET T 106 -109.97 -93.13 15.46
N LEU T 107 -109.39 -93.80 14.48
CA LEU T 107 -109.08 -93.13 13.22
C LEU T 107 -109.38 -94.06 12.06
N VAL T 108 -110.22 -93.63 11.13
CA VAL T 108 -110.54 -94.40 9.92
C VAL T 108 -110.14 -93.54 8.73
N ARG T 109 -109.08 -93.94 8.02
CA ARG T 109 -108.57 -93.12 6.93
C ARG T 109 -108.48 -93.89 5.63
N VAL T 110 -108.89 -93.24 4.55
CA VAL T 110 -108.91 -93.79 3.20
C VAL T 110 -108.02 -92.92 2.34
N GLU T 111 -107.21 -93.56 1.50
CA GLU T 111 -106.34 -92.89 0.56
C GLU T 111 -106.62 -93.45 -0.82
N ILE T 112 -106.85 -92.55 -1.77
CA ILE T 112 -107.18 -92.90 -3.14
C ILE T 112 -106.04 -92.38 -4.00
N SER T 113 -105.13 -93.26 -4.42
CA SER T 113 -104.00 -92.89 -5.26
C SER T 113 -104.35 -93.20 -6.71
N VAL T 114 -104.55 -92.13 -7.49
CA VAL T 114 -104.85 -92.19 -8.90
C VAL T 114 -103.57 -91.88 -9.68
N PRO T 115 -103.06 -92.82 -10.49
CA PRO T 115 -101.91 -92.52 -11.33
C PRO T 115 -102.16 -91.35 -12.26
N ALA T 116 -101.09 -90.85 -12.86
CA ALA T 116 -101.14 -89.56 -13.52
C ALA T 116 -102.06 -89.60 -14.74
N GLY T 117 -101.73 -90.44 -15.73
CA GLY T 117 -102.51 -90.45 -16.96
C GLY T 117 -103.84 -91.13 -16.85
N ALA T 118 -104.06 -91.80 -15.71
CA ALA T 118 -105.28 -92.55 -15.45
C ALA T 118 -106.52 -91.69 -15.58
N ASP T 119 -106.54 -90.57 -14.84
CA ASP T 119 -107.74 -89.76 -14.67
C ASP T 119 -108.35 -89.33 -16.00
N THR T 120 -107.52 -89.24 -17.04
CA THR T 120 -107.98 -88.86 -18.37
C THR T 120 -108.10 -90.05 -19.30
N TYR T 121 -107.06 -90.88 -19.43
CA TYR T 121 -107.07 -91.93 -20.44
C TYR T 121 -108.01 -93.07 -20.07
N ASP T 122 -107.99 -93.52 -18.80
CA ASP T 122 -108.76 -94.68 -18.37
C ASP T 122 -109.56 -94.28 -17.13
N ALA T 123 -110.70 -93.63 -17.34
CA ALA T 123 -111.49 -93.18 -16.21
C ALA T 123 -112.42 -94.26 -15.72
N ALA T 124 -112.84 -95.15 -16.62
CA ALA T 124 -113.77 -96.20 -16.23
C ALA T 124 -113.17 -97.12 -15.17
N ASN T 125 -111.88 -97.46 -15.33
CA ASN T 125 -111.25 -98.35 -14.35
C ASN T 125 -111.04 -97.65 -13.01
N VAL T 126 -110.73 -96.35 -13.04
CA VAL T 126 -110.67 -95.57 -11.80
C VAL T 126 -112.00 -95.64 -11.07
N LYS T 127 -113.08 -95.26 -11.76
CA LYS T 127 -114.41 -95.29 -11.16
C LYS T 127 -114.76 -96.69 -10.67
N ALA T 128 -114.31 -97.72 -11.39
CA ALA T 128 -114.64 -99.09 -11.02
C ALA T 128 -113.91 -99.51 -9.74
N ALA T 129 -112.64 -99.14 -9.61
CA ALA T 129 -111.93 -99.41 -8.37
C ALA T 129 -112.63 -98.75 -7.20
N LEU T 130 -113.03 -97.48 -7.37
CA LEU T 130 -113.72 -96.78 -6.29
C LEU T 130 -115.04 -97.45 -5.93
N SER T 131 -115.84 -97.84 -6.94
CA SER T 131 -117.15 -98.41 -6.66
C SER T 131 -117.03 -99.80 -6.04
N ALA T 132 -116.06 -100.60 -6.48
CA ALA T 132 -115.85 -101.91 -5.86
C ALA T 132 -115.40 -101.77 -4.41
N ALA T 133 -114.45 -100.87 -4.15
CA ALA T 133 -113.97 -100.67 -2.79
C ALA T 133 -115.11 -100.22 -1.87
N ILE T 134 -115.85 -99.19 -2.27
CA ILE T 134 -116.92 -98.67 -1.42
C ILE T 134 -118.08 -99.67 -1.32
N GLY T 135 -118.34 -100.45 -2.37
CA GLY T 135 -119.41 -101.42 -2.29
C GLY T 135 -119.10 -102.57 -1.36
N VAL T 136 -117.85 -103.06 -1.39
CA VAL T 136 -117.45 -104.07 -0.42
C VAL T 136 -117.48 -103.51 0.99
N LEU T 137 -117.05 -102.25 1.16
CA LEU T 137 -117.09 -101.64 2.49
C LEU T 137 -118.51 -101.56 3.03
N SER T 138 -119.46 -101.11 2.20
CA SER T 138 -120.84 -100.98 2.67
C SER T 138 -121.48 -102.35 2.85
N GLN T 139 -121.07 -103.35 2.07
CA GLN T 139 -121.63 -104.70 2.25
C GLN T 139 -121.16 -105.33 3.55
N GLN T 140 -119.88 -105.21 3.85
CA GLN T 140 -119.31 -105.82 5.03
C GLN T 140 -119.17 -104.84 6.19
N SER T 141 -119.95 -103.77 6.22
CA SER T 141 -119.77 -102.77 7.27
C SER T 141 -119.96 -103.38 8.64
N ALA T 142 -121.06 -104.10 8.83
CA ALA T 142 -121.34 -104.73 10.12
C ALA T 142 -120.22 -105.71 10.48
N GLY T 143 -119.79 -106.52 9.52
CA GLY T 143 -118.77 -107.52 9.81
C GLY T 143 -117.42 -106.92 10.10
N ILE T 144 -117.09 -105.80 9.46
CA ILE T 144 -115.84 -105.10 9.74
C ILE T 144 -115.87 -104.49 11.13
N GLY T 145 -117.03 -104.00 11.57
CA GLY T 145 -117.15 -103.60 12.97
C GLY T 145 -116.96 -104.77 13.92
N ASP T 146 -117.64 -105.88 13.63
CA ASP T 146 -117.46 -107.10 14.41
C ASP T 146 -116.00 -107.48 14.50
N THR T 147 -115.26 -107.33 13.40
CA THR T 147 -113.84 -107.65 13.41
C THR T 147 -113.05 -106.62 14.21
N ALA T 148 -113.41 -105.34 14.11
CA ALA T 148 -112.71 -104.30 14.85
C ALA T 148 -112.81 -104.51 16.34
N LEU T 149 -113.85 -105.20 16.78
CA LEU T 149 -113.99 -105.52 18.20
C LEU T 149 -113.49 -106.92 18.56
N SER T 150 -113.64 -107.90 17.65
CA SER T 150 -113.35 -109.30 17.95
C SER T 150 -111.90 -109.66 17.70
N GLY T 151 -111.26 -109.03 16.71
CA GLY T 151 -109.96 -109.47 16.26
C GLY T 151 -110.01 -110.69 15.37
N ILE T 152 -111.18 -111.03 14.86
CA ILE T 152 -111.40 -112.29 14.15
C ILE T 152 -111.75 -111.97 12.70
N LEU T 153 -111.15 -112.71 11.78
CA LEU T 153 -111.45 -112.54 10.35
C LEU T 153 -112.48 -113.53 9.84
N ALA U 1 -113.11 -56.87 -2.81
CA ALA U 1 -114.47 -57.36 -2.95
C ALA U 1 -114.63 -58.14 -4.26
N TYR U 2 -113.95 -59.30 -4.36
CA TYR U 2 -113.97 -60.14 -5.55
C TYR U 2 -114.79 -61.41 -5.26
N SER U 3 -115.96 -61.54 -5.92
CA SER U 3 -116.84 -62.70 -5.74
C SER U 3 -117.65 -62.93 -7.02
N PRO U 4 -117.26 -63.91 -7.83
CA PRO U 4 -117.97 -64.16 -9.09
C PRO U 4 -119.30 -64.87 -8.88
N SER U 5 -120.12 -64.87 -9.93
CA SER U 5 -121.45 -65.47 -9.94
C SER U 5 -121.42 -66.87 -10.55
N THR U 6 -122.45 -67.66 -10.24
CA THR U 6 -122.46 -69.07 -10.65
C THR U 6 -122.43 -69.21 -12.16
N PRO U 7 -123.39 -68.67 -12.93
CA PRO U 7 -123.17 -68.56 -14.37
C PRO U 7 -122.49 -67.23 -14.71
N VAL U 8 -121.26 -67.28 -15.22
CA VAL U 8 -120.58 -66.08 -15.68
C VAL U 8 -120.89 -65.94 -17.17
N THR U 9 -121.49 -64.82 -17.54
CA THR U 9 -121.70 -64.54 -18.95
C THR U 9 -120.36 -64.26 -19.60
N GLY U 10 -119.88 -65.19 -20.42
CA GLY U 10 -118.58 -65.03 -21.05
C GLY U 10 -118.61 -63.96 -22.12
N ALA U 11 -117.48 -63.26 -22.26
CA ALA U 11 -117.40 -62.17 -23.23
C ALA U 11 -117.53 -62.71 -24.64
N ALA U 12 -118.08 -61.88 -25.52
CA ALA U 12 -118.39 -62.34 -26.86
C ALA U 12 -117.14 -62.89 -27.54
N GLN U 13 -117.31 -63.98 -28.27
CA GLN U 13 -116.24 -64.56 -29.06
C GLN U 13 -116.79 -64.95 -30.42
N THR U 14 -115.88 -65.21 -31.36
CA THR U 14 -116.27 -65.29 -32.76
C THR U 14 -117.25 -66.43 -33.02
N GLY U 15 -116.87 -67.66 -32.69
CA GLY U 15 -117.79 -68.74 -32.95
C GLY U 15 -118.81 -69.05 -31.89
N PHE U 16 -118.91 -68.25 -30.83
CA PHE U 16 -119.72 -68.58 -29.67
C PHE U 16 -121.04 -67.82 -29.70
N THR U 17 -122.12 -68.55 -29.41
CA THR U 17 -123.45 -67.96 -29.26
C THR U 17 -123.83 -68.04 -27.79
N SER U 18 -124.02 -66.87 -27.17
CA SER U 18 -124.43 -66.70 -25.78
C SER U 18 -123.67 -67.65 -24.85
N PRO U 19 -122.33 -67.49 -24.71
CA PRO U 19 -121.56 -68.44 -23.91
C PRO U 19 -121.55 -68.08 -22.43
N THR U 20 -121.78 -69.09 -21.58
CA THR U 20 -121.75 -68.93 -20.14
C THR U 20 -120.86 -70.01 -19.54
N TYR U 21 -120.23 -69.70 -18.41
CA TYR U 21 -119.33 -70.64 -17.73
C TYR U 21 -119.76 -70.79 -16.28
N THR U 22 -120.03 -72.02 -15.87
CA THR U 22 -120.39 -72.32 -14.49
C THR U 22 -119.11 -72.48 -13.68
N LEU U 23 -118.99 -71.71 -12.60
CA LEU U 23 -117.82 -71.76 -11.73
C LEU U 23 -118.13 -72.60 -10.50
N THR U 24 -117.23 -73.52 -10.17
CA THR U 24 -117.26 -74.23 -8.90
C THR U 24 -116.12 -73.72 -8.04
N SER U 25 -116.42 -73.44 -6.77
CA SER U 25 -115.38 -72.92 -5.88
C SER U 25 -114.24 -73.91 -5.78
N ASP U 26 -113.01 -73.41 -5.86
CA ASP U 26 -111.82 -74.22 -5.72
C ASP U 26 -110.88 -73.54 -4.72
N THR U 27 -110.00 -74.34 -4.14
CA THR U 27 -109.08 -73.85 -3.12
C THR U 27 -107.80 -73.36 -3.77
N ALA U 28 -107.41 -72.13 -3.44
CA ALA U 28 -106.39 -71.38 -4.14
C ALA U 28 -104.99 -71.83 -3.76
N PRO U 29 -103.97 -71.48 -4.57
CA PRO U 29 -102.62 -71.97 -4.26
C PRO U 29 -101.99 -71.29 -3.08
N THR U 30 -102.24 -69.99 -2.93
CA THR U 30 -101.81 -69.23 -1.77
C THR U 30 -102.99 -69.01 -0.84
N ALA U 31 -102.68 -68.52 0.35
CA ALA U 31 -103.73 -68.16 1.29
C ALA U 31 -104.32 -66.79 1.01
N LEU U 32 -103.71 -66.04 0.09
CA LEU U 32 -104.16 -64.71 -0.27
C LEU U 32 -104.83 -64.68 -1.63
N GLY U 33 -105.30 -65.82 -2.10
CA GLY U 33 -105.97 -65.91 -3.38
C GLY U 33 -107.33 -66.56 -3.24
N LYS U 34 -108.23 -66.18 -4.15
CA LYS U 34 -109.52 -66.84 -4.30
C LYS U 34 -109.55 -67.45 -5.68
N GLN U 35 -109.84 -68.75 -5.76
CA GLN U 35 -109.80 -69.47 -7.03
C GLN U 35 -111.12 -70.16 -7.28
N HIS U 36 -111.61 -70.07 -8.51
CA HIS U 36 -112.71 -70.89 -8.97
C HIS U 36 -112.23 -71.71 -10.16
N ALA U 37 -112.95 -72.78 -10.46
CA ALA U 37 -112.63 -73.60 -11.62
C ALA U 37 -113.89 -73.82 -12.46
N VAL U 38 -113.72 -73.82 -13.78
CA VAL U 38 -114.86 -73.91 -14.68
C VAL U 38 -115.28 -75.38 -14.75
N THR U 39 -116.34 -75.72 -14.01
CA THR U 39 -116.81 -77.10 -13.96
C THR U 39 -117.66 -77.48 -15.18
N ALA U 40 -118.36 -76.51 -15.78
CA ALA U 40 -119.21 -76.81 -16.93
C ALA U 40 -119.42 -75.55 -17.76
N THR U 41 -119.75 -75.77 -19.04
CA THR U 41 -120.00 -74.68 -19.98
C THR U 41 -121.43 -74.75 -20.49
N GLY U 42 -122.06 -73.59 -20.63
CA GLY U 42 -123.33 -73.46 -21.31
C GLY U 42 -123.18 -72.54 -22.51
N GLY U 43 -124.12 -72.61 -23.44
CA GLY U 43 -124.03 -71.87 -24.68
C GLY U 43 -123.51 -72.72 -25.83
N THR U 44 -123.55 -72.14 -27.03
CA THR U 44 -123.11 -72.85 -28.23
C THR U 44 -121.63 -72.52 -28.48
N GLN U 45 -120.79 -73.17 -27.68
CA GLN U 45 -119.33 -73.13 -27.84
C GLN U 45 -118.87 -74.58 -27.98
N THR U 46 -118.81 -75.05 -29.20
CA THR U 46 -118.60 -76.47 -29.44
C THR U 46 -117.12 -76.79 -29.32
N GLY U 47 -116.80 -77.88 -28.60
CA GLY U 47 -115.43 -78.30 -28.41
C GLY U 47 -114.76 -77.79 -27.16
N VAL U 48 -115.40 -76.88 -26.42
CA VAL U 48 -114.78 -76.28 -25.25
C VAL U 48 -114.71 -77.31 -24.14
N THR U 49 -113.50 -77.57 -23.63
CA THR U 49 -113.29 -78.54 -22.57
C THR U 49 -113.25 -77.86 -21.20
N THR U 50 -113.93 -78.46 -20.23
CA THR U 50 -113.98 -77.93 -18.88
C THR U 50 -112.72 -78.30 -18.12
N HIS U 51 -112.70 -77.99 -16.82
CA HIS U 51 -111.52 -78.25 -16.01
C HIS U 51 -111.33 -79.74 -15.80
N SER U 52 -110.15 -80.23 -16.15
CA SER U 52 -109.72 -81.58 -15.87
C SER U 52 -108.36 -81.50 -15.19
N VAL U 53 -107.91 -82.63 -14.66
CA VAL U 53 -106.56 -82.65 -14.09
C VAL U 53 -105.52 -82.44 -15.18
N SER U 54 -105.75 -83.02 -16.36
CA SER U 54 -104.77 -82.92 -17.44
C SER U 54 -104.81 -81.54 -18.10
N SER U 55 -105.99 -80.95 -18.24
CA SER U 55 -106.15 -79.64 -18.89
C SER U 55 -107.03 -78.75 -18.01
N PRO U 56 -106.43 -77.82 -17.27
CA PRO U 56 -107.20 -77.05 -16.29
C PRO U 56 -107.94 -75.88 -16.93
N PHE U 57 -108.97 -75.43 -16.21
CA PHE U 57 -109.72 -74.22 -16.54
C PHE U 57 -109.96 -73.52 -15.20
N THR U 58 -109.05 -72.59 -14.86
CA THR U 58 -109.02 -72.00 -13.52
C THR U 58 -108.92 -70.49 -13.59
N ILE U 59 -109.61 -69.83 -12.65
CA ILE U 59 -109.68 -68.37 -12.56
C ILE U 59 -109.31 -68.01 -11.13
N THR U 60 -108.11 -67.46 -10.94
CA THR U 60 -107.61 -67.18 -9.60
C THR U 60 -107.22 -65.71 -9.47
N PHE U 61 -107.59 -65.10 -8.35
CA PHE U 61 -107.34 -63.68 -8.09
C PHE U 61 -106.64 -63.54 -6.75
N THR U 62 -105.50 -62.86 -6.76
CA THR U 62 -104.61 -62.80 -5.60
C THR U 62 -104.31 -61.35 -5.24
N ARG U 63 -104.21 -61.09 -3.94
CA ARG U 63 -103.78 -59.81 -3.40
C ARG U 63 -102.37 -59.93 -2.84
N PRO U 64 -101.61 -58.82 -2.76
CA PRO U 64 -100.21 -58.93 -2.34
C PRO U 64 -100.06 -59.37 -0.90
N LYS U 65 -98.92 -60.01 -0.63
CA LYS U 65 -98.63 -60.48 0.72
C LYS U 65 -98.56 -59.32 1.71
N THR U 66 -97.78 -58.29 1.37
CA THR U 66 -97.57 -57.14 2.25
C THR U 66 -97.99 -55.88 1.52
N MET U 67 -98.96 -55.16 2.09
CA MET U 67 -99.35 -53.87 1.55
C MET U 67 -98.26 -52.83 1.83
N LYS U 68 -98.17 -51.82 0.96
CA LYS U 68 -97.16 -50.77 1.08
C LYS U 68 -97.84 -49.42 1.29
N THR U 69 -97.37 -48.69 2.32
CA THR U 69 -97.88 -47.36 2.64
C THR U 69 -97.09 -46.30 1.89
N VAL U 70 -97.70 -45.12 1.75
CA VAL U 70 -97.18 -44.10 0.84
C VAL U 70 -95.83 -43.56 1.32
N GLY U 71 -95.65 -43.42 2.62
CA GLY U 71 -94.42 -42.86 3.15
C GLY U 71 -94.56 -41.39 3.53
N VAL U 72 -93.51 -40.88 4.16
CA VAL U 72 -93.52 -39.56 4.78
C VAL U 72 -92.69 -38.61 3.93
N PRO U 73 -93.19 -37.43 3.60
CA PRO U 73 -92.41 -36.48 2.81
C PRO U 73 -91.20 -35.96 3.59
N ASN U 74 -90.12 -35.69 2.86
CA ASN U 74 -88.88 -35.22 3.47
C ASN U 74 -88.91 -33.69 3.59
N SER U 75 -87.75 -33.10 3.89
CA SER U 75 -87.66 -31.66 4.11
C SER U 75 -88.11 -30.87 2.90
N ASN U 76 -87.82 -31.36 1.69
CA ASN U 76 -88.23 -30.68 0.47
C ASN U 76 -89.71 -30.84 0.15
N GLY U 77 -90.44 -31.65 0.93
CA GLY U 77 -91.81 -31.98 0.60
C GLY U 77 -91.96 -33.15 -0.34
N VAL U 78 -90.89 -33.88 -0.62
CA VAL U 78 -90.87 -34.95 -1.61
C VAL U 78 -90.87 -36.30 -0.91
N ILE U 79 -91.70 -37.21 -1.41
CA ILE U 79 -91.74 -38.59 -0.92
C ILE U 79 -90.77 -39.44 -1.73
N THR U 80 -89.85 -40.10 -1.03
CA THR U 80 -88.65 -40.64 -1.68
C THR U 80 -88.97 -41.82 -2.59
N ASN U 81 -89.75 -42.79 -2.11
CA ASN U 81 -89.99 -44.00 -2.87
C ASN U 81 -91.46 -44.41 -2.75
N ILE U 82 -92.13 -44.49 -3.89
CA ILE U 82 -93.53 -44.90 -3.95
C ILE U 82 -93.53 -46.35 -4.40
N GLY U 83 -93.64 -47.27 -3.44
CA GLY U 83 -93.89 -48.66 -3.77
C GLY U 83 -95.22 -48.82 -4.47
N ARG U 84 -95.45 -50.02 -4.99
CA ARG U 84 -96.68 -50.30 -5.72
C ARG U 84 -97.20 -51.67 -5.31
N ASN U 85 -98.45 -51.74 -4.84
CA ASN U 85 -99.07 -53.03 -4.56
C ASN U 85 -99.77 -53.51 -5.83
N THR U 86 -99.48 -54.75 -6.23
CA THR U 86 -100.00 -55.36 -7.46
C THR U 86 -100.95 -56.50 -7.11
N TYR U 87 -102.14 -56.45 -7.68
CA TYR U 87 -103.11 -57.53 -7.57
C TYR U 87 -103.09 -58.32 -8.87
N GLY U 88 -103.30 -59.63 -8.76
CA GLY U 88 -103.14 -60.52 -9.90
C GLY U 88 -104.32 -61.41 -10.25
N PHE U 89 -104.74 -61.37 -11.51
CA PHE U 89 -105.89 -62.13 -11.98
C PHE U 89 -105.43 -63.05 -13.09
N LEU U 90 -105.59 -64.35 -12.91
CA LEU U 90 -104.98 -65.28 -13.87
C LEU U 90 -105.91 -66.42 -14.21
N VAL U 91 -106.04 -66.67 -15.51
CA VAL U 91 -106.85 -67.75 -16.06
C VAL U 91 -105.91 -68.73 -16.73
N ARG U 92 -106.05 -70.01 -16.41
CA ARG U 92 -105.30 -71.09 -17.02
C ARG U 92 -106.25 -72.01 -17.76
N LYS U 93 -105.95 -72.32 -19.02
CA LYS U 93 -106.85 -73.13 -19.84
C LYS U 93 -106.08 -74.24 -20.56
N GLY U 94 -106.59 -75.46 -20.44
CA GLY U 94 -106.00 -76.57 -21.15
C GLY U 94 -106.30 -76.49 -22.64
N VAL U 95 -105.26 -76.43 -23.47
CA VAL U 95 -105.37 -76.26 -24.92
C VAL U 95 -104.45 -77.25 -25.60
N ILE U 96 -104.93 -77.92 -26.64
CA ILE U 96 -104.18 -79.02 -27.24
C ILE U 96 -103.47 -78.52 -28.50
N PRO U 97 -102.13 -78.60 -28.56
CA PRO U 97 -101.43 -78.01 -29.72
C PRO U 97 -101.44 -78.86 -30.98
N ALA U 98 -101.31 -80.17 -30.89
CA ALA U 98 -101.23 -80.97 -32.11
C ALA U 98 -102.26 -82.08 -32.11
N VAL U 99 -102.12 -82.97 -33.08
CA VAL U 99 -103.14 -83.97 -33.32
C VAL U 99 -103.15 -85.01 -32.21
N ASN U 100 -101.98 -85.31 -31.64
CA ASN U 100 -101.94 -86.28 -30.57
C ASN U 100 -101.09 -85.82 -29.38
N GLN U 101 -100.90 -84.51 -29.23
CA GLN U 101 -100.03 -84.01 -28.18
C GLN U 101 -100.75 -83.85 -26.85
N SER U 102 -99.96 -83.81 -25.78
CA SER U 102 -100.46 -83.53 -24.45
C SER U 102 -100.93 -82.09 -24.36
N PRO U 103 -101.95 -81.81 -23.56
CA PRO U 103 -102.45 -80.43 -23.47
C PRO U 103 -101.41 -79.50 -22.86
N GLN U 104 -101.27 -78.34 -23.48
CA GLN U 104 -100.52 -77.18 -23.03
C GLN U 104 -101.45 -76.22 -22.30
N VAL U 105 -100.87 -75.33 -21.50
CA VAL U 105 -101.66 -74.42 -20.68
C VAL U 105 -101.62 -73.03 -21.32
N MET U 106 -102.65 -72.70 -22.10
CA MET U 106 -102.83 -71.31 -22.45
C MET U 106 -103.02 -70.50 -21.18
N LEU U 107 -102.58 -69.25 -21.20
CA LEU U 107 -102.48 -68.49 -19.96
C LEU U 107 -102.83 -67.04 -20.22
N VAL U 108 -103.87 -66.54 -19.56
CA VAL U 108 -104.27 -65.13 -19.66
C VAL U 108 -104.08 -64.53 -18.28
N ARG U 109 -103.15 -63.59 -18.16
CA ARG U 109 -102.85 -63.04 -16.83
C ARG U 109 -102.85 -61.52 -16.85
N VAL U 110 -103.53 -60.95 -15.86
CA VAL U 110 -103.69 -59.53 -15.65
C VAL U 110 -102.95 -59.17 -14.38
N GLU U 111 -102.31 -58.01 -14.38
CA GLU U 111 -101.65 -57.44 -13.21
C GLU U 111 -102.08 -55.99 -13.07
N ILE U 112 -102.55 -55.64 -11.88
CA ILE U 112 -103.03 -54.30 -11.58
C ILE U 112 -102.07 -53.75 -10.55
N SER U 113 -101.18 -52.85 -10.96
CA SER U 113 -100.21 -52.22 -10.08
C SER U 113 -100.71 -50.83 -9.67
N VAL U 114 -101.04 -50.68 -8.40
CA VAL U 114 -101.53 -49.43 -7.82
C VAL U 114 -100.40 -48.84 -6.99
N PRO U 115 -100.02 -47.58 -7.23
CA PRO U 115 -99.00 -46.94 -6.40
C PRO U 115 -99.48 -46.73 -4.98
N ALA U 116 -98.52 -46.41 -4.13
CA ALA U 116 -98.71 -46.57 -2.68
C ALA U 116 -99.79 -45.62 -2.15
N GLY U 117 -99.77 -44.37 -2.59
CA GLY U 117 -100.61 -43.35 -2.02
C GLY U 117 -101.89 -43.20 -2.80
N ALA U 118 -101.90 -43.80 -4.00
CA ALA U 118 -103.00 -43.69 -4.94
C ALA U 118 -104.33 -44.12 -4.31
N ASP U 119 -104.34 -45.32 -3.71
CA ASP U 119 -105.57 -45.97 -3.26
C ASP U 119 -106.40 -45.08 -2.35
N THR U 120 -105.76 -44.16 -1.66
CA THR U 120 -106.41 -43.22 -0.77
C THR U 120 -106.58 -41.84 -1.40
N TYR U 121 -105.48 -41.24 -1.87
CA TYR U 121 -105.55 -39.84 -2.30
C TYR U 121 -106.33 -39.68 -3.60
N ASP U 122 -106.09 -40.55 -4.58
CA ASP U 122 -106.70 -40.43 -5.92
C ASP U 122 -107.34 -41.76 -6.29
N ALA U 123 -108.54 -42.00 -5.78
CA ALA U 123 -109.20 -43.26 -6.05
C ALA U 123 -109.97 -43.24 -7.35
N ALA U 124 -110.45 -42.05 -7.75
CA ALA U 124 -111.23 -41.94 -8.98
C ALA U 124 -110.39 -42.34 -10.19
N ASN U 125 -109.10 -41.96 -10.21
CA ASN U 125 -108.27 -42.27 -11.36
C ASN U 125 -107.92 -43.75 -11.41
N VAL U 126 -107.71 -44.36 -10.25
CA VAL U 126 -107.53 -45.82 -10.19
C VAL U 126 -108.75 -46.53 -10.77
N LYS U 127 -109.94 -46.18 -10.26
CA LYS U 127 -111.16 -46.81 -10.75
C LYS U 127 -111.32 -46.57 -12.25
N ALA U 128 -110.90 -45.39 -12.73
CA ALA U 128 -111.05 -45.06 -14.14
C ALA U 128 -110.11 -45.90 -15.01
N ALA U 129 -108.87 -46.08 -14.58
CA ALA U 129 -107.96 -46.96 -15.32
C ALA U 129 -108.53 -48.37 -15.41
N LEU U 130 -109.07 -48.88 -14.30
CA LEU U 130 -109.64 -50.22 -14.32
C LEU U 130 -110.84 -50.30 -15.25
N SER U 131 -111.75 -49.32 -15.19
CA SER U 131 -112.95 -49.37 -16.01
C SER U 131 -112.62 -49.21 -17.48
N ALA U 132 -111.62 -48.40 -17.82
CA ALA U 132 -111.23 -48.27 -19.22
C ALA U 132 -110.57 -49.53 -19.73
N ALA U 133 -109.66 -50.12 -18.96
CA ALA U 133 -109.02 -51.37 -19.37
C ALA U 133 -110.04 -52.48 -19.59
N ILE U 134 -110.91 -52.71 -18.60
CA ILE U 134 -111.89 -53.79 -18.74
C ILE U 134 -112.95 -53.46 -19.78
N GLY U 135 -113.32 -52.20 -19.96
CA GLY U 135 -114.29 -51.85 -20.99
C GLY U 135 -113.76 -52.06 -22.38
N VAL U 136 -112.49 -51.72 -22.62
CA VAL U 136 -111.88 -52.00 -23.91
C VAL U 136 -111.75 -53.52 -24.12
N LEU U 137 -111.40 -54.26 -23.07
CA LEU U 137 -111.30 -55.72 -23.21
C LEU U 137 -112.66 -56.32 -23.59
N SER U 138 -113.74 -55.92 -22.92
CA SER U 138 -115.04 -56.50 -23.23
C SER U 138 -115.56 -56.01 -24.58
N GLN U 139 -115.22 -54.78 -24.98
CA GLN U 139 -115.64 -54.30 -26.30
C GLN U 139 -114.95 -55.08 -27.39
N GLN U 140 -113.65 -55.34 -27.23
CA GLN U 140 -112.86 -55.99 -28.27
C GLN U 140 -112.58 -57.45 -27.93
N SER U 141 -113.46 -58.12 -27.20
CA SER U 141 -113.20 -59.51 -26.84
C SER U 141 -113.16 -60.41 -28.07
N ALA U 142 -114.17 -60.30 -28.92
CA ALA U 142 -114.20 -61.11 -30.13
C ALA U 142 -113.01 -60.82 -31.02
N GLY U 143 -112.65 -59.53 -31.14
CA GLY U 143 -111.53 -59.16 -31.99
C GLY U 143 -110.19 -59.60 -31.44
N ILE U 144 -110.04 -59.62 -30.12
CA ILE U 144 -108.80 -60.11 -29.51
C ILE U 144 -108.71 -61.62 -29.66
N GLY U 145 -109.84 -62.33 -29.61
CA GLY U 145 -109.79 -63.74 -29.96
C GLY U 145 -109.36 -63.95 -31.40
N ASP U 146 -109.98 -63.21 -32.32
CA ASP U 146 -109.60 -63.27 -33.73
C ASP U 146 -108.11 -63.01 -33.91
N THR U 147 -107.56 -62.07 -33.13
CA THR U 147 -106.13 -61.78 -33.20
C THR U 147 -105.31 -62.92 -32.63
N ALA U 148 -105.72 -63.47 -31.48
CA ALA U 148 -104.98 -64.56 -30.84
C ALA U 148 -104.91 -65.78 -31.72
N LEU U 149 -105.89 -65.96 -32.61
CA LEU U 149 -105.86 -67.10 -33.52
C LEU U 149 -105.20 -66.76 -34.86
N SER U 150 -105.39 -65.52 -35.35
CA SER U 150 -104.94 -65.16 -36.69
C SER U 150 -103.49 -64.71 -36.73
N GLY U 151 -103.00 -64.08 -35.67
CA GLY U 151 -101.82 -63.28 -35.78
C GLY U 151 -102.06 -61.93 -36.41
N ILE U 152 -103.31 -61.61 -36.69
CA ILE U 152 -103.66 -60.37 -37.37
C ILE U 152 -103.98 -59.31 -36.33
N LEU U 153 -103.30 -58.18 -36.43
CA LEU U 153 -103.53 -57.06 -35.53
C LEU U 153 -104.32 -55.95 -36.26
N ALA V 1 -27.86 45.38 30.01
CA ALA V 1 -27.48 46.76 29.78
C ALA V 1 -26.00 47.02 30.12
N TYR V 2 -25.09 46.37 29.39
CA TYR V 2 -23.65 46.48 29.62
C TYR V 2 -23.04 47.32 28.51
N SER V 3 -22.56 48.53 28.86
CA SER V 3 -21.94 49.45 27.90
C SER V 3 -20.92 50.32 28.63
N PRO V 4 -19.63 50.01 28.51
CA PRO V 4 -18.60 50.78 29.21
C PRO V 4 -18.35 52.13 28.55
N SER V 5 -17.65 52.99 29.30
CA SER V 5 -17.33 54.35 28.88
C SER V 5 -15.90 54.44 28.35
N THR V 6 -15.62 55.51 27.59
CA THR V 6 -14.35 55.60 26.88
C THR V 6 -13.15 55.63 27.81
N PRO V 7 -13.04 56.59 28.77
CA PRO V 7 -12.08 56.40 29.85
C PRO V 7 -12.72 55.69 31.04
N VAL V 8 -12.23 54.51 31.38
CA VAL V 8 -12.69 53.79 32.56
C VAL V 8 -11.79 54.18 33.72
N THR V 9 -12.39 54.71 34.77
CA THR V 9 -11.65 55.04 35.99
C THR V 9 -11.27 53.72 36.66
N GLY V 10 -9.99 53.33 36.53
CA GLY V 10 -9.56 52.04 37.04
C GLY V 10 -9.50 52.03 38.56
N ALA V 11 -9.82 50.87 39.14
CA ALA V 11 -9.89 50.77 40.58
C ALA V 11 -8.51 51.01 41.20
N ALA V 12 -8.51 51.49 42.43
CA ALA V 12 -7.25 51.90 43.06
C ALA V 12 -6.31 50.70 43.15
N GLN V 13 -5.04 50.94 42.85
CA GLN V 13 -4.00 49.94 42.99
C GLN V 13 -2.79 50.57 43.66
N THR V 14 -1.88 49.72 44.14
CA THR V 14 -0.88 50.14 45.10
C THR V 14 0.05 51.22 44.52
N GLY V 15 0.69 50.91 43.41
CA GLY V 15 1.59 51.88 42.82
C GLY V 15 0.98 52.84 41.81
N PHE V 16 -0.34 52.85 41.65
CA PHE V 16 -0.99 53.62 40.60
C PHE V 16 -1.57 54.90 41.16
N THR V 17 -1.33 56.00 40.43
CA THR V 17 -1.90 57.30 40.77
C THR V 17 -2.93 57.65 39.71
N SER V 18 -4.20 57.73 40.11
CA SER V 18 -5.30 58.09 39.23
C SER V 18 -5.29 57.33 37.90
N PRO V 19 -5.42 56.00 37.93
CA PRO V 19 -5.29 55.23 36.68
C PRO V 19 -6.60 55.19 35.90
N THR V 20 -6.51 55.40 34.58
CA THR V 20 -7.64 55.31 33.68
C THR V 20 -7.24 54.45 32.48
N TYR V 21 -8.22 53.77 31.89
CA TYR V 21 -7.97 52.90 30.75
C TYR V 21 -8.91 53.27 29.61
N THR V 22 -8.36 53.55 28.44
CA THR V 22 -9.15 53.89 27.27
C THR V 22 -9.55 52.60 26.57
N LEU V 23 -10.85 52.42 26.35
CA LEU V 23 -11.37 51.24 25.70
C LEU V 23 -11.67 51.53 24.24
N THR V 24 -11.27 50.61 23.37
CA THR V 24 -11.64 50.62 21.97
C THR V 24 -12.53 49.43 21.69
N SER V 25 -13.57 49.63 20.90
CA SER V 25 -14.54 48.57 20.69
C SER V 25 -13.92 47.44 19.87
N ASP V 26 -14.22 46.20 20.26
CA ASP V 26 -13.68 45.02 19.61
C ASP V 26 -14.81 44.03 19.34
N THR V 27 -14.61 43.20 18.33
CA THR V 27 -15.56 42.14 18.05
C THR V 27 -15.28 40.95 18.96
N ALA V 28 -16.35 40.41 19.57
CA ALA V 28 -16.25 39.38 20.58
C ALA V 28 -16.09 37.99 19.95
N PRO V 29 -15.67 36.98 20.74
CA PRO V 29 -15.43 35.65 20.16
C PRO V 29 -16.70 34.87 19.89
N THR V 30 -17.70 35.03 20.74
CA THR V 30 -19.03 34.48 20.50
C THR V 30 -19.96 35.58 20.00
N ALA V 31 -21.12 35.15 19.51
CA ALA V 31 -22.18 36.08 19.16
C ALA V 31 -22.98 36.53 20.37
N LEU V 32 -22.64 36.03 21.56
CA LEU V 32 -23.31 36.37 22.80
C LEU V 32 -22.45 37.25 23.70
N GLY V 33 -21.40 37.85 23.15
CA GLY V 33 -20.48 38.62 23.94
C GLY V 33 -20.30 40.02 23.37
N LYS V 34 -20.03 40.95 24.28
CA LYS V 34 -19.56 42.28 23.94
C LYS V 34 -18.15 42.43 24.50
N GLN V 35 -17.19 42.80 23.65
CA GLN V 35 -15.80 42.83 24.06
C GLN V 35 -15.16 44.17 23.69
N HIS V 36 -14.41 44.74 24.63
CA HIS V 36 -13.58 45.90 24.36
C HIS V 36 -12.12 45.53 24.60
N ALA V 37 -11.22 46.25 23.95
CA ALA V 37 -9.80 46.08 24.16
C ALA V 37 -9.20 47.38 24.71
N VAL V 38 -8.23 47.24 25.61
CA VAL V 38 -7.62 48.41 26.24
C VAL V 38 -6.54 48.92 25.28
N THR V 39 -6.87 49.96 24.52
CA THR V 39 -5.96 50.46 23.50
C THR V 39 -4.90 51.40 24.09
N ALA V 40 -5.16 52.05 25.23
CA ALA V 40 -4.19 52.96 25.82
C ALA V 40 -4.50 53.16 27.30
N THR V 41 -3.47 53.55 28.05
CA THR V 41 -3.58 53.80 29.48
C THR V 41 -3.25 55.24 29.81
N GLY V 42 -4.01 55.81 30.74
CA GLY V 42 -3.71 57.12 31.29
C GLY V 42 -3.51 57.00 32.79
N GLY V 43 -2.86 57.99 33.39
CA GLY V 43 -2.48 57.92 34.79
C GLY V 43 -1.04 57.48 34.97
N THR V 44 -0.59 57.52 36.23
CA THR V 44 0.79 57.15 36.57
C THR V 44 0.82 55.67 36.96
N GLN V 45 0.79 54.83 35.94
CA GLN V 45 0.95 53.38 36.08
C GLN V 45 2.09 52.98 35.15
N THR V 46 3.30 53.05 35.67
CA THR V 46 4.48 52.89 34.82
C THR V 46 4.70 51.40 34.52
N GLY V 47 4.99 51.10 33.26
CA GLY V 47 5.22 49.74 32.82
C GLY V 47 4.01 49.00 32.30
N VAL V 48 2.82 49.56 32.45
CA VAL V 48 1.60 48.87 32.02
C VAL V 48 1.55 48.82 30.51
N THR V 49 1.41 47.61 29.97
CA THR V 49 1.35 47.39 28.52
C THR V 49 -0.09 47.28 28.05
N THR V 50 -0.38 47.89 26.91
CA THR V 50 -1.71 47.89 26.35
C THR V 50 -1.92 46.63 25.49
N HIS V 51 -3.10 46.52 24.88
CA HIS V 51 -3.45 45.35 24.11
C HIS V 51 -2.55 45.22 22.88
N SER V 52 -1.86 44.09 22.79
CA SER V 52 -1.05 43.72 21.63
C SER V 52 -1.49 42.34 21.17
N VAL V 53 -1.04 41.96 19.98
CA VAL V 53 -1.31 40.61 19.52
C VAL V 53 -0.63 39.61 20.44
N SER V 54 0.60 39.91 20.85
CA SER V 54 1.36 38.98 21.68
C SER V 54 0.83 38.94 23.10
N SER V 55 0.45 40.09 23.66
CA SER V 55 -0.02 40.19 25.04
C SER V 55 -1.33 40.97 25.08
N PRO V 56 -2.46 40.30 25.21
CA PRO V 56 -3.76 40.97 25.08
C PRO V 56 -4.15 41.69 26.36
N PHE V 57 -5.04 42.68 26.19
CA PHE V 57 -5.71 43.37 27.29
C PHE V 57 -7.16 43.55 26.86
N THR V 58 -8.01 42.59 27.27
CA THR V 58 -9.38 42.50 26.77
C THR V 58 -10.38 42.31 27.89
N ILE V 59 -11.56 42.91 27.70
CA ILE V 59 -12.65 42.91 28.66
C ILE V 59 -13.90 42.46 27.91
N THR V 60 -14.33 41.23 28.14
CA THR V 60 -15.44 40.63 27.41
C THR V 60 -16.56 40.20 28.37
N PHE V 61 -17.81 40.45 28.00
CA PHE V 61 -18.97 40.13 28.83
C PHE V 61 -19.97 39.36 27.99
N THR V 62 -20.40 38.21 28.50
CA THR V 62 -21.17 37.24 27.72
C THR V 62 -22.41 36.81 28.48
N ARG V 63 -23.50 36.60 27.73
CA ARG V 63 -24.75 36.04 28.24
C ARG V 63 -24.85 34.58 27.86
N PRO V 64 -25.71 33.80 28.52
CA PRO V 64 -25.82 32.38 28.19
C PRO V 64 -26.50 32.14 26.85
N LYS V 65 -26.16 31.01 26.24
CA LYS V 65 -26.71 30.68 24.92
C LYS V 65 -28.23 30.56 24.99
N THR V 66 -28.74 29.84 25.99
CA THR V 66 -30.15 29.60 26.15
C THR V 66 -30.58 29.98 27.56
N MET V 67 -31.62 30.81 27.65
CA MET V 67 -32.17 31.19 28.94
C MET V 67 -32.97 30.03 29.53
N LYS V 68 -33.01 29.98 30.86
CA LYS V 68 -33.69 28.90 31.56
C LYS V 68 -34.90 29.45 32.29
N THR V 69 -36.06 28.88 32.00
CA THR V 69 -37.27 29.18 32.74
C THR V 69 -37.43 28.19 33.88
N VAL V 70 -38.20 28.60 34.88
CA VAL V 70 -38.28 27.81 36.10
C VAL V 70 -39.41 26.80 36.03
N GLY V 83 -32.06 24.97 38.03
CA GLY V 83 -31.40 25.57 36.88
C GLY V 83 -30.84 26.94 37.14
N ARG V 84 -29.85 27.37 36.34
CA ARG V 84 -29.20 28.66 36.56
C ARG V 84 -28.81 29.32 35.24
N ASN V 85 -28.99 30.63 35.15
CA ASN V 85 -28.45 31.43 34.04
C ASN V 85 -27.18 32.10 34.56
N THR V 86 -26.03 31.81 33.95
CA THR V 86 -24.75 32.39 34.36
C THR V 86 -24.25 33.37 33.30
N TYR V 87 -23.96 34.59 33.75
CA TYR V 87 -23.36 35.62 32.91
C TYR V 87 -21.88 35.73 33.23
N GLY V 88 -21.07 35.96 32.21
CA GLY V 88 -19.62 35.92 32.38
C GLY V 88 -18.85 37.16 32.00
N PHE V 89 -18.02 37.66 32.89
CA PHE V 89 -17.23 38.87 32.68
C PHE V 89 -15.76 38.50 32.82
N LEU V 90 -14.98 38.66 31.76
CA LEU V 90 -13.62 38.13 31.77
C LEU V 90 -12.62 39.12 31.20
N VAL V 91 -11.52 39.29 31.91
CA VAL V 91 -10.43 40.19 31.56
C VAL V 91 -9.18 39.34 31.34
N ARG V 92 -8.55 39.52 30.18
CA ARG V 92 -7.30 38.86 29.84
C ARG V 92 -6.19 39.89 29.72
N LYS V 93 -5.06 39.64 30.38
CA LYS V 93 -3.96 40.60 30.39
C LYS V 93 -2.64 39.91 30.09
N GLY V 94 -1.89 40.49 29.14
CA GLY V 94 -0.56 39.98 28.85
C GLY V 94 0.41 40.33 29.98
N VAL V 95 1.00 39.29 30.59
CA VAL V 95 1.90 39.44 31.74
C VAL V 95 3.12 38.59 31.48
N ILE V 96 4.31 39.13 31.73
CA ILE V 96 5.55 38.47 31.32
C ILE V 96 6.18 37.80 32.53
N PRO V 97 6.34 36.46 32.54
CA PRO V 97 6.80 35.79 33.75
C PRO V 97 8.30 35.90 34.02
N ALA V 98 9.15 35.83 33.01
CA ALA V 98 10.58 35.87 33.30
C ALA V 98 11.29 36.92 32.44
N VAL V 99 12.60 36.94 32.61
CA VAL V 99 13.42 38.03 32.08
C VAL V 99 13.35 38.05 30.56
N ASN V 100 13.21 36.89 29.92
CA ASN V 100 13.14 36.89 28.47
C ASN V 100 12.01 36.03 27.92
N GLN V 101 11.04 35.67 28.76
CA GLN V 101 10.03 34.70 28.34
C GLN V 101 8.90 35.35 27.56
N SER V 102 8.16 34.48 26.87
CA SER V 102 6.96 34.91 26.15
C SER V 102 5.88 35.32 27.14
N PRO V 103 5.02 36.25 26.75
CA PRO V 103 3.96 36.70 27.66
C PRO V 103 2.95 35.60 27.90
N GLN V 104 2.61 35.40 29.17
CA GLN V 104 1.53 34.59 29.69
C GLN V 104 0.27 35.44 29.88
N VAL V 105 -0.88 34.79 29.95
CA VAL V 105 -2.15 35.50 30.03
C VAL V 105 -2.64 35.41 31.47
N MET V 106 -2.44 36.49 32.24
CA MET V 106 -3.18 36.61 33.49
C MET V 106 -4.66 36.71 33.18
N LEU V 107 -5.47 36.22 34.09
CA LEU V 107 -6.88 36.04 33.77
C LEU V 107 -7.73 36.36 34.99
N VAL V 108 -8.63 37.33 34.87
CA VAL V 108 -9.55 37.70 35.93
C VAL V 108 -10.95 37.43 35.40
N ARG V 109 -11.64 36.42 35.96
CA ARG V 109 -12.94 36.04 35.43
C ARG V 109 -13.99 36.01 36.52
N VAL V 110 -15.16 36.56 36.21
CA VAL V 110 -16.31 36.68 37.09
C VAL V 110 -17.45 35.91 36.47
N GLU V 111 -18.16 35.16 37.30
CA GLU V 111 -19.35 34.42 36.90
C GLU V 111 -20.49 34.80 37.83
N ILE V 112 -21.61 35.18 37.24
CA ILE V 112 -22.81 35.58 37.97
C ILE V 112 -23.88 34.56 37.65
N SER V 113 -24.14 33.66 38.60
CA SER V 113 -25.14 32.61 38.42
C SER V 113 -26.42 33.02 39.13
N VAL V 114 -27.43 33.35 38.34
CA VAL V 114 -28.75 33.73 38.82
C VAL V 114 -29.67 32.51 38.70
N PRO V 115 -30.30 32.05 39.79
CA PRO V 115 -31.29 30.99 39.67
C PRO V 115 -32.45 31.40 38.78
N ALA V 116 -33.29 30.41 38.43
CA ALA V 116 -34.26 30.59 37.36
C ALA V 116 -35.33 31.62 37.72
N GLY V 117 -36.08 31.36 38.79
CA GLY V 117 -37.17 32.27 39.13
C GLY V 117 -36.73 33.53 39.83
N ALA V 118 -35.44 33.59 40.17
CA ALA V 118 -34.86 34.72 40.89
C ALA V 118 -35.09 36.03 40.15
N ASP V 119 -34.65 36.08 38.88
CA ASP V 119 -34.62 37.31 38.09
C ASP V 119 -35.93 38.07 38.14
N THR V 120 -37.05 37.35 38.26
CA THR V 120 -38.37 37.93 38.29
C THR V 120 -38.91 38.07 39.70
N TYR V 121 -38.96 36.98 40.46
CA TYR V 121 -39.67 37.01 41.74
C TYR V 121 -38.90 37.82 42.78
N ASP V 122 -37.57 37.67 42.85
CA ASP V 122 -36.77 38.33 43.87
C ASP V 122 -35.61 39.04 43.18
N ALA V 123 -35.89 40.24 42.66
CA ALA V 123 -34.86 40.97 41.95
C ALA V 123 -34.00 41.79 42.88
N ALA V 124 -34.56 42.21 44.02
CA ALA V 124 -33.82 43.04 44.95
C ALA V 124 -32.62 42.29 45.52
N ASN V 125 -32.80 41.01 45.85
CA ASN V 125 -31.70 40.24 46.40
C ASN V 125 -30.62 39.95 45.36
N VAL V 126 -31.02 39.75 44.10
CA VAL V 126 -30.04 39.62 43.02
C VAL V 126 -29.20 40.89 42.93
N LYS V 127 -29.86 42.03 42.82
CA LYS V 127 -29.13 43.30 42.72
C LYS V 127 -28.26 43.53 43.95
N ALA V 128 -28.71 43.05 45.11
CA ALA V 128 -27.95 43.27 46.34
C ALA V 128 -26.70 42.40 46.38
N ALA V 129 -26.80 41.16 45.92
CA ALA V 129 -25.61 40.33 45.78
C ALA V 129 -24.58 41.00 44.88
N LEU V 130 -25.04 41.49 43.73
CA LEU V 130 -24.11 42.16 42.81
C LEU V 130 -23.52 43.42 43.44
N SER V 131 -24.34 44.19 44.17
CA SER V 131 -23.88 45.41 44.80
C SER V 131 -22.83 45.13 45.86
N ALA V 132 -23.10 44.18 46.75
CA ALA V 132 -22.14 43.81 47.78
C ALA V 132 -20.83 43.31 47.16
N ALA V 133 -20.94 42.41 46.17
CA ALA V 133 -19.74 41.85 45.55
C ALA V 133 -18.87 42.94 44.93
N ILE V 134 -19.46 43.77 44.07
CA ILE V 134 -18.67 44.78 43.39
C ILE V 134 -18.20 45.85 44.37
N GLY V 135 -18.98 46.13 45.42
CA GLY V 135 -18.56 47.13 46.38
C GLY V 135 -17.36 46.69 47.21
N VAL V 136 -17.35 45.43 47.65
CA VAL V 136 -16.19 44.90 48.35
C VAL V 136 -14.98 44.84 47.41
N LEU V 137 -15.21 44.47 46.14
CA LEU V 137 -14.11 44.42 45.18
C LEU V 137 -13.47 45.80 45.00
N SER V 138 -14.30 46.84 44.83
CA SER V 138 -13.74 48.18 44.64
C SER V 138 -13.13 48.73 45.93
N GLN V 139 -13.68 48.35 47.08
CA GLN V 139 -13.10 48.81 48.35
C GLN V 139 -11.72 48.20 48.57
N GLN V 140 -11.57 46.90 48.32
CA GLN V 140 -10.33 46.21 48.57
C GLN V 140 -9.49 46.02 47.32
N SER V 141 -9.69 46.85 46.29
CA SER V 141 -8.97 46.64 45.03
C SER V 141 -7.46 46.68 45.25
N ALA V 142 -6.99 47.72 45.95
CA ALA V 142 -5.57 47.85 46.23
C ALA V 142 -5.05 46.66 47.02
N GLY V 143 -5.80 46.27 48.05
CA GLY V 143 -5.35 45.16 48.89
C GLY V 143 -5.38 43.82 48.18
N ILE V 144 -6.31 43.64 47.24
CA ILE V 144 -6.37 42.41 46.46
C ILE V 144 -5.20 42.34 45.49
N GLY V 145 -4.78 43.47 44.94
CA GLY V 145 -3.53 43.49 44.18
C GLY V 145 -2.33 43.15 45.07
N ASP V 146 -2.25 43.79 46.23
CA ASP V 146 -1.22 43.46 47.20
C ASP V 146 -1.19 41.97 47.49
N THR V 147 -2.36 41.35 47.60
CA THR V 147 -2.43 39.91 47.84
C THR V 147 -2.01 39.11 46.62
N ALA V 148 -2.41 39.55 45.42
CA ALA V 148 -2.03 38.86 44.20
C ALA V 148 -0.53 38.84 43.99
N LEU V 149 0.18 39.80 44.59
CA LEU V 149 1.63 39.81 44.54
C LEU V 149 2.29 39.17 45.76
N SER V 150 1.66 39.26 46.94
CA SER V 150 2.26 38.77 48.19
C SER V 150 2.04 37.28 48.38
N GLY V 151 0.88 36.79 47.99
CA GLY V 151 0.45 35.46 48.36
C GLY V 151 -0.23 35.38 49.71
N ILE V 152 -0.56 36.52 50.32
CA ILE V 152 -1.03 36.56 51.70
C ILE V 152 -2.34 37.33 51.78
N LEU V 153 -3.30 36.76 52.52
CA LEU V 153 -4.57 37.41 52.79
C LEU V 153 -4.49 38.29 54.04
N ALA W 1 -34.82 42.67 5.04
CA ALA W 1 -35.13 44.01 5.49
C ALA W 1 -36.13 44.00 6.66
N TYR W 2 -35.72 43.43 7.80
CA TYR W 2 -36.58 43.31 8.97
C TYR W 2 -36.08 44.28 10.05
N SER W 3 -36.90 45.29 10.36
CA SER W 3 -36.56 46.29 11.38
C SER W 3 -37.83 46.84 12.01
N PRO W 4 -38.22 46.34 13.18
CA PRO W 4 -39.46 46.78 13.82
C PRO W 4 -39.33 48.19 14.41
N SER W 5 -40.49 48.76 14.76
CA SER W 5 -40.61 50.12 15.25
C SER W 5 -40.77 50.14 16.77
N THR W 6 -40.58 51.33 17.37
CA THR W 6 -40.52 51.40 18.83
C THR W 6 -41.86 51.04 19.46
N PRO W 7 -42.97 51.74 19.16
CA PRO W 7 -44.27 51.16 19.51
C PRO W 7 -44.82 50.33 18.36
N VAL W 8 -44.97 49.03 18.59
CA VAL W 8 -45.65 48.15 17.64
C VAL W 8 -47.11 48.14 18.00
N THR W 9 -47.96 48.47 17.06
CA THR W 9 -49.39 48.44 17.29
C THR W 9 -49.86 47.00 17.18
N GLY W 10 -50.19 46.42 18.33
CA GLY W 10 -50.51 45.01 18.37
C GLY W 10 -51.82 44.70 17.69
N ALA W 11 -51.86 43.53 17.07
CA ALA W 11 -53.08 43.09 16.39
C ALA W 11 -54.22 42.97 17.39
N ALA W 12 -55.42 43.21 16.89
CA ALA W 12 -56.58 43.28 17.77
C ALA W 12 -56.78 41.97 18.52
N GLN W 13 -57.11 42.09 19.80
CA GLN W 13 -57.42 40.94 20.63
C GLN W 13 -58.69 41.25 21.43
N THR W 14 -59.28 40.20 21.99
CA THR W 14 -60.66 40.28 22.47
C THR W 14 -60.81 41.33 23.58
N GLY W 15 -60.09 41.16 24.67
CA GLY W 15 -60.22 42.11 25.75
C GLY W 15 -59.34 43.34 25.69
N PHE W 16 -58.57 43.53 24.62
CA PHE W 16 -57.59 44.59 24.55
C PHE W 16 -58.16 45.79 23.80
N THR W 17 -57.95 46.97 24.36
CA THR W 17 -58.35 48.22 23.72
C THR W 17 -57.07 48.93 23.28
N SER W 18 -56.85 49.00 21.96
CA SER W 18 -55.75 49.74 21.34
C SER W 18 -54.39 49.35 21.92
N PRO W 19 -53.99 48.10 21.80
CA PRO W 19 -52.76 47.65 22.48
C PRO W 19 -51.53 47.97 21.65
N THR W 20 -50.48 48.42 22.34
CA THR W 20 -49.19 48.69 21.74
C THR W 20 -48.11 48.06 22.61
N TYR W 21 -47.01 47.68 21.99
CA TYR W 21 -45.91 47.04 22.68
C TYR W 21 -44.62 47.77 22.34
N THR W 22 -43.90 48.22 23.36
CA THR W 22 -42.63 48.91 23.19
C THR W 22 -41.51 47.88 23.08
N LEU W 23 -40.71 47.99 22.03
CA LEU W 23 -39.61 47.07 21.80
C LEU W 23 -38.30 47.71 22.19
N THR W 24 -37.48 46.97 22.94
CA THR W 24 -36.11 47.33 23.23
C THR W 24 -35.20 46.34 22.52
N SER W 25 -34.07 46.82 22.00
CA SER W 25 -33.21 45.97 21.19
C SER W 25 -32.46 44.98 22.06
N ASP W 26 -32.38 43.73 21.60
CA ASP W 26 -31.75 42.64 22.34
C ASP W 26 -30.78 41.90 21.44
N THR W 27 -29.79 41.26 22.06
CA THR W 27 -28.86 40.41 21.33
C THR W 27 -29.49 39.04 21.11
N ALA W 28 -29.41 38.55 19.88
CA ALA W 28 -30.08 37.33 19.46
C ALA W 28 -29.24 36.10 19.78
N PRO W 29 -29.88 34.92 19.87
CA PRO W 29 -29.11 33.74 20.31
C PRO W 29 -28.13 33.24 19.27
N THR W 30 -28.54 33.18 18.00
CA THR W 30 -27.61 32.90 16.93
C THR W 30 -27.01 34.20 16.43
N ALA W 31 -25.94 34.08 15.66
CA ALA W 31 -25.44 35.23 14.91
C ALA W 31 -26.33 35.55 13.71
N LEU W 32 -27.31 34.70 13.41
CA LEU W 32 -28.16 34.85 12.24
C LEU W 32 -29.54 35.39 12.60
N GLY W 33 -29.69 35.97 13.77
CA GLY W 33 -30.98 36.45 14.21
C GLY W 33 -30.92 37.90 14.64
N LYS W 34 -32.04 38.57 14.45
CA LYS W 34 -32.31 39.87 15.07
C LYS W 34 -33.41 39.66 16.09
N GLN W 35 -33.20 40.12 17.32
CA GLN W 35 -34.15 39.87 18.39
C GLN W 35 -34.47 41.16 19.14
N HIS W 36 -35.75 41.37 19.40
CA HIS W 36 -36.20 42.46 20.27
C HIS W 36 -36.95 41.88 21.45
N ALA W 37 -36.92 42.60 22.57
CA ALA W 37 -37.67 42.22 23.76
C ALA W 37 -38.75 43.26 24.05
N VAL W 38 -39.91 42.81 24.50
CA VAL W 38 -41.02 43.72 24.81
C VAL W 38 -40.75 44.23 26.22
N THR W 39 -40.17 45.42 26.31
CA THR W 39 -39.79 45.99 27.61
C THR W 39 -40.99 46.61 28.34
N ALA W 40 -42.01 47.09 27.61
CA ALA W 40 -43.15 47.73 28.26
C ALA W 40 -44.37 47.65 27.34
N THR W 41 -45.55 47.73 27.96
CA THR W 41 -46.82 47.60 27.25
C THR W 41 -47.65 48.87 27.42
N GLY W 42 -48.28 49.30 26.32
CA GLY W 42 -49.27 50.35 26.35
C GLY W 42 -50.60 49.83 25.84
N GLY W 43 -51.66 50.61 26.11
CA GLY W 43 -53.02 50.20 25.80
C GLY W 43 -53.71 49.61 27.01
N THR W 44 -55.01 49.39 26.87
CA THR W 44 -55.85 48.85 27.93
C THR W 44 -55.92 47.32 27.87
N GLN W 45 -54.74 46.75 28.05
CA GLN W 45 -54.56 45.31 28.27
C GLN W 45 -54.11 45.12 29.71
N THR W 46 -54.93 44.47 30.51
CA THR W 46 -54.69 44.39 31.94
C THR W 46 -54.24 42.98 32.29
N GLY W 47 -53.11 42.90 32.97
CA GLY W 47 -52.51 41.66 33.37
C GLY W 47 -51.36 41.22 32.50
N VAL W 48 -51.06 41.96 31.44
CA VAL W 48 -50.00 41.57 30.51
C VAL W 48 -48.65 41.88 31.12
N THR W 49 -47.78 40.87 31.20
CA THR W 49 -46.46 40.99 31.79
C THR W 49 -45.41 41.23 30.71
N THR W 50 -44.41 42.07 31.04
CA THR W 50 -43.36 42.40 30.09
C THR W 50 -42.22 41.39 30.20
N HIS W 51 -41.11 41.67 29.51
CA HIS W 51 -40.05 40.69 29.35
C HIS W 51 -39.20 40.58 30.61
N SER W 52 -39.14 39.38 31.16
CA SER W 52 -38.20 38.98 32.19
C SER W 52 -37.37 37.83 31.64
N VAL W 53 -36.40 37.36 32.42
CA VAL W 53 -35.64 36.21 31.95
C VAL W 53 -36.43 34.93 32.15
N SER W 54 -37.11 34.80 33.29
CA SER W 54 -37.93 33.61 33.53
C SER W 54 -39.30 33.70 32.88
N SER W 55 -39.79 34.92 32.62
CA SER W 55 -41.04 35.16 31.92
C SER W 55 -40.76 36.04 30.71
N PRO W 56 -40.27 35.48 29.61
CA PRO W 56 -39.79 36.29 28.50
C PRO W 56 -40.93 36.87 27.67
N PHE W 57 -40.56 37.90 26.90
CA PHE W 57 -41.39 38.46 25.83
C PHE W 57 -40.39 38.83 24.72
N THR W 58 -40.16 37.89 23.81
CA THR W 58 -39.09 38.04 22.83
C THR W 58 -39.60 37.76 21.42
N ILE W 59 -39.13 38.58 20.47
CA ILE W 59 -39.51 38.52 19.07
C ILE W 59 -38.20 38.42 18.28
N THR W 60 -37.89 37.21 17.81
CA THR W 60 -36.62 36.95 17.14
C THR W 60 -36.87 36.44 15.72
N PHE W 61 -36.05 36.92 14.78
CA PHE W 61 -36.22 36.60 13.35
C PHE W 61 -34.86 36.20 12.78
N THR W 62 -34.81 35.03 12.15
CA THR W 62 -33.58 34.38 11.78
C THR W 62 -33.59 33.99 10.30
N ARG W 63 -32.41 34.09 9.68
CA ARG W 63 -32.15 33.62 8.33
C ARG W 63 -31.42 32.28 8.38
N PRO W 64 -31.43 31.51 7.29
CA PRO W 64 -30.73 30.23 7.31
C PRO W 64 -29.22 30.39 7.31
N LYS W 65 -28.54 29.35 7.79
CA LYS W 65 -27.08 29.38 7.88
C LYS W 65 -26.44 29.44 6.50
N THR W 66 -26.95 28.62 5.57
CA THR W 66 -26.40 28.54 4.22
C THR W 66 -27.53 28.66 3.20
N MET W 67 -27.37 29.59 2.27
CA MET W 67 -28.34 29.76 1.21
C MET W 67 -28.26 28.59 0.23
N LYS W 68 -29.36 28.35 -0.48
CA LYS W 68 -29.43 27.29 -1.48
C LYS W 68 -29.83 27.88 -2.83
N THR W 69 -29.09 27.51 -3.87
CA THR W 69 -29.34 27.95 -5.24
C THR W 69 -30.18 26.91 -5.96
N VAL W 70 -30.83 27.37 -7.05
CA VAL W 70 -31.85 26.56 -7.73
C VAL W 70 -31.25 25.30 -8.35
N GLY W 71 -30.01 25.37 -8.81
CA GLY W 71 -29.44 24.23 -9.49
C GLY W 71 -29.72 24.28 -10.98
N VAL W 72 -29.45 23.13 -11.61
CA VAL W 72 -29.34 23.09 -13.07
C VAL W 72 -30.14 21.90 -13.60
N PRO W 73 -30.89 22.07 -14.69
CA PRO W 73 -31.71 20.97 -15.20
C PRO W 73 -30.87 19.82 -15.77
N ASN W 74 -31.39 18.61 -15.58
CA ASN W 74 -30.72 17.39 -16.00
C ASN W 74 -31.11 17.06 -17.45
N SER W 75 -30.72 15.85 -17.89
CA SER W 75 -30.88 15.46 -19.29
C SER W 75 -32.32 15.58 -19.78
N ASN W 76 -33.29 15.43 -18.90
CA ASN W 76 -34.70 15.52 -19.27
C ASN W 76 -35.26 16.92 -19.14
N GLY W 77 -34.42 17.92 -18.88
CA GLY W 77 -34.89 19.27 -18.67
C GLY W 77 -35.52 19.52 -17.32
N VAL W 78 -35.33 18.62 -16.36
CA VAL W 78 -35.96 18.68 -15.04
C VAL W 78 -34.88 18.95 -13.99
N ILE W 79 -35.16 19.89 -13.09
CA ILE W 79 -34.24 20.18 -11.99
C ILE W 79 -34.47 19.18 -10.87
N THR W 80 -33.43 18.41 -10.56
CA THR W 80 -33.61 17.18 -9.79
C THR W 80 -34.08 17.46 -8.37
N ASN W 81 -33.45 18.42 -7.71
CA ASN W 81 -33.69 18.65 -6.29
C ASN W 81 -33.76 20.15 -6.04
N ILE W 82 -34.93 20.60 -5.60
CA ILE W 82 -35.15 22.00 -5.25
C ILE W 82 -35.12 22.06 -3.72
N GLY W 83 -33.98 22.47 -3.18
CA GLY W 83 -33.91 22.81 -1.77
C GLY W 83 -34.74 24.04 -1.46
N ARG W 84 -34.88 24.34 -0.18
CA ARG W 84 -35.69 25.48 0.24
C ARG W 84 -35.03 26.23 1.40
N ASN W 85 -34.93 27.55 1.29
CA ASN W 85 -34.42 28.36 2.40
C ASN W 85 -35.61 28.77 3.27
N THR W 86 -35.55 28.46 4.57
CA THR W 86 -36.61 28.78 5.51
C THR W 86 -36.13 29.88 6.45
N TYR W 87 -36.93 30.94 6.57
CA TYR W 87 -36.70 32.02 7.51
C TYR W 87 -37.65 31.86 8.68
N GLY W 88 -37.16 32.15 9.89
CA GLY W 88 -37.93 31.87 11.09
C GLY W 88 -38.25 33.06 11.98
N PHE W 89 -39.52 33.22 12.32
CA PHE W 89 -40.00 34.33 13.15
C PHE W 89 -40.66 33.75 14.39
N LEU W 90 -40.11 34.02 15.56
CA LEU W 90 -40.55 33.32 16.76
C LEU W 90 -40.75 34.28 17.92
N VAL W 91 -41.89 34.15 18.59
CA VAL W 91 -42.26 34.95 19.75
C VAL W 91 -42.38 34.01 20.93
N ARG W 92 -41.69 34.35 22.02
CA ARG W 92 -41.76 33.61 23.27
C ARG W 92 -42.39 34.51 24.33
N LYS W 93 -43.38 33.98 25.05
CA LYS W 93 -44.10 34.75 26.04
C LYS W 93 -44.26 33.97 27.33
N GLY W 94 -43.88 34.59 28.44
CA GLY W 94 -44.10 33.99 29.75
C GLY W 94 -45.58 33.93 30.08
N VAL W 95 -46.09 32.72 30.35
CA VAL W 95 -47.50 32.51 30.66
C VAL W 95 -47.58 31.62 31.90
N ILE W 96 -48.50 31.93 32.80
CA ILE W 96 -48.57 31.26 34.10
C ILE W 96 -49.67 30.21 34.06
N PRO W 97 -49.35 28.91 34.22
CA PRO W 97 -50.40 27.90 34.04
C PRO W 97 -51.28 27.69 35.27
N ALA W 98 -50.72 27.68 36.46
CA ALA W 98 -51.49 27.31 37.65
C ALA W 98 -51.56 28.47 38.63
N VAL W 99 -52.16 28.20 39.79
CA VAL W 99 -52.42 29.26 40.75
C VAL W 99 -51.11 29.75 41.37
N ASN W 100 -50.21 28.83 41.66
CA ASN W 100 -48.93 29.20 42.22
C ASN W 100 -47.77 28.72 41.38
N GLN W 101 -48.03 27.97 40.32
CA GLN W 101 -46.94 27.43 39.53
C GLN W 101 -46.20 28.55 38.80
N SER W 102 -45.00 28.20 38.34
CA SER W 102 -44.04 29.12 37.78
C SER W 102 -44.31 29.31 36.29
N PRO W 103 -43.81 30.41 35.70
CA PRO W 103 -44.15 30.70 34.29
C PRO W 103 -43.58 29.68 33.32
N GLN W 104 -44.44 29.17 32.45
CA GLN W 104 -44.13 28.40 31.26
C GLN W 104 -44.04 29.34 30.05
N VAL W 105 -43.58 28.82 28.92
CA VAL W 105 -43.29 29.66 27.75
C VAL W 105 -44.30 29.32 26.66
N MET W 106 -45.34 30.13 26.51
CA MET W 106 -46.12 30.07 25.28
C MET W 106 -45.25 30.47 24.10
N LEU W 107 -45.53 29.88 22.95
CA LEU W 107 -44.62 29.98 21.83
C LEU W 107 -45.42 30.16 20.54
N VAL W 108 -45.14 31.23 19.79
CA VAL W 108 -45.79 31.47 18.50
C VAL W 108 -44.68 31.55 17.46
N ARG W 109 -44.59 30.54 16.59
CA ARG W 109 -43.49 30.48 15.64
C ARG W 109 -44.00 30.35 14.21
N VAL W 110 -43.35 31.11 13.32
CA VAL W 110 -43.67 31.17 11.91
C VAL W 110 -42.43 30.73 11.14
N GLU W 111 -42.64 29.90 10.12
CA GLU W 111 -41.59 29.43 9.25
C GLU W 111 -41.99 29.74 7.81
N ILE W 112 -41.08 30.38 7.08
CA ILE W 112 -41.32 30.79 5.70
C ILE W 112 -40.32 30.01 4.86
N SER W 113 -40.79 28.95 4.19
CA SER W 113 -39.94 28.13 3.33
C SER W 113 -40.12 28.60 1.89
N VAL W 114 -39.08 29.23 1.35
CA VAL W 114 -39.02 29.72 -0.02
C VAL W 114 -38.20 28.72 -0.83
N PRO W 115 -38.78 28.08 -1.86
CA PRO W 115 -38.00 27.21 -2.73
C PRO W 115 -36.84 27.96 -3.39
N ALA W 116 -35.94 27.20 -3.99
CA ALA W 116 -34.65 27.74 -4.38
C ALA W 116 -34.80 28.78 -5.49
N GLY W 117 -35.33 28.37 -6.64
CA GLY W 117 -35.41 29.29 -7.78
C GLY W 117 -36.50 30.31 -7.67
N ALA W 118 -37.36 30.13 -6.66
CA ALA W 118 -38.52 31.01 -6.43
C ALA W 118 -38.09 32.45 -6.27
N ASP W 119 -37.17 32.71 -5.33
CA ASP W 119 -36.83 34.06 -4.89
C ASP W 119 -36.43 34.96 -6.05
N THR W 120 -35.92 34.37 -7.13
CA THR W 120 -35.51 35.13 -8.31
C THR W 120 -36.53 35.03 -9.44
N TYR W 121 -36.93 33.81 -9.81
CA TYR W 121 -37.76 33.66 -11.01
C TYR W 121 -39.19 34.13 -10.77
N ASP W 122 -39.79 33.78 -9.62
CA ASP W 122 -41.19 34.08 -9.35
C ASP W 122 -41.27 34.76 -7.99
N ALA W 123 -41.01 36.07 -7.96
CA ALA W 123 -41.01 36.78 -6.69
C ALA W 123 -42.41 37.24 -6.32
N ALA W 124 -43.25 37.50 -7.33
CA ALA W 124 -44.59 38.00 -7.07
C ALA W 124 -45.39 36.98 -6.27
N ASN W 125 -45.28 35.70 -6.61
CA ASN W 125 -46.04 34.69 -5.88
C ASN W 125 -45.52 34.50 -4.47
N VAL W 126 -44.20 34.60 -4.27
CA VAL W 126 -43.64 34.59 -2.92
C VAL W 126 -44.26 35.71 -2.09
N LYS W 127 -44.16 36.94 -2.59
CA LYS W 127 -44.71 38.08 -1.87
C LYS W 127 -46.20 37.91 -1.63
N ALA W 128 -46.91 37.29 -2.58
CA ALA W 128 -48.35 37.12 -2.45
C ALA W 128 -48.69 36.12 -1.36
N ALA W 129 -47.95 35.01 -1.28
CA ALA W 129 -48.16 34.08 -0.19
C ALA W 129 -47.95 34.76 1.15
N LEU W 130 -46.87 35.54 1.27
CA LEU W 130 -46.60 36.23 2.53
C LEU W 130 -47.72 37.22 2.89
N SER W 131 -48.19 38.00 1.89
CA SER W 131 -49.19 39.01 2.18
C SER W 131 -50.54 38.39 2.52
N ALA W 132 -50.90 37.30 1.84
CA ALA W 132 -52.15 36.61 2.17
C ALA W 132 -52.09 36.00 3.57
N ALA W 133 -50.97 35.34 3.90
CA ALA W 133 -50.83 34.75 5.22
C ALA W 133 -50.94 35.81 6.31
N ILE W 134 -50.15 36.89 6.19
CA ILE W 134 -50.15 37.91 7.23
C ILE W 134 -51.47 38.68 7.25
N GLY W 135 -52.14 38.84 6.10
CA GLY W 135 -53.40 39.55 6.09
C GLY W 135 -54.51 38.77 6.76
N VAL W 136 -54.55 37.45 6.51
CA VAL W 136 -55.52 36.61 7.22
C VAL W 136 -55.21 36.59 8.71
N LEU W 137 -53.93 36.54 9.08
CA LEU W 137 -53.56 36.56 10.48
C LEU W 137 -54.03 37.84 11.17
N SER W 138 -53.80 38.99 10.54
CA SER W 138 -54.21 40.26 11.16
C SER W 138 -55.73 40.42 11.14
N GLN W 139 -56.41 39.85 10.15
CA GLN W 139 -57.88 39.93 10.11
C GLN W 139 -58.50 39.10 11.22
N GLN W 140 -58.01 37.88 11.41
CA GLN W 140 -58.58 36.98 12.39
C GLN W 140 -57.80 36.95 13.69
N SER W 141 -57.05 38.02 14.00
CA SER W 141 -56.22 38.00 15.20
C SER W 141 -57.06 37.78 16.45
N ALA W 142 -58.12 38.56 16.60
CA ALA W 142 -59.00 38.43 17.76
C ALA W 142 -59.59 37.03 17.82
N GLY W 143 -60.07 36.52 16.69
CA GLY W 143 -60.70 35.22 16.68
C GLY W 143 -59.75 34.07 16.94
N ILE W 144 -58.49 34.22 16.50
CA ILE W 144 -57.48 33.21 16.78
C ILE W 144 -57.13 33.21 18.26
N GLY W 145 -57.12 34.39 18.90
CA GLY W 145 -56.99 34.41 20.36
C GLY W 145 -58.17 33.72 21.03
N ASP W 146 -59.38 34.07 20.62
CA ASP W 146 -60.58 33.40 21.12
C ASP W 146 -60.47 31.90 20.99
N THR W 147 -59.93 31.42 19.87
CA THR W 147 -59.75 29.98 19.68
C THR W 147 -58.66 29.43 20.58
N ALA W 148 -57.57 30.19 20.76
CA ALA W 148 -56.47 29.73 21.61
C ALA W 148 -56.92 29.53 23.05
N LEU W 149 -57.98 30.21 23.45
CA LEU W 149 -58.53 30.03 24.79
C LEU W 149 -59.74 29.08 24.83
N SER W 150 -60.55 29.06 23.77
CA SER W 150 -61.81 28.33 23.75
C SER W 150 -61.63 26.88 23.30
N GLY W 151 -60.69 26.63 22.39
CA GLY W 151 -60.60 25.34 21.73
C GLY W 151 -61.62 25.15 20.64
N ILE W 152 -62.25 26.22 20.19
CA ILE W 152 -63.38 26.16 19.27
C ILE W 152 -62.99 26.82 17.96
N LEU W 153 -63.33 26.16 16.85
CA LEU W 153 -63.07 26.71 15.53
C LEU W 153 -64.25 27.46 14.93
N ALA X 1 -9.70 47.32 13.54
CA ALA X 1 -10.59 48.47 13.44
C ALA X 1 -11.18 48.59 12.03
N TYR X 2 -12.01 47.61 11.64
CA TYR X 2 -12.63 47.56 10.32
C TYR X 2 -14.13 47.89 10.44
N SER X 3 -14.53 49.05 9.89
CA SER X 3 -15.93 49.49 9.92
C SER X 3 -16.21 50.38 8.71
N PRO X 4 -16.88 49.85 7.69
CA PRO X 4 -17.16 50.63 6.48
C PRO X 4 -18.29 51.63 6.69
N SER X 5 -18.40 52.56 5.73
CA SER X 5 -19.39 53.63 5.74
C SER X 5 -20.59 53.27 4.87
N THR X 6 -21.72 53.95 5.13
CA THR X 6 -22.97 53.59 4.46
C THR X 6 -22.87 53.75 2.95
N PRO X 7 -22.56 54.94 2.40
CA PRO X 7 -22.16 54.98 0.99
C PRO X 7 -20.65 54.81 0.85
N VAL X 8 -20.22 53.72 0.22
CA VAL X 8 -18.81 53.53 -0.07
C VAL X 8 -18.55 54.08 -1.46
N THR X 9 -17.65 55.04 -1.55
CA THR X 9 -17.24 55.54 -2.86
C THR X 9 -16.44 54.46 -3.56
N GLY X 10 -17.04 53.86 -4.59
CA GLY X 10 -16.37 52.79 -5.31
C GLY X 10 -15.21 53.30 -6.14
N ALA X 11 -14.17 52.47 -6.26
CA ALA X 11 -12.99 52.88 -7.00
C ALA X 11 -13.32 53.06 -8.46
N ALA X 12 -12.59 53.96 -9.12
CA ALA X 12 -12.91 54.33 -10.48
C ALA X 12 -12.91 53.09 -11.37
N GLN X 13 -13.88 53.02 -12.28
CA GLN X 13 -13.94 51.97 -13.27
C GLN X 13 -14.29 52.58 -14.61
N THR X 14 -14.11 51.79 -15.67
CA THR X 14 -14.09 52.33 -17.02
C THR X 14 -15.43 52.96 -17.38
N GLY X 15 -16.49 52.17 -17.33
CA GLY X 15 -17.77 52.74 -17.71
C GLY X 15 -18.55 53.44 -16.63
N PHE X 16 -18.00 53.62 -15.43
CA PHE X 16 -18.75 54.11 -14.30
C PHE X 16 -18.48 55.57 -14.04
N THR X 17 -19.54 56.33 -13.80
CA THR X 17 -19.46 57.73 -13.41
C THR X 17 -19.87 57.85 -11.95
N SER X 18 -18.94 58.28 -11.10
CA SER X 18 -19.13 58.49 -9.67
C SER X 18 -19.91 57.35 -9.01
N PRO X 19 -19.34 56.13 -8.99
CA PRO X 19 -20.09 54.98 -8.46
C PRO X 19 -19.98 54.86 -6.95
N THR X 20 -21.11 54.63 -6.29
CA THR X 20 -21.17 54.43 -4.85
C THR X 20 -21.98 53.17 -4.56
N TYR X 21 -21.66 52.50 -3.46
CA TYR X 21 -22.34 51.27 -3.07
C TYR X 21 -22.84 51.39 -1.64
N THR X 22 -24.14 51.21 -1.45
CA THR X 22 -24.75 51.25 -0.13
C THR X 22 -24.60 49.87 0.51
N LEU X 23 -24.01 49.83 1.70
CA LEU X 23 -23.80 48.57 2.43
C LEU X 23 -24.86 48.42 3.50
N THR X 24 -25.48 47.24 3.56
CA THR X 24 -26.35 46.86 4.65
C THR X 24 -25.62 45.81 5.49
N SER X 25 -25.66 45.97 6.81
CA SER X 25 -24.96 45.03 7.68
C SER X 25 -25.53 43.64 7.48
N ASP X 26 -24.64 42.64 7.37
CA ASP X 26 -25.02 41.25 7.24
C ASP X 26 -24.24 40.42 8.25
N THR X 27 -24.79 39.26 8.58
CA THR X 27 -24.18 38.40 9.58
C THR X 27 -23.20 37.45 8.90
N ALA X 28 -21.98 37.40 9.43
CA ALA X 28 -20.83 36.78 8.79
C ALA X 28 -20.85 35.26 8.94
N PRO X 29 -20.07 34.54 8.12
CA PRO X 29 -20.14 33.08 8.19
C PRO X 29 -19.46 32.51 9.42
N THR X 30 -18.36 33.12 9.83
CA THR X 30 -17.68 32.77 11.07
C THR X 30 -18.00 33.80 12.13
N ALA X 31 -17.63 33.48 13.37
CA ALA X 31 -17.79 34.43 14.45
C ALA X 31 -16.65 35.44 14.50
N LEU X 32 -15.61 35.25 13.69
CA LEU X 32 -14.46 36.13 13.64
C LEU X 32 -14.45 36.97 12.37
N GLY X 33 -15.60 37.13 11.74
CA GLY X 33 -15.72 37.94 10.54
C GLY X 33 -16.79 38.99 10.69
N LYS X 34 -16.60 40.10 9.97
CA LYS X 34 -17.60 41.13 9.82
C LYS X 34 -17.99 41.19 8.34
N GLN X 35 -19.28 41.08 8.05
CA GLN X 35 -19.74 41.02 6.67
C GLN X 35 -20.79 42.09 6.43
N HIS X 36 -20.67 42.76 5.30
CA HIS X 36 -21.73 43.62 4.79
C HIS X 36 -22.15 43.10 3.42
N ALA X 37 -23.35 43.49 2.99
CA ALA X 37 -23.82 43.12 1.67
C ALA X 37 -24.31 44.36 0.93
N VAL X 38 -24.06 44.41 -0.37
CA VAL X 38 -24.39 45.60 -1.16
C VAL X 38 -25.88 45.54 -1.46
N THR X 39 -26.66 46.33 -0.70
CA THR X 39 -28.11 46.33 -0.88
C THR X 39 -28.54 47.21 -2.05
N ALA X 40 -27.79 48.25 -2.39
CA ALA X 40 -28.18 49.14 -3.48
C ALA X 40 -26.95 49.86 -4.03
N THR X 41 -27.06 50.30 -5.29
CA THR X 41 -25.99 51.01 -5.98
C THR X 41 -26.44 52.41 -6.35
N GLY X 42 -25.55 53.37 -6.20
CA GLY X 42 -25.75 54.71 -6.71
C GLY X 42 -24.66 55.04 -7.72
N GLY X 43 -24.89 56.04 -8.56
CA GLY X 43 -23.99 56.38 -9.63
C GLY X 43 -24.45 55.81 -10.96
N THR X 44 -23.73 56.20 -12.03
CA THR X 44 -24.05 55.75 -13.38
C THR X 44 -23.23 54.51 -13.69
N GLN X 45 -23.69 53.39 -13.13
CA GLN X 45 -23.14 52.06 -13.41
C GLN X 45 -24.33 51.21 -13.87
N THR X 46 -24.56 51.21 -15.17
CA THR X 46 -25.78 50.60 -15.69
C THR X 46 -25.61 49.09 -15.78
N GLY X 47 -26.61 48.35 -15.32
CA GLY X 47 -26.60 46.91 -15.34
C GLY X 47 -26.10 46.24 -14.09
N VAL X 48 -25.56 47.01 -13.14
CA VAL X 48 -24.98 46.42 -11.94
C VAL X 48 -26.08 45.88 -11.06
N THR X 49 -26.01 44.59 -10.74
CA THR X 49 -27.00 43.92 -9.90
C THR X 49 -26.56 43.89 -8.45
N THR X 50 -27.49 44.18 -7.55
CA THR X 50 -27.21 44.19 -6.12
C THR X 50 -27.27 42.77 -5.57
N HIS X 51 -27.16 42.65 -4.24
CA HIS X 51 -27.14 41.34 -3.62
C HIS X 51 -28.50 40.68 -3.71
N SER X 52 -28.50 39.46 -4.27
CA SER X 52 -29.67 38.60 -4.30
C SER X 52 -29.25 37.24 -3.75
N VAL X 53 -30.23 36.39 -3.50
CA VAL X 53 -29.90 35.03 -3.08
C VAL X 53 -29.20 34.29 -4.20
N SER X 54 -29.64 34.50 -5.44
CA SER X 54 -29.06 33.79 -6.58
C SER X 54 -27.69 34.34 -6.95
N SER X 55 -27.51 35.66 -6.86
CA SER X 55 -26.24 36.31 -7.22
C SER X 55 -25.83 37.26 -6.11
N PRO X 56 -24.87 36.88 -5.27
CA PRO X 56 -24.56 37.68 -4.08
C PRO X 56 -23.61 38.83 -4.40
N PHE X 57 -23.64 39.83 -3.52
CA PHE X 57 -22.70 40.96 -3.53
C PHE X 57 -22.33 41.19 -2.07
N THR X 58 -21.23 40.57 -1.64
CA THR X 58 -20.87 40.51 -0.23
C THR X 58 -19.41 40.89 -0.01
N ILE X 59 -19.16 41.59 1.09
CA ILE X 59 -17.85 42.09 1.47
C ILE X 59 -17.60 41.64 2.90
N THR X 60 -16.72 40.65 3.08
CA THR X 60 -16.50 40.05 4.39
C THR X 60 -15.01 40.10 4.76
N PHE X 61 -14.73 40.48 6.01
CA PHE X 61 -13.37 40.63 6.50
C PHE X 61 -13.21 39.82 7.78
N THR X 62 -12.20 38.94 7.79
CA THR X 62 -12.03 37.95 8.86
C THR X 62 -10.64 38.05 9.45
N ARG X 63 -10.55 37.84 10.76
CA ARG X 63 -9.30 37.75 11.49
C ARG X 63 -9.03 36.30 11.87
N PRO X 64 -7.77 35.92 12.09
CA PRO X 64 -7.46 34.51 12.33
C PRO X 64 -8.05 34.00 13.65
N LYS X 65 -8.31 32.69 13.68
CA LYS X 65 -8.87 32.07 14.88
C LYS X 65 -7.91 32.20 16.05
N THR X 66 -6.64 31.83 15.86
CA THR X 66 -5.63 31.86 16.91
C THR X 66 -4.48 32.75 16.48
N MET X 67 -4.20 33.78 17.27
CA MET X 67 -3.05 34.64 17.03
C MET X 67 -1.77 33.89 17.39
N LYS X 68 -0.67 34.25 16.73
CA LYS X 68 0.62 33.61 16.96
C LYS X 68 1.64 34.61 17.48
N THR X 69 2.32 34.25 18.58
CA THR X 69 3.33 35.08 19.21
C THR X 69 4.69 34.77 18.59
N VAL X 70 5.62 35.73 18.74
CA VAL X 70 6.87 35.69 18.00
C VAL X 70 7.75 34.53 18.43
N GLY X 71 7.75 34.19 19.73
CA GLY X 71 8.59 33.12 20.23
C GLY X 71 9.85 33.65 20.89
N VAL X 72 10.58 32.73 21.50
CA VAL X 72 11.72 33.03 22.36
C VAL X 72 13.00 32.67 21.63
N PRO X 73 13.99 33.56 21.59
CA PRO X 73 15.25 33.23 20.93
C PRO X 73 16.01 32.15 21.67
N ASN X 74 16.73 31.32 20.91
CA ASN X 74 17.48 30.20 21.47
C ASN X 74 18.88 30.68 21.88
N SER X 75 19.76 29.72 22.17
CA SER X 75 21.10 30.04 22.66
C SER X 75 21.88 30.91 21.67
N ASN X 76 21.70 30.66 20.37
CA ASN X 76 22.38 31.44 19.35
C ASN X 76 21.79 32.83 19.15
N GLY X 77 20.68 33.15 19.82
CA GLY X 77 19.98 34.38 19.58
C GLY X 77 18.98 34.32 18.44
N VAL X 78 18.69 33.13 17.94
CA VAL X 78 17.85 32.95 16.76
C VAL X 78 16.49 32.42 17.18
N ILE X 79 15.43 32.99 16.59
CA ILE X 79 14.07 32.53 16.81
C ILE X 79 13.71 31.49 15.76
N THR X 80 13.29 30.32 16.22
CA THR X 80 13.28 29.13 15.37
C THR X 80 12.21 29.21 14.29
N ASN X 81 10.98 29.57 14.64
CA ASN X 81 9.88 29.54 13.69
C ASN X 81 9.01 30.77 13.88
N ILE X 82 8.89 31.57 12.82
CA ILE X 82 8.05 32.76 12.81
C ILE X 82 6.75 32.39 12.09
N GLY X 83 5.73 32.05 12.86
CA GLY X 83 4.41 31.92 12.30
C GLY X 83 3.92 33.23 11.71
N ARG X 84 2.81 33.16 10.99
CA ARG X 84 2.25 34.35 10.36
C ARG X 84 0.73 34.35 10.54
N ASN X 85 0.19 35.43 11.11
CA ASN X 85 -1.26 35.58 11.20
C ASN X 85 -1.74 36.27 9.93
N THR X 86 -2.75 35.69 9.27
CA THR X 86 -3.30 36.18 8.01
C THR X 86 -4.72 36.67 8.22
N TYR X 87 -4.99 37.89 7.79
CA TYR X 87 -6.32 38.46 7.79
C TYR X 87 -6.86 38.41 6.37
N GLY X 88 -8.17 38.17 6.24
CA GLY X 88 -8.77 37.93 4.93
C GLY X 88 -9.93 38.83 4.54
N PHE X 89 -9.86 39.43 3.36
CA PHE X 89 -10.87 40.36 2.87
C PHE X 89 -11.41 39.80 1.56
N LEU X 90 -12.70 39.53 1.50
CA LEU X 90 -13.21 38.82 0.34
C LEU X 90 -14.54 39.41 -0.13
N VAL X 91 -14.62 39.64 -1.44
CA VAL X 91 -15.81 40.16 -2.10
C VAL X 91 -16.30 39.08 -3.04
N ARG X 92 -17.60 38.77 -2.96
CA ARG X 92 -18.27 37.83 -3.84
C ARG X 92 -19.33 38.56 -4.64
N LYS X 93 -19.33 38.37 -5.96
CA LYS X 93 -20.25 39.10 -6.83
C LYS X 93 -20.92 38.15 -7.81
N GLY X 94 -22.25 38.24 -7.89
CA GLY X 94 -22.99 37.46 -8.86
C GLY X 94 -22.78 37.99 -10.27
N VAL X 95 -22.26 37.16 -11.17
CA VAL X 95 -21.93 37.54 -12.54
C VAL X 95 -22.44 36.48 -13.48
N ILE X 96 -23.06 36.88 -14.58
CA ILE X 96 -23.75 35.93 -15.45
C ILE X 96 -22.86 35.62 -16.64
N PRO X 97 -22.49 34.34 -16.86
CA PRO X 97 -21.53 34.04 -17.94
C PRO X 97 -22.14 34.00 -19.33
N ALA X 98 -23.34 33.45 -19.51
CA ALA X 98 -23.87 33.32 -20.85
C ALA X 98 -25.25 33.95 -20.97
N VAL X 99 -25.87 33.69 -22.12
CA VAL X 99 -27.12 34.38 -22.44
C VAL X 99 -28.25 33.90 -21.56
N ASN X 100 -28.23 32.62 -21.17
CA ASN X 100 -29.29 32.12 -20.31
C ASN X 100 -28.76 31.29 -19.15
N GLN X 101 -27.50 31.48 -18.77
CA GLN X 101 -26.90 30.65 -17.73
C GLN X 101 -27.19 31.18 -16.32
N SER X 102 -27.05 30.27 -15.36
CA SER X 102 -27.16 30.63 -13.95
C SER X 102 -25.98 31.50 -13.55
N PRO X 103 -26.17 32.43 -12.61
CA PRO X 103 -25.07 33.30 -12.21
C PRO X 103 -23.95 32.51 -11.54
N GLN X 104 -22.73 32.83 -11.94
CA GLN X 104 -21.47 32.41 -11.34
C GLN X 104 -20.99 33.46 -10.36
N VAL X 105 -20.10 33.07 -9.46
CA VAL X 105 -19.62 33.96 -8.40
C VAL X 105 -18.22 34.44 -8.77
N MET X 106 -18.13 35.63 -9.37
CA MET X 106 -16.83 36.28 -9.42
C MET X 106 -16.35 36.52 -8.00
N LEU X 107 -15.03 36.48 -7.83
CA LEU X 107 -14.48 36.43 -6.48
C LEU X 107 -13.20 37.24 -6.43
N VAL X 108 -13.18 38.27 -5.58
CA VAL X 108 -11.98 39.09 -5.36
C VAL X 108 -11.56 38.89 -3.92
N ARG X 109 -10.39 38.28 -3.71
CA ARG X 109 -9.98 37.96 -2.35
C ARG X 109 -8.56 38.43 -2.06
N VAL X 110 -8.41 39.09 -0.92
CA VAL X 110 -7.16 39.64 -0.43
C VAL X 110 -6.78 38.86 0.82
N GLU X 111 -5.48 38.60 0.96
CA GLU X 111 -4.92 37.99 2.15
C GLU X 111 -3.72 38.80 2.61
N ILE X 112 -3.73 39.18 3.88
CA ILE X 112 -2.70 39.99 4.49
C ILE X 112 -2.01 39.11 5.52
N SER X 113 -0.82 38.60 5.19
CA SER X 113 -0.05 37.74 6.08
C SER X 113 1.03 38.57 6.78
N VAL X 114 0.86 38.73 8.10
CA VAL X 114 1.79 39.48 8.95
C VAL X 114 2.59 38.48 9.76
N PRO X 115 3.91 38.55 9.73
CA PRO X 115 4.72 37.65 10.56
C PRO X 115 4.54 37.96 12.04
N ALA X 116 5.02 37.02 12.85
CA ALA X 116 4.61 36.93 14.23
C ALA X 116 5.05 38.14 15.05
N GLY X 117 6.29 38.57 14.85
CA GLY X 117 6.87 39.59 15.70
C GLY X 117 6.72 40.96 15.08
N ALA X 118 6.33 40.97 13.81
CA ALA X 118 6.21 42.18 13.00
C ALA X 118 5.28 43.20 13.67
N ASP X 119 4.08 42.76 14.03
CA ASP X 119 2.99 43.64 14.46
C ASP X 119 3.42 44.56 15.59
N THR X 120 4.38 44.11 16.39
CA THR X 120 4.91 44.89 17.50
C THR X 120 6.24 45.55 17.18
N TYR X 121 7.23 44.78 16.72
CA TYR X 121 8.57 45.34 16.58
C TYR X 121 8.65 46.33 15.42
N ASP X 122 8.08 45.99 14.26
CA ASP X 122 8.19 46.80 13.04
C ASP X 122 6.80 47.05 12.48
N ALA X 123 6.10 48.02 13.06
CA ALA X 123 4.75 48.31 12.61
C ALA X 123 4.71 49.25 11.42
N ALA X 124 5.73 50.11 11.30
CA ALA X 124 5.75 51.06 10.20
C ALA X 124 5.86 50.35 8.86
N ASN X 125 6.62 49.27 8.79
CA ASN X 125 6.79 48.57 7.52
C ASN X 125 5.52 47.78 7.16
N VAL X 126 4.85 47.21 8.16
CA VAL X 126 3.54 46.59 7.91
C VAL X 126 2.57 47.61 7.33
N LYS X 127 2.42 48.76 8.02
CA LYS X 127 1.51 49.80 7.53
C LYS X 127 1.91 50.25 6.14
N ALA X 128 3.22 50.28 5.85
CA ALA X 128 3.69 50.74 4.54
C ALA X 128 3.34 49.74 3.44
N ALA X 129 3.51 48.45 3.71
CA ALA X 129 3.11 47.44 2.73
C ALA X 129 1.62 47.56 2.42
N LEU X 130 0.80 47.73 3.46
CA LEU X 130 -0.64 47.87 3.24
C LEU X 130 -0.96 49.12 2.44
N SER X 131 -0.35 50.26 2.78
CA SER X 131 -0.67 51.50 2.08
C SER X 131 -0.20 51.47 0.64
N ALA X 132 0.94 50.82 0.37
CA ALA X 132 1.41 50.72 -1.01
C ALA X 132 0.52 49.79 -1.82
N ALA X 133 0.15 48.63 -1.26
CA ALA X 133 -0.74 47.71 -1.96
C ALA X 133 -2.08 48.38 -2.30
N ILE X 134 -2.73 48.97 -1.30
CA ILE X 134 -4.03 49.58 -1.53
C ILE X 134 -3.93 50.84 -2.39
N GLY X 135 -2.83 51.60 -2.27
CA GLY X 135 -2.67 52.77 -3.12
C GLY X 135 -2.49 52.42 -4.58
N VAL X 136 -1.71 51.36 -4.87
CA VAL X 136 -1.59 50.91 -6.25
C VAL X 136 -2.92 50.36 -6.76
N LEU X 137 -3.66 49.64 -5.91
CA LEU X 137 -4.97 49.13 -6.32
C LEU X 137 -5.92 50.27 -6.69
N SER X 138 -6.00 51.30 -5.85
CA SER X 138 -6.91 52.40 -6.14
C SER X 138 -6.43 53.25 -7.30
N GLN X 139 -5.11 53.37 -7.49
CA GLN X 139 -4.60 54.11 -8.64
C GLN X 139 -4.93 53.39 -9.94
N GLN X 140 -4.77 52.07 -9.96
CA GLN X 140 -4.98 51.29 -11.17
C GLN X 140 -6.28 50.51 -11.15
N SER X 141 -7.32 51.03 -10.49
CA SER X 141 -8.58 50.31 -10.42
C SER X 141 -9.22 50.18 -11.79
N ALA X 142 -9.33 51.30 -12.51
CA ALA X 142 -9.91 51.27 -13.85
C ALA X 142 -9.10 50.37 -14.77
N GLY X 143 -7.77 50.45 -14.67
CA GLY X 143 -6.93 49.65 -15.54
C GLY X 143 -6.99 48.17 -15.22
N ILE X 144 -7.14 47.81 -13.95
CA ILE X 144 -7.29 46.41 -13.57
C ILE X 144 -8.65 45.88 -14.01
N GLY X 145 -9.68 46.71 -13.99
CA GLY X 145 -10.93 46.30 -14.61
C GLY X 145 -10.78 46.05 -16.10
N ASP X 146 -10.15 47.00 -16.80
CA ASP X 146 -9.86 46.84 -18.22
C ASP X 146 -9.10 45.54 -18.48
N THR X 147 -8.16 45.20 -17.61
CA THR X 147 -7.42 43.96 -17.76
C THR X 147 -8.30 42.74 -17.50
N ALA X 148 -9.12 42.79 -16.45
CA ALA X 148 -9.98 41.66 -16.10
C ALA X 148 -10.98 41.36 -17.21
N LEU X 149 -11.32 42.36 -18.00
CA LEU X 149 -12.24 42.13 -19.12
C LEU X 149 -11.50 41.82 -20.42
N SER X 150 -10.34 42.45 -20.65
CA SER X 150 -9.66 42.35 -21.93
C SER X 150 -8.75 41.12 -22.03
N GLY X 151 -8.16 40.70 -20.92
CA GLY X 151 -7.00 39.84 -20.99
C GLY X 151 -5.74 40.58 -21.32
N ILE X 152 -5.80 41.89 -21.41
CA ILE X 152 -4.66 42.71 -21.81
C ILE X 152 -3.93 43.17 -20.55
N LEU X 153 -2.65 42.90 -20.49
CA LEU X 153 -1.81 43.32 -19.38
C LEU X 153 -0.91 44.51 -19.81
N ALA Y 1 -77.76 8.02 46.56
CA ALA Y 1 -79.20 8.16 46.74
C ALA Y 1 -79.96 7.80 45.46
N TYR Y 2 -79.87 6.53 45.03
CA TYR Y 2 -80.51 6.05 43.81
C TYR Y 2 -81.70 5.17 44.18
N SER Y 3 -82.93 5.66 43.91
CA SER Y 3 -84.16 4.93 44.22
C SER Y 3 -85.24 5.33 43.21
N PRO Y 4 -85.50 4.50 42.21
CA PRO Y 4 -86.50 4.83 41.19
C PRO Y 4 -87.93 4.66 41.71
N SER Y 5 -88.87 5.23 40.95
CA SER Y 5 -90.29 5.25 41.26
C SER Y 5 -91.03 4.16 40.50
N THR Y 6 -92.23 3.82 40.98
CA THR Y 6 -92.94 2.65 40.44
C THR Y 6 -93.30 2.83 38.97
N PRO Y 7 -94.05 3.87 38.56
CA PRO Y 7 -94.09 4.20 37.13
C PRO Y 7 -93.01 5.20 36.76
N VAL Y 8 -92.09 4.80 35.89
CA VAL Y 8 -91.06 5.70 35.39
C VAL Y 8 -91.59 6.32 34.11
N THR Y 9 -91.65 7.64 34.07
CA THR Y 9 -92.04 8.35 32.86
C THR Y 9 -90.90 8.22 31.86
N GLY Y 10 -91.09 7.36 30.87
CA GLY Y 10 -90.02 7.08 29.92
C GLY Y 10 -89.79 8.25 28.98
N ALA Y 11 -88.53 8.45 28.60
CA ALA Y 11 -88.17 9.59 27.78
C ALA Y 11 -88.84 9.49 26.41
N ALA Y 12 -89.09 10.64 25.80
CA ALA Y 12 -89.85 10.67 24.57
C ALA Y 12 -89.15 9.86 23.49
N GLN Y 13 -89.93 9.08 22.74
CA GLN Y 13 -89.42 8.31 21.62
C GLN Y 13 -90.37 8.50 20.44
N THR Y 14 -89.89 8.12 19.26
CA THR Y 14 -90.52 8.55 18.01
C THR Y 14 -91.96 8.02 17.91
N GLY Y 15 -92.13 6.71 17.99
CA GLY Y 15 -93.47 6.16 17.87
C GLY Y 15 -94.25 6.02 19.15
N PHE Y 16 -93.74 6.53 20.27
CA PHE Y 16 -94.34 6.29 21.58
C PHE Y 16 -95.17 7.49 22.02
N THR Y 17 -96.37 7.20 22.52
CA THR Y 17 -97.26 8.22 23.08
C THR Y 17 -97.33 8.00 24.59
N SER Y 18 -96.82 8.96 25.34
CA SER Y 18 -96.83 8.94 26.81
C SER Y 18 -96.38 7.60 27.38
N PRO Y 19 -95.12 7.20 27.15
CA PRO Y 19 -94.69 5.88 27.60
C PRO Y 19 -94.24 5.87 29.06
N THR Y 20 -94.68 4.86 29.81
CA THR Y 20 -94.29 4.66 31.19
C THR Y 20 -93.88 3.21 31.39
N TYR Y 21 -92.96 2.98 32.32
CA TYR Y 21 -92.46 1.63 32.58
C TYR Y 21 -92.61 1.32 34.06
N THR Y 22 -93.27 0.22 34.40
CA THR Y 22 -93.45 -0.20 35.77
C THR Y 22 -92.24 -1.03 36.19
N LEU Y 23 -91.59 -0.63 37.27
CA LEU Y 23 -90.42 -1.32 37.77
C LEU Y 23 -90.81 -2.23 38.93
N THR Y 24 -90.28 -3.45 38.90
CA THR Y 24 -90.38 -4.38 40.02
C THR Y 24 -88.97 -4.60 40.58
N SER Y 25 -88.86 -4.64 41.90
CA SER Y 25 -87.55 -4.73 42.52
C SER Y 25 -86.93 -6.08 42.24
N ASP Y 26 -85.62 -6.08 41.95
CA ASP Y 26 -84.89 -7.29 41.62
C ASP Y 26 -83.58 -7.32 42.42
N THR Y 27 -83.07 -8.52 42.65
CA THR Y 27 -81.78 -8.66 43.29
C THR Y 27 -80.67 -8.50 42.26
N ALA Y 28 -79.66 -7.70 42.60
CA ALA Y 28 -78.61 -7.32 41.68
C ALA Y 28 -77.53 -8.39 41.58
N PRO Y 29 -76.67 -8.35 40.55
CA PRO Y 29 -75.66 -9.41 40.38
C PRO Y 29 -74.48 -9.29 41.34
N THR Y 30 -74.09 -8.06 41.64
CA THR Y 30 -73.09 -7.81 42.69
C THR Y 30 -73.78 -7.34 43.96
N ALA Y 31 -73.01 -7.33 45.05
CA ALA Y 31 -73.47 -6.75 46.29
C ALA Y 31 -73.35 -5.24 46.31
N LEU Y 32 -72.85 -4.64 45.23
CA LEU Y 32 -72.68 -3.21 45.10
C LEU Y 32 -73.67 -2.60 44.12
N GLY Y 33 -74.72 -3.32 43.77
CA GLY Y 33 -75.68 -2.87 42.79
C GLY Y 33 -77.09 -2.90 43.31
N LYS Y 34 -77.89 -1.97 42.80
CA LYS Y 34 -79.33 -1.98 42.97
C LYS Y 34 -79.95 -2.17 41.58
N GLN Y 35 -80.80 -3.18 41.43
CA GLN Y 35 -81.34 -3.53 40.13
C GLN Y 35 -82.85 -3.65 40.17
N HIS Y 36 -83.51 -3.07 39.18
CA HIS Y 36 -84.94 -3.25 38.98
C HIS Y 36 -85.16 -3.91 37.62
N ALA Y 37 -86.29 -4.60 37.48
CA ALA Y 37 -86.68 -5.19 36.20
C ALA Y 37 -87.98 -4.57 35.74
N VAL Y 38 -88.12 -4.38 34.43
CA VAL Y 38 -89.31 -3.75 33.88
C VAL Y 38 -90.36 -4.85 33.73
N THR Y 39 -91.28 -4.91 34.68
CA THR Y 39 -92.28 -5.98 34.70
C THR Y 39 -93.45 -5.70 33.76
N ALA Y 40 -93.74 -4.43 33.46
CA ALA Y 40 -94.86 -4.11 32.57
C ALA Y 40 -94.67 -2.71 31.99
N THR Y 41 -95.33 -2.46 30.85
CA THR Y 41 -95.26 -1.19 30.16
C THR Y 41 -96.64 -0.57 30.06
N GLY Y 42 -96.70 0.75 30.23
CA GLY Y 42 -97.90 1.51 29.99
C GLY Y 42 -97.64 2.55 28.94
N GLY Y 43 -98.69 3.08 28.31
CA GLY Y 43 -98.55 3.99 27.20
C GLY Y 43 -98.71 3.26 25.86
N THR Y 44 -98.72 4.05 24.79
CA THR Y 44 -98.89 3.51 23.44
C THR Y 44 -97.53 3.28 22.82
N GLN Y 45 -96.91 2.17 23.23
CA GLN Y 45 -95.64 1.68 22.68
C GLN Y 45 -95.90 0.24 22.25
N THR Y 46 -96.38 0.08 21.02
CA THR Y 46 -96.85 -1.22 20.57
C THR Y 46 -95.65 -2.10 20.22
N GLY Y 47 -95.69 -3.36 20.66
CA GLY Y 47 -94.65 -4.32 20.41
C GLY Y 47 -93.57 -4.42 21.47
N VAL Y 48 -93.57 -3.50 22.44
CA VAL Y 48 -92.52 -3.50 23.46
C VAL Y 48 -92.70 -4.71 24.38
N THR Y 49 -91.64 -5.49 24.52
CA THR Y 49 -91.67 -6.69 25.35
C THR Y 49 -91.05 -6.41 26.72
N THR Y 50 -91.68 -6.96 27.76
CA THR Y 50 -91.21 -6.75 29.12
C THR Y 50 -90.14 -7.78 29.47
N HIS Y 51 -89.67 -7.72 30.72
CA HIS Y 51 -88.60 -8.61 31.16
C HIS Y 51 -89.05 -10.05 31.15
N SER Y 52 -88.32 -10.87 30.40
CA SER Y 52 -88.51 -12.32 30.37
C SER Y 52 -87.17 -12.98 30.64
N VAL Y 53 -87.21 -14.28 30.91
CA VAL Y 53 -85.95 -15.01 31.05
C VAL Y 53 -85.18 -14.98 29.75
N SER Y 54 -85.87 -15.14 28.63
CA SER Y 54 -85.22 -15.19 27.32
C SER Y 54 -84.73 -13.82 26.89
N SER Y 55 -85.53 -12.77 27.13
CA SER Y 55 -85.20 -11.41 26.71
C SER Y 55 -85.36 -10.45 27.89
N PRO Y 56 -84.27 -10.05 28.52
CA PRO Y 56 -84.38 -9.26 29.76
C PRO Y 56 -84.65 -7.79 29.49
N PHE Y 57 -85.22 -7.15 30.52
CA PHE Y 57 -85.39 -5.69 30.56
C PHE Y 57 -85.02 -5.26 31.98
N THR Y 58 -83.75 -4.87 32.16
CA THR Y 58 -83.21 -4.63 33.49
C THR Y 58 -82.44 -3.31 33.57
N ILE Y 59 -82.53 -2.68 34.73
CA ILE Y 59 -81.93 -1.38 35.01
C ILE Y 59 -81.14 -1.53 36.30
N THR Y 60 -79.81 -1.58 36.21
CA THR Y 60 -78.95 -1.83 37.35
C THR Y 60 -77.95 -0.69 37.53
N PHE Y 61 -77.73 -0.29 38.79
CA PHE Y 61 -76.84 0.82 39.12
C PHE Y 61 -75.87 0.37 40.20
N THR Y 62 -74.58 0.56 39.95
CA THR Y 62 -73.52 -0.03 40.76
C THR Y 62 -72.51 1.03 41.18
N ARG Y 63 -72.00 0.88 42.41
CA ARG Y 63 -70.92 1.69 42.94
C ARG Y 63 -69.62 0.90 42.89
N PRO Y 64 -68.46 1.57 42.98
CA PRO Y 64 -67.19 0.84 42.91
C PRO Y 64 -66.93 0.02 44.16
N LYS Y 65 -66.14 -1.05 43.99
CA LYS Y 65 -65.83 -1.94 45.10
C LYS Y 65 -65.09 -1.19 46.21
N THR Y 66 -64.08 -0.40 45.84
CA THR Y 66 -63.26 0.33 46.78
C THR Y 66 -63.20 1.79 46.38
N MET Y 67 -63.52 2.68 47.32
CA MET Y 67 -63.42 4.11 47.10
C MET Y 67 -61.97 4.54 47.08
N LYS Y 68 -61.68 5.59 46.32
CA LYS Y 68 -60.33 6.08 46.16
C LYS Y 68 -60.21 7.45 46.82
N THR Y 69 -59.26 7.58 47.74
CA THR Y 69 -58.93 8.87 48.31
C THR Y 69 -57.79 9.50 47.53
N VAL Y 70 -57.68 10.81 47.64
CA VAL Y 70 -56.74 11.53 46.79
C VAL Y 70 -55.38 11.67 47.46
N GLY Y 83 -56.39 8.99 40.16
CA GLY Y 83 -57.37 7.97 40.48
C GLY Y 83 -58.81 8.41 40.21
N ARG Y 84 -59.72 7.45 40.03
CA ARG Y 84 -61.10 7.77 39.71
C ARG Y 84 -62.07 6.78 40.34
N ASN Y 85 -63.19 7.27 40.85
CA ASN Y 85 -64.31 6.42 41.28
C ASN Y 85 -65.34 6.45 40.16
N THR Y 86 -65.66 5.30 39.56
CA THR Y 86 -66.62 5.21 38.47
C THR Y 86 -67.88 4.50 38.94
N TYR Y 87 -69.02 5.15 38.74
CA TYR Y 87 -70.33 4.56 39.03
C TYR Y 87 -70.98 4.14 37.72
N GLY Y 88 -71.68 3.01 37.75
CA GLY Y 88 -72.20 2.43 36.52
C GLY Y 88 -73.70 2.20 36.46
N PHE Y 89 -74.33 2.68 35.39
CA PHE Y 89 -75.78 2.57 35.21
C PHE Y 89 -76.02 1.83 33.90
N LEU Y 90 -76.65 0.67 33.95
CA LEU Y 90 -76.73 -0.18 32.77
C LEU Y 90 -78.12 -0.76 32.58
N VAL Y 91 -78.61 -0.67 31.34
CA VAL Y 91 -79.91 -1.16 30.93
C VAL Y 91 -79.69 -2.25 29.90
N ARG Y 92 -80.30 -3.41 30.12
CA ARG Y 92 -80.27 -4.53 29.20
C ARG Y 92 -81.67 -4.79 28.67
N LYS Y 93 -81.80 -4.91 27.35
CA LYS Y 93 -83.10 -5.09 26.72
C LYS Y 93 -83.06 -6.23 25.71
N GLY Y 94 -84.03 -7.13 25.82
CA GLY Y 94 -84.17 -8.19 24.84
C GLY Y 94 -84.69 -7.66 23.52
N VAL Y 95 -83.91 -7.82 22.45
CA VAL Y 95 -84.22 -7.30 21.12
C VAL Y 95 -83.99 -8.42 20.12
N ILE Y 96 -84.91 -8.60 19.18
CA ILE Y 96 -84.89 -9.77 18.31
C ILE Y 96 -84.33 -9.36 16.95
N PRO Y 97 -83.21 -9.93 16.50
CA PRO Y 97 -82.59 -9.42 15.26
C PRO Y 97 -83.25 -9.91 13.97
N ALA Y 98 -83.70 -11.15 13.89
CA ALA Y 98 -84.27 -11.61 12.64
C ALA Y 98 -85.63 -12.25 12.84
N VAL Y 99 -86.17 -12.76 11.73
CA VAL Y 99 -87.55 -13.17 11.68
C VAL Y 99 -87.80 -14.34 12.62
N ASN Y 100 -86.81 -15.20 12.82
CA ASN Y 100 -87.01 -16.33 13.73
C ASN Y 100 -85.86 -16.51 14.72
N GLN Y 101 -85.01 -15.50 14.89
CA GLN Y 101 -83.80 -15.69 15.68
C GLN Y 101 -84.05 -15.54 17.17
N SER Y 102 -83.08 -16.02 17.94
CA SER Y 102 -83.09 -15.86 19.38
C SER Y 102 -82.87 -14.40 19.74
N PRO Y 103 -83.43 -13.95 20.86
CA PRO Y 103 -83.25 -12.55 21.26
C PRO Y 103 -81.80 -12.27 21.63
N GLN Y 104 -81.29 -11.16 21.10
CA GLN Y 104 -80.03 -10.52 21.43
C GLN Y 104 -80.26 -9.45 22.50
N VAL Y 105 -79.19 -9.07 23.19
CA VAL Y 105 -79.30 -8.11 24.29
C VAL Y 105 -78.79 -6.76 23.81
N MET Y 106 -79.71 -5.87 23.46
CA MET Y 106 -79.31 -4.48 23.32
C MET Y 106 -78.87 -3.96 24.68
N LEU Y 107 -77.93 -3.02 24.66
CA LEU Y 107 -77.26 -2.65 25.88
C LEU Y 107 -77.01 -1.14 25.90
N VAL Y 108 -77.53 -0.45 26.91
CA VAL Y 108 -77.30 0.98 27.08
C VAL Y 108 -76.58 1.15 28.41
N ARG Y 109 -75.31 1.55 28.36
CA ARG Y 109 -74.54 1.63 29.60
C ARG Y 109 -73.89 3.00 29.76
N VAL Y 110 -73.97 3.51 30.99
CA VAL Y 110 -73.47 4.82 31.37
C VAL Y 110 -72.41 4.61 32.44
N GLU Y 111 -71.31 5.34 32.32
CA GLU Y 111 -70.23 5.33 33.30
C GLU Y 111 -69.96 6.77 33.71
N ILE Y 112 -69.94 6.99 35.02
CA ILE Y 112 -69.70 8.29 35.62
C ILE Y 112 -68.39 8.19 36.38
N SER Y 113 -67.33 8.74 35.82
CA SER Y 113 -66.00 8.70 36.43
C SER Y 113 -65.74 10.05 37.11
N VAL Y 114 -65.75 10.03 38.43
CA VAL Y 114 -65.49 11.20 39.27
C VAL Y 114 -64.04 11.10 39.75
N PRO Y 115 -63.19 12.10 39.48
CA PRO Y 115 -61.84 12.12 40.06
C PRO Y 115 -61.89 12.12 41.59
N ALA Y 116 -60.72 11.89 42.19
CA ALA Y 116 -60.67 11.58 43.61
C ALA Y 116 -61.09 12.76 44.48
N GLY Y 117 -60.38 13.88 44.37
CA GLY Y 117 -60.70 15.02 45.23
C GLY Y 117 -61.91 15.81 44.79
N ALA Y 118 -62.42 15.48 43.61
CA ALA Y 118 -63.55 16.19 43.02
C ALA Y 118 -64.77 16.18 43.94
N ASP Y 119 -65.19 14.98 44.36
CA ASP Y 119 -66.44 14.78 45.09
C ASP Y 119 -66.58 15.74 46.26
N THR Y 120 -65.47 16.11 46.88
CA THR Y 120 -65.45 17.00 48.02
C THR Y 120 -65.12 18.43 47.65
N TYR Y 121 -63.99 18.66 46.98
CA TYR Y 121 -63.52 20.03 46.78
C TYR Y 121 -64.39 20.78 45.77
N ASP Y 122 -64.79 20.13 44.68
CA ASP Y 122 -65.54 20.80 43.62
C ASP Y 122 -66.77 19.94 43.30
N ALA Y 123 -67.82 20.09 44.10
CA ALA Y 123 -69.00 19.29 43.90
C ALA Y 123 -69.95 19.91 42.89
N ALA Y 124 -69.91 21.24 42.76
CA ALA Y 124 -70.80 21.92 41.84
C ALA Y 124 -70.51 21.51 40.40
N ASN Y 125 -69.23 21.40 40.03
CA ASN Y 125 -68.91 21.01 38.67
C ASN Y 125 -69.26 19.56 38.38
N VAL Y 126 -69.11 18.68 39.37
CA VAL Y 126 -69.58 17.30 39.23
C VAL Y 126 -71.07 17.27 38.93
N LYS Y 127 -71.85 17.93 39.79
CA LYS Y 127 -73.30 17.97 39.58
C LYS Y 127 -73.65 18.59 38.25
N ALA Y 128 -72.86 19.56 37.79
CA ALA Y 128 -73.16 20.25 36.53
C ALA Y 128 -72.87 19.34 35.34
N ALA Y 129 -71.79 18.58 35.39
CA ALA Y 129 -71.55 17.58 34.35
C ALA Y 129 -72.71 16.62 34.25
N LEU Y 130 -73.17 16.10 35.39
CA LEU Y 130 -74.29 15.16 35.38
C LEU Y 130 -75.56 15.83 34.85
N SER Y 131 -75.81 17.09 35.25
CA SER Y 131 -76.99 17.81 34.82
C SER Y 131 -76.99 18.03 33.31
N ALA Y 132 -75.88 18.54 32.77
CA ALA Y 132 -75.78 18.75 31.34
C ALA Y 132 -75.96 17.43 30.57
N ALA Y 133 -75.26 16.38 31.02
CA ALA Y 133 -75.34 15.10 30.32
C ALA Y 133 -76.77 14.57 30.27
N ILE Y 134 -77.42 14.47 31.44
CA ILE Y 134 -78.77 13.92 31.46
C ILE Y 134 -79.76 14.86 30.79
N GLY Y 135 -79.53 16.18 30.84
CA GLY Y 135 -80.44 17.10 30.19
C GLY Y 135 -80.39 17.00 28.68
N VAL Y 136 -79.19 16.89 28.12
CA VAL Y 136 -79.07 16.69 26.67
C VAL Y 136 -79.66 15.33 26.28
N LEU Y 137 -79.44 14.31 27.11
CA LEU Y 137 -80.00 12.98 26.81
C LEU Y 137 -81.52 13.03 26.76
N SER Y 138 -82.16 13.69 27.74
CA SER Y 138 -83.62 13.75 27.75
C SER Y 138 -84.15 14.66 26.65
N GLN Y 139 -83.40 15.71 26.30
CA GLN Y 139 -83.83 16.60 25.22
C GLN Y 139 -83.81 15.88 23.88
N GLN Y 140 -82.75 15.14 23.61
CA GLN Y 140 -82.59 14.48 22.32
C GLN Y 140 -82.96 13.00 22.37
N SER Y 141 -83.79 12.59 23.32
CA SER Y 141 -84.10 11.16 23.46
C SER Y 141 -84.72 10.61 22.18
N ALA Y 142 -85.73 11.31 21.65
CA ALA Y 142 -86.38 10.89 20.42
C ALA Y 142 -85.39 10.84 19.27
N GLY Y 143 -84.56 11.88 19.14
CA GLY Y 143 -83.61 11.92 18.05
C GLY Y 143 -82.52 10.89 18.15
N ILE Y 144 -82.12 10.52 19.37
CA ILE Y 144 -81.12 9.49 19.58
C ILE Y 144 -81.70 8.12 19.23
N GLY Y 145 -82.97 7.89 19.52
CA GLY Y 145 -83.61 6.69 18.99
C GLY Y 145 -83.66 6.68 17.47
N ASP Y 146 -84.07 7.80 16.88
CA ASP Y 146 -84.04 7.94 15.43
C ASP Y 146 -82.66 7.62 14.87
N THR Y 147 -81.61 8.04 15.56
CA THR Y 147 -80.25 7.76 15.13
C THR Y 147 -79.91 6.29 15.32
N ALA Y 148 -80.33 5.69 16.44
CA ALA Y 148 -80.05 4.29 16.70
C ALA Y 148 -80.68 3.39 15.66
N LEU Y 149 -81.73 3.86 15.00
CA LEU Y 149 -82.34 3.10 13.90
C LEU Y 149 -81.84 3.53 12.53
N SER Y 150 -81.47 4.80 12.33
CA SER Y 150 -81.07 5.32 11.03
C SER Y 150 -79.61 5.03 10.73
N GLY Y 151 -78.75 5.13 11.73
CA GLY Y 151 -77.33 5.14 11.51
C GLY Y 151 -76.77 6.50 11.23
N ILE Y 152 -77.56 7.56 11.41
CA ILE Y 152 -77.18 8.90 10.97
C ILE Y 152 -77.32 9.88 12.12
N LEU Y 153 -76.30 10.73 12.28
CA LEU Y 153 -76.32 11.81 13.27
C LEU Y 153 -76.94 13.08 12.69
N ALA Z 1 -76.57 -9.39 65.94
CA ALA Z 1 -77.58 -8.38 66.24
C ALA Z 1 -76.98 -6.98 66.32
N TYR Z 2 -76.44 -6.48 65.20
CA TYR Z 2 -75.79 -5.17 65.14
C TYR Z 2 -76.69 -4.21 64.36
N SER Z 3 -77.22 -3.19 65.06
CA SER Z 3 -78.08 -2.18 64.44
C SER Z 3 -77.95 -0.86 65.19
N PRO Z 4 -77.16 0.07 64.68
CA PRO Z 4 -76.95 1.34 65.37
C PRO Z 4 -78.17 2.26 65.26
N SER Z 5 -78.16 3.31 66.09
CA SER Z 5 -79.25 4.27 66.23
C SER Z 5 -78.96 5.55 65.46
N THR Z 6 -80.02 6.36 65.25
CA THR Z 6 -79.86 7.52 64.37
C THR Z 6 -78.89 8.54 64.94
N PRO Z 7 -79.11 9.10 66.14
CA PRO Z 7 -78.02 9.80 66.81
C PRO Z 7 -77.23 8.86 67.70
N VAL Z 8 -75.96 8.64 67.37
CA VAL Z 8 -75.06 7.89 68.24
C VAL Z 8 -74.39 8.90 69.16
N THR Z 9 -74.51 8.67 70.45
CA THR Z 9 -73.85 9.55 71.41
C THR Z 9 -72.38 9.17 71.48
N GLY Z 10 -71.54 10.03 70.93
CA GLY Z 10 -70.14 9.70 70.80
C GLY Z 10 -69.44 9.68 72.15
N ALA Z 11 -68.46 8.79 72.26
CA ALA Z 11 -67.69 8.69 73.48
C ALA Z 11 -66.96 9.99 73.76
N ALA Z 12 -66.76 10.28 75.04
CA ALA Z 12 -66.21 11.57 75.44
C ALA Z 12 -64.83 11.77 74.82
N GLN Z 13 -64.59 12.99 74.36
CA GLN Z 13 -63.30 13.40 73.84
C GLN Z 13 -62.94 14.75 74.42
N THR Z 14 -61.66 15.11 74.30
CA THR Z 14 -61.10 16.18 75.10
C THR Z 14 -61.79 17.51 74.82
N GLY Z 15 -61.76 17.97 73.58
CA GLY Z 15 -62.38 19.25 73.27
C GLY Z 15 -63.86 19.21 72.93
N PHE Z 16 -64.51 18.05 73.02
CA PHE Z 16 -65.88 17.90 72.56
C PHE Z 16 -66.84 18.03 73.72
N THR Z 17 -67.90 18.81 73.52
CA THR Z 17 -68.98 18.94 74.50
C THR Z 17 -70.20 18.23 73.95
N SER Z 18 -70.57 17.11 74.57
CA SER Z 18 -71.77 16.35 74.26
C SER Z 18 -71.89 15.99 72.78
N PRO Z 19 -70.94 15.25 72.22
CA PRO Z 19 -70.93 15.02 70.77
C PRO Z 19 -71.84 13.88 70.39
N THR Z 20 -72.56 14.08 69.28
CA THR Z 20 -73.43 13.07 68.70
C THR Z 20 -73.16 13.01 67.20
N TYR Z 21 -73.37 11.83 66.62
CA TYR Z 21 -73.12 11.61 65.21
C TYR Z 21 -74.35 10.98 64.59
N THR Z 22 -74.89 11.61 63.54
CA THR Z 22 -76.05 11.10 62.83
C THR Z 22 -75.60 10.10 61.78
N LEU Z 23 -76.19 8.91 61.81
CA LEU Z 23 -75.84 7.85 60.88
C LEU Z 23 -76.89 7.75 59.78
N THR Z 24 -76.44 7.68 58.54
CA THR Z 24 -77.27 7.37 57.39
C THR Z 24 -76.87 6.00 56.85
N SER Z 25 -77.84 5.21 56.41
CA SER Z 25 -77.55 3.85 56.02
C SER Z 25 -76.82 3.80 54.68
N ASP Z 26 -75.81 2.95 54.59
CA ASP Z 26 -74.96 2.83 53.41
C ASP Z 26 -74.85 1.36 53.01
N THR Z 27 -74.57 1.15 51.73
CA THR Z 27 -74.30 -0.19 51.23
C THR Z 27 -72.85 -0.56 51.50
N ALA Z 28 -72.64 -1.75 52.05
CA ALA Z 28 -71.34 -2.20 52.52
C ALA Z 28 -70.52 -2.81 51.39
N PRO Z 29 -69.19 -2.85 51.53
CA PRO Z 29 -68.37 -3.30 50.40
C PRO Z 29 -68.49 -4.80 50.14
N THR Z 30 -68.46 -5.61 51.18
CA THR Z 30 -68.77 -7.03 51.02
C THR Z 30 -70.27 -7.24 51.17
N ALA Z 31 -70.72 -8.42 50.77
CA ALA Z 31 -72.07 -8.84 51.10
C ALA Z 31 -72.20 -9.24 52.56
N LEU Z 32 -71.09 -9.32 53.29
CA LEU Z 32 -71.07 -9.77 54.68
C LEU Z 32 -70.94 -8.62 55.66
N GLY Z 33 -71.20 -7.39 55.23
CA GLY Z 33 -71.04 -6.24 56.09
C GLY Z 33 -72.30 -5.41 56.14
N LYS Z 34 -72.48 -4.76 57.28
CA LYS Z 34 -73.43 -3.67 57.43
C LYS Z 34 -72.63 -2.40 57.65
N GLN Z 35 -72.94 -1.36 56.87
CA GLN Z 35 -72.15 -0.14 56.91
C GLN Z 35 -73.06 1.08 57.03
N HIS Z 36 -72.68 2.00 57.92
CA HIS Z 36 -73.34 3.28 58.02
C HIS Z 36 -72.33 4.39 57.77
N ALA Z 37 -72.80 5.53 57.26
CA ALA Z 37 -71.95 6.70 57.04
C ALA Z 37 -72.41 7.83 57.96
N VAL Z 38 -71.46 8.59 58.49
CA VAL Z 38 -71.77 9.71 59.38
C VAL Z 38 -72.11 10.89 58.47
N THR Z 39 -73.41 11.11 58.25
CA THR Z 39 -73.86 12.16 57.35
C THR Z 39 -73.81 13.55 57.99
N ALA Z 40 -73.94 13.64 59.32
CA ALA Z 40 -73.95 14.94 59.98
C ALA Z 40 -73.54 14.78 61.44
N THR Z 41 -73.02 15.88 62.00
CA THR Z 41 -72.52 15.89 63.37
C THR Z 41 -73.29 16.88 64.22
N GLY Z 42 -73.60 16.49 65.46
CA GLY Z 42 -74.13 17.38 66.46
C GLY Z 42 -73.21 17.43 67.67
N GLY Z 43 -73.44 18.44 68.52
CA GLY Z 43 -72.57 18.71 69.64
C GLY Z 43 -71.57 19.80 69.32
N THR Z 44 -70.87 20.23 70.37
CA THR Z 44 -69.86 21.30 70.25
C THR Z 44 -68.47 20.72 69.97
N GLN Z 45 -68.39 20.08 68.82
CA GLN Z 45 -67.14 19.64 68.20
C GLN Z 45 -66.93 20.50 66.96
N THR Z 46 -65.87 21.29 66.97
CA THR Z 46 -65.66 22.28 65.92
C THR Z 46 -64.53 21.83 65.02
N GLY Z 47 -64.80 21.78 63.74
CA GLY Z 47 -63.86 21.35 62.74
C GLY Z 47 -64.08 19.94 62.25
N VAL Z 48 -65.04 19.22 62.82
CA VAL Z 48 -65.27 17.83 62.46
C VAL Z 48 -66.00 17.77 61.12
N THR Z 49 -65.42 17.04 60.17
CA THR Z 49 -65.98 16.91 58.82
C THR Z 49 -66.78 15.63 58.71
N THR Z 50 -67.89 15.69 57.95
CA THR Z 50 -68.78 14.56 57.78
C THR Z 50 -68.31 13.72 56.59
N HIS Z 51 -69.13 12.73 56.20
CA HIS Z 51 -68.70 11.73 55.24
C HIS Z 51 -68.74 12.28 53.82
N SER Z 52 -67.60 12.25 53.15
CA SER Z 52 -67.46 12.47 51.72
C SER Z 52 -66.84 11.20 51.13
N VAL Z 53 -66.68 11.17 49.81
CA VAL Z 53 -66.03 10.01 49.22
C VAL Z 53 -64.53 10.08 49.40
N SER Z 54 -63.95 11.28 49.24
CA SER Z 54 -62.51 11.43 49.43
C SER Z 54 -62.15 11.61 50.89
N SER Z 55 -63.09 12.10 51.71
CA SER Z 55 -62.90 12.23 53.17
C SER Z 55 -64.01 11.47 53.86
N PRO Z 56 -63.88 10.15 53.99
CA PRO Z 56 -64.99 9.33 54.46
C PRO Z 56 -65.18 9.43 55.97
N PHE Z 57 -66.39 9.02 56.40
CA PHE Z 57 -66.73 8.78 57.80
C PHE Z 57 -67.64 7.56 57.76
N THR Z 58 -67.04 6.38 57.90
CA THR Z 58 -67.77 5.12 57.69
C THR Z 58 -67.55 4.15 58.84
N ILE Z 59 -68.62 3.47 59.22
CA ILE Z 59 -68.65 2.52 60.33
C ILE Z 59 -69.21 1.23 59.75
N THR Z 60 -68.33 0.26 59.49
CA THR Z 60 -68.72 -0.99 58.85
C THR Z 60 -68.40 -2.18 59.75
N PHE Z 61 -69.30 -3.16 59.79
CA PHE Z 61 -69.19 -4.31 60.67
C PHE Z 61 -69.47 -5.57 59.86
N THR Z 62 -68.54 -6.52 59.91
CA THR Z 62 -68.52 -7.66 59.01
C THR Z 62 -68.41 -8.96 59.79
N ARG Z 63 -69.07 -10.00 59.28
CA ARG Z 63 -68.98 -11.37 59.76
C ARG Z 63 -68.06 -12.18 58.84
N PRO Z 64 -67.54 -13.31 59.29
CA PRO Z 64 -66.66 -14.11 58.43
C PRO Z 64 -67.43 -14.79 57.30
N LYS Z 65 -66.69 -15.11 56.25
CA LYS Z 65 -67.29 -15.75 55.08
C LYS Z 65 -67.82 -17.13 55.41
N THR Z 66 -67.05 -17.92 56.15
CA THR Z 66 -67.42 -19.28 56.49
C THR Z 66 -67.23 -19.49 57.98
N MET Z 67 -68.30 -19.98 58.64
CA MET Z 67 -68.21 -20.28 60.05
C MET Z 67 -67.36 -21.52 60.28
N LYS Z 68 -66.81 -21.64 61.50
CA LYS Z 68 -65.99 -22.78 61.88
C LYS Z 68 -66.58 -23.44 63.12
N THR Z 69 -66.71 -24.77 63.07
CA THR Z 69 -67.24 -25.57 64.17
C THR Z 69 -66.07 -26.11 65.00
N VAL Z 70 -66.39 -26.49 66.24
CA VAL Z 70 -65.37 -26.83 67.23
C VAL Z 70 -64.59 -28.06 66.83
N GLY Z 71 -65.22 -29.01 66.16
CA GLY Z 71 -64.54 -30.25 65.84
C GLY Z 71 -64.71 -31.27 66.93
N VAL Z 72 -63.90 -32.32 66.83
CA VAL Z 72 -64.14 -33.55 67.59
C VAL Z 72 -62.84 -34.01 68.23
N PRO Z 73 -62.86 -34.45 69.49
CA PRO Z 73 -61.62 -34.85 70.15
C PRO Z 73 -61.02 -36.12 69.56
N ASN Z 74 -59.68 -36.17 69.55
CA ASN Z 74 -58.94 -37.28 69.00
C ASN Z 74 -58.72 -38.36 70.06
N SER Z 75 -57.86 -39.33 69.74
CA SER Z 75 -57.67 -40.51 70.58
C SER Z 75 -57.27 -40.16 72.00
N ASN Z 76 -56.60 -39.02 72.20
CA ASN Z 76 -56.16 -38.61 73.53
C ASN Z 76 -57.18 -37.72 74.23
N GLY Z 77 -58.38 -37.56 73.67
CA GLY Z 77 -59.37 -36.68 74.24
C GLY Z 77 -59.11 -35.21 73.99
N VAL Z 78 -58.22 -34.86 73.06
CA VAL Z 78 -57.82 -33.49 72.79
C VAL Z 78 -58.32 -33.08 71.41
N ILE Z 79 -58.90 -31.89 71.32
CA ILE Z 79 -59.36 -31.35 70.03
C ILE Z 79 -58.18 -30.73 69.32
N THR Z 80 -57.86 -31.27 68.14
CA THR Z 80 -56.56 -31.01 67.54
C THR Z 80 -56.39 -29.57 67.13
N ASN Z 81 -57.40 -28.99 66.49
CA ASN Z 81 -57.28 -27.66 65.89
C ASN Z 81 -58.55 -26.88 66.16
N ILE Z 82 -58.42 -25.80 66.92
CA ILE Z 82 -59.53 -24.90 67.21
C ILE Z 82 -59.36 -23.69 66.32
N GLY Z 83 -60.09 -23.67 65.22
CA GLY Z 83 -60.19 -22.46 64.42
C GLY Z 83 -60.92 -21.36 65.19
N ARG Z 84 -60.91 -20.16 64.61
CA ARG Z 84 -61.55 -19.02 65.26
C ARG Z 84 -62.29 -18.15 64.26
N ASN Z 85 -63.54 -17.80 64.56
CA ASN Z 85 -64.30 -16.88 63.71
C ASN Z 85 -64.04 -15.47 64.23
N THR Z 86 -63.57 -14.57 63.35
CA THR Z 86 -63.27 -13.18 63.68
C THR Z 86 -64.31 -12.28 63.02
N TYR Z 87 -64.91 -11.41 63.83
CA TYR Z 87 -65.82 -10.38 63.36
C TYR Z 87 -65.11 -9.04 63.38
N GLY Z 88 -65.38 -8.22 62.36
CA GLY Z 88 -64.61 -7.00 62.18
C GLY Z 88 -65.41 -5.70 62.20
N PHE Z 89 -64.98 -4.75 63.01
CA PHE Z 89 -65.65 -3.46 63.17
C PHE Z 89 -64.65 -2.37 62.81
N LEU Z 90 -64.93 -1.60 61.76
CA LEU Z 90 -63.93 -0.70 61.23
C LEU Z 90 -64.53 0.68 60.93
N VAL Z 91 -63.83 1.72 61.38
CA VAL Z 91 -64.21 3.10 61.19
C VAL Z 91 -63.12 3.77 60.36
N ARG Z 92 -63.53 4.41 59.27
CA ARG Z 92 -62.64 5.18 58.41
C ARG Z 92 -63.01 6.65 58.49
N LYS Z 93 -62.01 7.51 58.70
CA LYS Z 93 -62.26 8.93 58.87
C LYS Z 93 -61.28 9.73 58.04
N GLY Z 94 -61.81 10.66 57.25
CA GLY Z 94 -60.97 11.59 56.51
C GLY Z 94 -60.26 12.55 57.43
N VAL Z 95 -58.92 12.57 57.39
CA VAL Z 95 -58.11 13.42 58.24
C VAL Z 95 -57.08 14.13 57.36
N ILE Z 96 -56.83 15.40 57.62
CA ILE Z 96 -56.00 16.22 56.74
C ILE Z 96 -54.60 16.35 57.37
N PRO Z 97 -53.54 15.84 56.72
CA PRO Z 97 -52.24 15.84 57.38
C PRO Z 97 -51.48 17.16 57.29
N ALA Z 98 -51.51 17.85 56.16
CA ALA Z 98 -50.67 19.02 55.96
C ALA Z 98 -51.53 20.27 55.73
N VAL Z 99 -50.85 21.38 55.45
CA VAL Z 99 -51.54 22.65 55.33
C VAL Z 99 -52.41 22.68 54.09
N ASN Z 100 -51.90 22.14 52.98
CA ASN Z 100 -52.66 22.09 51.75
C ASN Z 100 -52.84 20.69 51.24
N GLN Z 101 -52.23 19.70 51.89
CA GLN Z 101 -52.32 18.34 51.37
C GLN Z 101 -53.74 17.80 51.50
N SER Z 102 -54.00 16.73 50.76
CA SER Z 102 -55.30 16.15 50.57
C SER Z 102 -55.61 15.17 51.70
N PRO Z 103 -56.89 14.86 51.93
CA PRO Z 103 -57.25 14.03 53.08
C PRO Z 103 -56.72 12.59 52.96
N GLN Z 104 -56.06 12.14 54.02
CA GLN Z 104 -55.69 10.76 54.28
C GLN Z 104 -56.76 10.11 55.15
N VAL Z 105 -56.66 8.79 55.34
CA VAL Z 105 -57.73 8.03 56.01
C VAL Z 105 -57.19 7.53 57.34
N MET Z 106 -57.53 8.21 58.43
CA MET Z 106 -57.35 7.60 59.74
C MET Z 106 -58.25 6.39 59.85
N LEU Z 107 -57.80 5.40 60.61
CA LEU Z 107 -58.44 4.09 60.59
C LEU Z 107 -58.49 3.53 62.00
N VAL Z 108 -59.68 3.19 62.48
CA VAL Z 108 -59.85 2.57 63.80
C VAL Z 108 -60.54 1.23 63.57
N ARG Z 109 -59.81 0.13 63.76
CA ARG Z 109 -60.36 -1.19 63.47
C ARG Z 109 -60.28 -2.12 64.67
N VAL Z 110 -61.36 -2.86 64.87
CA VAL Z 110 -61.51 -3.80 65.97
C VAL Z 110 -61.74 -5.18 65.36
N GLU Z 111 -61.08 -6.18 65.91
CA GLU Z 111 -61.23 -7.56 65.50
C GLU Z 111 -61.58 -8.39 66.72
N ILE Z 112 -62.65 -9.17 66.61
CA ILE Z 112 -63.14 -10.01 67.69
C ILE Z 112 -62.98 -11.45 67.24
N SER Z 113 -61.95 -12.14 67.72
CA SER Z 113 -61.70 -13.53 67.38
C SER Z 113 -62.27 -14.42 68.48
N VAL Z 114 -63.36 -15.12 68.13
CA VAL Z 114 -64.04 -16.06 69.01
C VAL Z 114 -63.62 -17.47 68.62
N PRO Z 115 -62.97 -18.23 69.51
CA PRO Z 115 -62.65 -19.62 69.21
C PRO Z 115 -63.90 -20.43 68.88
N ALA Z 116 -63.67 -21.63 68.36
CA ALA Z 116 -64.75 -22.37 67.72
C ALA Z 116 -65.80 -22.80 68.74
N GLY Z 117 -65.42 -23.61 69.73
CA GLY Z 117 -66.39 -24.13 70.67
C GLY Z 117 -66.84 -23.13 71.70
N ALA Z 118 -66.18 -21.98 71.73
CA ALA Z 118 -66.45 -20.92 72.70
C ALA Z 118 -67.90 -20.47 72.63
N ASP Z 119 -68.35 -20.09 71.42
CA ASP Z 119 -69.64 -19.41 71.24
C ASP Z 119 -70.79 -20.20 71.82
N THR Z 120 -70.65 -21.51 71.92
CA THR Z 120 -71.68 -22.38 72.47
C THR Z 120 -71.37 -22.81 73.90
N TYR Z 121 -70.17 -23.36 74.14
CA TYR Z 121 -69.89 -23.96 75.44
C TYR Z 121 -69.70 -22.90 76.53
N ASP Z 122 -68.95 -21.83 76.22
CA ASP Z 122 -68.61 -20.81 77.23
C ASP Z 122 -68.97 -19.44 76.65
N ALA Z 123 -70.24 -19.07 76.75
CA ALA Z 123 -70.68 -17.81 76.18
C ALA Z 123 -70.46 -16.67 77.15
N ALA Z 124 -70.51 -16.96 78.45
CA ALA Z 124 -70.38 -15.91 79.45
C ALA Z 124 -69.02 -15.26 79.37
N ASN Z 125 -67.96 -16.05 79.16
CA ASN Z 125 -66.62 -15.48 79.08
C ASN Z 125 -66.43 -14.68 77.80
N VAL Z 126 -67.03 -15.12 76.70
CA VAL Z 126 -67.02 -14.32 75.47
C VAL Z 126 -67.65 -12.95 75.72
N LYS Z 127 -68.88 -12.96 76.24
CA LYS Z 127 -69.56 -11.70 76.52
C LYS Z 127 -68.76 -10.85 77.50
N ALA Z 128 -68.07 -11.48 78.44
CA ALA Z 128 -67.31 -10.73 79.44
C ALA Z 128 -66.09 -10.07 78.83
N ALA Z 129 -65.39 -10.77 77.94
CA ALA Z 129 -64.28 -10.15 77.24
C ALA Z 129 -64.76 -8.93 76.45
N LEU Z 130 -65.89 -9.09 75.74
CA LEU Z 130 -66.41 -7.97 74.96
C LEU Z 130 -66.79 -6.79 75.85
N SER Z 131 -67.46 -7.05 76.98
CA SER Z 131 -67.92 -5.95 77.84
C SER Z 131 -66.75 -5.27 78.53
N ALA Z 132 -65.73 -6.03 78.94
CA ALA Z 132 -64.55 -5.41 79.54
C ALA Z 132 -63.81 -4.54 78.53
N ALA Z 133 -63.61 -5.07 77.32
CA ALA Z 133 -62.91 -4.30 76.29
C ALA Z 133 -63.65 -3.00 75.98
N ILE Z 134 -64.96 -3.09 75.71
CA ILE Z 134 -65.71 -1.90 75.35
C ILE Z 134 -65.86 -0.95 76.55
N GLY Z 135 -65.94 -1.48 77.76
CA GLY Z 135 -66.05 -0.61 78.92
C GLY Z 135 -64.78 0.17 79.21
N VAL Z 136 -63.63 -0.48 79.06
CA VAL Z 136 -62.37 0.24 79.19
C VAL Z 136 -62.22 1.27 78.07
N LEU Z 137 -62.65 0.92 76.85
CA LEU Z 137 -62.58 1.86 75.75
C LEU Z 137 -63.43 3.10 76.02
N SER Z 138 -64.67 2.91 76.49
CA SER Z 138 -65.54 4.06 76.75
C SER Z 138 -65.07 4.85 77.96
N GLN Z 139 -64.43 4.18 78.94
CA GLN Z 139 -63.92 4.89 80.11
C GLN Z 139 -62.74 5.78 79.74
N GLN Z 140 -61.81 5.25 78.96
CA GLN Z 140 -60.60 5.97 78.61
C GLN Z 140 -60.70 6.62 77.23
N SER Z 141 -61.91 6.89 76.73
CA SER Z 141 -62.03 7.43 75.38
C SER Z 141 -61.28 8.74 75.24
N ALA Z 142 -61.54 9.67 76.17
CA ALA Z 142 -60.88 10.96 76.13
C ALA Z 142 -59.36 10.80 76.21
N GLY Z 143 -58.90 9.94 77.13
CA GLY Z 143 -57.46 9.77 77.31
C GLY Z 143 -56.79 9.09 76.13
N ILE Z 144 -57.49 8.19 75.46
CA ILE Z 144 -56.95 7.55 74.26
C ILE Z 144 -56.85 8.55 73.12
N GLY Z 145 -57.81 9.48 73.03
CA GLY Z 145 -57.65 10.58 72.09
C GLY Z 145 -56.44 11.45 72.43
N ASP Z 146 -56.33 11.83 73.70
CA ASP Z 146 -55.16 12.57 74.16
C ASP Z 146 -53.87 11.87 73.79
N THR Z 147 -53.85 10.54 73.91
CA THR Z 147 -52.66 9.78 73.54
C THR Z 147 -52.46 9.76 72.03
N ALA Z 148 -53.54 9.65 71.26
CA ALA Z 148 -53.44 9.62 69.81
C ALA Z 148 -52.84 10.90 69.27
N LEU Z 149 -52.97 11.99 70.02
CA LEU Z 149 -52.36 13.26 69.62
C LEU Z 149 -51.01 13.53 70.29
N SER Z 150 -50.84 13.08 71.55
CA SER Z 150 -49.66 13.42 72.34
C SER Z 150 -48.52 12.44 72.13
N GLY Z 151 -48.82 11.18 71.87
CA GLY Z 151 -47.80 10.14 71.88
C GLY Z 151 -47.39 9.70 73.25
N ILE Z 152 -48.18 10.03 74.27
CA ILE Z 152 -47.81 9.83 75.67
C ILE Z 152 -48.77 8.85 76.29
N LEU Z 153 -48.23 7.90 77.05
CA LEU Z 153 -49.05 6.91 77.75
C LEU Z 153 -49.33 7.29 79.20
N ALA AA 1 -89.55 -13.20 42.68
CA ALA AA 1 -90.25 -12.42 43.70
C ALA AA 1 -90.35 -13.22 45.00
N TYR AA 2 -89.19 -13.47 45.63
CA TYR AA 2 -89.11 -14.25 46.88
C TYR AA 2 -88.78 -13.30 48.04
N SER AA 3 -89.74 -13.12 48.96
CA SER AA 3 -89.58 -12.24 50.13
C SER AA 3 -90.45 -12.74 51.28
N PRO AA 4 -89.87 -13.42 52.26
CA PRO AA 4 -90.66 -13.96 53.37
C PRO AA 4 -91.07 -12.88 54.37
N SER AA 5 -92.02 -13.25 55.24
CA SER AA 5 -92.58 -12.38 56.27
C SER AA 5 -91.90 -12.59 57.61
N THR AA 6 -92.02 -11.59 58.49
CA THR AA 6 -91.30 -11.65 59.77
C THR AA 6 -91.72 -12.84 60.62
N PRO AA 7 -93.01 -12.99 60.99
CA PRO AA 7 -93.44 -14.29 61.51
C PRO AA 7 -93.92 -15.20 60.39
N VAL AA 8 -93.22 -16.30 60.16
CA VAL AA 8 -93.66 -17.29 59.20
C VAL AA 8 -94.49 -18.32 59.94
N THR AA 9 -95.74 -18.49 59.53
CA THR AA 9 -96.57 -19.53 60.11
C THR AA 9 -96.03 -20.88 59.64
N GLY AA 10 -95.42 -21.63 60.56
CA GLY AA 10 -94.84 -22.91 60.20
C GLY AA 10 -95.91 -23.95 59.92
N ALA AA 11 -95.60 -24.85 58.99
CA ALA AA 11 -96.58 -25.87 58.60
C ALA AA 11 -96.85 -26.80 59.77
N ALA AA 12 -98.06 -27.35 59.80
CA ALA AA 12 -98.48 -28.14 60.95
C ALA AA 12 -97.51 -29.29 61.16
N GLN AA 13 -97.21 -29.57 62.43
CA GLN AA 13 -96.38 -30.70 62.80
C GLN AA 13 -97.02 -31.38 64.01
N THR AA 14 -96.55 -32.61 64.29
CA THR AA 14 -97.27 -33.48 65.21
C THR AA 14 -97.34 -32.90 66.61
N GLY AA 15 -96.20 -32.61 67.21
CA GLY AA 15 -96.25 -32.09 68.55
C GLY AA 15 -96.39 -30.58 68.69
N PHE AA 16 -96.58 -29.85 67.60
CA PHE AA 16 -96.52 -28.40 67.63
C PHE AA 16 -97.92 -27.79 67.63
N THR AA 17 -98.13 -26.81 68.50
CA THR AA 17 -99.35 -26.03 68.54
C THR AA 17 -99.05 -24.63 68.04
N SER AA 18 -99.68 -24.25 66.91
CA SER AA 18 -99.56 -22.95 66.28
C SER AA 18 -98.12 -22.47 66.21
N PRO AA 19 -97.24 -23.16 65.47
CA PRO AA 19 -95.82 -22.80 65.46
C PRO AA 19 -95.51 -21.70 64.46
N THR AA 20 -94.74 -20.71 64.90
CA THR AA 20 -94.30 -19.61 64.05
C THR AA 20 -92.79 -19.44 64.20
N TYR AA 21 -92.14 -18.97 63.13
CA TYR AA 21 -90.69 -18.77 63.13
C TYR AA 21 -90.37 -17.35 62.71
N THR AA 22 -89.64 -16.62 63.56
CA THR AA 22 -89.21 -15.27 63.27
C THR AA 22 -87.93 -15.34 62.44
N LEU AA 23 -87.94 -14.70 61.28
CA LEU AA 23 -86.77 -14.68 60.39
C LEU AA 23 -86.03 -13.37 60.54
N THR AA 24 -84.71 -13.45 60.70
CA THR AA 24 -83.83 -12.29 60.63
C THR AA 24 -83.05 -12.37 59.33
N SER AA 25 -82.97 -11.25 58.62
CA SER AA 25 -82.27 -11.24 57.35
C SER AA 25 -80.81 -11.63 57.57
N ASP AA 26 -80.31 -12.51 56.70
CA ASP AA 26 -78.91 -12.94 56.74
C ASP AA 26 -78.32 -12.82 55.34
N THR AA 27 -77.00 -12.71 55.28
CA THR AA 27 -76.30 -12.53 54.02
C THR AA 27 -75.96 -13.88 53.43
N ALA AA 28 -76.33 -14.09 52.17
CA ALA AA 28 -76.34 -15.38 51.50
C ALA AA 28 -74.94 -15.80 51.06
N PRO AA 29 -74.74 -17.09 50.76
CA PRO AA 29 -73.39 -17.54 50.42
C PRO AA 29 -72.95 -17.10 49.05
N THR AA 30 -73.87 -17.09 48.09
CA THR AA 30 -73.63 -16.57 46.77
C THR AA 30 -74.26 -15.19 46.64
N ALA AA 31 -73.92 -14.52 45.55
CA ALA AA 31 -74.54 -13.23 45.25
C ALA AA 31 -75.90 -13.38 44.59
N LEU AA 32 -76.27 -14.60 44.22
CA LEU AA 32 -77.54 -14.88 43.57
C LEU AA 32 -78.52 -15.58 44.51
N GLY AA 33 -78.30 -15.46 45.82
CA GLY AA 33 -79.17 -16.07 46.81
C GLY AA 33 -79.66 -15.04 47.80
N LYS AA 34 -80.85 -15.30 48.34
CA LYS AA 34 -81.39 -14.55 49.46
C LYS AA 34 -81.53 -15.51 50.63
N GLN AA 35 -80.95 -15.16 51.78
CA GLN AA 35 -80.94 -16.05 52.93
C GLN AA 35 -81.51 -15.35 54.14
N HIS AA 36 -82.35 -16.06 54.88
CA HIS AA 36 -82.77 -15.62 56.20
C HIS AA 36 -82.35 -16.69 57.20
N ALA AA 37 -82.30 -16.31 58.48
CA ALA AA 37 -81.99 -17.25 59.53
C ALA AA 37 -83.02 -17.14 60.64
N VAL AA 38 -83.38 -18.29 61.22
CA VAL AA 38 -84.45 -18.33 62.22
C VAL AA 38 -83.83 -17.86 63.54
N THR AA 39 -84.11 -16.59 63.89
CA THR AA 39 -83.55 -16.02 65.11
C THR AA 39 -84.35 -16.41 66.35
N ALA AA 40 -85.66 -16.67 66.22
CA ALA AA 40 -86.47 -17.03 67.37
C ALA AA 40 -87.71 -17.81 66.92
N THR AA 41 -88.26 -18.58 67.85
CA THR AA 41 -89.44 -19.39 67.60
C THR AA 41 -90.58 -18.95 68.51
N GLY AA 42 -91.80 -18.93 67.96
CA GLY AA 42 -93.00 -18.75 68.74
C GLY AA 42 -93.90 -19.96 68.57
N GLY AA 43 -94.84 -20.14 69.49
CA GLY AA 43 -95.69 -21.31 69.50
C GLY AA 43 -95.21 -22.36 70.49
N THR AA 44 -96.03 -23.40 70.66
CA THR AA 44 -95.71 -24.48 71.60
C THR AA 44 -94.97 -25.58 70.85
N GLN AA 45 -93.69 -25.33 70.59
CA GLN AA 45 -92.76 -26.29 70.02
C GLN AA 45 -91.59 -26.39 70.99
N THR AA 46 -91.70 -27.31 71.94
CA THR AA 46 -90.75 -27.35 73.03
C THR AA 46 -89.48 -28.06 72.59
N GLY AA 47 -88.33 -27.46 72.92
CA GLY AA 47 -87.04 -28.02 72.58
C GLY AA 47 -86.44 -27.52 71.28
N VAL AA 48 -87.19 -26.75 70.50
CA VAL AA 48 -86.72 -26.29 69.20
C VAL AA 48 -85.62 -25.24 69.41
N THR AA 49 -84.44 -25.50 68.85
CA THR AA 49 -83.31 -24.59 68.97
C THR AA 49 -83.22 -23.67 67.76
N THR AA 50 -82.96 -22.40 68.03
CA THR AA 50 -82.85 -21.40 66.97
C THR AA 50 -81.46 -21.45 66.35
N HIS AA 51 -81.18 -20.49 65.46
CA HIS AA 51 -79.89 -20.48 64.75
C HIS AA 51 -78.77 -20.14 65.70
N SER AA 52 -77.77 -21.01 65.75
CA SER AA 52 -76.52 -20.78 66.45
C SER AA 52 -75.38 -21.05 65.48
N VAL AA 53 -74.17 -20.68 65.89
CA VAL AA 53 -73.02 -21.00 65.05
C VAL AA 53 -72.83 -22.50 64.99
N SER AA 54 -73.04 -23.20 66.11
CA SER AA 54 -72.81 -24.64 66.16
C SER AA 54 -73.93 -25.40 65.45
N SER AA 55 -75.17 -24.94 65.57
CA SER AA 55 -76.33 -25.61 64.97
C SER AA 55 -77.18 -24.58 64.22
N PRO AA 56 -77.08 -24.52 62.90
CA PRO AA 56 -77.74 -23.45 62.16
C PRO AA 56 -79.21 -23.75 61.89
N PHE AA 57 -79.95 -22.66 61.64
CA PHE AA 57 -81.35 -22.72 61.19
C PHE AA 57 -81.47 -21.66 60.10
N THR AA 58 -81.28 -22.08 58.85
CA THR AA 58 -81.15 -21.16 57.73
C THR AA 58 -82.04 -21.55 56.57
N ILE AA 59 -82.60 -20.55 55.90
CA ILE AA 59 -83.51 -20.71 54.78
C ILE AA 59 -82.98 -19.86 53.63
N THR AA 60 -82.42 -20.50 52.62
CA THR AA 60 -81.75 -19.80 51.52
C THR AA 60 -82.35 -20.20 50.18
N PHE AA 61 -82.58 -19.21 49.32
CA PHE AA 61 -83.20 -19.43 48.01
C PHE AA 61 -82.33 -18.80 46.94
N THR AA 62 -81.94 -19.59 45.95
CA THR AA 62 -80.96 -19.20 44.95
C THR AA 62 -81.51 -19.37 43.55
N ARG AA 63 -81.14 -18.46 42.66
CA ARG AA 63 -81.45 -18.51 41.24
C ARG AA 63 -80.19 -18.87 40.46
N PRO AA 64 -80.32 -19.45 39.27
CA PRO AA 64 -79.14 -19.92 38.55
C PRO AA 64 -78.23 -18.78 38.10
N LYS AA 65 -76.94 -19.10 37.97
CA LYS AA 65 -75.96 -18.11 37.54
C LYS AA 65 -76.28 -17.59 36.14
N THR AA 66 -76.50 -18.50 35.19
CA THR AA 66 -76.76 -18.15 33.80
C THR AA 66 -78.10 -18.74 33.37
N MET AA 67 -79.00 -17.86 32.96
CA MET AA 67 -80.28 -18.30 32.42
C MET AA 67 -80.06 -18.92 31.03
N LYS AA 68 -80.96 -19.84 30.65
CA LYS AA 68 -80.86 -20.52 29.36
C LYS AA 68 -82.08 -20.24 28.51
N THR AA 69 -81.86 -19.84 27.27
CA THR AA 69 -82.91 -19.53 26.31
C THR AA 69 -83.30 -20.80 25.55
N VAL AA 70 -84.50 -20.78 24.97
CA VAL AA 70 -85.10 -21.99 24.43
C VAL AA 70 -84.33 -22.50 23.21
N GLY AA 71 -83.82 -21.60 22.38
CA GLY AA 71 -83.12 -22.00 21.18
C GLY AA 71 -84.00 -21.91 19.94
N VAL AA 72 -83.35 -22.11 18.79
CA VAL AA 72 -83.96 -21.87 17.48
C VAL AA 72 -84.27 -23.21 16.83
N PRO AA 73 -85.48 -23.40 16.30
CA PRO AA 73 -85.80 -24.66 15.64
C PRO AA 73 -85.01 -24.83 14.36
N ASN AA 74 -84.69 -26.09 14.06
CA ASN AA 74 -83.91 -26.42 12.87
C ASN AA 74 -84.83 -26.61 11.66
N SER AA 75 -84.28 -27.15 10.58
CA SER AA 75 -85.03 -27.30 9.34
C SER AA 75 -86.28 -28.15 9.52
N ASN AA 76 -86.20 -29.19 10.36
CA ASN AA 76 -87.35 -30.05 10.63
C ASN AA 76 -88.39 -29.41 11.53
N GLY AA 77 -88.11 -28.22 12.07
CA GLY AA 77 -88.98 -27.62 13.06
C GLY AA 77 -88.71 -28.05 14.48
N VAL AA 78 -87.60 -28.75 14.71
CA VAL AA 78 -87.29 -29.35 16.01
C VAL AA 78 -86.19 -28.53 16.69
N ILE AA 79 -86.37 -28.27 17.99
CA ILE AA 79 -85.37 -27.60 18.80
C ILE AA 79 -84.46 -28.64 19.44
N THR AA 80 -83.16 -28.49 19.22
CA THR AA 80 -82.23 -29.59 19.43
C THR AA 80 -82.04 -29.91 20.91
N ASN AA 81 -81.80 -28.89 21.74
CA ASN AA 81 -81.49 -29.12 23.15
C ASN AA 81 -82.22 -28.09 24.01
N ILE AA 82 -83.05 -28.59 24.92
CA ILE AA 82 -83.78 -27.76 25.85
C ILE AA 82 -83.04 -27.83 27.18
N GLY AA 83 -82.21 -26.84 27.45
CA GLY AA 83 -81.63 -26.69 28.77
C GLY AA 83 -82.71 -26.44 29.80
N ARG AA 84 -82.31 -26.49 31.07
CA ARG AA 84 -83.26 -26.29 32.16
C ARG AA 84 -82.62 -25.41 33.22
N ASN AA 85 -83.27 -24.30 33.57
CA ASN AA 85 -82.80 -23.46 34.67
C ASN AA 85 -83.44 -23.98 35.96
N THR AA 86 -82.62 -24.22 36.98
CA THR AA 86 -83.04 -24.78 38.27
C THR AA 86 -82.87 -23.73 39.37
N TYR AA 87 -83.93 -23.49 40.12
CA TYR AA 87 -83.90 -22.64 41.28
C TYR AA 87 -83.86 -23.53 42.52
N GLY AA 88 -83.15 -23.07 43.55
CA GLY AA 88 -82.90 -23.90 44.73
C GLY AA 88 -83.30 -23.33 46.07
N PHE AA 89 -84.06 -24.08 46.85
CA PHE AA 89 -84.56 -23.64 48.14
C PHE AA 89 -84.06 -24.61 49.20
N LEU AA 90 -83.30 -24.13 50.17
CA LEU AA 90 -82.64 -25.06 51.08
C LEU AA 90 -82.70 -24.57 52.51
N VAL AA 91 -83.09 -25.48 53.40
CA VAL AA 91 -83.19 -25.25 54.83
C VAL AA 91 -82.17 -26.14 55.50
N ARG AA 92 -81.36 -25.55 56.38
CA ARG AA 92 -80.38 -26.26 57.19
C ARG AA 92 -80.74 -26.12 58.66
N LYS AA 93 -80.79 -27.23 59.38
CA LYS AA 93 -81.21 -27.21 60.78
C LYS AA 93 -80.25 -28.01 61.65
N GLY AA 94 -79.80 -27.39 62.73
CA GLY AA 94 -78.95 -28.09 63.68
C GLY AA 94 -79.75 -29.10 64.48
N VAL AA 95 -79.36 -30.37 64.41
CA VAL AA 95 -80.06 -31.49 65.04
C VAL AA 95 -79.05 -32.37 65.73
N ILE AA 96 -79.33 -32.78 66.96
CA ILE AA 96 -78.35 -33.49 67.79
C ILE AA 96 -78.61 -34.99 67.72
N PRO AA 97 -77.66 -35.80 67.24
CA PRO AA 97 -77.96 -37.23 67.06
C PRO AA 97 -77.89 -38.06 68.35
N ALA AA 98 -76.94 -37.82 69.23
CA ALA AA 98 -76.83 -38.68 70.41
C ALA AA 98 -76.86 -37.86 71.70
N VAL AA 99 -76.55 -38.55 72.79
CA VAL AA 99 -76.72 -37.95 74.10
C VAL AA 99 -75.69 -36.88 74.34
N ASN AA 100 -74.49 -37.05 73.79
CA ASN AA 100 -73.46 -36.03 73.99
C ASN AA 100 -72.74 -35.67 72.69
N GLN AA 101 -73.37 -35.91 71.54
CA GLN AA 101 -72.68 -35.67 70.27
C GLN AA 101 -72.82 -34.24 69.79
N SER AA 102 -71.91 -33.87 68.90
CA SER AA 102 -71.95 -32.57 68.25
C SER AA 102 -73.15 -32.51 67.31
N PRO AA 103 -73.74 -31.33 67.14
CA PRO AA 103 -74.91 -31.23 66.26
C PRO AA 103 -74.55 -31.54 64.81
N GLN AA 104 -75.40 -32.33 64.17
CA GLN AA 104 -75.43 -32.63 62.75
C GLN AA 104 -76.42 -31.69 62.06
N VAL AA 105 -76.27 -31.57 60.74
CA VAL AA 105 -77.09 -30.64 59.97
C VAL AA 105 -78.16 -31.43 59.22
N MET AA 106 -79.36 -31.52 59.79
CA MET AA 106 -80.49 -31.96 58.98
C MET AA 106 -80.66 -30.98 57.82
N LEU AA 107 -81.13 -31.51 56.70
CA LEU AA 107 -81.10 -30.73 55.48
C LEU AA 107 -82.33 -31.01 54.64
N VAL AA 108 -83.13 -29.97 54.38
CA VAL AA 108 -84.32 -30.09 53.53
C VAL AA 108 -84.07 -29.22 52.31
N ARG AA 109 -83.96 -29.85 51.13
CA ARG AA 109 -83.62 -29.07 49.94
C ARG AA 109 -84.57 -29.37 48.79
N VAL AA 110 -85.04 -28.31 48.16
CA VAL AA 110 -85.96 -28.33 47.04
C VAL AA 110 -85.22 -27.81 45.83
N GLU AA 111 -85.48 -28.41 44.68
CA GLU AA 111 -84.96 -27.97 43.40
C GLU AA 111 -86.11 -27.89 42.40
N ILE AA 112 -86.24 -26.75 41.75
CA ILE AA 112 -87.29 -26.48 40.79
C ILE AA 112 -86.60 -26.32 39.44
N SER AA 113 -86.69 -27.34 38.59
CA SER AA 113 -86.08 -27.32 37.27
C SER AA 113 -87.15 -26.98 36.23
N VAL AA 114 -87.01 -25.81 35.63
CA VAL AA 114 -87.92 -25.32 34.59
C VAL AA 114 -87.21 -25.42 33.25
N PRO AA 115 -87.81 -26.07 32.25
CA PRO AA 115 -87.20 -26.13 30.94
C PRO AA 115 -87.17 -24.76 30.27
N ALA AA 116 -86.38 -24.70 29.20
CA ALA AA 116 -85.90 -23.42 28.69
C ALA AA 116 -87.03 -22.56 28.16
N GLY AA 117 -87.96 -23.15 27.42
CA GLY AA 117 -88.98 -22.40 26.72
C GLY AA 117 -90.25 -22.32 27.54
N ALA AA 118 -90.31 -23.14 28.59
CA ALA AA 118 -91.48 -23.27 29.44
C ALA AA 118 -91.91 -21.92 30.01
N ASP AA 119 -90.96 -21.21 30.63
CA ASP AA 119 -91.25 -20.02 31.43
C ASP AA 119 -92.05 -18.98 30.66
N THR AA 120 -91.92 -18.98 29.34
CA THR AA 120 -92.65 -18.08 28.46
C THR AA 120 -93.84 -18.75 27.79
N TYR AA 121 -93.62 -19.88 27.10
CA TYR AA 121 -94.70 -20.44 26.28
C TYR AA 121 -95.81 -21.04 27.15
N ASP AA 122 -95.45 -21.80 28.19
CA ASP AA 122 -96.44 -22.53 29.01
C ASP AA 122 -96.18 -22.19 30.47
N ALA AA 123 -96.69 -21.05 30.92
CA ALA AA 123 -96.46 -20.63 32.29
C ALA AA 123 -97.48 -21.23 33.24
N ALA AA 124 -98.69 -21.51 32.74
CA ALA AA 124 -99.74 -22.04 33.59
C ALA AA 124 -99.36 -23.41 34.13
N ASN AA 125 -98.70 -24.24 33.30
CA ASN AA 125 -98.35 -25.58 33.76
C ASN AA 125 -97.19 -25.53 34.77
N VAL AA 126 -96.25 -24.62 34.56
CA VAL AA 126 -95.20 -24.39 35.56
C VAL AA 126 -95.82 -24.02 36.90
N LYS AA 127 -96.67 -22.98 36.90
CA LYS AA 127 -97.31 -22.55 38.13
C LYS AA 127 -98.11 -23.68 38.76
N ALA AA 128 -98.71 -24.54 37.92
CA ALA AA 128 -99.53 -25.63 38.43
C ALA AA 128 -98.68 -26.70 39.10
N ALA AA 129 -97.53 -27.04 38.50
CA ALA AA 129 -96.63 -27.99 39.15
C ALA AA 129 -96.19 -27.46 40.50
N LEU AA 130 -95.84 -26.17 40.56
CA LEU AA 130 -95.41 -25.60 41.83
C LEU AA 130 -96.54 -25.62 42.87
N SER AA 131 -97.75 -25.23 42.47
CA SER AA 131 -98.84 -25.18 43.43
C SER AA 131 -99.25 -26.56 43.90
N ALA AA 132 -99.18 -27.57 43.03
CA ALA AA 132 -99.49 -28.93 43.45
C ALA AA 132 -98.43 -29.48 44.39
N ALA AA 133 -97.15 -29.27 44.06
CA ALA AA 133 -96.07 -29.73 44.94
C ALA AA 133 -96.19 -29.11 46.32
N ILE AA 134 -96.29 -27.78 46.38
CA ILE AA 134 -96.34 -27.11 47.67
C ILE AA 134 -97.66 -27.39 48.40
N GLY AA 135 -98.77 -27.55 47.67
CA GLY AA 135 -100.02 -27.87 48.33
C GLY AA 135 -100.03 -29.25 48.96
N VAL AA 136 -99.44 -30.23 48.28
CA VAL AA 136 -99.30 -31.55 48.89
C VAL AA 136 -98.35 -31.51 50.08
N LEU AA 137 -97.26 -30.73 49.98
CA LEU AA 137 -96.35 -30.62 51.10
C LEU AA 137 -97.04 -30.03 52.34
N SER AA 138 -97.81 -28.94 52.14
CA SER AA 138 -98.46 -28.33 53.30
C SER AA 138 -99.62 -29.18 53.80
N GLN AA 139 -100.29 -29.94 52.93
CA GLN AA 139 -101.35 -30.82 53.39
C GLN AA 139 -100.78 -31.95 54.23
N GLN AA 140 -99.67 -32.52 53.80
CA GLN AA 140 -99.07 -33.68 54.48
C GLN AA 140 -97.84 -33.30 55.29
N SER AA 141 -97.79 -32.07 55.82
CA SER AA 141 -96.60 -31.67 56.58
C SER AA 141 -96.46 -32.50 57.85
N ALA AA 142 -97.54 -32.61 58.63
CA ALA AA 142 -97.49 -33.39 59.85
C ALA AA 142 -97.17 -34.84 59.55
N GLY AA 143 -97.76 -35.39 58.49
CA GLY AA 143 -97.52 -36.78 58.14
C GLY AA 143 -96.11 -37.04 57.66
N ILE AA 144 -95.52 -36.08 56.94
CA ILE AA 144 -94.14 -36.22 56.50
C ILE AA 144 -93.19 -36.10 57.67
N GLY AA 145 -93.51 -35.28 58.67
CA GLY AA 145 -92.73 -35.31 59.90
C GLY AA 145 -92.82 -36.66 60.59
N ASP AA 146 -94.04 -37.17 60.74
CA ASP AA 146 -94.25 -38.51 61.31
C ASP AA 146 -93.43 -39.55 60.57
N THR AA 147 -93.36 -39.44 59.24
CA THR AA 147 -92.57 -40.38 58.45
C THR AA 147 -91.08 -40.18 58.69
N ALA AA 148 -90.61 -38.93 58.72
CA ALA AA 148 -89.19 -38.65 58.91
C ALA AA 148 -88.69 -39.14 60.25
N LEU AA 149 -89.59 -39.24 61.23
CA LEU AA 149 -89.19 -39.77 62.53
C LEU AA 149 -89.42 -41.27 62.65
N SER AA 150 -90.49 -41.79 62.04
CA SER AA 150 -90.89 -43.18 62.24
C SER AA 150 -90.18 -44.14 61.31
N GLY AA 151 -89.85 -43.71 60.09
CA GLY AA 151 -89.56 -44.64 59.04
C GLY AA 151 -90.79 -45.25 58.43
N ILE AA 152 -91.96 -44.81 58.85
CA ILE AA 152 -93.22 -45.38 58.39
C ILE AA 152 -93.73 -44.57 57.21
N LEU AA 153 -94.00 -45.25 56.11
CA LEU AA 153 -94.53 -44.63 54.92
C LEU AA 153 -96.03 -44.97 54.77
N ALA BA 1 -62.58 30.26 17.16
CA ALA BA 1 -63.40 31.19 16.40
C ALA BA 1 -62.65 31.72 15.17
N TYR BA 2 -62.32 30.82 14.23
CA TYR BA 2 -61.59 31.16 13.01
C TYR BA 2 -62.54 31.13 11.82
N SER BA 3 -62.83 32.31 11.24
CA SER BA 3 -63.73 32.44 10.09
C SER BA 3 -63.31 33.65 9.26
N PRO BA 4 -62.62 33.44 8.16
CA PRO BA 4 -62.15 34.55 7.33
C PRO BA 4 -63.28 35.18 6.52
N SER BA 5 -63.00 36.36 5.97
CA SER BA 5 -63.94 37.16 5.20
C SER BA 5 -63.69 36.99 3.70
N THR BA 6 -64.71 37.35 2.89
CA THR BA 6 -64.65 37.04 1.46
C THR BA 6 -63.51 37.77 0.76
N PRO BA 7 -63.42 39.11 0.81
CA PRO BA 7 -62.15 39.74 0.42
C PRO BA 7 -61.24 39.93 1.63
N VAL BA 8 -60.08 39.29 1.62
CA VAL BA 8 -59.08 39.47 2.67
C VAL BA 8 -58.15 40.58 2.23
N THR BA 9 -58.05 41.62 3.04
CA THR BA 9 -57.11 42.70 2.78
C THR BA 9 -55.70 42.17 3.03
N GLY BA 10 -54.98 41.88 1.95
CA GLY BA 10 -53.66 41.28 2.07
C GLY BA 10 -52.64 42.25 2.62
N ALA BA 11 -51.71 41.72 3.41
CA ALA BA 11 -50.72 42.58 4.07
C ALA BA 11 -49.84 43.25 3.02
N ALA BA 12 -49.33 44.42 3.39
CA ALA BA 12 -48.59 45.22 2.42
C ALA BA 12 -47.38 44.46 1.91
N GLN BA 13 -47.14 44.53 0.61
CA GLN BA 13 -45.97 43.95 -0.02
C GLN BA 13 -45.36 44.96 -0.98
N THR BA 14 -44.12 44.68 -1.39
CA THR BA 14 -43.29 45.71 -2.00
C THR BA 14 -43.89 46.22 -3.31
N GLY BA 15 -44.16 45.32 -4.24
CA GLY BA 15 -44.71 45.74 -5.51
C GLY BA 15 -46.22 45.78 -5.60
N PHE BA 16 -46.93 45.58 -4.50
CA PHE BA 16 -48.38 45.43 -4.52
C PHE BA 16 -49.06 46.72 -4.10
N THR BA 17 -50.09 47.12 -4.86
CA THR BA 17 -50.91 48.26 -4.54
C THR BA 17 -52.29 47.76 -4.13
N SER BA 18 -52.64 47.99 -2.87
CA SER BA 18 -53.94 47.61 -2.32
C SER BA 18 -54.35 46.18 -2.67
N PRO BA 19 -53.58 45.17 -2.23
CA PRO BA 19 -53.89 43.79 -2.63
C PRO BA 19 -54.96 43.15 -1.76
N THR BA 20 -55.91 42.47 -2.41
CA THR BA 20 -56.96 41.74 -1.75
C THR BA 20 -57.05 40.34 -2.36
N TYR BA 21 -57.47 39.36 -1.55
CA TYR BA 21 -57.58 37.98 -2.02
C TYR BA 21 -58.97 37.47 -1.71
N THR BA 22 -59.66 36.95 -2.74
CA THR BA 22 -60.99 36.40 -2.58
C THR BA 22 -60.86 34.93 -2.18
N LEU BA 23 -61.48 34.56 -1.07
CA LEU BA 23 -61.43 33.20 -0.58
C LEU BA 23 -62.70 32.46 -0.97
N THR BA 24 -62.53 31.23 -1.44
CA THR BA 24 -63.63 30.30 -1.67
C THR BA 24 -63.49 29.14 -0.68
N SER BA 25 -64.61 28.70 -0.12
CA SER BA 25 -64.55 27.69 0.92
C SER BA 25 -64.13 26.35 0.31
N ASP BA 26 -63.26 25.64 1.04
CA ASP BA 26 -62.73 24.37 0.59
C ASP BA 26 -62.83 23.36 1.72
N THR BA 27 -62.88 22.08 1.35
CA THR BA 27 -62.86 21.02 2.34
C THR BA 27 -61.42 20.73 2.75
N ALA BA 28 -61.18 20.63 4.06
CA ALA BA 28 -59.86 20.51 4.63
C ALA BA 28 -59.36 19.07 4.57
N PRO BA 29 -58.03 18.84 4.75
CA PRO BA 29 -57.50 17.47 4.64
C PRO BA 29 -57.79 16.60 5.85
N THR BA 30 -57.79 17.19 7.03
CA THR BA 30 -58.22 16.52 8.24
C THR BA 30 -59.64 16.95 8.62
N ALA BA 31 -60.22 16.23 9.55
CA ALA BA 31 -61.50 16.62 10.12
C ALA BA 31 -61.34 17.68 11.21
N LEU BA 32 -60.10 18.10 11.48
CA LEU BA 32 -59.80 19.11 12.49
C LEU BA 32 -59.35 20.42 11.86
N GLY BA 33 -59.60 20.60 10.58
CA GLY BA 33 -59.13 21.78 9.88
C GLY BA 33 -60.25 22.49 9.15
N LYS BA 34 -60.10 23.79 9.05
CA LYS BA 34 -60.92 24.63 8.17
C LYS BA 34 -60.00 25.21 7.11
N GLN BA 35 -60.34 25.02 5.84
CA GLN BA 35 -59.46 25.41 4.74
C GLN BA 35 -60.21 26.23 3.72
N HIS BA 36 -59.60 27.33 3.28
CA HIS BA 36 -60.09 28.11 2.16
C HIS BA 36 -59.05 28.10 1.05
N ALA BA 37 -59.51 28.29 -0.18
CA ALA BA 37 -58.61 28.41 -1.33
C ALA BA 37 -58.76 29.79 -1.95
N VAL BA 38 -57.66 30.35 -2.42
CA VAL BA 38 -57.67 31.69 -3.01
C VAL BA 38 -58.11 31.53 -4.46
N THR BA 39 -59.39 31.81 -4.71
CA THR BA 39 -59.95 31.61 -6.05
C THR BA 39 -59.65 32.78 -6.99
N ALA BA 40 -59.41 33.99 -6.47
CA ALA BA 40 -59.11 35.14 -7.32
C ALA BA 40 -58.41 36.22 -6.51
N THR BA 41 -57.70 37.09 -7.22
CA THR BA 41 -56.95 38.18 -6.61
C THR BA 41 -57.46 39.52 -7.14
N GLY BA 42 -57.54 40.50 -6.25
CA GLY BA 42 -57.83 41.87 -6.61
C GLY BA 42 -56.69 42.76 -6.17
N GLY BA 43 -56.59 43.95 -6.75
CA GLY BA 43 -55.47 44.83 -6.51
C GLY BA 43 -54.42 44.72 -7.62
N THR BA 44 -53.42 45.60 -7.53
CA THR BA 44 -52.35 45.65 -8.53
C THR BA 44 -51.18 44.79 -8.04
N GLN BA 45 -51.35 43.48 -8.21
CA GLN BA 45 -50.32 42.48 -7.95
C GLN BA 45 -50.17 41.67 -9.23
N THR BA 46 -49.32 42.15 -10.12
CA THR BA 46 -49.24 41.57 -11.45
C THR BA 46 -48.44 40.27 -11.40
N GLY BA 47 -48.95 39.24 -12.08
CA GLY BA 47 -48.31 37.94 -12.13
C GLY BA 47 -48.77 36.95 -11.08
N VAL BA 48 -49.54 37.39 -10.10
CA VAL BA 48 -49.95 36.49 -9.02
C VAL BA 48 -50.94 35.46 -9.57
N THR BA 49 -50.63 34.19 -9.35
CA THR BA 49 -51.47 33.09 -9.82
C THR BA 49 -52.37 32.58 -8.70
N THR BA 50 -53.62 32.28 -9.04
CA THR BA 50 -54.59 31.82 -8.07
C THR BA 50 -54.48 30.30 -7.92
N HIS BA 51 -55.36 29.73 -7.08
CA HIS BA 51 -55.32 28.31 -6.80
C HIS BA 51 -55.63 27.50 -8.05
N SER BA 52 -54.69 26.62 -8.41
CA SER BA 52 -54.87 25.67 -9.49
C SER BA 52 -54.53 24.29 -8.96
N VAL BA 53 -54.88 23.26 -9.73
CA VAL BA 53 -54.49 21.91 -9.34
C VAL BA 53 -52.97 21.79 -9.34
N SER BA 54 -52.33 22.39 -10.34
CA SER BA 54 -50.88 22.27 -10.47
C SER BA 54 -50.16 23.12 -9.42
N SER BA 55 -50.66 24.33 -9.15
CA SER BA 55 -50.03 25.26 -8.22
C SER BA 55 -51.07 25.78 -7.23
N PRO BA 56 -51.10 25.26 -6.01
CA PRO BA 56 -52.17 25.60 -5.08
C PRO BA 56 -51.95 26.94 -4.40
N PHE BA 57 -53.07 27.50 -3.93
CA PHE BA 57 -53.07 28.69 -3.07
C PHE BA 57 -54.11 28.42 -1.99
N THR BA 58 -53.66 27.90 -0.84
CA THR BA 58 -54.56 27.41 0.19
C THR BA 58 -54.17 27.91 1.58
N ILE BA 59 -55.19 28.15 2.40
CA ILE BA 59 -55.06 28.69 3.74
C ILE BA 59 -55.85 27.77 4.67
N THR BA 60 -55.15 26.94 5.44
CA THR BA 60 -55.77 25.93 6.29
C THR BA 60 -55.39 26.13 7.76
N PHE BA 61 -56.35 25.99 8.66
CA PHE BA 61 -56.14 26.20 10.09
C PHE BA 61 -56.68 24.99 10.85
N THR BA 62 -55.85 24.40 11.70
CA THR BA 62 -56.12 23.11 12.31
C THR BA 62 -55.94 23.18 13.82
N ARG BA 63 -56.80 22.45 14.54
CA ARG BA 63 -56.71 22.26 15.98
C ARG BA 63 -56.11 20.89 16.28
N PRO BA 64 -55.60 20.66 17.50
CA PRO BA 64 -55.00 19.36 17.80
C PRO BA 64 -56.06 18.26 17.93
N LYS BA 65 -55.62 17.03 17.67
CA LYS BA 65 -56.53 15.89 17.73
C LYS BA 65 -57.10 15.71 19.12
N THR BA 66 -56.25 15.79 20.14
CA THR BA 66 -56.64 15.59 21.52
C THR BA 66 -56.14 16.76 22.36
N MET BA 67 -57.06 17.38 23.11
CA MET BA 67 -56.69 18.45 24.03
C MET BA 67 -55.97 17.89 25.24
N LYS BA 68 -55.09 18.70 25.81
CA LYS BA 68 -54.28 18.28 26.95
C LYS BA 68 -54.70 19.08 28.17
N THR BA 69 -55.07 18.37 29.23
CA THR BA 69 -55.32 18.99 30.52
C THR BA 69 -54.04 18.96 31.35
N VAL BA 70 -53.98 19.85 32.33
CA VAL BA 70 -52.75 20.04 33.07
C VAL BA 70 -52.70 19.14 34.29
N GLY BA 83 -46.94 19.61 29.01
CA GLY BA 83 -47.75 19.36 27.83
C GLY BA 83 -48.15 20.63 27.09
N ARG BA 84 -48.48 20.51 25.80
CA ARG BA 84 -48.82 21.67 25.00
C ARG BA 84 -49.91 21.35 23.97
N ASN BA 85 -50.84 22.28 23.77
CA ASN BA 85 -51.80 22.21 22.67
C ASN BA 85 -51.29 23.16 21.59
N THR BA 86 -51.00 22.63 20.39
CA THR BA 86 -50.49 23.43 19.28
C THR BA 86 -51.54 23.54 18.18
N TYR BA 87 -51.85 24.78 17.80
CA TYR BA 87 -52.75 25.06 16.69
C TYR BA 87 -51.93 25.48 15.48
N GLY BA 88 -52.37 25.04 14.30
CA GLY BA 88 -51.58 25.23 13.09
C GLY BA 88 -52.24 25.99 11.96
N PHE BA 89 -51.56 27.01 11.44
CA PHE BA 89 -52.07 27.85 10.36
C PHE BA 89 -51.09 27.79 9.21
N LEU BA 90 -51.52 27.28 8.06
CA LEU BA 90 -50.58 26.98 6.99
C LEU BA 90 -51.09 27.45 5.63
N VAL BA 91 -50.23 28.13 4.89
CA VAL BA 91 -50.50 28.67 3.57
C VAL BA 91 -49.57 27.97 2.59
N ARG BA 92 -50.15 27.42 1.52
CA ARG BA 92 -49.40 26.79 0.44
C ARG BA 92 -49.60 27.58 -0.84
N LYS BA 93 -48.50 27.91 -1.52
CA LYS BA 93 -48.58 28.72 -2.73
C LYS BA 93 -47.75 28.11 -3.84
N GLY BA 94 -48.37 27.99 -5.02
CA GLY BA 94 -47.66 27.53 -6.20
C GLY BA 94 -46.69 28.58 -6.70
N VAL BA 95 -45.39 28.25 -6.72
CA VAL BA 95 -44.32 29.17 -7.11
C VAL BA 95 -43.42 28.45 -8.09
N ILE BA 96 -43.04 29.12 -9.18
CA ILE BA 96 -42.35 28.45 -10.28
C ILE BA 96 -40.86 28.76 -10.19
N PRO BA 97 -39.98 27.76 -10.02
CA PRO BA 97 -38.57 28.08 -9.78
C PRO BA 97 -37.77 28.44 -11.03
N ALA BA 98 -38.00 27.80 -12.16
CA ALA BA 98 -37.20 28.13 -13.33
C ALA BA 98 -38.07 28.43 -14.54
N VAL BA 99 -37.37 28.65 -15.65
CA VAL BA 99 -38.00 29.20 -16.84
C VAL BA 99 -39.04 28.24 -17.40
N ASN BA 100 -38.82 26.94 -17.24
CA ASN BA 100 -39.81 25.99 -17.74
C ASN BA 100 -40.15 24.89 -16.73
N GLN BA 101 -39.83 25.09 -15.47
CA GLN BA 101 -39.99 24.00 -14.50
C GLN BA 101 -41.40 23.90 -13.97
N SER BA 102 -41.67 22.74 -13.35
CA SER BA 102 -42.93 22.50 -12.68
C SER BA 102 -43.03 23.37 -11.44
N PRO BA 103 -44.25 23.76 -11.06
CA PRO BA 103 -44.40 24.61 -9.88
C PRO BA 103 -44.04 23.84 -8.60
N GLN BA 104 -43.24 24.50 -7.77
CA GLN BA 104 -42.90 24.13 -6.40
C GLN BA 104 -43.86 24.80 -5.43
N VAL BA 105 -43.96 24.26 -4.23
CA VAL BA 105 -44.90 24.76 -3.23
C VAL BA 105 -44.14 25.58 -2.20
N MET BA 106 -44.18 26.91 -2.34
CA MET BA 106 -43.77 27.75 -1.23
C MET BA 106 -44.72 27.52 -0.07
N LEU BA 107 -44.19 27.66 1.14
CA LEU BA 107 -44.94 27.22 2.30
C LEU BA 107 -44.72 28.18 3.45
N VAL BA 108 -45.79 28.77 3.97
CA VAL BA 108 -45.73 29.66 5.13
C VAL BA 108 -46.56 29.00 6.22
N ARG BA 109 -45.90 28.54 7.29
CA ARG BA 109 -46.62 27.82 8.33
C ARG BA 109 -46.35 28.42 9.70
N VAL BA 110 -47.44 28.54 10.48
CA VAL BA 110 -47.44 29.11 11.81
C VAL BA 110 -47.90 28.04 12.78
N GLU BA 111 -47.22 27.94 13.91
CA GLU BA 111 -47.59 27.03 14.98
C GLU BA 111 -47.72 27.83 16.27
N ILE BA 112 -48.85 27.66 16.94
CA ILE BA 112 -49.17 28.34 18.18
C ILE BA 112 -49.24 27.28 19.27
N SER BA 113 -48.21 27.19 20.09
CA SER BA 113 -48.13 26.19 21.15
C SER BA 113 -48.49 26.86 22.48
N VAL BA 114 -49.68 26.53 22.98
CA VAL BA 114 -50.20 27.03 24.25
C VAL BA 114 -49.96 25.96 25.30
N PRO BA 115 -49.25 26.26 26.39
CA PRO BA 115 -49.14 25.30 27.50
C PRO BA 115 -50.51 24.94 28.09
N ALA BA 116 -50.51 23.91 28.92
CA ALA BA 116 -51.76 23.27 29.32
C ALA BA 116 -52.63 24.19 30.16
N GLY BA 117 -52.12 24.64 31.31
CA GLY BA 117 -52.95 25.46 32.19
C GLY BA 117 -53.05 26.90 31.77
N ALA BA 118 -52.28 27.28 30.75
CA ALA BA 118 -52.22 28.65 30.24
C ALA BA 118 -53.60 29.14 29.83
N ASP BA 119 -54.26 28.40 28.93
CA ASP BA 119 -55.50 28.82 28.30
C ASP BA 119 -56.52 29.32 29.30
N THR BA 120 -56.53 28.77 30.50
CA THR BA 120 -57.46 29.13 31.54
C THR BA 120 -56.86 30.10 32.56
N TYR BA 121 -55.73 29.75 33.16
CA TYR BA 121 -55.23 30.55 34.27
C TYR BA 121 -54.69 31.90 33.82
N ASP BA 122 -53.95 31.93 32.70
CA ASP BA 122 -53.32 33.17 32.23
C ASP BA 122 -53.68 33.34 30.75
N ALA BA 123 -54.86 33.89 30.51
CA ALA BA 123 -55.30 34.07 29.12
C ALA BA 123 -54.80 35.37 28.53
N ALA BA 124 -54.55 36.37 29.38
CA ALA BA 124 -54.11 37.67 28.88
C ALA BA 124 -52.74 37.55 28.23
N ASN BA 125 -51.83 36.77 28.83
CA ASN BA 125 -50.50 36.64 28.25
C ASN BA 125 -50.53 35.83 26.96
N VAL BA 126 -51.41 34.83 26.87
CA VAL BA 126 -51.59 34.11 25.61
C VAL BA 126 -52.02 35.08 24.51
N LYS BA 127 -53.10 35.83 24.78
CA LYS BA 127 -53.59 36.79 23.79
C LYS BA 127 -52.53 37.82 23.44
N ALA BA 128 -51.67 38.18 24.41
CA ALA BA 128 -50.65 39.19 24.17
C ALA BA 128 -49.54 38.65 23.29
N ALA BA 129 -49.14 37.40 23.50
CA ALA BA 129 -48.18 36.77 22.59
C ALA BA 129 -48.71 36.78 21.17
N LEU BA 130 -49.97 36.38 20.99
CA LEU BA 130 -50.56 36.37 19.65
C LEU BA 130 -50.63 37.77 19.06
N SER BA 131 -50.99 38.75 19.89
CA SER BA 131 -51.11 40.14 19.43
C SER BA 131 -49.77 40.69 18.98
N ALA BA 132 -48.73 40.52 19.81
CA ALA BA 132 -47.40 40.98 19.44
C ALA BA 132 -46.91 40.30 18.17
N ALA BA 133 -47.07 38.97 18.09
CA ALA BA 133 -46.58 38.24 16.93
C ALA BA 133 -47.25 38.74 15.65
N ILE BA 134 -48.58 38.76 15.63
CA ILE BA 134 -49.27 39.15 14.41
C ILE BA 134 -49.07 40.63 14.11
N GLY BA 135 -48.90 41.46 15.15
CA GLY BA 135 -48.68 42.88 14.92
C GLY BA 135 -47.33 43.16 14.28
N VAL BA 136 -46.28 42.50 14.76
CA VAL BA 136 -44.97 42.63 14.13
C VAL BA 136 -45.01 42.08 12.71
N LEU BA 137 -45.71 40.96 12.50
CA LEU BA 137 -45.82 40.39 11.16
C LEU BA 137 -46.48 41.37 10.19
N SER BA 138 -47.59 41.99 10.60
CA SER BA 138 -48.26 42.93 9.71
C SER BA 138 -47.47 44.21 9.53
N GLN BA 139 -46.73 44.64 10.56
CA GLN BA 139 -45.92 45.84 10.44
C GLN BA 139 -44.78 45.63 9.45
N GLN BA 140 -44.09 44.50 9.53
CA GLN BA 140 -42.94 44.23 8.70
C GLN BA 140 -43.27 43.34 7.52
N SER BA 141 -44.54 43.30 7.08
CA SER BA 141 -44.90 42.38 6.00
C SER BA 141 -44.10 42.67 4.73
N ALA BA 142 -44.05 43.94 4.34
CA ALA BA 142 -43.31 44.32 3.16
C ALA BA 142 -41.83 43.97 3.30
N GLY BA 143 -41.26 44.29 4.46
CA GLY BA 143 -39.85 44.03 4.67
C GLY BA 143 -39.51 42.55 4.74
N ILE BA 144 -40.44 41.73 5.24
CA ILE BA 144 -40.23 40.28 5.29
C ILE BA 144 -40.30 39.70 3.89
N GLY BA 145 -41.15 40.24 3.02
CA GLY BA 145 -41.08 39.85 1.61
C GLY BA 145 -39.76 40.26 0.98
N ASP BA 146 -39.34 41.51 1.21
CA ASP BA 146 -38.03 41.97 0.74
C ASP BA 146 -36.94 41.02 1.20
N THR BA 147 -37.03 40.53 2.43
CA THR BA 147 -36.03 39.59 2.94
C THR BA 147 -36.15 38.23 2.28
N ALA BA 148 -37.39 37.75 2.06
CA ALA BA 148 -37.60 36.46 1.42
C ALA BA 148 -37.03 36.43 0.01
N LEU BA 149 -36.91 37.59 -0.62
CA LEU BA 149 -36.28 37.69 -1.93
C LEU BA 149 -34.80 38.04 -1.88
N SER BA 150 -34.36 38.83 -0.89
CA SER BA 150 -32.99 39.31 -0.81
C SER BA 150 -32.06 38.27 -0.18
N GLY BA 151 -32.54 37.56 0.83
CA GLY BA 151 -31.68 36.77 1.67
C GLY BA 151 -31.07 37.52 2.83
N ILE BA 152 -31.51 38.76 3.07
CA ILE BA 152 -30.85 39.64 4.03
C ILE BA 152 -31.86 40.16 5.03
N LEU BA 153 -31.46 40.15 6.31
CA LEU BA 153 -32.25 40.72 7.39
C LEU BA 153 -31.93 42.19 7.60
N ALA CA 1 -80.48 11.53 14.19
CA ALA CA 1 -81.13 12.82 14.31
C ALA CA 1 -80.81 13.49 15.66
N TYR CA 2 -79.55 13.81 15.89
CA TYR CA 2 -79.08 14.42 17.14
C TYR CA 2 -78.74 15.88 16.88
N SER CA 3 -79.51 16.80 17.49
CA SER CA 3 -79.30 18.24 17.34
C SER CA 3 -79.80 18.96 18.59
N PRO CA 4 -78.90 19.31 19.50
CA PRO CA 4 -79.32 19.97 20.75
C PRO CA 4 -79.72 21.42 20.53
N SER CA 5 -80.36 21.99 21.55
CA SER CA 5 -80.91 23.34 21.52
C SER CA 5 -80.01 24.32 22.26
N THR CA 6 -80.25 25.62 22.03
CA THR CA 6 -79.31 26.63 22.54
C THR CA 6 -79.29 26.66 24.06
N PRO CA 7 -80.41 26.90 24.75
CA PRO CA 7 -80.42 26.60 26.19
C PRO CA 7 -80.92 25.17 26.42
N VAL CA 8 -80.06 24.32 26.97
CA VAL CA 8 -80.46 22.99 27.40
C VAL CA 8 -80.89 23.11 28.85
N THR CA 9 -82.09 22.68 29.15
CA THR CA 9 -82.57 22.70 30.52
C THR CA 9 -81.98 21.49 31.25
N GLY CA 10 -81.02 21.77 32.13
CA GLY CA 10 -80.29 20.70 32.77
C GLY CA 10 -81.17 19.93 33.73
N ALA CA 11 -80.88 18.63 33.82
CA ALA CA 11 -81.60 17.76 34.73
C ALA CA 11 -81.40 18.23 36.17
N ALA CA 12 -82.42 17.99 36.99
CA ALA CA 12 -82.42 18.53 38.35
C ALA CA 12 -81.22 18.01 39.12
N GLN CA 13 -80.60 18.89 39.89
CA GLN CA 13 -79.51 18.54 40.79
C GLN CA 13 -79.76 19.18 42.14
N THR CA 14 -79.02 18.71 43.15
CA THR CA 14 -79.38 18.97 44.54
C THR CA 14 -79.36 20.47 44.85
N GLY CA 15 -78.21 21.10 44.68
CA GLY CA 15 -78.13 22.52 44.99
C GLY CA 15 -78.52 23.48 43.89
N PHE CA 16 -78.99 22.98 42.74
CA PHE CA 16 -79.22 23.83 41.57
C PHE CA 16 -80.70 24.21 41.50
N THR CA 17 -80.95 25.48 41.25
CA THR CA 17 -82.31 25.99 41.04
C THR CA 17 -82.44 26.35 39.57
N SER CA 18 -83.24 25.56 38.83
CA SER CA 18 -83.59 25.81 37.44
C SER CA 18 -82.36 25.99 36.55
N PRO CA 19 -81.49 24.99 36.46
CA PRO CA 19 -80.23 25.19 35.73
C PRO CA 19 -80.40 24.98 34.24
N THR CA 20 -79.75 25.85 33.47
CA THR CA 20 -79.70 25.77 32.03
C THR CA 20 -78.27 25.95 31.57
N TYR CA 21 -77.95 25.34 30.43
CA TYR CA 21 -76.60 25.37 29.88
C TYR CA 21 -76.68 25.81 28.43
N THR CA 22 -75.95 26.88 28.08
CA THR CA 22 -75.91 27.39 26.72
C THR CA 22 -74.84 26.63 25.94
N LEU CA 23 -75.23 26.09 24.79
CA LEU CA 23 -74.34 25.32 23.95
C LEU CA 23 -73.87 26.17 22.78
N THR CA 24 -72.56 26.15 22.53
CA THR CA 24 -71.96 26.71 21.34
C THR CA 24 -71.41 25.57 20.50
N SER CA 25 -71.53 25.70 19.17
CA SER CA 25 -71.15 24.59 18.30
C SER CA 25 -69.64 24.46 18.22
N ASP CA 26 -69.16 23.21 18.27
CA ASP CA 26 -67.73 22.92 18.27
C ASP CA 26 -67.43 21.85 17.23
N THR CA 27 -66.19 21.84 16.75
CA THR CA 27 -65.72 20.80 15.86
C THR CA 27 -65.33 19.56 16.65
N ALA CA 28 -65.81 18.40 16.22
CA ALA CA 28 -65.65 17.15 16.94
C ALA CA 28 -64.33 16.49 16.62
N PRO CA 29 -63.83 15.61 17.51
CA PRO CA 29 -62.49 15.05 17.29
C PRO CA 29 -62.43 14.07 16.14
N THR CA 30 -63.40 13.18 16.02
CA THR CA 30 -63.51 12.35 14.84
C THR CA 30 -64.35 13.07 13.79
N ALA CA 31 -64.29 12.55 12.57
CA ALA CA 31 -65.25 12.98 11.57
C ALA CA 31 -66.63 12.38 11.80
N LEU CA 32 -66.77 11.46 12.75
CA LEU CA 32 -68.01 10.76 13.02
C LEU CA 32 -68.73 11.28 14.25
N GLY CA 33 -68.38 12.48 14.70
CA GLY CA 33 -68.97 13.03 15.90
C GLY CA 33 -69.54 14.41 15.66
N LYS CA 34 -70.58 14.71 16.42
CA LYS CA 34 -71.08 16.07 16.58
C LYS CA 34 -70.78 16.49 18.01
N GLN CA 35 -70.16 17.65 18.19
CA GLN CA 35 -69.73 18.08 19.52
C GLN CA 35 -70.17 19.50 19.78
N HIS CA 36 -70.71 19.75 20.97
CA HIS CA 36 -71.00 21.10 21.44
C HIS CA 36 -70.22 21.37 22.72
N ALA CA 37 -69.91 22.63 22.96
CA ALA CA 37 -69.24 23.06 24.18
C ALA CA 37 -70.17 23.95 24.99
N VAL CA 38 -70.14 23.81 26.32
CA VAL CA 38 -70.98 24.61 27.19
C VAL CA 38 -70.24 25.94 27.40
N THR CA 39 -70.64 26.95 26.62
CA THR CA 39 -69.97 28.24 26.66
C THR CA 39 -70.40 29.09 27.86
N ALA CA 40 -71.62 28.91 28.36
CA ALA CA 40 -72.12 29.72 29.47
C ALA CA 40 -73.22 28.98 30.20
N THR CA 41 -73.40 29.34 31.47
CA THR CA 41 -74.37 28.69 32.35
C THR CA 41 -75.40 29.70 32.84
N GLY CA 42 -76.66 29.27 32.87
CA GLY CA 42 -77.72 30.01 33.51
C GLY CA 42 -78.36 29.18 34.62
N GLY CA 43 -79.13 29.86 35.46
CA GLY CA 43 -79.70 29.24 36.65
C GLY CA 43 -78.87 29.53 37.88
N THR CA 44 -79.44 29.17 39.03
CA THR CA 44 -78.78 29.38 40.33
C THR CA 44 -77.94 28.17 40.74
N GLN CA 45 -76.93 27.94 39.91
CA GLN CA 45 -75.84 27.01 40.18
C GLN CA 45 -74.59 27.83 40.38
N THR CA 46 -74.04 27.79 41.60
CA THR CA 46 -72.94 28.67 41.95
C THR CA 46 -71.66 27.86 42.04
N GLY CA 47 -70.66 28.33 41.32
CA GLY CA 47 -69.37 27.68 41.26
C GLY CA 47 -69.15 26.88 39.99
N VAL CA 48 -70.15 26.78 39.12
CA VAL CA 48 -70.05 25.97 37.92
C VAL CA 48 -69.20 26.70 36.88
N THR CA 49 -68.16 26.05 36.40
CA THR CA 49 -67.24 26.63 35.43
C THR CA 49 -67.61 26.19 34.01
N THR CA 50 -67.46 27.11 33.06
CA THR CA 50 -67.80 26.84 31.66
C THR CA 50 -66.60 26.23 30.94
N HIS CA 51 -66.71 26.09 29.63
CA HIS CA 51 -65.74 25.32 28.85
C HIS CA 51 -64.46 26.11 28.62
N SER CA 52 -63.34 25.56 29.08
CA SER CA 52 -62.01 26.01 28.74
C SER CA 52 -61.30 24.84 28.07
N VAL CA 53 -60.06 25.06 27.64
CA VAL CA 53 -59.33 23.93 27.05
C VAL CA 53 -58.79 23.03 28.15
N SER CA 54 -58.28 23.61 29.23
CA SER CA 54 -57.76 22.81 30.33
C SER CA 54 -58.88 22.35 31.28
N SER CA 55 -60.00 23.07 31.31
CA SER CA 55 -61.18 22.69 32.09
C SER CA 55 -62.38 22.61 31.15
N PRO CA 56 -62.52 21.52 30.43
CA PRO CA 56 -63.53 21.45 29.36
C PRO CA 56 -64.93 21.26 29.90
N PHE CA 57 -65.90 21.58 29.03
CA PHE CA 57 -67.31 21.24 29.20
C PHE CA 57 -67.81 20.90 27.80
N THR CA 58 -67.73 19.61 27.46
CA THR CA 58 -67.98 19.17 26.09
C THR CA 58 -68.97 18.01 26.05
N ILE CA 59 -69.86 18.06 25.07
CA ILE CA 59 -70.92 17.08 24.86
C ILE CA 59 -70.78 16.58 23.43
N THR CA 60 -70.21 15.40 23.25
CA THR CA 60 -69.93 14.86 21.93
C THR CA 60 -70.66 13.54 21.72
N PHE CA 61 -71.18 13.35 20.51
CA PHE CA 61 -72.00 12.18 20.17
C PHE CA 61 -71.52 11.62 18.85
N THR CA 62 -71.21 10.32 18.84
CA THR CA 62 -70.48 9.68 17.75
C THR CA 62 -71.23 8.44 17.28
N ARG CA 63 -71.16 8.19 15.97
CA ARG CA 63 -71.64 6.98 15.32
C ARG CA 63 -70.47 6.06 15.01
N PRO CA 64 -70.73 4.77 14.78
CA PRO CA 64 -69.61 3.86 14.49
C PRO CA 64 -69.03 4.10 13.11
N LYS CA 65 -67.77 3.67 12.94
CA LYS CA 65 -67.08 3.87 11.67
C LYS CA 65 -67.73 3.06 10.55
N THR CA 66 -68.07 1.81 10.83
CA THR CA 66 -68.65 0.92 9.84
C THR CA 66 -69.90 0.27 10.40
N MET CA 67 -71.01 0.39 9.68
CA MET CA 67 -72.24 -0.25 10.09
C MET CA 67 -72.15 -1.76 9.91
N LYS CA 68 -72.97 -2.48 10.66
CA LYS CA 68 -73.02 -3.94 10.60
C LYS CA 68 -74.43 -4.39 10.27
N THR CA 69 -74.56 -5.30 9.30
CA THR CA 69 -75.83 -5.86 8.88
C THR CA 69 -76.06 -7.19 9.59
N VAL CA 70 -77.34 -7.59 9.64
CA VAL CA 70 -77.76 -8.73 10.46
C VAL CA 70 -77.13 -10.03 9.99
N GLY CA 71 -76.92 -10.18 8.69
CA GLY CA 71 -76.42 -11.44 8.20
C GLY CA 71 -77.54 -12.38 7.85
N VAL CA 72 -77.15 -13.63 7.64
CA VAL CA 72 -78.03 -14.60 6.99
C VAL CA 72 -78.03 -15.91 7.77
N PRO CA 73 -79.18 -16.55 7.96
CA PRO CA 73 -79.22 -17.78 8.76
C PRO CA 73 -78.52 -18.95 8.08
N ASN CA 74 -77.90 -19.79 8.90
CA ASN CA 74 -77.13 -20.95 8.44
C ASN CA 74 -78.06 -22.16 8.30
N SER CA 75 -77.45 -23.32 8.08
CA SER CA 75 -78.20 -24.54 7.77
C SER CA 75 -79.25 -24.89 8.82
N ASN CA 76 -79.02 -24.50 10.06
CA ASN CA 76 -79.96 -24.78 11.14
C ASN CA 76 -80.98 -23.67 11.35
N GLY CA 77 -81.03 -22.69 10.45
CA GLY CA 77 -81.91 -21.56 10.63
C GLY CA 77 -81.47 -20.56 11.67
N VAL CA 78 -80.20 -20.60 12.09
CA VAL CA 78 -79.68 -19.74 13.15
C VAL CA 78 -78.65 -18.78 12.55
N ILE CA 79 -78.76 -17.51 12.91
CA ILE CA 79 -77.80 -16.49 12.46
C ILE CA 79 -76.57 -16.57 13.35
N THR CA 80 -75.42 -16.86 12.73
CA THR CA 80 -74.27 -17.32 13.50
C THR CA 80 -73.72 -16.22 14.40
N ASN CA 81 -73.57 -15.01 13.87
CA ASN CA 81 -72.89 -13.93 14.59
C ASN CA 81 -73.66 -12.64 14.38
N ILE CA 82 -74.18 -12.10 15.48
CA ILE CA 82 -74.89 -10.83 15.48
C ILE CA 82 -73.92 -9.80 16.03
N GLY CA 83 -73.29 -9.05 15.13
CA GLY CA 83 -72.54 -7.88 15.54
C GLY CA 83 -73.46 -6.81 16.10
N ARG CA 84 -72.86 -5.76 16.66
CA ARG CA 84 -73.65 -4.69 17.27
C ARG CA 84 -73.03 -3.33 16.95
N ASN CA 85 -73.85 -2.38 16.49
CA ASN CA 85 -73.39 -1.00 16.28
C ASN CA 85 -73.61 -0.24 17.58
N THR CA 86 -72.54 0.37 18.12
CA THR CA 86 -72.60 1.15 19.35
C THR CA 86 -72.43 2.63 19.02
N TYR CA 87 -73.36 3.44 19.52
CA TYR CA 87 -73.28 4.90 19.42
C TYR CA 87 -72.86 5.46 20.76
N GLY CA 88 -72.02 6.49 20.73
CA GLY CA 88 -71.41 7.00 21.95
C GLY CA 88 -71.70 8.45 22.29
N PHE CA 89 -72.15 8.69 23.52
CA PHE CA 89 -72.49 10.03 23.99
C PHE CA 89 -71.64 10.33 25.21
N LEU CA 90 -70.77 11.34 25.12
CA LEU CA 90 -69.78 11.55 26.15
C LEU CA 90 -69.67 13.02 26.54
N VAL CA 91 -69.68 13.26 27.85
CA VAL CA 91 -69.57 14.59 28.44
C VAL CA 91 -68.28 14.63 29.24
N ARG CA 92 -67.46 15.65 28.97
CA ARG CA 92 -66.23 15.90 29.71
C ARG CA 92 -66.36 17.21 30.46
N LYS CA 93 -66.03 17.19 31.76
CA LYS CA 93 -66.17 18.37 32.59
C LYS CA 93 -64.93 18.58 33.43
N GLY CA 94 -64.40 19.80 33.38
CA GLY CA 94 -63.28 20.17 34.22
C GLY CA 94 -63.70 20.23 35.69
N VAL CA 95 -63.03 19.44 36.55
CA VAL CA 95 -63.33 19.37 37.97
C VAL CA 95 -62.04 19.49 38.74
N ILE CA 96 -62.05 20.24 39.84
CA ILE CA 96 -60.81 20.56 40.57
C ILE CA 96 -60.72 19.65 41.79
N PRO CA 97 -59.69 18.80 41.87
CA PRO CA 97 -59.67 17.83 42.98
C PRO CA 97 -59.14 18.39 44.30
N ALA CA 98 -58.09 19.20 44.28
CA ALA CA 98 -57.45 19.62 45.51
C ALA CA 98 -57.54 21.14 45.68
N VAL CA 99 -56.88 21.64 46.74
CA VAL CA 99 -57.01 23.04 47.09
C VAL CA 99 -56.31 23.90 46.04
N ASN CA 100 -55.15 23.48 45.59
CA ASN CA 100 -54.42 24.22 44.57
C ASN CA 100 -54.16 23.40 43.34
N GLN CA 101 -54.52 22.12 43.33
CA GLN CA 101 -54.21 21.30 42.19
C GLN CA 101 -55.03 21.72 40.97
N SER CA 102 -54.58 21.25 39.82
CA SER CA 102 -55.06 21.66 38.51
C SER CA 102 -56.28 20.83 38.12
N PRO CA 103 -57.10 21.31 37.19
CA PRO CA 103 -58.34 20.61 36.87
C PRO CA 103 -58.10 19.24 36.22
N GLN CA 104 -58.76 18.23 36.76
CA GLN CA 104 -58.94 16.91 36.21
C GLN CA 104 -60.25 16.84 35.44
N VAL CA 105 -60.47 15.75 34.71
CA VAL CA 105 -61.61 15.66 33.79
C VAL CA 105 -62.58 14.61 34.33
N MET CA 106 -63.65 15.06 35.00
CA MET CA 106 -64.76 14.15 35.23
C MET CA 106 -65.38 13.77 33.89
N LEU CA 107 -65.90 12.55 33.84
CA LEU CA 107 -66.29 11.97 32.56
C LEU CA 107 -67.60 11.21 32.72
N VAL CA 108 -68.61 11.56 31.93
CA VAL CA 108 -69.90 10.87 31.93
C VAL CA 108 -70.11 10.33 30.52
N ARG CA 109 -70.03 9.01 30.35
CA ARG CA 109 -70.12 8.44 29.01
C ARG CA 109 -71.22 7.39 28.93
N VAL CA 110 -71.96 7.43 27.82
CA VAL CA 110 -73.08 6.54 27.54
C VAL CA 110 -72.75 5.80 26.24
N GLU CA 111 -73.01 4.50 26.23
CA GLU CA 111 -72.82 3.67 25.06
C GLU CA 111 -74.13 2.94 24.79
N ILE CA 112 -74.58 3.03 23.54
CA ILE CA 112 -75.83 2.44 23.10
C ILE CA 112 -75.47 1.38 22.08
N SER CA 113 -75.48 0.10 22.49
CA SER CA 113 -75.16 -1.02 21.60
C SER CA 113 -76.46 -1.61 21.07
N VAL CA 114 -76.72 -1.38 19.79
CA VAL CA 114 -77.88 -1.90 19.08
C VAL CA 114 -77.44 -3.12 18.27
N PRO CA 115 -78.00 -4.31 18.55
CA PRO CA 115 -77.69 -5.48 17.72
C PRO CA 115 -78.04 -5.24 16.26
N ALA CA 116 -77.56 -6.14 15.41
CA ALA CA 116 -77.56 -5.88 13.98
C ALA CA 116 -78.98 -5.81 13.43
N GLY CA 117 -79.73 -6.91 13.53
CA GLY CA 117 -81.06 -6.95 12.94
C GLY CA 117 -82.11 -6.19 13.70
N ALA CA 118 -81.74 -5.74 14.90
CA ALA CA 118 -82.64 -5.03 15.80
C ALA CA 118 -83.20 -3.79 15.14
N ASP CA 119 -82.33 -2.92 14.63
CA ASP CA 119 -82.70 -1.58 14.16
C ASP CA 119 -83.82 -1.61 13.14
N THR CA 120 -83.94 -2.71 12.41
CA THR CA 120 -84.97 -2.87 11.40
C THR CA 120 -86.11 -3.76 11.88
N TYR CA 121 -85.82 -4.95 12.39
CA TYR CA 121 -86.88 -5.90 12.69
C TYR CA 121 -87.67 -5.51 13.94
N ASP CA 122 -86.97 -5.08 15.01
CA ASP CA 122 -87.62 -4.77 16.28
C ASP CA 122 -87.16 -3.39 16.72
N ALA CA 123 -87.83 -2.36 16.18
CA ALA CA 123 -87.42 -1.00 16.51
C ALA CA 123 -88.10 -0.52 17.78
N ALA CA 124 -89.29 -1.04 18.06
CA ALA CA 124 -90.03 -0.59 19.24
C ALA CA 124 -89.27 -0.91 20.52
N ASN CA 125 -88.65 -2.10 20.58
CA ASN CA 125 -87.92 -2.46 21.79
C ASN CA 125 -86.64 -1.65 21.93
N VAL CA 126 -85.97 -1.34 20.82
CA VAL CA 126 -84.83 -0.43 20.86
C VAL CA 126 -85.23 0.91 21.46
N LYS CA 127 -86.26 1.53 20.87
CA LYS CA 127 -86.74 2.82 21.37
C LYS CA 127 -87.15 2.73 22.82
N ALA CA 128 -87.73 1.59 23.23
CA ALA CA 128 -88.19 1.43 24.60
C ALA CA 128 -87.02 1.35 25.57
N ALA CA 129 -85.97 0.62 25.21
CA ALA CA 129 -84.79 0.59 26.06
C ALA CA 129 -84.23 1.99 26.23
N LEU CA 130 -84.13 2.74 25.13
CA LEU CA 130 -83.60 4.11 25.22
C LEU CA 130 -84.47 4.99 26.10
N SER CA 131 -85.80 4.92 25.95
CA SER CA 131 -86.68 5.79 26.71
C SER CA 131 -86.70 5.42 28.18
N ALA CA 132 -86.65 4.13 28.51
CA ALA CA 132 -86.59 3.73 29.90
C ALA CA 132 -85.28 4.17 30.55
N ALA CA 133 -84.15 3.97 29.85
CA ALA CA 133 -82.86 4.39 30.40
C ALA CA 133 -82.83 5.90 30.66
N ILE CA 134 -83.22 6.69 29.64
CA ILE CA 134 -83.15 8.13 29.81
C ILE CA 134 -84.20 8.64 30.80
N GLY CA 135 -85.35 7.98 30.89
CA GLY CA 135 -86.36 8.40 31.84
C GLY CA 135 -85.96 8.14 33.27
N VAL CA 136 -85.34 6.99 33.54
CA VAL CA 136 -84.82 6.72 34.88
C VAL CA 136 -83.69 7.70 35.20
N LEU CA 137 -82.84 8.00 34.20
CA LEU CA 137 -81.75 8.96 34.44
C LEU CA 137 -82.29 10.34 34.81
N SER CA 138 -83.30 10.83 34.08
CA SER CA 138 -83.84 12.15 34.38
C SER CA 138 -84.65 12.15 35.68
N GLN CA 139 -85.26 11.01 36.03
CA GLN CA 139 -86.00 10.93 37.29
C GLN CA 139 -85.06 10.97 38.48
N GLN CA 140 -83.98 10.20 38.43
CA GLN CA 140 -83.03 10.11 39.53
C GLN CA 140 -81.82 11.00 39.35
N SER CA 141 -81.93 12.06 38.56
CA SER CA 141 -80.75 12.88 38.29
C SER CA 141 -80.18 13.46 39.58
N ALA CA 142 -81.04 14.07 40.40
CA ALA CA 142 -80.60 14.65 41.66
C ALA CA 142 -79.98 13.59 42.55
N GLY CA 143 -80.64 12.42 42.65
CA GLY CA 143 -80.15 11.38 43.53
C GLY CA 143 -78.84 10.75 43.06
N ILE CA 144 -78.65 10.68 41.74
CA ILE CA 144 -77.40 10.17 41.19
C ILE CA 144 -76.26 11.15 41.47
N GLY CA 145 -76.56 12.46 41.42
CA GLY CA 145 -75.56 13.43 41.88
C GLY CA 145 -75.23 13.25 43.36
N ASP CA 146 -76.27 13.15 44.18
CA ASP CA 146 -76.09 12.88 45.61
C ASP CA 146 -75.21 11.66 45.82
N THR CA 147 -75.41 10.62 45.02
CA THR CA 147 -74.59 9.41 45.13
C THR CA 147 -73.17 9.67 44.65
N ALA CA 148 -73.00 10.44 43.58
CA ALA CA 148 -71.67 10.73 43.05
C ALA CA 148 -70.81 11.46 44.06
N LEU CA 149 -71.45 12.17 45.00
CA LEU CA 149 -70.72 12.85 46.06
C LEU CA 149 -70.67 12.05 47.36
N SER CA 150 -71.73 11.30 47.68
CA SER CA 150 -71.86 10.63 48.97
C SER CA 150 -71.21 9.25 48.99
N GLY CA 151 -71.22 8.55 47.85
CA GLY CA 151 -70.83 7.15 47.83
C GLY CA 151 -71.90 6.22 48.35
N ILE CA 152 -73.13 6.69 48.46
CA ILE CA 152 -74.20 5.97 49.13
C ILE CA 152 -75.28 5.64 48.11
N LEU CA 153 -75.77 4.41 48.14
CA LEU CA 153 -76.84 3.99 47.24
C LEU CA 153 -78.23 4.08 47.88
N ALA DA 1 -66.27 22.50 -5.87
CA ALA DA 1 -67.44 23.24 -5.41
C ALA DA 1 -68.70 22.37 -5.48
N TYR DA 2 -68.74 21.32 -4.65
CA TYR DA 2 -69.87 20.37 -4.60
C TYR DA 2 -70.67 20.58 -3.32
N SER DA 3 -71.91 21.08 -3.45
CA SER DA 3 -72.80 21.33 -2.31
C SER DA 3 -74.25 21.20 -2.74
N PRO DA 4 -74.90 20.09 -2.42
CA PRO DA 4 -76.29 19.87 -2.85
C PRO DA 4 -77.27 20.69 -2.00
N SER DA 5 -78.51 20.77 -2.50
CA SER DA 5 -79.60 21.50 -1.89
C SER DA 5 -80.50 20.58 -1.07
N THR DA 6 -81.25 21.17 -0.13
CA THR DA 6 -82.05 20.37 0.80
C THR DA 6 -83.09 19.52 0.07
N PRO DA 7 -84.03 20.10 -0.70
CA PRO DA 7 -84.79 19.24 -1.62
C PRO DA 7 -84.09 19.14 -2.97
N VAL DA 8 -83.65 17.95 -3.33
CA VAL DA 8 -83.07 17.71 -4.65
C VAL DA 8 -84.20 17.26 -5.57
N THR DA 9 -84.44 18.01 -6.64
CA THR DA 9 -85.41 17.58 -7.64
C THR DA 9 -84.85 16.36 -8.35
N GLY DA 10 -85.44 15.19 -8.08
CA GLY DA 10 -84.95 13.96 -8.69
C GLY DA 10 -85.28 13.91 -10.17
N ALA DA 11 -84.39 13.28 -10.94
CA ALA DA 11 -84.57 13.21 -12.38
C ALA DA 11 -85.79 12.37 -12.71
N ALA DA 12 -86.43 12.70 -13.83
CA ALA DA 12 -87.69 12.06 -14.16
C ALA DA 12 -87.53 10.55 -14.22
N GLN DA 13 -88.53 9.84 -13.70
CA GLN DA 13 -88.56 8.39 -13.78
C GLN DA 13 -89.97 7.96 -14.15
N THR DA 14 -90.10 6.68 -14.53
CA THR DA 14 -91.30 6.23 -15.22
C THR DA 14 -92.53 6.37 -14.32
N GLY DA 15 -92.51 5.72 -13.16
CA GLY DA 15 -93.68 5.81 -12.31
C GLY DA 15 -93.76 6.98 -11.36
N PHE DA 16 -92.82 7.93 -11.44
CA PHE DA 16 -92.71 8.98 -10.43
C PHE DA 16 -93.30 10.28 -10.94
N THR DA 17 -94.09 10.93 -10.08
CA THR DA 17 -94.65 12.24 -10.35
C THR DA 17 -93.95 13.25 -9.43
N SER DA 18 -93.23 14.20 -10.03
CA SER DA 18 -92.50 15.27 -9.35
C SER DA 18 -91.74 14.76 -8.13
N PRO DA 19 -90.73 13.89 -8.32
CA PRO DA 19 -90.03 13.31 -7.16
C PRO DA 19 -88.92 14.20 -6.64
N THR DA 20 -88.87 14.37 -5.33
CA THR DA 20 -87.83 15.13 -4.66
C THR DA 20 -87.25 14.30 -3.52
N TYR DA 21 -85.97 14.53 -3.21
CA TYR DA 21 -85.28 13.80 -2.16
C TYR DA 21 -84.65 14.78 -1.18
N THR DA 22 -85.01 14.66 0.09
CA THR DA 22 -84.45 15.49 1.15
C THR DA 22 -83.12 14.87 1.59
N LEU DA 23 -82.05 15.65 1.55
CA LEU DA 23 -80.73 15.18 1.96
C LEU DA 23 -80.41 15.68 3.35
N THR DA 24 -79.94 14.77 4.20
CA THR DA 24 -79.39 15.12 5.51
C THR DA 24 -77.89 14.92 5.44
N SER DA 25 -77.13 15.89 5.95
CA SER DA 25 -75.69 15.79 5.91
C SER DA 25 -75.23 14.55 6.68
N ASP DA 26 -74.30 13.81 6.08
CA ASP DA 26 -73.72 12.63 6.71
C ASP DA 26 -72.21 12.72 6.61
N THR DA 27 -71.53 12.01 7.51
CA THR DA 27 -70.08 12.05 7.58
C THR DA 27 -69.50 10.96 6.68
N ALA DA 28 -68.57 11.35 5.81
CA ALA DA 28 -68.10 10.57 4.69
C ALA DA 28 -67.09 9.51 5.14
N PRO DA 29 -66.83 8.49 4.30
CA PRO DA 29 -65.93 7.41 4.74
C PRO DA 29 -64.48 7.84 4.76
N THR DA 30 -64.08 8.65 3.80
CA THR DA 30 -62.76 9.23 3.77
C THR DA 30 -62.82 10.68 4.22
N ALA DA 31 -61.64 11.27 4.45
CA ALA DA 31 -61.58 12.68 4.78
C ALA DA 31 -61.65 13.56 3.54
N LEU DA 32 -61.58 12.96 2.36
CA LEU DA 32 -61.62 13.69 1.10
C LEU DA 32 -62.96 13.52 0.39
N GLY DA 33 -64.00 13.14 1.13
CA GLY DA 33 -65.32 12.97 0.56
C GLY DA 33 -66.35 13.79 1.31
N LYS DA 34 -67.40 14.17 0.59
CA LYS DA 34 -68.58 14.78 1.18
C LYS DA 34 -69.75 13.85 0.91
N GLN DA 35 -70.46 13.47 1.98
CA GLN DA 35 -71.54 12.50 1.86
C GLN DA 35 -72.82 13.08 2.42
N HIS DA 36 -73.91 12.86 1.72
CA HIS DA 36 -75.24 13.10 2.25
C HIS DA 36 -76.02 11.79 2.22
N ALA DA 37 -77.08 11.71 3.01
CA ALA DA 37 -77.95 10.55 3.00
C ALA DA 37 -79.40 10.98 2.85
N VAL DA 38 -80.17 10.19 2.11
CA VAL DA 38 -81.54 10.55 1.79
C VAL DA 38 -82.39 10.21 3.01
N THR DA 39 -82.73 11.23 3.81
CA THR DA 39 -83.50 11.01 5.02
C THR DA 39 -85.00 10.89 4.74
N ALA DA 40 -85.50 11.53 3.68
CA ALA DA 40 -86.93 11.45 3.38
C ALA DA 40 -87.16 11.74 1.90
N THR DA 41 -88.30 11.26 1.40
CA THR DA 41 -88.70 11.44 0.00
C THR DA 41 -89.99 12.23 -0.07
N GLY DA 42 -90.07 13.12 -1.05
CA GLY DA 42 -91.30 13.79 -1.41
C GLY DA 42 -91.66 13.48 -2.84
N GLY DA 43 -92.92 13.68 -3.21
CA GLY DA 43 -93.42 13.31 -4.52
C GLY DA 43 -94.15 11.98 -4.50
N THR DA 44 -94.76 11.65 -5.64
CA THR DA 44 -95.52 10.41 -5.78
C THR DA 44 -94.61 9.32 -6.32
N GLN DA 45 -93.77 8.80 -5.43
CA GLN DA 45 -92.90 7.65 -5.70
C GLN DA 45 -93.23 6.63 -4.62
N THR DA 46 -94.18 5.76 -4.92
CA THR DA 46 -94.71 4.87 -3.90
C THR DA 46 -93.78 3.68 -3.72
N GLY DA 47 -93.49 3.34 -2.46
CA GLY DA 47 -92.63 2.22 -2.13
C GLY DA 47 -91.18 2.56 -1.94
N VAL DA 48 -90.78 3.80 -2.22
CA VAL DA 48 -89.38 4.18 -2.12
C VAL DA 48 -88.96 4.25 -0.66
N THR DA 49 -87.94 3.48 -0.29
CA THR DA 49 -87.45 3.44 1.08
C THR DA 49 -86.28 4.38 1.27
N THR DA 50 -86.29 5.12 2.38
CA THR DA 50 -85.23 6.07 2.69
C THR DA 50 -84.04 5.34 3.30
N HIS DA 51 -83.05 6.12 3.76
CA HIS DA 51 -81.83 5.52 4.30
C HIS DA 51 -82.12 4.85 5.63
N SER DA 52 -81.76 3.57 5.72
CA SER DA 52 -81.79 2.81 6.95
C SER DA 52 -80.42 2.16 7.12
N VAL DA 53 -80.18 1.59 8.30
CA VAL DA 53 -78.94 0.87 8.51
C VAL DA 53 -78.91 -0.37 7.61
N SER DA 54 -80.06 -1.03 7.47
CA SER DA 54 -80.10 -2.27 6.68
C SER DA 54 -80.05 -1.98 5.19
N SER DA 55 -80.71 -0.92 4.73
CA SER DA 55 -80.76 -0.55 3.31
C SER DA 55 -80.42 0.92 3.15
N PRO DA 56 -79.20 1.24 2.73
CA PRO DA 56 -78.77 2.65 2.72
C PRO DA 56 -79.24 3.39 1.47
N PHE DA 57 -79.28 4.71 1.60
CA PHE DA 57 -79.54 5.64 0.49
C PHE DA 57 -78.54 6.79 0.69
N THR DA 58 -77.40 6.68 0.02
CA THR DA 58 -76.27 7.57 0.27
C THR DA 58 -75.69 8.11 -1.03
N ILE DA 59 -75.28 9.38 -0.98
CA ILE DA 59 -74.73 10.10 -2.12
C ILE DA 59 -73.40 10.70 -1.67
N THR DA 60 -72.30 10.13 -2.14
CA THR DA 60 -70.97 10.54 -1.68
C THR DA 60 -70.09 10.94 -2.86
N PHE DA 61 -69.36 12.05 -2.71
CA PHE DA 61 -68.51 12.59 -3.77
C PHE DA 61 -67.12 12.81 -3.21
N THR DA 62 -66.13 12.23 -3.88
CA THR DA 62 -64.76 12.18 -3.38
C THR DA 62 -63.79 12.75 -4.40
N ARG DA 63 -62.76 13.44 -3.92
CA ARG DA 63 -61.66 13.93 -4.71
C ARG DA 63 -60.41 13.10 -4.45
N PRO DA 64 -59.47 13.05 -5.39
CA PRO DA 64 -58.32 12.16 -5.22
C PRO DA 64 -57.42 12.59 -4.06
N LYS DA 65 -56.73 11.59 -3.50
CA LYS DA 65 -55.82 11.84 -2.39
C LYS DA 65 -54.69 12.79 -2.80
N THR DA 66 -54.02 12.47 -3.91
CA THR DA 66 -52.89 13.24 -4.40
C THR DA 66 -53.18 13.74 -5.82
N MET DA 67 -53.17 15.06 -6.00
CA MET DA 67 -53.30 15.63 -7.33
C MET DA 67 -52.04 15.40 -8.13
N LYS DA 68 -52.19 15.33 -9.45
CA LYS DA 68 -51.06 15.09 -10.35
C LYS DA 68 -50.87 16.27 -11.30
N THR DA 69 -49.62 16.76 -11.38
CA THR DA 69 -49.25 17.87 -12.24
C THR DA 69 -48.85 17.35 -13.61
N VAL DA 70 -48.90 18.24 -14.61
CA VAL DA 70 -48.80 17.83 -16.00
C VAL DA 70 -47.40 17.30 -16.32
N GLY DA 71 -46.36 17.87 -15.74
CA GLY DA 71 -45.01 17.45 -16.02
C GLY DA 71 -44.31 18.37 -17.01
N VAL DA 72 -43.02 18.12 -17.19
CA VAL DA 72 -42.13 19.01 -17.94
C VAL DA 72 -41.81 18.36 -19.27
N PRO DA 73 -41.91 19.09 -20.39
CA PRO DA 73 -41.58 18.50 -21.69
C PRO DA 73 -40.09 18.22 -21.79
N ASN DA 74 -39.76 17.15 -22.54
CA ASN DA 74 -38.39 16.73 -22.72
C ASN DA 74 -37.77 17.46 -23.92
N SER DA 75 -36.59 16.99 -24.35
CA SER DA 75 -35.86 17.65 -25.42
C SER DA 75 -36.66 17.73 -26.70
N ASN DA 76 -37.45 16.69 -27.00
CA ASN DA 76 -38.29 16.68 -28.20
C ASN DA 76 -39.52 17.56 -28.08
N GLY DA 77 -39.78 18.15 -26.91
CA GLY DA 77 -41.00 18.87 -26.69
C GLY DA 77 -42.16 18.02 -26.23
N VAL DA 78 -41.91 16.76 -25.89
CA VAL DA 78 -42.95 15.80 -25.56
C VAL DA 78 -42.98 15.56 -24.05
N ILE DA 79 -44.19 15.53 -23.49
CA ILE DA 79 -44.39 15.22 -22.08
C ILE DA 79 -44.61 13.72 -21.93
N THR DA 80 -43.80 13.10 -21.08
CA THR DA 80 -43.64 11.64 -21.12
C THR DA 80 -44.88 10.93 -20.62
N ASN DA 81 -45.42 11.33 -19.47
CA ASN DA 81 -46.54 10.62 -18.87
C ASN DA 81 -47.55 11.60 -18.32
N ILE DA 82 -48.79 11.50 -18.81
CA ILE DA 82 -49.88 12.34 -18.36
C ILE DA 82 -50.72 11.50 -17.42
N GLY DA 83 -50.48 11.67 -16.12
CA GLY DA 83 -51.37 11.09 -15.14
C GLY DA 83 -52.77 11.67 -15.25
N ARG DA 84 -53.71 11.07 -14.53
CA ARG DA 84 -55.10 11.52 -14.57
C ARG DA 84 -55.67 11.51 -13.16
N ASN DA 85 -56.19 12.66 -12.72
CA ASN DA 85 -56.88 12.72 -11.42
C ASN DA 85 -58.34 12.40 -11.67
N THR DA 86 -58.89 11.45 -10.89
CA THR DA 86 -60.26 10.97 -11.02
C THR DA 86 -61.07 11.36 -9.80
N TYR DA 87 -62.21 11.99 -10.03
CA TYR DA 87 -63.16 12.32 -8.99
C TYR DA 87 -64.30 11.32 -9.05
N GLY DA 88 -64.84 10.96 -7.88
CA GLY DA 88 -65.82 9.88 -7.80
C GLY DA 88 -67.14 10.22 -7.15
N PHE DA 89 -68.25 9.92 -7.82
CA PHE DA 89 -69.59 10.23 -7.34
C PHE DA 89 -70.36 8.92 -7.25
N LEU DA 90 -70.83 8.57 -6.05
CA LEU DA 90 -71.39 7.25 -5.88
C LEU DA 90 -72.65 7.28 -5.03
N VAL DA 91 -73.69 6.61 -5.53
CA VAL DA 91 -74.97 6.48 -4.87
C VAL DA 91 -75.17 5.01 -4.53
N ARG DA 92 -75.51 4.75 -3.28
CA ARG DA 92 -75.84 3.40 -2.80
C ARG DA 92 -77.28 3.36 -2.34
N LYS DA 93 -78.04 2.37 -2.83
CA LYS DA 93 -79.46 2.28 -2.52
C LYS DA 93 -79.84 0.88 -2.09
N GLY DA 94 -80.54 0.79 -0.96
CA GLY DA 94 -81.04 -0.49 -0.49
C GLY DA 94 -82.19 -0.98 -1.36
N VAL DA 95 -82.04 -2.15 -1.97
CA VAL DA 95 -83.02 -2.71 -2.90
C VAL DA 95 -83.22 -4.17 -2.56
N ILE DA 96 -84.47 -4.62 -2.53
CA ILE DA 96 -84.79 -5.96 -2.03
C ILE DA 96 -84.97 -6.91 -3.21
N PRO DA 97 -84.17 -7.98 -3.31
CA PRO DA 97 -84.27 -8.83 -4.52
C PRO DA 97 -85.43 -9.82 -4.51
N ALA DA 98 -85.76 -10.44 -3.39
CA ALA DA 98 -86.81 -11.45 -3.42
C ALA DA 98 -87.89 -11.15 -2.40
N VAL DA 99 -88.77 -12.13 -2.22
CA VAL DA 99 -89.97 -11.91 -1.42
C VAL DA 99 -89.60 -11.79 0.05
N ASN DA 100 -88.57 -12.51 0.49
CA ASN DA 100 -88.19 -12.42 1.90
C ASN DA 100 -86.69 -12.26 2.08
N GLN DA 101 -85.98 -11.77 1.07
CA GLN DA 101 -84.53 -11.69 1.15
C GLN DA 101 -84.06 -10.40 1.83
N SER DA 102 -82.82 -10.46 2.31
CA SER DA 102 -82.17 -9.29 2.87
C SER DA 102 -81.88 -8.27 1.77
N PRO DA 103 -81.92 -6.98 2.09
CA PRO DA 103 -81.68 -5.96 1.06
C PRO DA 103 -80.25 -6.04 0.52
N GLN DA 104 -80.15 -5.97 -0.80
CA GLN DA 104 -78.93 -5.80 -1.59
C GLN DA 104 -78.70 -4.33 -1.88
N VAL DA 105 -77.47 -3.99 -2.23
CA VAL DA 105 -77.11 -2.59 -2.45
C VAL DA 105 -77.00 -2.35 -3.95
N MET DA 106 -78.06 -1.83 -4.55
CA MET DA 106 -77.90 -1.27 -5.89
C MET DA 106 -76.89 -0.14 -5.81
N LEU DA 107 -76.15 0.05 -6.91
CA LEU DA 107 -75.00 0.92 -6.85
C LEU DA 107 -74.86 1.68 -8.17
N VAL DA 108 -74.92 3.02 -8.11
CA VAL DA 108 -74.73 3.87 -9.29
C VAL DA 108 -73.46 4.67 -9.04
N ARG DA 109 -72.44 4.45 -9.84
CA ARG DA 109 -71.16 5.11 -9.60
C ARG DA 109 -70.61 5.77 -10.85
N VAL DA 110 -70.19 7.01 -10.71
CA VAL DA 110 -69.63 7.84 -11.76
C VAL DA 110 -68.18 8.09 -11.41
N GLU DA 111 -67.33 8.09 -12.45
CA GLU DA 111 -65.92 8.43 -12.33
C GLU DA 111 -65.57 9.44 -13.40
N ILE DA 112 -64.97 10.54 -12.99
CA ILE DA 112 -64.60 11.63 -13.87
C ILE DA 112 -63.07 11.67 -13.86
N SER DA 113 -62.44 11.17 -14.92
CA SER DA 113 -60.98 11.16 -15.04
C SER DA 113 -60.54 12.33 -15.92
N VAL DA 114 -59.85 13.27 -15.30
CA VAL DA 114 -59.33 14.47 -15.96
C VAL DA 114 -57.82 14.30 -16.12
N PRO DA 115 -57.27 14.44 -17.32
CA PRO DA 115 -55.82 14.35 -17.48
C PRO DA 115 -55.12 15.53 -16.83
N ALA DA 116 -53.81 15.36 -16.71
CA ALA DA 116 -53.03 16.16 -15.77
C ALA DA 116 -53.03 17.64 -16.14
N GLY DA 117 -52.85 17.94 -17.41
CA GLY DA 117 -52.66 19.30 -17.86
C GLY DA 117 -53.95 19.93 -18.29
N ALA DA 118 -54.96 19.08 -18.45
CA ALA DA 118 -56.28 19.49 -18.95
C ALA DA 118 -56.87 20.61 -18.12
N ASP DA 119 -56.93 20.41 -16.80
CA ASP DA 119 -57.67 21.28 -15.89
C ASP DA 119 -57.29 22.74 -16.03
N THR DA 120 -56.06 23.00 -16.47
CA THR DA 120 -55.56 24.34 -16.69
C THR DA 120 -55.57 24.74 -18.16
N TYR DA 121 -54.95 23.94 -19.03
CA TYR DA 121 -54.77 24.37 -20.41
C TYR DA 121 -56.09 24.38 -21.18
N ASP DA 122 -56.90 23.33 -21.04
CA ASP DA 122 -58.14 23.18 -21.82
C ASP DA 122 -59.29 22.89 -20.86
N ALA DA 123 -59.82 23.95 -20.26
CA ALA DA 123 -60.90 23.77 -19.30
C ALA DA 123 -62.25 23.71 -19.97
N ALA DA 124 -62.40 24.37 -21.12
CA ALA DA 124 -63.68 24.39 -21.81
C ALA DA 124 -64.08 22.99 -22.25
N ASN DA 125 -63.12 22.18 -22.70
CA ASN DA 125 -63.46 20.84 -23.16
C ASN DA 125 -63.80 19.91 -22.00
N VAL DA 126 -63.11 20.07 -20.87
CA VAL DA 126 -63.49 19.34 -19.66
C VAL DA 126 -64.93 19.67 -19.28
N LYS DA 127 -65.24 20.96 -19.15
CA LYS DA 127 -66.59 21.37 -18.79
C LYS DA 127 -67.61 20.84 -19.80
N ALA DA 128 -67.22 20.78 -21.08
CA ALA DA 128 -68.13 20.33 -22.12
C ALA DA 128 -68.41 18.84 -22.01
N ALA DA 129 -67.38 18.04 -21.73
CA ALA DA 129 -67.60 16.61 -21.51
C ALA DA 129 -68.54 16.38 -20.34
N LEU DA 130 -68.34 17.12 -19.26
CA LEU DA 130 -69.22 16.97 -18.10
C LEU DA 130 -70.66 17.37 -18.43
N SER DA 131 -70.84 18.50 -19.12
CA SER DA 131 -72.19 18.98 -19.40
C SER DA 131 -72.89 18.06 -20.39
N ALA DA 132 -72.17 17.49 -21.34
CA ALA DA 132 -72.80 16.55 -22.27
C ALA DA 132 -73.17 15.25 -21.57
N ALA DA 133 -72.27 14.70 -20.74
CA ALA DA 133 -72.58 13.49 -20.01
C ALA DA 133 -73.81 13.66 -19.12
N ILE DA 134 -73.80 14.72 -18.29
CA ILE DA 134 -74.93 14.92 -17.37
C ILE DA 134 -76.20 15.33 -18.12
N GLY DA 135 -76.09 16.06 -19.23
CA GLY DA 135 -77.27 16.43 -19.99
C GLY DA 135 -77.93 15.23 -20.64
N VAL DA 136 -77.14 14.31 -21.17
CA VAL DA 136 -77.71 13.07 -21.72
C VAL DA 136 -78.31 12.23 -20.61
N LEU DA 137 -77.66 12.18 -19.44
CA LEU DA 137 -78.22 11.41 -18.32
C LEU DA 137 -79.58 11.97 -17.89
N SER DA 138 -79.68 13.30 -17.75
CA SER DA 138 -80.95 13.87 -17.31
C SER DA 138 -82.01 13.79 -18.41
N GLN DA 139 -81.60 13.87 -19.69
CA GLN DA 139 -82.57 13.72 -20.77
C GLN DA 139 -83.15 12.32 -20.81
N GLN DA 140 -82.29 11.31 -20.64
CA GLN DA 140 -82.69 9.92 -20.74
C GLN DA 140 -82.82 9.25 -19.38
N SER DA 141 -83.16 9.99 -18.34
CA SER DA 141 -83.25 9.38 -17.01
C SER DA 141 -84.37 8.35 -16.96
N ALA DA 142 -85.56 8.73 -17.42
CA ALA DA 142 -86.69 7.80 -17.41
C ALA DA 142 -86.38 6.59 -18.28
N GLY DA 143 -85.76 6.80 -19.44
CA GLY DA 143 -85.46 5.70 -20.33
C GLY DA 143 -84.38 4.78 -19.79
N ILE DA 144 -83.40 5.32 -19.07
CA ILE DA 144 -82.38 4.49 -18.45
C ILE DA 144 -82.96 3.69 -17.29
N GLY DA 145 -83.92 4.26 -16.56
CA GLY DA 145 -84.66 3.44 -15.59
C GLY DA 145 -85.41 2.31 -16.26
N ASP DA 146 -86.16 2.64 -17.33
CA ASP DA 146 -86.85 1.62 -18.10
C ASP DA 146 -85.90 0.52 -18.56
N THR DA 147 -84.70 0.89 -18.96
CA THR DA 147 -83.70 -0.09 -19.38
C THR DA 147 -83.20 -0.92 -18.20
N ALA DA 148 -82.92 -0.26 -17.07
CA ALA DA 148 -82.40 -0.96 -15.90
C ALA DA 148 -83.39 -1.98 -15.37
N LEU DA 149 -84.68 -1.76 -15.63
CA LEU DA 149 -85.68 -2.73 -15.20
C LEU DA 149 -86.02 -3.75 -16.29
N SER DA 150 -86.01 -3.33 -17.55
CA SER DA 150 -86.48 -4.18 -18.64
C SER DA 150 -85.40 -5.10 -19.18
N GLY DA 151 -84.14 -4.67 -19.16
CA GLY DA 151 -83.15 -5.27 -20.02
C GLY DA 151 -83.23 -4.83 -21.45
N ILE DA 152 -84.11 -3.88 -21.74
CA ILE DA 152 -84.35 -3.43 -23.12
C ILE DA 152 -83.47 -2.22 -23.37
N LEU DA 153 -82.68 -2.29 -24.43
CA LEU DA 153 -81.83 -1.19 -24.83
C LEU DA 153 -82.42 -0.49 -26.09
N ALA EA 1 -59.48 1.64 -72.71
CA ALA EA 1 -59.52 3.01 -73.20
C ALA EA 1 -59.42 4.03 -72.06
N TYR EA 2 -58.27 4.04 -71.37
CA TYR EA 2 -58.02 4.93 -70.23
C TYR EA 2 -57.05 6.03 -70.66
N SER EA 3 -57.55 7.28 -70.75
CA SER EA 3 -56.73 8.43 -71.15
C SER EA 3 -57.29 9.69 -70.50
N PRO EA 4 -56.68 10.16 -69.41
CA PRO EA 4 -57.17 11.35 -68.72
C PRO EA 4 -56.88 12.64 -69.48
N SER EA 5 -57.55 13.71 -69.06
CA SER EA 5 -57.45 15.03 -69.66
C SER EA 5 -56.52 15.94 -68.85
N THR EA 6 -56.04 17.01 -69.50
CA THR EA 6 -55.00 17.83 -68.89
C THR EA 6 -55.46 18.49 -67.60
N PRO EA 7 -56.53 19.29 -67.58
CA PRO EA 7 -57.15 19.63 -66.29
C PRO EA 7 -58.24 18.64 -65.92
N VAL EA 8 -58.06 17.92 -64.81
CA VAL EA 8 -59.08 17.02 -64.30
C VAL EA 8 -59.92 17.80 -63.31
N THR EA 9 -61.22 17.84 -63.57
CA THR EA 9 -62.16 18.47 -62.65
C THR EA 9 -62.26 17.57 -61.42
N GLY EA 10 -61.62 17.97 -60.32
CA GLY EA 10 -61.59 17.13 -59.14
C GLY EA 10 -62.93 17.09 -58.44
N ALA EA 11 -63.24 15.93 -57.86
CA ALA EA 11 -64.53 15.74 -57.23
C ALA EA 11 -64.69 16.69 -56.05
N ALA EA 12 -65.93 17.03 -55.75
CA ALA EA 12 -66.19 18.04 -54.73
C ALA EA 12 -65.63 17.59 -53.39
N GLN EA 13 -65.01 18.51 -52.68
CA GLN EA 13 -64.51 18.27 -51.33
C GLN EA 13 -64.89 19.44 -50.45
N THR EA 14 -64.78 19.23 -49.14
CA THR EA 14 -65.44 20.10 -48.17
C THR EA 14 -64.91 21.53 -48.25
N GLY EA 15 -63.59 21.70 -48.09
CA GLY EA 15 -63.04 23.03 -48.14
C GLY EA 15 -62.61 23.53 -49.52
N PHE EA 16 -62.90 22.79 -50.57
CA PHE EA 16 -62.38 23.12 -51.90
C PHE EA 16 -63.42 23.82 -52.75
N THR EA 17 -63.00 24.90 -53.41
CA THR EA 17 -63.86 25.63 -54.34
C THR EA 17 -63.33 25.38 -55.75
N SER EA 18 -64.14 24.72 -56.57
CA SER EA 18 -63.82 24.42 -57.97
C SER EA 18 -62.40 23.87 -58.15
N PRO EA 19 -62.10 22.70 -57.57
CA PRO EA 19 -60.72 22.19 -57.65
C PRO EA 19 -60.43 21.45 -58.95
N THR EA 20 -59.28 21.73 -59.54
CA THR EA 20 -58.82 21.07 -60.75
C THR EA 20 -57.37 20.64 -60.54
N TYR EA 21 -56.97 19.55 -61.20
CA TYR EA 21 -55.62 19.02 -61.07
C TYR EA 21 -55.02 18.85 -62.45
N THR EA 22 -53.85 19.45 -62.67
CA THR EA 22 -53.14 19.35 -63.94
C THR EA 22 -52.29 18.09 -63.92
N LEU EA 23 -52.48 17.21 -64.91
CA LEU EA 23 -51.73 15.97 -64.99
C LEU EA 23 -50.60 16.11 -65.99
N THR EA 24 -49.42 15.62 -65.60
CA THR EA 24 -48.29 15.49 -66.49
C THR EA 24 -48.00 14.01 -66.69
N SER EA 25 -47.69 13.62 -67.93
CA SER EA 25 -47.53 12.21 -68.23
C SER EA 25 -46.28 11.67 -67.56
N ASP EA 26 -46.38 10.46 -67.01
CA ASP EA 26 -45.29 9.83 -66.29
C ASP EA 26 -45.14 8.39 -66.77
N THR EA 27 -43.93 7.85 -66.64
CA THR EA 27 -43.70 6.45 -66.96
C THR EA 27 -44.11 5.58 -65.77
N ALA EA 28 -44.85 4.52 -66.05
CA ALA EA 28 -45.45 3.68 -65.03
C ALA EA 28 -44.45 2.65 -64.49
N PRO EA 29 -44.73 2.02 -63.33
CA PRO EA 29 -43.76 1.08 -62.75
C PRO EA 29 -43.72 -0.26 -63.44
N THR EA 30 -44.87 -0.73 -63.91
CA THR EA 30 -44.95 -1.92 -64.74
C THR EA 30 -45.11 -1.52 -66.20
N ALA EA 31 -44.93 -2.50 -67.08
CA ALA EA 31 -45.22 -2.32 -68.49
C ALA EA 31 -46.71 -2.46 -68.79
N LEU EA 32 -47.53 -2.73 -67.78
CA LEU EA 32 -48.96 -2.89 -67.92
C LEU EA 32 -49.73 -1.72 -67.32
N GLY EA 33 -49.05 -0.62 -67.06
CA GLY EA 33 -49.67 0.52 -66.41
C GLY EA 33 -49.48 1.80 -67.20
N LYS EA 34 -50.47 2.67 -67.06
CA LYS EA 34 -50.38 4.05 -67.52
C LYS EA 34 -50.47 4.95 -66.28
N GLN EA 35 -49.48 5.82 -66.11
CA GLN EA 35 -49.39 6.62 -64.90
C GLN EA 35 -49.21 8.10 -65.24
N HIS EA 36 -49.97 8.95 -64.54
CA HIS EA 36 -49.78 10.38 -64.60
C HIS EA 36 -49.41 10.90 -63.22
N ALA EA 37 -48.72 12.02 -63.18
CA ALA EA 37 -48.39 12.68 -61.92
C ALA EA 37 -49.05 14.05 -61.87
N VAL EA 38 -49.50 14.45 -60.69
CA VAL EA 38 -50.19 15.74 -60.53
C VAL EA 38 -49.11 16.80 -60.37
N THR EA 39 -48.83 17.51 -61.48
CA THR EA 39 -47.75 18.49 -61.47
C THR EA 39 -48.18 19.83 -60.89
N ALA EA 40 -49.46 20.16 -60.91
CA ALA EA 40 -49.94 21.44 -60.36
C ALA EA 40 -51.43 21.36 -60.06
N THR EA 41 -51.88 22.23 -59.15
CA THR EA 41 -53.27 22.30 -58.74
C THR EA 41 -53.86 23.67 -59.07
N GLY EA 42 -55.11 23.67 -59.52
CA GLY EA 42 -55.86 24.89 -59.69
C GLY EA 42 -57.11 24.84 -58.85
N GLY EA 43 -57.71 25.99 -58.58
CA GLY EA 43 -58.83 26.08 -57.67
C GLY EA 43 -58.40 26.52 -56.28
N THR EA 44 -59.38 26.74 -55.42
CA THR EA 44 -59.13 27.21 -54.06
C THR EA 44 -59.07 26.00 -53.12
N GLN EA 45 -57.92 25.32 -53.16
CA GLN EA 45 -57.60 24.21 -52.27
C GLN EA 45 -56.27 24.58 -51.62
N THR EA 46 -56.35 25.29 -50.50
CA THR EA 46 -55.15 25.85 -49.91
C THR EA 46 -54.40 24.78 -49.13
N GLY EA 47 -53.08 24.74 -49.32
CA GLY EA 47 -52.23 23.78 -48.65
C GLY EA 47 -51.95 22.51 -49.43
N VAL EA 48 -52.64 22.29 -50.54
CA VAL EA 48 -52.47 21.05 -51.30
C VAL EA 48 -51.11 21.06 -51.96
N THR EA 49 -50.33 19.99 -51.72
CA THR EA 49 -48.99 19.86 -52.26
C THR EA 49 -49.01 18.97 -53.51
N THR EA 50 -48.24 19.36 -54.52
CA THR EA 50 -48.18 18.62 -55.76
C THR EA 50 -47.13 17.52 -55.67
N HIS EA 51 -46.95 16.79 -56.77
CA HIS EA 51 -46.02 15.66 -56.79
C HIS EA 51 -44.59 16.12 -56.57
N SER EA 52 -43.97 15.58 -55.54
CA SER EA 52 -42.56 15.78 -55.24
C SER EA 52 -41.91 14.42 -55.09
N VAL EA 53 -40.57 14.42 -55.07
CA VAL EA 53 -39.87 13.17 -54.81
C VAL EA 53 -40.20 12.69 -53.40
N SER EA 54 -40.24 13.62 -52.44
CA SER EA 54 -40.48 13.23 -51.06
C SER EA 54 -41.92 12.84 -50.82
N SER EA 55 -42.88 13.55 -51.43
CA SER EA 55 -44.31 13.30 -51.25
C SER EA 55 -44.99 13.21 -52.60
N PRO EA 56 -45.30 12.00 -53.07
CA PRO EA 56 -45.80 11.84 -54.43
C PRO EA 56 -47.29 12.15 -54.55
N PHE EA 57 -47.69 12.47 -55.77
CA PHE EA 57 -49.10 12.62 -56.15
C PHE EA 57 -49.24 11.95 -57.51
N THR EA 58 -49.64 10.67 -57.51
CA THR EA 58 -49.61 9.85 -58.72
C THR EA 58 -50.90 9.08 -58.91
N ILE EA 59 -51.29 8.91 -60.16
CA ILE EA 59 -52.51 8.26 -60.57
C ILE EA 59 -52.13 7.21 -61.62
N THR EA 60 -52.14 5.94 -61.24
CA THR EA 60 -51.69 4.85 -62.10
C THR EA 60 -52.81 3.82 -62.31
N PHE EA 61 -52.95 3.34 -63.54
CA PHE EA 61 -54.00 2.38 -63.91
C PHE EA 61 -53.36 1.22 -64.65
N THR EA 62 -53.63 0.00 -64.18
CA THR EA 62 -52.93 -1.20 -64.62
C THR EA 62 -53.91 -2.28 -65.03
N ARG EA 63 -53.54 -3.03 -66.06
CA ARG EA 63 -54.25 -4.22 -66.51
C ARG EA 63 -53.54 -5.47 -66.03
N PRO EA 64 -54.20 -6.62 -66.01
CA PRO EA 64 -53.55 -7.85 -65.53
C PRO EA 64 -52.50 -8.36 -66.51
N LYS EA 65 -51.52 -9.07 -65.95
CA LYS EA 65 -50.42 -9.60 -66.77
C LYS EA 65 -50.95 -10.56 -67.83
N THR EA 66 -51.83 -11.48 -67.42
CA THR EA 66 -52.37 -12.49 -68.31
C THR EA 66 -53.89 -12.47 -68.21
N MET EA 67 -54.56 -12.38 -69.37
CA MET EA 67 -56.00 -12.45 -69.42
C MET EA 67 -56.48 -13.88 -69.20
N LYS EA 68 -57.67 -14.00 -68.63
CA LYS EA 68 -58.23 -15.31 -68.30
C LYS EA 68 -59.44 -15.56 -69.19
N THR EA 69 -59.40 -16.69 -69.90
CA THR EA 69 -60.56 -17.14 -70.65
C THR EA 69 -61.36 -18.11 -69.79
N VAL EA 70 -62.64 -18.26 -70.14
CA VAL EA 70 -63.55 -19.00 -69.28
C VAL EA 70 -63.59 -20.47 -69.67
N GLY EA 83 -62.43 -17.92 -62.36
CA GLY EA 83 -61.34 -17.01 -62.64
C GLY EA 83 -61.78 -15.56 -62.78
N ARG EA 84 -60.84 -14.62 -62.59
CA ARG EA 84 -61.18 -13.20 -62.64
C ARG EA 84 -60.04 -12.38 -63.24
N ASN EA 85 -60.38 -11.39 -64.06
CA ASN EA 85 -59.43 -10.38 -64.52
C ASN EA 85 -59.66 -9.13 -63.68
N THR EA 86 -58.64 -8.69 -62.93
CA THR EA 86 -58.75 -7.52 -62.07
C THR EA 86 -57.91 -6.38 -62.63
N TYR EA 87 -58.55 -5.22 -62.82
CA TYR EA 87 -57.88 -4.01 -63.24
C TYR EA 87 -57.71 -3.09 -62.03
N GLY EA 88 -56.58 -2.39 -61.98
CA GLY EA 88 -56.24 -1.62 -60.79
C GLY EA 88 -55.99 -0.15 -61.00
N PHE EA 89 -56.66 0.69 -60.21
CA PHE EA 89 -56.53 2.14 -60.31
C PHE EA 89 -56.08 2.67 -58.95
N LEU EA 90 -54.90 3.30 -58.90
CA LEU EA 90 -54.32 3.62 -57.61
C LEU EA 90 -53.75 5.03 -57.59
N VAL EA 91 -54.07 5.76 -56.52
CA VAL EA 91 -53.63 7.13 -56.30
C VAL EA 91 -52.79 7.14 -55.04
N ARG EA 92 -51.59 7.71 -55.15
CA ARG EA 92 -50.67 7.88 -54.02
C ARG EA 92 -50.48 9.36 -53.75
N LYS EA 93 -50.64 9.77 -52.48
CA LYS EA 93 -50.54 11.18 -52.12
C LYS EA 93 -49.64 11.37 -50.91
N GLY EA 94 -48.70 12.30 -51.04
CA GLY EA 94 -47.86 12.65 -49.92
C GLY EA 94 -48.65 13.43 -48.86
N VAL EA 95 -48.73 12.89 -47.64
CA VAL EA 95 -49.49 13.47 -46.54
C VAL EA 95 -48.62 13.47 -45.30
N ILE EA 96 -48.61 14.58 -44.57
CA ILE EA 96 -47.63 14.75 -43.48
C ILE EA 96 -48.34 14.48 -42.15
N PRO EA 97 -47.90 13.48 -41.37
CA PRO EA 97 -48.67 13.13 -40.16
C PRO EA 97 -48.44 14.05 -38.97
N ALA EA 98 -47.23 14.52 -38.73
CA ALA EA 98 -47.02 15.35 -37.55
C ALA EA 98 -46.31 16.65 -37.90
N VAL EA 99 -46.03 17.40 -36.84
CA VAL EA 99 -45.58 18.78 -36.99
C VAL EA 99 -44.25 18.84 -37.71
N ASN EA 100 -43.38 17.84 -37.52
CA ASN EA 100 -42.10 17.86 -38.20
C ASN EA 100 -41.76 16.53 -38.86
N GLN EA 101 -42.73 15.65 -39.05
CA GLN EA 101 -42.42 14.31 -39.52
C GLN EA 101 -42.26 14.24 -41.04
N SER EA 102 -41.65 13.13 -41.47
CA SER EA 102 -41.52 12.84 -42.88
C SER EA 102 -42.88 12.53 -43.48
N PRO EA 103 -43.08 12.83 -44.76
CA PRO EA 103 -44.37 12.56 -45.39
C PRO EA 103 -44.62 11.06 -45.50
N GLN EA 104 -45.83 10.65 -45.11
CA GLN EA 104 -46.43 9.34 -45.31
C GLN EA 104 -47.24 9.34 -46.60
N VAL EA 105 -47.51 8.14 -47.12
CA VAL EA 105 -48.20 8.01 -48.39
C VAL EA 105 -49.65 7.59 -48.10
N MET EA 106 -50.57 8.56 -48.14
CA MET EA 106 -51.97 8.18 -48.22
C MET EA 106 -52.21 7.46 -49.54
N LEU EA 107 -53.17 6.54 -49.51
CA LEU EA 107 -53.30 5.61 -50.63
C LEU EA 107 -54.78 5.34 -50.89
N VAL EA 108 -55.22 5.64 -52.11
CA VAL EA 108 -56.60 5.36 -52.53
C VAL EA 108 -56.51 4.37 -53.68
N ARG EA 109 -56.96 3.14 -53.47
CA ARG EA 109 -56.81 2.12 -54.49
C ARG EA 109 -58.13 1.44 -54.80
N VAL EA 110 -58.38 1.26 -56.09
CA VAL EA 110 -59.60 0.66 -56.63
C VAL EA 110 -59.21 -0.60 -57.38
N GLU EA 111 -59.98 -1.65 -57.18
CA GLU EA 111 -59.80 -2.91 -57.90
C GLU EA 111 -61.13 -3.28 -58.54
N ILE EA 112 -61.09 -3.57 -59.83
CA ILE EA 112 -62.24 -3.94 -60.63
C ILE EA 112 -62.03 -5.38 -61.06
N SER EA 113 -62.73 -6.32 -60.42
CA SER EA 113 -62.60 -7.74 -60.72
C SER EA 113 -63.79 -8.16 -61.59
N VAL EA 114 -63.50 -8.42 -62.86
CA VAL EA 114 -64.47 -8.87 -63.84
C VAL EA 114 -64.33 -10.38 -63.98
N PRO EA 115 -65.39 -11.16 -63.76
CA PRO EA 115 -65.33 -12.60 -64.03
C PRO EA 115 -65.02 -12.87 -65.50
N ALA EA 116 -64.71 -14.15 -65.79
CA ALA EA 116 -64.11 -14.50 -67.08
C ALA EA 116 -65.07 -14.28 -68.23
N GLY EA 117 -66.22 -14.96 -68.22
CA GLY EA 117 -67.14 -14.84 -69.34
C GLY EA 117 -67.97 -13.58 -69.33
N ALA EA 118 -67.88 -12.82 -68.24
CA ALA EA 118 -68.65 -11.60 -68.06
C ALA EA 118 -68.41 -10.62 -69.19
N ASP EA 119 -67.14 -10.27 -69.43
CA ASP EA 119 -66.76 -9.20 -70.35
C ASP EA 119 -67.46 -9.32 -71.70
N THR EA 120 -67.73 -10.54 -72.13
CA THR EA 120 -68.36 -10.81 -73.41
C THR EA 120 -69.85 -11.07 -73.28
N TYR EA 121 -70.25 -12.04 -72.44
CA TYR EA 121 -71.64 -12.47 -72.44
C TYR EA 121 -72.55 -11.42 -71.82
N ASP EA 122 -72.13 -10.80 -70.72
CA ASP EA 122 -72.98 -9.83 -70.00
C ASP EA 122 -72.16 -8.56 -69.77
N ALA EA 123 -72.11 -7.71 -70.79
CA ALA EA 123 -71.34 -6.49 -70.68
C ALA EA 123 -72.12 -5.36 -70.04
N ALA EA 124 -73.44 -5.39 -70.17
CA ALA EA 124 -74.26 -4.33 -69.62
C ALA EA 124 -74.17 -4.31 -68.10
N ASN EA 125 -74.17 -5.48 -67.46
CA ASN EA 125 -74.09 -5.51 -66.01
C ASN EA 125 -72.72 -5.09 -65.51
N VAL EA 126 -71.66 -5.43 -66.24
CA VAL EA 126 -70.32 -4.94 -65.92
C VAL EA 126 -70.31 -3.41 -65.93
N LYS EA 127 -70.75 -2.84 -67.05
CA LYS EA 127 -70.78 -1.38 -67.16
C LYS EA 127 -71.66 -0.75 -66.10
N ALA EA 128 -72.73 -1.45 -65.69
CA ALA EA 128 -73.64 -0.90 -64.70
C ALA EA 128 -73.01 -0.91 -63.30
N ALA EA 129 -72.30 -1.97 -62.97
CA ALA EA 129 -71.54 -1.98 -61.72
C ALA EA 129 -70.57 -0.81 -61.66
N LEU EA 130 -69.82 -0.61 -62.75
CA LEU EA 130 -68.88 0.51 -62.77
C LEU EA 130 -69.59 1.85 -62.67
N SER EA 131 -70.72 1.99 -63.36
CA SER EA 131 -71.49 3.24 -63.34
C SER EA 131 -72.02 3.55 -61.95
N ALA EA 132 -72.66 2.56 -61.31
CA ALA EA 132 -73.15 2.76 -59.96
C ALA EA 132 -72.02 3.12 -59.00
N ALA EA 133 -70.92 2.37 -59.06
CA ALA EA 133 -69.81 2.60 -58.14
C ALA EA 133 -69.26 4.01 -58.28
N ILE EA 134 -68.90 4.41 -59.51
CA ILE EA 134 -68.31 5.72 -59.70
C ILE EA 134 -69.34 6.82 -59.45
N GLY EA 135 -70.62 6.56 -59.72
CA GLY EA 135 -71.63 7.58 -59.49
C GLY EA 135 -71.85 7.86 -58.01
N VAL EA 136 -71.90 6.80 -57.20
CA VAL EA 136 -71.99 7.00 -55.75
C VAL EA 136 -70.73 7.66 -55.22
N LEU EA 137 -69.56 7.28 -55.75
CA LEU EA 137 -68.31 7.92 -55.32
C LEU EA 137 -68.32 9.41 -55.59
N SER EA 138 -68.74 9.82 -56.80
CA SER EA 138 -68.75 11.25 -57.12
C SER EA 138 -69.85 11.98 -56.37
N GLN EA 139 -70.98 11.31 -56.10
CA GLN EA 139 -72.05 11.95 -55.34
C GLN EA 139 -71.62 12.23 -53.90
N GLN EA 140 -70.99 11.25 -53.26
CA GLN EA 140 -70.61 11.36 -51.87
C GLN EA 140 -69.15 11.75 -51.69
N SER EA 141 -68.52 12.36 -52.69
CA SER EA 141 -67.09 12.65 -52.58
C SER EA 141 -66.79 13.53 -51.37
N ALA EA 142 -67.56 14.61 -51.22
CA ALA EA 142 -67.37 15.52 -50.10
C ALA EA 142 -67.58 14.79 -48.78
N GLY EA 143 -68.65 14.00 -48.70
CA GLY EA 143 -68.96 13.30 -47.46
C GLY EA 143 -67.95 12.22 -47.12
N ILE EA 144 -67.36 11.59 -48.14
CA ILE EA 144 -66.34 10.57 -47.91
C ILE EA 144 -65.06 11.21 -47.42
N GLY EA 145 -64.73 12.42 -47.90
CA GLY EA 145 -63.64 13.16 -47.28
C GLY EA 145 -63.94 13.52 -45.84
N ASP EA 146 -65.15 14.04 -45.59
CA ASP EA 146 -65.59 14.31 -44.22
C ASP EA 146 -65.42 13.08 -43.34
N THR EA 147 -65.73 11.91 -43.88
CA THR EA 147 -65.58 10.67 -43.12
C THR EA 147 -64.12 10.31 -42.92
N ALA EA 148 -63.29 10.50 -43.96
CA ALA EA 148 -61.87 10.19 -43.86
C ALA EA 148 -61.18 11.03 -42.81
N LEU EA 149 -61.74 12.19 -42.49
CA LEU EA 149 -61.22 13.03 -41.42
C LEU EA 149 -61.93 12.82 -40.08
N SER EA 150 -63.23 12.49 -40.09
CA SER EA 150 -64.01 12.36 -38.86
C SER EA 150 -63.84 10.99 -38.21
N GLY EA 151 -63.75 9.95 -39.01
CA GLY EA 151 -63.86 8.61 -38.51
C GLY EA 151 -65.27 8.09 -38.41
N ILE EA 152 -66.24 8.82 -38.95
CA ILE EA 152 -67.65 8.52 -38.74
C ILE EA 152 -68.38 8.41 -40.07
N LEU EA 153 -69.20 7.38 -40.20
CA LEU EA 153 -70.06 7.17 -41.36
C LEU EA 153 -71.40 7.89 -41.20
N ALA FA 1 -38.52 -3.38 -87.37
CA ALA FA 1 -39.40 -2.46 -88.08
C ALA FA 1 -40.79 -3.09 -88.33
N TYR FA 2 -41.51 -3.39 -87.25
CA TYR FA 2 -42.83 -4.03 -87.33
C TYR FA 2 -43.90 -2.99 -86.97
N SER FA 3 -44.74 -2.64 -87.95
CA SER FA 3 -45.82 -1.66 -87.75
C SER FA 3 -46.96 -1.97 -88.71
N PRO FA 4 -48.00 -2.65 -88.25
CA PRO FA 4 -49.12 -3.01 -89.13
C PRO FA 4 -50.00 -1.81 -89.48
N SER FA 5 -50.86 -2.01 -90.48
CA SER FA 5 -51.72 -0.98 -91.03
C SER FA 5 -53.15 -1.12 -90.51
N THR FA 6 -53.95 -0.06 -90.69
CA THR FA 6 -55.28 -0.03 -90.06
C THR FA 6 -56.18 -1.12 -90.63
N PRO FA 7 -56.47 -1.16 -91.93
CA PRO FA 7 -57.07 -2.37 -92.49
C PRO FA 7 -55.98 -3.32 -92.98
N VAL FA 8 -55.88 -4.49 -92.36
CA VAL FA 8 -55.00 -5.55 -92.84
C VAL FA 8 -55.81 -6.40 -93.79
N THR FA 9 -55.33 -6.56 -95.00
CA THR FA 9 -56.01 -7.41 -95.96
C THR FA 9 -55.66 -8.85 -95.65
N GLY FA 10 -56.65 -9.57 -95.12
CA GLY FA 10 -56.40 -10.92 -94.64
C GLY FA 10 -56.13 -11.88 -95.78
N ALA FA 11 -55.27 -12.84 -95.50
CA ALA FA 11 -54.93 -13.86 -96.49
C ALA FA 11 -56.18 -14.65 -96.87
N ALA FA 12 -56.20 -15.11 -98.11
CA ALA FA 12 -57.41 -15.74 -98.65
C ALA FA 12 -57.78 -16.96 -97.82
N GLN FA 13 -59.08 -17.11 -97.57
CA GLN FA 13 -59.62 -18.28 -96.89
C GLN FA 13 -60.83 -18.77 -97.66
N THR FA 14 -61.25 -20.00 -97.34
CA THR FA 14 -62.15 -20.73 -98.22
C THR FA 14 -63.49 -20.02 -98.37
N GLY FA 15 -64.20 -19.79 -97.27
CA GLY FA 15 -65.48 -19.13 -97.37
C GLY FA 15 -65.47 -17.62 -97.35
N PHE FA 16 -64.30 -16.99 -97.32
CA PHE FA 16 -64.21 -15.54 -97.13
C PHE FA 16 -64.06 -14.85 -98.48
N THR FA 17 -64.83 -13.78 -98.67
CA THR FA 17 -64.72 -12.94 -99.85
C THR FA 17 -64.09 -11.61 -99.43
N SER FA 18 -62.86 -11.38 -99.86
CA SER FA 18 -62.14 -10.12 -99.67
C SER FA 18 -62.10 -9.69 -98.20
N PRO FA 19 -61.51 -10.50 -97.32
CA PRO FA 19 -61.59 -10.20 -95.89
C PRO FA 19 -60.51 -9.20 -95.46
N THR FA 20 -60.92 -8.28 -94.61
CA THR FA 20 -60.02 -7.30 -94.01
C THR FA 20 -60.28 -7.24 -92.51
N TYR FA 21 -59.23 -6.91 -91.76
CA TYR FA 21 -59.32 -6.85 -90.31
C TYR FA 21 -58.79 -5.51 -89.84
N THR FA 22 -59.61 -4.77 -89.08
CA THR FA 22 -59.21 -3.48 -88.54
C THR FA 22 -58.46 -3.69 -87.23
N LEU FA 23 -57.27 -3.09 -87.13
CA LEU FA 23 -56.44 -3.23 -85.96
C LEU FA 23 -56.54 -1.98 -85.11
N THR FA 24 -56.73 -2.16 -83.81
CA THR FA 24 -56.64 -1.10 -82.82
C THR FA 24 -55.42 -1.37 -81.94
N SER FA 25 -54.71 -0.31 -81.55
CA SER FA 25 -53.46 -0.50 -80.83
C SER FA 25 -53.73 -0.93 -79.40
N ASP FA 26 -52.93 -1.89 -78.93
CA ASP FA 26 -53.09 -2.46 -77.59
C ASP FA 26 -51.75 -2.49 -76.89
N THR FA 27 -51.80 -2.48 -75.55
CA THR FA 27 -50.61 -2.62 -74.74
C THR FA 27 -50.24 -4.10 -74.64
N ALA FA 28 -48.96 -4.40 -74.87
CA ALA FA 28 -48.45 -5.77 -74.95
C ALA FA 28 -48.12 -6.32 -73.58
N PRO FA 29 -48.10 -7.65 -73.43
CA PRO FA 29 -47.91 -8.22 -72.08
C PRO FA 29 -46.51 -8.02 -71.54
N THR FA 30 -45.49 -8.25 -72.37
CA THR FA 30 -44.14 -7.90 -71.99
C THR FA 30 -43.85 -6.47 -72.39
N ALA FA 31 -42.76 -5.93 -71.86
CA ALA FA 31 -42.25 -4.67 -72.37
C ALA FA 31 -41.54 -4.85 -73.71
N LEU FA 32 -41.35 -6.09 -74.17
CA LEU FA 32 -40.63 -6.39 -75.39
C LEU FA 32 -41.56 -6.75 -76.54
N GLY FA 33 -42.83 -6.41 -76.43
CA GLY FA 33 -43.78 -6.76 -77.46
C GLY FA 33 -44.55 -5.55 -77.95
N LYS FA 34 -44.95 -5.61 -79.21
CA LYS FA 34 -45.95 -4.74 -79.78
C LYS FA 34 -47.18 -5.58 -80.07
N GLN FA 35 -48.35 -5.12 -79.61
CA GLN FA 35 -49.56 -5.92 -79.74
C GLN FA 35 -50.69 -5.08 -80.30
N HIS FA 36 -51.42 -5.63 -81.26
CA HIS FA 36 -52.65 -5.03 -81.77
C HIS FA 36 -53.81 -5.99 -81.54
N ALA FA 37 -55.01 -5.43 -81.39
CA ALA FA 37 -56.22 -6.22 -81.25
C ALA FA 37 -57.13 -5.98 -82.45
N VAL FA 38 -57.79 -7.03 -82.92
CA VAL FA 38 -58.70 -6.93 -84.06
C VAL FA 38 -60.03 -6.42 -83.52
N THR FA 39 -60.24 -5.10 -83.61
CA THR FA 39 -61.45 -4.48 -83.06
C THR FA 39 -62.67 -4.69 -83.96
N ALA FA 40 -62.48 -4.84 -85.27
CA ALA FA 40 -63.62 -4.98 -86.17
C ALA FA 40 -63.18 -5.69 -87.45
N THR FA 41 -64.15 -6.33 -88.11
CA THR FA 41 -63.89 -7.11 -89.31
C THR FA 41 -64.67 -6.54 -90.49
N GLY FA 42 -64.02 -6.49 -91.66
CA GLY FA 42 -64.67 -6.19 -92.91
C GLY FA 42 -64.51 -7.34 -93.89
N GLY FA 43 -65.30 -7.31 -94.95
CA GLY FA 43 -65.37 -8.40 -95.91
C GLY FA 43 -66.53 -9.33 -95.61
N THR FA 44 -66.78 -10.24 -96.56
CA THR FA 44 -67.86 -11.20 -96.47
C THR FA 44 -67.40 -12.50 -95.79
N GLN FA 45 -67.02 -12.33 -94.53
CA GLN FA 45 -66.75 -13.42 -93.59
C GLN FA 45 -67.85 -13.37 -92.54
N THR FA 46 -68.66 -14.42 -92.50
CA THR FA 46 -69.84 -14.41 -91.65
C THR FA 46 -69.62 -15.33 -90.46
N GLY FA 47 -69.84 -14.79 -89.28
CA GLY FA 47 -69.66 -15.49 -88.05
C GLY FA 47 -68.37 -15.17 -87.34
N VAL FA 48 -67.52 -14.34 -87.92
CA VAL FA 48 -66.22 -14.02 -87.35
C VAL FA 48 -66.41 -13.03 -86.20
N THR FA 49 -65.91 -13.38 -85.01
CA THR FA 49 -66.04 -12.56 -83.82
C THR FA 49 -64.79 -11.73 -83.61
N THR FA 50 -64.97 -10.49 -83.14
CA THR FA 50 -63.87 -9.56 -82.91
C THR FA 50 -63.30 -9.77 -81.50
N HIS FA 51 -62.39 -8.88 -81.10
CA HIS FA 51 -61.62 -9.07 -79.88
C HIS FA 51 -62.45 -8.74 -78.64
N SER FA 52 -62.59 -9.73 -77.77
CA SER FA 52 -63.10 -9.57 -76.41
C SER FA 52 -62.01 -10.03 -75.46
N VAL FA 53 -62.25 -9.90 -74.16
CA VAL FA 53 -61.25 -10.40 -73.22
C VAL FA 53 -61.34 -11.91 -73.10
N SER FA 54 -62.56 -12.46 -73.07
CA SER FA 54 -62.72 -13.91 -72.98
C SER FA 54 -62.62 -14.58 -74.35
N SER FA 55 -62.88 -13.83 -75.43
CA SER FA 55 -62.73 -14.32 -76.80
C SER FA 55 -61.80 -13.37 -77.54
N PRO FA 56 -60.49 -13.51 -77.36
CA PRO FA 56 -59.55 -12.52 -77.89
C PRO FA 56 -59.33 -12.64 -79.38
N PHE FA 57 -58.81 -11.55 -79.95
CA PHE FA 57 -58.28 -11.51 -81.31
C PHE FA 57 -57.06 -10.60 -81.21
N THR FA 58 -55.89 -11.19 -80.97
CA THR FA 58 -54.69 -10.42 -80.67
C THR FA 58 -53.51 -10.87 -81.52
N ILE FA 59 -52.73 -9.89 -81.97
CA ILE FA 59 -51.57 -10.09 -82.83
C ILE FA 59 -50.41 -9.40 -82.13
N THR FA 60 -49.55 -10.19 -81.50
CA THR FA 60 -48.44 -9.67 -80.70
C THR FA 60 -47.11 -10.16 -81.25
N PHE FA 61 -46.11 -9.27 -81.28
CA PHE FA 61 -44.80 -9.55 -81.86
C PHE FA 61 -43.73 -9.09 -80.88
N THR FA 62 -42.81 -10.00 -80.54
CA THR FA 62 -41.88 -9.82 -79.44
C THR FA 62 -40.45 -10.08 -79.89
N ARG FA 63 -39.53 -9.31 -79.33
CA ARG FA 63 -38.09 -9.49 -79.47
C ARG FA 63 -37.52 -10.18 -78.25
N PRO FA 64 -36.33 -10.76 -78.34
CA PRO FA 64 -35.76 -11.44 -77.16
C PRO FA 64 -35.30 -10.44 -76.11
N LYS FA 65 -35.21 -10.94 -74.87
CA LYS FA 65 -34.82 -10.09 -73.74
C LYS FA 65 -33.38 -9.63 -73.89
N THR FA 66 -32.49 -10.53 -74.27
CA THR FA 66 -31.06 -10.23 -74.40
C THR FA 66 -30.55 -10.72 -75.74
N MET FA 67 -29.92 -9.82 -76.49
CA MET FA 67 -29.34 -10.19 -77.76
C MET FA 67 -28.10 -11.06 -77.55
N LYS FA 68 -27.76 -11.85 -78.56
CA LYS FA 68 -26.59 -12.71 -78.53
C LYS FA 68 -25.67 -12.39 -79.70
N THR FA 69 -24.37 -12.23 -79.40
CA THR FA 69 -23.35 -11.95 -80.40
C THR FA 69 -22.69 -13.25 -80.83
N VAL FA 70 -22.05 -13.19 -82.01
CA VAL FA 70 -21.55 -14.39 -82.67
C VAL FA 70 -20.44 -15.06 -81.87
N GLY FA 71 -19.64 -14.29 -81.17
CA GLY FA 71 -18.52 -14.87 -80.48
C GLY FA 71 -17.28 -14.92 -81.33
N VAL FA 72 -16.31 -15.68 -80.85
CA VAL FA 72 -14.95 -15.59 -81.37
C VAL FA 72 -14.40 -16.99 -81.62
N PRO FA 73 -13.72 -17.24 -82.73
CA PRO FA 73 -13.22 -18.58 -83.03
C PRO FA 73 -12.12 -19.03 -82.07
N ASN FA 74 -12.12 -20.34 -81.79
CA ASN FA 74 -11.17 -20.94 -80.86
C ASN FA 74 -9.91 -21.35 -81.61
N SER FA 75 -9.04 -22.11 -80.92
CA SER FA 75 -7.73 -22.47 -81.45
C SER FA 75 -7.79 -23.16 -82.79
N ASN FA 76 -8.88 -23.87 -83.08
CA ASN FA 76 -9.04 -24.58 -84.35
C ASN FA 76 -9.73 -23.74 -85.41
N GLY FA 77 -9.95 -22.45 -85.15
CA GLY FA 77 -10.67 -21.62 -86.09
C GLY FA 77 -12.17 -21.84 -86.10
N VAL FA 78 -12.72 -22.52 -85.10
CA VAL FA 78 -14.14 -22.87 -85.05
C VAL FA 78 -14.80 -22.09 -83.91
N ILE FA 79 -15.97 -21.51 -84.19
CA ILE FA 79 -16.74 -20.81 -83.18
C ILE FA 79 -17.54 -21.82 -82.37
N THR FA 80 -17.26 -21.87 -81.07
CA THR FA 80 -17.68 -23.03 -80.27
C THR FA 80 -19.19 -23.12 -80.15
N ASN FA 81 -19.84 -22.00 -79.86
CA ASN FA 81 -21.27 -22.02 -79.54
C ASN FA 81 -21.94 -20.83 -80.23
N ILE FA 82 -22.84 -21.13 -81.15
CA ILE FA 82 -23.63 -20.13 -81.84
C ILE FA 82 -25.00 -20.12 -81.20
N GLY FA 83 -25.23 -19.17 -80.31
CA GLY FA 83 -26.57 -18.92 -79.82
C GLY FA 83 -27.46 -18.39 -80.92
N ARG FA 84 -28.76 -18.28 -80.62
CA ARG FA 84 -29.72 -17.82 -81.62
C ARG FA 84 -30.74 -16.88 -80.99
N ASN FA 85 -30.99 -15.73 -81.61
CA ASN FA 85 -32.04 -14.82 -81.15
C ASN FA 85 -33.32 -15.20 -81.87
N THR FA 86 -34.39 -15.50 -81.12
CA THR FA 86 -35.70 -15.86 -81.68
C THR FA 86 -36.68 -14.73 -81.44
N TYR FA 87 -37.35 -14.31 -82.52
CA TYR FA 87 -38.41 -13.33 -82.48
C TYR FA 87 -39.75 -14.06 -82.62
N GLY FA 88 -40.76 -13.60 -81.87
CA GLY FA 88 -42.01 -14.31 -81.79
C GLY FA 88 -43.25 -13.55 -82.24
N PHE FA 89 -44.03 -14.15 -83.13
CA PHE FA 89 -45.23 -13.55 -83.68
C PHE FA 89 -46.41 -14.45 -83.36
N LEU FA 90 -47.36 -13.97 -82.58
CA LEU FA 90 -48.39 -14.85 -82.06
C LEU FA 90 -49.77 -14.23 -82.17
N VAL FA 91 -50.72 -15.02 -82.68
CA VAL FA 91 -52.11 -14.62 -82.85
C VAL FA 91 -52.96 -15.51 -81.97
N ARG FA 92 -53.79 -14.90 -81.15
CA ARG FA 92 -54.75 -15.59 -80.30
C ARG FA 92 -56.16 -15.26 -80.76
N LYS FA 93 -56.99 -16.30 -80.93
CA LYS FA 93 -58.34 -16.10 -81.43
C LYS FA 93 -59.34 -16.90 -80.62
N GLY FA 94 -60.38 -16.22 -80.16
CA GLY FA 94 -61.46 -16.90 -79.46
C GLY FA 94 -62.24 -17.81 -80.41
N VAL FA 95 -62.31 -19.10 -80.09
CA VAL FA 95 -63.01 -20.09 -80.90
C VAL FA 95 -63.90 -20.91 -80.01
N ILE FA 96 -65.11 -21.23 -80.47
CA ILE FA 96 -66.11 -21.87 -79.62
C ILE FA 96 -66.16 -23.36 -79.95
N PRO FA 97 -65.83 -24.26 -79.00
CA PRO FA 97 -65.73 -25.68 -79.37
C PRO FA 97 -67.07 -26.41 -79.40
N ALA FA 98 -67.97 -26.15 -78.47
CA ALA FA 98 -69.19 -26.94 -78.35
C ALA FA 98 -70.42 -26.07 -78.55
N VAL FA 99 -71.59 -26.70 -78.38
CA VAL FA 99 -72.84 -26.01 -78.68
C VAL FA 99 -73.09 -24.89 -77.67
N ASN FA 100 -72.82 -25.15 -76.40
CA ASN FA 100 -72.99 -24.15 -75.37
C ASN FA 100 -71.71 -23.86 -74.62
N GLN FA 101 -70.63 -24.56 -74.91
CA GLN FA 101 -69.42 -24.36 -74.16
C GLN FA 101 -68.81 -22.99 -74.47
N SER FA 102 -67.90 -22.58 -73.59
CA SER FA 102 -67.33 -21.25 -73.55
C SER FA 102 -66.13 -21.18 -74.50
N PRO FA 103 -65.74 -19.97 -74.92
CA PRO FA 103 -64.67 -19.85 -75.93
C PRO FA 103 -63.32 -20.33 -75.39
N GLN FA 104 -62.68 -21.19 -76.18
CA GLN FA 104 -61.28 -21.59 -76.08
C GLN FA 104 -60.43 -20.72 -77.00
N VAL FA 105 -59.11 -20.84 -76.88
CA VAL FA 105 -58.20 -19.93 -77.57
C VAL FA 105 -57.45 -20.73 -78.63
N MET FA 106 -57.88 -20.63 -79.89
CA MET FA 106 -57.02 -21.07 -80.98
C MET FA 106 -55.79 -20.19 -81.03
N LEU FA 107 -54.67 -20.80 -81.44
CA LEU FA 107 -53.39 -20.14 -81.29
C LEU FA 107 -52.54 -20.39 -82.53
N VAL FA 108 -52.07 -19.31 -83.18
CA VAL FA 108 -51.19 -19.42 -84.34
C VAL FA 108 -49.91 -18.68 -83.99
N ARG FA 109 -48.81 -19.42 -83.79
CA ARG FA 109 -47.57 -18.80 -83.35
C ARG FA 109 -46.42 -19.13 -84.28
N VAL FA 110 -45.61 -18.12 -84.55
CA VAL FA 110 -44.46 -18.17 -85.43
C VAL FA 110 -43.23 -17.80 -84.61
N GLU FA 111 -42.16 -18.55 -84.80
CA GLU FA 111 -40.88 -18.30 -84.16
C GLU FA 111 -39.81 -18.21 -85.22
N ILE FA 112 -39.03 -17.14 -85.17
CA ILE FA 112 -37.98 -16.87 -86.13
C ILE FA 112 -36.67 -16.91 -85.37
N SER FA 113 -35.93 -18.02 -85.48
CA SER FA 113 -34.64 -18.18 -84.80
C SER FA 113 -33.53 -17.83 -85.79
N VAL FA 114 -32.88 -16.69 -85.54
CA VAL FA 114 -31.76 -16.20 -86.33
C VAL FA 114 -30.48 -16.51 -85.57
N PRO FA 115 -29.58 -17.32 -86.13
CA PRO FA 115 -28.27 -17.56 -85.49
C PRO FA 115 -27.52 -16.26 -85.27
N ALA FA 116 -26.47 -16.36 -84.47
CA ALA FA 116 -25.83 -15.16 -83.94
C ALA FA 116 -25.17 -14.34 -85.04
N GLY FA 117 -24.19 -14.91 -85.73
CA GLY FA 117 -23.46 -14.16 -86.74
C GLY FA 117 -24.20 -13.93 -88.02
N ALA FA 118 -25.35 -14.62 -88.15
CA ALA FA 118 -26.17 -14.55 -89.36
C ALA FA 118 -26.58 -13.13 -89.68
N ASP FA 119 -27.19 -12.44 -88.70
CA ASP FA 119 -27.84 -11.16 -88.92
C ASP FA 119 -26.92 -10.13 -89.56
N THR FA 120 -25.61 -10.28 -89.35
CA THR FA 120 -24.63 -9.37 -89.92
C THR FA 120 -23.92 -9.98 -91.12
N TYR FA 121 -23.38 -11.20 -91.00
CA TYR FA 121 -22.53 -11.72 -92.06
C TYR FA 121 -23.36 -12.16 -93.27
N ASP FA 122 -24.49 -12.84 -93.05
CA ASP FA 122 -25.29 -13.40 -94.15
C ASP FA 122 -26.73 -12.95 -93.96
N ALA FA 123 -27.03 -11.73 -94.39
CA ALA FA 123 -28.37 -11.19 -94.19
C ALA FA 123 -29.30 -11.61 -95.32
N ALA FA 124 -28.74 -11.84 -96.52
CA ALA FA 124 -29.57 -12.19 -97.66
C ALA FA 124 -30.26 -13.51 -97.43
N ASN FA 125 -29.56 -14.50 -96.85
CA ASN FA 125 -30.18 -15.79 -96.62
C ASN FA 125 -31.23 -15.73 -95.52
N VAL FA 126 -31.01 -14.89 -94.50
CA VAL FA 126 -32.03 -14.66 -93.49
C VAL FA 126 -33.30 -14.12 -94.14
N LYS FA 127 -33.15 -13.02 -94.89
CA LYS FA 127 -34.30 -12.43 -95.56
C LYS FA 127 -34.97 -13.42 -96.50
N ALA FA 128 -34.18 -14.29 -97.14
CA ALA FA 128 -34.73 -15.25 -98.09
C ALA FA 128 -35.54 -16.32 -97.38
N ALA FA 129 -35.07 -16.81 -96.24
CA ALA FA 129 -35.86 -17.76 -95.47
C ALA FA 129 -37.18 -17.14 -95.07
N LEU FA 130 -37.15 -15.88 -94.60
CA LEU FA 130 -38.38 -15.22 -94.19
C LEU FA 130 -39.35 -15.06 -95.36
N SER FA 131 -38.84 -14.63 -96.52
CA SER FA 131 -39.71 -14.38 -97.67
C SER FA 131 -40.29 -15.67 -98.23
N ALA FA 132 -39.49 -16.74 -98.26
CA ALA FA 132 -40.01 -18.03 -98.72
C ALA FA 132 -41.08 -18.55 -97.77
N ALA FA 133 -40.82 -18.49 -96.45
CA ALA FA 133 -41.81 -18.96 -95.49
C ALA FA 133 -43.13 -18.19 -95.61
N ILE FA 134 -43.05 -16.86 -95.61
CA ILE FA 134 -44.27 -16.06 -95.67
C ILE FA 134 -44.95 -16.17 -97.04
N GLY FA 135 -44.17 -16.35 -98.11
CA GLY FA 135 -44.77 -16.49 -99.43
C GLY FA 135 -45.53 -17.79 -99.59
N VAL FA 136 -44.96 -18.89 -99.08
CA VAL FA 136 -45.68 -20.16 -99.09
C VAL FA 136 -46.91 -20.08 -98.20
N LEU FA 137 -46.80 -19.40 -97.05
CA LEU FA 137 -47.97 -19.24 -96.18
C LEU FA 137 -49.10 -18.49 -96.87
N SER FA 138 -48.77 -17.38 -97.54
CA SER FA 138 -49.81 -16.60 -98.21
C SER FA 138 -50.34 -17.32 -99.44
N GLN FA 139 -49.51 -18.13 -100.10
CA GLN FA 139 -49.99 -18.88 -101.25
C GLN FA 139 -50.97 -19.97 -100.85
N GLN FA 140 -50.64 -20.72 -99.80
CA GLN FA 140 -51.46 -21.83 -99.36
C GLN FA 140 -52.37 -21.46 -98.19
N SER FA 141 -52.70 -20.17 -98.02
CA SER FA 141 -53.50 -19.77 -96.86
C SER FA 141 -54.84 -20.49 -96.85
N ALA FA 142 -55.54 -20.45 -97.98
CA ALA FA 142 -56.84 -21.10 -98.08
C ALA FA 142 -56.71 -22.60 -97.81
N GLY FA 143 -55.70 -23.24 -98.40
CA GLY FA 143 -55.54 -24.67 -98.24
C GLY FA 143 -55.14 -25.08 -96.84
N ILE FA 144 -54.36 -24.24 -96.16
CA ILE FA 144 -54.01 -24.51 -94.78
C ILE FA 144 -55.23 -24.38 -93.87
N GLY FA 145 -56.12 -23.43 -94.17
CA GLY FA 145 -57.40 -23.41 -93.46
C GLY FA 145 -58.21 -24.67 -93.71
N ASP FA 146 -58.33 -25.05 -94.99
CA ASP FA 146 -59.00 -26.29 -95.35
C ASP FA 146 -58.44 -27.47 -94.57
N THR FA 147 -57.11 -27.50 -94.41
CA THR FA 147 -56.48 -28.58 -93.65
C THR FA 147 -56.78 -28.46 -92.16
N ALA FA 148 -56.79 -27.23 -91.63
CA ALA FA 148 -57.07 -27.03 -90.21
C ALA FA 148 -58.44 -27.52 -89.83
N LEU FA 149 -59.36 -27.56 -90.80
CA LEU FA 149 -60.69 -28.09 -90.55
C LEU FA 149 -60.86 -29.55 -90.98
N SER FA 150 -60.18 -29.98 -92.05
CA SER FA 150 -60.37 -31.30 -92.63
C SER FA 150 -59.50 -32.36 -91.99
N GLY FA 151 -58.30 -32.00 -91.54
CA GLY FA 151 -57.33 -32.98 -91.12
C GLY FA 151 -56.62 -33.67 -92.27
N ILE FA 152 -56.72 -33.11 -93.47
CA ILE FA 152 -56.25 -33.76 -94.69
C ILE FA 152 -55.12 -32.94 -95.27
N LEU FA 153 -54.06 -33.63 -95.69
CA LEU FA 153 -52.93 -32.96 -96.33
C LEU FA 153 -52.99 -32.99 -97.85
N ALA GA 1 -39.13 14.24 -67.04
CA ALA GA 1 -39.66 14.70 -68.32
C ALA GA 1 -38.61 14.53 -69.43
N TYR GA 2 -38.27 13.27 -69.74
CA TYR GA 2 -37.26 12.93 -70.75
C TYR GA 2 -37.96 12.36 -71.99
N SER GA 3 -37.93 13.11 -73.11
CA SER GA 3 -38.54 12.68 -74.37
C SER GA 3 -37.79 13.31 -75.54
N PRO GA 4 -36.94 12.54 -76.22
CA PRO GA 4 -36.17 13.09 -77.34
C PRO GA 4 -37.01 13.26 -78.60
N SER GA 5 -36.44 14.01 -79.55
CA SER GA 5 -37.07 14.33 -80.83
C SER GA 5 -36.59 13.39 -81.94
N THR GA 6 -37.39 13.30 -83.01
CA THR GA 6 -37.10 12.33 -84.06
C THR GA 6 -35.74 12.59 -84.72
N PRO GA 7 -35.48 13.77 -85.31
CA PRO GA 7 -34.08 14.09 -85.63
C PRO GA 7 -33.41 14.81 -84.47
N VAL GA 8 -32.40 14.19 -83.87
CA VAL GA 8 -31.61 14.83 -82.84
C VAL GA 8 -30.43 15.50 -83.52
N THR GA 9 -30.31 16.81 -83.35
CA THR GA 9 -29.14 17.51 -83.85
C THR GA 9 -27.94 17.11 -83.01
N GLY GA 10 -27.04 16.32 -83.61
CA GLY GA 10 -25.88 15.85 -82.88
C GLY GA 10 -24.88 16.96 -82.62
N ALA GA 11 -24.20 16.87 -81.48
CA ALA GA 11 -23.26 17.91 -81.10
C ALA GA 11 -22.09 17.94 -82.07
N ALA GA 12 -21.52 19.13 -82.25
CA ALA GA 12 -20.49 19.30 -83.27
C ALA GA 12 -19.35 18.33 -83.03
N GLN GA 13 -18.83 17.77 -84.12
CA GLN GA 13 -17.66 16.90 -84.08
C GLN GA 13 -16.74 17.27 -85.22
N THR GA 14 -15.51 16.78 -85.14
CA THR GA 14 -14.44 17.30 -85.98
C THR GA 14 -14.72 17.07 -87.46
N GLY GA 15 -14.91 15.83 -87.85
CA GLY GA 15 -15.14 15.58 -89.26
C GLY GA 15 -16.58 15.67 -89.74
N PHE GA 16 -17.52 16.08 -88.88
CA PHE GA 16 -18.93 16.00 -89.21
C PHE GA 16 -19.48 17.36 -89.61
N THR GA 17 -20.26 17.37 -90.68
CA THR GA 17 -20.97 18.55 -91.15
C THR GA 17 -22.46 18.34 -90.89
N SER GA 18 -23.03 19.19 -90.02
CA SER GA 18 -24.44 19.19 -89.66
C SER GA 18 -24.97 17.79 -89.40
N PRO GA 19 -24.47 17.09 -88.37
CA PRO GA 19 -24.88 15.70 -88.14
C PRO GA 19 -26.18 15.59 -87.34
N THR GA 20 -27.07 14.73 -87.80
CA THR GA 20 -28.34 14.47 -87.13
C THR GA 20 -28.52 12.96 -87.00
N TYR GA 21 -29.22 12.54 -85.94
CA TYR GA 21 -29.46 11.12 -85.68
C TYR GA 21 -30.94 10.88 -85.51
N THR GA 22 -31.50 9.98 -86.32
CA THR GA 22 -32.91 9.60 -86.22
C THR GA 22 -33.05 8.53 -85.15
N LEU GA 23 -33.91 8.77 -84.17
CA LEU GA 23 -34.14 7.82 -83.09
C LEU GA 23 -35.43 7.05 -83.35
N THR GA 24 -35.35 5.73 -83.21
CA THR GA 24 -36.53 4.87 -83.21
C THR GA 24 -36.74 4.38 -81.78
N SER GA 25 -37.99 4.44 -81.32
CA SER GA 25 -38.28 4.01 -79.95
C SER GA 25 -37.91 2.55 -79.78
N ASP GA 26 -37.23 2.24 -78.68
CA ASP GA 26 -36.86 0.88 -78.34
C ASP GA 26 -37.28 0.59 -76.89
N THR GA 27 -37.44 -0.69 -76.59
CA THR GA 27 -37.90 -1.10 -75.27
C THR GA 27 -36.70 -1.30 -74.35
N ALA GA 28 -36.75 -0.68 -73.18
CA ALA GA 28 -35.62 -0.51 -72.29
C ALA GA 28 -35.34 -1.78 -71.49
N PRO GA 29 -34.14 -1.89 -70.89
CA PRO GA 29 -33.82 -3.14 -70.19
C PRO GA 29 -34.56 -3.28 -68.87
N THR GA 30 -34.73 -2.18 -68.17
CA THR GA 30 -35.52 -2.14 -66.94
C THR GA 30 -36.87 -1.52 -67.24
N ALA GA 31 -37.77 -1.63 -66.26
CA ALA GA 31 -39.07 -0.99 -66.38
C ALA GA 31 -39.00 0.49 -66.01
N LEU GA 32 -37.88 0.94 -65.47
CA LEU GA 32 -37.70 2.33 -65.06
C LEU GA 32 -36.79 3.09 -66.02
N GLY GA 33 -36.64 2.60 -67.24
CA GLY GA 33 -35.82 3.25 -68.23
C GLY GA 33 -36.61 3.52 -69.50
N LYS GA 34 -36.20 4.56 -70.22
CA LYS GA 34 -36.69 4.85 -71.55
C LYS GA 34 -35.50 4.75 -72.50
N GLN GA 35 -35.63 3.94 -73.54
CA GLN GA 35 -34.53 3.69 -74.46
C GLN GA 35 -34.95 4.00 -75.89
N HIS GA 36 -34.07 4.67 -76.62
CA HIS GA 36 -34.21 4.80 -78.05
C HIS GA 36 -32.98 4.19 -78.72
N ALA GA 37 -33.09 3.87 -79.99
CA ALA GA 37 -31.96 3.36 -80.74
C ALA GA 37 -31.80 4.13 -82.04
N VAL GA 38 -30.56 4.37 -82.44
CA VAL GA 38 -30.28 5.20 -83.61
C VAL GA 38 -30.50 4.33 -84.84
N THR GA 39 -31.65 4.50 -85.49
CA THR GA 39 -31.97 3.70 -86.66
C THR GA 39 -31.31 4.22 -87.93
N ALA GA 40 -31.05 5.53 -88.02
CA ALA GA 40 -30.42 6.09 -89.22
C ALA GA 40 -29.73 7.40 -88.88
N THR GA 41 -28.76 7.76 -89.73
CA THR GA 41 -27.98 8.98 -89.56
C THR GA 41 -28.18 9.89 -90.76
N GLY GA 42 -28.28 11.19 -90.49
CA GLY GA 42 -28.25 12.20 -91.52
C GLY GA 42 -27.08 13.13 -91.30
N GLY GA 43 -26.68 13.87 -92.33
CA GLY GA 43 -25.51 14.71 -92.27
C GLY GA 43 -24.30 14.04 -92.91
N THR GA 44 -23.22 14.82 -93.02
CA THR GA 44 -21.98 14.32 -93.64
C THR GA 44 -21.07 13.77 -92.53
N GLN GA 45 -21.41 12.57 -92.08
CA GLN GA 45 -20.62 11.79 -91.14
C GLN GA 45 -20.37 10.45 -91.80
N THR GA 46 -19.26 10.37 -92.54
CA THR GA 46 -19.04 9.21 -93.39
C THR GA 46 -18.47 8.07 -92.55
N GLY GA 47 -19.02 6.87 -92.74
CA GLY GA 47 -18.59 5.69 -92.04
C GLY GA 47 -19.37 5.37 -90.78
N VAL GA 48 -20.26 6.25 -90.34
CA VAL GA 48 -20.98 6.05 -89.10
C VAL GA 48 -22.00 4.93 -89.29
N THR GA 49 -21.91 3.90 -88.45
CA THR GA 49 -22.80 2.75 -88.52
C THR GA 49 -23.96 2.91 -87.54
N THR GA 50 -25.17 2.58 -88.00
CA THR GA 50 -26.35 2.69 -87.18
C THR GA 50 -26.48 1.45 -86.28
N HIS GA 51 -27.61 1.35 -85.57
CA HIS GA 51 -27.80 0.25 -84.64
C HIS GA 51 -27.98 -1.06 -85.38
N SER GA 52 -27.14 -2.03 -85.04
CA SER GA 52 -27.27 -3.40 -85.49
C SER GA 52 -27.25 -4.30 -84.28
N VAL GA 53 -27.56 -5.59 -84.49
CA VAL GA 53 -27.46 -6.53 -83.39
C VAL GA 53 -26.00 -6.69 -82.97
N SER GA 54 -25.09 -6.71 -83.95
CA SER GA 54 -23.68 -6.92 -83.64
C SER GA 54 -23.04 -5.67 -83.03
N SER GA 55 -23.41 -4.49 -83.51
CA SER GA 55 -22.85 -3.23 -83.03
C SER GA 55 -23.98 -2.25 -82.72
N PRO GA 56 -24.32 -2.06 -81.44
CA PRO GA 56 -25.50 -1.28 -81.09
C PRO GA 56 -25.22 0.21 -81.08
N PHE GA 57 -26.30 0.99 -81.22
CA PHE GA 57 -26.29 2.44 -81.07
C PHE GA 57 -27.56 2.77 -80.27
N THR GA 58 -27.40 2.86 -78.95
CA THR GA 58 -28.54 2.96 -78.04
C THR GA 58 -28.35 4.09 -77.03
N ILE GA 59 -29.46 4.76 -76.72
CA ILE GA 59 -29.51 5.88 -75.80
C ILE GA 59 -30.59 5.59 -74.78
N THR GA 60 -30.19 5.26 -73.55
CA THR GA 60 -31.12 4.83 -72.52
C THR GA 60 -30.99 5.70 -71.27
N PHE GA 61 -32.12 6.11 -70.70
CA PHE GA 61 -32.15 6.99 -69.53
C PHE GA 61 -33.02 6.35 -68.46
N THR GA 62 -32.46 6.19 -67.26
CA THR GA 62 -33.08 5.43 -66.20
C THR GA 62 -33.19 6.27 -64.93
N ARG GA 63 -34.28 6.08 -64.19
CA ARG GA 63 -34.50 6.67 -62.89
C ARG GA 63 -34.34 5.61 -61.80
N PRO GA 64 -34.02 6.01 -60.57
CA PRO GA 64 -33.75 5.00 -59.54
C PRO GA 64 -34.98 4.19 -59.17
N LYS GA 65 -34.74 2.97 -58.70
CA LYS GA 65 -35.83 2.08 -58.29
C LYS GA 65 -36.61 2.69 -57.13
N THR GA 66 -35.91 3.10 -56.09
CA THR GA 66 -36.53 3.64 -54.88
C THR GA 66 -36.00 5.05 -54.62
N MET GA 67 -36.91 6.02 -54.59
CA MET GA 67 -36.54 7.38 -54.24
C MET GA 67 -36.24 7.48 -52.75
N LYS GA 68 -35.38 8.42 -52.39
CA LYS GA 68 -34.98 8.62 -50.99
C LYS GA 68 -35.39 10.00 -50.49
N THR GA 69 -36.05 10.03 -49.33
CA THR GA 69 -36.51 11.26 -48.71
C THR GA 69 -35.42 11.80 -47.79
N VAL GA 70 -35.51 13.10 -47.49
CA VAL GA 70 -34.42 13.81 -46.85
C VAL GA 70 -34.20 13.33 -45.42
N GLY GA 71 -35.26 12.99 -44.70
CA GLY GA 71 -35.14 12.56 -43.33
C GLY GA 71 -35.47 13.68 -42.34
N VAL GA 72 -35.51 13.30 -41.07
CA VAL GA 72 -36.01 14.16 -39.99
C VAL GA 72 -34.82 14.61 -39.17
N PRO GA 73 -34.71 15.91 -38.87
CA PRO GA 73 -33.59 16.38 -38.04
C PRO GA 73 -33.71 15.88 -36.61
N ASN GA 74 -32.55 15.63 -35.99
CA ASN GA 74 -32.49 15.12 -34.63
C ASN GA 74 -32.53 16.29 -33.63
N SER GA 75 -32.23 15.98 -32.36
CA SER GA 75 -32.32 16.98 -31.30
C SER GA 75 -31.41 18.17 -31.56
N ASN GA 76 -30.23 17.93 -32.14
CA ASN GA 76 -29.30 19.00 -32.45
C ASN GA 76 -29.70 19.82 -33.67
N GLY GA 77 -30.76 19.42 -34.37
CA GLY GA 77 -31.13 20.06 -35.62
C GLY GA 77 -30.42 19.50 -36.83
N VAL GA 78 -29.72 18.38 -36.68
CA VAL GA 78 -28.89 17.80 -37.73
C VAL GA 78 -29.58 16.59 -38.32
N ILE GA 79 -29.55 16.48 -39.66
CA ILE GA 79 -30.09 15.33 -40.37
C ILE GA 79 -28.96 14.31 -40.57
N THR GA 80 -29.19 13.08 -40.12
CA THR GA 80 -28.10 12.14 -39.90
C THR GA 80 -27.50 11.65 -41.21
N ASN GA 81 -28.33 11.24 -42.16
CA ASN GA 81 -27.83 10.64 -43.40
C ASN GA 81 -28.62 11.15 -44.58
N ILE GA 82 -27.93 11.78 -45.53
CA ILE GA 82 -28.53 12.29 -46.75
C ILE GA 82 -28.21 11.29 -47.85
N GLY GA 83 -29.16 10.41 -48.13
CA GLY GA 83 -29.05 9.56 -49.31
C GLY GA 83 -29.05 10.40 -50.57
N ARG GA 84 -28.75 9.75 -51.69
CA ARG GA 84 -28.70 10.44 -52.98
C ARG GA 84 -29.36 9.58 -54.04
N ASN GA 85 -30.35 10.13 -54.73
CA ASN GA 85 -30.96 9.44 -55.87
C ASN GA 85 -30.17 9.80 -57.12
N THR GA 86 -29.75 8.78 -57.88
CA THR GA 86 -28.93 8.93 -59.08
C THR GA 86 -29.72 8.52 -60.31
N TYR GA 87 -29.77 9.40 -61.29
CA TYR GA 87 -30.37 9.11 -62.58
C TYR GA 87 -29.24 8.83 -63.57
N GLY GA 88 -29.50 7.91 -64.51
CA GLY GA 88 -28.47 7.43 -65.40
C GLY GA 88 -28.74 7.53 -66.89
N PHE GA 89 -27.81 8.12 -67.63
CA PHE GA 89 -27.97 8.33 -69.07
C PHE GA 89 -26.81 7.63 -69.77
N LEU GA 90 -27.11 6.68 -70.63
CA LEU GA 90 -26.04 5.86 -71.18
C LEU GA 90 -26.22 5.61 -72.66
N VAL GA 91 -25.14 5.82 -73.41
CA VAL GA 91 -25.07 5.61 -74.84
C VAL GA 91 -24.09 4.48 -75.09
N ARG GA 92 -24.51 3.50 -75.88
CA ARG GA 92 -23.68 2.38 -76.30
C ARG GA 92 -23.51 2.42 -77.82
N LYS GA 93 -22.26 2.33 -78.29
CA LYS GA 93 -21.99 2.45 -79.72
C LYS GA 93 -21.06 1.34 -80.18
N GLY GA 94 -21.46 0.66 -81.25
CA GLY GA 94 -20.62 -0.36 -81.84
C GLY GA 94 -19.43 0.26 -82.56
N VAL GA 95 -18.21 -0.09 -82.14
CA VAL GA 95 -16.97 0.48 -82.67
C VAL GA 95 -15.99 -0.64 -82.94
N ILE GA 96 -15.33 -0.62 -84.08
CA ILE GA 96 -14.51 -1.75 -84.52
C ILE GA 96 -13.04 -1.45 -84.20
N PRO GA 97 -12.37 -2.29 -83.37
CA PRO GA 97 -11.00 -1.94 -82.97
C PRO GA 97 -9.93 -2.25 -84.01
N ALA GA 98 -10.02 -3.37 -84.71
CA ALA GA 98 -8.95 -3.72 -85.64
C ALA GA 98 -9.48 -3.97 -87.04
N VAL GA 99 -8.58 -4.48 -87.88
CA VAL GA 99 -8.89 -4.60 -89.29
C VAL GA 99 -9.93 -5.68 -89.53
N ASN GA 100 -9.93 -6.74 -88.72
CA ASN GA 100 -10.91 -7.80 -88.90
C ASN GA 100 -11.54 -8.23 -87.59
N GLN GA 101 -11.53 -7.38 -86.57
CA GLN GA 101 -12.04 -7.78 -85.26
C GLN GA 101 -13.54 -7.56 -85.14
N SER GA 102 -14.12 -8.27 -84.17
CA SER GA 102 -15.52 -8.11 -83.82
C SER GA 102 -15.73 -6.74 -83.19
N PRO GA 103 -16.90 -6.14 -83.39
CA PRO GA 103 -17.14 -4.81 -82.81
C PRO GA 103 -17.15 -4.86 -81.28
N GLN GA 104 -16.47 -3.89 -80.69
CA GLN GA 104 -16.47 -3.55 -79.28
C GLN GA 104 -17.50 -2.45 -79.01
N VAL GA 105 -17.89 -2.32 -77.75
CA VAL GA 105 -18.94 -1.36 -77.38
C VAL GA 105 -18.28 -0.16 -76.72
N MET GA 106 -18.04 0.89 -77.50
CA MET GA 106 -17.74 2.17 -76.86
C MET GA 106 -18.93 2.57 -75.99
N LEU GA 107 -18.62 3.28 -74.91
CA LEU GA 107 -19.64 3.49 -73.90
C LEU GA 107 -19.50 4.88 -73.29
N VAL GA 108 -20.54 5.70 -73.42
CA VAL GA 108 -20.57 7.04 -72.83
C VAL GA 108 -21.67 7.05 -71.79
N ARG GA 109 -21.31 7.20 -70.52
CA ARG GA 109 -22.31 7.10 -69.47
C ARG GA 109 -22.23 8.27 -68.50
N VAL GA 110 -23.39 8.85 -68.21
CA VAL GA 110 -23.56 9.98 -67.33
C VAL GA 110 -24.34 9.51 -66.12
N GLU GA 111 -23.98 10.02 -64.96
CA GLU GA 111 -24.69 9.77 -63.72
C GLU GA 111 -24.93 11.10 -63.02
N ILE GA 112 -26.18 11.35 -62.66
CA ILE GA 112 -26.61 12.57 -62.02
C ILE GA 112 -27.06 12.18 -60.61
N SER GA 113 -26.23 12.45 -59.61
CA SER GA 113 -26.54 12.14 -58.21
C SER GA 113 -27.05 13.40 -57.52
N VAL GA 114 -28.33 13.37 -57.15
CA VAL GA 114 -29.00 14.48 -56.46
C VAL GA 114 -29.19 14.07 -55.01
N PRO GA 115 -28.74 14.87 -54.06
CA PRO GA 115 -28.97 14.54 -52.64
C PRO GA 115 -30.45 14.64 -52.29
N ALA GA 116 -30.75 14.09 -51.11
CA ALA GA 116 -32.12 13.71 -50.79
C ALA GA 116 -33.05 14.93 -50.70
N GLY GA 117 -32.58 16.00 -50.06
CA GLY GA 117 -33.42 17.13 -49.76
C GLY GA 117 -33.30 18.19 -50.82
N ALA GA 118 -32.27 18.04 -51.66
CA ALA GA 118 -31.94 19.01 -52.71
C ALA GA 118 -33.13 19.30 -53.62
N ASP GA 119 -33.72 18.24 -54.16
CA ASP GA 119 -34.72 18.34 -55.23
C ASP GA 119 -35.86 19.27 -54.87
N THR GA 120 -36.14 19.42 -53.58
CA THR GA 120 -37.18 20.30 -53.08
C THR GA 120 -36.62 21.62 -52.55
N TYR GA 121 -35.67 21.56 -51.62
CA TYR GA 121 -35.25 22.79 -50.94
C TYR GA 121 -34.46 23.70 -51.87
N ASP GA 122 -33.51 23.15 -52.64
CA ASP GA 122 -32.60 23.95 -53.47
C ASP GA 122 -32.63 23.38 -54.88
N ALA GA 123 -33.64 23.76 -55.66
CA ALA GA 123 -33.78 23.25 -57.00
C ALA GA 123 -32.96 24.07 -58.00
N ALA GA 124 -32.76 25.36 -57.71
CA ALA GA 124 -32.03 26.20 -58.64
C ALA GA 124 -30.59 25.73 -58.79
N ASN GA 125 -29.97 25.29 -57.70
CA ASN GA 125 -28.58 24.85 -57.78
C ASN GA 125 -28.46 23.51 -58.51
N VAL GA 126 -29.42 22.61 -58.31
CA VAL GA 126 -29.47 21.38 -59.09
C VAL GA 126 -29.54 21.69 -60.58
N LYS GA 127 -30.52 22.52 -60.97
CA LYS GA 127 -30.68 22.89 -62.37
C LYS GA 127 -29.42 23.55 -62.89
N ALA GA 128 -28.73 24.33 -62.05
CA ALA GA 128 -27.53 25.03 -62.48
C ALA GA 128 -26.37 24.07 -62.72
N ALA GA 129 -26.19 23.08 -61.84
CA ALA GA 129 -25.16 22.07 -62.07
C ALA GA 129 -25.42 21.34 -63.38
N LEU GA 130 -26.68 20.97 -63.64
CA LEU GA 130 -27.00 20.29 -64.89
C LEU GA 130 -26.72 21.16 -66.11
N SER GA 131 -27.15 22.44 -66.05
CA SER GA 131 -26.97 23.31 -67.21
C SER GA 131 -25.50 23.62 -67.45
N ALA GA 132 -24.70 23.74 -66.40
CA ALA GA 132 -23.27 23.97 -66.59
C ALA GA 132 -22.58 22.75 -67.15
N ALA GA 133 -22.88 21.56 -66.61
CA ALA GA 133 -22.29 20.33 -67.13
C ALA GA 133 -22.62 20.15 -68.62
N ILE GA 134 -23.91 20.22 -68.97
CA ILE GA 134 -24.28 19.99 -70.35
C ILE GA 134 -23.83 21.13 -71.25
N GLY GA 135 -23.78 22.37 -70.76
CA GLY GA 135 -23.29 23.46 -71.58
C GLY GA 135 -21.82 23.35 -71.90
N VAL GA 136 -21.00 22.93 -70.93
CA VAL GA 136 -19.60 22.68 -71.19
C VAL GA 136 -19.43 21.51 -72.15
N LEU GA 137 -20.24 20.45 -71.98
CA LEU GA 137 -20.15 19.32 -72.90
C LEU GA 137 -20.46 19.74 -74.34
N SER GA 138 -21.53 20.51 -74.55
CA SER GA 138 -21.88 20.90 -75.91
C SER GA 138 -20.90 21.93 -76.46
N GLN GA 139 -20.32 22.78 -75.60
CA GLN GA 139 -19.32 23.73 -76.08
C GLN GA 139 -18.06 23.01 -76.53
N GLN GA 140 -17.63 22.02 -75.77
CA GLN GA 140 -16.39 21.32 -76.06
C GLN GA 140 -16.62 19.94 -76.66
N SER GA 141 -17.71 19.75 -77.41
CA SER GA 141 -17.99 18.43 -77.97
C SER GA 141 -16.93 18.04 -78.99
N ALA GA 142 -16.63 18.93 -79.92
CA ALA GA 142 -15.62 18.64 -80.93
C ALA GA 142 -14.26 18.39 -80.27
N GLY GA 143 -13.93 19.21 -79.26
CA GLY GA 143 -12.65 19.06 -78.60
C GLY GA 143 -12.54 17.80 -77.79
N ILE GA 144 -13.64 17.35 -77.18
CA ILE GA 144 -13.64 16.10 -76.43
C ILE GA 144 -13.54 14.91 -77.38
N GLY GA 145 -14.14 15.01 -78.57
CA GLY GA 145 -13.87 13.99 -79.58
C GLY GA 145 -12.42 13.95 -79.98
N ASP GA 146 -11.84 15.12 -80.28
CA ASP GA 146 -10.42 15.22 -80.59
C ASP GA 146 -9.57 14.59 -79.50
N THR GA 147 -9.96 14.80 -78.24
CA THR GA 147 -9.23 14.20 -77.12
C THR GA 147 -9.41 12.68 -77.08
N ALA GA 148 -10.65 12.21 -77.27
CA ALA GA 148 -10.93 10.78 -77.22
C ALA GA 148 -10.18 10.02 -78.29
N LEU GA 149 -9.86 10.69 -79.39
CA LEU GA 149 -9.09 10.03 -80.45
C LEU GA 149 -7.58 10.25 -80.30
N SER GA 150 -7.17 11.43 -79.83
CA SER GA 150 -5.76 11.80 -79.82
C SER GA 150 -5.04 11.31 -78.57
N GLY GA 151 -5.73 11.23 -77.44
CA GLY GA 151 -5.04 11.19 -76.17
C GLY GA 151 -4.51 12.52 -75.72
N ILE GA 152 -4.82 13.58 -76.46
CA ILE GA 152 -4.32 14.91 -76.17
C ILE GA 152 -5.33 15.64 -75.30
N LEU GA 153 -4.88 16.14 -74.17
CA LEU GA 153 -5.73 16.91 -73.27
C LEU GA 153 -5.37 18.41 -73.36
N ALA HA 1 50.80 44.56 -21.32
CA ALA HA 1 51.28 45.76 -20.66
C ALA HA 1 50.38 46.14 -19.48
N TYR HA 2 50.32 45.28 -18.45
CA TYR HA 2 49.48 45.50 -17.27
C TYR HA 2 50.37 45.87 -16.09
N SER HA 3 50.27 47.13 -15.62
CA SER HA 3 51.07 47.63 -14.50
C SER HA 3 50.28 48.73 -13.79
N PRO HA 4 49.66 48.42 -12.66
CA PRO HA 4 48.86 49.42 -11.95
C PRO HA 4 49.73 50.42 -11.20
N SER HA 5 49.09 51.53 -10.79
CA SER HA 5 49.73 52.64 -10.09
C SER HA 5 49.51 52.54 -8.58
N THR HA 6 50.36 53.26 -7.82
CA THR HA 6 50.35 53.08 -6.37
C THR HA 6 49.03 53.50 -5.74
N PRO HA 7 48.53 54.74 -5.91
CA PRO HA 7 47.13 54.99 -5.58
C PRO HA 7 46.23 54.78 -6.79
N VAL HA 8 45.31 53.83 -6.72
CA VAL HA 8 44.34 53.59 -7.77
C VAL HA 8 43.10 54.41 -7.44
N THR HA 9 42.72 55.29 -8.35
CA THR HA 9 41.49 56.06 -8.19
C THR HA 9 40.32 55.10 -8.38
N GLY HA 10 39.68 54.71 -7.27
CA GLY HA 10 38.61 53.72 -7.33
C GLY HA 10 37.36 54.29 -7.97
N ALA HA 11 36.65 53.44 -8.69
CA ALA HA 11 35.47 53.88 -9.42
C ALA HA 11 34.40 54.36 -8.44
N ALA HA 12 33.57 55.28 -8.91
CA ALA HA 12 32.59 55.91 -8.04
C ALA HA 12 31.66 54.85 -7.45
N GLN HA 13 31.38 54.99 -6.15
CA GLN HA 13 30.43 54.13 -5.47
C GLN HA 13 29.52 55.01 -4.61
N THR HA 14 28.41 54.41 -4.17
CA THR HA 14 27.29 55.19 -3.65
C THR HA 14 27.68 55.97 -2.40
N GLY HA 15 28.18 55.28 -1.38
CA GLY HA 15 28.55 55.97 -0.16
C GLY HA 15 29.98 56.48 -0.09
N PHE HA 16 30.74 56.39 -1.18
CA PHE HA 16 32.16 56.69 -1.14
C PHE HA 16 32.44 58.08 -1.69
N THR HA 17 33.27 58.83 -0.97
CA THR HA 17 33.73 60.15 -1.42
C THR HA 17 35.20 60.05 -1.78
N SER HA 18 35.50 60.25 -3.06
CA SER HA 18 36.87 60.24 -3.58
C SER HA 18 37.68 59.03 -3.08
N PRO HA 19 37.26 57.80 -3.43
CA PRO HA 19 37.96 56.63 -2.89
C PRO HA 19 39.19 56.26 -3.70
N THR HA 20 40.28 55.96 -2.99
CA THR HA 20 41.53 55.52 -3.59
C THR HA 20 42.02 54.28 -2.85
N TYR HA 21 42.73 53.41 -3.56
CA TYR HA 21 43.25 52.17 -2.96
C TYR HA 21 44.74 52.07 -3.21
N THR HA 22 45.51 51.90 -2.15
CA THR HA 22 46.96 51.76 -2.25
C THR HA 22 47.28 50.29 -2.51
N LEU HA 23 48.02 50.02 -3.58
CA LEU HA 23 48.38 48.66 -3.94
C LEU HA 23 49.81 48.37 -3.49
N THR HA 24 50.00 47.20 -2.90
CA THR HA 24 51.32 46.67 -2.59
C THR HA 24 51.57 45.44 -3.45
N SER HA 25 52.79 45.32 -3.98
CA SER HA 25 53.05 44.23 -4.91
C SER HA 25 53.03 42.89 -4.18
N ASP HA 26 52.45 41.89 -4.83
CA ASP HA 26 52.30 40.56 -4.25
C ASP HA 26 52.73 39.52 -5.28
N THR HA 27 53.17 38.37 -4.79
CA THR HA 27 53.49 37.26 -5.68
C THR HA 27 52.21 36.52 -6.05
N ALA HA 28 52.05 36.23 -7.34
CA ALA HA 28 50.83 35.66 -7.88
C ALA HA 28 50.79 34.14 -7.69
N PRO HA 29 49.60 33.51 -7.84
CA PRO HA 29 49.50 32.06 -7.58
C PRO HA 29 50.07 31.21 -8.71
N THR HA 30 49.92 31.66 -9.95
CA THR HA 30 50.56 31.04 -11.10
C THR HA 30 51.79 31.85 -11.51
N ALA HA 31 52.60 31.24 -12.37
CA ALA HA 31 53.70 31.95 -12.99
C ALA HA 31 53.25 32.81 -14.17
N LEU HA 32 51.96 32.80 -14.47
CA LEU HA 32 51.39 33.57 -15.57
C LEU HA 32 50.55 34.74 -15.07
N GLY HA 33 50.70 35.11 -13.81
CA GLY HA 33 49.88 36.14 -13.23
C GLY HA 33 50.73 37.23 -12.59
N LYS HA 34 50.19 38.43 -12.60
CA LYS HA 34 50.69 39.55 -11.82
C LYS HA 34 49.61 39.92 -10.81
N GLN HA 35 49.96 39.96 -9.53
CA GLN HA 35 48.98 40.18 -8.48
C GLN HA 35 49.42 41.28 -7.53
N HIS HA 36 48.51 42.17 -7.20
CA HIS HA 36 48.72 43.17 -6.16
C HIS HA 36 47.69 42.95 -5.05
N ALA HA 37 48.04 43.39 -3.85
CA ALA HA 37 47.13 43.34 -2.72
C ALA HA 37 46.83 44.76 -2.23
N VAL HA 38 45.59 45.00 -1.81
CA VAL HA 38 45.20 46.33 -1.36
C VAL HA 38 45.63 46.45 0.10
N THR HA 39 46.75 47.11 0.32
CA THR HA 39 47.31 47.22 1.66
C THR HA 39 46.65 48.33 2.49
N ALA HA 40 46.08 49.35 1.85
CA ALA HA 40 45.43 50.44 2.59
C ALA HA 40 44.46 51.18 1.69
N THR HA 41 43.49 51.85 2.32
CA THR HA 41 42.47 52.61 1.61
C THR HA 41 42.54 54.07 1.99
N GLY HA 42 42.34 54.94 1.01
CA GLY HA 42 42.20 56.36 1.24
C GLY HA 42 40.85 56.83 0.72
N GLY HA 43 40.38 57.98 1.18
CA GLY HA 43 39.06 58.46 0.87
C GLY HA 43 38.07 58.14 1.98
N THR HA 44 36.85 58.66 1.81
CA THR HA 44 35.79 58.48 2.81
C THR HA 44 34.95 57.27 2.42
N GLN HA 45 35.50 56.08 2.71
CA GLN HA 45 34.82 54.80 2.54
C GLN HA 45 34.89 54.11 3.90
N THR HA 46 33.91 54.39 4.75
CA THR HA 46 33.98 53.94 6.13
C THR HA 46 33.61 52.47 6.21
N GLY HA 47 34.39 51.71 6.98
CA GLY HA 47 34.16 50.29 7.16
C GLY HA 47 34.92 49.38 6.21
N VAL HA 48 35.56 49.94 5.18
CA VAL HA 48 36.25 49.11 4.20
C VAL HA 48 37.48 48.48 4.84
N THR HA 49 37.59 47.16 4.74
CA THR HA 49 38.70 46.42 5.32
C THR HA 49 39.74 46.10 4.24
N THR HA 50 41.01 46.23 4.61
CA THR HA 50 42.10 45.99 3.69
C THR HA 50 42.46 44.50 3.68
N HIS HA 51 43.48 44.16 2.90
CA HIS HA 51 43.89 42.75 2.75
C HIS HA 51 44.40 42.20 4.07
N SER HA 52 43.75 41.13 4.53
CA SER HA 52 44.18 40.37 5.70
C SER HA 52 44.30 38.91 5.30
N VAL HA 53 44.91 38.12 6.16
CA VAL HA 53 44.95 36.69 5.91
C VAL HA 53 43.55 36.11 5.93
N SER HA 54 42.72 36.58 6.87
CA SER HA 54 41.38 36.04 7.01
C SER HA 54 40.45 36.53 5.89
N SER HA 55 40.58 37.80 5.51
CA SER HA 55 39.72 38.41 4.48
C SER HA 55 40.58 39.12 3.45
N PRO HA 56 40.79 38.52 2.28
CA PRO HA 56 41.74 39.08 1.32
C PRO HA 56 41.15 40.22 0.51
N PHE HA 57 42.05 41.05 -0.02
CA PHE HA 57 41.72 42.10 -0.98
C PHE HA 57 42.81 42.05 -2.04
N THR HA 58 42.57 41.32 -3.13
CA THR HA 58 43.60 41.02 -4.11
C THR HA 58 43.11 41.25 -5.54
N ILE HA 59 44.03 41.70 -6.38
CA ILE HA 59 43.77 42.05 -7.77
C ILE HA 59 44.82 41.32 -8.61
N THR HA 60 44.42 40.26 -9.30
CA THR HA 60 45.34 39.42 -10.04
C THR HA 60 44.95 39.35 -11.52
N PHE HA 61 45.94 39.42 -12.41
CA PHE HA 61 45.72 39.42 -13.85
C PHE HA 61 46.62 38.37 -14.49
N THR HA 62 46.01 37.48 -15.27
CA THR HA 62 46.69 36.27 -15.77
C THR HA 62 46.52 36.15 -17.28
N ARG HA 63 47.57 35.64 -17.93
CA ARG HA 63 47.57 35.30 -19.34
C ARG HA 63 47.43 33.79 -19.50
N PRO HA 64 47.04 33.32 -20.69
CA PRO HA 64 46.87 31.86 -20.87
C PRO HA 64 48.21 31.13 -20.90
N LYS HA 65 48.16 29.85 -20.51
CA LYS HA 65 49.37 29.04 -20.46
C LYS HA 65 50.00 28.92 -21.83
N THR HA 66 49.19 28.62 -22.85
CA THR HA 66 49.65 28.43 -24.21
C THR HA 66 48.86 29.32 -25.15
N MET HA 67 49.56 30.10 -25.96
CA MET HA 67 48.90 30.93 -26.97
C MET HA 67 48.42 30.06 -28.13
N LYS HA 68 47.35 30.52 -28.77
CA LYS HA 68 46.73 29.77 -29.85
C LYS HA 68 46.92 30.53 -31.16
N THR HA 69 47.51 29.87 -32.14
CA THR HA 69 47.60 30.41 -33.49
C THR HA 69 46.41 29.91 -34.31
N VAL HA 70 46.11 30.65 -35.37
CA VAL HA 70 44.89 30.39 -36.11
C VAL HA 70 45.14 29.41 -37.24
N GLY HA 83 39.38 28.61 -31.99
CA GLY HA 83 40.20 28.73 -30.81
C GLY HA 83 40.19 30.12 -30.19
N ARG HA 84 40.50 30.23 -28.90
CA ARG HA 84 40.45 31.52 -28.21
C ARG HA 84 41.56 31.63 -27.17
N ASN HA 85 42.17 32.81 -27.06
CA ASN HA 85 43.08 33.14 -25.96
C ASN HA 85 42.28 33.98 -24.98
N THR HA 86 42.14 33.51 -23.73
CA THR HA 86 41.38 34.23 -22.70
C THR HA 86 42.32 34.74 -21.63
N TYR HA 87 42.24 36.04 -21.37
CA TYR HA 87 42.99 36.69 -20.30
C TYR HA 87 42.05 36.95 -19.12
N GLY HA 88 42.57 36.79 -17.91
CA GLY HA 88 41.72 36.84 -16.72
C GLY HA 88 42.10 37.87 -15.67
N PHE HA 89 41.13 38.68 -15.25
CA PHE HA 89 41.34 39.73 -14.27
C PHE HA 89 40.38 39.48 -13.11
N LEU HA 90 40.93 39.24 -11.91
CA LEU HA 90 40.09 38.78 -10.82
C LEU HA 90 40.42 39.50 -9.51
N VAL HA 91 39.36 39.95 -8.84
CA VAL HA 91 39.44 40.67 -7.58
C VAL HA 91 38.73 39.83 -6.53
N ARG HA 92 39.42 39.57 -5.42
CA ARG HA 92 38.87 38.85 -4.28
C ARG HA 92 38.80 39.78 -3.08
N LYS HA 93 37.63 39.82 -2.43
CA LYS HA 93 37.43 40.74 -1.31
C LYS HA 93 36.80 40.01 -0.13
N GLY HA 94 37.40 40.19 1.05
CA GLY HA 94 36.83 39.65 2.26
C GLY HA 94 35.57 40.40 2.66
N VAL HA 95 34.44 39.70 2.73
CA VAL HA 95 33.13 40.28 3.03
C VAL HA 95 32.47 39.42 4.09
N ILE HA 96 31.88 40.04 5.11
CA ILE HA 96 31.39 39.30 6.26
C ILE HA 96 29.87 39.14 6.16
N PRO HA 97 29.34 37.91 6.09
CA PRO HA 97 27.90 37.77 5.83
C PRO HA 97 27.01 37.99 7.04
N ALA HA 98 27.40 37.56 8.22
CA ALA HA 98 26.50 37.73 9.37
C ALA HA 98 27.20 38.39 10.54
N VAL HA 99 26.44 38.50 11.63
CA VAL HA 99 26.86 39.32 12.75
C VAL HA 99 28.12 38.77 13.39
N ASN HA 100 28.32 37.45 13.36
CA ASN HA 100 29.52 36.90 13.95
C ASN HA 100 30.21 35.88 13.06
N GLN HA 101 29.87 35.84 11.76
CA GLN HA 101 30.37 34.78 10.91
C GLN HA 101 31.77 35.05 10.38
N SER HA 102 32.38 33.98 9.90
CA SER HA 102 33.67 34.07 9.24
C SER HA 102 33.54 34.81 7.92
N PRO HA 103 34.58 35.51 7.49
CA PRO HA 103 34.51 36.24 6.23
C PRO HA 103 34.42 35.29 5.05
N GLN HA 104 33.49 35.59 4.14
CA GLN HA 104 33.31 35.01 2.82
C GLN HA 104 34.05 35.85 1.79
N VAL HA 105 34.33 35.24 0.64
CA VAL HA 105 35.10 35.91 -0.40
C VAL HA 105 34.15 36.37 -1.49
N MET HA 106 33.79 37.65 -1.49
CA MET HA 106 33.18 38.22 -2.68
C MET HA 106 34.18 38.17 -3.81
N LEU HA 107 33.66 38.04 -5.03
CA LEU HA 107 34.53 37.73 -6.15
C LEU HA 107 34.06 38.48 -7.39
N VAL HA 108 34.93 39.31 -7.96
CA VAL HA 108 34.63 40.03 -9.20
C VAL HA 108 35.63 39.55 -10.24
N ARG HA 109 35.18 38.82 -11.24
CA ARG HA 109 36.10 38.25 -12.21
C ARG HA 109 35.71 38.61 -13.64
N VAL HA 110 36.71 38.97 -14.42
CA VAL HA 110 36.58 39.40 -15.81
C VAL HA 110 37.37 38.42 -16.66
N GLU HA 111 36.78 38.03 -17.78
CA GLU HA 111 37.42 37.17 -18.77
C GLU HA 111 37.35 37.85 -20.12
N ILE HA 112 38.49 37.97 -20.78
CA ILE HA 112 38.61 38.59 -22.09
C ILE HA 112 39.04 37.49 -23.06
N SER HA 113 38.10 37.01 -23.86
CA SER HA 113 38.36 35.95 -24.83
C SER HA 113 38.52 36.59 -26.21
N VAL HA 114 39.76 36.57 -26.68
CA VAL HA 114 40.15 37.08 -28.00
C VAL HA 114 40.26 35.89 -28.94
N PRO HA 115 39.53 35.86 -30.05
CA PRO HA 115 39.73 34.82 -31.07
C PRO HA 115 41.15 34.84 -31.62
N ALA HA 116 41.49 33.77 -32.35
CA ALA HA 116 42.89 33.51 -32.68
C ALA HA 116 43.46 34.57 -33.62
N GLY HA 117 42.88 34.72 -34.80
CA GLY HA 117 43.42 35.68 -35.76
C GLY HA 117 43.09 37.12 -35.48
N ALA HA 118 42.21 37.33 -34.50
CA ALA HA 118 41.74 38.66 -34.13
C ALA HA 118 42.88 39.58 -33.77
N ASP HA 119 43.72 39.16 -32.81
CA ASP HA 119 44.76 40.00 -32.23
C ASP HA 119 45.61 40.69 -33.28
N THR HA 120 45.80 40.05 -34.42
CA THR HA 120 46.61 40.58 -35.50
C THR HA 120 45.78 41.23 -36.59
N TYR HA 121 44.81 40.50 -37.15
CA TYR HA 121 44.12 41.00 -38.35
C TYR HA 121 43.19 42.15 -38.01
N ASP HA 122 42.45 42.07 -36.91
CA ASP HA 122 41.46 43.09 -36.55
C ASP HA 122 41.72 43.51 -35.10
N ALA HA 123 42.67 44.42 -34.91
CA ALA HA 123 43.01 44.84 -33.56
C ALA HA 123 42.11 45.98 -33.09
N ALA HA 124 41.61 46.78 -34.03
CA ALA HA 124 40.78 47.92 -33.66
C ALA HA 124 39.49 47.45 -32.99
N ASN HA 125 38.88 46.39 -33.51
CA ASN HA 125 37.63 45.91 -32.92
C ASN HA 125 37.87 45.27 -31.55
N VAL HA 126 39.01 44.59 -31.37
CA VAL HA 126 39.37 44.09 -30.04
C VAL HA 126 39.46 45.24 -29.05
N LYS HA 127 40.27 46.25 -29.39
CA LYS HA 127 40.43 47.41 -28.51
C LYS HA 127 39.09 48.09 -28.26
N ALA HA 128 38.20 48.09 -29.25
CA ALA HA 128 36.91 48.77 -29.10
C ALA HA 128 35.99 48.00 -28.16
N ALA HA 129 35.99 46.67 -28.26
CA ALA HA 129 35.25 45.87 -27.28
C ALA HA 129 35.71 46.17 -25.87
N LEU HA 130 37.03 46.19 -25.66
CA LEU HA 130 37.56 46.48 -24.33
C LEU HA 130 37.19 47.89 -23.88
N SER HA 131 37.26 48.86 -24.80
CA SER HA 131 36.95 50.25 -24.48
C SER HA 131 35.49 50.40 -24.08
N ALA HA 132 34.58 49.85 -24.88
CA ALA HA 132 33.16 49.92 -24.55
C ALA HA 132 32.86 49.25 -23.22
N ALA HA 133 33.40 48.05 -23.01
CA ALA HA 133 33.14 47.31 -21.78
C ALA HA 133 33.59 48.11 -20.56
N ILE HA 134 34.86 48.52 -20.54
CA ILE HA 134 35.37 49.22 -19.37
C ILE HA 134 34.71 50.60 -19.23
N GLY HA 135 34.34 51.24 -20.34
CA GLY HA 135 33.69 52.54 -20.24
C GLY HA 135 32.31 52.46 -19.63
N VAL HA 136 31.53 51.47 -20.03
CA VAL HA 136 30.21 51.26 -19.41
C VAL HA 136 30.38 50.88 -17.95
N LEU HA 137 31.38 50.04 -17.64
CA LEU HA 137 31.62 49.67 -16.25
C LEU HA 137 31.93 50.88 -15.37
N SER HA 138 32.81 51.77 -15.85
CA SER HA 138 33.16 52.94 -15.06
C SER HA 138 32.01 53.94 -15.00
N GLN HA 139 31.20 54.03 -16.07
CA GLN HA 139 30.06 54.94 -16.06
C GLN HA 139 29.02 54.49 -15.04
N GLN HA 140 28.71 53.19 -15.02
CA GLN HA 140 27.67 52.67 -14.15
C GLN HA 140 28.22 52.04 -12.89
N SER HA 141 29.44 52.41 -12.46
CA SER HA 141 30.03 51.76 -11.29
C SER HA 141 29.15 51.91 -10.07
N ALA HA 142 28.71 53.14 -9.80
CA ALA HA 142 27.85 53.40 -8.64
C ALA HA 142 26.56 52.60 -8.75
N GLY HA 143 25.94 52.62 -9.93
CA GLY HA 143 24.67 51.91 -10.11
C GLY HA 143 24.80 50.41 -10.02
N ILE HA 144 25.94 49.87 -10.45
CA ILE HA 144 26.19 48.43 -10.36
C ILE HA 144 26.39 48.02 -8.91
N GLY HA 145 27.03 48.88 -8.10
CA GLY HA 145 27.03 48.63 -6.66
C GLY HA 145 25.64 48.67 -6.07
N ASP HA 146 24.88 49.71 -6.42
CA ASP HA 146 23.48 49.79 -5.99
C ASP HA 146 22.72 48.52 -6.35
N THR HA 147 22.99 47.96 -7.52
CA THR HA 147 22.34 46.72 -7.94
C THR HA 147 22.85 45.53 -7.14
N ALA HA 148 24.15 45.47 -6.88
CA ALA HA 148 24.73 44.37 -6.12
C ALA HA 148 24.17 44.31 -4.71
N LEU HA 149 23.68 45.44 -4.21
CA LEU HA 149 23.03 45.46 -2.90
C LEU HA 149 21.51 45.33 -2.98
N SER HA 150 20.88 45.86 -4.04
CA SER HA 150 19.42 45.89 -4.16
C SER HA 150 18.87 44.57 -4.69
N GLY HA 151 19.57 43.94 -5.62
CA GLY HA 151 19.01 42.85 -6.37
C GLY HA 151 18.23 43.27 -7.59
N ILE HA 152 18.28 44.55 -7.97
CA ILE HA 152 17.41 45.11 -8.99
C ILE HA 152 18.23 45.81 -10.06
N LEU HA 153 17.90 45.56 -11.32
CA LEU HA 153 18.50 46.24 -12.46
C LEU HA 153 17.75 47.52 -12.80
N ALA IA 1 73.42 32.46 -16.63
CA ALA IA 1 73.66 33.87 -16.89
C ALA IA 1 73.19 34.29 -18.29
N TYR IA 2 71.88 34.19 -18.54
CA TYR IA 2 71.30 34.50 -19.84
C TYR IA 2 70.53 35.82 -19.72
N SER IA 3 71.00 36.87 -20.43
CA SER IA 3 70.36 38.19 -20.42
C SER IA 3 70.65 38.89 -21.74
N PRO IA 4 69.71 38.86 -22.68
CA PRO IA 4 69.95 39.50 -23.98
C PRO IA 4 69.88 41.02 -23.90
N SER IA 5 70.35 41.66 -24.98
CA SER IA 5 70.47 43.12 -25.08
C SER IA 5 69.33 43.69 -25.91
N THR IA 6 69.15 45.03 -25.81
CA THR IA 6 67.97 45.65 -26.40
C THR IA 6 67.98 45.53 -27.92
N PRO IA 7 68.99 46.04 -28.65
CA PRO IA 7 69.13 45.61 -30.04
C PRO IA 7 70.04 44.40 -30.14
N VAL IA 8 69.49 43.28 -30.60
CA VAL IA 8 70.29 42.09 -30.90
C VAL IA 8 70.68 42.20 -32.35
N THR IA 9 71.97 42.13 -32.62
CA THR IA 9 72.46 42.16 -33.99
C THR IA 9 72.27 40.77 -34.59
N GLY IA 10 71.31 40.66 -35.49
CA GLY IA 10 70.94 39.37 -36.02
C GLY IA 10 72.03 38.80 -36.91
N ALA IA 11 72.15 37.48 -36.87
CA ALA IA 11 73.13 36.79 -37.70
C ALA IA 11 72.82 37.03 -39.17
N ALA IA 12 73.88 37.05 -39.97
CA ALA IA 12 73.75 37.42 -41.37
C ALA IA 12 72.79 36.49 -42.09
N GLN IA 13 71.96 37.07 -42.93
CA GLN IA 13 71.05 36.33 -43.78
C GLN IA 13 71.12 36.89 -45.19
N THR IA 14 70.59 36.11 -46.14
CA THR IA 14 70.89 36.34 -47.56
C THR IA 14 70.42 37.72 -48.02
N GLY IA 15 69.13 38.00 -47.89
CA GLY IA 15 68.64 39.28 -48.34
C GLY IA 15 68.69 40.41 -47.35
N PHE IA 16 69.26 40.20 -46.16
CA PHE IA 16 69.20 41.17 -45.09
C PHE IA 16 70.48 41.99 -45.06
N THR IA 17 70.34 43.30 -44.93
CA THR IA 17 71.46 44.21 -44.77
C THR IA 17 71.46 44.72 -43.34
N SER IA 18 72.44 44.29 -42.54
CA SER IA 18 72.67 44.76 -41.18
C SER IA 18 71.42 44.65 -40.31
N PRO IA 19 70.89 43.45 -40.11
CA PRO IA 19 69.61 43.32 -39.41
C PRO IA 19 69.79 43.32 -37.90
N THR IA 20 68.89 44.03 -37.22
CA THR IA 20 68.84 44.07 -35.77
C THR IA 20 67.40 43.84 -35.32
N TYR IA 21 67.26 43.27 -34.14
CA TYR IA 21 65.94 42.96 -33.58
C TYR IA 21 65.85 43.53 -32.18
N THR IA 22 64.83 44.35 -31.93
CA THR IA 22 64.60 44.95 -30.63
C THR IA 22 63.80 43.97 -29.77
N LEU IA 23 64.30 43.70 -28.57
CA LEU IA 23 63.66 42.77 -27.66
C LEU IA 23 62.93 43.55 -26.58
N THR IA 24 61.69 43.16 -26.32
CA THR IA 24 60.91 43.63 -25.18
C THR IA 24 60.70 42.46 -24.23
N SER IA 25 60.75 42.74 -22.92
CA SER IA 25 60.71 41.65 -21.96
C SER IA 25 59.30 41.08 -21.85
N ASP IA 26 59.22 39.75 -21.77
CA ASP IA 26 57.95 39.04 -21.74
C ASP IA 26 57.96 38.03 -20.60
N THR IA 27 56.77 37.70 -20.12
CA THR IA 27 56.61 36.65 -19.12
C THR IA 27 56.62 35.28 -19.79
N ALA IA 28 57.42 34.37 -19.25
CA ALA IA 28 57.67 33.06 -19.85
C ALA IA 28 56.60 32.06 -19.46
N PRO IA 29 56.41 31.00 -20.26
CA PRO IA 29 55.29 30.08 -19.97
C PRO IA 29 55.50 29.24 -18.73
N THR IA 30 56.69 28.71 -18.54
CA THR IA 30 57.02 28.06 -17.28
C THR IA 30 57.58 29.08 -16.31
N ALA IA 31 57.64 28.70 -15.04
CA ALA IA 31 58.41 29.49 -14.09
C ALA IA 31 59.91 29.32 -14.27
N LEU IA 32 60.34 28.40 -15.13
CA LEU IA 32 61.75 28.08 -15.33
C LEU IA 32 62.30 28.69 -16.61
N GLY IA 33 61.62 29.66 -17.18
CA GLY IA 33 62.04 30.25 -18.43
C GLY IA 33 62.17 31.76 -18.33
N LYS IA 34 63.09 32.29 -19.11
CA LYS IA 34 63.15 33.71 -19.41
C LYS IA 34 62.78 33.88 -20.88
N GLN IA 35 61.84 34.79 -21.17
CA GLN IA 35 61.35 34.94 -22.53
C GLN IA 35 61.34 36.40 -22.93
N HIS IA 36 61.80 36.68 -24.13
CA HIS IA 36 61.70 38.00 -24.73
C HIS IA 36 60.90 37.91 -26.03
N ALA IA 37 60.22 38.99 -26.38
CA ALA IA 37 59.49 39.06 -27.64
C ALA IA 37 60.12 40.12 -28.54
N VAL IA 38 60.17 39.85 -29.84
CA VAL IA 38 60.75 40.78 -30.80
C VAL IA 38 59.66 41.80 -31.13
N THR IA 39 59.71 42.95 -30.45
CA THR IA 39 58.68 43.98 -30.61
C THR IA 39 58.87 44.80 -31.90
N ALA IA 40 60.10 44.94 -32.38
CA ALA IA 40 60.35 45.76 -33.56
C ALA IA 40 61.64 45.32 -34.24
N THR IA 41 61.74 45.59 -35.53
CA THR IA 41 62.88 45.19 -36.35
C THR IA 41 63.58 46.41 -36.94
N GLY IA 42 64.90 46.39 -36.94
CA GLY IA 42 65.72 47.35 -37.65
C GLY IA 42 66.60 46.65 -38.67
N GLY IA 43 67.15 47.44 -39.58
CA GLY IA 43 67.91 46.92 -40.71
C GLY IA 43 67.05 46.83 -41.96
N THR IA 44 67.73 46.55 -43.07
CA THR IA 44 67.08 46.43 -44.38
C THR IA 44 66.64 44.98 -44.66
N GLN IA 45 65.74 44.54 -43.81
CA GLN IA 45 64.98 43.30 -43.98
C GLN IA 45 63.54 43.69 -44.26
N THR IA 46 63.06 43.37 -45.46
CA THR IA 46 61.76 43.84 -45.89
C THR IA 46 60.78 42.67 -45.89
N GLY IA 47 59.66 42.88 -45.22
CA GLY IA 47 58.63 41.89 -45.08
C GLY IA 47 58.63 41.18 -43.75
N VAL IA 48 59.59 41.47 -42.88
CA VAL IA 48 59.72 40.78 -41.61
C VAL IA 48 58.67 41.33 -40.64
N THR IA 49 57.85 40.43 -40.09
CA THR IA 49 56.78 40.80 -39.17
C THR IA 49 57.23 40.63 -37.73
N THR IA 50 56.79 41.54 -36.85
CA THR IA 50 57.16 41.52 -35.45
C THR IA 50 56.18 40.65 -34.66
N HIS IA 51 56.30 40.66 -33.34
CA HIS IA 51 55.58 39.72 -32.49
C HIS IA 51 54.12 40.11 -32.33
N SER IA 52 53.23 39.21 -32.73
CA SER IA 52 51.81 39.25 -32.44
C SER IA 52 51.47 38.00 -31.65
N VAL IA 53 50.22 37.87 -31.23
CA VAL IA 53 49.84 36.64 -30.54
C VAL IA 53 49.62 35.51 -31.54
N SER IA 54 48.99 35.81 -32.67
CA SER IA 54 48.77 34.79 -33.69
C SER IA 54 49.99 34.60 -34.58
N SER IA 55 50.85 35.62 -34.69
CA SER IA 55 52.10 35.55 -35.44
C SER IA 55 53.25 35.92 -34.50
N PRO IA 56 53.70 34.99 -33.67
CA PRO IA 56 54.65 35.33 -32.61
C PRO IA 56 56.07 35.52 -33.13
N PHE IA 57 56.87 36.19 -32.30
CA PHE IA 57 58.31 36.30 -32.46
C PHE IA 57 58.85 36.24 -31.03
N THR IA 58 59.17 35.04 -30.57
CA THR IA 58 59.50 34.82 -29.16
C THR IA 58 60.79 34.02 -29.01
N ILE IA 59 61.61 34.43 -28.04
CA ILE IA 59 62.90 33.84 -27.75
C ILE IA 59 62.88 33.47 -26.28
N THR IA 60 62.69 32.18 -25.98
CA THR IA 60 62.55 31.71 -24.61
C THR IA 60 63.64 30.69 -24.27
N PHE IA 61 64.18 30.78 -23.06
CA PHE IA 61 65.30 29.96 -22.61
C PHE IA 61 64.97 29.40 -21.23
N THR IA 62 65.07 28.09 -21.10
CA THR IA 62 64.55 27.37 -19.95
C THR IA 62 65.61 26.45 -19.36
N ARG IA 63 65.60 26.32 -18.03
CA ARG IA 63 66.40 25.38 -17.28
C ARG IA 63 65.56 24.18 -16.87
N PRO IA 64 66.18 23.06 -16.51
CA PRO IA 64 65.39 21.89 -16.13
C PRO IA 64 64.72 22.06 -14.77
N LYS IA 65 63.65 21.29 -14.56
CA LYS IA 65 62.89 21.39 -13.32
C LYS IA 65 63.73 20.93 -12.13
N THR IA 66 64.44 19.82 -12.28
CA THR IA 66 65.24 19.25 -11.22
C THR IA 66 66.64 18.96 -11.72
N MET IA 67 67.64 19.46 -11.01
CA MET IA 67 69.02 19.20 -11.37
C MET IA 67 69.38 17.75 -11.04
N LYS IA 68 70.41 17.24 -11.73
CA LYS IA 68 70.89 15.88 -11.51
C LYS IA 68 72.37 15.90 -11.17
N THR IA 69 72.72 15.17 -10.11
CA THR IA 69 74.10 15.07 -9.64
C THR IA 69 74.74 13.81 -10.22
N VAL IA 70 76.07 13.81 -10.23
CA VAL IA 70 76.84 12.78 -10.94
C VAL IA 70 76.63 11.39 -10.35
N GLY IA 71 76.44 11.31 -9.05
CA GLY IA 71 76.33 10.01 -8.43
C GLY IA 71 77.68 9.49 -7.98
N VAL IA 72 77.67 8.20 -7.66
CA VAL IA 72 78.78 7.61 -6.93
C VAL IA 72 79.19 6.29 -7.57
N PRO IA 73 80.49 6.02 -7.71
CA PRO IA 73 80.91 4.79 -8.39
C PRO IA 73 80.59 3.54 -7.59
N ASN IA 74 80.27 2.47 -8.33
CA ASN IA 74 79.87 1.20 -7.75
C ASN IA 74 81.12 0.33 -7.49
N SER IA 75 80.88 -0.94 -7.15
CA SER IA 75 81.95 -1.83 -6.73
C SER IA 75 83.09 -1.95 -7.75
N ASN IA 76 82.78 -1.76 -9.02
CA ASN IA 76 83.78 -1.85 -10.08
C ASN IA 76 84.43 -0.51 -10.40
N GLY IA 77 84.15 0.52 -9.61
CA GLY IA 77 84.67 1.84 -9.89
C GLY IA 77 83.97 2.57 -11.02
N VAL IA 78 82.78 2.10 -11.43
CA VAL IA 78 82.05 2.66 -12.56
C VAL IA 78 80.77 3.32 -12.06
N ILE IA 79 80.50 4.52 -12.54
CA ILE IA 79 79.27 5.23 -12.19
C ILE IA 79 78.13 4.71 -13.05
N THR IA 80 77.11 4.15 -12.41
CA THR IA 80 76.17 3.30 -13.12
C THR IA 80 75.34 4.08 -14.11
N ASN IA 81 74.83 5.24 -13.71
CA ASN IA 81 73.86 5.98 -14.52
C ASN IA 81 74.21 7.46 -14.45
N ILE IA 82 74.57 8.02 -15.59
CA ILE IA 82 74.86 9.44 -15.72
C ILE IA 82 73.64 10.08 -16.36
N GLY IA 83 72.79 10.68 -15.53
CA GLY IA 83 71.74 11.53 -16.06
C GLY IA 83 72.31 12.77 -16.72
N ARG IA 84 71.43 13.53 -17.38
CA ARG IA 84 71.87 14.73 -18.09
C ARG IA 84 70.87 15.86 -17.91
N ASN IA 85 71.35 17.05 -17.54
CA ASN IA 85 70.50 18.23 -17.46
C ASN IA 85 70.50 18.91 -18.83
N THR IA 86 69.31 19.11 -19.42
CA THR IA 86 69.17 19.75 -20.72
C THR IA 86 68.55 21.14 -20.54
N TYR IA 87 69.20 22.14 -21.11
CA TYR IA 87 68.69 23.51 -21.16
C TYR IA 87 68.16 23.79 -22.55
N GLY IA 88 67.04 24.52 -22.62
CA GLY IA 88 66.34 24.70 -23.88
C GLY IA 88 66.19 26.13 -24.36
N PHE IA 89 66.57 26.38 -25.60
CA PHE IA 89 66.51 27.71 -26.21
C PHE IA 89 65.62 27.63 -27.44
N LEU IA 90 64.50 28.34 -27.44
CA LEU IA 90 63.51 28.14 -28.49
C LEU IA 90 62.98 29.45 -29.02
N VAL IA 91 62.95 29.56 -30.35
CA VAL IA 91 62.46 30.74 -31.06
C VAL IA 91 61.23 30.32 -31.86
N ARG IA 92 60.14 31.05 -31.68
CA ARG IA 92 58.91 30.84 -32.43
C ARG IA 92 58.67 32.06 -33.32
N LYS IA 93 58.37 31.81 -34.59
CA LYS IA 93 58.18 32.90 -35.54
C LYS IA 93 56.95 32.65 -36.39
N GLY IA 94 56.08 33.66 -36.46
CA GLY IA 94 54.92 33.59 -37.32
C GLY IA 94 55.34 33.63 -38.79
N VAL IA 95 54.96 32.60 -39.56
CA VAL IA 95 55.30 32.49 -40.97
C VAL IA 95 54.04 32.15 -41.75
N ILE IA 96 53.86 32.75 -42.92
CA ILE IA 96 52.61 32.62 -43.66
C ILE IA 96 52.81 31.61 -44.79
N PRO IA 97 52.10 30.48 -44.80
CA PRO IA 97 52.40 29.45 -45.80
C PRO IA 97 51.75 29.70 -47.16
N ALA IA 98 50.52 30.16 -47.21
CA ALA IA 98 49.80 30.25 -48.48
C ALA IA 98 49.43 31.69 -48.79
N VAL IA 99 48.69 31.86 -49.90
CA VAL IA 99 48.40 33.21 -50.37
C VAL IA 99 47.44 33.91 -49.42
N ASN IA 100 46.45 33.19 -48.92
CA ASN IA 100 45.51 33.78 -47.98
C ASN IA 100 45.46 33.04 -46.66
N GLN IA 101 46.21 31.93 -46.54
CA GLN IA 101 46.14 31.16 -45.31
C GLN IA 101 46.76 31.93 -44.15
N SER IA 102 46.43 31.46 -42.95
CA SER IA 102 46.75 32.12 -41.70
C SER IA 102 48.14 31.72 -41.23
N PRO IA 103 48.75 32.52 -40.36
CA PRO IA 103 50.15 32.26 -39.98
C PRO IA 103 50.31 30.96 -39.19
N GLN IA 104 51.26 30.15 -39.64
CA GLN IA 104 51.81 28.98 -38.96
C GLN IA 104 53.06 29.40 -38.19
N VAL IA 105 53.58 28.50 -37.36
CA VAL IA 105 54.68 28.84 -36.46
C VAL IA 105 55.93 28.10 -36.88
N MET IA 106 56.83 28.77 -37.60
CA MET IA 106 58.17 28.23 -37.75
C MET IA 106 58.84 28.18 -36.38
N LEU IA 107 59.71 27.18 -36.22
CA LEU IA 107 60.22 26.87 -34.89
C LEU IA 107 61.70 26.54 -34.98
N VAL IA 108 62.53 27.25 -34.23
CA VAL IA 108 63.97 26.98 -34.17
C VAL IA 108 64.31 26.66 -32.72
N ARG IA 109 64.62 25.41 -32.42
CA ARG IA 109 64.85 25.02 -31.03
C ARG IA 109 66.21 24.35 -30.85
N VAL IA 110 66.88 24.72 -29.76
CA VAL IA 110 68.20 24.25 -29.39
C VAL IA 110 68.07 23.56 -28.04
N GLU IA 111 68.71 22.41 -27.91
CA GLU IA 111 68.76 21.68 -26.66
C GLU IA 111 70.21 21.40 -26.32
N ILE IA 112 70.59 21.74 -25.09
CA ILE IA 112 71.96 21.60 -24.61
C ILE IA 112 71.90 20.58 -23.48
N SER IA 113 72.30 19.33 -23.76
CA SER IA 113 72.31 18.26 -22.77
C SER IA 113 73.72 18.14 -22.20
N VAL IA 114 73.87 18.55 -20.94
CA VAL IA 114 75.12 18.49 -20.19
C VAL IA 114 75.04 17.27 -19.26
N PRO IA 115 75.93 16.28 -19.42
CA PRO IA 115 75.97 15.16 -18.48
C PRO IA 115 76.20 15.63 -17.05
N ALA IA 116 75.99 14.71 -16.12
CA ALA IA 116 75.88 15.09 -14.72
C ALA IA 116 77.20 15.63 -14.19
N GLY IA 117 78.25 14.81 -14.20
CA GLY IA 117 79.51 15.22 -13.60
C GLY IA 117 80.30 16.19 -14.44
N ALA IA 118 79.84 16.40 -15.68
CA ALA IA 118 80.50 17.27 -16.64
C ALA IA 118 80.66 18.67 -16.11
N ASP IA 119 79.55 19.28 -15.68
CA ASP IA 119 79.49 20.70 -15.35
C ASP IA 119 80.54 21.10 -14.33
N THR IA 120 80.97 20.17 -13.50
CA THR IA 120 81.98 20.43 -12.49
C THR IA 120 83.35 19.88 -12.88
N TYR IA 121 83.43 18.61 -13.27
CA TYR IA 121 84.75 18.01 -13.49
C TYR IA 121 85.40 18.51 -14.77
N ASP IA 122 84.64 18.60 -15.87
CA ASP IA 122 85.20 18.96 -17.17
C ASP IA 122 84.35 20.09 -17.74
N ALA IA 123 84.66 21.32 -17.31
CA ALA IA 123 83.88 22.46 -17.77
C ALA IA 123 84.40 23.00 -19.08
N ALA IA 124 85.71 22.84 -19.32
CA ALA IA 124 86.30 23.38 -20.53
C ALA IA 124 85.70 22.72 -21.77
N ASN IA 125 85.48 21.41 -21.72
CA ASN IA 125 84.92 20.73 -22.88
C ASN IA 125 83.46 21.09 -23.10
N VAL IA 126 82.71 21.30 -22.01
CA VAL IA 126 81.34 21.81 -22.14
C VAL IA 126 81.34 23.14 -22.87
N LYS IA 127 82.12 24.10 -22.34
CA LYS IA 127 82.19 25.42 -22.97
C LYS IA 127 82.65 25.33 -24.41
N ALA IA 128 83.55 24.37 -24.71
CA ALA IA 128 84.08 24.24 -26.06
C ALA IA 128 83.01 23.71 -27.02
N ALA IA 129 82.22 22.73 -26.59
CA ALA IA 129 81.12 22.27 -27.41
C ALA IA 129 80.16 23.42 -27.73
N LEU IA 130 79.83 24.21 -26.70
CA LEU IA 130 78.92 25.33 -26.92
C LEU IA 130 79.49 26.36 -27.88
N SER IA 131 80.77 26.70 -27.72
CA SER IA 131 81.37 27.72 -28.58
C SER IA 131 81.54 27.24 -30.01
N ALA IA 132 81.89 25.97 -30.20
CA ALA IA 132 81.99 25.43 -31.55
C ALA IA 132 80.61 25.40 -32.23
N ALA IA 133 79.59 24.93 -31.51
CA ALA IA 133 78.24 24.89 -32.08
C ALA IA 133 77.78 26.29 -32.49
N ILE IA 134 77.87 27.25 -31.57
CA ILE IA 134 77.37 28.59 -31.87
C ILE IA 134 78.26 29.29 -32.91
N GLY IA 135 79.56 29.00 -32.94
CA GLY IA 135 80.41 29.61 -33.93
C GLY IA 135 80.13 29.12 -35.34
N VAL IA 136 79.91 27.81 -35.48
CA VAL IA 136 79.52 27.28 -36.78
C VAL IA 136 78.16 27.82 -37.19
N LEU IA 137 77.23 27.96 -36.23
CA LEU IA 137 75.92 28.50 -36.55
C LEU IA 137 76.02 29.94 -37.06
N SER IA 138 76.81 30.78 -36.38
CA SER IA 138 76.94 32.16 -36.81
C SER IA 138 77.74 32.29 -38.11
N GLN IA 139 78.68 31.36 -38.35
CA GLN IA 139 79.43 31.39 -39.60
C GLN IA 139 78.55 31.04 -40.78
N GLN IA 140 77.75 29.99 -40.65
CA GLN IA 140 76.92 29.50 -41.73
C GLN IA 140 75.48 30.01 -41.63
N SER IA 141 75.24 31.12 -40.95
CA SER IA 141 73.86 31.57 -40.76
C SER IA 141 73.18 31.82 -42.10
N ALA IA 142 73.84 32.58 -42.96
CA ALA IA 142 73.27 32.87 -44.27
C ALA IA 142 73.02 31.60 -45.07
N GLY IA 143 74.00 30.68 -45.06
CA GLY IA 143 73.87 29.46 -45.82
C GLY IA 143 72.81 28.52 -45.29
N ILE IA 144 72.62 28.51 -43.97
CA ILE IA 144 71.56 27.71 -43.37
C ILE IA 144 70.19 28.27 -43.73
N GLY IA 145 70.08 29.60 -43.81
CA GLY IA 145 68.84 30.18 -44.36
C GLY IA 145 68.61 29.77 -45.80
N ASP IA 146 69.66 29.92 -46.62
CA ASP IA 146 69.59 29.46 -48.01
C ASP IA 146 69.13 28.02 -48.11
N THR IA 147 69.61 27.17 -47.21
CA THR IA 147 69.20 25.77 -47.20
C THR IA 147 67.76 25.62 -46.74
N ALA IA 148 67.35 26.41 -45.74
CA ALA IA 148 65.97 26.32 -45.24
C ALA IA 148 64.97 26.67 -46.31
N LEU IA 149 65.39 27.45 -47.31
CA LEU IA 149 64.51 27.77 -48.43
C LEU IA 149 64.72 26.88 -49.65
N SER IA 150 65.97 26.45 -49.90
CA SER IA 150 66.33 25.74 -51.12
C SER IA 150 66.12 24.24 -51.00
N GLY IA 151 66.32 23.67 -49.81
CA GLY IA 151 66.37 22.23 -49.65
C GLY IA 151 67.68 21.62 -50.08
N ILE IA 152 68.72 22.43 -50.24
CA ILE IA 152 69.97 22.01 -50.84
C ILE IA 152 71.08 22.13 -49.80
N LEU IA 153 71.91 21.09 -49.71
CA LEU IA 153 73.03 21.10 -48.78
C LEU IA 153 74.34 21.56 -49.44
N ALA JA 1 56.10 40.47 2.34
CA ALA JA 1 56.99 41.48 1.80
C ALA JA 1 58.45 41.05 1.93
N TYR JA 2 58.83 39.98 1.22
CA TYR JA 2 60.18 39.42 1.26
C TYR JA 2 60.92 39.73 -0.04
N SER JA 3 61.95 40.60 0.04
CA SER JA 3 62.74 40.99 -1.13
C SER JA 3 64.16 41.35 -0.69
N PRO JA 4 65.13 40.46 -0.91
CA PRO JA 4 66.50 40.73 -0.48
C PRO JA 4 67.22 41.71 -1.39
N SER JA 5 68.36 42.20 -0.91
CA SER JA 5 69.20 43.18 -1.59
C SER JA 5 70.35 42.49 -2.33
N THR JA 6 70.91 43.19 -3.32
CA THR JA 6 71.93 42.59 -4.17
C THR JA 6 73.16 42.17 -3.38
N PRO JA 7 73.86 43.07 -2.66
CA PRO JA 7 74.82 42.58 -1.67
C PRO JA 7 74.15 42.40 -0.32
N VAL JA 8 74.08 41.16 0.17
CA VAL JA 8 73.57 40.89 1.51
C VAL JA 8 74.77 40.89 2.45
N THR JA 9 74.74 41.76 3.44
CA THR JA 9 75.77 41.74 4.47
C THR JA 9 75.59 40.48 5.31
N GLY JA 10 76.50 39.53 5.16
CA GLY JA 10 76.40 38.28 5.89
C GLY JA 10 76.70 38.46 7.36
N ALA JA 11 76.01 37.67 8.19
CA ALA JA 11 76.17 37.79 9.63
C ALA JA 11 77.58 37.40 10.03
N ALA JA 12 78.07 38.01 11.11
CA ALA JA 12 79.46 37.81 11.50
C ALA JA 12 79.75 36.34 11.70
N GLN JA 13 80.92 35.92 11.24
CA GLN JA 13 81.40 34.56 11.46
C GLN JA 13 82.87 34.61 11.86
N THR JA 14 83.35 33.48 12.38
CA THR JA 14 84.63 33.47 13.08
C THR JA 14 85.78 33.88 12.18
N GLY JA 15 85.98 33.16 11.08
CA GLY JA 15 87.09 33.52 10.23
C GLY JA 15 86.83 34.57 9.16
N PHE JA 16 85.66 35.19 9.15
CA PHE JA 16 85.26 36.05 8.05
C PHE JA 16 85.41 37.52 8.42
N THR JA 17 85.99 38.28 7.50
CA THR JA 17 86.12 39.73 7.64
C THR JA 17 85.18 40.38 6.63
N SER JA 18 84.19 41.12 7.15
CA SER JA 18 83.19 41.85 6.36
C SER JA 18 82.64 41.04 5.21
N PRO JA 19 81.94 39.92 5.48
CA PRO JA 19 81.48 39.05 4.40
C PRO JA 19 80.15 39.51 3.79
N THR JA 20 80.09 39.53 2.46
CA THR JA 20 78.89 39.87 1.73
C THR JA 20 78.62 38.80 0.69
N TYR JA 21 77.34 38.61 0.36
CA TYR JA 21 76.93 37.60 -0.61
C TYR JA 21 76.05 38.26 -1.67
N THR JA 22 76.46 38.12 -2.94
CA THR JA 22 75.70 38.65 -4.06
C THR JA 22 74.63 37.62 -4.44
N LEU JA 23 73.38 38.03 -4.47
CA LEU JA 23 72.27 37.15 -4.82
C LEU JA 23 71.86 37.40 -6.26
N THR JA 24 71.70 36.32 -7.02
CA THR JA 24 71.10 36.37 -8.34
C THR JA 24 69.72 35.72 -8.25
N SER JA 25 68.73 36.37 -8.84
CA SER JA 25 67.37 35.84 -8.78
C SER JA 25 67.33 34.46 -9.42
N ASP JA 26 66.66 33.52 -8.76
CA ASP JA 26 66.47 32.17 -9.27
C ASP JA 26 64.99 31.80 -9.17
N THR JA 27 64.59 30.85 -9.99
CA THR JA 27 63.19 30.44 -10.05
C THR JA 27 62.95 29.31 -9.05
N ALA JA 28 61.93 29.50 -8.22
CA ALA JA 28 61.69 28.71 -7.02
C ALA JA 28 61.05 27.35 -7.36
N PRO JA 29 61.09 26.39 -6.42
CA PRO JA 29 60.57 25.06 -6.76
C PRO JA 29 59.06 25.02 -6.81
N THR JA 30 58.41 25.75 -5.93
CA THR JA 30 56.96 25.92 -5.95
C THR JA 30 56.61 27.27 -6.54
N ALA JA 31 55.32 27.44 -6.83
CA ALA JA 31 54.84 28.73 -7.28
C ALA JA 31 54.61 29.70 -6.15
N LEU JA 32 54.69 29.24 -4.91
CA LEU JA 32 54.48 30.06 -3.72
C LEU JA 32 55.79 30.37 -3.01
N GLY JA 33 56.91 30.25 -3.70
CA GLY JA 33 58.21 30.54 -3.13
C GLY JA 33 58.96 31.55 -3.96
N LYS JA 34 59.82 32.31 -3.29
CA LYS JA 34 60.78 33.18 -3.94
C LYS JA 34 62.17 32.68 -3.59
N GLN JA 35 62.99 32.43 -4.62
CA GLN JA 35 64.31 31.84 -4.41
C GLN JA 35 65.38 32.72 -5.04
N HIS JA 36 66.47 32.92 -4.32
CA HIS JA 36 67.67 33.50 -4.88
C HIS JA 36 68.81 32.50 -4.72
N ALA JA 37 69.86 32.67 -5.51
CA ALA JA 37 71.04 31.82 -5.40
C ALA JA 37 72.28 32.68 -5.29
N VAL JA 38 73.24 32.24 -4.48
CA VAL JA 38 74.44 33.03 -4.21
C VAL JA 38 75.37 32.85 -5.40
N THR JA 39 75.40 33.84 -6.29
CA THR JA 39 76.24 33.75 -7.48
C THR JA 39 77.70 34.11 -7.20
N ALA JA 40 77.97 34.97 -6.20
CA ALA JA 40 79.34 35.36 -5.90
C ALA JA 40 79.44 35.84 -4.46
N THR JA 41 80.66 35.77 -3.92
CA THR JA 41 80.94 36.19 -2.56
C THR JA 41 81.94 37.34 -2.56
N GLY JA 42 81.72 38.31 -1.67
CA GLY JA 42 82.68 39.34 -1.39
C GLY JA 42 83.09 39.29 0.06
N GLY JA 43 84.22 39.90 0.41
CA GLY JA 43 84.77 39.82 1.75
C GLY JA 43 85.87 38.78 1.84
N THR JA 44 86.52 38.76 3.01
CA THR JA 44 87.62 37.83 3.26
C THR JA 44 87.06 36.57 3.92
N GLN JA 45 86.44 35.74 3.08
CA GLN JA 45 85.95 34.41 3.47
C GLN JA 45 86.60 33.43 2.49
N THR JA 46 87.76 32.93 2.87
CA THR JA 46 88.56 32.15 1.94
C THR JA 46 88.04 30.71 1.88
N GLY JA 47 87.90 30.19 0.67
CA GLY JA 47 87.42 28.84 0.44
C GLY JA 47 85.93 28.71 0.23
N VAL JA 48 85.17 29.78 0.39
CA VAL JA 48 83.72 29.72 0.26
C VAL JA 48 83.34 29.52 -1.20
N THR JA 49 82.61 28.45 -1.48
CA THR JA 49 82.20 28.13 -2.84
C THR JA 49 80.79 28.66 -3.12
N THR JA 50 80.61 29.25 -4.29
CA THR JA 50 79.32 29.81 -4.68
C THR JA 50 78.41 28.70 -5.22
N HIS JA 51 77.26 29.09 -5.75
CA HIS JA 51 76.28 28.11 -6.22
C HIS JA 51 76.79 27.43 -7.48
N SER JA 52 76.84 26.11 -7.44
CA SER JA 52 77.13 25.27 -8.59
C SER JA 52 76.02 24.22 -8.70
N VAL JA 53 76.00 23.51 -9.81
CA VAL JA 53 75.04 22.42 -9.94
C VAL JA 53 75.35 21.33 -8.93
N SER JA 54 76.64 21.05 -8.73
CA SER JA 54 77.04 19.97 -7.82
C SER JA 54 76.87 20.36 -6.36
N SER JA 55 77.16 21.62 -6.02
CA SER JA 55 77.06 22.11 -4.65
C SER JA 55 76.29 23.42 -4.62
N PRO JA 56 75.02 23.41 -4.23
CA PRO JA 56 74.19 24.60 -4.35
C PRO JA 56 74.39 25.56 -3.18
N PHE JA 57 74.02 26.82 -3.44
CA PHE JA 57 73.97 27.88 -2.43
C PHE JA 57 72.69 28.65 -2.73
N THR JA 58 71.60 28.26 -2.05
CA THR JA 58 70.26 28.75 -2.38
C THR JA 58 69.52 29.21 -1.14
N ILE JA 59 68.75 30.28 -1.30
CA ILE JA 59 67.98 30.92 -0.23
C ILE JA 59 66.55 31.04 -0.74
N THR JA 60 65.65 30.20 -0.21
CA THR JA 60 64.28 30.15 -0.70
C THR JA 60 63.28 30.37 0.44
N PHE JA 61 62.26 31.19 0.18
CA PHE JA 61 61.27 31.55 1.19
C PHE JA 61 59.88 31.28 0.62
N THR JA 62 59.09 30.50 1.36
CA THR JA 62 57.82 29.98 0.86
C THR JA 62 56.70 30.33 1.84
N ARG JA 63 55.53 30.63 1.29
CA ARG JA 63 54.29 30.85 2.04
C ARG JA 63 53.38 29.65 1.86
N PRO JA 64 52.46 29.41 2.81
CA PRO JA 64 51.63 28.20 2.73
C PRO JA 64 50.68 28.22 1.54
N LYS JA 65 50.33 27.01 1.08
CA LYS JA 65 49.41 26.88 -0.04
C LYS JA 65 48.05 27.47 0.29
N THR JA 66 47.48 27.08 1.43
CA THR JA 66 46.16 27.51 1.84
C THR JA 66 46.25 28.19 3.20
N MET JA 67 45.83 29.46 3.25
CA MET JA 67 45.77 30.18 4.52
C MET JA 67 44.60 29.65 5.35
N LYS JA 68 44.73 29.76 6.68
CA LYS JA 68 43.72 29.27 7.60
C LYS JA 68 43.14 30.42 8.42
N THR JA 69 41.82 30.51 8.46
CA THR JA 69 41.10 31.54 9.21
C THR JA 69 40.84 31.05 10.64
N VAL JA 70 40.60 32.01 11.54
CA VAL JA 70 40.58 31.72 12.96
C VAL JA 70 39.41 30.82 13.34
N GLY JA 71 38.26 30.99 12.71
CA GLY JA 71 37.09 30.21 13.04
C GLY JA 71 36.12 30.98 13.94
N VAL JA 72 34.96 30.36 14.15
CA VAL JA 72 33.83 31.00 14.80
C VAL JA 72 33.69 30.41 16.21
N PRO JA 73 33.54 31.24 17.24
CA PRO JA 73 33.37 30.71 18.60
C PRO JA 73 32.03 30.00 18.74
N ASN JA 74 32.03 28.96 19.58
CA ASN JA 74 30.84 28.16 19.80
C ASN JA 74 29.99 28.77 20.92
N SER JA 75 29.01 28.02 21.42
CA SER JA 75 28.08 28.53 22.42
C SER JA 75 28.79 28.96 23.69
N ASN JA 76 29.84 28.25 24.08
CA ASN JA 76 30.62 28.59 25.27
C ASN JA 76 31.53 29.79 25.06
N GLY JA 77 31.63 30.32 23.84
CA GLY JA 77 32.59 31.36 23.55
C GLY JA 77 33.95 30.86 23.16
N VAL JA 78 34.11 29.55 22.93
CA VAL JA 78 35.39 28.92 22.70
C VAL JA 78 35.53 28.56 21.23
N ILE JA 79 36.71 28.85 20.67
CA ILE JA 79 37.02 28.48 19.28
C ILE JA 79 37.69 27.12 19.28
N THR JA 80 37.12 26.20 18.50
CA THR JA 80 37.41 24.78 18.68
C THR JA 80 38.83 24.42 18.24
N ASN JA 81 39.24 24.86 17.06
CA ASN JA 81 40.54 24.46 16.52
C ASN JA 81 41.23 25.65 15.88
N ILE JA 82 42.41 25.98 16.37
CA ILE JA 82 43.22 27.07 15.84
C ILE JA 82 44.29 26.43 14.97
N GLY JA 83 44.05 26.38 13.67
CA GLY JA 83 45.10 26.02 12.74
C GLY JA 83 46.25 27.00 12.80
N ARG JA 84 47.34 26.64 12.13
CA ARG JA 84 48.53 27.50 12.12
C ARG JA 84 49.11 27.54 10.71
N ASN JA 85 49.27 28.73 10.16
CA ASN JA 85 49.95 28.88 8.86
C ASN JA 85 51.43 29.03 9.13
N THR JA 86 52.25 28.23 8.44
CA THR JA 86 53.71 28.20 8.61
C THR JA 86 54.38 28.70 7.34
N TYR JA 87 55.28 29.67 7.51
CA TYR JA 87 56.11 30.17 6.44
C TYR JA 87 57.50 29.57 6.60
N GLY JA 88 58.15 29.28 5.47
CA GLY JA 88 59.42 28.55 5.49
C GLY JA 88 60.60 29.21 4.79
N PHE JA 89 61.72 29.31 5.49
CA PHE JA 89 62.92 29.97 4.97
C PHE JA 89 64.04 28.95 5.00
N LEU JA 90 64.63 28.65 3.85
CA LEU JA 90 65.57 27.54 3.80
C LEU JA 90 66.77 27.89 2.94
N VAL JA 91 67.95 27.61 3.50
CA VAL JA 91 69.23 27.81 2.85
C VAL JA 91 69.87 26.45 2.65
N ARG JA 92 70.32 26.17 1.43
CA ARG JA 92 71.03 24.96 1.09
C ARG JA 92 72.44 25.31 0.63
N LYS JA 93 73.44 24.64 1.20
CA LYS JA 93 74.83 24.95 0.90
C LYS JA 93 75.62 23.70 0.60
N GLY JA 94 76.35 23.72 -0.51
CA GLY JA 94 77.22 22.61 -0.85
C GLY JA 94 78.45 22.59 0.04
N VAL JA 95 78.64 21.48 0.77
CA VAL JA 95 79.72 21.33 1.75
C VAL JA 95 80.36 19.98 1.54
N ILE JA 96 81.69 19.92 1.55
CA ILE JA 96 82.41 18.70 1.18
C ILE JA 96 82.84 17.97 2.44
N PRO JA 97 82.40 16.71 2.66
CA PRO JA 97 82.72 16.06 3.94
C PRO JA 97 84.11 15.47 4.03
N ALA JA 98 84.64 14.88 2.97
CA ALA JA 98 85.95 14.23 3.08
C ALA JA 98 86.91 14.75 2.03
N VAL JA 99 88.06 14.07 1.95
CA VAL JA 99 89.14 14.56 1.12
C VAL JA 99 88.80 14.43 -0.35
N ASN JA 100 88.05 13.39 -0.71
CA ASN JA 100 87.69 13.23 -2.12
C ASN JA 100 86.21 12.91 -2.31
N GLN JA 101 85.36 13.26 -1.35
CA GLN JA 101 83.96 12.89 -1.43
C GLN JA 101 83.13 13.91 -2.23
N SER JA 102 81.98 13.44 -2.69
CA SER JA 102 81.02 14.29 -3.36
C SER JA 102 80.43 15.28 -2.36
N PRO JA 103 80.07 16.48 -2.81
CA PRO JA 103 79.51 17.46 -1.87
C PRO JA 103 78.17 17.01 -1.32
N GLN JA 104 78.02 17.18 -0.02
CA GLN JA 104 76.79 17.04 0.76
C GLN JA 104 76.11 18.40 0.90
N VAL JA 105 74.83 18.38 1.22
CA VAL JA 105 74.06 19.62 1.31
C VAL JA 105 73.84 19.95 2.78
N MET JA 106 74.68 20.83 3.32
CA MET JA 106 74.33 21.44 4.60
C MET JA 106 73.02 22.20 4.43
N LEU JA 107 72.25 22.25 5.50
CA LEU JA 107 70.88 22.74 5.37
C LEU JA 107 70.49 23.53 6.60
N VAL JA 108 70.14 24.80 6.41
CA VAL JA 108 69.68 25.66 7.49
C VAL JA 108 68.24 26.03 7.19
N ARG JA 109 67.30 25.57 8.01
CA ARG JA 109 65.89 25.80 7.70
C ARG JA 109 65.14 26.37 8.90
N VAL JA 110 64.37 27.41 8.63
CA VAL JA 110 63.56 28.14 9.60
C VAL JA 110 62.11 27.89 9.25
N GLU JA 111 61.28 27.73 10.27
CA GLU JA 111 59.84 27.62 10.12
C GLU JA 111 59.17 28.57 11.10
N ILE JA 112 58.27 29.40 10.59
CA ILE JA 112 57.57 30.40 11.36
C ILE JA 112 56.10 29.98 11.35
N SER JA 113 55.62 29.42 12.46
CA SER JA 113 54.24 28.97 12.59
C SER JA 113 53.44 30.04 13.35
N VAL JA 114 52.52 30.67 12.65
CA VAL JA 114 51.64 31.71 13.19
C VAL JA 114 50.26 31.11 13.37
N PRO JA 115 49.66 31.18 14.56
CA PRO JA 115 48.30 30.67 14.74
C PRO JA 115 47.29 31.52 13.98
N ALA JA 116 46.09 30.96 13.88
CA ALA JA 116 45.14 31.39 12.87
C ALA JA 116 44.68 32.83 13.09
N GLY JA 117 44.39 33.18 14.34
CA GLY JA 117 43.78 34.45 14.64
C GLY JA 117 44.81 35.48 15.01
N ALA JA 118 46.04 34.99 15.25
CA ALA JA 118 47.15 35.83 15.70
C ALA JA 118 47.40 37.00 14.76
N ASP JA 119 47.54 36.70 13.47
CA ASP JA 119 48.01 37.66 12.47
C ASP JA 119 47.20 38.94 12.47
N THR JA 120 45.94 38.86 12.89
CA THR JA 120 45.06 40.01 12.98
C THR JA 120 44.92 40.52 14.41
N TYR JA 121 44.54 39.65 15.36
CA TYR JA 121 44.21 40.15 16.68
C TYR JA 121 45.44 40.62 17.44
N ASP JA 122 46.54 39.86 17.40
CA ASP JA 122 47.74 40.15 18.19
C ASP JA 122 48.95 40.15 17.26
N ALA JA 123 49.16 41.25 16.55
CA ALA JA 123 50.26 41.32 15.61
C ALA JA 123 51.55 41.73 16.27
N ALA JA 124 51.46 42.51 17.36
CA ALA JA 124 52.66 42.98 18.03
C ALA JA 124 53.46 41.81 18.60
N ASN JA 125 52.78 40.79 19.14
CA ASN JA 125 53.48 39.67 19.72
C ASN JA 125 54.12 38.79 18.66
N VAL JA 126 53.45 38.63 17.52
CA VAL JA 126 54.05 37.93 16.38
C VAL JA 126 55.34 38.64 15.96
N LYS JA 127 55.25 39.95 15.70
CA LYS JA 127 56.43 40.71 15.30
C LYS JA 127 57.52 40.61 16.35
N ALA JA 128 57.13 40.56 17.63
CA ALA JA 128 58.11 40.50 18.71
C ALA JA 128 58.84 39.16 18.74
N ALA JA 129 58.10 38.06 18.55
CA ALA JA 129 58.75 36.76 18.47
C ALA JA 129 59.74 36.71 17.33
N LEU JA 130 59.35 37.25 16.17
CA LEU JA 130 60.27 37.27 15.03
C LEU JA 130 61.51 38.11 15.31
N SER JA 131 61.32 39.31 15.88
CA SER JA 131 62.46 40.19 16.12
C SER JA 131 63.39 39.63 17.17
N ALA JA 132 62.85 38.95 18.19
CA ALA JA 132 63.70 38.33 19.21
C ALA JA 132 64.48 37.15 18.63
N ALA JA 133 63.80 36.29 17.86
CA ALA JA 133 64.48 35.15 17.25
C ALA JA 133 65.62 35.61 16.34
N ILE JA 134 65.32 36.52 15.41
CA ILE JA 134 66.34 36.97 14.48
C ILE JA 134 67.41 37.82 15.17
N GLY JA 135 67.05 38.58 16.21
CA GLY JA 135 68.06 39.36 16.91
C GLY JA 135 69.03 38.48 17.67
N VAL JA 136 68.55 37.42 18.31
CA VAL JA 136 69.44 36.48 18.97
C VAL JA 136 70.30 35.74 17.93
N LEU JA 137 69.72 35.39 16.79
CA LEU JA 137 70.51 34.73 15.74
C LEU JA 137 71.65 35.63 15.26
N SER JA 138 71.36 36.91 14.98
CA SER JA 138 72.41 37.79 14.48
C SER JA 138 73.41 38.14 15.58
N GLN JA 139 72.97 38.21 16.85
CA GLN JA 139 73.92 38.46 17.93
C GLN JA 139 74.87 37.31 18.11
N GLN JA 140 74.36 36.08 18.04
CA GLN JA 140 75.17 34.90 18.28
C GLN JA 140 75.52 34.17 16.98
N SER JA 141 75.66 34.88 15.87
CA SER JA 141 75.95 34.20 14.61
C SER JA 141 77.33 33.56 14.64
N ALA JA 142 78.34 34.33 15.06
CA ALA JA 142 79.69 33.78 15.15
C ALA JA 142 79.75 32.61 16.12
N GLY JA 143 79.06 32.74 17.26
CA GLY JA 143 79.09 31.69 18.26
C GLY JA 143 78.35 30.44 17.82
N ILE JA 144 77.27 30.59 17.05
CA ILE JA 144 76.56 29.44 16.52
C ILE JA 144 77.39 28.74 15.44
N GLY JA 145 78.15 29.51 14.65
CA GLY JA 145 79.11 28.86 13.76
C GLY JA 145 80.16 28.07 14.54
N ASP JA 146 80.75 28.71 15.56
CA ASP JA 146 81.70 28.02 16.43
C ASP JA 146 81.11 26.73 17.00
N THR JA 147 79.83 26.77 17.36
CA THR JA 147 79.18 25.57 17.88
C THR JA 147 78.98 24.53 16.80
N ALA JA 148 78.54 24.96 15.61
CA ALA JA 148 78.28 24.03 14.51
C ALA JA 148 79.55 23.31 14.08
N LEU JA 149 80.70 23.93 14.31
CA LEU JA 149 81.96 23.27 13.97
C LEU JA 149 82.56 22.51 15.15
N SER JA 150 82.40 23.02 16.38
CA SER JA 150 83.08 22.46 17.54
C SER JA 150 82.31 21.32 18.17
N GLY JA 151 80.98 21.35 18.11
CA GLY JA 151 80.19 20.56 19.02
C GLY JA 151 80.11 21.13 20.40
N ILE JA 152 80.65 22.31 20.61
CA ILE JA 152 80.70 22.94 21.92
C ILE JA 152 79.50 23.85 22.07
N LEU JA 153 78.74 23.66 23.13
CA LEU JA 153 77.59 24.48 23.43
C LEU JA 153 77.91 25.43 24.60
N ALA KA 1 123.47 -33.05 -48.60
CA ALA KA 1 123.97 -32.05 -49.52
C ALA KA 1 123.18 -32.05 -50.84
N TYR KA 2 121.89 -31.73 -50.78
CA TYR KA 2 121.00 -31.72 -51.94
C TYR KA 2 120.70 -30.26 -52.32
N SER KA 3 121.22 -29.82 -53.49
CA SER KA 3 121.02 -28.46 -53.97
C SER KA 3 121.07 -28.46 -55.50
N PRO KA 4 119.92 -28.42 -56.17
CA PRO KA 4 119.90 -28.46 -57.64
C PRO KA 4 120.32 -27.13 -58.24
N SER KA 5 120.61 -27.17 -59.56
CA SER KA 5 121.07 -26.04 -60.34
C SER KA 5 119.93 -25.42 -61.13
N THR KA 6 120.13 -24.17 -61.57
CA THR KA 6 119.03 -23.41 -62.16
C THR KA 6 118.52 -24.05 -63.44
N PRO KA 7 119.34 -24.27 -64.48
CA PRO KA 7 118.92 -25.18 -65.56
C PRO KA 7 119.35 -26.61 -65.28
N VAL KA 8 118.39 -27.52 -65.12
CA VAL KA 8 118.69 -28.93 -64.95
C VAL KA 8 118.68 -29.57 -66.33
N THR KA 9 119.79 -30.19 -66.70
CA THR KA 9 119.87 -30.93 -67.95
C THR KA 9 119.03 -32.19 -67.79
N GLY KA 10 117.84 -32.18 -68.40
CA GLY KA 10 116.91 -33.29 -68.24
C GLY KA 10 117.39 -34.53 -68.97
N ALA KA 11 117.10 -35.69 -68.38
CA ALA KA 11 117.58 -36.94 -68.95
C ALA KA 11 116.95 -37.18 -70.32
N ALA KA 12 117.67 -37.90 -71.16
CA ALA KA 12 117.24 -38.07 -72.54
C ALA KA 12 115.87 -38.73 -72.59
N GLN KA 13 115.00 -38.24 -73.46
CA GLN KA 13 113.70 -38.81 -73.70
C GLN KA 13 113.46 -38.89 -75.20
N THR KA 14 112.45 -39.68 -75.57
CA THR KA 14 112.33 -40.13 -76.96
C THR KA 14 112.13 -38.97 -77.92
N GLY KA 15 111.10 -38.15 -77.68
CA GLY KA 15 110.84 -37.04 -78.57
C GLY KA 15 111.53 -35.74 -78.22
N PHE KA 16 112.41 -35.72 -77.23
CA PHE KA 16 112.99 -34.49 -76.71
C PHE KA 16 114.38 -34.26 -77.27
N THR KA 17 114.63 -33.03 -77.71
CA THR KA 17 115.95 -32.62 -78.18
C THR KA 17 116.54 -31.66 -77.16
N SER KA 18 117.62 -32.05 -76.52
CA SER KA 18 118.34 -31.24 -75.54
C SER KA 18 117.40 -30.58 -74.52
N PRO KA 19 116.68 -31.38 -73.71
CA PRO KA 19 115.71 -30.78 -72.79
C PRO KA 19 116.33 -30.28 -71.50
N THR KA 20 115.95 -29.08 -71.07
CA THR KA 20 116.39 -28.50 -69.81
C THR KA 20 115.18 -27.97 -69.06
N TYR KA 21 115.26 -27.98 -67.74
CA TYR KA 21 114.16 -27.50 -66.90
C TYR KA 21 114.66 -26.46 -65.93
N THR KA 22 114.03 -25.28 -65.93
CA THR KA 22 114.41 -24.20 -65.02
C THR KA 22 113.67 -24.40 -63.71
N LEU KA 23 114.41 -24.45 -62.61
CA LEU KA 23 113.82 -24.64 -61.29
C LEU KA 23 113.71 -23.31 -60.57
N THR KA 24 112.57 -23.08 -59.94
CA THR KA 24 112.36 -21.95 -59.05
C THR KA 24 112.17 -22.50 -57.63
N SER KA 25 112.77 -21.83 -56.66
CA SER KA 25 112.74 -22.36 -55.30
C SER KA 25 111.32 -22.26 -54.73
N ASP KA 26 110.92 -23.32 -54.03
CA ASP KA 26 109.59 -23.41 -53.45
C ASP KA 26 109.68 -23.84 -51.99
N THR KA 27 108.68 -23.49 -51.21
CA THR KA 27 108.62 -23.95 -49.83
C THR KA 27 108.01 -25.35 -49.79
N ALA KA 28 108.64 -26.24 -49.04
CA ALA KA 28 108.30 -27.64 -49.00
C ALA KA 28 107.12 -27.90 -48.06
N PRO KA 29 106.46 -29.08 -48.17
CA PRO KA 29 105.28 -29.34 -47.33
C PRO KA 29 105.61 -29.68 -45.89
N THR KA 30 106.72 -30.38 -45.68
CA THR KA 30 107.24 -30.62 -44.34
C THR KA 30 108.41 -29.68 -44.06
N ALA KA 31 108.80 -29.63 -42.79
CA ALA KA 31 110.01 -28.91 -42.41
C ALA KA 31 111.27 -29.73 -42.66
N LEU KA 32 111.13 -30.95 -43.17
CA LEU KA 32 112.24 -31.84 -43.47
C LEU KA 32 112.47 -31.99 -44.97
N GLY KA 33 111.90 -31.10 -45.76
CA GLY KA 33 111.99 -31.22 -47.20
C GLY KA 33 112.52 -29.95 -47.83
N LYS KA 34 113.21 -30.14 -48.95
CA LYS KA 34 113.58 -29.06 -49.85
C LYS KA 34 112.86 -29.30 -51.17
N GLN KA 35 112.11 -28.30 -51.66
CA GLN KA 35 111.27 -28.48 -52.83
C GLN KA 35 111.51 -27.36 -53.83
N HIS KA 36 111.65 -27.74 -55.10
CA HIS KA 36 111.68 -26.79 -56.19
C HIS KA 36 110.50 -27.06 -57.12
N ALA KA 37 110.07 -26.03 -57.84
CA ALA KA 37 109.02 -26.16 -58.84
C ALA KA 37 109.58 -25.82 -60.22
N VAL KA 38 109.12 -26.53 -61.24
CA VAL KA 38 109.61 -26.32 -62.60
C VAL KA 38 108.82 -25.16 -63.17
N THR KA 39 109.44 -23.98 -63.17
CA THR KA 39 108.76 -22.77 -63.60
C THR KA 39 108.77 -22.61 -65.13
N ALA KA 40 109.74 -23.20 -65.83
CA ALA KA 40 109.81 -23.08 -67.28
C ALA KA 40 110.66 -24.21 -67.87
N THR KA 41 110.42 -24.49 -69.15
CA THR KA 41 111.14 -25.55 -69.86
C THR KA 41 111.90 -24.95 -71.04
N GLY KA 42 113.11 -25.46 -71.26
CA GLY KA 42 113.88 -25.15 -72.44
C GLY KA 42 114.18 -26.42 -73.20
N GLY KA 43 114.53 -26.29 -74.48
CA GLY KA 43 114.71 -27.44 -75.34
C GLY KA 43 113.46 -27.70 -76.19
N THR KA 44 113.59 -28.66 -77.10
CA THR KA 44 112.51 -29.02 -78.01
C THR KA 44 111.72 -30.17 -77.42
N GLN KA 45 110.87 -29.83 -76.45
CA GLN KA 45 109.91 -30.74 -75.83
C GLN KA 45 108.55 -30.10 -75.98
N THR KA 46 107.89 -30.37 -77.10
CA THR KA 46 106.67 -29.67 -77.44
C THR KA 46 105.51 -30.24 -76.63
N GLY KA 47 104.68 -29.34 -76.08
CA GLY KA 47 103.53 -29.73 -75.30
C GLY KA 47 103.76 -29.84 -73.81
N VAL KA 48 105.01 -29.76 -73.35
CA VAL KA 48 105.30 -29.93 -71.94
C VAL KA 48 104.78 -28.72 -71.17
N THR KA 49 103.97 -28.97 -70.14
CA THR KA 49 103.37 -27.93 -69.33
C THR KA 49 104.17 -27.73 -68.04
N THR KA 50 104.36 -26.48 -67.65
CA THR KA 50 105.12 -26.15 -66.46
C THR KA 50 104.20 -26.19 -65.23
N HIS KA 51 104.78 -25.86 -64.06
CA HIS KA 51 104.03 -25.92 -62.81
C HIS KA 51 102.89 -24.91 -62.81
N SER KA 52 101.68 -25.42 -62.62
CA SER KA 52 100.49 -24.60 -62.44
C SER KA 52 99.80 -25.04 -61.17
N VAL KA 53 98.83 -24.24 -60.72
CA VAL KA 53 98.04 -24.66 -59.57
C VAL KA 53 97.25 -25.92 -59.92
N SER KA 54 96.71 -25.97 -61.14
CA SER KA 54 95.87 -27.10 -61.53
C SER KA 54 96.72 -28.34 -61.80
N SER KA 55 97.88 -28.17 -62.44
CA SER KA 55 98.75 -29.29 -62.80
C SER KA 55 100.17 -29.01 -62.34
N PRO KA 56 100.61 -29.60 -61.24
CA PRO KA 56 101.90 -29.24 -60.65
C PRO KA 56 103.07 -29.91 -61.36
N PHE KA 57 104.24 -29.29 -61.21
CA PHE KA 57 105.52 -29.86 -61.64
C PHE KA 57 106.52 -29.56 -60.51
N THR KA 58 106.67 -30.51 -59.60
CA THR KA 58 107.42 -30.27 -58.36
C THR KA 58 108.41 -31.40 -58.08
N ILE KA 59 109.54 -31.02 -57.51
CA ILE KA 59 110.66 -31.90 -57.18
C ILE KA 59 111.02 -31.67 -55.73
N THR KA 60 110.64 -32.60 -54.85
CA THR KA 60 110.83 -32.44 -53.41
C THR KA 60 111.68 -33.59 -52.85
N PHE KA 61 112.59 -33.25 -51.94
CA PHE KA 61 113.51 -34.22 -51.34
C PHE KA 61 113.47 -34.07 -49.83
N THR KA 62 113.24 -35.18 -49.14
CA THR KA 62 112.93 -35.17 -47.71
C THR KA 62 113.82 -36.15 -46.96
N ARG KA 63 114.20 -35.77 -45.74
CA ARG KA 63 114.93 -36.60 -44.81
C ARG KA 63 113.97 -37.14 -43.75
N PRO KA 64 114.34 -38.20 -43.03
CA PRO KA 64 113.42 -38.76 -42.02
C PRO KA 64 113.31 -37.85 -40.80
N LYS KA 65 112.16 -37.96 -40.13
CA LYS KA 65 111.90 -37.13 -38.95
C LYS KA 65 112.93 -37.40 -37.86
N THR KA 66 113.19 -38.67 -37.58
CA THR KA 66 114.11 -39.07 -36.53
C THR KA 66 115.14 -40.04 -37.10
N MET KA 67 116.41 -39.74 -36.88
CA MET KA 67 117.49 -40.65 -37.29
C MET KA 67 117.55 -41.86 -36.38
N LYS KA 68 117.99 -42.97 -36.93
CA LYS KA 68 118.05 -44.23 -36.20
C LYS KA 68 119.51 -44.62 -35.99
N THR KA 69 119.88 -44.82 -34.74
CA THR KA 69 121.19 -45.36 -34.41
C THR KA 69 121.08 -46.88 -34.27
N VAL KA 70 122.23 -47.55 -34.42
CA VAL KA 70 122.22 -49.00 -34.51
C VAL KA 70 122.39 -49.62 -33.13
N GLY KA 83 116.71 -51.59 -38.15
CA GLY KA 83 116.20 -50.25 -38.41
C GLY KA 83 116.73 -49.64 -39.68
N ARG KA 84 116.01 -48.65 -40.23
CA ARG KA 84 116.42 -48.02 -41.49
C ARG KA 84 116.09 -46.54 -41.51
N ASN KA 85 116.99 -45.73 -42.07
CA ASN KA 85 116.72 -44.33 -42.37
C ASN KA 85 116.40 -44.25 -43.87
N THR KA 86 115.20 -43.80 -44.22
CA THR KA 86 114.78 -43.69 -45.61
C THR KA 86 114.67 -42.23 -46.01
N TYR KA 87 115.36 -41.87 -47.10
CA TYR KA 87 115.28 -40.54 -47.69
C TYR KA 87 114.41 -40.60 -48.93
N GLY KA 88 113.61 -39.55 -49.14
CA GLY KA 88 112.61 -39.58 -50.21
C GLY KA 88 112.70 -38.48 -51.25
N PHE KA 89 112.71 -38.86 -52.52
CA PHE KA 89 112.81 -37.92 -53.63
C PHE KA 89 111.59 -38.12 -54.52
N LEU KA 90 110.77 -37.08 -54.66
CA LEU KA 90 109.48 -37.25 -55.32
C LEU KA 90 109.18 -36.13 -56.30
N VAL KA 91 108.74 -36.52 -57.49
CA VAL KA 91 108.39 -35.62 -58.58
C VAL KA 91 106.92 -35.79 -58.87
N ARG KA 92 106.18 -34.69 -58.88
CA ARG KA 92 104.76 -34.66 -59.22
C ARG KA 92 104.57 -33.87 -60.51
N LYS KA 93 103.83 -34.44 -61.47
CA LYS KA 93 103.64 -33.80 -62.76
C LYS KA 93 102.18 -33.82 -63.16
N GLY KA 94 101.66 -32.66 -63.56
CA GLY KA 94 100.31 -32.57 -64.07
C GLY KA 94 100.21 -33.21 -65.44
N VAL KA 95 99.38 -34.25 -65.58
CA VAL KA 95 99.22 -35.01 -66.81
C VAL KA 95 97.73 -35.17 -67.08
N ILE KA 96 97.31 -34.95 -68.32
CA ILE KA 96 95.88 -34.88 -68.63
C ILE KA 96 95.43 -36.19 -69.26
N PRO KA 97 94.49 -36.93 -68.64
CA PRO KA 97 94.18 -38.27 -69.16
C PRO KA 97 93.26 -38.28 -70.37
N ALA KA 98 92.27 -37.41 -70.45
CA ALA KA 98 91.37 -37.49 -71.60
C ALA KA 98 91.22 -36.13 -72.27
N VAL KA 99 90.35 -36.13 -73.29
CA VAL KA 99 90.26 -35.00 -74.20
C VAL KA 99 89.80 -33.75 -73.47
N ASN KA 100 88.96 -33.90 -72.44
CA ASN KA 100 88.52 -32.72 -71.71
C ASN KA 100 88.62 -32.87 -70.20
N GLN KA 101 89.38 -33.85 -69.72
CA GLN KA 101 89.35 -34.15 -68.29
C GLN KA 101 90.29 -33.25 -67.50
N SER KA 102 90.06 -33.25 -66.18
CA SER KA 102 90.91 -32.54 -65.26
C SER KA 102 92.28 -33.21 -65.18
N PRO KA 103 93.33 -32.45 -64.92
CA PRO KA 103 94.67 -33.03 -64.86
C PRO KA 103 94.80 -33.95 -63.65
N GLN KA 104 95.36 -35.14 -63.91
CA GLN KA 104 95.81 -36.13 -62.94
C GLN KA 104 97.28 -35.91 -62.63
N VAL KA 105 97.73 -36.44 -61.50
CA VAL KA 105 99.10 -36.24 -61.04
C VAL KA 105 99.90 -37.51 -61.32
N MET KA 106 100.67 -37.52 -62.40
CA MET KA 106 101.70 -38.54 -62.54
C MET KA 106 102.71 -38.35 -61.43
N LEU KA 107 103.30 -39.47 -61.00
CA LEU KA 107 104.08 -39.44 -59.78
C LEU KA 107 105.31 -40.33 -59.94
N VAL KA 108 106.49 -39.76 -59.78
CA VAL KA 108 107.74 -40.53 -59.83
C VAL KA 108 108.39 -40.38 -58.47
N ARG KA 109 108.46 -41.46 -57.70
CA ARG KA 109 108.97 -41.36 -56.34
C ARG KA 109 110.08 -42.38 -56.09
N VAL KA 110 111.13 -41.91 -55.44
CA VAL KA 110 112.33 -42.68 -55.12
C VAL KA 110 112.45 -42.72 -53.60
N GLU KA 111 112.78 -43.90 -53.09
CA GLU KA 111 113.05 -44.10 -51.67
C GLU KA 111 114.40 -44.75 -51.51
N ILE KA 112 115.25 -44.16 -50.68
CA ILE KA 112 116.59 -44.64 -50.40
C ILE KA 112 116.61 -45.06 -48.95
N SER KA 113 116.58 -46.37 -48.70
CA SER KA 113 116.57 -46.92 -47.35
C SER KA 113 117.99 -47.39 -47.01
N VAL KA 114 118.64 -46.66 -46.13
CA VAL KA 114 119.99 -46.95 -45.64
C VAL KA 114 119.85 -47.63 -44.28
N PRO KA 115 120.38 -48.85 -44.10
CA PRO KA 115 120.40 -49.45 -42.76
C PRO KA 115 121.18 -48.60 -41.77
N ALA KA 116 121.05 -48.96 -40.48
CA ALA KA 116 121.47 -48.07 -39.41
C ALA KA 116 122.99 -47.88 -39.40
N GLY KA 117 123.74 -48.97 -39.22
CA GLY KA 117 125.19 -48.85 -39.13
C GLY KA 117 125.88 -48.64 -40.45
N ALA KA 118 125.12 -48.77 -41.54
CA ALA KA 118 125.65 -48.66 -42.90
C ALA KA 118 126.36 -47.34 -43.11
N ASP KA 119 125.64 -46.23 -42.86
CA ASP KA 119 126.10 -44.88 -43.20
C ASP KA 119 127.53 -44.62 -42.72
N THR KA 120 127.91 -45.23 -41.61
CA THR KA 120 129.22 -45.05 -41.03
C THR KA 120 130.19 -46.18 -41.38
N TYR KA 121 129.80 -47.42 -41.09
CA TYR KA 121 130.76 -48.52 -41.20
C TYR KA 121 131.07 -48.84 -42.66
N ASP KA 122 130.06 -48.85 -43.53
CA ASP KA 122 130.24 -49.24 -44.93
C ASP KA 122 129.62 -48.15 -45.81
N ALA KA 123 130.36 -47.08 -46.03
CA ALA KA 123 129.84 -45.98 -46.83
C ALA KA 123 130.05 -46.20 -48.31
N ALA KA 124 131.09 -46.94 -48.67
CA ALA KA 124 131.39 -47.16 -50.08
C ALA KA 124 130.27 -47.94 -50.75
N ASN KA 125 129.73 -48.95 -50.08
CA ASN KA 125 128.66 -49.74 -50.68
C ASN KA 125 127.37 -48.94 -50.79
N VAL KA 126 127.09 -48.07 -49.81
CA VAL KA 126 125.95 -47.16 -49.92
C VAL KA 126 126.09 -46.30 -51.17
N LYS KA 127 127.22 -45.61 -51.29
CA LYS KA 127 127.45 -44.76 -52.44
C LYS KA 127 127.39 -45.55 -53.74
N ALA KA 128 127.82 -46.81 -53.71
CA ALA KA 128 127.82 -47.62 -54.93
C ALA KA 128 126.41 -48.02 -55.34
N ALA KA 129 125.57 -48.37 -54.37
CA ALA KA 129 124.17 -48.62 -54.67
C ALA KA 129 123.54 -47.39 -55.33
N LEU KA 130 123.77 -46.21 -54.76
CA LEU KA 130 123.20 -44.99 -55.35
C LEU KA 130 123.77 -44.74 -56.74
N SER KA 131 125.07 -44.98 -56.93
CA SER KA 131 125.71 -44.75 -58.22
C SER KA 131 125.15 -45.68 -59.28
N ALA KA 132 125.07 -46.98 -58.98
CA ALA KA 132 124.51 -47.94 -59.94
C ALA KA 132 123.06 -47.58 -60.28
N ALA KA 133 122.25 -47.30 -59.25
CA ALA KA 133 120.84 -47.00 -59.48
C ALA KA 133 120.68 -45.79 -60.41
N ILE KA 134 121.30 -44.67 -60.04
CA ILE KA 134 121.12 -43.47 -60.85
C ILE KA 134 121.79 -43.62 -62.22
N GLY KA 135 122.86 -44.39 -62.32
CA GLY KA 135 123.52 -44.57 -63.60
C GLY KA 135 122.67 -45.38 -64.57
N VAL KA 136 122.04 -46.45 -64.08
CA VAL KA 136 121.14 -47.22 -64.93
C VAL KA 136 119.91 -46.37 -65.30
N LEU KA 137 119.42 -45.57 -64.35
CA LEU KA 137 118.28 -44.70 -64.65
C LEU KA 137 118.61 -43.71 -65.76
N SER KA 138 119.77 -43.07 -65.69
CA SER KA 138 120.13 -42.09 -66.72
C SER KA 138 120.45 -42.77 -68.04
N GLN KA 139 121.02 -43.99 -67.99
CA GLN KA 139 121.32 -44.71 -69.22
C GLN KA 139 120.04 -45.10 -69.96
N GLN KA 140 119.06 -45.62 -69.23
CA GLN KA 140 117.83 -46.11 -69.83
C GLN KA 140 116.69 -45.11 -69.73
N SER KA 141 116.99 -43.81 -69.57
CA SER KA 141 115.92 -42.84 -69.37
C SER KA 141 114.94 -42.84 -70.54
N ALA KA 142 115.48 -42.78 -71.76
CA ALA KA 142 114.64 -42.79 -72.95
C ALA KA 142 113.82 -44.07 -73.02
N GLY KA 143 114.46 -45.22 -72.77
CA GLY KA 143 113.76 -46.48 -72.86
C GLY KA 143 112.71 -46.67 -71.78
N ILE KA 144 112.94 -46.09 -70.59
CA ILE KA 144 111.96 -46.15 -69.51
C ILE KA 144 110.75 -45.29 -69.83
N GLY KA 145 110.96 -44.15 -70.50
CA GLY KA 145 109.82 -43.42 -71.03
C GLY KA 145 109.06 -44.20 -72.08
N ASP KA 146 109.80 -44.79 -73.03
CA ASP KA 146 109.19 -45.68 -74.02
C ASP KA 146 108.35 -46.76 -73.34
N THR KA 147 108.84 -47.31 -72.24
CA THR KA 147 108.11 -48.33 -71.51
C THR KA 147 106.89 -47.74 -70.80
N ALA KA 148 107.03 -46.55 -70.21
CA ALA KA 148 105.92 -45.92 -69.52
C ALA KA 148 104.77 -45.60 -70.46
N LEU KA 149 105.06 -45.48 -71.75
CA LEU KA 149 104.01 -45.30 -72.75
C LEU KA 149 103.57 -46.60 -73.42
N SER KA 150 104.48 -47.57 -73.59
CA SER KA 150 104.18 -48.81 -74.31
C SER KA 150 103.48 -49.83 -73.42
N GLY KA 151 103.88 -49.91 -72.15
CA GLY KA 151 103.49 -51.01 -71.31
C GLY KA 151 104.40 -52.21 -71.42
N ILE KA 152 105.53 -52.10 -72.09
CA ILE KA 152 106.37 -53.24 -72.43
C ILE KA 152 107.79 -53.01 -71.97
N LEU KA 153 108.39 -54.02 -71.34
CA LEU KA 153 109.78 -54.00 -70.94
C LEU KA 153 110.70 -54.51 -72.06
N ALA LA 1 118.21 -14.83 -30.72
CA ALA LA 1 119.41 -14.46 -31.45
C ALA LA 1 120.52 -15.51 -31.29
N TYR LA 2 120.27 -16.74 -31.78
CA TYR LA 2 121.21 -17.85 -31.67
C TYR LA 2 121.81 -18.13 -33.05
N SER LA 3 123.13 -17.90 -33.17
CA SER LA 3 123.85 -18.12 -34.44
C SER LA 3 125.31 -18.45 -34.14
N PRO LA 4 125.67 -19.73 -34.14
CA PRO LA 4 127.05 -20.12 -33.81
C PRO LA 4 128.02 -19.79 -34.95
N SER LA 5 129.30 -19.86 -34.62
CA SER LA 5 130.41 -19.51 -35.51
C SER LA 5 131.05 -20.75 -36.12
N THR LA 6 131.85 -20.54 -37.18
CA THR LA 6 132.35 -21.69 -37.93
C THR LA 6 133.30 -22.53 -37.10
N PRO LA 7 134.41 -22.01 -36.57
CA PRO LA 7 135.11 -22.74 -35.51
C PRO LA 7 134.59 -22.33 -34.14
N VAL LA 8 133.99 -23.27 -33.42
CA VAL LA 8 133.60 -23.04 -32.04
C VAL LA 8 134.76 -23.50 -31.18
N THR LA 9 135.24 -22.60 -30.34
CA THR LA 9 136.33 -22.95 -29.43
C THR LA 9 135.75 -23.74 -28.27
N GLY LA 10 136.02 -25.04 -28.25
CA GLY LA 10 135.40 -25.89 -27.27
C GLY LA 10 135.90 -25.63 -25.87
N ALA LA 11 135.01 -25.80 -24.90
CA ALA LA 11 135.37 -25.61 -23.51
C ALA LA 11 136.45 -26.60 -23.11
N ALA LA 12 137.30 -26.18 -22.17
CA ALA LA 12 138.47 -26.97 -21.82
C ALA LA 12 138.05 -28.33 -21.31
N GLN LA 13 138.79 -29.35 -21.73
CA GLN LA 13 138.61 -30.71 -21.28
C GLN LA 13 139.97 -31.30 -20.92
N THR LA 14 139.94 -32.42 -20.20
CA THR LA 14 141.13 -32.90 -19.51
C THR LA 14 142.25 -33.22 -20.48
N GLY LA 15 142.01 -34.15 -21.41
CA GLY LA 15 143.06 -34.51 -22.34
C GLY LA 15 143.17 -33.67 -23.59
N PHE LA 16 142.37 -32.62 -23.73
CA PHE LA 16 142.30 -31.86 -24.97
C PHE LA 16 143.18 -30.62 -24.88
N THR LA 17 143.95 -30.39 -25.94
CA THR LA 17 144.77 -29.19 -26.07
C THR LA 17 144.15 -28.30 -27.14
N SER LA 18 143.59 -27.17 -26.72
CA SER LA 18 143.05 -26.15 -27.60
C SER LA 18 142.03 -26.70 -28.60
N PRO LA 19 140.94 -27.29 -28.13
CA PRO LA 19 140.03 -27.96 -29.05
C PRO LA 19 139.05 -27.00 -29.70
N THR LA 20 138.82 -27.20 -30.99
CA THR LA 20 137.86 -26.43 -31.76
C THR LA 20 137.01 -27.40 -32.57
N TYR LA 21 135.77 -27.00 -32.84
CA TYR LA 21 134.83 -27.83 -33.58
C TYR LA 21 134.24 -27.02 -34.71
N THR LA 22 134.36 -27.53 -35.94
CA THR LA 22 133.81 -26.88 -37.12
C THR LA 22 132.36 -27.27 -37.27
N LEU LA 23 131.49 -26.27 -37.42
CA LEU LA 23 130.06 -26.49 -37.55
C LEU LA 23 129.65 -26.33 -39.01
N THR LA 24 128.88 -27.28 -39.51
CA THR LA 24 128.21 -27.19 -40.80
C THR LA 24 126.71 -27.08 -40.56
N SER LA 25 126.04 -26.27 -41.37
CA SER LA 25 124.62 -26.01 -41.12
C SER LA 25 123.78 -27.22 -41.50
N ASP LA 26 122.79 -27.54 -40.65
CA ASP LA 26 121.93 -28.71 -40.83
C ASP LA 26 120.48 -28.29 -40.69
N THR LA 27 119.60 -29.07 -41.31
CA THR LA 27 118.16 -28.88 -41.15
C THR LA 27 117.70 -29.53 -39.86
N ALA LA 28 116.93 -28.80 -39.07
CA ALA LA 28 116.50 -29.19 -37.74
C ALA LA 28 115.26 -30.08 -37.79
N PRO LA 29 115.03 -30.89 -36.76
CA PRO LA 29 113.91 -31.85 -36.84
C PRO LA 29 112.55 -31.18 -36.76
N THR LA 30 112.37 -30.22 -35.86
CA THR LA 30 111.16 -29.42 -35.86
C THR LA 30 111.37 -28.21 -36.76
N ALA LA 31 110.26 -27.55 -37.08
CA ALA LA 31 110.36 -26.24 -37.71
C ALA LA 31 110.77 -25.16 -36.72
N LEU LA 32 110.85 -25.48 -35.43
CA LEU LA 32 111.16 -24.52 -34.37
C LEU LA 32 112.58 -24.63 -33.88
N GLY LA 33 113.45 -25.29 -34.64
CA GLY LA 33 114.82 -25.49 -34.21
C GLY LA 33 115.80 -25.01 -35.24
N LYS LA 34 116.96 -24.59 -34.75
CA LYS LA 34 118.15 -24.39 -35.56
C LYS LA 34 119.16 -25.45 -35.16
N GLN LA 35 119.71 -26.16 -36.13
CA GLN LA 35 120.60 -27.28 -35.82
C GLN LA 35 121.87 -27.18 -36.65
N HIS LA 36 123.01 -27.40 -36.00
CA HIS LA 36 124.28 -27.53 -36.68
C HIS LA 36 124.88 -28.90 -36.40
N ALA LA 37 125.67 -29.40 -37.33
CA ALA LA 37 126.39 -30.67 -37.15
C ALA LA 37 127.88 -30.41 -37.11
N VAL LA 38 128.59 -31.14 -36.25
CA VAL LA 38 130.04 -31.00 -36.13
C VAL LA 38 130.66 -31.84 -37.25
N THR LA 39 131.00 -31.18 -38.36
CA THR LA 39 131.52 -31.88 -39.52
C THR LA 39 133.00 -32.24 -39.36
N ALA LA 40 133.77 -31.47 -38.59
CA ALA LA 40 135.20 -31.73 -38.45
C ALA LA 40 135.70 -31.16 -37.13
N THR LA 41 136.80 -31.73 -36.64
CA THR LA 41 137.39 -31.34 -35.37
C THR LA 41 138.81 -30.83 -35.56
N GLY LA 42 139.16 -29.75 -34.85
CA GLY LA 42 140.52 -29.28 -34.75
C GLY LA 42 140.98 -29.28 -33.30
N GLY LA 43 142.29 -29.15 -33.12
CA GLY LA 43 142.90 -29.26 -31.82
C GLY LA 43 143.45 -30.66 -31.56
N THR LA 44 144.20 -30.78 -30.47
CA THR LA 44 144.82 -32.05 -30.09
C THR LA 44 143.91 -32.87 -29.17
N GLN LA 45 142.79 -33.23 -29.75
CA GLN LA 45 141.85 -34.21 -29.19
C GLN LA 45 141.91 -35.45 -30.07
N THR LA 46 142.37 -36.55 -29.50
CA THR LA 46 142.63 -37.74 -30.29
C THR LA 46 141.57 -38.78 -30.00
N GLY LA 47 140.96 -39.28 -31.05
CA GLY LA 47 139.90 -40.25 -30.97
C GLY LA 47 138.51 -39.68 -31.13
N VAL LA 48 138.39 -38.36 -31.25
CA VAL LA 48 137.08 -37.72 -31.34
C VAL LA 48 136.51 -37.93 -32.74
N THR LA 49 135.31 -38.48 -32.81
CA THR LA 49 134.65 -38.78 -34.08
C THR LA 49 133.67 -37.65 -34.44
N THR LA 50 133.58 -37.34 -35.73
CA THR LA 50 132.72 -36.28 -36.22
C THR LA 50 131.32 -36.84 -36.50
N HIS LA 51 130.46 -36.01 -37.11
CA HIS LA 51 129.05 -36.33 -37.24
C HIS LA 51 128.81 -37.35 -38.35
N SER LA 52 128.22 -38.48 -37.99
CA SER LA 52 127.66 -39.45 -38.90
C SER LA 52 126.18 -39.57 -38.59
N VAL LA 53 125.46 -40.39 -39.37
CA VAL LA 53 124.05 -40.58 -39.04
C VAL LA 53 123.90 -41.55 -37.88
N SER LA 54 124.70 -42.62 -37.86
CA SER LA 54 124.63 -43.57 -36.75
C SER LA 54 125.45 -43.11 -35.55
N SER LA 55 126.44 -42.25 -35.76
CA SER LA 55 127.25 -41.67 -34.69
C SER LA 55 127.18 -40.15 -34.82
N PRO LA 56 126.10 -39.53 -34.34
CA PRO LA 56 125.89 -38.11 -34.61
C PRO LA 56 126.75 -37.21 -33.75
N PHE LA 57 126.87 -35.96 -34.21
CA PHE LA 57 127.43 -34.84 -33.45
C PHE LA 57 126.58 -33.64 -33.83
N THR LA 58 125.52 -33.40 -33.06
CA THR LA 58 124.52 -32.40 -33.42
C THR LA 58 124.23 -31.46 -32.26
N ILE LA 59 124.06 -30.18 -32.61
CA ILE LA 59 123.82 -29.11 -31.67
C ILE LA 59 122.56 -28.40 -32.15
N THR LA 60 121.43 -28.67 -31.49
CA THR LA 60 120.14 -28.14 -31.91
C THR LA 60 119.52 -27.29 -30.81
N PHE LA 61 118.90 -26.17 -31.19
CA PHE LA 61 118.35 -25.21 -30.25
C PHE LA 61 116.94 -24.84 -30.71
N THR LA 62 115.98 -24.98 -29.81
CA THR LA 62 114.56 -24.93 -30.14
C THR LA 62 113.83 -23.95 -29.23
N ARG LA 63 112.84 -23.27 -29.81
CA ARG LA 63 111.90 -22.40 -29.11
C ARG LA 63 110.58 -23.13 -28.91
N PRO LA 64 109.74 -22.68 -27.98
CA PRO LA 64 108.46 -23.36 -27.76
C PRO LA 64 107.49 -23.12 -28.90
N LYS LA 65 106.53 -24.04 -29.03
CA LYS LA 65 105.53 -23.95 -30.10
C LYS LA 65 104.65 -22.74 -29.93
N THR LA 66 104.19 -22.48 -28.71
CA THR LA 66 103.29 -21.38 -28.42
C THR LA 66 103.81 -20.59 -27.23
N MET LA 67 103.95 -19.27 -27.43
CA MET LA 67 104.39 -18.41 -26.35
C MET LA 67 103.28 -18.26 -25.31
N LYS LA 68 103.67 -17.92 -24.08
CA LYS LA 68 102.73 -17.71 -22.99
C LYS LA 68 102.92 -16.31 -22.42
N THR LA 69 101.80 -15.60 -22.23
CA THR LA 69 101.78 -14.25 -21.68
C THR LA 69 101.50 -14.33 -20.18
N VAL LA 70 101.87 -13.25 -19.48
CA VAL LA 70 101.86 -13.25 -18.01
C VAL LA 70 100.46 -13.40 -17.45
N GLY LA 71 99.46 -12.86 -18.14
CA GLY LA 71 98.12 -12.89 -17.59
C GLY LA 71 97.84 -11.68 -16.74
N VAL LA 72 96.73 -11.78 -16.01
CA VAL LA 72 96.13 -10.61 -15.38
C VAL LA 72 95.79 -10.92 -13.92
N PRO LA 73 96.05 -10.00 -12.99
CA PRO LA 73 95.78 -10.30 -11.58
C PRO LA 73 94.30 -10.40 -11.26
N ASN LA 74 93.99 -11.30 -10.32
CA ASN LA 74 92.61 -11.58 -9.92
C ASN LA 74 92.19 -10.62 -8.81
N SER LA 75 91.03 -10.91 -8.21
CA SER LA 75 90.42 -10.00 -7.23
C SER LA 75 91.35 -9.66 -6.07
N ASN LA 76 92.25 -10.57 -5.72
CA ASN LA 76 93.18 -10.35 -4.62
C ASN LA 76 94.49 -9.70 -5.06
N GLY LA 77 94.59 -9.27 -6.32
CA GLY LA 77 95.82 -8.72 -6.83
C GLY LA 77 96.88 -9.75 -7.15
N VAL LA 78 96.52 -11.03 -7.24
CA VAL LA 78 97.47 -12.12 -7.45
C VAL LA 78 97.23 -12.74 -8.82
N ILE LA 79 98.31 -12.96 -9.56
CA ILE LA 79 98.21 -13.60 -10.87
C ILE LA 79 98.14 -15.11 -10.67
N THR LA 80 97.03 -15.71 -11.12
CA THR LA 80 96.68 -17.05 -10.67
C THR LA 80 97.66 -18.10 -11.16
N ASN LA 81 98.03 -18.03 -12.44
CA ASN LA 81 98.83 -19.09 -13.05
C ASN LA 81 99.88 -18.45 -13.94
N ILE LA 82 101.14 -18.66 -13.58
CA ILE LA 82 102.27 -18.19 -14.36
C ILE LA 82 102.81 -19.38 -15.12
N GLY LA 83 102.43 -19.49 -16.40
CA GLY LA 83 103.08 -20.43 -17.27
C GLY LA 83 104.53 -20.07 -17.51
N ARG LA 84 105.25 -20.98 -18.18
CA ARG LA 84 106.67 -20.74 -18.44
C ARG LA 84 107.05 -21.21 -19.84
N ASN LA 85 107.75 -20.35 -20.60
CA ASN LA 85 108.28 -20.75 -21.91
C ASN LA 85 109.66 -21.35 -21.70
N THR LA 86 109.87 -22.58 -22.16
CA THR LA 86 111.16 -23.27 -22.04
C THR LA 86 111.80 -23.37 -23.42
N TYR LA 87 113.05 -22.94 -23.50
CA TYR LA 87 113.88 -23.07 -24.69
C TYR LA 87 114.87 -24.21 -24.49
N GLY LA 88 115.11 -24.98 -25.54
CA GLY LA 88 115.89 -26.20 -25.41
C GLY LA 88 117.15 -26.27 -26.25
N PHE LA 89 118.28 -26.60 -25.62
CA PHE LA 89 119.58 -26.68 -26.28
C PHE LA 89 120.11 -28.10 -26.07
N LEU LA 90 120.29 -28.85 -27.15
CA LEU LA 90 120.59 -30.26 -27.01
C LEU LA 90 121.72 -30.69 -27.94
N VAL LA 91 122.68 -31.42 -27.38
CA VAL LA 91 123.82 -31.94 -28.10
C VAL LA 91 123.74 -33.46 -28.05
N ARG LA 92 123.83 -34.09 -29.22
CA ARG LA 92 123.86 -35.54 -29.35
C ARG LA 92 125.22 -35.96 -29.89
N LYS LA 93 125.84 -36.94 -29.24
CA LYS LA 93 127.18 -37.38 -29.63
C LYS LA 93 127.24 -38.90 -29.68
N GLY LA 94 127.74 -39.41 -30.80
CA GLY LA 94 127.97 -40.85 -30.93
C GLY LA 94 129.10 -41.29 -30.02
N VAL LA 95 128.81 -42.24 -29.11
CA VAL LA 95 129.79 -42.76 -28.16
C VAL LA 95 129.73 -44.28 -28.19
N ILE LA 96 130.89 -44.93 -28.13
CA ILE LA 96 130.96 -46.38 -28.32
C ILE LA 96 131.11 -47.05 -26.96
N PRO LA 97 130.13 -47.88 -26.54
CA PRO LA 97 130.20 -48.41 -25.17
C PRO LA 97 131.11 -49.62 -25.01
N ALA LA 98 131.13 -50.55 -25.95
CA ALA LA 98 131.84 -51.80 -25.76
C ALA LA 98 132.95 -51.96 -26.80
N VAL LA 99 133.61 -53.11 -26.77
CA VAL LA 99 134.77 -53.32 -27.62
C VAL LA 99 134.34 -53.42 -29.08
N ASN LA 100 133.24 -54.11 -29.35
CA ASN LA 100 132.75 -54.23 -30.70
C ASN LA 100 131.34 -53.70 -30.85
N GLN LA 101 130.70 -53.28 -29.77
CA GLN LA 101 129.33 -52.84 -29.86
C GLN LA 101 129.23 -51.53 -30.65
N SER LA 102 128.00 -51.25 -31.08
CA SER LA 102 127.69 -50.17 -31.99
C SER LA 102 127.49 -48.87 -31.23
N PRO LA 103 127.61 -47.71 -31.90
CA PRO LA 103 127.55 -46.44 -31.17
C PRO LA 103 126.17 -46.17 -30.57
N GLN LA 104 126.18 -45.82 -29.28
CA GLN LA 104 125.08 -45.25 -28.52
C GLN LA 104 125.19 -43.73 -28.55
N VAL LA 105 124.15 -43.05 -28.05
CA VAL LA 105 124.06 -41.60 -28.17
C VAL LA 105 124.19 -40.98 -26.79
N MET LA 106 125.38 -40.49 -26.44
CA MET LA 106 125.49 -39.61 -25.29
C MET LA 106 124.70 -38.34 -25.58
N LEU LA 107 124.14 -37.76 -24.51
CA LEU LA 107 123.18 -36.69 -24.68
C LEU LA 107 123.42 -35.62 -23.63
N VAL LA 108 123.62 -34.37 -24.07
CA VAL LA 108 123.79 -33.23 -23.16
C VAL LA 108 122.67 -32.23 -23.49
N ARG LA 109 121.70 -32.10 -22.59
CA ARG LA 109 120.56 -31.24 -22.88
C ARG LA 109 120.36 -30.19 -21.80
N VAL LA 110 120.05 -28.97 -22.25
CA VAL LA 110 119.84 -27.81 -21.41
C VAL LA 110 118.41 -27.32 -21.67
N GLU LA 111 117.71 -26.98 -20.60
CA GLU LA 111 116.37 -26.42 -20.67
C GLU LA 111 116.36 -25.12 -19.89
N ILE LA 112 115.85 -24.06 -20.54
CA ILE LA 112 115.80 -22.73 -19.97
C ILE LA 112 114.33 -22.38 -19.85
N SER LA 113 113.78 -22.48 -18.63
CA SER LA 113 112.37 -22.17 -18.37
C SER LA 113 112.29 -20.74 -17.82
N VAL LA 114 111.76 -19.85 -18.66
CA VAL LA 114 111.55 -18.44 -18.34
C VAL LA 114 110.07 -18.26 -17.97
N PRO LA 115 109.75 -17.84 -16.75
CA PRO LA 115 108.35 -17.54 -16.41
C PRO LA 115 107.77 -16.48 -17.32
N ALA LA 116 106.45 -16.34 -17.25
CA ALA LA 116 105.73 -15.58 -18.26
C ALA LA 116 106.09 -14.10 -18.22
N GLY LA 117 105.82 -13.44 -17.09
CA GLY LA 117 106.06 -12.00 -17.02
C GLY LA 117 107.50 -11.62 -16.87
N ALA LA 118 108.35 -12.62 -16.63
CA ALA LA 118 109.78 -12.42 -16.42
C ALA LA 118 110.42 -11.69 -17.59
N ASP LA 119 110.24 -12.22 -18.80
CA ASP LA 119 110.98 -11.78 -19.99
C ASP LA 119 110.85 -10.29 -20.23
N THR LA 120 109.76 -9.69 -19.76
CA THR LA 120 109.53 -8.27 -19.92
C THR LA 120 109.79 -7.49 -18.63
N TYR LA 121 109.22 -7.90 -17.50
CA TYR LA 121 109.30 -7.09 -16.29
C TYR LA 121 110.69 -7.16 -15.67
N ASP LA 122 111.29 -8.36 -15.59
CA ASP LA 122 112.58 -8.54 -14.91
C ASP LA 122 113.51 -9.28 -15.86
N ALA LA 123 114.14 -8.53 -16.76
CA ALA LA 123 115.00 -9.17 -17.75
C ALA LA 123 116.42 -9.33 -17.20
N ALA LA 124 116.82 -8.45 -16.29
CA ALA LA 124 118.18 -8.51 -15.76
C ALA LA 124 118.40 -9.81 -15.00
N ASN LA 125 117.41 -10.25 -14.23
CA ASN LA 125 117.59 -11.49 -13.47
C ASN LA 125 117.58 -12.71 -14.38
N VAL LA 126 116.79 -12.69 -15.45
CA VAL LA 126 116.84 -13.74 -16.46
C VAL LA 126 118.25 -13.85 -17.03
N LYS LA 127 118.75 -12.72 -17.55
CA LYS LA 127 120.09 -12.72 -18.13
C LYS LA 127 121.13 -13.15 -17.11
N ALA LA 128 120.93 -12.80 -15.84
CA ALA LA 128 121.89 -13.14 -14.80
C ALA LA 128 121.90 -14.64 -14.51
N ALA LA 129 120.73 -15.25 -14.46
CA ALA LA 129 120.67 -16.70 -14.30
C ALA LA 129 121.39 -17.39 -15.44
N LEU LA 130 121.15 -16.92 -16.67
CA LEU LA 130 121.81 -17.55 -17.82
C LEU LA 130 123.33 -17.39 -17.76
N SER LA 131 123.81 -16.18 -17.41
CA SER LA 131 125.25 -15.94 -17.40
C SER LA 131 125.93 -16.69 -16.26
N ALA LA 132 125.29 -16.79 -15.09
CA ALA LA 132 125.87 -17.57 -14.01
C ALA LA 132 125.94 -19.05 -14.36
N ALA LA 133 124.85 -19.59 -14.93
CA ALA LA 133 124.84 -21.00 -15.31
C ALA LA 133 125.94 -21.30 -16.33
N ILE LA 134 126.00 -20.51 -17.40
CA ILE LA 134 126.98 -20.77 -18.45
C ILE LA 134 128.40 -20.48 -17.97
N GLY LA 135 128.57 -19.51 -17.07
CA GLY LA 135 129.91 -19.22 -16.57
C GLY LA 135 130.44 -20.32 -15.68
N VAL LA 136 129.59 -20.86 -14.81
CA VAL LA 136 130.00 -22.01 -14.00
C VAL LA 136 130.28 -23.22 -14.89
N LEU LA 137 129.46 -23.41 -15.94
CA LEU LA 137 129.70 -24.53 -16.85
C LEU LA 137 131.05 -24.41 -17.54
N SER LA 138 131.38 -23.22 -18.04
CA SER LA 138 132.65 -23.05 -18.74
C SER LA 138 133.83 -23.09 -17.77
N GLN LA 139 133.62 -22.66 -16.52
CA GLN LA 139 134.70 -22.72 -15.53
C GLN LA 139 135.02 -24.16 -15.16
N GLN LA 140 133.99 -24.96 -14.90
CA GLN LA 140 134.17 -26.34 -14.47
C GLN LA 140 134.05 -27.33 -15.60
N SER LA 141 134.28 -26.91 -16.85
CA SER LA 141 134.08 -27.82 -17.98
C SER LA 141 134.97 -29.05 -17.84
N ALA LA 142 136.26 -28.83 -17.61
CA ALA LA 142 137.20 -29.93 -17.46
C ALA LA 142 136.79 -30.84 -16.31
N GLY LA 143 136.43 -30.25 -15.17
CA GLY LA 143 136.08 -31.03 -14.00
C GLY LA 143 134.79 -31.81 -14.17
N ILE LA 144 133.83 -31.25 -14.91
CA ILE LA 144 132.58 -31.95 -15.19
C ILE LA 144 132.84 -33.14 -16.12
N GLY LA 145 133.77 -32.98 -17.07
CA GLY LA 145 134.20 -34.15 -17.84
C GLY LA 145 134.85 -35.21 -16.96
N ASP LA 146 135.78 -34.78 -16.12
CA ASP LA 146 136.40 -35.68 -15.15
C ASP LA 146 135.35 -36.43 -14.34
N THR LA 147 134.29 -35.73 -13.93
CA THR LA 147 133.22 -36.37 -13.18
C THR LA 147 132.42 -37.32 -14.05
N ALA LA 148 132.16 -36.94 -15.31
CA ALA LA 148 131.40 -37.79 -16.21
C ALA LA 148 132.08 -39.12 -16.45
N LEU LA 149 133.40 -39.15 -16.28
CA LEU LA 149 134.14 -40.41 -16.41
C LEU LA 149 134.42 -41.08 -15.06
N SER LA 150 134.64 -40.31 -14.00
CA SER LA 150 135.07 -40.84 -12.71
C SER LA 150 133.91 -41.27 -11.84
N GLY LA 151 132.77 -40.57 -11.93
CA GLY LA 151 131.69 -40.77 -10.98
C GLY LA 151 131.92 -40.07 -9.66
N ILE LA 152 132.87 -39.15 -9.60
CA ILE LA 152 133.33 -38.55 -8.36
C ILE LA 152 133.00 -37.06 -8.38
N LEU LA 153 132.47 -36.57 -7.27
CA LEU LA 153 132.16 -35.15 -7.15
C LEU LA 153 133.26 -34.35 -6.46
N ALA MA 1 106.09 -16.75 -54.67
CA ALA MA 1 107.39 -16.11 -54.63
C ALA MA 1 107.39 -14.94 -53.64
N TYR MA 2 107.25 -15.26 -52.34
CA TYR MA 2 107.22 -14.26 -51.28
C TYR MA 2 108.52 -14.32 -50.47
N SER MA 3 109.33 -13.24 -50.58
CA SER MA 3 110.62 -13.16 -49.86
C SER MA 3 110.94 -11.69 -49.60
N PRO MA 4 110.74 -11.22 -48.36
CA PRO MA 4 111.00 -9.82 -48.04
C PRO MA 4 112.49 -9.53 -47.91
N SER MA 5 112.82 -8.23 -47.89
CA SER MA 5 114.18 -7.71 -47.80
C SER MA 5 114.52 -7.33 -46.37
N THR MA 6 115.83 -7.27 -46.07
CA THR MA 6 116.27 -7.03 -44.69
C THR MA 6 115.78 -5.69 -44.16
N PRO MA 7 116.10 -4.54 -44.77
CA PRO MA 7 115.35 -3.33 -44.42
C PRO MA 7 114.13 -3.17 -45.31
N VAL MA 8 112.94 -3.24 -44.72
CA VAL MA 8 111.72 -2.98 -45.46
C VAL MA 8 111.40 -1.49 -45.30
N THR MA 9 111.31 -0.78 -46.41
CA THR MA 9 110.88 0.60 -46.37
C THR MA 9 109.41 0.64 -46.00
N GLY MA 10 109.10 1.08 -44.78
CA GLY MA 10 107.73 1.12 -44.33
C GLY MA 10 106.93 2.21 -45.03
N ALA MA 11 105.65 1.93 -45.24
CA ALA MA 11 104.80 2.88 -45.95
C ALA MA 11 104.64 4.15 -45.13
N ALA MA 12 104.45 5.27 -45.84
CA ALA MA 12 104.44 6.56 -45.19
C ALA MA 12 103.38 6.59 -44.09
N GLN MA 13 103.72 7.19 -42.97
CA GLN MA 13 102.78 7.40 -41.87
C GLN MA 13 102.94 8.81 -41.35
N THR MA 14 101.95 9.25 -40.55
CA THR MA 14 101.82 10.66 -40.25
C THR MA 14 103.02 11.19 -39.48
N GLY MA 15 103.32 10.60 -38.34
CA GLY MA 15 104.45 11.11 -37.59
C GLY MA 15 105.81 10.55 -37.93
N PHE MA 16 105.93 9.73 -38.98
CA PHE MA 16 107.16 9.00 -39.24
C PHE MA 16 107.95 9.65 -40.36
N THR MA 17 109.26 9.77 -40.15
CA THR MA 17 110.18 10.27 -41.15
C THR MA 17 111.05 9.10 -41.60
N SER MA 18 110.94 8.74 -42.88
CA SER MA 18 111.70 7.67 -43.53
C SER MA 18 111.77 6.41 -42.67
N PRO MA 19 110.63 5.75 -42.39
CA PRO MA 19 110.65 4.59 -41.49
C PRO MA 19 111.01 3.29 -42.20
N THR MA 20 111.91 2.52 -41.59
CA THR MA 20 112.32 1.23 -42.10
C THR MA 20 112.21 0.20 -40.98
N TYR MA 21 111.96 -1.05 -41.35
CA TYR MA 21 111.82 -2.14 -40.38
C TYR MA 21 112.75 -3.27 -40.77
N THR MA 22 113.62 -3.67 -39.84
CA THR MA 22 114.53 -4.78 -40.05
C THR MA 22 113.79 -6.08 -39.69
N LEU MA 23 113.76 -7.02 -40.63
CA LEU MA 23 113.09 -8.29 -40.41
C LEU MA 23 114.12 -9.37 -40.10
N THR MA 24 113.85 -10.13 -39.04
CA THR MA 24 114.62 -11.34 -38.74
C THR MA 24 113.74 -12.54 -39.05
N SER MA 25 114.32 -13.53 -39.72
CA SER MA 25 113.53 -14.71 -40.09
C SER MA 25 113.02 -15.40 -38.83
N ASP MA 26 111.76 -15.78 -38.86
CA ASP MA 26 111.13 -16.50 -37.76
C ASP MA 26 110.40 -17.72 -38.32
N THR MA 27 110.20 -18.71 -37.46
CA THR MA 27 109.57 -19.96 -37.87
C THR MA 27 108.07 -19.85 -37.70
N ALA MA 28 107.34 -20.19 -38.77
CA ALA MA 28 105.93 -19.91 -38.94
C ALA MA 28 105.07 -20.90 -38.16
N PRO MA 29 103.78 -20.56 -37.92
CA PRO MA 29 102.96 -21.46 -37.10
C PRO MA 29 102.56 -22.72 -37.83
N THR MA 30 102.28 -22.61 -39.13
CA THR MA 30 102.00 -23.75 -39.97
C THR MA 30 103.23 -24.07 -40.81
N ALA MA 31 103.19 -25.22 -41.46
CA ALA MA 31 104.25 -25.59 -42.38
C ALA MA 31 104.08 -24.95 -43.74
N LEU MA 32 102.94 -24.29 -43.98
CA LEU MA 32 102.65 -23.65 -45.25
C LEU MA 32 102.72 -22.13 -45.14
N GLY MA 33 103.43 -21.62 -44.13
CA GLY MA 33 103.59 -20.20 -43.94
C GLY MA 33 105.05 -19.83 -43.85
N LYS MA 34 105.35 -18.59 -44.25
CA LYS MA 34 106.65 -17.98 -44.05
C LYS MA 34 106.45 -16.77 -43.14
N GLN MA 35 107.20 -16.72 -42.04
CA GLN MA 35 107.02 -15.67 -41.05
C GLN MA 35 108.33 -14.96 -40.80
N HIS MA 36 108.28 -13.64 -40.72
CA HIS MA 36 109.38 -12.85 -40.22
C HIS MA 36 108.90 -12.06 -39.01
N ALA MA 37 109.85 -11.60 -38.20
CA ALA MA 37 109.50 -10.78 -37.05
C ALA MA 37 110.36 -9.52 -37.06
N VAL MA 38 109.77 -8.39 -36.65
CA VAL MA 38 110.45 -7.11 -36.71
C VAL MA 38 111.39 -7.04 -35.51
N THR MA 39 112.68 -7.28 -35.74
CA THR MA 39 113.65 -7.28 -34.67
C THR MA 39 114.10 -5.86 -34.30
N ALA MA 40 114.09 -4.92 -35.25
CA ALA MA 40 114.53 -3.56 -34.95
C ALA MA 40 113.91 -2.58 -35.95
N THR MA 41 113.83 -1.32 -35.54
CA THR MA 41 113.26 -0.25 -36.35
C THR MA 41 114.32 0.81 -36.63
N GLY MA 42 114.32 1.32 -37.85
CA GLY MA 42 115.10 2.48 -38.22
C GLY MA 42 114.19 3.59 -38.68
N GLY MA 43 114.68 4.82 -38.69
CA GLY MA 43 113.88 5.98 -39.01
C GLY MA 43 113.40 6.70 -37.76
N THR MA 44 112.76 7.85 -37.98
CA THR MA 44 112.26 8.68 -36.88
C THR MA 44 110.80 8.31 -36.62
N GLN MA 45 110.63 7.18 -35.95
CA GLN MA 45 109.34 6.70 -35.47
C GLN MA 45 109.50 6.48 -33.97
N THR MA 46 109.21 7.51 -33.20
CA THR MA 46 109.54 7.48 -31.78
C THR MA 46 108.46 6.72 -31.03
N GLY MA 47 108.88 5.83 -30.13
CA GLY MA 47 107.98 5.03 -29.33
C GLY MA 47 107.63 3.67 -29.91
N VAL MA 48 108.05 3.39 -31.13
CA VAL MA 48 107.69 2.12 -31.78
C VAL MA 48 108.45 0.98 -31.11
N THR MA 49 107.71 0.00 -30.61
CA THR MA 49 108.30 -1.16 -29.93
C THR MA 49 108.46 -2.32 -30.89
N THR MA 50 109.62 -2.98 -30.82
CA THR MA 50 109.91 -4.12 -31.69
C THR MA 50 109.27 -5.38 -31.12
N HIS MA 51 109.58 -6.53 -31.74
CA HIS MA 51 108.96 -7.78 -31.33
C HIS MA 51 109.49 -8.20 -29.97
N SER MA 52 108.57 -8.43 -29.03
CA SER MA 52 108.86 -9.01 -27.73
C SER MA 52 107.93 -10.19 -27.54
N VAL MA 53 108.18 -10.98 -26.49
CA VAL MA 53 107.27 -12.06 -26.18
C VAL MA 53 105.92 -11.50 -25.74
N SER MA 54 105.94 -10.40 -24.98
CA SER MA 54 104.71 -9.83 -24.46
C SER MA 54 103.94 -9.08 -25.55
N SER MA 55 104.64 -8.39 -26.44
CA SER MA 55 104.02 -7.59 -27.51
C SER MA 55 104.69 -7.92 -28.84
N PRO MA 56 104.06 -8.74 -29.68
CA PRO MA 56 104.73 -9.22 -30.89
C PRO MA 56 104.65 -8.22 -32.03
N PHE MA 57 105.58 -8.37 -32.97
CA PHE MA 57 105.60 -7.64 -34.24
C PHE MA 57 105.98 -8.67 -35.30
N THR MA 58 104.96 -9.26 -35.92
CA THR MA 58 105.16 -10.42 -36.79
C THR MA 58 104.42 -10.24 -38.12
N ILE MA 59 105.05 -10.73 -39.18
CA ILE MA 59 104.55 -10.62 -40.55
C ILE MA 59 104.58 -12.03 -41.13
N THR MA 60 103.42 -12.66 -41.28
CA THR MA 60 103.33 -14.04 -41.71
C THR MA 60 102.45 -14.18 -42.95
N PHE MA 61 102.90 -14.96 -43.93
CA PHE MA 61 102.19 -15.15 -45.18
C PHE MA 61 102.01 -16.64 -45.44
N THR MA 62 100.76 -17.05 -45.67
CA THR MA 62 100.40 -18.46 -45.73
C THR MA 62 99.67 -18.76 -47.03
N ARG MA 63 99.92 -19.94 -47.57
CA ARG MA 63 99.23 -20.48 -48.73
C ARG MA 63 98.28 -21.59 -48.30
N PRO MA 64 97.23 -21.86 -49.06
CA PRO MA 64 96.22 -22.83 -48.62
C PRO MA 64 96.79 -24.24 -48.54
N LYS MA 65 96.18 -25.04 -47.66
CA LYS MA 65 96.60 -26.43 -47.48
C LYS MA 65 96.40 -27.22 -48.77
N THR MA 66 95.21 -27.15 -49.35
CA THR MA 66 94.86 -27.90 -50.54
C THR MA 66 94.43 -26.94 -51.64
N MET MA 67 95.15 -26.97 -52.77
CA MET MA 67 94.76 -26.18 -53.93
C MET MA 67 93.52 -26.78 -54.58
N LYS MA 68 92.73 -25.93 -55.24
CA LYS MA 68 91.49 -26.36 -55.89
C LYS MA 68 91.56 -26.11 -57.38
N THR MA 69 91.24 -27.15 -58.15
CA THR MA 69 91.23 -27.10 -59.61
C THR MA 69 89.87 -26.64 -60.11
N VAL MA 70 89.84 -26.14 -61.35
CA VAL MA 70 88.67 -25.43 -61.86
C VAL MA 70 87.48 -26.37 -62.03
N GLY MA 71 87.73 -27.61 -62.43
CA GLY MA 71 86.64 -28.54 -62.67
C GLY MA 71 86.29 -28.67 -64.14
N VAL MA 72 85.41 -29.63 -64.42
CA VAL MA 72 85.09 -30.05 -65.78
C VAL MA 72 83.71 -29.53 -66.13
N PRO MA 73 83.53 -28.90 -67.29
CA PRO MA 73 82.20 -28.42 -67.68
C PRO MA 73 81.25 -29.58 -67.95
N ASN MA 74 79.97 -29.35 -67.64
CA ASN MA 74 78.94 -30.37 -67.82
C ASN MA 74 78.37 -30.31 -69.23
N SER MA 75 77.25 -31.00 -69.46
CA SER MA 75 76.67 -31.09 -70.79
C SER MA 75 76.30 -29.73 -71.35
N ASN MA 76 75.83 -28.81 -70.49
CA ASN MA 76 75.48 -27.47 -70.92
C ASN MA 76 76.69 -26.58 -71.18
N GLY MA 77 77.89 -27.06 -70.90
CA GLY MA 77 79.07 -26.22 -70.98
C GLY MA 77 79.36 -25.43 -69.73
N VAL MA 78 78.67 -25.70 -68.64
CA VAL MA 78 78.75 -24.93 -67.41
C VAL MA 78 79.54 -25.70 -66.36
N ILE MA 79 80.44 -25.00 -65.67
CA ILE MA 79 81.21 -25.57 -64.57
C ILE MA 79 80.46 -25.33 -63.27
N THR MA 80 80.21 -26.41 -62.53
CA THR MA 80 79.19 -26.40 -61.49
C THR MA 80 79.63 -25.57 -60.28
N ASN MA 81 80.84 -25.78 -59.80
CA ASN MA 81 81.29 -25.11 -58.57
C ASN MA 81 82.73 -24.65 -58.72
N ILE MA 82 82.94 -23.34 -58.58
CA ILE MA 82 84.27 -22.74 -58.66
C ILE MA 82 84.71 -22.49 -57.23
N GLY MA 83 85.50 -23.40 -56.69
CA GLY MA 83 86.16 -23.14 -55.42
C GLY MA 83 87.12 -21.97 -55.55
N ARG MA 84 87.62 -21.52 -54.39
CA ARG MA 84 88.53 -20.38 -54.37
C ARG MA 84 89.67 -20.67 -53.40
N ASN MA 85 90.91 -20.58 -53.88
CA ASN MA 85 92.07 -20.71 -52.99
C ASN MA 85 92.41 -19.32 -52.46
N THR MA 86 92.55 -19.21 -51.13
CA THR MA 86 92.80 -17.95 -50.43
C THR MA 86 94.19 -17.99 -49.81
N TYR MA 87 94.97 -16.96 -50.10
CA TYR MA 87 96.27 -16.76 -49.48
C TYR MA 87 96.14 -15.68 -48.43
N GLY MA 88 96.88 -15.83 -47.33
CA GLY MA 88 96.73 -14.96 -46.18
C GLY MA 88 97.96 -14.24 -45.68
N PHE MA 89 97.87 -12.92 -45.51
CA PHE MA 89 99.00 -12.09 -45.10
C PHE MA 89 98.59 -11.39 -43.81
N LEU MA 90 99.32 -11.61 -42.72
CA LEU MA 90 98.86 -11.12 -41.44
C LEU MA 90 100.01 -10.53 -40.63
N VAL MA 91 99.75 -9.34 -40.10
CA VAL MA 91 100.69 -8.61 -39.25
C VAL MA 91 100.06 -8.50 -37.87
N ARG MA 92 100.83 -8.87 -36.84
CA ARG MA 92 100.42 -8.74 -35.45
C ARG MA 92 101.36 -7.77 -34.75
N LYS MA 93 100.79 -6.79 -34.03
CA LYS MA 93 101.59 -5.76 -33.39
C LYS MA 93 101.15 -5.56 -31.95
N GLY MA 94 102.12 -5.58 -31.04
CA GLY MA 94 101.83 -5.30 -29.65
C GLY MA 94 101.54 -3.82 -29.43
N VAL MA 95 100.34 -3.51 -28.92
CA VAL MA 95 99.87 -2.14 -28.74
C VAL MA 95 99.27 -2.02 -27.35
N ILE MA 96 99.59 -0.95 -26.63
CA ILE MA 96 99.19 -0.84 -25.23
C ILE MA 96 97.95 0.04 -25.11
N PRO MA 97 96.83 -0.48 -24.57
CA PRO MA 97 95.60 0.34 -24.58
C PRO MA 97 95.53 1.39 -23.48
N ALA MA 98 95.98 1.11 -22.27
CA ALA MA 98 95.82 2.09 -21.21
C ALA MA 98 97.15 2.40 -20.54
N VAL MA 99 97.06 3.14 -19.44
CA VAL MA 99 98.25 3.67 -18.80
C VAL MA 99 99.06 2.57 -18.16
N ASN MA 100 98.40 1.53 -17.65
CA ASN MA 100 99.14 0.44 -17.03
C ASN MA 100 98.65 -0.92 -17.49
N GLN MA 101 98.01 -1.02 -18.65
CA GLN MA 101 97.43 -2.28 -19.07
C GLN MA 101 98.43 -3.15 -19.82
N SER MA 102 98.11 -4.45 -19.87
CA SER MA 102 98.89 -5.40 -20.63
C SER MA 102 98.72 -5.13 -22.13
N PRO MA 103 99.75 -5.39 -22.93
CA PRO MA 103 99.63 -5.12 -24.36
C PRO MA 103 98.58 -6.00 -25.01
N GLN MA 104 97.77 -5.38 -25.86
CA GLN MA 104 96.81 -5.99 -26.78
C GLN MA 104 97.46 -6.15 -28.14
N VAL MA 105 96.89 -7.02 -28.96
CA VAL MA 105 97.46 -7.33 -30.27
C VAL MA 105 96.62 -6.63 -31.34
N MET MA 106 97.08 -5.46 -31.78
CA MET MA 106 96.55 -4.92 -33.02
C MET MA 106 96.83 -5.90 -34.14
N LEU MA 107 95.92 -5.94 -35.12
CA LEU MA 107 95.96 -7.01 -36.09
C LEU MA 107 95.56 -6.47 -37.46
N VAL MA 108 96.46 -6.58 -38.44
CA VAL MA 108 96.19 -6.17 -39.81
C VAL MA 108 96.26 -7.44 -40.66
N ARG MA 109 95.14 -7.84 -41.25
CA ARG MA 109 95.11 -9.10 -41.98
C ARG MA 109 94.49 -8.94 -43.36
N VAL MA 110 95.16 -9.49 -44.35
CA VAL MA 110 94.78 -9.45 -45.75
C VAL MA 110 94.46 -10.87 -46.17
N GLU MA 111 93.43 -11.02 -47.00
CA GLU MA 111 93.06 -12.29 -47.60
C GLU MA 111 92.87 -12.09 -49.08
N ILE MA 112 93.53 -12.91 -49.88
CA ILE MA 112 93.50 -12.84 -51.33
C ILE MA 112 92.82 -14.13 -51.78
N SER MA 113 91.55 -14.03 -52.19
CA SER MA 113 90.78 -15.17 -52.66
C SER MA 113 90.77 -15.18 -54.19
N VAL MA 114 91.43 -16.18 -54.77
CA VAL MA 114 91.52 -16.36 -56.22
C VAL MA 114 90.61 -17.51 -56.60
N PRO MA 115 89.70 -17.33 -57.55
CA PRO MA 115 88.87 -18.45 -57.99
C PRO MA 115 89.68 -19.49 -58.74
N ALA MA 116 89.03 -20.63 -58.92
CA ALA MA 116 89.76 -21.87 -59.22
C ALA MA 116 90.46 -21.81 -60.58
N GLY MA 117 89.77 -21.28 -61.58
CA GLY MA 117 90.27 -21.33 -62.94
C GLY MA 117 91.01 -20.07 -63.29
N ALA MA 118 90.85 -19.06 -62.43
CA ALA MA 118 91.41 -17.73 -62.65
C ALA MA 118 92.92 -17.78 -62.88
N ASP MA 119 93.63 -18.44 -61.96
CA ASP MA 119 95.09 -18.39 -61.89
C ASP MA 119 95.74 -18.77 -63.22
N THR MA 120 95.07 -19.58 -64.02
CA THR MA 120 95.54 -19.99 -65.32
C THR MA 120 94.89 -19.22 -66.45
N TYR MA 121 93.55 -19.19 -66.52
CA TYR MA 121 92.89 -18.63 -67.69
C TYR MA 121 93.04 -17.11 -67.76
N ASP MA 122 92.85 -16.41 -66.63
CA ASP MA 122 92.84 -14.94 -66.60
C ASP MA 122 93.80 -14.49 -65.50
N ALA MA 123 95.09 -14.46 -65.82
CA ALA MA 123 96.08 -14.07 -64.83
C ALA MA 123 96.26 -12.57 -64.77
N ALA MA 124 96.02 -11.88 -65.89
CA ALA MA 124 96.21 -10.44 -65.93
C ALA MA 124 95.25 -9.73 -64.99
N ASN MA 125 94.01 -10.22 -64.90
CA ASN MA 125 93.04 -9.57 -64.03
C ASN MA 125 93.34 -9.83 -62.56
N VAL MA 126 93.81 -11.04 -62.24
CA VAL MA 126 94.28 -11.31 -60.88
C VAL MA 126 95.39 -10.34 -60.49
N LYS MA 127 96.44 -10.27 -61.33
CA LYS MA 127 97.55 -9.37 -61.05
C LYS MA 127 97.07 -7.94 -60.93
N ALA MA 128 96.06 -7.56 -61.72
CA ALA MA 128 95.56 -6.19 -61.70
C ALA MA 128 94.81 -5.88 -60.41
N ALA MA 129 94.00 -6.82 -59.93
CA ALA MA 129 93.33 -6.63 -58.64
C ALA MA 129 94.36 -6.46 -57.53
N LEU MA 130 95.40 -7.28 -57.54
CA LEU MA 130 96.43 -7.16 -56.52
C LEU MA 130 97.15 -5.82 -56.60
N SER MA 131 97.53 -5.40 -57.81
CA SER MA 131 98.28 -4.16 -57.95
C SER MA 131 97.44 -2.95 -57.59
N ALA MA 132 96.14 -2.99 -57.90
CA ALA MA 132 95.27 -1.87 -57.53
C ALA MA 132 95.06 -1.81 -56.02
N ALA MA 133 94.80 -2.98 -55.39
CA ALA MA 133 94.63 -3.01 -53.95
C ALA MA 133 95.87 -2.48 -53.23
N ILE MA 134 97.04 -3.02 -53.56
CA ILE MA 134 98.26 -2.61 -52.89
C ILE MA 134 98.65 -1.18 -53.25
N GLY MA 135 98.39 -0.75 -54.49
CA GLY MA 135 98.70 0.63 -54.85
C GLY MA 135 97.86 1.64 -54.11
N VAL MA 136 96.57 1.35 -53.93
CA VAL MA 136 95.73 2.24 -53.14
C VAL MA 136 96.16 2.21 -51.66
N LEU MA 137 96.54 1.04 -51.15
CA LEU MA 137 97.01 0.97 -49.77
C LEU MA 137 98.26 1.82 -49.56
N SER MA 138 99.24 1.71 -50.47
CA SER MA 138 100.48 2.48 -50.30
C SER MA 138 100.25 3.96 -50.57
N GLN MA 139 99.32 4.32 -51.46
CA GLN MA 139 99.01 5.72 -51.69
C GLN MA 139 98.36 6.34 -50.47
N GLN MA 140 97.42 5.63 -49.84
CA GLN MA 140 96.68 6.16 -48.72
C GLN MA 140 97.15 5.58 -47.39
N SER MA 141 98.43 5.22 -47.26
CA SER MA 141 98.91 4.63 -46.01
C SER MA 141 98.82 5.63 -44.87
N ALA MA 142 99.34 6.84 -45.08
CA ALA MA 142 99.27 7.86 -44.03
C ALA MA 142 97.83 8.19 -43.68
N GLY MA 143 96.97 8.28 -44.69
CA GLY MA 143 95.57 8.61 -44.43
C GLY MA 143 94.82 7.51 -43.72
N ILE MA 144 95.15 6.25 -44.01
CA ILE MA 144 94.52 5.13 -43.31
C ILE MA 144 95.01 5.06 -41.86
N GLY MA 145 96.27 5.42 -41.61
CA GLY MA 145 96.70 5.58 -40.23
C GLY MA 145 95.92 6.67 -39.51
N ASP MA 146 95.82 7.84 -40.16
CA ASP MA 146 95.03 8.94 -39.61
C ASP MA 146 93.60 8.49 -39.30
N THR MA 147 93.02 7.66 -40.17
CA THR MA 147 91.68 7.15 -39.94
C THR MA 147 91.65 6.16 -38.77
N ALA MA 148 92.62 5.26 -38.71
CA ALA MA 148 92.67 4.25 -37.66
C ALA MA 148 92.82 4.88 -36.28
N LEU MA 149 93.40 6.08 -36.22
CA LEU MA 149 93.52 6.77 -34.95
C LEU MA 149 92.36 7.73 -34.68
N SER MA 150 91.85 8.38 -35.73
CA SER MA 150 90.86 9.44 -35.56
C SER MA 150 89.43 8.91 -35.47
N GLY MA 151 89.14 7.81 -36.15
CA GLY MA 151 87.75 7.50 -36.46
C GLY MA 151 87.20 8.31 -37.59
N ILE MA 152 88.01 9.12 -38.23
CA ILE MA 152 87.56 10.02 -39.30
C ILE MA 152 87.76 9.32 -40.63
N LEU MA 153 86.69 9.24 -41.40
CA LEU MA 153 86.73 8.65 -42.72
C LEU MA 153 86.68 9.76 -43.81
N ALA NA 1 134.87 -34.23 -10.28
CA ALA NA 1 135.75 -33.14 -9.89
C ALA NA 1 135.09 -31.78 -10.12
N TYR NA 2 133.99 -31.50 -9.42
CA TYR NA 2 133.23 -30.26 -9.56
C TYR NA 2 133.48 -29.38 -8.33
N SER NA 3 134.20 -28.25 -8.54
CA SER NA 3 134.52 -27.31 -7.45
C SER NA 3 134.66 -25.91 -8.03
N PRO NA 4 133.64 -25.07 -7.89
CA PRO NA 4 133.69 -23.72 -8.45
C PRO NA 4 134.58 -22.79 -7.64
N SER NA 5 134.91 -21.65 -8.25
CA SER NA 5 135.79 -20.63 -7.69
C SER NA 5 134.98 -19.48 -7.08
N THR NA 6 135.65 -18.71 -6.20
CA THR NA 6 134.92 -17.71 -5.41
C THR NA 6 134.28 -16.64 -6.28
N PRO NA 7 135.04 -15.89 -7.12
CA PRO NA 7 134.38 -15.12 -8.17
C PRO NA 7 134.26 -15.93 -9.45
N VAL NA 8 133.03 -16.18 -9.90
CA VAL NA 8 132.79 -16.86 -11.17
C VAL NA 8 132.64 -15.79 -12.22
N THR NA 9 133.47 -15.84 -13.26
CA THR NA 9 133.36 -14.93 -14.39
C THR NA 9 132.11 -15.33 -15.17
N GLY NA 10 131.04 -14.55 -15.02
CA GLY NA 10 129.78 -14.90 -15.65
C GLY NA 10 129.82 -14.70 -17.15
N ALA NA 11 129.11 -15.58 -17.86
CA ALA NA 11 129.15 -15.54 -19.31
C ALA NA 11 128.55 -14.24 -19.82
N ALA NA 12 129.01 -13.81 -21.00
CA ALA NA 12 128.62 -12.51 -21.51
C ALA NA 12 127.11 -12.44 -21.69
N GLN NA 13 126.53 -11.32 -21.29
CA GLN NA 13 125.11 -11.05 -21.49
C GLN NA 13 124.95 -9.63 -22.03
N THR NA 14 123.76 -9.36 -22.55
CA THR NA 14 123.56 -8.19 -23.41
C THR NA 14 123.84 -6.90 -22.67
N GLY NA 15 123.15 -6.67 -21.56
CA GLY NA 15 123.36 -5.44 -20.83
C GLY NA 15 124.44 -5.46 -19.77
N PHE NA 16 125.22 -6.54 -19.67
CA PHE NA 16 126.16 -6.72 -18.57
C PHE NA 16 127.58 -6.38 -19.02
N THR NA 17 128.27 -5.61 -18.18
CA THR NA 17 129.67 -5.28 -18.41
C THR NA 17 130.51 -6.01 -17.36
N SER NA 18 131.34 -6.94 -17.82
CA SER NA 18 132.24 -7.71 -16.97
C SER NA 18 131.55 -8.27 -15.72
N PRO NA 19 130.56 -9.16 -15.90
CA PRO NA 19 129.80 -9.64 -14.73
C PRO NA 19 130.49 -10.80 -14.02
N THR NA 20 130.53 -10.74 -12.70
CA THR NA 20 131.08 -11.79 -11.86
C THR NA 20 130.09 -12.10 -10.75
N TYR NA 21 130.09 -13.34 -10.28
CA TYR NA 21 129.18 -13.77 -9.21
C TYR NA 21 129.97 -14.42 -8.10
N THR NA 22 129.81 -13.93 -6.88
CA THR NA 22 130.48 -14.49 -5.72
C THR NA 22 129.65 -15.65 -5.18
N LEU NA 23 130.26 -16.81 -5.05
CA LEU NA 23 129.57 -18.00 -4.55
C LEU NA 23 129.91 -18.21 -3.08
N THR NA 24 128.89 -18.51 -2.30
CA THR NA 24 129.03 -18.94 -0.92
C THR NA 24 128.58 -20.40 -0.82
N SER NA 25 129.33 -21.20 -0.06
CA SER NA 25 129.04 -22.62 -0.01
C SER NA 25 127.72 -22.86 0.71
N ASP NA 26 126.92 -23.78 0.18
CA ASP NA 26 125.61 -24.11 0.73
C ASP NA 26 125.47 -25.62 0.84
N THR NA 27 124.63 -26.06 1.76
CA THR NA 27 124.31 -27.47 1.89
C THR NA 27 123.26 -27.86 0.86
N ALA NA 28 123.48 -28.96 0.16
CA ALA NA 28 122.65 -29.39 -0.95
C ALA NA 28 121.41 -30.13 -0.47
N PRO NA 29 120.39 -30.30 -1.34
CA PRO NA 29 119.14 -30.94 -0.89
C PRO NA 29 119.25 -32.45 -0.76
N THR NA 30 120.02 -33.08 -1.65
CA THR NA 30 120.35 -34.48 -1.53
C THR NA 30 121.76 -34.65 -0.97
N ALA NA 31 122.07 -35.88 -0.58
CA ALA NA 31 123.43 -36.22 -0.18
C ALA NA 31 124.33 -36.49 -1.38
N LEU NA 32 123.79 -36.37 -2.60
CA LEU NA 32 124.53 -36.60 -3.83
C LEU NA 32 124.78 -35.30 -4.58
N GLY NA 33 124.61 -34.16 -3.92
CA GLY NA 33 124.73 -32.88 -4.58
C GLY NA 33 125.71 -31.97 -3.86
N LYS NA 34 126.35 -31.12 -4.65
CA LYS NA 34 127.14 -30.00 -4.16
C LYS NA 34 126.45 -28.72 -4.62
N GLN NA 35 126.14 -27.83 -3.69
CA GLN NA 35 125.35 -26.64 -4.02
C GLN NA 35 126.03 -25.39 -3.48
N HIS NA 36 126.09 -24.35 -4.31
CA HIS NA 36 126.52 -23.03 -3.89
C HIS NA 36 125.37 -22.05 -4.09
N ALA NA 37 125.38 -20.97 -3.32
CA ALA NA 37 124.41 -19.90 -3.48
C ALA NA 37 125.13 -18.61 -3.87
N VAL NA 38 124.51 -17.81 -4.72
CA VAL NA 38 125.11 -16.57 -5.20
C VAL NA 38 124.83 -15.51 -4.14
N THR NA 39 125.82 -15.25 -3.28
CA THR NA 39 125.64 -14.32 -2.17
C THR NA 39 125.79 -12.86 -2.61
N ALA NA 40 126.53 -12.57 -3.68
CA ALA NA 40 126.72 -11.20 -4.13
C ALA NA 40 127.14 -11.17 -5.60
N THR NA 41 126.90 -10.04 -6.25
CA THR NA 41 127.24 -9.85 -7.65
C THR NA 41 128.22 -8.70 -7.81
N GLY NA 42 129.18 -8.87 -8.70
CA GLY NA 42 130.08 -7.82 -9.10
C GLY NA 42 129.95 -7.57 -10.59
N GLY NA 43 130.39 -6.40 -11.06
CA GLY NA 43 130.20 -6.00 -12.42
C GLY NA 43 128.99 -5.08 -12.58
N THR NA 44 128.82 -4.57 -13.81
CA THR NA 44 127.73 -3.64 -14.11
C THR NA 44 126.56 -4.43 -14.66
N GLN NA 45 125.83 -5.06 -13.74
CA GLN NA 45 124.58 -5.77 -14.02
C GLN NA 45 123.54 -5.18 -13.08
N THR NA 46 122.89 -4.11 -13.53
CA THR NA 46 122.03 -3.34 -12.65
C THR NA 46 120.69 -4.06 -12.50
N GLY NA 47 120.21 -4.14 -11.25
CA GLY NA 47 118.94 -4.79 -10.95
C GLY NA 47 119.04 -6.25 -10.57
N VAL NA 48 120.21 -6.87 -10.72
CA VAL NA 48 120.34 -8.29 -10.43
C VAL NA 48 120.25 -8.51 -8.92
N THR NA 49 119.33 -9.40 -8.52
CA THR NA 49 119.11 -9.71 -7.12
C THR NA 49 119.85 -10.99 -6.73
N THR NA 50 120.44 -10.98 -5.54
CA THR NA 50 121.21 -12.12 -5.06
C THR NA 50 120.27 -13.11 -4.36
N HIS NA 51 120.85 -14.18 -3.82
CA HIS NA 51 120.07 -15.23 -3.18
C HIS NA 51 119.37 -14.71 -1.94
N SER NA 52 118.04 -14.82 -1.93
CA SER NA 52 117.21 -14.51 -0.79
C SER NA 52 116.33 -15.72 -0.49
N VAL NA 53 115.69 -15.69 0.68
CA VAL NA 53 114.73 -16.75 0.98
C VAL NA 53 113.58 -16.70 -0.01
N SER NA 54 113.12 -15.48 -0.32
CA SER NA 54 111.97 -15.34 -1.20
C SER NA 54 112.32 -15.64 -2.65
N SER NA 55 113.50 -15.21 -3.10
CA SER NA 55 113.94 -15.39 -4.48
C SER NA 55 115.35 -15.98 -4.51
N PRO NA 56 115.48 -17.28 -4.77
CA PRO NA 56 116.78 -17.93 -4.64
C PRO NA 56 117.67 -17.71 -5.84
N PHE NA 57 118.97 -17.85 -5.62
CA PHE NA 57 120.00 -17.87 -6.67
C PHE NA 57 120.96 -18.99 -6.29
N THR NA 58 120.73 -20.19 -6.84
CA THR NA 58 121.44 -21.39 -6.42
C THR NA 58 121.94 -22.19 -7.61
N ILE NA 59 123.10 -22.81 -7.41
CA ILE NA 59 123.81 -23.59 -8.43
C ILE NA 59 124.14 -24.93 -7.79
N THR NA 60 123.42 -25.98 -8.18
CA THR NA 60 123.56 -27.30 -7.57
C THR NA 60 123.92 -28.35 -8.63
N PHE NA 61 124.85 -29.25 -8.29
CA PHE NA 61 125.32 -30.28 -9.21
C PHE NA 61 125.25 -31.63 -8.51
N THR NA 62 124.60 -32.59 -9.15
CA THR NA 62 124.24 -33.86 -8.52
C THR NA 62 124.68 -35.03 -9.38
N ARG NA 63 125.10 -36.11 -8.72
CA ARG NA 63 125.43 -37.38 -9.33
C ARG NA 63 124.28 -38.36 -9.13
N PRO NA 64 124.20 -39.45 -9.90
CA PRO NA 64 123.11 -40.39 -9.73
C PRO NA 64 123.25 -41.21 -8.45
N LYS NA 65 122.10 -41.67 -7.94
CA LYS NA 65 122.09 -42.44 -6.70
C LYS NA 65 122.88 -43.73 -6.86
N THR NA 66 122.66 -44.45 -7.96
CA THR NA 66 123.32 -45.72 -8.21
C THR NA 66 123.96 -45.69 -9.59
N MET NA 67 125.25 -46.03 -9.65
CA MET NA 67 125.96 -46.13 -10.91
C MET NA 67 125.53 -47.38 -11.67
N LYS NA 68 125.58 -47.31 -12.99
CA LYS NA 68 125.14 -48.41 -13.84
C LYS NA 68 126.35 -48.99 -14.56
N THR NA 69 126.56 -50.29 -14.38
CA THR NA 69 127.56 -51.01 -15.15
C THR NA 69 126.92 -51.61 -16.40
N VAL NA 70 127.76 -51.88 -17.39
CA VAL NA 70 127.25 -52.28 -18.69
C VAL NA 70 127.10 -53.78 -18.79
N GLY NA 83 121.38 -48.74 -20.59
CA GLY NA 83 121.41 -47.98 -19.35
C GLY NA 83 122.19 -46.69 -19.45
N ARG NA 84 121.91 -45.74 -18.56
CA ARG NA 84 122.58 -44.44 -18.60
C ARG NA 84 122.79 -43.87 -17.20
N ASN NA 85 123.96 -43.25 -16.98
CA ASN NA 85 124.22 -42.47 -15.77
C ASN NA 85 124.04 -40.99 -16.15
N THR NA 86 123.09 -40.31 -15.52
CA THR NA 86 122.82 -38.90 -15.80
C THR NA 86 123.25 -38.03 -14.63
N TYR NA 87 124.09 -37.04 -14.92
CA TYR NA 87 124.52 -36.05 -13.95
C TYR NA 87 123.75 -34.74 -14.19
N GLY NA 88 123.39 -34.07 -13.10
CA GLY NA 88 122.51 -32.91 -13.21
C GLY NA 88 123.04 -31.60 -12.65
N PHE NA 89 122.99 -30.55 -13.46
CA PHE NA 89 123.48 -29.23 -13.08
C PHE NA 89 122.33 -28.24 -13.18
N LEU NA 90 121.93 -27.64 -12.07
CA LEU NA 90 120.70 -26.85 -12.07
C LEU NA 90 120.87 -25.52 -11.35
N VAL NA 91 120.40 -24.46 -11.99
CA VAL NA 91 120.46 -23.10 -11.48
C VAL NA 91 119.03 -22.62 -11.29
N ARG NA 92 118.74 -22.11 -10.09
CA ARG NA 92 117.44 -21.53 -9.76
C ARG NA 92 117.62 -20.05 -9.47
N LYS NA 93 116.78 -19.21 -10.10
CA LYS NA 93 116.90 -17.78 -9.94
C LYS NA 93 115.54 -17.14 -9.66
N GLY NA 94 115.51 -16.31 -8.63
CA GLY NA 94 114.31 -15.55 -8.32
C GLY NA 94 114.06 -14.46 -9.35
N VAL NA 95 112.92 -14.53 -10.05
CA VAL NA 95 112.57 -13.60 -11.12
C VAL NA 95 111.15 -13.14 -10.89
N ILE NA 96 110.89 -11.84 -11.02
CA ILE NA 96 109.60 -11.28 -10.62
C ILE NA 96 108.76 -11.04 -11.87
N PRO NA 97 107.59 -11.68 -12.00
CA PRO NA 97 106.85 -11.58 -13.26
C PRO NA 97 106.05 -10.29 -13.44
N ALA NA 98 105.44 -9.75 -12.39
CA ALA NA 98 104.65 -8.55 -12.60
C ALA NA 98 105.02 -7.45 -11.61
N VAL NA 99 104.27 -6.36 -11.71
CA VAL NA 99 104.64 -5.13 -11.02
C VAL NA 99 104.60 -5.32 -9.52
N ASN NA 100 103.73 -6.17 -9.01
CA ASN NA 100 103.68 -6.39 -7.57
C ASN NA 100 103.64 -7.86 -7.19
N GLN NA 101 103.97 -8.76 -8.10
CA GLN NA 101 103.76 -10.17 -7.84
C GLN NA 101 104.91 -10.79 -7.04
N SER NA 102 104.61 -11.97 -6.49
CA SER NA 102 105.61 -12.76 -5.79
C SER NA 102 106.65 -13.28 -6.78
N PRO NA 103 107.88 -13.47 -6.34
CA PRO NA 103 108.92 -13.96 -7.25
C PRO NA 103 108.65 -15.40 -7.66
N GLN NA 104 108.76 -15.65 -8.96
CA GLN NA 104 108.78 -16.95 -9.62
C GLN NA 104 110.21 -17.44 -9.76
N VAL NA 105 110.37 -18.74 -9.97
CA VAL NA 105 111.71 -19.33 -10.05
C VAL NA 105 112.00 -19.64 -11.51
N MET NA 106 112.79 -18.77 -12.15
CA MET NA 106 113.39 -19.16 -13.41
C MET NA 106 114.34 -20.32 -13.16
N LEU NA 107 114.47 -21.18 -14.16
CA LEU NA 107 115.14 -22.44 -13.94
C LEU NA 107 115.98 -22.81 -15.16
N VAL NA 108 117.28 -22.98 -14.98
CA VAL NA 108 118.18 -23.41 -16.05
C VAL NA 108 118.76 -24.75 -15.62
N ARG NA 109 118.38 -25.82 -16.30
CA ARG NA 109 118.83 -27.14 -15.89
C ARG NA 109 119.48 -27.90 -17.03
N VAL NA 110 120.60 -28.55 -16.70
CA VAL NA 110 121.42 -29.31 -17.64
C VAL NA 110 121.44 -30.75 -17.16
N GLU NA 111 121.29 -31.67 -18.10
CA GLU NA 111 121.39 -33.10 -17.83
C GLU NA 111 122.42 -33.71 -18.78
N ILE NA 112 123.36 -34.44 -18.21
CA ILE NA 112 124.44 -35.08 -18.96
C ILE NA 112 124.23 -36.58 -18.81
N SER NA 113 123.72 -37.23 -19.84
CA SER NA 113 123.44 -38.66 -19.83
C SER NA 113 124.57 -39.38 -20.57
N VAL NA 114 125.39 -40.08 -19.80
CA VAL NA 114 126.52 -40.87 -20.29
C VAL NA 114 126.07 -42.34 -20.35
N PRO NA 115 126.13 -42.99 -21.50
CA PRO NA 115 125.86 -44.44 -21.55
C PRO NA 115 126.83 -45.21 -20.68
N ALA NA 116 126.50 -46.50 -20.49
CA ALA NA 116 127.16 -47.29 -19.45
C ALA NA 116 128.64 -47.51 -19.75
N GLY NA 117 128.95 -48.16 -20.87
CA GLY NA 117 130.34 -48.47 -21.18
C GLY NA 117 131.12 -47.31 -21.70
N ALA NA 118 130.43 -46.20 -21.99
CA ALA NA 118 131.04 -45.00 -22.56
C ALA NA 118 132.18 -44.49 -21.69
N ASP NA 119 131.90 -44.23 -20.40
CA ASP NA 119 132.82 -43.57 -19.49
C ASP NA 119 134.21 -44.18 -19.52
N THR NA 120 134.29 -45.48 -19.77
CA THR NA 120 135.55 -46.20 -19.80
C THR NA 120 136.06 -46.41 -21.22
N TYR NA 121 135.25 -47.02 -22.09
CA TYR NA 121 135.76 -47.44 -23.39
C TYR NA 121 136.02 -46.25 -24.31
N ASP NA 122 135.12 -45.25 -24.32
CA ASP NA 122 135.25 -44.12 -25.23
C ASP NA 122 135.08 -42.84 -24.41
N ALA NA 123 136.18 -42.41 -23.78
CA ALA NA 123 136.12 -41.22 -22.94
C ALA NA 123 136.32 -39.95 -23.74
N ALA NA 124 137.06 -40.05 -24.85
CA ALA NA 124 137.34 -38.87 -25.66
C ALA NA 124 136.05 -38.29 -26.24
N ASN NA 125 135.14 -39.15 -26.71
CA ASN NA 125 133.90 -38.65 -27.29
C ASN NA 125 132.98 -38.07 -26.22
N VAL NA 126 132.98 -38.63 -25.02
CA VAL NA 126 132.25 -38.03 -23.91
C VAL NA 126 132.75 -36.62 -23.64
N LYS NA 127 134.06 -36.50 -23.44
CA LYS NA 127 134.65 -35.18 -23.19
C LYS NA 127 134.38 -34.22 -24.34
N ALA NA 128 134.34 -34.73 -25.57
CA ALA NA 128 134.11 -33.88 -26.73
C ALA NA 128 132.68 -33.37 -26.79
N ALA NA 129 131.72 -34.23 -26.47
CA ALA NA 129 130.33 -33.78 -26.36
C ALA NA 129 130.22 -32.65 -25.34
N LEU NA 130 130.83 -32.84 -24.16
CA LEU NA 130 130.77 -31.80 -23.14
C LEU NA 130 131.46 -30.52 -23.60
N SER NA 131 132.60 -30.65 -24.28
CA SER NA 131 133.35 -29.51 -24.76
C SER NA 131 132.56 -28.71 -25.79
N ALA NA 132 132.00 -29.40 -26.79
CA ALA NA 132 131.19 -28.74 -27.80
C ALA NA 132 129.99 -28.04 -27.17
N ALA NA 133 129.28 -28.75 -26.29
CA ALA NA 133 128.08 -28.18 -25.67
C ALA NA 133 128.41 -26.91 -24.90
N ILE NA 134 129.37 -26.99 -23.98
CA ILE NA 134 129.67 -25.83 -23.16
C ILE NA 134 130.31 -24.72 -24.01
N GLY NA 135 131.05 -25.07 -25.06
CA GLY NA 135 131.67 -24.06 -25.89
C GLY NA 135 130.65 -23.27 -26.69
N VAL NA 136 129.66 -23.96 -27.26
CA VAL NA 136 128.58 -23.25 -27.95
C VAL NA 136 127.77 -22.42 -26.97
N LEU NA 137 127.53 -22.94 -25.76
CA LEU NA 137 126.79 -22.18 -24.75
C LEU NA 137 127.51 -20.89 -24.39
N SER NA 138 128.83 -20.96 -24.17
CA SER NA 138 129.57 -19.75 -23.81
C SER NA 138 129.71 -18.80 -24.99
N GLN NA 139 129.79 -19.34 -26.22
CA GLN NA 139 129.89 -18.48 -27.39
C GLN NA 139 128.60 -17.70 -27.60
N GLN NA 140 127.45 -18.38 -27.48
CA GLN NA 140 126.17 -17.75 -27.74
C GLN NA 140 125.46 -17.32 -26.47
N SER NA 141 126.19 -17.10 -25.38
CA SER NA 141 125.52 -16.76 -24.12
C SER NA 141 124.67 -15.51 -24.25
N ALA NA 142 125.27 -14.45 -24.81
CA ALA NA 142 124.55 -13.20 -25.00
C ALA NA 142 123.33 -13.41 -25.90
N GLY NA 143 123.51 -14.12 -27.00
CA GLY NA 143 122.41 -14.33 -27.92
C GLY NA 143 121.31 -15.20 -27.36
N ILE NA 144 121.66 -16.16 -26.49
CA ILE NA 144 120.66 -17.01 -25.84
C ILE NA 144 119.85 -16.21 -24.83
N GLY NA 145 120.50 -15.26 -24.13
CA GLY NA 145 119.73 -14.33 -23.33
C GLY NA 145 118.80 -13.47 -24.17
N ASP NA 146 119.32 -12.92 -25.27
CA ASP NA 146 118.49 -12.16 -26.21
C ASP NA 146 117.29 -12.99 -26.66
N THR NA 147 117.49 -14.29 -26.88
CA THR NA 147 116.40 -15.16 -27.28
C THR NA 147 115.44 -15.41 -26.13
N ALA NA 148 115.96 -15.60 -24.92
CA ALA NA 148 115.11 -15.83 -23.76
C ALA NA 148 114.20 -14.66 -23.48
N LEU NA 149 114.58 -13.46 -23.93
CA LEU NA 149 113.73 -12.29 -23.80
C LEU NA 149 112.89 -12.01 -25.05
N SER NA 150 113.41 -12.33 -26.25
CA SER NA 150 112.72 -12.02 -27.51
C SER NA 150 111.67 -13.04 -27.86
N GLY NA 151 111.94 -14.31 -27.60
CA GLY NA 151 111.13 -15.38 -28.12
C GLY NA 151 111.55 -15.84 -29.50
N ILE NA 152 112.69 -15.38 -30.00
CA ILE NA 152 113.08 -15.59 -31.39
C ILE NA 152 114.48 -16.20 -31.46
N LEU NA 153 114.63 -17.22 -32.30
CA LEU NA 153 115.92 -17.83 -32.58
C LEU NA 153 116.66 -17.13 -33.71
N ALA OA 1 135.43 -43.99 13.90
CA ALA OA 1 136.72 -43.40 13.57
C ALA OA 1 137.37 -44.09 12.36
N TYR OA 2 136.72 -43.98 11.20
CA TYR OA 2 137.19 -44.62 9.97
C TYR OA 2 137.74 -43.55 9.03
N SER OA 3 139.06 -43.58 8.78
CA SER OA 3 139.73 -42.62 7.90
C SER OA 3 140.95 -43.26 7.25
N PRO OA 4 140.84 -43.74 6.02
CA PRO OA 4 141.97 -44.42 5.37
C PRO OA 4 143.05 -43.43 4.94
N SER OA 5 144.22 -43.99 4.59
CA SER OA 5 145.42 -43.24 4.24
C SER OA 5 145.61 -43.20 2.72
N THR OA 6 146.48 -42.29 2.27
CA THR OA 6 146.59 -42.05 0.82
C THR OA 6 147.13 -43.26 0.10
N PRO OA 7 148.33 -43.79 0.41
CA PRO OA 7 148.66 -45.13 -0.07
C PRO OA 7 148.23 -46.18 0.97
N VAL OA 8 147.30 -47.05 0.60
CA VAL OA 8 146.94 -48.19 1.41
C VAL OA 8 147.82 -49.34 0.97
N THR OA 9 148.54 -49.93 1.91
CA THR OA 9 149.37 -51.07 1.60
C THR OA 9 148.48 -52.31 1.53
N GLY OA 10 148.28 -52.79 0.31
CA GLY OA 10 147.33 -53.87 0.10
C GLY OA 10 147.82 -55.17 0.70
N ALA OA 11 146.87 -55.96 1.18
CA ALA OA 11 147.20 -57.25 1.75
C ALA OA 11 147.84 -58.15 0.68
N ALA OA 12 148.72 -59.03 1.14
CA ALA OA 12 149.51 -59.83 0.21
C ALA OA 12 148.61 -60.67 -0.68
N GLN OA 13 148.97 -60.74 -1.95
CA GLN OA 13 148.28 -61.58 -2.92
C GLN OA 13 149.33 -62.34 -3.73
N THR OA 14 148.86 -63.37 -4.43
CA THR OA 14 149.76 -64.38 -4.97
C THR OA 14 150.76 -63.79 -5.96
N GLY OA 15 150.25 -63.18 -7.04
CA GLY OA 15 151.15 -62.62 -8.03
C GLY OA 15 151.62 -61.20 -7.78
N PHE OA 16 151.26 -60.59 -6.66
CA PHE OA 16 151.52 -59.18 -6.43
C PHE OA 16 152.79 -59.01 -5.59
N THR OA 17 153.65 -58.10 -6.01
CA THR OA 17 154.86 -57.74 -5.26
C THR OA 17 154.65 -56.35 -4.69
N SER OA 18 154.49 -56.27 -3.37
CA SER OA 18 154.41 -55.02 -2.61
C SER OA 18 153.32 -54.08 -3.16
N PRO OA 19 152.06 -54.51 -3.16
CA PRO OA 19 151.02 -53.72 -3.81
C PRO OA 19 150.50 -52.62 -2.89
N THR OA 20 150.28 -51.44 -3.48
CA THR OA 20 149.70 -50.31 -2.79
C THR OA 20 148.60 -49.72 -3.67
N TYR OA 21 147.60 -49.12 -3.03
CA TYR OA 21 146.47 -48.53 -3.72
C TYR OA 21 146.27 -47.11 -3.25
N THR OA 22 146.28 -46.16 -4.18
CA THR OA 22 146.07 -44.75 -3.88
C THR OA 22 144.57 -44.47 -3.83
N LEU OA 23 144.13 -43.86 -2.73
CA LEU OA 23 142.72 -43.55 -2.53
C LEU OA 23 142.49 -42.08 -2.79
N THR OA 24 141.45 -41.78 -3.56
CA THR OA 24 140.95 -40.43 -3.75
C THR OA 24 139.56 -40.35 -3.11
N SER OA 25 139.26 -39.21 -2.48
CA SER OA 25 138.02 -39.11 -1.72
C SER OA 25 136.83 -38.99 -2.66
N ASP OA 26 135.75 -39.71 -2.32
CA ASP OA 26 134.55 -39.76 -3.14
C ASP OA 26 133.33 -39.51 -2.26
N THR OA 27 132.27 -39.02 -2.91
CA THR OA 27 130.98 -38.85 -2.23
C THR OA 27 130.24 -40.18 -2.19
N ALA OA 28 129.73 -40.52 -1.01
CA ALA OA 28 129.12 -41.82 -0.74
C ALA OA 28 127.66 -41.83 -1.15
N PRO OA 29 127.09 -43.02 -1.41
CA PRO OA 29 125.71 -43.05 -1.92
C PRO OA 29 124.68 -42.66 -0.89
N THR OA 30 124.80 -43.16 0.34
CA THR OA 30 123.97 -42.68 1.42
C THR OA 30 124.63 -41.49 2.08
N ALA OA 31 123.85 -40.78 2.89
CA ALA OA 31 124.45 -39.79 3.78
C ALA OA 31 125.15 -40.42 4.96
N LEU OA 32 125.04 -41.74 5.13
CA LEU OA 32 125.61 -42.46 6.26
C LEU OA 32 126.86 -43.23 5.89
N GLY OA 33 127.49 -42.89 4.77
CA GLY OA 33 128.67 -43.59 4.33
C GLY OA 33 129.82 -42.66 4.06
N LYS OA 34 131.02 -43.18 4.25
CA LYS OA 34 132.24 -42.57 3.76
C LYS OA 34 132.79 -43.48 2.67
N GLN OA 35 133.10 -42.91 1.50
CA GLN OA 35 133.52 -43.72 0.37
C GLN OA 35 134.78 -43.14 -0.25
N HIS OA 36 135.73 -44.02 -0.56
CA HIS OA 36 136.92 -43.65 -1.31
C HIS OA 36 136.97 -44.48 -2.60
N ALA OA 37 137.59 -43.92 -3.64
CA ALA OA 37 137.79 -44.63 -4.89
C ALA OA 37 139.27 -44.85 -5.13
N VAL OA 38 139.63 -46.00 -5.67
CA VAL OA 38 141.03 -46.33 -5.94
C VAL OA 38 141.37 -45.68 -7.29
N THR OA 39 141.98 -44.50 -7.21
CA THR OA 39 142.30 -43.73 -8.42
C THR OA 39 143.53 -44.26 -9.14
N ALA OA 40 144.48 -44.87 -8.42
CA ALA OA 40 145.71 -45.35 -9.06
C ALA OA 40 146.31 -46.47 -8.21
N THR OA 41 147.11 -47.31 -8.88
CA THR OA 41 147.72 -48.47 -8.25
C THR OA 41 149.24 -48.39 -8.33
N GLY OA 42 149.90 -48.75 -7.22
CA GLY OA 42 151.34 -48.94 -7.20
C GLY OA 42 151.68 -50.36 -6.80
N GLY OA 43 152.94 -50.72 -7.04
CA GLY OA 43 153.40 -52.09 -6.85
C GLY OA 43 153.41 -52.87 -8.15
N THR OA 44 153.99 -54.05 -8.09
CA THR OA 44 154.12 -54.94 -9.25
C THR OA 44 152.92 -55.90 -9.35
N GLN OA 45 151.76 -55.27 -9.53
CA GLN OA 45 150.51 -55.95 -9.90
C GLN OA 45 150.18 -55.53 -11.32
N THR OA 46 150.19 -56.50 -12.22
CA THR OA 46 150.05 -56.21 -13.64
C THR OA 46 148.67 -56.63 -14.12
N GLY OA 47 147.98 -55.70 -14.74
CA GLY OA 47 146.65 -55.90 -15.24
C GLY OA 47 145.57 -55.33 -14.37
N VAL OA 48 145.92 -54.75 -13.22
CA VAL OA 48 144.94 -54.22 -12.28
C VAL OA 48 144.41 -52.90 -12.80
N THR OA 49 143.10 -52.79 -12.93
CA THR OA 49 142.45 -51.58 -13.45
C THR OA 49 141.96 -50.72 -12.29
N THR OA 50 142.06 -49.40 -12.47
CA THR OA 50 141.65 -48.44 -11.44
C THR OA 50 140.17 -48.11 -11.60
N HIS OA 51 139.70 -47.13 -10.83
CA HIS OA 51 138.27 -46.86 -10.72
C HIS OA 51 137.75 -46.12 -11.95
N SER OA 52 136.79 -46.71 -12.61
CA SER OA 52 135.97 -46.08 -13.64
C SER OA 52 134.52 -46.13 -13.16
N VAL OA 53 133.60 -45.55 -13.94
CA VAL OA 53 132.20 -45.66 -13.55
C VAL OA 53 131.64 -47.03 -13.92
N SER OA 54 132.02 -47.54 -15.10
CA SER OA 54 131.55 -48.86 -15.51
C SER OA 54 132.40 -49.98 -14.92
N SER OA 55 133.66 -49.68 -14.57
CA SER OA 55 134.56 -50.64 -13.90
C SER OA 55 135.04 -50.01 -12.59
N PRO OA 56 134.22 -50.06 -11.55
CA PRO OA 56 134.53 -49.30 -10.33
C PRO OA 56 135.63 -49.97 -9.49
N PHE OA 57 136.19 -49.16 -8.61
CA PHE OA 57 137.08 -49.60 -7.52
C PHE OA 57 136.73 -48.70 -6.35
N THR OA 58 135.79 -49.15 -5.52
CA THR OA 58 135.22 -48.31 -4.47
C THR OA 58 135.22 -49.02 -3.13
N ILE OA 59 135.54 -48.26 -2.08
CA ILE OA 59 135.64 -48.75 -0.71
C ILE OA 59 134.74 -47.85 0.12
N THR OA 60 133.56 -48.34 0.47
CA THR OA 60 132.57 -47.54 1.18
C THR OA 60 132.23 -48.18 2.54
N PHE OA 61 132.06 -47.35 3.56
CA PHE OA 61 131.84 -47.81 4.92
C PHE OA 61 130.68 -47.01 5.51
N THR OA 62 129.68 -47.73 6.03
CA THR OA 62 128.40 -47.14 6.39
C THR OA 62 128.02 -47.53 7.81
N ARG OA 63 127.37 -46.60 8.51
CA ARG OA 63 126.76 -46.80 9.82
C ARG OA 63 125.26 -46.99 9.66
N PRO OA 64 124.57 -47.55 10.66
CA PRO OA 64 123.13 -47.75 10.54
C PRO OA 64 122.37 -46.44 10.63
N LYS OA 65 121.15 -46.45 10.07
CA LYS OA 65 120.32 -45.24 10.07
C LYS OA 65 119.91 -44.85 11.47
N THR OA 66 119.52 -45.81 12.29
CA THR OA 66 119.05 -45.56 13.64
C THR OA 66 119.75 -46.50 14.61
N MET OA 67 120.36 -45.92 15.65
CA MET OA 67 121.01 -46.72 16.67
C MET OA 67 119.97 -47.43 17.52
N LYS OA 68 120.39 -48.54 18.15
CA LYS OA 68 119.52 -49.32 19.02
C LYS OA 68 120.16 -49.44 20.41
N THR OA 69 119.36 -49.17 21.44
CA THR OA 69 119.79 -49.24 22.83
C THR OA 69 119.41 -50.60 23.40
N VAL OA 70 120.10 -50.97 24.49
CA VAL OA 70 120.01 -52.33 25.03
C VAL OA 70 118.61 -52.64 25.55
N GLY OA 71 117.91 -51.66 26.08
CA GLY OA 71 116.63 -51.93 26.67
C GLY OA 71 116.74 -52.28 28.13
N VAL OA 72 115.63 -52.80 28.65
CA VAL OA 72 115.46 -52.89 30.09
C VAL OA 72 114.94 -54.28 30.46
N PRO OA 73 115.46 -54.90 31.52
CA PRO OA 73 115.03 -56.26 31.88
C PRO OA 73 113.59 -56.31 32.36
N ASN OA 74 112.93 -57.42 32.02
CA ASN OA 74 111.52 -57.64 32.35
C ASN OA 74 111.40 -58.29 33.73
N SER OA 75 110.18 -58.73 34.06
CA SER OA 75 109.88 -59.23 35.40
C SER OA 75 110.80 -60.37 35.83
N ASN OA 76 111.32 -61.15 34.88
CA ASN OA 76 112.19 -62.27 35.19
C ASN OA 76 113.66 -61.88 35.18
N GLY OA 77 113.97 -60.59 35.07
CA GLY OA 77 115.35 -60.16 34.99
C GLY OA 77 116.00 -60.40 33.64
N VAL OA 78 115.21 -60.66 32.60
CA VAL OA 78 115.72 -60.99 31.27
C VAL OA 78 115.35 -59.87 30.31
N ILE OA 79 116.32 -59.45 29.48
CA ILE OA 79 116.08 -58.42 28.47
C ILE OA 79 115.46 -59.08 27.25
N THR OA 80 114.25 -58.66 26.91
CA THR OA 80 113.41 -59.45 26.01
C THR OA 80 113.99 -59.51 24.61
N ASN OA 81 114.43 -58.37 24.08
CA ASN OA 81 114.82 -58.28 22.67
C ASN OA 81 116.09 -57.45 22.58
N ILE OA 82 117.17 -58.08 22.14
CA ILE OA 82 118.44 -57.40 21.92
C ILE OA 82 118.56 -57.18 20.42
N GLY OA 83 118.24 -55.97 19.98
CA GLY OA 83 118.55 -55.57 18.62
C GLY OA 83 120.06 -55.49 18.40
N ARG OA 84 120.45 -55.30 17.15
CA ARG OA 84 121.87 -55.24 16.81
C ARG OA 84 122.13 -54.15 15.77
N ASN OA 85 123.13 -53.31 16.03
CA ASN OA 85 123.55 -52.31 15.04
C ASN OA 85 124.62 -52.94 14.16
N THR OA 86 124.41 -52.94 12.83
CA THR OA 86 125.35 -53.51 11.88
C THR OA 86 126.00 -52.38 11.08
N TYR OA 87 127.33 -52.39 11.04
CA TYR OA 87 128.11 -51.48 10.23
C TYR OA 87 128.63 -52.21 9.00
N GLY OA 88 128.64 -51.53 7.86
CA GLY OA 88 128.92 -52.18 6.59
C GLY OA 88 130.13 -51.65 5.83
N PHE OA 89 131.02 -52.55 5.42
CA PHE OA 89 132.23 -52.20 4.71
C PHE OA 89 132.23 -52.94 3.38
N LEU OA 90 132.19 -52.22 2.26
CA LEU OA 90 131.96 -52.86 0.98
C LEU OA 90 132.91 -52.34 -0.09
N VAL OA 91 133.52 -53.27 -0.82
CA VAL OA 91 134.43 -52.98 -1.90
C VAL OA 91 133.82 -53.50 -3.19
N ARG OA 92 133.74 -52.64 -4.19
CA ARG OA 92 133.27 -52.99 -5.52
C ARG OA 92 134.41 -52.88 -6.51
N LYS OA 93 134.61 -53.90 -7.33
CA LYS OA 93 135.72 -53.93 -8.27
C LYS OA 93 135.25 -54.39 -9.63
N GLY OA 94 135.59 -53.60 -10.66
CA GLY OA 94 135.30 -53.99 -12.02
C GLY OA 94 136.15 -55.19 -12.44
N VAL OA 95 135.50 -56.28 -12.85
CA VAL OA 95 136.18 -57.51 -13.26
C VAL OA 95 135.58 -57.96 -14.58
N ILE OA 96 136.42 -58.43 -15.49
CA ILE OA 96 136.00 -58.73 -16.86
C ILE OA 96 135.80 -60.24 -16.99
N PRO OA 97 134.57 -60.74 -17.25
CA PRO OA 97 134.38 -62.18 -17.24
C PRO OA 97 134.78 -62.90 -18.53
N ALA OA 98 134.52 -62.33 -19.69
CA ALA OA 98 134.74 -63.04 -20.95
C ALA OA 98 135.77 -62.32 -21.80
N VAL OA 99 135.98 -62.84 -23.01
CA VAL OA 99 137.03 -62.33 -23.87
C VAL OA 99 136.68 -60.93 -24.36
N ASN OA 100 135.43 -60.71 -24.71
CA ASN OA 100 135.00 -59.40 -25.16
C ASN OA 100 133.88 -58.83 -24.33
N GLN OA 101 133.37 -59.60 -23.35
CA GLN OA 101 132.25 -59.11 -22.58
C GLN OA 101 132.67 -57.94 -21.68
N SER OA 102 131.66 -57.22 -21.21
CA SER OA 102 131.80 -55.98 -20.51
C SER OA 102 132.02 -56.23 -19.02
N PRO OA 103 132.58 -55.25 -18.30
CA PRO OA 103 132.95 -55.50 -16.89
C PRO OA 103 131.72 -55.73 -16.01
N GLN OA 104 131.78 -56.81 -15.23
CA GLN OA 104 130.91 -57.13 -14.11
C GLN OA 104 131.54 -56.64 -12.81
N VAL OA 105 130.79 -56.69 -11.72
CA VAL OA 105 131.24 -56.09 -10.46
C VAL OA 105 131.50 -57.20 -9.45
N MET OA 106 132.76 -57.58 -9.27
CA MET OA 106 133.10 -58.37 -8.10
C MET OA 106 132.84 -57.56 -6.85
N LEU OA 107 132.47 -58.25 -5.78
CA LEU OA 107 131.96 -57.57 -4.60
C LEU OA 107 132.50 -58.24 -3.35
N VAL OA 108 133.16 -57.47 -2.48
CA VAL OA 108 133.66 -57.98 -1.20
C VAL OA 108 133.00 -57.15 -0.11
N ARG OA 109 132.09 -57.76 0.66
CA ARG OA 109 131.35 -57.00 1.65
C ARG OA 109 131.47 -57.63 3.03
N VAL OA 110 131.64 -56.77 4.03
CA VAL OA 110 131.80 -57.13 5.42
C VAL OA 110 130.68 -56.47 6.21
N GLU OA 111 130.07 -57.23 7.11
CA GLU OA 111 129.03 -56.74 7.99
C GLU OA 111 129.43 -57.04 9.42
N ILE OA 112 129.37 -56.01 10.26
CA ILE OA 112 129.77 -56.10 11.66
C ILE OA 112 128.51 -55.84 12.47
N SER OA 113 127.89 -56.90 13.00
CA SER OA 113 126.68 -56.79 13.81
C SER OA 113 127.08 -56.81 15.29
N VAL OA 114 126.94 -55.65 15.93
CA VAL OA 114 127.22 -55.46 17.35
C VAL OA 114 125.89 -55.47 18.09
N PRO OA 115 125.67 -56.42 19.01
CA PRO OA 115 124.46 -56.38 19.83
C PRO OA 115 124.34 -55.09 20.61
N ALA OA 116 123.15 -54.87 21.18
CA ALA OA 116 122.81 -53.55 21.69
C ALA OA 116 123.68 -53.18 22.89
N GLY OA 117 123.59 -53.97 23.97
CA GLY OA 117 124.32 -53.60 25.18
C GLY OA 117 125.79 -53.87 25.12
N ALA OA 118 126.22 -54.57 24.07
CA ALA OA 118 127.61 -54.96 23.88
C ALA OA 118 128.53 -53.76 23.89
N ASP OA 119 128.24 -52.77 23.03
CA ASP OA 119 129.15 -51.66 22.76
C ASP OA 119 129.58 -50.93 24.02
N THR OA 120 128.75 -50.97 25.05
CA THR OA 120 129.04 -50.33 26.32
C THR OA 120 129.50 -51.31 27.38
N TYR OA 121 128.74 -52.39 27.61
CA TYR OA 121 129.05 -53.27 28.74
C TYR OA 121 130.29 -54.12 28.48
N ASP OA 122 130.42 -54.69 27.28
CA ASP OA 122 131.51 -55.61 26.96
C ASP OA 122 132.18 -55.14 25.67
N ALA OA 123 133.07 -54.16 25.81
CA ALA OA 123 133.72 -53.62 24.61
C ALA OA 123 134.94 -54.43 24.22
N ALA OA 124 135.58 -55.06 25.21
CA ALA OA 124 136.79 -55.82 24.93
C ALA OA 124 136.50 -56.98 24.00
N ASN OA 125 135.37 -57.67 24.21
CA ASN OA 125 135.06 -58.80 23.35
C ASN OA 125 134.67 -58.35 21.94
N VAL OA 126 133.99 -57.20 21.82
CA VAL OA 126 133.72 -56.63 20.51
C VAL OA 126 135.03 -56.38 19.77
N LYS OA 127 135.94 -55.63 20.40
CA LYS OA 127 137.22 -55.33 19.78
C LYS OA 127 137.98 -56.61 19.45
N ALA OA 128 137.84 -57.64 20.29
CA ALA OA 128 138.57 -58.89 20.07
C ALA OA 128 138.03 -59.64 18.86
N ALA OA 129 136.70 -59.68 18.71
CA ALA OA 129 136.13 -60.28 17.51
C ALA OA 129 136.63 -59.57 16.26
N LEU OA 130 136.63 -58.24 16.29
CA LEU OA 130 137.10 -57.49 15.12
C LEU OA 130 138.56 -57.77 14.81
N SER OA 131 139.42 -57.79 15.85
CA SER OA 131 140.85 -57.98 15.62
C SER OA 131 141.15 -59.40 15.16
N ALA OA 132 140.45 -60.39 15.70
CA ALA OA 132 140.66 -61.77 15.23
C ALA OA 132 140.22 -61.93 13.79
N ALA OA 133 139.04 -61.39 13.44
CA ALA OA 133 138.56 -61.49 12.08
C ALA OA 133 139.53 -60.83 11.09
N ILE OA 134 139.92 -59.59 11.38
CA ILE OA 134 140.80 -58.88 10.45
C ILE OA 134 142.21 -59.49 10.44
N GLY OA 135 142.67 -60.04 11.57
CA GLY OA 135 143.98 -60.65 11.59
C GLY OA 135 144.04 -61.94 10.79
N VAL OA 136 143.00 -62.76 10.89
CA VAL OA 136 142.93 -63.96 10.06
C VAL OA 136 142.81 -63.57 8.59
N LEU OA 137 142.04 -62.52 8.28
CA LEU OA 137 141.92 -62.08 6.90
C LEU OA 137 143.27 -61.64 6.33
N SER OA 138 144.02 -60.84 7.09
CA SER OA 138 145.31 -60.37 6.58
C SER OA 138 146.34 -61.49 6.55
N GLN OA 139 146.23 -62.48 7.44
CA GLN OA 139 147.16 -63.62 7.41
C GLN OA 139 146.92 -64.49 6.19
N GLN OA 140 145.66 -64.79 5.89
CA GLN OA 140 145.32 -65.68 4.80
C GLN OA 140 144.91 -64.93 3.54
N SER OA 141 145.35 -63.67 3.39
CA SER OA 141 144.90 -62.88 2.24
C SER OA 141 145.29 -63.57 0.93
N ALA OA 142 146.56 -63.94 0.81
CA ALA OA 142 147.03 -64.61 -0.39
C ALA OA 142 146.27 -65.90 -0.64
N GLY OA 143 146.07 -66.70 0.41
CA GLY OA 143 145.40 -67.97 0.25
C GLY OA 143 143.93 -67.84 -0.08
N ILE OA 144 143.28 -66.80 0.43
CA ILE OA 144 141.88 -66.55 0.10
C ILE OA 144 141.76 -66.12 -1.36
N GLY OA 145 142.73 -65.35 -1.86
CA GLY OA 145 142.76 -65.09 -3.30
C GLY OA 145 142.94 -66.37 -4.11
N ASP OA 146 143.91 -67.18 -3.71
CA ASP OA 146 144.11 -68.48 -4.35
C ASP OA 146 142.83 -69.28 -4.38
N THR OA 147 142.06 -69.25 -3.29
CA THR OA 147 140.79 -69.96 -3.23
C THR OA 147 139.75 -69.32 -4.13
N ALA OA 148 139.72 -67.97 -4.19
CA ALA OA 148 138.75 -67.28 -5.02
C ALA OA 148 138.93 -67.61 -6.48
N LEU OA 149 140.14 -68.01 -6.87
CA LEU OA 149 140.39 -68.44 -8.24
C LEU OA 149 140.34 -69.95 -8.44
N SER OA 150 140.76 -70.73 -7.42
CA SER OA 150 140.91 -72.18 -7.56
C SER OA 150 139.62 -72.92 -7.24
N GLY OA 151 138.81 -72.41 -6.33
CA GLY OA 151 137.69 -73.15 -5.80
C GLY OA 151 138.07 -74.20 -4.78
N ILE OA 152 139.29 -74.12 -4.25
CA ILE OA 152 139.85 -75.17 -3.41
C ILE OA 152 140.07 -74.60 -2.01
N LEU OA 153 139.68 -75.37 -1.00
CA LEU OA 153 139.90 -74.97 0.39
C LEU OA 153 141.17 -75.55 0.99
N ALA PA 1 124.78 -20.19 7.20
CA ALA PA 1 126.22 -20.24 7.38
C ALA PA 1 126.59 -20.79 8.75
N TYR PA 2 126.27 -22.07 8.99
CA TYR PA 2 126.53 -22.74 10.28
C TYR PA 2 127.67 -23.73 10.12
N SER PA 3 128.83 -23.43 10.76
CA SER PA 3 130.01 -24.29 10.71
C SER PA 3 130.82 -24.13 11.99
N PRO PA 4 130.73 -25.08 12.91
CA PRO PA 4 131.46 -24.97 14.18
C PRO PA 4 132.95 -25.28 14.02
N SER PA 5 133.71 -24.92 15.07
CA SER PA 5 135.16 -25.08 15.13
C SER PA 5 135.53 -26.36 15.88
N THR PA 6 136.76 -26.84 15.64
CA THR PA 6 137.17 -28.13 16.21
C THR PA 6 137.16 -28.10 17.73
N PRO PA 7 137.90 -27.21 18.42
CA PRO PA 7 137.61 -27.02 19.84
C PRO PA 7 136.58 -25.91 20.04
N VAL PA 8 135.42 -26.27 20.56
CA VAL PA 8 134.41 -25.28 20.91
C VAL PA 8 134.62 -24.89 22.36
N THR PA 9 134.86 -23.61 22.60
CA THR PA 9 134.95 -23.12 23.97
C THR PA 9 133.56 -23.18 24.60
N GLY PA 10 133.37 -24.12 25.53
CA GLY PA 10 132.08 -24.28 26.15
C GLY PA 10 131.77 -23.14 27.10
N ALA PA 11 130.48 -22.81 27.18
CA ALA PA 11 130.06 -21.68 28.01
C ALA PA 11 130.33 -22.00 29.47
N ALA PA 12 130.58 -20.94 30.25
CA ALA PA 12 130.99 -21.13 31.63
C ALA PA 12 129.95 -21.95 32.38
N GLN PA 13 130.41 -22.86 33.23
CA GLN PA 13 129.55 -23.63 34.10
C GLN PA 13 130.17 -23.68 35.48
N THR PA 14 129.36 -24.11 36.46
CA THR PA 14 129.72 -23.91 37.86
C THR PA 14 130.99 -24.67 38.22
N GLY PA 15 131.00 -25.98 38.03
CA GLY PA 15 132.19 -26.71 38.41
C GLY PA 15 133.28 -26.82 37.36
N PHE PA 16 133.15 -26.14 36.22
CA PHE PA 16 134.05 -26.35 35.10
C PHE PA 16 135.09 -25.25 35.01
N THR PA 17 136.34 -25.63 34.80
CA THR PA 17 137.43 -24.71 34.58
C THR PA 17 137.86 -24.82 33.11
N SER PA 18 137.69 -23.73 32.36
CA SER PA 18 138.06 -23.61 30.95
C SER PA 18 137.64 -24.84 30.14
N PRO PA 19 136.32 -25.10 30.02
CA PRO PA 19 135.87 -26.32 29.33
C PRO PA 19 135.79 -26.15 27.82
N THR PA 20 136.32 -27.12 27.09
CA THR PA 20 136.27 -27.14 25.63
C THR PA 20 135.75 -28.50 25.17
N TYR PA 21 135.08 -28.51 24.03
CA TYR PA 21 134.51 -29.75 23.47
C TYR PA 21 134.99 -29.93 22.04
N THR PA 22 135.62 -31.06 21.76
CA THR PA 22 136.08 -31.40 20.42
C THR PA 22 134.92 -32.01 19.65
N LEU PA 23 134.60 -31.44 18.50
CA LEU PA 23 133.51 -31.94 17.66
C LEU PA 23 134.08 -32.77 16.52
N THR PA 24 133.50 -33.95 16.31
CA THR PA 24 133.77 -34.76 15.14
C THR PA 24 132.53 -34.71 14.24
N SER PA 25 132.76 -34.49 12.95
CA SER PA 25 131.64 -34.40 12.02
C SER PA 25 130.85 -35.70 12.04
N ASP PA 26 129.52 -35.57 12.09
CA ASP PA 26 128.61 -36.71 12.06
C ASP PA 26 127.54 -36.46 11.00
N THR PA 27 126.95 -37.54 10.52
CA THR PA 27 125.96 -37.46 9.46
C THR PA 27 124.57 -37.30 10.09
N ALA PA 28 123.84 -36.29 9.63
CA ALA PA 28 122.62 -35.79 10.25
C ALA PA 28 121.42 -36.68 9.94
N PRO PA 29 120.34 -36.56 10.71
CA PRO PA 29 119.20 -37.46 10.50
C PRO PA 29 118.42 -37.13 9.25
N THR PA 30 118.28 -35.85 8.95
CA THR PA 30 117.66 -35.38 7.73
C THR PA 30 118.74 -34.92 6.76
N ALA PA 31 118.33 -34.68 5.52
CA ALA PA 31 119.25 -34.14 4.53
C ALA PA 31 119.38 -32.63 4.65
N LEU PA 32 118.57 -31.99 5.49
CA LEU PA 32 118.59 -30.55 5.69
C LEU PA 32 119.20 -30.18 7.03
N GLY PA 33 119.98 -31.08 7.63
CA GLY PA 33 120.62 -30.82 8.89
C GLY PA 33 122.11 -31.05 8.80
N LYS PA 34 122.86 -30.33 9.64
CA LYS PA 34 124.27 -30.55 9.85
C LYS PA 34 124.46 -30.96 11.29
N GLN PA 35 125.11 -32.11 11.52
CA GLN PA 35 125.27 -32.65 12.86
C GLN PA 35 126.74 -32.90 13.16
N HIS PA 36 127.14 -32.52 14.36
CA HIS PA 36 128.43 -32.93 14.89
C HIS PA 36 128.19 -33.71 16.18
N ALA PA 37 129.19 -34.49 16.60
CA ALA PA 37 129.10 -35.23 17.84
C ALA PA 37 130.35 -34.97 18.67
N VAL PA 38 130.17 -34.87 19.99
CA VAL PA 38 131.26 -34.52 20.88
C VAL PA 38 132.09 -35.79 21.10
N THR PA 39 133.23 -35.88 20.39
CA THR PA 39 134.08 -37.05 20.49
C THR PA 39 134.98 -37.01 21.72
N ALA PA 40 135.35 -35.82 22.21
CA ALA PA 40 136.23 -35.73 23.37
C ALA PA 40 136.06 -34.38 24.05
N THR PA 41 136.41 -34.34 25.34
CA THR PA 41 136.31 -33.14 26.16
C THR PA 41 137.68 -32.72 26.65
N GLY PA 42 137.93 -31.41 26.65
CA GLY PA 42 139.10 -30.85 27.29
C GLY PA 42 138.66 -29.89 28.38
N GLY PA 43 139.56 -29.57 29.29
CA GLY PA 43 139.24 -28.75 30.44
C GLY PA 43 138.97 -29.59 31.69
N THR PA 44 138.81 -28.90 32.82
CA THR PA 44 138.57 -29.56 34.09
C THR PA 44 137.06 -29.66 34.33
N GLN PA 45 136.46 -30.61 33.63
CA GLN PA 45 135.06 -30.99 33.79
C GLN PA 45 135.06 -32.48 34.10
N THR PA 46 135.11 -32.81 35.38
CA THR PA 46 135.31 -34.20 35.77
C THR PA 46 134.00 -34.95 35.71
N GLY PA 47 134.02 -36.15 35.12
CA GLY PA 47 132.86 -36.99 35.00
C GLY PA 47 132.08 -36.83 33.71
N VAL PA 48 132.44 -35.86 32.87
CA VAL PA 48 131.70 -35.61 31.64
C VAL PA 48 131.95 -36.73 30.65
N THR PA 49 130.88 -37.39 30.20
CA THR PA 49 130.99 -38.49 29.26
C THR PA 49 130.78 -38.01 27.83
N THR PA 50 131.62 -38.50 26.92
CA THR PA 50 131.54 -38.11 25.52
C THR PA 50 130.46 -38.94 24.81
N HIS PA 51 130.38 -38.78 23.49
CA HIS PA 51 129.34 -39.47 22.73
C HIS PA 51 129.60 -40.97 22.70
N SER PA 52 128.61 -41.73 23.12
CA SER PA 52 128.60 -43.19 22.99
C SER PA 52 127.29 -43.58 22.33
N VAL PA 53 127.20 -44.85 21.95
CA VAL PA 53 125.94 -45.33 21.40
C VAL PA 53 124.87 -45.31 22.47
N SER PA 54 125.23 -45.67 23.71
CA SER PA 54 124.24 -45.74 24.79
C SER PA 54 123.86 -44.35 25.28
N SER PA 55 124.81 -43.43 25.34
CA SER PA 55 124.57 -42.07 25.83
C SER PA 55 125.14 -41.05 24.85
N PRO PA 56 124.33 -40.43 24.02
CA PRO PA 56 124.85 -39.59 22.95
C PRO PA 56 125.20 -38.18 23.44
N PHE PA 57 126.06 -37.53 22.66
CA PHE PA 57 126.42 -36.11 22.84
C PHE PA 57 126.46 -35.54 21.42
N THR PA 58 125.33 -34.96 20.99
CA THR PA 58 125.15 -34.56 19.60
C THR PA 58 124.60 -33.15 19.50
N ILE PA 59 125.09 -32.42 18.49
CA ILE PA 59 124.72 -31.04 18.23
C ILE PA 59 124.29 -30.95 16.77
N THR PA 60 122.99 -30.82 16.54
CA THR PA 60 122.44 -30.85 15.18
C THR PA 60 121.64 -29.58 14.89
N PHE PA 61 121.84 -29.02 13.70
CA PHE PA 61 121.18 -27.77 13.30
C PHE PA 61 120.50 -27.99 11.96
N THR PA 62 119.20 -27.69 11.91
CA THR PA 62 118.37 -28.02 10.76
C THR PA 62 117.65 -26.78 10.24
N ARG PA 63 117.50 -26.71 8.93
CA ARG PA 63 116.73 -25.67 8.25
C ARG PA 63 115.42 -26.27 7.74
N PRO PA 64 114.38 -25.46 7.54
CA PRO PA 64 113.08 -26.01 7.16
C PRO PA 64 113.10 -26.63 5.78
N LYS PA 65 112.19 -27.61 5.60
CA LYS PA 65 112.08 -28.29 4.32
C LYS PA 65 111.70 -27.33 3.20
N THR PA 66 110.64 -26.55 3.43
CA THR PA 66 110.12 -25.62 2.44
C THR PA 66 110.12 -24.21 3.01
N MET PA 67 110.84 -23.30 2.35
CA MET PA 67 110.83 -21.91 2.74
C MET PA 67 109.49 -21.27 2.36
N LYS PA 68 109.10 -20.24 3.11
CA LYS PA 68 107.83 -19.56 2.89
C LYS PA 68 108.06 -18.10 2.52
N THR PA 69 107.43 -17.65 1.43
CA THR PA 69 107.52 -16.28 0.95
C THR PA 69 106.44 -15.43 1.59
N VAL PA 70 106.67 -14.12 1.58
CA VAL PA 70 105.86 -13.20 2.38
C VAL PA 70 104.42 -13.13 1.87
N GLY PA 71 104.22 -13.20 0.56
CA GLY PA 71 102.90 -13.10 -0.01
C GLY PA 71 102.60 -11.71 -0.55
N VAL PA 72 101.46 -11.60 -1.22
CA VAL PA 72 101.09 -10.41 -1.99
C VAL PA 72 100.00 -9.67 -1.24
N PRO PA 73 100.13 -8.35 -1.05
CA PRO PA 73 99.08 -7.60 -0.36
C PRO PA 73 97.80 -7.55 -1.18
N ASN PA 74 96.67 -7.54 -0.47
CA ASN PA 74 95.36 -7.52 -1.10
C ASN PA 74 94.94 -6.08 -1.39
N SER PA 75 93.65 -5.90 -1.74
CA SER PA 75 93.15 -4.58 -2.12
C SER PA 75 93.32 -3.55 -1.01
N ASN PA 76 93.16 -3.97 0.25
CA ASN PA 76 93.34 -3.07 1.38
C ASN PA 76 94.79 -2.76 1.69
N GLY PA 77 95.74 -3.39 1.00
CA GLY PA 77 97.14 -3.26 1.34
C GLY PA 77 97.62 -4.21 2.40
N VAL PA 78 96.80 -5.20 2.77
CA VAL PA 78 97.07 -6.10 3.88
C VAL PA 78 97.49 -7.47 3.34
N ILE PA 79 98.54 -8.04 3.92
CA ILE PA 79 98.99 -9.39 3.59
C ILE PA 79 98.30 -10.38 4.51
N THR PA 80 97.65 -11.37 3.91
CA THR PA 80 96.64 -12.15 4.63
C THR PA 80 97.28 -13.09 5.66
N ASN PA 81 98.31 -13.82 5.28
CA ASN PA 81 98.90 -14.82 6.16
C ASN PA 81 100.41 -14.79 6.07
N ILE PA 82 101.06 -14.53 7.20
CA ILE PA 82 102.52 -14.51 7.28
C ILE PA 82 102.95 -15.83 7.89
N GLY PA 83 103.33 -16.78 7.05
CA GLY PA 83 103.97 -17.98 7.54
C GLY PA 83 105.28 -17.66 8.22
N ARG PA 84 105.84 -18.67 8.87
CA ARG PA 84 107.09 -18.49 9.60
C ARG PA 84 108.00 -19.69 9.35
N ASN PA 85 109.22 -19.44 8.87
CA ASN PA 85 110.20 -20.51 8.72
C ASN PA 85 110.98 -20.62 10.02
N THR PA 86 111.07 -21.84 10.56
CA THR PA 86 111.72 -22.12 11.85
C THR PA 86 112.97 -22.96 11.61
N TYR PA 87 114.09 -22.49 12.16
CA TYR PA 87 115.34 -23.24 12.15
C TYR PA 87 115.53 -23.86 13.53
N GLY PA 88 116.11 -25.06 13.57
CA GLY PA 88 116.20 -25.81 14.80
C GLY PA 88 117.59 -26.26 15.24
N PHE PA 89 117.96 -25.97 16.47
CA PHE PA 89 119.27 -26.30 17.01
C PHE PA 89 119.07 -27.19 18.22
N LEU PA 90 119.62 -28.39 18.20
CA LEU PA 90 119.29 -29.34 19.25
C LEU PA 90 120.52 -30.11 19.70
N VAL PA 91 120.69 -30.17 21.02
CA VAL PA 91 121.77 -30.89 21.67
C VAL PA 91 121.14 -32.02 22.48
N ARG PA 92 121.67 -33.23 22.29
CA ARG PA 92 121.26 -34.42 23.04
C ARG PA 92 122.43 -34.92 23.85
N LYS PA 93 122.21 -35.16 25.15
CA LYS PA 93 123.28 -35.57 26.04
C LYS PA 93 122.87 -36.77 26.88
N GLY PA 94 123.71 -37.78 26.90
CA GLY PA 94 123.47 -38.95 27.74
C GLY PA 94 123.71 -38.61 29.20
N VAL PA 95 122.68 -38.77 30.05
CA VAL PA 95 122.71 -38.41 31.46
C VAL PA 95 122.10 -39.54 32.26
N ILE PA 96 122.74 -39.93 33.36
CA ILE PA 96 122.34 -41.13 34.10
C ILE PA 96 121.49 -40.73 35.29
N PRO PA 97 120.23 -41.19 35.39
CA PRO PA 97 119.37 -40.70 36.48
C PRO PA 97 119.61 -41.36 37.82
N ALA PA 98 119.87 -42.66 37.89
CA ALA PA 98 120.01 -43.30 39.19
C ALA PA 98 121.33 -44.05 39.29
N VAL PA 99 121.43 -44.83 40.37
CA VAL PA 99 122.69 -45.46 40.70
C VAL PA 99 123.03 -46.56 39.72
N ASN PA 100 122.02 -47.25 39.20
CA ASN PA 100 122.28 -48.31 38.24
C ASN PA 100 121.36 -48.24 37.03
N GLN PA 101 120.80 -47.08 36.73
CA GLN PA 101 119.83 -46.98 35.65
C GLN PA 101 120.50 -46.76 34.30
N SER PA 102 119.75 -47.08 33.25
CA SER PA 102 120.18 -46.82 31.88
C SER PA 102 120.20 -45.31 31.62
N PRO PA 103 121.11 -44.83 30.78
CA PRO PA 103 121.18 -43.39 30.53
C PRO PA 103 119.92 -42.89 29.83
N GLN PA 104 119.43 -41.76 30.33
CA GLN PA 104 118.38 -40.93 29.75
C GLN PA 104 119.00 -39.83 28.92
N VAL PA 105 118.20 -39.24 28.02
CA VAL PA 105 118.69 -38.23 27.09
C VAL PA 105 118.23 -36.87 27.58
N MET PA 106 119.10 -36.15 28.30
CA MET PA 106 118.86 -34.74 28.49
C MET PA 106 118.84 -34.06 27.12
N LEU PA 107 118.03 -33.01 27.02
CA LEU PA 107 117.75 -32.46 25.71
C LEU PA 107 117.64 -30.94 25.79
N VAL PA 108 118.49 -30.23 25.07
CA VAL PA 108 118.47 -28.77 25.00
C VAL PA 108 118.13 -28.41 23.56
N ARG PA 109 116.97 -27.80 23.35
CA ARG PA 109 116.54 -27.51 21.98
C ARG PA 109 116.09 -26.08 21.82
N VAL PA 110 116.60 -25.44 20.76
CA VAL PA 110 116.32 -24.07 20.40
C VAL PA 110 115.54 -24.09 19.09
N GLU PA 111 114.58 -23.18 18.99
CA GLU PA 111 113.81 -22.97 17.77
C GLU PA 111 113.79 -21.48 17.46
N ILE PA 112 114.16 -21.14 16.24
CA ILE PA 112 114.23 -19.76 15.78
C ILE PA 112 113.17 -19.63 14.69
N SER PA 113 112.04 -19.00 15.03
CA SER PA 113 110.94 -18.78 14.09
C SER PA 113 111.02 -17.37 13.53
N VAL PA 114 111.31 -17.27 12.24
CA VAL PA 114 111.41 -16.01 11.51
C VAL PA 114 110.18 -15.86 10.64
N PRO PA 115 109.45 -14.75 10.74
CA PRO PA 115 108.30 -14.56 9.87
C PRO PA 115 108.73 -14.35 8.42
N ALA PA 116 107.73 -14.44 7.55
CA ALA PA 116 107.99 -14.70 6.14
C ALA PA 116 108.74 -13.54 5.48
N GLY PA 117 108.34 -12.31 5.78
CA GLY PA 117 108.86 -11.15 5.08
C GLY PA 117 110.03 -10.54 5.83
N ALA PA 118 110.18 -10.98 7.08
CA ALA PA 118 111.19 -10.45 7.98
C ALA PA 118 112.59 -10.53 7.39
N ASP PA 119 112.97 -11.73 6.93
CA ASP PA 119 114.35 -12.03 6.54
C ASP PA 119 114.90 -11.04 5.52
N THR PA 120 114.02 -10.44 4.73
CA THR PA 120 114.38 -9.46 3.73
C THR PA 120 114.12 -8.03 4.21
N TYR PA 121 112.88 -7.73 4.63
CA TYR PA 121 112.53 -6.34 4.89
C TYR PA 121 113.22 -5.81 6.15
N ASP PA 122 113.21 -6.59 7.24
CA ASP PA 122 113.74 -6.14 8.54
C ASP PA 122 114.73 -7.19 9.05
N ALA PA 123 115.96 -7.11 8.55
CA ALA PA 123 116.97 -8.08 8.95
C ALA PA 123 117.66 -7.68 10.24
N ALA PA 124 117.76 -6.37 10.49
CA ALA PA 124 118.45 -5.90 11.69
C ALA PA 124 117.74 -6.38 12.95
N ASN PA 125 116.41 -6.40 12.94
CA ASN PA 125 115.68 -6.82 14.14
C ASN PA 125 115.78 -8.32 14.34
N VAL PA 126 115.78 -9.10 13.26
CA VAL PA 126 116.04 -10.53 13.38
C VAL PA 126 117.41 -10.79 14.01
N LYS PA 127 118.45 -10.16 13.44
CA LYS PA 127 119.79 -10.33 13.99
C LYS PA 127 119.85 -9.90 15.45
N ALA PA 128 119.08 -8.85 15.79
CA ALA PA 128 119.10 -8.34 17.16
C ALA PA 128 118.44 -9.31 18.14
N ALA PA 129 117.32 -9.90 17.75
CA ALA PA 129 116.70 -10.92 18.59
C ALA PA 129 117.65 -12.07 18.84
N LEU PA 130 118.34 -12.53 17.78
CA LEU PA 130 119.28 -13.63 17.94
C LEU PA 130 120.44 -13.25 18.86
N SER PA 131 121.01 -12.05 18.66
CA SER PA 131 122.16 -11.65 19.47
C SER PA 131 121.77 -11.43 20.92
N ALA PA 132 120.57 -10.92 21.18
CA ALA PA 132 120.14 -10.75 22.56
C ALA PA 132 119.87 -12.10 23.24
N ALA PA 133 119.18 -13.01 22.53
CA ALA PA 133 118.93 -14.34 23.09
C ALA PA 133 120.23 -15.06 23.42
N ILE PA 134 121.16 -15.13 22.46
CA ILE PA 134 122.40 -15.85 22.69
C ILE PA 134 123.31 -15.11 23.68
N GLY PA 135 123.27 -13.78 23.71
CA GLY PA 135 124.07 -13.05 24.68
C GLY PA 135 123.61 -13.26 26.10
N VAL PA 136 122.29 -13.29 26.32
CA VAL PA 136 121.77 -13.59 27.64
C VAL PA 136 122.08 -15.03 28.02
N LEU PA 137 121.99 -15.96 27.06
CA LEU PA 137 122.33 -17.36 27.36
C LEU PA 137 123.79 -17.49 27.79
N SER PA 138 124.72 -16.86 27.07
CA SER PA 138 126.13 -17.00 27.41
C SER PA 138 126.46 -16.22 28.69
N GLN PA 139 125.76 -15.11 28.95
CA GLN PA 139 125.99 -14.39 30.20
C GLN PA 139 125.53 -15.21 31.40
N GLN PA 140 124.37 -15.85 31.29
CA GLN PA 140 123.80 -16.60 32.40
C GLN PA 140 123.96 -18.10 32.24
N SER PA 141 125.03 -18.56 31.57
CA SER PA 141 125.19 -20.00 31.36
C SER PA 141 125.40 -20.72 32.69
N ALA PA 142 126.32 -20.22 33.51
CA ALA PA 142 126.57 -20.84 34.81
C ALA PA 142 125.32 -20.82 35.66
N GLY PA 143 124.59 -19.69 35.65
CA GLY PA 143 123.40 -19.57 36.46
C GLY PA 143 122.26 -20.45 36.00
N ILE PA 144 122.14 -20.66 34.68
CA ILE PA 144 121.12 -21.55 34.15
C ILE PA 144 121.47 -23.01 34.46
N GLY PA 145 122.76 -23.35 34.48
CA GLY PA 145 123.14 -24.66 35.00
C GLY PA 145 122.76 -24.83 36.46
N ASP PA 146 123.12 -23.84 37.28
CA ASP PA 146 122.73 -23.85 38.69
C ASP PA 146 121.23 -24.03 38.86
N THR PA 147 120.44 -23.39 37.99
CA THR PA 147 118.99 -23.52 38.05
C THR PA 147 118.55 -24.92 37.62
N ALA PA 148 119.14 -25.45 36.54
CA ALA PA 148 118.76 -26.76 36.04
C ALA PA 148 119.04 -27.85 37.05
N LEU PA 149 120.01 -27.63 37.93
CA LEU PA 149 120.30 -28.61 38.97
C LEU PA 149 119.55 -28.34 40.27
N SER PA 150 119.35 -27.06 40.61
CA SER PA 150 118.79 -26.69 41.91
C SER PA 150 117.28 -26.69 41.92
N GLY PA 151 116.65 -26.35 40.81
CA GLY PA 151 115.26 -25.94 40.84
C GLY PA 151 115.09 -24.52 41.32
N ILE PA 152 116.18 -23.80 41.54
CA ILE PA 152 116.14 -22.45 42.07
C ILE PA 152 116.15 -21.47 40.91
N LEU PA 153 115.16 -20.59 40.89
CA LEU PA 153 115.08 -19.55 39.87
C LEU PA 153 115.47 -18.19 40.48
N ALA QA 1 55.04 27.19 71.06
CA ALA QA 1 54.69 28.56 71.38
C ALA QA 1 54.29 29.35 70.12
N TYR QA 2 53.19 28.93 69.47
CA TYR QA 2 52.71 29.55 68.24
C TYR QA 2 51.45 30.36 68.55
N SER QA 3 51.56 31.71 68.46
CA SER QA 3 50.44 32.61 68.74
C SER QA 3 50.61 33.88 67.91
N PRO QA 4 49.88 34.01 66.80
CA PRO QA 4 50.02 35.19 65.94
C PRO QA 4 49.35 36.42 66.54
N SER QA 5 49.68 37.58 65.97
CA SER QA 5 49.20 38.88 66.39
C SER QA 5 48.05 39.35 65.51
N THR QA 6 47.28 40.33 66.03
CA THR QA 6 46.04 40.71 65.35
C THR QA 6 46.29 41.30 63.97
N PRO QA 7 47.09 42.38 63.81
CA PRO QA 7 47.58 42.70 62.47
C PRO QA 7 48.92 42.03 62.20
N VAL QA 8 48.96 41.16 61.20
CA VAL QA 8 50.20 40.52 60.78
C VAL QA 8 50.79 41.38 59.66
N THR QA 9 52.01 41.83 59.87
CA THR QA 9 52.73 42.58 58.85
C THR QA 9 53.11 41.60 57.74
N GLY QA 10 52.38 41.65 56.63
CA GLY QA 10 52.60 40.68 55.56
C GLY QA 10 53.90 40.94 54.83
N ALA QA 11 54.54 39.85 54.39
CA ALA QA 11 55.84 39.97 53.75
C ALA QA 11 55.72 40.75 52.45
N ALA QA 12 56.81 41.41 52.07
CA ALA QA 12 56.77 42.30 50.92
C ALA QA 12 56.38 41.54 49.67
N GLN QA 13 55.51 42.13 48.86
CA GLN QA 13 55.12 41.58 47.58
C GLN QA 13 55.14 42.70 46.54
N THR QA 14 55.11 42.28 45.28
CA THR QA 14 55.48 43.17 44.18
C THR QA 14 54.55 44.37 44.10
N GLY QA 15 53.26 44.14 43.96
CA GLY QA 15 52.33 45.25 43.86
C GLY QA 15 51.76 45.77 45.17
N PHE QA 16 52.25 45.29 46.31
CA PHE QA 16 51.65 45.63 47.60
C PHE QA 16 52.44 46.71 48.31
N THR QA 17 51.72 47.69 48.85
CA THR QA 17 52.32 48.75 49.64
C THR QA 17 51.87 48.56 51.09
N SER QA 18 52.85 48.27 51.96
CA SER QA 18 52.61 48.08 53.38
C SER QA 18 51.41 47.18 53.70
N PRO QA 19 51.47 45.90 53.28
CA PRO QA 19 50.30 45.02 53.46
C PRO QA 19 50.24 44.42 54.86
N THR QA 20 49.05 44.42 55.44
CA THR QA 20 48.79 43.81 56.74
C THR QA 20 47.53 42.95 56.64
N TYR QA 21 47.48 41.90 57.44
CA TYR QA 21 46.33 41.00 57.43
C TYR QA 21 45.80 40.84 58.83
N THR QA 22 44.51 41.09 59.02
CA THR QA 22 43.86 40.95 60.32
C THR QA 22 43.41 39.51 60.48
N LEU QA 23 43.84 38.87 61.56
CA LEU QA 23 43.49 37.48 61.83
C LEU QA 23 42.35 37.42 62.84
N THR QA 24 41.38 36.56 62.56
CA THR QA 24 40.33 36.22 63.50
C THR QA 24 40.49 34.76 63.90
N SER QA 25 40.30 34.47 65.18
CA SER QA 25 40.55 33.13 65.67
C SER QA 25 39.52 32.16 65.10
N ASP QA 26 39.97 30.97 64.71
CA ASP QA 26 39.12 29.95 64.12
C ASP QA 26 39.39 28.62 64.79
N THR QA 27 38.41 27.74 64.76
CA THR QA 27 38.59 26.38 65.26
C THR QA 27 39.24 25.53 64.18
N ALA QA 28 40.26 24.77 64.58
CA ALA QA 28 41.09 24.01 63.66
C ALA QA 28 40.43 22.68 63.30
N PRO QA 29 40.89 22.01 62.21
CA PRO QA 29 40.25 20.77 61.77
C PRO QA 29 40.60 19.56 62.64
N THR QA 30 41.83 19.51 63.13
CA THR QA 30 42.24 18.52 64.11
C THR QA 30 42.28 19.13 65.50
N ALA QA 31 42.39 18.27 66.49
CA ALA QA 31 42.60 18.72 67.87
C ALA QA 31 44.06 19.05 68.13
N LEU QA 32 44.93 18.91 67.13
CA LEU QA 32 46.35 19.20 67.25
C LEU QA 32 46.75 20.44 66.48
N GLY QA 33 45.77 21.26 66.10
CA GLY QA 33 46.04 22.43 65.29
C GLY QA 33 45.49 23.69 65.91
N LYS QA 34 46.17 24.80 65.64
CA LYS QA 34 45.68 26.14 65.91
C LYS QA 34 45.50 26.83 64.57
N GLN QA 35 44.31 27.36 64.32
CA GLN QA 35 43.99 27.93 63.02
C GLN QA 35 43.39 29.31 63.17
N HIS QA 36 43.86 30.26 62.35
CA HIS QA 36 43.26 31.57 62.22
C HIS QA 36 42.77 31.76 60.80
N ALA QA 37 41.78 32.63 60.64
CA ALA QA 37 41.28 32.99 59.31
C ALA QA 37 41.50 34.48 59.07
N VAL QA 38 41.83 34.83 57.83
CA VAL QA 38 42.11 36.22 57.49
C VAL QA 38 40.77 36.89 57.24
N THR QA 39 40.28 37.62 58.24
CA THR QA 39 38.96 38.25 58.16
C THR QA 39 38.99 39.56 57.38
N ALA QA 40 40.11 40.26 57.32
CA ALA QA 40 40.20 41.52 56.60
C ALA QA 40 41.65 41.85 56.26
N THR QA 41 41.83 42.69 55.24
CA THR QA 41 43.14 43.10 54.78
C THR QA 41 43.29 44.61 54.90
N GLY QA 42 44.48 45.04 55.31
CA GLY QA 42 44.85 46.44 55.31
C GLY QA 42 46.07 46.63 54.43
N GLY QA 43 46.31 47.87 54.00
CA GLY QA 43 47.36 48.16 53.04
C GLY QA 43 46.81 48.27 51.63
N THR QA 44 47.71 48.66 50.71
CA THR QA 44 47.33 48.84 49.31
C THR QA 44 47.64 47.55 48.54
N GLN QA 45 46.74 46.59 48.71
CA GLN QA 45 46.75 45.32 47.98
C GLN QA 45 45.39 45.19 47.33
N THR QA 46 45.26 45.74 46.13
CA THR QA 46 43.95 45.86 45.50
C THR QA 46 43.55 44.51 44.90
N GLY QA 47 42.30 44.12 45.13
CA GLY QA 47 41.77 42.86 44.62
C GLY QA 47 41.88 41.68 45.56
N VAL QA 48 42.60 41.82 46.68
CA VAL QA 48 42.79 40.70 47.58
C VAL QA 48 41.48 40.39 48.28
N THR QA 49 41.05 39.13 48.20
CA THR QA 49 39.80 38.68 48.81
C THR QA 49 40.07 38.01 50.14
N THR QA 50 39.22 38.29 51.13
CA THR QA 50 39.37 37.75 52.46
C THR QA 50 38.70 36.37 52.54
N HIS QA 51 38.73 35.78 53.73
CA HIS QA 51 38.18 34.44 53.93
C HIS QA 51 36.67 34.43 53.70
N SER QA 52 36.23 33.60 52.76
CA SER QA 52 34.84 33.34 52.50
C SER QA 52 34.60 31.85 52.54
N VAL QA 53 33.33 31.45 52.57
CA VAL QA 53 33.04 30.03 52.49
C VAL QA 53 33.49 29.48 51.15
N SER QA 54 33.28 30.24 50.08
CA SER QA 54 33.62 29.77 48.73
C SER QA 54 35.12 29.78 48.51
N SER QA 55 35.81 30.82 49.00
CA SER QA 55 37.26 30.97 48.79
C SER QA 55 37.94 31.27 50.13
N PRO QA 56 38.58 30.28 50.74
CA PRO QA 56 39.10 30.44 52.09
C PRO QA 56 40.43 31.19 52.11
N PHE QA 57 40.71 31.78 53.28
CA PHE QA 57 42.01 32.37 53.59
C PHE QA 57 42.34 31.96 55.02
N THR QA 58 43.08 30.86 55.17
CA THR QA 58 43.29 30.24 56.47
C THR QA 58 44.75 29.90 56.71
N ILE QA 59 45.16 30.03 57.97
CA ILE QA 59 46.53 29.81 58.42
C ILE QA 59 46.46 28.85 59.60
N THR QA 60 46.84 27.60 59.38
CA THR QA 60 46.73 26.56 60.40
C THR QA 60 48.09 25.93 60.69
N PHE QA 61 48.37 25.68 61.97
CA PHE QA 61 49.64 25.13 62.42
C PHE QA 61 49.38 23.94 63.33
N THR QA 62 49.99 22.80 63.01
CA THR QA 62 49.66 21.53 63.62
C THR QA 62 50.92 20.82 64.13
N ARG QA 63 50.78 20.14 65.27
CA ARG QA 63 51.80 19.30 65.84
C ARG QA 63 51.49 17.83 65.55
N PRO QA 64 52.47 16.93 65.66
CA PRO QA 64 52.20 15.52 65.36
C PRO QA 64 51.35 14.86 66.43
N LYS QA 65 50.62 13.82 66.00
CA LYS QA 65 49.72 13.11 66.92
C LYS QA 65 50.50 12.50 68.07
N THR QA 66 51.61 11.83 67.77
CA THR QA 66 52.42 11.15 68.75
C THR QA 66 53.87 11.59 68.60
N MET QA 67 54.47 12.02 69.71
CA MET QA 67 55.88 12.39 69.73
C MET QA 67 56.75 11.16 69.68
N LYS QA 68 57.93 11.30 69.09
CA LYS QA 68 58.86 10.18 68.91
C LYS QA 68 60.08 10.41 69.78
N THR QA 69 60.37 9.43 70.64
CA THR QA 69 61.60 9.44 71.40
C THR QA 69 62.67 8.64 70.65
N VAL QA 70 63.92 8.92 70.97
CA VAL QA 70 65.01 8.37 70.19
C VAL QA 70 65.48 7.04 70.76
N GLY QA 83 63.67 8.14 63.21
CA GLY QA 83 62.36 8.73 63.43
C GLY QA 83 62.35 10.25 63.36
N ARG QA 84 61.19 10.84 63.08
CA ARG QA 84 61.09 12.29 62.94
C ARG QA 84 59.76 12.82 63.46
N ASN QA 85 59.79 13.95 64.14
CA ASN QA 85 58.57 14.70 64.50
C ASN QA 85 58.44 15.84 63.49
N THR QA 86 57.34 15.86 62.73
CA THR QA 86 57.11 16.89 61.73
C THR QA 86 55.96 17.80 62.16
N TYR QA 87 56.23 19.10 62.18
CA TYR QA 87 55.24 20.12 62.46
C TYR QA 87 54.82 20.78 61.16
N GLY QA 88 53.52 21.10 61.04
CA GLY QA 88 52.99 21.57 59.77
C GLY QA 88 52.31 22.93 59.80
N PHE QA 89 52.70 23.81 58.89
CA PHE QA 89 52.16 25.17 58.80
C PHE QA 89 51.58 25.35 57.42
N LEU QA 90 50.28 25.59 57.31
CA LEU QA 90 49.63 25.56 56.02
C LEU QA 90 48.67 26.73 55.83
N VAL QA 91 48.77 27.38 54.68
CA VAL QA 91 47.96 28.52 54.30
C VAL QA 91 47.14 28.12 53.07
N ARG QA 92 45.83 28.31 53.14
CA ARG QA 92 44.93 28.06 52.03
C ARG QA 92 44.31 29.38 51.58
N LYS QA 93 44.34 29.63 50.27
CA LYS QA 93 43.84 30.90 49.73
C LYS QA 93 42.93 30.66 48.54
N GLY QA 94 41.76 31.29 48.57
CA GLY QA 94 40.85 31.23 47.44
C GLY QA 94 41.38 32.04 46.28
N VAL QA 95 41.63 31.39 45.13
CA VAL QA 95 42.21 32.02 43.94
C VAL QA 95 41.37 31.60 42.75
N ILE QA 96 41.04 32.54 41.87
CA ILE QA 96 40.07 32.29 40.81
C ILE QA 96 40.82 32.07 39.50
N PRO QA 97 40.70 30.89 38.87
CA PRO QA 97 41.56 30.63 37.69
C PRO QA 97 41.07 31.26 36.40
N ALA QA 98 39.78 31.32 36.14
CA ALA QA 98 39.35 31.90 34.87
C ALA QA 98 38.28 32.97 35.07
N VAL QA 99 37.79 33.46 33.93
CA VAL QA 99 36.96 34.65 33.92
C VAL QA 99 35.66 34.42 34.67
N ASN QA 100 35.14 33.18 34.63
CA ASN QA 100 33.89 32.91 35.35
C ASN QA 100 33.95 31.65 36.19
N GLN QA 101 35.14 31.12 36.46
CA GLN QA 101 35.23 29.83 37.11
C GLN QA 101 35.09 29.91 38.62
N SER QA 102 34.83 28.75 39.21
CA SER QA 102 34.78 28.62 40.65
C SER QA 102 36.17 28.80 41.24
N PRO QA 103 36.26 29.31 42.47
CA PRO QA 103 37.57 29.52 43.08
C PRO QA 103 38.25 28.18 43.38
N GLN QA 104 39.52 28.10 43.00
CA GLN QA 104 40.48 27.06 43.35
C GLN QA 104 41.26 27.46 44.59
N VAL QA 105 41.85 26.48 45.26
CA VAL QA 105 42.56 26.72 46.51
C VAL QA 105 44.06 26.70 46.24
N MET QA 106 44.66 27.89 46.12
CA MET QA 106 46.11 27.96 46.20
C MET QA 106 46.54 27.51 47.59
N LEU QA 107 47.73 26.91 47.65
CA LEU QA 107 48.12 26.23 48.87
C LEU QA 107 49.60 26.43 49.12
N VAL QA 108 49.94 27.01 50.28
CA VAL QA 108 51.33 27.21 50.69
C VAL QA 108 51.53 26.40 51.96
N ARG QA 109 52.32 25.33 51.88
CA ARG QA 109 52.47 24.45 53.04
C ARG QA 109 53.93 24.24 53.39
N VAL QA 110 54.23 24.30 54.68
CA VAL QA 110 55.55 24.17 55.25
C VAL QA 110 55.54 22.97 56.18
N GLU QA 111 56.60 22.16 56.09
CA GLU QA 111 56.79 21.02 56.96
C GLU QA 111 58.16 21.14 57.60
N ILE QA 112 58.19 21.01 58.92
CA ILE QA 112 59.41 21.10 59.72
C ILE QA 112 59.62 19.74 60.34
N SER QA 113 60.56 18.96 59.80
CA SER QA 113 60.86 17.63 60.29
C SER QA 113 62.11 17.69 61.16
N VAL QA 114 61.91 17.53 62.46
CA VAL QA 114 62.97 17.51 63.47
C VAL QA 114 63.27 16.06 63.79
N PRO QA 115 64.51 15.59 63.64
CA PRO QA 115 64.87 14.24 64.10
C PRO QA 115 64.65 14.09 65.60
N ALA QA 116 64.72 12.84 66.06
CA ALA QA 116 64.25 12.50 67.40
C ALA QA 116 65.10 13.15 68.48
N GLY QA 117 66.40 12.84 68.52
CA GLY QA 117 67.23 13.36 69.59
C GLY QA 117 67.65 14.79 69.40
N ALA QA 118 67.35 15.34 68.22
CA ALA QA 118 67.73 16.70 67.85
C ALA QA 118 67.21 17.72 68.86
N ASP QA 119 65.88 17.70 69.09
CA ASP QA 119 65.20 18.73 69.88
C ASP QA 119 65.89 19.00 71.21
N THR QA 120 66.51 17.97 71.78
CA THR QA 120 67.18 18.08 73.07
C THR QA 120 68.69 18.24 72.92
N TYR QA 121 69.35 17.33 72.21
CA TYR QA 121 70.81 17.33 72.21
C TYR QA 121 71.37 18.51 71.44
N ASP QA 122 70.80 18.83 70.27
CA ASP QA 122 71.33 19.89 69.41
C ASP QA 122 70.18 20.82 69.05
N ALA QA 123 69.88 21.76 69.95
CA ALA QA 123 68.78 22.67 69.71
C ALA QA 123 69.20 23.88 68.90
N ALA QA 124 70.47 24.26 69.01
CA ALA QA 124 70.96 25.43 68.29
C ALA QA 124 70.87 25.23 66.78
N ASN QA 125 71.22 24.03 66.30
CA ASN QA 125 71.16 23.78 64.86
C ASN QA 125 69.73 23.71 64.36
N VAL QA 126 68.81 23.18 65.17
CA VAL QA 126 67.39 23.21 64.82
C VAL QA 126 66.93 24.66 64.64
N LYS QA 127 67.17 25.49 65.66
CA LYS QA 127 66.77 26.88 65.59
C LYS QA 127 67.44 27.59 64.42
N ALA QA 128 68.67 27.19 64.07
CA ALA QA 128 69.38 27.84 62.99
C ALA QA 128 68.80 27.47 61.63
N ALA QA 129 68.42 26.20 61.46
CA ALA QA 129 67.71 25.81 60.24
C ALA QA 129 66.44 26.63 60.07
N LEU QA 130 65.65 26.76 61.15
CA LEU QA 130 64.42 27.54 61.06
C LEU QA 130 64.72 29.01 60.76
N SER QA 131 65.75 29.56 61.39
CA SER QA 131 66.12 30.96 61.19
C SER QA 131 66.54 31.22 59.75
N ALA QA 132 67.45 30.39 59.22
CA ALA QA 132 67.87 30.55 57.83
C ALA QA 132 66.70 30.43 56.87
N ALA QA 133 65.86 29.40 57.06
CA ALA QA 133 64.74 29.18 56.17
C ALA QA 133 63.79 30.38 56.15
N ILE QA 134 63.33 30.80 57.32
CA ILE QA 134 62.37 31.91 57.35
C ILE QA 134 63.04 33.21 56.94
N GLY QA 135 64.33 33.38 57.20
CA GLY QA 135 65.01 34.61 56.81
C GLY QA 135 65.14 34.74 55.30
N VAL QA 136 65.49 33.64 54.63
CA VAL QA 136 65.55 33.67 53.16
C VAL QA 136 64.15 33.86 52.59
N LEU QA 137 63.14 33.24 53.21
CA LEU QA 137 61.76 33.42 52.72
C LEU QA 137 61.33 34.87 52.80
N SER QA 138 61.61 35.53 53.94
CA SER QA 138 61.19 36.93 54.08
C SER QA 138 62.03 37.84 53.20
N GLN QA 139 63.31 37.50 52.98
CA GLN QA 139 64.16 38.33 52.12
C GLN QA 139 63.67 38.27 50.68
N GLN QA 140 63.36 37.08 50.18
CA GLN QA 140 62.97 36.89 48.80
C GLN QA 140 61.46 36.80 48.62
N SER QA 141 60.68 37.33 49.55
CA SER QA 141 59.22 37.17 49.46
C SER QA 141 58.69 37.76 48.16
N ALA QA 142 59.10 38.99 47.85
CA ALA QA 142 58.67 39.64 46.62
C ALA QA 142 59.10 38.84 45.39
N GLY QA 143 60.35 38.39 45.38
CA GLY QA 143 60.84 37.66 44.23
C GLY QA 143 60.21 36.29 44.07
N ILE QA 144 59.82 35.65 45.18
CA ILE QA 144 59.14 34.37 45.12
C ILE QA 144 57.73 34.54 44.59
N GLY QA 145 57.06 35.64 44.93
CA GLY QA 145 55.82 35.96 44.25
C GLY QA 145 56.00 36.19 42.76
N ASP QA 146 57.00 37.00 42.41
CA ASP QA 146 57.35 37.20 41.00
C ASP QA 146 57.56 35.87 40.29
N THR QA 147 58.20 34.92 40.97
CA THR QA 147 58.42 33.60 40.38
C THR QA 147 57.13 32.81 40.28
N ALA QA 148 56.28 32.89 41.31
CA ALA QA 148 55.01 32.16 41.30
C ALA QA 148 54.11 32.63 40.17
N LEU QA 149 54.31 33.85 39.69
CA LEU QA 149 53.57 34.35 38.53
C LEU QA 149 54.32 34.17 37.21
N SER QA 150 55.66 34.25 37.21
CA SER QA 150 56.46 34.19 35.99
C SER QA 150 56.69 32.76 35.53
N GLY QA 151 56.90 31.85 36.46
CA GLY QA 151 57.41 30.54 36.14
C GLY QA 151 58.91 30.46 36.05
N ILE QA 152 59.62 31.50 36.47
CA ILE QA 152 61.06 31.61 36.25
C ILE QA 152 61.77 31.88 37.56
N LEU QA 153 62.87 31.16 37.79
CA LEU QA 153 63.74 31.37 38.94
C LEU QA 153 64.81 32.41 38.64
N ALA RA 1 36.39 18.26 86.94
CA ALA RA 1 36.96 19.48 87.49
C ALA RA 1 38.47 19.32 87.76
N TYR RA 2 39.25 19.10 86.71
CA TYR RA 2 40.70 18.89 86.83
C TYR RA 2 41.42 20.14 86.30
N SER RA 3 42.11 20.85 87.21
CA SER RA 3 42.87 22.06 86.85
C SER RA 3 44.05 22.23 87.80
N PRO RA 4 45.24 21.83 87.39
CA PRO RA 4 46.41 21.93 88.28
C PRO RA 4 46.89 23.37 88.44
N SER RA 5 47.76 23.57 89.43
CA SER RA 5 48.29 24.86 89.82
C SER RA 5 49.69 25.07 89.28
N THR RA 6 50.15 26.34 89.30
CA THR RA 6 51.40 26.67 88.62
C THR RA 6 52.59 25.99 89.29
N PRO RA 7 52.87 26.20 90.58
CA PRO RA 7 53.79 25.29 91.26
C PRO RA 7 53.03 24.14 91.90
N VAL RA 8 53.28 22.92 91.44
CA VAL RA 8 52.75 21.73 92.09
C VAL RA 8 53.76 21.29 93.11
N THR RA 9 53.35 21.15 94.35
CA THR RA 9 54.23 20.67 95.39
C THR RA 9 54.34 19.16 95.27
N GLY RA 10 55.50 18.70 94.82
CA GLY RA 10 55.65 17.29 94.52
C GLY RA 10 55.66 16.45 95.78
N ALA RA 11 55.13 15.25 95.66
CA ALA RA 11 55.10 14.32 96.78
C ALA RA 11 56.52 13.98 97.20
N ALA RA 12 56.67 13.72 98.50
CA ALA RA 12 57.99 13.54 99.08
C ALA RA 12 58.72 12.38 98.40
N GLN RA 13 60.01 12.58 98.13
CA GLN RA 13 60.87 11.55 97.58
C GLN RA 13 62.17 11.54 98.37
N THR RA 14 62.93 10.45 98.20
CA THR RA 14 64.01 10.14 99.14
C THR RA 14 65.07 11.23 99.15
N GLY RA 15 65.68 11.51 98.00
CA GLY RA 15 66.72 12.52 97.98
C GLY RA 15 66.26 13.94 97.76
N PHE RA 16 64.96 14.20 97.69
CA PHE RA 16 64.44 15.51 97.32
C PHE RA 16 64.09 16.31 98.57
N THR RA 17 64.51 17.57 98.60
CA THR RA 17 64.17 18.49 99.67
C THR RA 17 63.18 19.51 99.10
N SER RA 18 61.92 19.42 99.54
CA SER RA 18 60.87 20.38 99.20
C SER RA 18 60.71 20.58 97.70
N PRO RA 19 60.40 19.53 96.95
CA PRO RA 19 60.38 19.65 95.48
C PRO RA 19 59.08 20.22 94.98
N THR RA 20 59.19 21.10 94.00
CA THR RA 20 58.05 21.69 93.31
C THR RA 20 58.29 21.62 91.81
N TYR RA 21 57.20 21.54 91.06
CA TYR RA 21 57.27 21.42 89.61
C TYR RA 21 56.38 22.48 88.99
N THR RA 22 56.94 23.32 88.12
CA THR RA 22 56.20 24.35 87.42
C THR RA 22 55.54 23.76 86.18
N LEU RA 23 54.24 23.96 86.05
CA LEU RA 23 53.49 23.44 84.92
C LEU RA 23 53.22 24.54 83.91
N THR RA 24 53.47 24.25 82.64
CA THR RA 24 53.08 25.10 81.53
C THR RA 24 51.99 24.37 80.73
N SER RA 25 51.01 25.12 80.24
CA SER RA 25 49.87 24.48 79.59
C SER RA 25 50.26 23.96 78.21
N ASP RA 26 49.78 22.75 77.89
CA ASP RA 26 50.11 22.08 76.65
C ASP RA 26 48.84 21.57 75.98
N THR RA 27 48.90 21.42 74.67
CA THR RA 27 47.80 20.82 73.93
C THR RA 27 47.88 19.30 74.02
N ALA RA 28 46.75 18.67 74.32
CA ALA RA 28 46.67 17.25 74.60
C ALA RA 28 46.53 16.44 73.32
N PRO RA 29 46.89 15.16 73.34
CA PRO RA 29 46.88 14.40 72.09
C PRO RA 29 45.48 14.10 71.58
N THR RA 30 44.58 13.69 72.46
CA THR RA 30 43.18 13.58 72.07
C THR RA 30 42.49 14.90 72.30
N ALA RA 31 41.29 15.02 71.74
CA ALA RA 31 40.42 16.14 72.11
C ALA RA 31 39.79 15.94 73.48
N LEU RA 32 39.98 14.77 74.10
CA LEU RA 32 39.37 14.43 75.38
C LEU RA 32 40.35 14.52 76.53
N GLY RA 33 41.47 15.20 76.34
CA GLY RA 33 42.48 15.28 77.37
C GLY RA 33 42.85 16.71 77.66
N LYS RA 34 43.24 16.94 78.92
CA LYS RA 34 43.94 18.14 79.33
C LYS RA 34 45.36 17.74 79.69
N GLN RA 35 46.35 18.44 79.14
CA GLN RA 35 47.74 18.06 79.34
C GLN RA 35 48.57 19.27 79.74
N HIS RA 36 49.42 19.08 80.74
CA HIS RA 36 50.41 20.07 81.12
C HIS RA 36 51.81 19.48 80.98
N ALA RA 37 52.79 20.33 80.72
CA ALA RA 37 54.18 19.92 80.65
C ALA RA 37 54.97 20.56 81.77
N VAL RA 38 55.91 19.83 82.35
CA VAL RA 38 56.74 20.34 83.44
C VAL RA 38 57.86 21.13 82.79
N THR RA 39 57.69 22.46 82.72
CA THR RA 39 58.65 23.33 82.05
C THR RA 39 59.88 23.60 82.93
N ALA RA 40 59.74 23.59 84.25
CA ALA RA 40 60.86 23.91 85.12
C ALA RA 40 60.65 23.27 86.49
N THR RA 41 61.75 23.04 87.20
CA THR RA 41 61.73 22.38 88.50
C THR RA 41 62.30 23.30 89.57
N GLY RA 42 61.66 23.31 90.74
CA GLY RA 42 62.18 23.96 91.92
C GLY RA 42 62.36 22.95 93.05
N GLY RA 43 63.10 23.35 94.06
CA GLY RA 43 63.47 22.46 95.15
C GLY RA 43 64.86 21.88 94.95
N THR RA 44 65.35 21.21 95.99
CA THR RA 44 66.68 20.60 95.99
C THR RA 44 66.62 19.14 95.50
N GLN RA 45 66.21 19.04 94.25
CA GLN RA 45 66.29 17.80 93.46
C GLN RA 45 67.33 18.03 92.38
N THR RA 46 68.41 17.26 92.44
CA THR RA 46 69.55 17.51 91.57
C THR RA 46 69.61 16.41 90.52
N GLY RA 47 69.67 16.84 89.27
CA GLY RA 47 69.71 15.95 88.13
C GLY RA 47 68.38 15.79 87.43
N VAL RA 48 67.32 16.41 87.94
CA VAL RA 48 65.99 16.25 87.36
C VAL RA 48 65.89 17.09 86.09
N THR RA 49 65.52 16.45 84.98
CA THR RA 49 65.42 17.11 83.69
C THR RA 49 63.97 17.52 83.42
N THR RA 50 63.79 18.67 82.78
CA THR RA 50 62.47 19.19 82.47
C THR RA 50 61.99 18.66 81.12
N HIS RA 51 60.87 19.18 80.64
CA HIS RA 51 60.19 18.60 79.48
C HIS RA 51 60.90 19.00 78.19
N SER RA 52 61.33 17.99 77.44
CA SER RA 52 61.77 18.12 76.06
C SER RA 52 60.86 17.23 75.21
N VAL RA 53 61.08 17.26 73.90
CA VAL RA 53 60.28 16.37 73.06
C VAL RA 53 60.80 14.93 73.13
N SER RA 54 62.12 14.78 73.13
CA SER RA 54 62.70 13.43 73.23
C SER RA 54 62.79 12.95 74.67
N SER RA 55 62.82 13.88 75.63
CA SER RA 55 62.81 13.55 77.06
C SER RA 55 61.63 14.28 77.71
N PRO RA 56 60.42 13.74 77.59
CA PRO RA 56 59.24 14.48 78.00
C PRO RA 56 59.06 14.49 79.51
N PHE RA 57 58.23 15.45 79.96
CA PHE RA 57 57.70 15.52 81.32
C PHE RA 57 56.26 16.02 81.15
N THR RA 58 55.32 15.07 81.02
CA THR RA 58 53.96 15.41 80.66
C THR RA 58 52.96 14.75 81.60
N ILE RA 59 51.92 15.52 81.95
CA ILE RA 59 50.87 15.11 82.87
C ILE RA 59 49.56 15.32 82.12
N THR RA 60 48.96 14.24 81.62
CA THR RA 60 47.76 14.31 80.81
C THR RA 60 46.62 13.53 81.45
N PHE RA 61 45.41 14.09 81.39
CA PHE RA 61 44.23 13.51 82.06
C PHE RA 61 43.08 13.51 81.06
N THR RA 62 42.48 12.33 80.88
CA THR RA 62 41.55 12.09 79.79
C THR RA 62 40.25 11.49 80.32
N ARG RA 63 39.14 11.87 79.68
CA ARG RA 63 37.82 11.31 79.91
C ARG RA 63 37.48 10.33 78.79
N PRO RA 64 36.51 9.43 78.99
CA PRO RA 64 36.18 8.47 77.94
C PRO RA 64 35.45 9.13 76.78
N LYS RA 65 35.53 8.48 75.62
CA LYS RA 65 34.90 9.02 74.41
C LYS RA 65 33.39 9.06 74.53
N THR RA 66 32.81 7.99 75.06
CA THR RA 66 31.35 7.88 75.19
C THR RA 66 31.00 7.45 76.61
N MET RA 67 30.13 8.21 77.25
CA MET RA 67 29.67 7.85 78.58
C MET RA 67 28.74 6.65 78.51
N LYS RA 68 28.64 5.93 79.64
CA LYS RA 68 27.78 4.77 79.75
C LYS RA 68 26.80 4.96 80.90
N THR RA 69 25.51 4.69 80.63
CA THR RA 69 24.45 4.80 81.62
C THR RA 69 24.18 3.43 82.24
N VAL RA 70 23.56 3.45 83.41
CA VAL RA 70 23.43 2.26 84.25
C VAL RA 70 22.58 1.19 83.56
N GLY RA 71 21.58 1.60 82.80
CA GLY RA 71 20.69 0.63 82.22
C GLY RA 71 19.50 0.33 83.13
N VAL RA 72 18.80 -0.73 82.76
CA VAL RA 72 17.47 -0.98 83.32
C VAL RA 72 17.37 -2.43 83.76
N PRO RA 73 16.77 -2.72 84.92
CA PRO RA 73 16.69 -4.09 85.40
C PRO RA 73 15.77 -4.97 84.55
N ASN RA 74 16.16 -6.24 84.43
CA ASN RA 74 15.43 -7.21 83.63
C ASN RA 74 14.35 -7.88 84.46
N SER RA 75 13.75 -8.94 83.91
CA SER RA 75 12.59 -9.59 84.51
C SER RA 75 12.84 -10.05 85.94
N ASN RA 76 14.09 -10.36 86.27
CA ASN RA 76 14.44 -10.82 87.62
C ASN RA 76 14.85 -9.69 88.54
N GLY RA 77 14.68 -8.43 88.11
CA GLY RA 77 15.13 -7.30 88.90
C GLY RA 77 16.62 -7.08 88.90
N VAL RA 78 17.36 -7.68 87.98
CA VAL RA 78 18.81 -7.62 87.92
C VAL RA 78 19.23 -6.84 86.68
N ILE RA 79 20.17 -5.92 86.85
CA ILE RA 79 20.70 -5.15 85.72
C ILE RA 79 21.77 -5.98 85.02
N THR RA 80 21.53 -6.29 83.75
CA THR RA 80 22.27 -7.37 83.09
C THR RA 80 23.74 -7.04 82.93
N ASN RA 81 24.05 -5.82 82.49
CA ASN RA 81 25.41 -5.46 82.12
C ASN RA 81 25.70 -4.06 82.63
N ILE RA 82 26.65 -3.96 83.56
CA ILE RA 82 27.10 -2.69 84.09
C ILE RA 82 28.42 -2.36 83.41
N GLY RA 83 28.36 -1.52 82.39
CA GLY RA 83 29.57 -0.95 81.83
C GLY RA 83 30.26 -0.04 82.83
N ARG RA 84 31.47 0.40 82.47
CA ARG RA 84 32.24 1.25 83.37
C ARG RA 84 32.96 2.35 82.59
N ASN RA 85 32.84 3.60 83.05
CA ASN RA 85 33.59 4.70 82.45
C ASN RA 85 34.93 4.82 83.17
N THR RA 86 36.04 4.76 82.42
CA THR RA 86 37.38 4.85 82.98
C THR RA 86 38.00 6.19 82.57
N TYR RA 87 38.50 6.92 83.56
CA TYR RA 87 39.25 8.15 83.35
C TYR RA 87 40.73 7.87 83.55
N GLY RA 88 41.55 8.51 82.71
CA GLY RA 88 42.97 8.18 82.68
C GLY RA 88 43.92 9.32 82.99
N PHE RA 89 44.85 9.10 83.93
CA PHE RA 89 45.81 10.09 84.36
C PHE RA 89 47.21 9.53 84.11
N LEU RA 90 47.98 10.17 83.25
CA LEU RA 90 49.23 9.56 82.81
C LEU RA 90 50.37 10.57 82.80
N VAL RA 91 51.50 10.17 83.38
CA VAL RA 91 52.71 10.98 83.45
C VAL RA 91 53.79 10.26 82.66
N ARG RA 92 54.41 10.98 81.73
CA ARG RA 92 55.54 10.48 80.95
C ARG RA 92 56.79 11.27 81.33
N LYS RA 93 57.88 10.55 81.60
CA LYS RA 93 59.11 11.20 82.04
C LYS RA 93 60.30 10.63 81.29
N GLY RA 94 61.11 11.51 80.72
CA GLY RA 94 62.34 11.09 80.07
C GLY RA 94 63.35 10.59 81.10
N VAL RA 95 63.80 9.34 80.95
CA VAL RA 95 64.75 8.71 81.86
C VAL RA 95 65.85 8.07 81.04
N ILE RA 96 67.09 8.18 81.50
CA ILE RA 96 68.24 7.76 80.71
C ILE RA 96 68.72 6.40 81.24
N PRO RA 97 68.67 5.34 80.43
CA PRO RA 97 69.00 4.02 80.97
C PRO RA 97 70.49 3.71 81.05
N ALA RA 98 71.28 4.10 80.05
CA ALA RA 98 72.68 3.69 80.01
C ALA RA 98 73.60 4.89 80.05
N VAL RA 99 74.90 4.63 79.93
CA VAL RA 99 75.89 5.68 80.09
C VAL RA 99 75.81 6.67 78.94
N ASN RA 100 75.63 6.17 77.72
CA ASN RA 100 75.51 7.05 76.57
C ASN RA 100 74.21 6.85 75.84
N GLN RA 101 73.38 5.90 76.25
CA GLN RA 101 72.15 5.64 75.52
C GLN RA 101 71.17 6.81 75.67
N SER RA 102 70.20 6.82 74.77
CA SER RA 102 69.26 7.90 74.59
C SER RA 102 68.09 7.75 75.55
N PRO RA 103 67.36 8.83 75.82
CA PRO RA 103 66.30 8.76 76.85
C PRO RA 103 65.14 7.85 76.43
N GLN RA 104 64.78 6.95 77.33
CA GLN RA 104 63.56 6.15 77.33
C GLN RA 104 62.49 6.85 78.15
N VAL RA 105 61.27 6.34 78.09
CA VAL RA 105 60.13 7.02 78.70
C VAL RA 105 59.63 6.19 79.88
N MET RA 106 60.01 6.57 81.09
CA MET RA 106 59.31 6.04 82.26
C MET RA 106 57.87 6.52 82.24
N LEU RA 107 56.98 5.68 82.75
CA LEU RA 107 55.55 5.90 82.57
C LEU RA 107 54.81 5.60 83.86
N VAL RA 108 54.05 6.56 84.38
CA VAL RA 108 53.22 6.35 85.57
C VAL RA 108 51.78 6.63 85.17
N ARG RA 109 50.96 5.58 85.10
CA ARG RA 109 49.59 5.75 84.62
C ARG RA 109 48.58 5.23 85.63
N VAL RA 110 47.50 5.99 85.79
CA VAL RA 110 46.41 5.72 86.71
C VAL RA 110 45.15 5.60 85.89
N GLU RA 111 44.34 4.60 86.21
CA GLU RA 111 43.05 4.39 85.57
C GLU RA 111 41.99 4.30 86.66
N ILE RA 112 40.92 5.08 86.50
CA ILE RA 112 39.84 5.16 87.46
C ILE RA 112 38.60 4.64 86.74
N SER RA 113 38.22 3.39 87.02
CA SER RA 113 37.04 2.77 86.41
C SER RA 113 35.87 2.91 87.38
N VAL RA 114 34.92 3.76 87.01
CA VAL RA 114 33.69 4.01 87.76
C VAL RA 114 32.57 3.23 87.10
N PRO RA 115 31.93 2.27 87.79
CA PRO RA 115 30.77 1.59 87.22
C PRO RA 115 29.66 2.58 86.87
N ALA RA 116 28.68 2.07 86.11
CA ALA RA 116 27.73 2.95 85.45
C ALA RA 116 26.86 3.68 86.47
N GLY RA 117 26.09 2.93 87.26
CA GLY RA 117 25.15 3.57 88.17
C GLY RA 117 25.79 4.16 89.40
N ALA RA 118 27.08 3.87 89.58
CA ALA RA 118 27.85 4.34 90.73
C ALA RA 118 27.82 5.85 90.85
N ASP RA 119 28.20 6.55 89.78
CA ASP RA 119 28.45 7.99 89.81
C ASP RA 119 27.27 8.76 90.35
N THR RA 120 26.06 8.22 90.20
CA THR RA 120 24.85 8.86 90.68
C THR RA 120 24.34 8.25 91.97
N TYR RA 121 24.18 6.92 92.02
CA TYR RA 121 23.52 6.30 93.17
C TYR RA 121 24.43 6.30 94.40
N ASP RA 122 25.71 5.95 94.24
CA ASP RA 122 26.63 5.81 95.37
C ASP RA 122 27.88 6.63 95.07
N ALA RA 123 27.81 7.93 95.34
CA ALA RA 123 28.93 8.80 95.03
C ALA RA 123 29.94 8.82 96.18
N ALA RA 124 29.46 8.61 97.39
CA ALA RA 124 30.34 8.66 98.55
C ALA RA 124 31.40 7.58 98.47
N ASN RA 125 31.03 6.37 98.05
CA ASN RA 125 32.00 5.29 97.95
C ASN RA 125 33.00 5.52 96.83
N VAL RA 126 32.54 6.09 95.72
CA VAL RA 126 33.46 6.49 94.65
C VAL RA 126 34.51 7.46 95.19
N LYS RA 127 34.05 8.55 95.79
CA LYS RA 127 34.96 9.54 96.35
C LYS RA 127 35.89 8.91 97.39
N ALA RA 128 35.38 7.95 98.15
CA ALA RA 128 36.18 7.32 99.19
C ALA RA 128 37.28 6.46 98.60
N ALA RA 129 36.97 5.69 97.55
CA ALA RA 129 38.00 4.93 96.88
C ALA RA 129 39.10 5.85 96.36
N LEU RA 130 38.69 6.96 95.74
CA LEU RA 130 39.69 7.90 95.21
C LEU RA 130 40.55 8.49 96.32
N SER RA 131 39.93 8.90 97.44
CA SER RA 131 40.69 9.54 98.50
C SER RA 131 41.61 8.56 99.22
N ALA RA 132 41.16 7.32 99.41
CA ALA RA 132 42.04 6.32 100.01
C ALA RA 132 43.22 6.00 99.09
N ALA RA 133 42.97 5.82 97.80
CA ALA RA 133 44.06 5.53 96.87
C ALA RA 133 45.09 6.66 96.85
N ILE RA 134 44.62 7.90 96.68
CA ILE RA 134 45.55 9.02 96.59
C ILE RA 134 46.22 9.28 97.94
N GLY RA 135 45.53 9.03 99.05
CA GLY RA 135 46.14 9.25 100.36
C GLY RA 135 47.24 8.26 100.66
N VAL RA 136 47.02 6.99 100.32
CA VAL RA 136 48.08 5.99 100.47
C VAL RA 136 49.25 6.31 99.53
N LEU RA 137 48.95 6.78 98.31
CA LEU RA 137 50.01 7.14 97.38
C LEU RA 137 50.87 8.28 97.94
N SER RA 138 50.22 9.33 98.47
CA SER RA 138 51.00 10.45 98.99
C SER RA 138 51.70 10.10 100.29
N GLN RA 139 51.15 9.17 101.08
CA GLN RA 139 51.81 8.75 102.31
C GLN RA 139 53.07 7.95 102.01
N GLN RA 140 52.98 7.01 101.07
CA GLN RA 140 54.10 6.14 100.75
C GLN RA 140 54.86 6.60 99.52
N SER RA 141 54.80 7.89 99.18
CA SER RA 141 55.45 8.35 97.95
C SER RA 141 56.95 8.06 97.99
N ALA RA 142 57.61 8.45 99.08
CA ALA RA 142 59.03 8.22 99.22
C ALA RA 142 59.35 6.73 99.14
N GLY RA 143 58.57 5.92 99.85
CA GLY RA 143 58.84 4.50 99.88
C GLY RA 143 58.58 3.80 98.56
N ILE RA 144 57.60 4.28 97.80
CA ILE RA 144 57.34 3.73 96.47
C ILE RA 144 58.48 4.09 95.52
N GLY RA 145 59.05 5.29 95.66
CA GLY RA 145 60.28 5.59 94.92
C GLY RA 145 61.42 4.67 95.30
N ASP RA 146 61.63 4.51 96.61
CA ASP RA 146 62.64 3.57 97.10
C ASP RA 146 62.45 2.19 96.50
N THR RA 147 61.19 1.75 96.39
CA THR RA 147 60.91 0.45 95.79
C THR RA 147 61.16 0.46 94.30
N ALA RA 148 60.83 1.56 93.61
CA ALA RA 148 61.04 1.63 92.17
C ALA RA 148 62.51 1.53 91.82
N LEU RA 149 63.38 1.88 92.75
CA LEU RA 149 64.82 1.73 92.53
C LEU RA 149 65.40 0.46 93.14
N SER RA 150 64.86 -0.01 94.27
CA SER RA 150 65.44 -1.12 95.01
C SER RA 150 64.93 -2.47 94.54
N GLY RA 151 63.67 -2.54 94.09
CA GLY RA 151 63.03 -3.81 93.83
C GLY RA 151 62.55 -4.51 95.07
N ILE RA 152 62.47 -3.80 96.19
CA ILE RA 152 62.21 -4.39 97.50
C ILE RA 152 60.88 -3.86 98.01
N LEU RA 153 60.07 -4.77 98.55
CA LEU RA 153 58.78 -4.38 99.13
C LEU RA 153 58.85 -4.18 100.64
N ALA SA 1 31.94 32.44 64.50
CA ALA SA 1 32.30 33.19 65.69
C ALA SA 1 31.34 32.87 66.84
N TYR SA 2 31.38 31.62 67.33
CA TYR SA 2 30.51 31.15 68.41
C TYR SA 2 31.34 30.97 69.69
N SER SA 3 31.08 31.82 70.70
CA SER SA 3 31.78 31.77 71.99
C SER SA 3 30.88 32.29 73.09
N PRO SA 4 30.29 31.40 73.89
CA PRO SA 4 29.37 31.84 74.95
C PRO SA 4 30.12 32.42 76.16
N SER SA 5 29.35 33.09 77.02
CA SER SA 5 29.85 33.75 78.22
C SER SA 5 29.66 32.87 79.45
N THR SA 6 30.44 33.16 80.51
CA THR SA 6 30.44 32.29 81.68
C THR SA 6 29.07 32.24 82.35
N PRO SA 7 28.46 33.35 82.79
CA PRO SA 7 27.04 33.29 83.12
C PRO SA 7 26.19 33.62 81.88
N VAL SA 8 25.41 32.66 81.41
CA VAL SA 8 24.48 32.90 80.33
C VAL SA 8 23.15 33.28 80.95
N THR SA 9 22.64 34.46 80.62
CA THR SA 9 21.32 34.86 81.06
C THR SA 9 20.29 34.00 80.33
N GLY SA 10 19.66 33.08 81.06
CA GLY SA 10 18.69 32.19 80.43
C GLY SA 10 17.42 32.92 80.06
N ALA SA 11 16.80 32.49 78.97
CA ALA SA 11 15.60 33.15 78.48
C ALA SA 11 14.46 32.97 79.48
N ALA SA 12 13.57 33.95 79.52
CA ALA SA 12 12.53 33.95 80.54
C ALA SA 12 11.73 32.66 80.47
N GLN SA 13 11.39 32.13 81.65
CA GLN SA 13 10.53 30.95 81.74
C GLN SA 13 9.52 31.19 82.86
N THR SA 14 8.49 30.35 82.88
CA THR SA 14 7.31 30.64 83.69
C THR SA 14 7.63 30.70 85.17
N GLY SA 15 8.18 29.63 85.72
CA GLY SA 15 8.47 29.66 87.14
C GLY SA 15 9.81 30.22 87.54
N PHE SA 16 10.59 30.77 86.62
CA PHE SA 16 11.97 31.15 86.91
C PHE SA 16 12.09 32.65 87.12
N THR SA 17 12.83 33.03 88.15
CA THR SA 17 13.15 34.42 88.43
C THR SA 17 14.64 34.62 88.16
N SER SA 18 14.94 35.47 87.18
CA SER SA 18 16.30 35.84 86.77
C SER SA 18 17.23 34.62 86.67
N PRO SA 19 16.95 33.69 85.75
CA PRO SA 19 17.76 32.46 85.69
C PRO SA 19 19.02 32.63 84.87
N THR SA 20 20.14 32.13 85.42
CA THR SA 20 21.43 32.17 84.74
C THR SA 20 22.03 30.77 84.79
N TYR SA 21 22.84 30.44 83.77
CA TYR SA 21 23.49 29.13 83.69
C TYR SA 21 24.97 29.31 83.50
N THR SA 22 25.77 28.73 84.40
CA THR SA 22 27.22 28.77 84.31
C THR SA 22 27.67 27.66 83.39
N LEU SA 23 28.44 28.01 82.35
CA LEU SA 23 28.95 27.03 81.39
C LEU SA 23 30.40 26.70 81.71
N THR SA 24 30.72 25.42 81.74
CA THR SA 24 32.09 24.94 81.81
C THR SA 24 32.45 24.35 80.46
N SER SA 25 33.63 24.71 79.95
CA SER SA 25 34.04 24.21 78.64
C SER SA 25 34.10 22.69 78.67
N ASP SA 26 33.57 22.06 77.63
CA ASP SA 26 33.60 20.62 77.48
C ASP SA 26 34.10 20.28 76.08
N THR SA 27 34.64 19.07 75.94
CA THR SA 27 35.20 18.64 74.67
C THR SA 27 34.12 17.97 73.82
N ALA SA 28 34.00 18.43 72.58
CA ALA SA 28 32.87 18.14 71.70
C ALA SA 28 32.99 16.75 71.08
N PRO SA 29 31.87 16.21 70.55
CA PRO SA 29 31.94 14.84 70.02
C PRO SA 29 32.68 14.74 68.72
N THR SA 30 32.53 15.75 67.86
CA THR SA 30 33.29 15.85 66.63
C THR SA 30 34.39 16.88 66.79
N ALA SA 31 35.29 16.90 65.81
CA ALA SA 31 36.34 17.91 65.80
C ALA SA 31 35.86 19.24 65.24
N LEU SA 32 34.64 19.27 64.69
CA LEU SA 32 34.07 20.48 64.11
C LEU SA 32 32.98 21.06 64.99
N GLY SA 33 32.97 20.71 66.27
CA GLY SA 33 31.99 21.23 67.20
C GLY SA 33 32.65 21.87 68.40
N LYS SA 34 31.95 22.83 68.99
CA LYS SA 34 32.33 23.43 70.26
C LYS SA 34 31.21 23.12 71.25
N GLN SA 35 31.57 22.53 72.39
CA GLN SA 35 30.58 22.10 73.35
C GLN SA 35 30.88 22.69 74.71
N HIS SA 36 29.85 23.16 75.38
CA HIS SA 36 29.93 23.52 76.79
C HIS SA 36 28.92 22.68 77.56
N ALA SA 37 29.12 22.57 78.87
CA ALA SA 37 28.18 21.85 79.71
C ALA SA 37 27.80 22.71 80.91
N VAL SA 38 26.53 22.63 81.30
CA VAL SA 38 26.01 23.49 82.37
C VAL SA 38 26.47 22.89 83.70
N THR SA 39 27.52 23.47 84.28
CA THR SA 39 28.06 22.96 85.53
C THR SA 39 27.27 23.44 86.74
N ALA SA 40 26.63 24.60 86.67
CA ALA SA 40 25.86 25.11 87.81
C ALA SA 40 24.81 26.11 87.34
N THR SA 41 23.77 26.28 88.16
CA THR SA 41 22.67 27.19 87.86
C THR SA 41 22.59 28.26 88.93
N GLY SA 42 22.31 29.49 88.49
CA GLY SA 42 21.98 30.57 89.39
C GLY SA 42 20.59 31.09 89.08
N GLY SA 43 19.99 31.80 90.02
CA GLY SA 43 18.61 32.24 89.89
C GLY SA 43 17.65 31.34 90.65
N THR SA 44 16.39 31.78 90.70
CA THR SA 44 15.34 31.04 91.41
C THR SA 44 14.65 30.11 90.42
N GLN SA 45 15.33 29.00 90.11
CA GLN SA 45 14.80 27.92 89.30
C GLN SA 45 14.94 26.65 90.15
N THR SA 46 13.92 26.35 90.92
CA THR SA 46 14.03 25.30 91.92
C THR SA 46 13.83 23.94 91.25
N GLY SA 47 14.71 22.99 91.58
CA GLY SA 47 14.65 21.65 91.04
C GLY SA 47 15.50 21.41 89.81
N VAL SA 48 16.09 22.46 89.24
CA VAL SA 48 16.85 22.31 88.01
C VAL SA 48 18.15 21.57 88.30
N THR SA 49 18.37 20.46 87.61
CA THR SA 49 19.56 19.64 87.80
C THR SA 49 20.62 19.99 86.77
N THR SA 50 21.87 20.09 87.23
CA THR SA 50 22.99 20.43 86.36
C THR SA 50 23.47 19.18 85.63
N HIS SA 51 24.59 19.33 84.90
CA HIS SA 51 25.09 18.21 84.10
C HIS SA 51 25.64 17.12 85.00
N SER SA 52 25.13 15.91 84.81
CA SER SA 52 25.65 14.71 85.45
C SER SA 52 25.90 13.68 84.35
N VAL SA 53 26.57 12.59 84.72
CA VAL SA 53 26.76 11.52 83.75
C VAL SA 53 25.42 10.89 83.41
N SER SA 54 24.55 10.74 84.40
CA SER SA 54 23.26 10.08 84.18
C SER SA 54 22.29 11.00 83.44
N SER SA 55 22.30 12.29 83.74
CA SER SA 55 21.40 13.27 83.12
C SER SA 55 22.19 14.48 82.65
N PRO SA 56 22.47 14.58 81.34
CA PRO SA 56 23.37 15.63 80.86
C PRO SA 56 22.66 16.95 80.67
N PHE SA 57 23.47 18.02 80.67
CA PHE SA 57 23.03 19.38 80.34
C PHE SA 57 24.15 19.95 79.46
N THR SA 58 23.98 19.82 78.15
CA THR SA 58 25.05 20.12 77.20
C THR SA 58 24.55 21.00 76.06
N ILE SA 59 25.41 21.91 75.63
CA ILE SA 59 25.12 22.88 74.57
C ILE SA 59 26.26 22.77 73.55
N THR SA 60 25.97 22.18 72.40
CA THR SA 60 27.00 21.91 71.40
C THR SA 60 26.63 22.53 70.05
N PHE SA 61 27.60 23.17 69.40
CA PHE SA 61 27.38 23.86 68.13
C PHE SA 61 28.40 23.37 67.12
N THR SA 62 27.91 22.90 65.97
CA THR SA 62 28.74 22.21 64.99
C THR SA 62 28.60 22.87 63.62
N ARG SA 63 29.70 22.92 62.89
CA ARG SA 63 29.75 23.37 61.50
C ARG SA 63 29.92 22.18 60.58
N PRO SA 64 29.51 22.29 59.31
CA PRO SA 64 29.54 21.12 58.43
C PRO SA 64 30.97 20.68 58.11
N LYS SA 65 31.09 19.38 57.82
CA LYS SA 65 32.40 18.81 57.50
C LYS SA 65 32.98 19.44 56.25
N THR SA 66 32.19 19.50 55.17
CA THR SA 66 32.63 20.03 53.89
C THR SA 66 31.71 21.17 53.47
N MET SA 67 32.31 22.36 53.29
CA MET SA 67 31.56 23.49 52.78
C MET SA 67 31.24 23.30 51.30
N LYS SA 68 30.15 23.90 50.84
CA LYS SA 68 29.72 23.78 49.45
C LYS SA 68 29.72 25.14 48.77
N THR SA 69 30.34 25.20 47.60
CA THR SA 69 30.42 26.43 46.79
C THR SA 69 29.22 26.50 45.85
N VAL SA 70 28.94 27.73 45.39
CA VAL SA 70 27.68 28.00 44.69
C VAL SA 70 27.63 27.28 43.35
N GLY SA 71 28.75 27.18 42.64
CA GLY SA 71 28.76 26.55 41.34
C GLY SA 71 28.76 27.57 40.21
N VAL SA 72 28.92 27.05 39.00
CA VAL SA 72 29.15 27.88 37.81
C VAL SA 72 27.88 27.85 36.97
N PRO SA 73 27.39 29.01 36.51
CA PRO SA 73 26.20 29.02 35.66
C PRO SA 73 26.47 28.39 34.31
N ASN SA 74 25.43 27.74 33.77
CA ASN SA 74 25.54 27.06 32.48
C ASN SA 74 25.24 28.04 31.34
N SER SA 75 25.05 27.49 30.13
CA SER SA 75 24.85 28.32 28.94
C SER SA 75 23.62 29.22 29.09
N ASN SA 76 22.57 28.73 29.72
CA ASN SA 76 21.36 29.52 29.92
C ASN SA 76 21.50 30.56 31.01
N GLY SA 77 22.62 30.60 31.72
CA GLY SA 77 22.77 31.47 32.87
C GLY SA 77 22.26 30.89 34.17
N VAL SA 78 21.92 29.60 34.18
CA VAL SA 78 21.28 28.96 35.32
C VAL SA 78 22.30 28.07 36.05
N ILE SA 79 22.30 28.15 37.38
CA ILE SA 79 23.14 27.31 38.21
C ILE SA 79 22.36 26.05 38.58
N THR SA 80 22.95 24.89 38.29
CA THR SA 80 22.17 23.65 38.22
C THR SA 80 21.74 23.19 39.61
N ASN SA 81 22.65 23.16 40.58
CA ASN SA 81 22.34 22.62 41.90
C ASN SA 81 22.94 23.48 42.98
N ILE SA 82 22.08 24.01 43.86
CA ILE SA 82 22.50 24.83 44.98
C ILE SA 82 22.48 23.93 46.22
N GLY SA 83 23.64 23.40 46.58
CA GLY SA 83 23.78 22.73 47.85
C GLY SA 83 23.53 23.70 49.00
N ARG SA 84 23.43 23.13 50.20
CA ARG SA 84 23.16 23.94 51.38
C ARG SA 84 24.04 23.46 52.53
N ASN SA 85 24.82 24.37 53.11
CA ASN SA 85 25.60 24.03 54.30
C ASN SA 85 24.74 24.30 55.53
N THR SA 86 24.62 23.32 56.43
CA THR SA 86 23.79 23.38 57.62
C THR SA 86 24.66 23.38 58.86
N TYR SA 87 24.44 24.37 59.73
CA TYR SA 87 25.08 24.44 61.03
C TYR SA 87 24.09 23.97 62.08
N GLY SA 88 24.61 23.30 63.11
CA GLY SA 88 23.74 22.66 64.10
C GLY SA 88 23.98 23.04 65.55
N PHE SA 89 22.91 23.42 66.25
CA PHE SA 89 22.98 23.86 67.63
C PHE SA 89 22.08 22.96 68.46
N LEU SA 90 22.64 22.25 69.43
CA LEU SA 90 21.85 21.23 70.10
C LEU SA 90 22.08 21.25 71.61
N VAL SA 91 20.98 21.23 72.35
CA VAL SA 91 20.98 21.20 73.80
C VAL SA 91 20.37 19.87 74.22
N ARG SA 92 21.05 19.17 75.13
CA ARG SA 92 20.58 17.93 75.71
C ARG SA 92 20.40 18.12 77.21
N LYS SA 93 19.23 17.73 77.73
CA LYS SA 93 18.93 17.95 79.14
C LYS SA 93 18.37 16.69 79.77
N GLY SA 94 18.93 16.30 80.91
CA GLY SA 94 18.42 15.17 81.65
C GLY SA 94 17.10 15.51 82.32
N VAL SA 95 16.04 14.76 81.99
CA VAL SA 95 14.68 15.01 82.47
C VAL SA 95 14.09 13.69 82.92
N ILE SA 96 13.43 13.68 84.07
CA ILE SA 96 12.97 12.42 84.68
C ILE SA 96 11.49 12.23 84.37
N PRO SA 97 11.10 11.14 83.68
CA PRO SA 97 9.69 11.02 83.29
C PRO SA 97 8.75 10.54 84.40
N ALA SA 98 9.15 9.61 85.24
CA ALA SA 98 8.22 9.09 86.22
C ALA SA 98 8.80 9.19 87.63
N VAL SA 99 8.09 8.55 88.56
CA VAL SA 99 8.41 8.72 89.96
C VAL SA 99 9.72 8.03 90.30
N ASN SA 100 10.03 6.91 89.64
CA ASN SA 100 11.28 6.23 89.92
C ASN SA 100 12.02 5.83 88.65
N GLN SA 101 11.77 6.50 87.54
CA GLN SA 101 12.37 6.09 86.28
C GLN SA 101 13.75 6.72 86.06
N SER SA 102 14.52 6.08 85.19
CA SER SA 102 15.80 6.61 84.78
C SER SA 102 15.62 7.87 83.96
N PRO SA 103 16.55 8.81 84.05
CA PRO SA 103 16.40 10.07 83.29
C PRO SA 103 16.44 9.82 81.79
N GLN SA 104 15.50 10.46 81.10
CA GLN SA 104 15.41 10.60 79.64
C GLN SA 104 16.07 11.90 79.22
N VAL SA 105 16.42 11.98 77.94
CA VAL SA 105 17.15 13.14 77.41
C VAL SA 105 16.16 14.00 76.62
N MET SA 106 15.62 15.03 77.26
CA MET SA 106 14.96 16.07 76.48
C MET SA 106 15.98 16.68 75.53
N LEU SA 107 15.49 17.12 74.38
CA LEU SA 107 16.41 17.48 73.30
C LEU SA 107 15.87 18.68 72.54
N VAL SA 108 16.62 19.78 72.52
CA VAL SA 108 16.26 20.98 71.78
C VAL SA 108 17.32 21.16 70.70
N ARG SA 109 16.94 21.04 69.44
CA ARG SA 109 17.93 21.09 68.37
C ARG SA 109 17.51 22.05 67.26
N VAL SA 110 18.45 22.91 66.87
CA VAL SA 110 18.30 23.91 65.85
C VAL SA 110 19.19 23.53 64.68
N GLU SA 111 18.69 23.75 63.48
CA GLU SA 111 19.46 23.56 62.25
C GLU SA 111 19.31 24.79 61.38
N ILE SA 112 20.43 25.35 60.95
CA ILE SA 112 20.48 26.55 60.14
C ILE SA 112 21.04 26.12 58.79
N SER SA 113 20.17 26.00 57.79
CA SER SA 113 20.57 25.62 56.43
C SER SA 113 20.70 26.86 55.57
N VAL SA 114 21.92 27.17 55.16
CA VAL SA 114 22.25 28.32 54.31
C VAL SA 114 22.56 27.79 52.93
N PRO SA 115 21.90 28.30 51.88
CA PRO SA 115 22.23 27.87 50.53
C PRO SA 115 23.61 28.34 50.11
N ALA SA 116 24.07 27.76 49.00
CA ALA SA 116 25.50 27.75 48.69
C ALA SA 116 26.02 29.17 48.42
N GLY SA 117 25.26 29.95 47.66
CA GLY SA 117 25.74 31.23 47.19
C GLY SA 117 25.30 32.34 48.11
N ALA SA 118 24.36 32.01 49.00
CA ALA SA 118 23.75 32.97 49.92
C ALA SA 118 24.79 33.70 50.74
N ASP SA 119 25.68 32.95 51.39
CA ASP SA 119 26.60 33.47 52.41
C ASP SA 119 27.41 34.64 51.90
N THR SA 120 27.63 34.70 50.59
CA THR SA 120 28.38 35.77 49.96
C THR SA 120 27.47 36.78 49.28
N TYR SA 121 26.58 36.33 48.39
CA TYR SA 121 25.82 37.27 47.57
C TYR SA 121 24.79 38.04 48.40
N ASP SA 122 24.03 37.33 49.26
CA ASP SA 122 22.94 37.93 50.02
C ASP SA 122 23.12 37.60 51.49
N ALA SA 123 23.97 38.36 52.17
CA ALA SA 123 24.23 38.09 53.57
C ALA SA 123 23.22 38.76 54.49
N ALA SA 124 22.64 39.88 54.03
CA ALA SA 124 21.68 40.59 54.87
C ALA SA 124 20.45 39.75 55.13
N ASN SA 125 20.00 38.99 54.13
CA ASN SA 125 18.80 38.19 54.30
C ASN SA 125 19.06 36.98 55.20
N VAL SA 126 20.25 36.39 55.09
CA VAL SA 126 20.65 35.34 56.02
C VAL SA 126 20.63 35.86 57.46
N LYS SA 127 21.32 36.98 57.70
CA LYS SA 127 21.35 37.55 59.03
C LYS SA 127 19.94 37.88 59.52
N ALA SA 128 19.06 38.31 58.60
CA ALA SA 128 17.71 38.68 58.97
C ALA SA 128 16.88 37.46 59.38
N ALA SA 129 17.01 36.36 58.63
CA ALA SA 129 16.33 35.13 59.03
C ALA SA 129 16.77 34.68 60.42
N LEU SA 130 18.07 34.74 60.67
CA LEU SA 130 18.57 34.35 61.99
C LEU SA 130 18.04 35.26 63.08
N SER SA 131 18.08 36.58 62.86
CA SER SA 131 17.65 37.50 63.90
C SER SA 131 16.15 37.41 64.16
N ALA SA 132 15.35 37.15 63.12
CA ALA SA 132 13.92 36.99 63.32
C ALA SA 132 13.62 35.69 64.06
N ALA SA 133 14.27 34.58 63.67
CA ALA SA 133 14.05 33.31 64.36
C ALA SA 133 14.40 33.43 65.84
N ILE SA 134 15.62 33.92 66.14
CA ILE SA 134 16.04 34.00 67.53
C ILE SA 134 15.26 35.07 68.30
N GLY SA 135 14.85 36.17 67.65
CA GLY SA 135 14.05 37.16 68.34
C GLY SA 135 12.68 36.66 68.71
N VAL SA 136 12.04 35.90 67.83
CA VAL SA 136 10.75 35.30 68.18
C VAL SA 136 10.93 34.25 69.28
N LEU SA 137 12.03 33.47 69.22
CA LEU SA 137 12.26 32.49 70.28
C LEU SA 137 12.43 33.17 71.65
N SER SA 138 13.23 34.23 71.71
CA SER SA 138 13.44 34.89 73.00
C SER SA 138 12.19 35.66 73.45
N GLN SA 139 11.39 36.18 72.51
CA GLN SA 139 10.16 36.86 72.89
C GLN SA 139 9.17 35.86 73.48
N GLN SA 140 9.04 34.70 72.86
CA GLN SA 140 8.06 33.70 73.28
C GLN SA 140 8.69 32.54 74.04
N SER SA 141 9.78 32.79 74.77
CA SER SA 141 10.43 31.69 75.48
C SER SA 141 9.52 31.14 76.58
N ALA SA 142 8.97 32.03 77.41
CA ALA SA 142 8.08 31.59 78.47
C ALA SA 142 6.86 30.88 77.90
N GLY SA 143 6.31 31.41 76.81
CA GLY SA 143 5.12 30.81 76.21
C GLY SA 143 5.40 29.47 75.56
N ILE SA 144 6.59 29.30 74.98
CA ILE SA 144 6.96 28.01 74.41
C ILE SA 144 7.22 26.99 75.50
N GLY SA 145 7.74 27.40 76.65
CA GLY SA 145 7.79 26.50 77.80
C GLY SA 145 6.40 26.09 78.24
N ASP SA 146 5.51 27.07 78.40
CA ASP SA 146 4.11 26.78 78.74
C ASP SA 146 3.50 25.80 77.77
N THR SA 147 3.81 25.93 76.48
CA THR SA 147 3.30 25.01 75.48
C THR SA 147 3.92 23.63 75.62
N ALA SA 148 5.24 23.57 75.83
CA ALA SA 148 5.92 22.29 75.95
C ALA SA 148 5.43 21.49 77.15
N LEU SA 149 4.91 22.17 78.16
CA LEU SA 149 4.37 21.47 79.31
C LEU SA 149 2.86 21.22 79.19
N SER SA 150 2.13 22.15 78.58
CA SER SA 150 0.67 22.09 78.56
C SER SA 150 0.13 21.24 77.42
N GLY SA 151 0.81 21.22 76.29
CA GLY SA 151 0.18 20.81 75.05
C GLY SA 151 -0.71 21.87 74.46
N ILE SA 152 -0.73 23.06 75.04
CA ILE SA 152 -1.60 24.13 74.59
C ILE SA 152 -0.84 25.01 73.62
N LEU SA 153 -1.41 25.20 72.44
CA LEU SA 153 -0.83 26.05 71.43
C LEU SA 153 -1.60 27.39 71.33
N ALA TA 1 -101.14 -44.22 -54.10
CA ALA TA 1 -102.56 -44.54 -54.10
C ALA TA 1 -102.80 -46.05 -54.18
N TYR TA 2 -102.36 -46.79 -53.16
CA TYR TA 2 -102.49 -48.24 -53.10
C TYR TA 2 -103.57 -48.61 -52.09
N SER TA 3 -104.71 -49.15 -52.58
CA SER TA 3 -105.83 -49.55 -51.73
C SER TA 3 -106.58 -50.70 -52.41
N PRO TA 4 -106.36 -51.93 -51.97
CA PRO TA 4 -107.02 -53.07 -52.59
C PRO TA 4 -108.49 -53.19 -52.19
N SER TA 5 -109.22 -54.02 -52.94
CA SER TA 5 -110.64 -54.24 -52.77
C SER TA 5 -110.91 -55.53 -51.99
N THR TA 6 -112.13 -55.64 -51.43
CA THR TA 6 -112.41 -56.74 -50.50
C THR TA 6 -112.30 -58.10 -51.17
N PRO TA 7 -113.06 -58.40 -52.25
CA PRO TA 7 -112.69 -59.57 -53.06
C PRO TA 7 -111.73 -59.19 -54.19
N VAL TA 8 -110.52 -59.76 -54.16
CA VAL TA 8 -109.57 -59.54 -55.23
C VAL TA 8 -109.75 -60.67 -56.23
N THR TA 9 -110.03 -60.30 -57.48
CA THR TA 9 -110.12 -61.28 -58.56
C THR TA 9 -108.72 -61.80 -58.84
N GLY TA 10 -108.42 -63.01 -58.38
CA GLY TA 10 -107.08 -63.55 -58.52
C GLY TA 10 -106.77 -63.92 -59.95
N ALA TA 11 -105.50 -63.74 -60.33
CA ALA TA 11 -105.10 -63.97 -61.70
C ALA TA 11 -105.27 -65.45 -62.06
N ALA TA 12 -105.50 -65.71 -63.34
CA ALA TA 12 -105.82 -67.07 -63.76
C ALA TA 12 -104.68 -68.00 -63.41
N GLN TA 13 -105.04 -69.18 -62.91
CA GLN TA 13 -104.08 -70.24 -62.63
C GLN TA 13 -104.62 -71.55 -63.16
N THR TA 14 -103.73 -72.54 -63.25
CA THR TA 14 -104.00 -73.73 -64.06
C THR TA 14 -105.21 -74.50 -63.55
N GLY TA 15 -105.17 -74.91 -62.28
CA GLY TA 15 -106.28 -75.67 -61.73
C GLY TA 15 -107.40 -74.85 -61.11
N PHE TA 16 -107.37 -73.53 -61.22
CA PHE TA 16 -108.31 -72.68 -60.51
C PHE TA 16 -109.42 -72.21 -61.42
N THR TA 17 -110.66 -72.30 -60.92
CA THR TA 17 -111.83 -71.80 -61.62
C THR TA 17 -112.34 -70.57 -60.89
N SER TA 18 -112.28 -69.42 -61.55
CA SER TA 18 -112.76 -68.15 -61.01
C SER TA 18 -112.29 -67.89 -59.57
N PRO TA 19 -110.97 -67.78 -59.35
CA PRO TA 19 -110.48 -67.63 -57.96
C PRO TA 19 -110.54 -66.19 -57.48
N THR TA 20 -111.01 -66.02 -56.24
CA THR TA 20 -111.05 -64.72 -55.59
C THR TA 20 -110.48 -64.86 -54.18
N TYR TA 21 -109.88 -63.77 -53.68
CA TYR TA 21 -109.28 -63.79 -52.35
C TYR TA 21 -109.83 -62.63 -51.53
N THR TA 22 -110.37 -62.93 -50.35
CA THR TA 22 -110.91 -61.91 -49.46
C THR TA 22 -109.77 -61.37 -48.61
N LEU TA 23 -109.58 -60.06 -48.63
CA LEU TA 23 -108.53 -59.42 -47.86
C LEU TA 23 -109.10 -58.84 -46.58
N THR TA 24 -108.40 -59.05 -45.48
CA THR TA 24 -108.68 -58.39 -44.22
C THR TA 24 -107.52 -57.46 -43.88
N SER TA 25 -107.84 -56.27 -43.38
CA SER TA 25 -106.80 -55.28 -43.15
C SER TA 25 -105.89 -55.72 -42.01
N ASP TA 26 -104.58 -55.52 -42.18
CA ASP TA 26 -103.58 -55.92 -41.20
C ASP TA 26 -102.63 -54.77 -40.97
N THR TA 27 -102.01 -54.75 -39.78
CA THR TA 27 -100.98 -53.77 -39.48
C THR TA 27 -99.66 -54.23 -40.06
N ALA TA 28 -98.96 -53.32 -40.73
CA ALA TA 28 -97.75 -53.62 -41.47
C ALA TA 28 -96.53 -53.65 -40.54
N PRO TA 29 -95.40 -54.24 -41.01
CA PRO TA 29 -94.22 -54.36 -40.12
C PRO TA 29 -93.46 -53.06 -39.95
N THR TA 30 -93.39 -52.26 -41.01
CA THR TA 30 -92.84 -50.91 -40.93
C THR TA 30 -93.97 -49.89 -40.88
N ALA TA 31 -93.60 -48.66 -40.54
CA ALA TA 31 -94.53 -47.55 -40.63
C ALA TA 31 -94.67 -47.02 -42.04
N LEU TA 32 -93.97 -47.60 -43.00
CA LEU TA 32 -94.02 -47.20 -44.39
C LEU TA 32 -94.73 -48.22 -45.26
N GLY TA 33 -95.48 -49.13 -44.64
CA GLY TA 33 -96.12 -50.19 -45.38
C GLY TA 33 -97.61 -50.25 -45.09
N LYS TA 34 -98.35 -50.70 -46.11
CA LYS TA 34 -99.74 -51.08 -45.97
C LYS TA 34 -99.84 -52.58 -46.24
N GLN TA 35 -100.42 -53.33 -45.32
CA GLN TA 35 -100.44 -54.78 -45.42
C GLN TA 35 -101.84 -55.32 -45.22
N HIS TA 36 -102.24 -56.24 -46.09
CA HIS TA 36 -103.48 -56.99 -45.91
C HIS TA 36 -103.13 -58.48 -45.77
N ALA TA 37 -104.02 -59.22 -45.11
CA ALA TA 37 -103.87 -60.67 -44.99
C ALA TA 37 -105.05 -61.35 -45.66
N VAL TA 38 -104.79 -62.49 -46.30
CA VAL TA 38 -105.83 -63.22 -47.03
C VAL TA 38 -106.57 -64.06 -46.00
N THR TA 39 -107.73 -63.57 -45.56
CA THR TA 39 -108.48 -64.25 -44.50
C THR TA 39 -109.32 -65.41 -45.04
N ALA TA 40 -109.71 -65.38 -46.31
CA ALA TA 40 -110.52 -66.46 -46.88
C ALA TA 40 -110.40 -66.46 -48.40
N THR TA 41 -110.69 -67.62 -48.99
CA THR TA 41 -110.63 -67.81 -50.44
C THR TA 41 -111.99 -68.21 -50.98
N GLY TA 42 -112.32 -67.66 -52.15
CA GLY TA 42 -113.50 -68.05 -52.89
C GLY TA 42 -113.09 -68.56 -54.25
N GLY TA 43 -113.96 -69.32 -54.90
CA GLY TA 43 -113.63 -69.98 -56.16
C GLY TA 43 -113.23 -71.43 -55.94
N THR TA 44 -113.03 -72.12 -57.05
CA THR TA 44 -112.67 -73.55 -57.03
C THR TA 44 -111.15 -73.67 -57.09
N GLN TA 45 -110.52 -73.44 -55.94
CA GLN TA 45 -109.09 -73.62 -55.74
C GLN TA 45 -108.95 -74.55 -54.54
N THR TA 46 -108.96 -75.84 -54.79
CA THR TA 46 -109.02 -76.81 -53.72
C THR TA 46 -107.66 -76.97 -53.08
N GLY TA 47 -107.62 -76.99 -51.74
CA GLY TA 47 -106.40 -77.14 -50.99
C GLY TA 47 -105.73 -75.85 -50.59
N VAL TA 48 -106.18 -74.71 -51.09
CA VAL TA 48 -105.54 -73.44 -50.78
C VAL TA 48 -105.79 -73.07 -49.33
N THR TA 49 -104.71 -72.82 -48.59
CA THR TA 49 -104.79 -72.47 -47.17
C THR TA 49 -104.71 -70.96 -46.99
N THR TA 50 -105.53 -70.44 -46.07
CA THR TA 50 -105.58 -69.01 -45.81
C THR TA 50 -104.51 -68.64 -44.78
N HIS TA 51 -104.49 -67.35 -44.42
CA HIS TA 51 -103.47 -66.85 -43.49
C HIS TA 51 -103.64 -67.49 -42.11
N SER TA 52 -102.59 -68.15 -41.65
CA SER TA 52 -102.49 -68.69 -40.31
C SER TA 52 -101.23 -68.17 -39.66
N VAL TA 53 -101.12 -68.37 -38.35
CA VAL TA 53 -99.87 -68.02 -37.68
C VAL TA 53 -98.74 -68.87 -38.21
N SER TA 54 -99.01 -70.16 -38.42
CA SER TA 54 -97.97 -71.08 -38.86
C SER TA 54 -97.61 -70.86 -40.33
N SER TA 55 -98.61 -70.61 -41.17
CA SER TA 55 -98.40 -70.43 -42.61
C SER TA 55 -99.09 -69.16 -43.08
N PRO TA 56 -98.35 -68.07 -43.30
CA PRO TA 56 -98.98 -66.78 -43.58
C PRO TA 56 -99.41 -66.65 -45.03
N PHE TA 57 -100.36 -65.75 -45.25
CA PHE TA 57 -100.79 -65.32 -46.58
C PHE TA 57 -100.96 -63.81 -46.50
N THR TA 58 -99.92 -63.07 -46.87
CA THR TA 58 -99.87 -61.62 -46.65
C THR TA 58 -99.40 -60.87 -47.89
N ILE TA 59 -99.97 -59.69 -48.07
CA ILE TA 59 -99.72 -58.82 -49.20
C ILE TA 59 -99.37 -57.44 -48.65
N THR TA 60 -98.09 -57.07 -48.70
CA THR TA 60 -97.62 -55.83 -48.10
C THR TA 60 -96.94 -54.95 -49.16
N PHE TA 61 -97.21 -53.64 -49.10
CA PHE TA 61 -96.67 -52.69 -50.07
C PHE TA 61 -96.04 -51.53 -49.31
N THR TA 62 -94.79 -51.22 -49.64
CA THR TA 62 -93.96 -50.31 -48.86
C THR TA 62 -93.33 -49.25 -49.74
N ARG TA 63 -93.22 -48.04 -49.20
CA ARG TA 63 -92.53 -46.93 -49.82
C ARG TA 63 -91.16 -46.76 -49.18
N PRO TA 64 -90.23 -46.04 -49.82
CA PRO TA 64 -88.90 -45.88 -49.23
C PRO TA 64 -88.91 -44.94 -48.03
N LYS TA 65 -87.94 -45.15 -47.13
CA LYS TA 65 -87.85 -44.33 -45.92
C LYS TA 65 -87.65 -42.87 -46.26
N THR TA 66 -86.72 -42.58 -47.18
CA THR TA 66 -86.38 -41.23 -47.57
C THR TA 66 -86.46 -41.10 -49.08
N MET TA 67 -87.20 -40.11 -49.56
CA MET TA 67 -87.28 -39.83 -50.98
C MET TA 67 -85.99 -39.17 -51.47
N LYS TA 68 -85.67 -39.41 -52.73
CA LYS TA 68 -84.43 -38.91 -53.31
C LYS TA 68 -84.77 -37.86 -54.37
N THR TA 69 -84.21 -36.67 -54.20
CA THR TA 69 -84.31 -35.64 -55.23
C THR TA 69 -83.09 -35.72 -56.14
N VAL TA 70 -83.25 -35.18 -57.34
CA VAL TA 70 -82.23 -35.36 -58.37
C VAL TA 70 -81.20 -34.24 -58.32
N GLY TA 83 -79.35 -41.86 -58.35
CA GLY TA 83 -80.19 -42.26 -57.24
C GLY TA 83 -81.51 -42.87 -57.67
N ARG TA 84 -82.14 -43.65 -56.79
CA ARG TA 84 -83.39 -44.33 -57.14
C ARG TA 84 -84.32 -44.44 -55.93
N ASN TA 85 -85.61 -44.24 -56.15
CA ASN TA 85 -86.64 -44.53 -55.15
C ASN TA 85 -87.26 -45.88 -55.53
N THR TA 86 -87.15 -46.87 -54.65
CA THR TA 86 -87.69 -48.21 -54.91
C THR TA 86 -88.89 -48.47 -54.00
N TYR TA 87 -90.01 -48.84 -54.62
CA TYR TA 87 -91.21 -49.25 -53.92
C TYR TA 87 -91.33 -50.76 -53.95
N GLY TA 88 -91.80 -51.35 -52.85
CA GLY TA 88 -91.79 -52.80 -52.71
C GLY TA 88 -93.13 -53.47 -52.45
N PHE TA 89 -93.46 -54.47 -53.24
CA PHE TA 89 -94.73 -55.19 -53.13
C PHE TA 89 -94.41 -56.66 -52.90
N LEU TA 90 -94.82 -57.21 -51.76
CA LEU TA 90 -94.37 -58.54 -51.38
C LEU TA 90 -95.50 -59.39 -50.83
N VAL TA 91 -95.57 -60.62 -51.34
CA VAL TA 91 -96.58 -61.61 -50.96
C VAL TA 91 -95.85 -62.78 -50.31
N ARG TA 92 -96.29 -63.16 -49.12
CA ARG TA 92 -95.78 -64.32 -48.40
C ARG TA 92 -96.86 -65.37 -48.28
N LYS TA 93 -96.54 -66.62 -48.63
CA LYS TA 93 -97.52 -67.68 -48.61
C LYS TA 93 -96.98 -68.92 -47.92
N GLY TA 94 -97.76 -69.46 -46.98
CA GLY TA 94 -97.40 -70.69 -46.32
C GLY TA 94 -97.54 -71.88 -47.27
N VAL TA 95 -96.44 -72.59 -47.54
CA VAL TA 95 -96.39 -73.71 -48.48
C VAL TA 95 -95.68 -74.86 -47.79
N ILE TA 96 -96.21 -76.06 -47.91
CA ILE TA 96 -95.70 -77.19 -47.14
C ILE TA 96 -94.82 -78.07 -48.03
N PRO TA 97 -93.53 -78.23 -47.71
CA PRO TA 97 -92.65 -78.94 -48.65
C PRO TA 97 -92.76 -80.45 -48.61
N ALA TA 98 -92.94 -81.07 -47.46
CA ALA TA 98 -93.00 -82.53 -47.45
C ALA TA 98 -94.22 -83.04 -46.71
N VAL TA 99 -94.27 -84.37 -46.61
CA VAL TA 99 -95.48 -85.04 -46.17
C VAL TA 99 -95.82 -84.66 -44.73
N ASN TA 100 -94.81 -84.40 -43.90
CA ASN TA 100 -95.09 -84.03 -42.53
C ASN TA 100 -94.31 -82.81 -42.06
N GLN TA 101 -93.75 -82.04 -42.99
CA GLN TA 101 -92.84 -80.97 -42.58
C GLN TA 101 -93.57 -79.70 -42.19
N SER TA 102 -92.84 -78.83 -41.51
CA SER TA 102 -93.33 -77.52 -41.15
C SER TA 102 -93.49 -76.66 -42.40
N PRO TA 103 -94.44 -75.73 -42.40
CA PRO TA 103 -94.64 -74.88 -43.57
C PRO TA 103 -93.46 -73.94 -43.79
N GLN TA 104 -93.00 -73.88 -45.03
CA GLN TA 104 -92.04 -72.93 -45.57
C GLN TA 104 -92.78 -71.75 -46.18
N VAL TA 105 -92.07 -70.64 -46.35
CA VAL TA 105 -92.69 -69.40 -46.84
C VAL TA 105 -92.29 -69.22 -48.30
N MET TA 106 -93.19 -69.57 -49.21
CA MET TA 106 -93.03 -69.12 -50.58
C MET TA 106 -93.13 -67.61 -50.60
N LEU TA 107 -92.41 -66.99 -51.55
CA LEU TA 107 -92.24 -65.55 -51.49
C LEU TA 107 -92.27 -64.98 -52.90
N VAL TA 108 -93.19 -64.06 -53.16
CA VAL TA 108 -93.28 -63.38 -54.45
C VAL TA 108 -93.06 -61.91 -54.17
N ARG TA 109 -91.93 -61.35 -54.62
CA ARG TA 109 -91.61 -59.97 -54.30
C ARG TA 109 -91.31 -59.17 -55.56
N VAL TA 110 -91.86 -57.96 -55.60
CA VAL TA 110 -91.73 -57.03 -56.71
C VAL TA 110 -91.05 -55.77 -56.19
N GLU TA 111 -90.11 -55.26 -56.97
CA GLU TA 111 -89.42 -54.02 -56.67
C GLU TA 111 -89.54 -53.10 -57.87
N ILE TA 112 -89.99 -51.88 -57.62
CA ILE TA 112 -90.18 -50.86 -58.64
C ILE TA 112 -89.19 -49.74 -58.34
N SER TA 113 -88.11 -49.68 -59.11
CA SER TA 113 -87.06 -48.68 -58.92
C SER TA 113 -87.25 -47.57 -59.94
N VAL TA 114 -87.70 -46.42 -59.47
CA VAL TA 114 -87.91 -45.22 -60.27
C VAL TA 114 -86.70 -44.31 -60.09
N PRO TA 115 -86.01 -43.93 -61.15
CA PRO TA 115 -84.94 -42.92 -61.03
C PRO TA 115 -85.46 -41.60 -60.49
N ALA TA 116 -84.53 -40.72 -60.13
CA ALA TA 116 -84.88 -39.55 -59.33
C ALA TA 116 -85.75 -38.58 -60.11
N GLY TA 117 -85.25 -38.05 -61.22
CA GLY TA 117 -86.01 -37.06 -61.96
C GLY TA 117 -87.13 -37.63 -62.80
N ALA TA 118 -87.18 -38.96 -62.89
CA ALA TA 118 -88.17 -39.66 -63.70
C ALA TA 118 -89.58 -39.29 -63.30
N ASP TA 119 -89.91 -39.46 -62.02
CA ASP TA 119 -91.28 -39.32 -61.51
C ASP TA 119 -91.95 -38.03 -61.98
N THR TA 120 -91.16 -36.98 -62.18
CA THR TA 120 -91.67 -35.69 -62.59
C THR TA 120 -91.49 -35.45 -64.09
N TYR TA 121 -90.25 -35.56 -64.59
CA TYR TA 121 -90.00 -35.14 -65.95
C TYR TA 121 -90.61 -36.11 -66.97
N ASP TA 122 -90.52 -37.41 -66.73
CA ASP TA 122 -91.00 -38.41 -67.70
C ASP TA 122 -91.89 -39.40 -66.94
N ALA TA 123 -93.15 -39.02 -66.75
CA ALA TA 123 -94.06 -39.87 -66.01
C ALA TA 123 -94.73 -40.91 -66.91
N ALA TA 124 -94.87 -40.59 -68.19
CA ALA TA 124 -95.52 -41.51 -69.11
C ALA TA 124 -94.72 -42.80 -69.25
N ASN TA 125 -93.39 -42.70 -69.33
CA ASN TA 125 -92.58 -43.90 -69.48
C ASN TA 125 -92.57 -44.73 -68.21
N VAL TA 126 -92.60 -44.07 -67.04
CA VAL TA 126 -92.76 -44.80 -65.78
C VAL TA 126 -94.05 -45.62 -65.79
N LYS TA 127 -95.16 -44.95 -66.05
CA LYS TA 127 -96.45 -45.63 -66.09
C LYS TA 127 -96.47 -46.73 -67.13
N ALA TA 128 -95.74 -46.54 -68.24
CA ALA TA 128 -95.74 -47.54 -69.31
C ALA TA 128 -94.94 -48.77 -68.90
N ALA TA 129 -93.81 -48.58 -68.22
CA ALA TA 129 -93.08 -49.72 -67.67
C ALA TA 129 -93.97 -50.53 -66.75
N LEU TA 130 -94.67 -49.84 -65.84
CA LEU TA 130 -95.56 -50.56 -64.92
C LEU TA 130 -96.69 -51.26 -65.65
N SER TA 131 -97.25 -50.61 -66.68
CA SER TA 131 -98.34 -51.19 -67.45
C SER TA 131 -97.90 -52.44 -68.19
N ALA TA 132 -96.77 -52.36 -68.90
CA ALA TA 132 -96.25 -53.53 -69.61
C ALA TA 132 -95.96 -54.67 -68.65
N ALA TA 133 -95.27 -54.36 -67.53
CA ALA TA 133 -94.90 -55.40 -66.59
C ALA TA 133 -96.13 -56.12 -66.05
N ILE TA 134 -97.09 -55.36 -65.50
CA ILE TA 134 -98.25 -56.00 -64.91
C ILE TA 134 -99.12 -56.65 -65.98
N GLY TA 135 -99.14 -56.11 -67.20
CA GLY TA 135 -99.95 -56.72 -68.24
C GLY TA 135 -99.41 -58.06 -68.69
N VAL TA 136 -98.09 -58.16 -68.85
CA VAL TA 136 -97.49 -59.45 -69.18
C VAL TA 136 -97.67 -60.43 -68.03
N LEU TA 137 -97.56 -59.95 -66.77
CA LEU TA 137 -97.76 -60.82 -65.63
C LEU TA 137 -99.18 -61.40 -65.62
N SER TA 138 -100.18 -60.56 -65.84
CA SER TA 138 -101.56 -61.06 -65.82
C SER TA 138 -101.86 -61.92 -67.04
N GLN TA 139 -101.22 -61.63 -68.18
CA GLN TA 139 -101.44 -62.46 -69.37
C GLN TA 139 -100.87 -63.86 -69.17
N GLN TA 140 -99.67 -63.96 -68.63
CA GLN TA 140 -98.98 -65.23 -68.48
C GLN TA 140 -99.10 -65.79 -67.06
N SER TA 141 -100.11 -65.38 -66.29
CA SER TA 141 -100.20 -65.81 -64.90
C SER TA 141 -100.26 -67.34 -64.81
N ALA TA 142 -101.16 -67.94 -65.60
CA ALA TA 142 -101.30 -69.38 -65.61
C ALA TA 142 -100.00 -70.06 -66.01
N GLY TA 143 -99.37 -69.55 -67.07
CA GLY TA 143 -98.14 -70.16 -67.56
C GLY TA 143 -96.97 -70.00 -66.60
N ILE TA 144 -96.94 -68.89 -65.85
CA ILE TA 144 -95.89 -68.68 -64.85
C ILE TA 144 -96.08 -69.61 -63.68
N GLY TA 145 -97.33 -69.91 -63.30
CA GLY TA 145 -97.54 -70.97 -62.33
C GLY TA 145 -97.10 -72.33 -62.86
N ASP TA 146 -97.49 -72.65 -64.10
CA ASP TA 146 -97.01 -73.86 -64.74
C ASP TA 146 -95.50 -73.96 -64.70
N THR TA 147 -94.81 -72.83 -64.90
CA THR TA 147 -93.36 -72.81 -64.85
C THR TA 147 -92.85 -72.98 -63.43
N ALA TA 148 -93.50 -72.34 -62.46
CA ALA TA 148 -93.08 -72.45 -61.06
C ALA TA 148 -93.18 -73.88 -60.56
N LEU TA 149 -94.04 -74.69 -61.18
CA LEU TA 149 -94.13 -76.11 -60.85
C LEU TA 149 -93.28 -77.01 -61.75
N SER TA 150 -93.10 -76.64 -63.03
CA SER TA 150 -92.39 -77.48 -63.99
C SER TA 150 -90.89 -77.32 -63.90
N GLY TA 151 -90.43 -76.10 -63.67
CA GLY TA 151 -89.03 -75.77 -63.84
C GLY TA 151 -88.65 -75.38 -65.24
N ILE TA 152 -89.62 -75.18 -66.13
CA ILE TA 152 -89.37 -75.01 -67.55
C ILE TA 152 -90.03 -73.74 -68.05
N LEU TA 153 -89.29 -72.97 -68.84
CA LEU TA 153 -89.80 -71.77 -69.50
C LEU TA 153 -90.41 -72.11 -70.86
N ALA UA 1 -103.25 -32.22 -31.06
CA ALA UA 1 -104.47 -32.00 -31.84
C ALA UA 1 -104.17 -31.27 -33.15
N TYR UA 2 -103.40 -31.91 -34.03
CA TYR UA 2 -102.99 -31.32 -35.31
C TYR UA 2 -103.75 -32.02 -36.44
N SER UA 3 -104.64 -31.28 -37.12
CA SER UA 3 -105.43 -31.82 -38.23
C SER UA 3 -105.77 -30.70 -39.21
N PRO UA 4 -105.01 -30.57 -40.31
CA PRO UA 4 -105.27 -29.49 -41.26
C PRO UA 4 -106.52 -29.73 -42.09
N SER UA 5 -106.96 -28.67 -42.78
CA SER UA 5 -108.18 -28.65 -43.57
C SER UA 5 -107.89 -28.81 -45.06
N THR UA 6 -108.93 -29.12 -45.83
CA THR UA 6 -108.71 -29.48 -47.24
C THR UA 6 -108.17 -28.30 -48.04
N PRO UA 7 -108.85 -27.15 -48.12
CA PRO UA 7 -108.16 -25.96 -48.60
C PRO UA 7 -107.55 -25.18 -47.44
N VAL UA 8 -106.22 -25.08 -47.42
CA VAL UA 8 -105.54 -24.23 -46.45
C VAL UA 8 -105.38 -22.87 -47.11
N THR UA 9 -105.86 -21.84 -46.43
CA THR UA 9 -105.71 -20.49 -46.94
C THR UA 9 -104.30 -20.02 -46.64
N GLY UA 10 -103.48 -19.93 -47.68
CA GLY UA 10 -102.08 -19.65 -47.49
C GLY UA 10 -101.86 -18.22 -47.03
N ALA UA 11 -100.83 -18.05 -46.20
CA ALA UA 11 -100.48 -16.72 -45.71
C ALA UA 11 -100.11 -15.82 -46.87
N ALA UA 12 -100.38 -14.52 -46.70
CA ALA UA 12 -100.23 -13.58 -47.78
C ALA UA 12 -98.79 -13.55 -48.27
N GLN UA 13 -98.62 -13.50 -49.58
CA GLN UA 13 -97.31 -13.36 -50.21
C GLN UA 13 -97.40 -12.29 -51.28
N THR UA 14 -96.23 -11.83 -51.73
CA THR UA 14 -96.14 -10.58 -52.48
C THR UA 14 -96.92 -10.66 -53.78
N GLY UA 15 -96.57 -11.60 -54.65
CA GLY UA 15 -97.27 -11.70 -55.92
C GLY UA 15 -98.54 -12.53 -55.92
N PHE UA 16 -98.96 -13.05 -54.79
CA PHE UA 16 -100.08 -14.01 -54.74
C PHE UA 16 -101.37 -13.28 -54.39
N THR UA 17 -102.42 -13.60 -55.14
CA THR UA 17 -103.75 -13.08 -54.87
C THR UA 17 -104.61 -14.23 -54.34
N SER UA 18 -104.95 -14.17 -53.05
CA SER UA 18 -105.85 -15.12 -52.39
C SER UA 18 -105.42 -16.57 -52.57
N PRO UA 19 -104.23 -16.94 -52.12
CA PRO UA 19 -103.73 -18.28 -52.42
C PRO UA 19 -104.25 -19.32 -51.45
N THR UA 20 -104.60 -20.47 -51.99
CA THR UA 20 -105.05 -21.62 -51.21
C THR UA 20 -104.31 -22.85 -51.70
N TYR UA 21 -104.12 -23.81 -50.79
CA TYR UA 21 -103.40 -25.04 -51.09
C TYR UA 21 -104.24 -26.22 -50.66
N THR UA 22 -104.51 -27.13 -51.60
CA THR UA 22 -105.28 -28.33 -51.32
C THR UA 22 -104.35 -29.41 -50.77
N LEU UA 23 -104.71 -29.97 -49.63
CA LEU UA 23 -103.91 -31.01 -48.98
C LEU UA 23 -104.52 -32.37 -49.23
N THR UA 24 -103.68 -33.32 -49.62
CA THR UA 24 -104.04 -34.73 -49.70
C THR UA 24 -103.26 -35.48 -48.62
N SER UA 25 -103.89 -36.46 -48.00
CA SER UA 25 -103.26 -37.14 -46.87
C SER UA 25 -102.14 -38.07 -47.35
N ASP UA 26 -101.02 -38.05 -46.63
CA ASP UA 26 -99.84 -38.82 -46.98
C ASP UA 26 -99.35 -39.59 -45.76
N THR UA 27 -98.65 -40.68 -46.03
CA THR UA 27 -98.00 -41.45 -44.97
C THR UA 27 -96.67 -40.80 -44.60
N ALA UA 28 -96.45 -40.61 -43.29
CA ALA UA 28 -95.32 -39.88 -42.77
C ALA UA 28 -94.09 -40.76 -42.65
N PRO UA 29 -92.88 -40.18 -42.63
CA PRO UA 29 -91.68 -41.01 -42.64
C PRO UA 29 -91.46 -41.77 -41.33
N THR UA 30 -91.62 -41.09 -40.20
CA THR UA 30 -91.62 -41.79 -38.93
C THR UA 30 -93.02 -42.26 -38.60
N ALA UA 31 -93.11 -43.15 -37.61
CA ALA UA 31 -94.41 -43.47 -37.05
C ALA UA 31 -94.93 -42.36 -36.14
N LEU UA 32 -94.12 -41.33 -35.87
CA LEU UA 32 -94.47 -40.26 -34.96
C LEU UA 32 -94.85 -38.98 -35.69
N GLY UA 33 -95.16 -39.08 -36.96
CA GLY UA 33 -95.48 -37.90 -37.75
C GLY UA 33 -96.82 -38.05 -38.44
N LYS UA 34 -97.47 -36.90 -38.65
CA LYS UA 34 -98.59 -36.77 -39.55
C LYS UA 34 -98.12 -35.90 -40.72
N GLN UA 35 -98.34 -36.37 -41.95
CA GLN UA 35 -97.83 -35.66 -43.12
C GLN UA 35 -98.92 -35.50 -44.15
N HIS UA 36 -99.02 -34.30 -44.72
CA HIS UA 36 -99.88 -34.04 -45.85
C HIS UA 36 -99.04 -33.54 -47.03
N ALA UA 37 -99.51 -33.81 -48.25
CA ALA UA 37 -98.85 -33.33 -49.45
C ALA UA 37 -99.77 -32.33 -50.16
N VAL UA 38 -99.18 -31.29 -50.73
CA VAL UA 38 -99.95 -30.27 -51.45
C VAL UA 38 -100.17 -30.81 -52.86
N THR UA 39 -101.35 -31.40 -53.08
CA THR UA 39 -101.66 -32.03 -54.35
C THR UA 39 -102.05 -31.02 -55.42
N ALA UA 40 -102.63 -29.87 -55.03
CA ALA UA 40 -103.07 -28.88 -56.01
C ALA UA 40 -103.11 -27.50 -55.38
N THR UA 41 -103.01 -26.47 -56.22
CA THR UA 41 -102.98 -25.09 -55.77
C THR UA 41 -104.14 -24.31 -56.36
N GLY UA 42 -104.75 -23.45 -55.54
CA GLY UA 42 -105.72 -22.49 -55.99
C GLY UA 42 -105.26 -21.08 -55.66
N GLY UA 43 -105.91 -20.11 -56.29
CA GLY UA 43 -105.52 -18.71 -56.19
C GLY UA 43 -104.66 -18.30 -57.36
N THR UA 44 -104.42 -16.99 -57.44
CA THR UA 44 -103.63 -16.39 -58.53
C THR UA 44 -102.14 -16.31 -58.15
N GLN UA 45 -101.59 -17.50 -57.97
CA GLN UA 45 -100.16 -17.74 -57.84
C GLN UA 45 -99.70 -18.48 -59.09
N THR UA 46 -98.86 -17.84 -59.88
CA THR UA 46 -98.50 -18.38 -61.18
C THR UA 46 -97.07 -18.90 -61.13
N GLY UA 47 -96.92 -20.15 -61.54
CA GLY UA 47 -95.64 -20.82 -61.54
C GLY UA 47 -95.44 -21.77 -60.38
N VAL UA 48 -96.40 -21.84 -59.45
CA VAL UA 48 -96.27 -22.68 -58.27
C VAL UA 48 -96.50 -24.14 -58.66
N THR UA 49 -95.54 -24.99 -58.33
CA THR UA 49 -95.61 -26.41 -58.67
C THR UA 49 -96.10 -27.22 -57.46
N THR UA 50 -96.90 -28.24 -57.74
CA THR UA 50 -97.48 -29.08 -56.70
C THR UA 50 -96.52 -30.23 -56.36
N HIS UA 51 -96.99 -31.17 -55.54
CA HIS UA 51 -96.11 -32.18 -54.97
C HIS UA 51 -95.78 -33.27 -55.97
N SER UA 52 -94.50 -33.44 -56.24
CA SER UA 52 -93.95 -34.58 -56.95
C SER UA 52 -92.98 -35.29 -56.01
N VAL UA 53 -92.40 -36.40 -56.46
CA VAL UA 53 -91.40 -37.04 -55.61
C VAL UA 53 -90.07 -36.31 -55.70
N SER UA 54 -89.68 -35.88 -56.90
CA SER UA 54 -88.44 -35.15 -57.04
C SER UA 54 -88.59 -33.67 -56.72
N SER UA 55 -89.82 -33.14 -56.82
CA SER UA 55 -90.14 -31.76 -56.46
C SER UA 55 -91.26 -31.78 -55.43
N PRO UA 56 -90.95 -32.03 -54.16
CA PRO UA 56 -92.00 -32.27 -53.17
C PRO UA 56 -92.67 -30.99 -52.72
N PHE UA 57 -93.86 -31.18 -52.13
CA PHE UA 57 -94.58 -30.14 -51.40
C PHE UA 57 -95.22 -30.88 -50.22
N THR UA 58 -94.50 -30.93 -49.10
CA THR UA 58 -94.90 -31.76 -47.97
C THR UA 58 -94.89 -30.97 -46.67
N ILE UA 59 -95.90 -31.24 -45.85
CA ILE UA 59 -96.11 -30.57 -44.56
C ILE UA 59 -96.23 -31.68 -43.52
N THR UA 60 -95.16 -31.90 -42.76
CA THR UA 60 -95.11 -32.99 -41.81
C THR UA 60 -94.89 -32.46 -40.39
N PHE UA 61 -95.58 -33.06 -39.41
CA PHE UA 61 -95.56 -32.60 -38.02
C PHE UA 61 -95.34 -33.81 -37.12
N THR UA 62 -94.34 -33.73 -36.27
CA THR UA 62 -93.83 -34.87 -35.52
C THR UA 62 -93.75 -34.55 -34.04
N ARG UA 63 -94.03 -35.57 -33.21
CA ARG UA 63 -93.86 -35.54 -31.77
C ARG UA 63 -92.58 -36.28 -31.39
N PRO UA 64 -92.05 -36.05 -30.19
CA PRO UA 64 -90.82 -36.73 -29.79
C PRO UA 64 -91.06 -38.21 -29.52
N LYS UA 65 -89.97 -38.99 -29.63
CA LYS UA 65 -90.05 -40.43 -29.42
C LYS UA 65 -90.42 -40.76 -27.99
N THR UA 66 -89.79 -40.08 -27.03
CA THR UA 66 -90.01 -40.34 -25.62
C THR UA 66 -90.28 -39.03 -24.89
N MET UA 67 -91.39 -38.98 -24.16
CA MET UA 67 -91.72 -37.80 -23.38
C MET UA 67 -90.79 -37.69 -22.18
N LYS UA 68 -90.65 -36.46 -21.67
CA LYS UA 68 -89.81 -36.19 -20.51
C LYS UA 68 -90.64 -35.51 -19.43
N THR UA 69 -90.52 -36.02 -18.19
CA THR UA 69 -91.22 -35.49 -17.04
C THR UA 69 -90.32 -34.52 -16.29
N VAL UA 70 -90.95 -33.65 -15.48
CA VAL UA 70 -90.25 -32.53 -14.87
C VAL UA 70 -89.17 -32.99 -13.89
N GLY UA 71 -89.39 -34.10 -13.22
CA GLY UA 71 -88.45 -34.52 -12.21
C GLY UA 71 -88.78 -33.94 -10.85
N VAL UA 72 -87.82 -34.09 -9.96
CA VAL UA 72 -88.07 -33.88 -8.54
C VAL UA 72 -86.98 -32.99 -7.93
N PRO UA 73 -87.33 -32.03 -7.08
CA PRO UA 73 -86.31 -31.12 -6.52
C PRO UA 73 -85.35 -31.83 -5.57
N ASN UA 74 -84.10 -31.37 -5.60
CA ASN UA 74 -83.03 -31.94 -4.81
C ASN UA 74 -82.98 -31.27 -3.43
N SER UA 75 -81.92 -31.55 -2.68
CA SER UA 75 -81.81 -31.11 -1.29
C SER UA 75 -81.94 -29.60 -1.13
N ASN UA 76 -81.58 -28.83 -2.16
CA ASN UA 76 -81.67 -27.38 -2.10
C ASN UA 76 -82.99 -26.85 -2.63
N GLY UA 77 -83.96 -27.73 -2.91
CA GLY UA 77 -85.21 -27.31 -3.49
C GLY UA 77 -85.14 -26.96 -4.96
N VAL UA 78 -84.07 -27.36 -5.66
CA VAL UA 78 -83.85 -27.02 -7.06
C VAL UA 78 -83.94 -28.28 -7.90
N ILE UA 79 -84.66 -28.20 -9.02
CA ILE UA 79 -84.78 -29.32 -9.95
C ILE UA 79 -83.56 -29.33 -10.84
N THR UA 80 -82.79 -30.43 -10.77
CA THR UA 80 -81.41 -30.41 -11.29
C THR UA 80 -81.39 -30.25 -12.80
N ASN UA 81 -82.22 -31.00 -13.51
CA ASN UA 81 -82.14 -31.06 -14.97
C ASN UA 81 -83.54 -31.03 -15.54
N ILE UA 82 -83.85 -29.98 -16.28
CA ILE UA 82 -85.12 -29.83 -16.96
C ILE UA 82 -84.88 -30.19 -18.42
N GLY UA 83 -85.23 -31.41 -18.80
CA GLY UA 83 -85.27 -31.76 -20.20
C GLY UA 83 -86.37 -31.01 -20.92
N ARG UA 84 -86.39 -31.14 -22.25
CA ARG UA 84 -87.40 -30.43 -23.05
C ARG UA 84 -87.91 -31.31 -24.18
N ASN UA 85 -89.23 -31.39 -24.33
CA ASN UA 85 -89.83 -32.11 -25.46
C ASN UA 85 -89.99 -31.13 -26.61
N THR UA 86 -89.41 -31.46 -27.77
CA THR UA 86 -89.50 -30.61 -28.97
C THR UA 86 -90.40 -31.28 -30.01
N TYR UA 87 -91.38 -30.52 -30.49
CA TYR UA 87 -92.25 -30.94 -31.57
C TYR UA 87 -91.82 -30.25 -32.86
N GLY UA 88 -91.88 -30.97 -33.97
CA GLY UA 88 -91.31 -30.48 -35.22
C GLY UA 88 -92.29 -30.34 -36.38
N PHE UA 89 -92.31 -29.17 -37.00
CA PHE UA 89 -93.20 -28.88 -38.12
C PHE UA 89 -92.35 -28.48 -39.32
N LEU UA 90 -92.40 -29.27 -40.39
CA LEU UA 90 -91.46 -29.09 -41.47
C LEU UA 90 -92.15 -29.14 -42.83
N VAL UA 91 -91.83 -28.16 -43.68
CA VAL UA 91 -92.34 -28.04 -45.02
C VAL UA 91 -91.19 -28.17 -45.99
N ARG UA 92 -91.33 -29.07 -46.95
CA ARG UA 92 -90.35 -29.27 -48.02
C ARG UA 92 -90.98 -28.86 -49.34
N LYS UA 93 -90.26 -28.05 -50.12
CA LYS UA 93 -90.79 -27.54 -51.37
C LYS UA 93 -89.75 -27.66 -52.47
N GLY UA 94 -90.15 -28.26 -53.59
CA GLY UA 94 -89.29 -28.33 -54.75
C GLY UA 94 -89.08 -26.95 -55.37
N VAL UA 95 -87.83 -26.50 -55.46
CA VAL UA 95 -87.48 -25.19 -56.01
C VAL UA 95 -86.37 -25.38 -57.02
N ILE UA 96 -86.44 -24.65 -58.14
CA ILE UA 96 -85.51 -24.87 -59.25
C ILE UA 96 -84.44 -23.79 -59.22
N PRO UA 97 -83.16 -24.13 -59.03
CA PRO UA 97 -82.16 -23.08 -58.87
C PRO UA 97 -81.65 -22.47 -60.17
N ALA UA 98 -81.43 -23.27 -61.21
CA ALA UA 98 -80.79 -22.76 -62.41
C ALA UA 98 -81.73 -22.89 -63.61
N VAL UA 99 -81.19 -22.55 -64.79
CA VAL UA 99 -82.02 -22.50 -65.98
C VAL UA 99 -82.43 -23.90 -66.40
N ASN UA 100 -81.52 -24.84 -66.32
CA ASN UA 100 -81.82 -26.22 -66.67
C ASN UA 100 -81.58 -27.18 -65.53
N GLN UA 101 -81.06 -26.70 -64.41
CA GLN UA 101 -80.75 -27.62 -63.32
C GLN UA 101 -82.02 -28.18 -62.70
N SER UA 102 -81.82 -29.25 -61.95
CA SER UA 102 -82.89 -30.07 -61.40
C SER UA 102 -83.37 -29.50 -60.07
N PRO UA 103 -84.58 -29.85 -59.64
CA PRO UA 103 -85.13 -29.23 -58.43
C PRO UA 103 -84.36 -29.60 -57.17
N GLN UA 104 -84.00 -28.58 -56.40
CA GLN UA 104 -83.51 -28.63 -55.04
C GLN UA 104 -84.68 -28.46 -54.07
N VAL UA 105 -84.43 -28.68 -52.78
CA VAL UA 105 -85.50 -28.71 -51.78
C VAL UA 105 -85.34 -27.50 -50.86
N MET UA 106 -86.12 -26.45 -51.10
CA MET UA 106 -86.26 -25.43 -50.08
C MET UA 106 -86.94 -26.04 -48.85
N LEU UA 107 -86.58 -25.52 -47.69
CA LEU UA 107 -86.96 -26.18 -46.45
C LEU UA 107 -87.36 -25.13 -45.42
N VAL UA 108 -88.56 -25.24 -44.87
CA VAL UA 108 -89.04 -24.34 -43.81
C VAL UA 108 -89.37 -25.21 -42.61
N ARG UA 109 -88.57 -25.12 -41.56
CA ARG UA 109 -88.76 -26.00 -40.41
C ARG UA 109 -88.91 -25.20 -39.11
N VAL UA 110 -89.85 -25.64 -38.29
CA VAL UA 110 -90.19 -25.04 -37.01
C VAL UA 110 -89.97 -26.08 -35.94
N GLU UA 111 -89.36 -25.67 -34.83
CA GLU UA 111 -89.14 -26.53 -33.69
C GLU UA 111 -89.71 -25.83 -32.46
N ILE UA 112 -90.53 -26.55 -31.71
CA ILE UA 112 -91.20 -26.05 -30.53
C ILE UA 112 -90.65 -26.84 -29.35
N SER UA 113 -89.74 -26.26 -28.58
CA SER UA 113 -89.14 -26.90 -27.42
C SER UA 113 -89.89 -26.43 -26.17
N VAL UA 114 -90.67 -27.34 -25.59
CA VAL UA 114 -91.42 -27.10 -24.36
C VAL UA 114 -90.65 -27.74 -23.20
N PRO UA 115 -90.22 -26.97 -22.21
CA PRO UA 115 -89.58 -27.56 -21.03
C PRO UA 115 -90.50 -28.54 -20.33
N ALA UA 116 -89.91 -29.30 -19.41
CA ALA UA 116 -90.59 -30.48 -18.88
C ALA UA 116 -91.83 -30.10 -18.08
N GLY UA 117 -91.64 -29.34 -17.00
CA GLY UA 117 -92.75 -29.02 -16.13
C GLY UA 117 -93.68 -27.98 -16.66
N ALA UA 118 -93.27 -27.33 -17.76
CA ALA UA 118 -94.03 -26.25 -18.39
C ALA UA 118 -95.42 -26.70 -18.76
N ASP UA 119 -95.52 -27.80 -19.53
CA ASP UA 119 -96.77 -28.21 -20.16
C ASP UA 119 -97.90 -28.36 -19.17
N THR UA 120 -97.57 -28.64 -17.91
CA THR UA 120 -98.57 -28.79 -16.86
C THR UA 120 -98.66 -27.57 -15.96
N TYR UA 121 -97.52 -27.09 -15.43
CA TYR UA 121 -97.58 -26.04 -14.42
C TYR UA 121 -97.92 -24.69 -15.03
N ASP UA 122 -97.32 -24.34 -16.18
CA ASP UA 122 -97.49 -23.02 -16.79
C ASP UA 122 -97.88 -23.23 -18.26
N ALA UA 123 -99.16 -23.48 -18.50
CA ALA UA 123 -99.60 -23.74 -19.86
C ALA UA 123 -99.91 -22.45 -20.60
N ALA UA 124 -100.33 -21.42 -19.86
CA ALA UA 124 -100.69 -20.16 -20.49
C ALA UA 124 -99.50 -19.53 -21.20
N ASN UA 125 -98.32 -19.59 -20.58
CA ASN UA 125 -97.15 -19.00 -21.21
C ASN UA 125 -96.70 -19.80 -22.43
N VAL UA 126 -96.83 -21.13 -22.37
CA VAL UA 126 -96.56 -21.96 -23.55
C VAL UA 126 -97.45 -21.53 -24.71
N LYS UA 127 -98.77 -21.52 -24.46
CA LYS UA 127 -99.71 -21.13 -25.50
C LYS UA 127 -99.42 -19.72 -26.00
N ALA UA 128 -98.98 -18.82 -25.10
CA ALA UA 128 -98.71 -17.45 -25.48
C ALA UA 128 -97.50 -17.34 -26.39
N ALA UA 129 -96.44 -18.09 -26.08
CA ALA UA 129 -95.29 -18.11 -26.97
C ALA UA 129 -95.68 -18.59 -28.35
N LEU UA 130 -96.49 -19.67 -28.40
CA LEU UA 130 -96.92 -20.19 -29.70
C LEU UA 130 -97.76 -19.18 -30.48
N SER UA 131 -98.70 -18.51 -29.79
CA SER UA 131 -99.58 -17.58 -30.48
C SER UA 131 -98.83 -16.32 -30.94
N ALA UA 132 -97.90 -15.84 -30.13
CA ALA UA 132 -97.09 -14.69 -30.56
C ALA UA 132 -96.21 -15.05 -31.76
N ALA UA 133 -95.56 -16.21 -31.70
CA ALA UA 133 -94.71 -16.62 -32.82
C ALA UA 133 -95.52 -16.75 -34.11
N ILE UA 134 -96.64 -17.47 -34.06
CA ILE UA 134 -97.43 -17.70 -35.26
C ILE UA 134 -98.11 -16.41 -35.72
N GLY UA 135 -98.48 -15.52 -34.79
CA GLY UA 135 -99.11 -14.28 -35.18
C GLY UA 135 -98.15 -13.34 -35.88
N VAL UA 136 -96.91 -13.24 -35.38
CA VAL UA 136 -95.90 -12.45 -36.07
C VAL UA 136 -95.59 -13.06 -37.43
N LEU UA 137 -95.54 -14.39 -37.51
CA LEU UA 137 -95.28 -15.04 -38.79
C LEU UA 137 -96.37 -14.72 -39.82
N SER UA 138 -97.64 -14.81 -39.41
CA SER UA 138 -98.72 -14.54 -40.34
C SER UA 138 -98.82 -13.04 -40.67
N GLN UA 139 -98.43 -12.18 -39.74
CA GLN UA 139 -98.45 -10.74 -40.01
C GLN UA 139 -97.39 -10.36 -41.03
N GLN UA 140 -96.17 -10.88 -40.85
CA GLN UA 140 -95.06 -10.53 -41.72
C GLN UA 140 -94.81 -11.57 -42.80
N SER UA 141 -95.83 -12.35 -43.17
CA SER UA 141 -95.60 -13.43 -44.14
C SER UA 141 -95.09 -12.87 -45.47
N ALA UA 142 -95.78 -11.85 -45.98
CA ALA UA 142 -95.37 -11.23 -47.24
C ALA UA 142 -93.96 -10.67 -47.13
N GLY UA 143 -93.67 -9.97 -46.03
CA GLY UA 143 -92.37 -9.36 -45.88
C GLY UA 143 -91.24 -10.36 -45.70
N ILE UA 144 -91.53 -11.49 -45.05
CA ILE UA 144 -90.53 -12.53 -44.90
C ILE UA 144 -90.25 -13.18 -46.26
N GLY UA 145 -91.27 -13.33 -47.10
CA GLY UA 145 -91.01 -13.75 -48.47
C GLY UA 145 -90.13 -12.75 -49.23
N ASP UA 146 -90.50 -11.47 -49.14
CA ASP UA 146 -89.70 -10.41 -49.73
C ASP UA 146 -88.25 -10.50 -49.27
N THR UA 147 -88.04 -10.80 -47.99
CA THR UA 147 -86.68 -10.93 -47.46
C THR UA 147 -86.01 -12.19 -47.99
N ALA UA 148 -86.76 -13.29 -48.10
CA ALA UA 148 -86.19 -14.54 -48.60
C ALA UA 148 -85.67 -14.40 -50.02
N LEU UA 149 -86.22 -13.44 -50.76
CA LEU UA 149 -85.74 -13.18 -52.12
C LEU UA 149 -84.75 -12.02 -52.19
N SER UA 150 -84.91 -11.00 -51.35
CA SER UA 150 -84.13 -9.77 -51.43
C SER UA 150 -82.82 -9.86 -50.65
N GLY UA 151 -82.80 -10.59 -49.54
CA GLY UA 151 -81.68 -10.54 -48.63
C GLY UA 151 -81.66 -9.31 -47.75
N ILE UA 152 -82.79 -8.61 -47.67
CA ILE UA 152 -82.86 -7.31 -47.01
C ILE UA 152 -83.78 -7.41 -45.81
N LEU UA 153 -83.35 -6.85 -44.68
CA LEU UA 153 -84.17 -6.84 -43.48
C LEU UA 153 -84.97 -5.55 -43.30
N ALA VA 1 -107.26 -58.53 -35.07
CA ALA VA 1 -108.36 -57.64 -35.40
C ALA VA 1 -108.73 -56.77 -34.19
N TYR VA 2 -107.82 -55.88 -33.79
CA TYR VA 2 -108.01 -55.00 -32.63
C TYR VA 2 -108.24 -53.56 -33.12
N SER VA 3 -109.47 -53.04 -32.93
CA SER VA 3 -109.84 -51.68 -33.33
C SER VA 3 -110.92 -51.14 -32.42
N PRO VA 4 -110.59 -50.28 -31.46
CA PRO VA 4 -111.59 -49.76 -30.53
C PRO VA 4 -112.47 -48.69 -31.17
N SER VA 5 -113.57 -48.38 -30.47
CA SER VA 5 -114.57 -47.42 -30.90
C SER VA 5 -114.33 -46.05 -30.24
N THR VA 6 -114.88 -45.00 -30.85
CA THR VA 6 -114.62 -43.65 -30.39
C THR VA 6 -115.09 -43.42 -28.96
N PRO VA 7 -116.38 -43.61 -28.62
CA PRO VA 7 -116.72 -43.71 -27.20
C PRO VA 7 -116.65 -45.15 -26.73
N VAL VA 8 -115.74 -45.44 -25.81
CA VAL VA 8 -115.67 -46.77 -25.20
C VAL VA 8 -116.51 -46.73 -23.94
N THR VA 9 -117.51 -47.59 -23.86
CA THR VA 9 -118.30 -47.71 -22.64
C THR VA 9 -117.42 -48.35 -21.58
N GLY VA 10 -117.00 -47.56 -20.59
CA GLY VA 10 -116.14 -48.07 -19.54
C GLY VA 10 -116.86 -49.02 -18.62
N ALA VA 11 -116.12 -50.01 -18.12
CA ALA VA 11 -116.73 -51.02 -17.26
C ALA VA 11 -117.19 -50.39 -15.96
N ALA VA 12 -118.24 -50.97 -15.38
CA ALA VA 12 -118.86 -50.35 -14.21
C ALA VA 12 -117.83 -50.19 -13.11
N GLN VA 13 -117.90 -49.04 -12.42
CA GLN VA 13 -117.07 -48.78 -11.27
C GLN VA 13 -117.93 -48.16 -10.17
N THR VA 14 -117.38 -48.13 -8.96
CA THR VA 14 -118.19 -47.87 -7.78
C THR VA 14 -118.81 -46.48 -7.82
N GLY VA 15 -117.99 -45.44 -7.93
CA GLY VA 15 -118.56 -44.11 -7.95
C GLY VA 15 -118.99 -43.57 -9.30
N PHE VA 16 -118.93 -44.36 -10.36
CA PHE VA 16 -119.15 -43.86 -11.70
C PHE VA 16 -120.54 -44.18 -12.20
N THR VA 17 -121.17 -43.19 -12.81
CA THR VA 17 -122.47 -43.34 -13.45
C THR VA 17 -122.28 -43.24 -14.95
N SER VA 18 -122.57 -44.33 -15.67
CA SER VA 18 -122.47 -44.44 -17.12
C SER VA 18 -121.18 -43.82 -17.67
N PRO VA 19 -120.01 -44.37 -17.32
CA PRO VA 19 -118.75 -43.76 -17.75
C PRO VA 19 -118.33 -44.18 -19.14
N THR VA 20 -117.91 -43.21 -19.95
CA THR VA 20 -117.42 -43.45 -21.30
C THR VA 20 -116.09 -42.73 -21.47
N TYR VA 21 -115.22 -43.28 -22.32
CA TYR VA 21 -113.91 -42.71 -22.58
C TYR VA 21 -113.72 -42.51 -24.07
N THR VA 22 -113.44 -41.28 -24.48
CA THR VA 22 -113.17 -40.95 -25.88
C THR VA 22 -111.70 -41.25 -26.16
N LEU VA 23 -111.44 -42.07 -27.18
CA LEU VA 23 -110.08 -42.42 -27.56
C LEU VA 23 -109.66 -41.61 -28.77
N THR VA 24 -108.47 -41.03 -28.71
CA THR VA 24 -107.83 -40.40 -29.86
C THR VA 24 -106.67 -41.29 -30.28
N SER VA 25 -106.56 -41.54 -31.58
CA SER VA 25 -105.49 -42.40 -32.08
C SER VA 25 -104.14 -41.80 -31.71
N ASP VA 26 -103.25 -42.65 -31.22
CA ASP VA 26 -101.88 -42.25 -30.88
C ASP VA 26 -100.91 -43.24 -31.52
N THR VA 27 -99.68 -42.79 -31.70
CA THR VA 27 -98.66 -43.58 -32.35
C THR VA 27 -97.91 -44.40 -31.31
N ALA VA 28 -97.81 -45.71 -31.55
CA ALA VA 28 -97.40 -46.70 -30.58
C ALA VA 28 -95.87 -46.72 -30.41
N PRO VA 29 -95.38 -47.32 -29.32
CA PRO VA 29 -93.92 -47.27 -29.09
C PRO VA 29 -93.16 -48.18 -30.01
N THR VA 30 -93.72 -49.35 -30.31
CA THR VA 30 -93.16 -50.27 -31.28
C THR VA 30 -93.94 -50.18 -32.58
N ALA VA 31 -93.38 -50.80 -33.61
CA ALA VA 31 -94.08 -50.87 -34.89
C ALA VA 31 -95.12 -51.99 -34.91
N LEU VA 32 -95.13 -52.83 -33.88
CA LEU VA 32 -96.07 -53.94 -33.79
C LEU VA 32 -97.15 -53.69 -32.75
N GLY VA 33 -97.38 -52.43 -32.42
CA GLY VA 33 -98.41 -52.07 -31.45
C GLY VA 33 -99.37 -51.05 -32.04
N LYS VA 34 -100.60 -51.08 -31.54
CA LYS VA 34 -101.59 -50.05 -31.82
C LYS VA 34 -101.93 -49.38 -30.50
N GLN VA 35 -101.82 -48.05 -30.46
CA GLN VA 35 -102.02 -47.32 -29.22
C GLN VA 35 -103.08 -46.24 -29.42
N HIS VA 36 -103.96 -46.11 -28.45
CA HIS VA 36 -104.85 -44.97 -28.36
C HIS VA 36 -104.60 -44.27 -27.04
N ALA VA 37 -105.02 -43.01 -26.95
CA ALA VA 37 -104.91 -42.27 -25.70
C ALA VA 37 -106.24 -41.63 -25.36
N VAL VA 38 -106.57 -41.60 -24.07
CA VAL VA 38 -107.87 -41.12 -23.63
C VAL VA 38 -107.81 -39.59 -23.64
N THR VA 39 -108.39 -38.99 -24.67
CA THR VA 39 -108.36 -37.54 -24.80
C THR VA 39 -109.44 -36.86 -23.96
N ALA VA 40 -110.57 -37.52 -23.70
CA ALA VA 40 -111.63 -36.91 -22.91
C ALA VA 40 -112.51 -37.99 -22.29
N THR VA 41 -113.19 -37.62 -21.20
CA THR VA 41 -114.07 -38.53 -20.48
C THR VA 41 -115.50 -37.99 -20.51
N GLY VA 42 -116.45 -38.90 -20.67
CA GLY VA 42 -117.86 -38.60 -20.50
C GLY VA 42 -118.44 -39.45 -19.38
N GLY VA 43 -119.58 -39.04 -18.84
CA GLY VA 43 -120.17 -39.71 -17.70
C GLY VA 43 -119.85 -38.99 -16.40
N THR VA 44 -120.49 -39.46 -15.33
CA THR VA 44 -120.32 -38.86 -14.00
C THR VA 44 -119.20 -39.60 -13.27
N GLN VA 45 -117.98 -39.28 -13.67
CA GLN VA 45 -116.76 -39.75 -13.01
C GLN VA 45 -115.97 -38.51 -12.64
N THR VA 46 -116.21 -38.00 -11.44
CA THR VA 46 -115.66 -36.72 -11.06
C THR VA 46 -114.22 -36.86 -10.62
N GLY VA 47 -113.36 -35.98 -11.11
CA GLY VA 47 -111.95 -35.99 -10.78
C GLY VA 47 -111.06 -36.76 -11.74
N VAL VA 48 -111.64 -37.47 -12.70
CA VAL VA 48 -110.86 -38.30 -13.61
C VAL VA 48 -110.09 -37.40 -14.57
N THR VA 49 -108.76 -37.55 -14.59
CA THR VA 49 -107.91 -36.75 -15.44
C THR VA 49 -107.59 -37.49 -16.74
N THR VA 50 -107.65 -36.76 -17.86
CA THR VA 50 -107.38 -37.33 -19.15
C THR VA 50 -105.88 -37.40 -19.41
N HIS VA 51 -105.49 -37.77 -20.63
CA HIS VA 51 -104.08 -37.93 -20.95
C HIS VA 51 -103.38 -36.59 -20.98
N SER VA 52 -102.32 -36.46 -20.20
CA SER VA 52 -101.43 -35.32 -20.24
C SER VA 52 -100.01 -35.85 -20.38
N VAL VA 53 -99.07 -34.94 -20.64
CA VAL VA 53 -97.67 -35.37 -20.70
C VAL VA 53 -97.22 -35.82 -19.33
N SER VA 54 -97.66 -35.13 -18.27
CA SER VA 54 -97.21 -35.46 -16.92
C SER VA 54 -97.89 -36.72 -16.40
N SER VA 55 -99.17 -36.92 -16.73
CA SER VA 55 -99.94 -38.08 -16.26
C SER VA 55 -100.68 -38.71 -17.44
N PRO VA 56 -100.17 -39.82 -17.97
CA PRO VA 56 -100.73 -40.37 -19.20
C PRO VA 56 -101.97 -41.23 -18.95
N PHE VA 57 -102.76 -41.38 -20.01
CA PHE VA 57 -103.91 -42.28 -20.04
C PHE VA 57 -103.85 -42.96 -21.41
N THR VA 58 -103.21 -44.12 -21.48
CA THR VA 58 -102.89 -44.77 -22.74
C THR VA 58 -103.27 -46.24 -22.73
N ILE VA 59 -103.76 -46.71 -23.88
CA ILE VA 59 -104.22 -48.08 -24.08
C ILE VA 59 -103.50 -48.61 -25.31
N THR VA 60 -102.54 -49.51 -25.09
CA THR VA 60 -101.69 -50.01 -26.17
C THR VA 60 -101.75 -51.54 -26.24
N PHE VA 61 -101.87 -52.07 -27.46
CA PHE VA 61 -101.98 -53.51 -27.68
C PHE VA 61 -100.93 -53.94 -28.70
N THR VA 62 -100.12 -54.92 -28.33
CA THR VA 62 -98.95 -55.32 -29.10
C THR VA 62 -98.99 -56.80 -29.40
N ARG VA 63 -98.52 -57.16 -30.60
CA ARG VA 63 -98.34 -58.53 -31.02
C ARG VA 63 -96.85 -58.89 -31.03
N PRO VA 64 -96.51 -60.17 -30.91
CA PRO VA 64 -95.08 -60.52 -30.78
C PRO VA 64 -94.30 -60.23 -32.06
N LYS VA 65 -93.00 -59.98 -31.86
CA LYS VA 65 -92.12 -59.70 -32.98
C LYS VA 65 -92.06 -60.87 -33.95
N THR VA 66 -91.79 -62.07 -33.42
CA THR VA 66 -91.65 -63.27 -34.23
C THR VA 66 -92.66 -64.32 -33.77
N MET VA 67 -93.52 -64.74 -34.69
CA MET VA 67 -94.46 -65.81 -34.40
C MET VA 67 -93.72 -67.15 -34.33
N LYS VA 68 -94.26 -68.08 -33.56
CA LYS VA 68 -93.65 -69.40 -33.37
C LYS VA 68 -94.57 -70.50 -33.88
N THR VA 69 -94.02 -71.38 -34.72
CA THR VA 69 -94.75 -72.51 -35.28
C THR VA 69 -94.65 -73.72 -34.35
N VAL VA 70 -95.59 -74.65 -34.51
CA VAL VA 70 -95.76 -75.73 -33.54
C VAL VA 70 -94.58 -76.68 -33.54
N GLY VA 71 -93.98 -76.95 -34.69
CA GLY VA 71 -92.89 -77.87 -34.78
C GLY VA 71 -93.32 -79.24 -35.27
N VAL VA 72 -92.32 -80.09 -35.52
CA VAL VA 72 -92.50 -81.38 -36.18
C VAL VA 72 -92.37 -82.48 -35.14
N PRO VA 73 -93.29 -83.44 -35.09
CA PRO VA 73 -93.16 -84.53 -34.12
C PRO VA 73 -91.98 -85.44 -34.46
N ASN VA 74 -91.36 -85.98 -33.40
CA ASN VA 74 -90.20 -86.84 -33.55
C ASN VA 74 -90.64 -88.30 -33.76
N SER VA 75 -89.68 -89.22 -33.66
CA SER VA 75 -89.97 -90.64 -33.92
C SER VA 75 -91.05 -91.18 -33.00
N ASN VA 76 -91.07 -90.74 -31.75
CA ASN VA 76 -92.07 -91.19 -30.78
C ASN VA 76 -93.44 -90.56 -31.01
N GLY VA 77 -93.56 -89.62 -31.94
CA GLY VA 77 -94.79 -88.88 -32.12
C GLY VA 77 -94.91 -87.66 -31.23
N VAL VA 78 -93.84 -87.28 -30.54
CA VAL VA 78 -93.85 -86.22 -29.55
C VAL VA 78 -93.20 -84.96 -30.11
N ILE VA 79 -93.81 -83.81 -29.89
CA ILE VA 79 -93.26 -82.53 -30.28
C ILE VA 79 -92.44 -81.96 -29.13
N THR VA 80 -91.18 -81.64 -29.41
CA THR VA 80 -90.19 -81.47 -28.35
C THR VA 80 -90.44 -80.20 -27.54
N ASN VA 81 -90.66 -79.07 -28.21
CA ASN VA 81 -90.78 -77.79 -27.52
C ASN VA 81 -91.90 -76.97 -28.13
N ILE VA 82 -92.88 -76.62 -27.31
CA ILE VA 82 -94.01 -75.80 -27.73
C ILE VA 82 -93.74 -74.40 -27.22
N GLY VA 83 -93.21 -73.55 -28.10
CA GLY VA 83 -93.13 -72.13 -27.79
C GLY VA 83 -94.50 -71.53 -27.61
N ARG VA 84 -94.52 -70.29 -27.13
CA ARG VA 84 -95.79 -69.61 -26.89
C ARG VA 84 -95.69 -68.16 -27.36
N ASN VA 85 -96.59 -67.75 -28.24
CA ASN VA 85 -96.65 -66.35 -28.66
C ASN VA 85 -97.57 -65.62 -27.69
N THR VA 86 -97.09 -64.49 -27.14
CA THR VA 86 -97.80 -63.69 -26.15
C THR VA 86 -98.16 -62.34 -26.74
N TYR VA 87 -99.44 -61.99 -26.65
CA TYR VA 87 -99.93 -60.67 -27.03
C TYR VA 87 -100.14 -59.85 -25.76
N GLY VA 88 -99.88 -58.55 -25.86
CA GLY VA 88 -99.88 -57.70 -24.69
C GLY VA 88 -100.78 -56.47 -24.74
N PHE VA 89 -101.61 -56.29 -23.71
CA PHE VA 89 -102.57 -55.19 -23.64
C PHE VA 89 -102.27 -54.40 -22.39
N LEU VA 90 -101.96 -53.12 -22.53
CA LEU VA 90 -101.48 -52.38 -21.37
C LEU VA 90 -102.08 -50.99 -21.31
N VAL VA 91 -102.58 -50.63 -20.14
CA VAL VA 91 -103.16 -49.33 -19.85
C VAL VA 91 -102.27 -48.66 -18.82
N ARG VA 92 -101.90 -47.41 -19.10
CA ARG VA 92 -101.12 -46.58 -18.20
C ARG VA 92 -101.95 -45.36 -17.80
N LYS VA 93 -102.03 -45.09 -16.49
CA LYS VA 93 -102.88 -44.01 -16.01
C LYS VA 93 -102.12 -43.16 -15.00
N GLY VA 94 -102.15 -41.84 -15.21
CA GLY VA 94 -101.55 -40.92 -14.27
C GLY VA 94 -102.38 -40.82 -13.00
N VAL VA 95 -101.78 -41.15 -11.85
CA VAL VA 95 -102.45 -41.19 -10.56
C VAL VA 95 -101.57 -40.49 -9.53
N ILE VA 96 -102.16 -39.65 -8.70
CA ILE VA 96 -101.38 -38.80 -7.80
C ILE VA 96 -101.35 -39.42 -6.42
N PRO VA 97 -100.17 -39.75 -5.86
CA PRO VA 97 -100.14 -40.46 -4.58
C PRO VA 97 -100.35 -39.57 -3.36
N ALA VA 98 -99.80 -38.37 -3.32
CA ALA VA 98 -99.92 -37.57 -2.10
C ALA VA 98 -100.49 -36.20 -2.40
N VAL VA 99 -100.45 -35.34 -1.39
CA VAL VA 99 -101.13 -34.06 -1.47
C VAL VA 99 -100.42 -33.13 -2.45
N ASN VA 100 -99.10 -33.24 -2.55
CA ASN VA 100 -98.37 -32.39 -3.48
C ASN VA 100 -97.35 -33.16 -4.31
N GLN VA 101 -97.52 -34.46 -4.46
CA GLN VA 101 -96.53 -35.26 -5.16
C GLN VA 101 -96.75 -35.28 -6.67
N SER VA 102 -95.67 -35.61 -7.37
CA SER VA 102 -95.72 -35.79 -8.82
C SER VA 102 -96.55 -37.04 -9.15
N PRO VA 103 -97.25 -37.03 -10.28
CA PRO VA 103 -98.07 -38.20 -10.62
C PRO VA 103 -97.22 -39.43 -10.87
N GLN VA 104 -97.68 -40.54 -10.31
CA GLN VA 104 -97.20 -41.90 -10.54
C GLN VA 104 -98.05 -42.57 -11.60
N VAL VA 105 -97.52 -43.64 -12.20
CA VAL VA 105 -98.21 -44.32 -13.29
C VAL VA 105 -98.82 -45.61 -12.77
N MET VA 106 -100.10 -45.56 -12.43
CA MET VA 106 -100.82 -46.81 -12.24
C MET VA 106 -100.78 -47.59 -13.55
N LEU VA 107 -100.77 -48.91 -13.44
CA LEU VA 107 -100.48 -49.73 -14.60
C LEU VA 107 -101.32 -51.00 -14.57
N VAL VA 108 -102.15 -51.20 -15.59
CA VAL VA 108 -102.97 -52.40 -15.73
C VAL VA 108 -102.50 -53.11 -16.97
N ARG VA 109 -101.91 -54.31 -16.82
CA ARG VA 109 -101.34 -54.99 -17.97
C ARG VA 109 -101.80 -56.44 -18.06
N VAL VA 110 -102.22 -56.82 -19.25
CA VAL VA 110 -102.73 -58.15 -19.58
C VAL VA 110 -101.72 -58.78 -20.53
N GLU VA 111 -101.51 -60.08 -20.36
CA GLU VA 111 -100.68 -60.88 -21.26
C GLU VA 111 -101.44 -62.14 -21.62
N ILE VA 112 -101.56 -62.40 -22.92
CA ILE VA 112 -102.27 -63.53 -23.46
C ILE VA 112 -101.23 -64.42 -24.11
N SER VA 113 -100.86 -65.52 -23.45
CA SER VA 113 -99.87 -66.47 -23.97
C SER VA 113 -100.59 -67.65 -24.61
N VAL VA 114 -100.47 -67.77 -25.92
CA VAL VA 114 -101.08 -68.84 -26.71
C VAL VA 114 -99.97 -69.80 -27.11
N PRO VA 115 -100.10 -71.10 -26.83
CA PRO VA 115 -99.09 -72.05 -27.28
C PRO VA 115 -99.09 -72.20 -28.79
N ALA VA 116 -98.02 -72.84 -29.26
CA ALA VA 116 -97.63 -72.71 -30.66
C ALA VA 116 -98.67 -73.31 -31.60
N GLY VA 117 -99.20 -74.48 -31.26
CA GLY VA 117 -100.05 -75.22 -32.14
C GLY VA 117 -101.50 -74.94 -31.88
N ALA VA 118 -101.75 -74.29 -30.73
CA ALA VA 118 -103.10 -74.01 -30.26
C ALA VA 118 -103.91 -73.23 -31.29
N ASP VA 119 -103.34 -72.13 -31.79
CA ASP VA 119 -104.08 -71.16 -32.60
C ASP VA 119 -104.76 -71.81 -33.80
N THR VA 120 -104.21 -72.91 -34.27
CA THR VA 120 -104.76 -73.66 -35.39
C THR VA 120 -105.55 -74.88 -34.94
N TYR VA 121 -104.94 -75.76 -34.14
CA TYR VA 121 -105.56 -77.05 -33.86
C TYR VA 121 -106.78 -76.88 -32.94
N ASP VA 122 -106.65 -76.08 -31.87
CA ASP VA 122 -107.71 -75.93 -30.87
C ASP VA 122 -107.99 -74.45 -30.65
N ALA VA 123 -108.80 -73.89 -31.55
CA ALA VA 123 -109.10 -72.47 -31.46
C ALA VA 123 -110.26 -72.19 -30.51
N ALA VA 124 -111.17 -73.14 -30.38
CA ALA VA 124 -112.34 -72.95 -29.52
C ALA VA 124 -111.91 -72.76 -28.08
N ASN VA 125 -110.90 -73.51 -27.62
CA ASN VA 125 -110.48 -73.40 -26.23
C ASN VA 125 -109.74 -72.09 -25.97
N VAL VA 126 -108.95 -71.64 -26.95
CA VAL VA 126 -108.33 -70.32 -26.85
C VAL VA 126 -109.40 -69.24 -26.71
N LYS VA 127 -110.37 -69.24 -27.63
CA LYS VA 127 -111.44 -68.25 -27.56
C LYS VA 127 -112.19 -68.33 -26.24
N ALA VA 128 -112.34 -69.55 -25.71
CA ALA VA 128 -113.08 -69.75 -24.47
C ALA VA 128 -112.31 -69.19 -23.28
N ALA VA 129 -111.00 -69.41 -23.23
CA ALA VA 129 -110.20 -68.80 -22.16
C ALA VA 129 -110.29 -67.29 -22.19
N LEU VA 130 -110.22 -66.71 -23.39
CA LEU VA 130 -110.32 -65.25 -23.50
C LEU VA 130 -111.70 -64.76 -23.05
N SER VA 131 -112.77 -65.43 -23.50
CA SER VA 131 -114.11 -64.97 -23.16
C SER VA 131 -114.41 -65.13 -21.67
N ALA VA 132 -113.88 -66.18 -21.04
CA ALA VA 132 -114.08 -66.35 -19.61
C ALA VA 132 -113.30 -65.31 -18.82
N ALA VA 133 -112.03 -65.07 -19.19
CA ALA VA 133 -111.23 -64.07 -18.51
C ALA VA 133 -111.89 -62.69 -18.59
N ILE VA 134 -112.23 -62.26 -19.82
CA ILE VA 134 -112.80 -60.93 -19.98
C ILE VA 134 -114.22 -60.85 -19.39
N GLY VA 135 -115.00 -61.95 -19.44
CA GLY VA 135 -116.32 -61.92 -18.85
C GLY VA 135 -116.29 -61.80 -17.35
N VAL VA 136 -115.36 -62.49 -16.69
CA VAL VA 136 -115.20 -62.33 -15.25
C VAL VA 136 -114.69 -60.92 -14.92
N LEU VA 137 -113.78 -60.39 -15.73
CA LEU VA 137 -113.31 -59.02 -15.48
C LEU VA 137 -114.45 -58.01 -15.57
N SER VA 138 -115.28 -58.11 -16.61
CA SER VA 138 -116.38 -57.14 -16.74
C SER VA 138 -117.47 -57.37 -15.71
N GLN VA 139 -117.69 -58.62 -15.28
CA GLN VA 139 -118.67 -58.87 -14.24
C GLN VA 139 -118.21 -58.28 -12.92
N GLN VA 140 -116.93 -58.45 -12.58
CA GLN VA 140 -116.40 -58.00 -11.31
C GLN VA 140 -115.59 -56.72 -11.43
N SER VA 141 -115.91 -55.85 -12.38
CA SER VA 141 -115.12 -54.63 -12.55
C SER VA 141 -115.25 -53.72 -11.34
N ALA VA 142 -116.49 -53.47 -10.91
CA ALA VA 142 -116.70 -52.62 -9.75
C ALA VA 142 -116.05 -53.21 -8.51
N GLY VA 143 -116.17 -54.54 -8.35
CA GLY VA 143 -115.60 -55.19 -7.19
C GLY VA 143 -114.09 -55.20 -7.18
N ILE VA 144 -113.47 -55.31 -8.36
CA ILE VA 144 -112.02 -55.25 -8.46
C ILE VA 144 -111.53 -53.83 -8.20
N GLY VA 145 -112.28 -52.82 -8.61
CA GLY VA 145 -111.95 -51.48 -8.18
C GLY VA 145 -112.02 -51.31 -6.66
N ASP VA 146 -113.13 -51.78 -6.07
CA ASP VA 146 -113.27 -51.77 -4.62
C ASP VA 146 -112.09 -52.46 -3.94
N THR VA 147 -111.62 -53.56 -4.52
CA THR VA 147 -110.47 -54.27 -3.97
C THR VA 147 -109.19 -53.47 -4.13
N ALA VA 148 -108.98 -52.88 -5.32
CA ALA VA 148 -107.77 -52.11 -5.59
C ALA VA 148 -107.65 -50.91 -4.67
N LEU VA 149 -108.77 -50.40 -4.19
CA LEU VA 149 -108.73 -49.28 -3.25
C LEU VA 149 -108.73 -49.72 -1.79
N SER VA 150 -109.44 -50.81 -1.48
CA SER VA 150 -109.64 -51.22 -0.09
C SER VA 150 -108.51 -52.08 0.44
N GLY VA 151 -107.89 -52.88 -0.41
CA GLY VA 151 -107.12 -54.01 0.07
C GLY VA 151 -107.97 -55.17 0.49
N ILE VA 152 -109.28 -55.09 0.29
CA ILE VA 152 -110.20 -56.12 0.73
C ILE VA 152 -110.44 -57.09 -0.43
N LEU VA 153 -110.22 -58.37 -0.16
CA LEU VA 153 -110.44 -59.41 -1.14
C LEU VA 153 -111.73 -60.20 -0.79
N ALA WA 1 13.60 47.76 -35.25
CA ALA WA 1 12.85 49.01 -35.17
C ALA WA 1 11.37 48.80 -35.52
N TYR WA 2 10.66 48.00 -34.71
CA TYR WA 2 9.25 47.68 -34.93
C TYR WA 2 8.40 48.44 -33.90
N SER WA 3 7.62 49.42 -34.38
CA SER WA 3 6.75 50.23 -33.51
C SER WA 3 5.54 50.71 -34.31
N PRO WA 4 4.40 50.06 -34.15
CA PRO WA 4 3.20 50.45 -34.91
C PRO WA 4 2.58 51.74 -34.39
N SER WA 5 1.68 52.30 -35.22
CA SER WA 5 0.99 53.55 -34.95
C SER WA 5 -0.41 53.29 -34.41
N THR WA 6 -1.00 54.32 -33.77
CA THR WA 6 -2.26 54.12 -33.04
C THR WA 6 -3.39 53.72 -33.97
N PRO WA 7 -3.75 54.51 -35.01
CA PRO WA 7 -4.60 53.95 -36.06
C PRO WA 7 -3.77 53.33 -37.18
N VAL WA 8 -3.92 52.04 -37.39
CA VAL WA 8 -3.25 51.35 -38.50
C VAL WA 8 -4.20 51.36 -39.68
N THR WA 9 -3.76 51.92 -40.79
CA THR WA 9 -4.54 51.90 -42.02
C THR WA 9 -4.53 50.46 -42.54
N GLY WA 10 -5.64 49.75 -42.35
CA GLY WA 10 -5.70 48.35 -42.73
C GLY WA 10 -5.72 48.17 -44.24
N ALA WA 11 -5.09 47.09 -44.70
CA ALA WA 11 -4.97 46.87 -46.14
C ALA WA 11 -6.35 46.64 -46.74
N ALA WA 12 -6.47 46.99 -48.02
CA ALA WA 12 -7.77 46.95 -48.67
C ALA WA 12 -8.35 45.54 -48.63
N GLN WA 13 -9.64 45.45 -48.33
CA GLN WA 13 -10.36 44.19 -48.36
C GLN WA 13 -11.68 44.40 -49.09
N THR WA 14 -12.31 43.28 -49.45
CA THR WA 14 -13.38 43.32 -50.45
C THR WA 14 -14.57 44.14 -49.98
N GLY WA 15 -15.12 43.79 -48.82
CA GLY WA 15 -16.27 44.52 -48.32
C GLY WA 15 -15.97 45.72 -47.45
N PHE WA 16 -14.70 46.11 -47.30
CA PHE WA 16 -14.31 47.12 -46.34
C PHE WA 16 -14.10 48.47 -47.02
N THR WA 17 -14.64 49.52 -46.42
CA THR WA 17 -14.44 50.89 -46.89
C THR WA 17 -13.57 51.61 -45.88
N SER WA 18 -12.37 52.00 -46.31
CA SER WA 18 -11.42 52.73 -45.49
C SER WA 18 -11.25 52.14 -44.09
N PRO WA 19 -10.75 50.89 -43.97
CA PRO WA 19 -10.68 50.26 -42.66
C PRO WA 19 -9.43 50.66 -41.88
N THR WA 20 -9.60 50.96 -40.60
CA THR WA 20 -8.51 51.29 -39.70
C THR WA 20 -8.66 50.49 -38.41
N TYR WA 21 -7.55 50.16 -37.78
CA TYR WA 21 -7.57 49.39 -36.54
C TYR WA 21 -6.79 50.11 -35.46
N THR WA 22 -7.42 50.35 -34.32
CA THR WA 22 -6.78 51.01 -33.19
C THR WA 22 -6.04 49.97 -32.38
N LEU WA 23 -4.75 50.18 -32.16
CA LEU WA 23 -3.93 49.25 -31.39
C LEU WA 23 -3.76 49.76 -29.97
N THR WA 24 -3.90 48.86 -29.00
CA THR WA 24 -3.59 49.12 -27.62
C THR WA 24 -2.39 48.25 -27.23
N SER WA 25 -1.47 48.82 -26.47
CA SER WA 25 -0.24 48.09 -26.16
C SER WA 25 -0.54 46.93 -25.22
N ASP WA 26 0.10 45.79 -25.48
CA ASP WA 26 -0.11 44.57 -24.71
C ASP WA 26 1.23 43.97 -24.35
N THR WA 27 1.27 43.22 -23.26
CA THR WA 27 2.46 42.49 -22.88
C THR WA 27 2.54 41.19 -23.67
N ALA WA 28 3.72 40.91 -24.21
CA ALA WA 28 3.93 39.79 -25.12
C ALA WA 28 4.15 38.49 -24.35
N PRO WA 29 4.04 37.32 -25.03
CA PRO WA 29 4.16 36.05 -24.31
C PRO WA 29 5.59 35.68 -23.97
N THR WA 30 6.53 36.02 -24.85
CA THR WA 30 7.95 35.89 -24.57
C THR WA 30 8.54 37.24 -24.20
N ALA WA 31 9.76 37.21 -23.67
CA ALA WA 31 10.51 38.43 -23.43
C ALA WA 31 11.18 38.94 -24.69
N LEU WA 32 11.01 38.25 -25.82
CA LEU WA 32 11.58 38.63 -27.10
C LEU WA 32 10.53 39.14 -28.07
N GLY WA 33 9.35 39.48 -27.57
CA GLY WA 33 8.26 39.89 -28.43
C GLY WA 33 7.69 41.23 -28.01
N LYS WA 34 7.19 41.95 -29.01
CA LYS WA 34 6.38 43.14 -28.80
C LYS WA 34 4.99 42.83 -29.35
N GLN WA 35 3.96 43.01 -28.54
CA GLN WA 35 2.60 42.61 -28.93
C GLN WA 35 1.63 43.75 -28.70
N HIS WA 36 0.76 43.98 -29.67
CA HIS WA 36 -0.36 44.89 -29.52
C HIS WA 36 -1.66 44.12 -29.71
N ALA WA 37 -2.74 44.62 -29.13
CA ALA WA 37 -4.06 44.05 -29.30
C ALA WA 37 -4.97 45.06 -29.97
N VAL WA 38 -5.85 44.58 -30.85
CA VAL WA 38 -6.75 45.46 -31.59
C VAL WA 38 -7.94 45.74 -30.67
N THR WA 39 -7.92 46.91 -30.03
CA THR WA 39 -8.96 47.25 -29.06
C THR WA 39 -10.22 47.79 -29.72
N ALA WA 40 -10.13 48.36 -30.92
CA ALA WA 40 -11.31 48.90 -31.61
C ALA WA 40 -11.05 49.03 -33.10
N THR WA 41 -12.12 49.05 -33.88
CA THR WA 41 -12.06 49.15 -35.33
C THR WA 41 -12.77 50.41 -35.79
N GLY WA 42 -12.18 51.08 -36.79
CA GLY WA 42 -12.83 52.18 -37.47
C GLY WA 42 -12.96 51.86 -38.94
N GLY WA 43 -13.84 52.56 -39.64
CA GLY WA 43 -14.15 52.25 -41.02
C GLY WA 43 -15.42 51.41 -41.14
N THR WA 44 -15.84 51.19 -42.39
CA THR WA 44 -17.05 50.43 -42.66
C THR WA 44 -16.68 48.97 -42.91
N GLN WA 45 -16.43 48.27 -41.81
CA GLN WA 45 -16.18 46.83 -41.79
C GLN WA 45 -17.19 46.23 -40.81
N THR WA 46 -18.36 45.90 -41.32
CA THR WA 46 -19.46 45.51 -40.45
C THR WA 46 -19.27 44.07 -40.00
N GLY WA 47 -19.48 43.83 -38.71
CA GLY WA 47 -19.35 42.50 -38.12
C GLY WA 47 -17.99 42.20 -37.54
N VAL WA 48 -16.98 43.04 -37.77
CA VAL WA 48 -15.64 42.76 -37.29
C VAL WA 48 -15.61 42.87 -35.77
N THR WA 49 -15.14 41.82 -35.10
CA THR WA 49 -15.06 41.77 -33.65
C THR WA 49 -13.65 42.11 -33.18
N THR WA 50 -13.56 42.89 -32.11
CA THR WA 50 -12.28 43.32 -31.57
C THR WA 50 -11.76 42.26 -30.60
N HIS WA 51 -10.59 42.55 -30.00
CA HIS WA 51 -9.95 41.60 -29.10
C HIS WA 51 -10.80 41.36 -27.86
N SER WA 52 -11.16 40.09 -27.64
CA SER WA 52 -11.85 39.64 -26.45
C SER WA 52 -11.06 38.49 -25.85
N VAL WA 53 -11.41 38.13 -24.61
CA VAL WA 53 -10.78 36.96 -24.03
C VAL WA 53 -11.15 35.71 -24.82
N SER WA 54 -12.40 35.62 -25.26
CA SER WA 54 -12.86 34.44 -25.97
C SER WA 54 -12.32 34.40 -27.39
N SER WA 55 -12.27 35.54 -28.07
CA SER WA 55 -11.81 35.63 -29.46
C SER WA 55 -10.77 36.73 -29.60
N PRO WA 56 -9.49 36.38 -29.67
CA PRO WA 56 -8.44 37.41 -29.63
C PRO WA 56 -8.23 38.08 -30.97
N PHE WA 57 -7.66 39.27 -30.91
CA PHE WA 57 -7.19 40.01 -32.08
C PHE WA 57 -5.83 40.61 -31.69
N THR WA 58 -4.76 39.90 -32.01
CA THR WA 58 -3.43 40.25 -31.52
C THR WA 58 -2.39 40.22 -32.63
N ILE WA 59 -1.42 41.14 -32.51
CA ILE WA 59 -0.35 41.35 -33.48
C ILE WA 59 0.96 41.34 -32.70
N THR WA 60 1.71 40.25 -32.82
CA THR WA 60 2.94 40.07 -32.04
C THR WA 60 4.14 39.85 -32.96
N PHE WA 61 5.26 40.48 -32.63
CA PHE WA 61 6.48 40.41 -33.43
C PHE WA 61 7.65 40.04 -32.53
N THR WA 62 8.38 38.99 -32.92
CA THR WA 62 9.37 38.37 -32.06
C THR WA 62 10.71 38.23 -32.78
N ARG WA 63 11.79 38.40 -32.03
CA ARG WA 63 13.16 38.16 -32.49
C ARG WA 63 13.65 36.82 -31.96
N PRO WA 64 14.71 36.26 -32.55
CA PRO WA 64 15.19 34.96 -32.08
C PRO WA 64 15.89 35.06 -30.72
N LYS WA 65 15.86 33.95 -29.98
CA LYS WA 65 16.47 33.92 -28.66
C LYS WA 65 17.96 34.20 -28.73
N THR WA 66 18.66 33.56 -29.65
CA THR WA 66 20.09 33.71 -29.81
C THR WA 66 20.42 34.05 -31.25
N MET WA 67 21.18 35.12 -31.45
CA MET WA 67 21.64 35.51 -32.77
C MET WA 67 22.74 34.56 -33.25
N LYS WA 68 22.82 34.38 -34.56
CA LYS WA 68 23.76 33.46 -35.16
C LYS WA 68 24.80 34.25 -35.94
N THR WA 69 26.07 34.05 -35.61
CA THR WA 69 27.16 34.60 -36.40
C THR WA 69 27.62 33.58 -37.43
N VAL WA 70 28.26 34.07 -38.48
CA VAL WA 70 28.56 33.23 -39.61
C VAL WA 70 29.94 32.58 -39.46
N GLY WA 83 23.41 28.59 -41.17
CA GLY WA 83 22.59 29.10 -40.07
C GLY WA 83 21.67 30.23 -40.48
N ARG WA 84 20.60 30.44 -39.71
CA ARG WA 84 19.61 31.47 -40.05
C ARG WA 84 19.03 32.13 -38.80
N ASN WA 85 18.84 33.45 -38.84
CA ASN WA 85 18.09 34.17 -37.82
C ASN WA 85 16.70 34.41 -38.40
N THR WA 86 15.66 33.88 -37.74
CA THR WA 86 14.28 34.04 -38.20
C THR WA 86 13.50 34.94 -37.25
N TYR WA 87 12.90 35.99 -37.81
CA TYR WA 87 12.03 36.89 -37.07
C TYR WA 87 10.57 36.56 -37.40
N GLY WA 88 9.71 36.66 -36.38
CA GLY WA 88 8.34 36.20 -36.54
C GLY WA 88 7.25 37.22 -36.28
N PHE WA 89 6.32 37.36 -37.20
CA PHE WA 89 5.23 38.32 -37.11
C PHE WA 89 3.92 37.56 -37.20
N LEU WA 90 3.10 37.60 -36.15
CA LEU WA 90 1.95 36.72 -36.09
C LEU WA 90 0.70 37.46 -35.62
N VAL WA 91 -0.40 37.24 -36.33
CA VAL WA 91 -1.69 37.83 -36.06
C VAL WA 91 -2.66 36.70 -35.73
N ARG WA 92 -3.34 36.82 -34.60
CA ARG WA 92 -4.37 35.87 -34.18
C ARG WA 92 -5.72 36.57 -34.15
N LYS WA 93 -6.73 35.95 -34.77
CA LYS WA 93 -8.05 36.56 -34.86
C LYS WA 93 -9.13 35.57 -34.48
N GLY WA 94 -10.02 36.00 -33.59
CA GLY WA 94 -11.17 35.20 -33.23
C GLY WA 94 -12.18 35.13 -34.37
N VAL WA 95 -12.44 33.93 -34.88
CA VAL WA 95 -13.33 33.70 -36.02
C VAL WA 95 -14.29 32.57 -35.66
N ILE WA 96 -15.57 32.74 -35.95
CA ILE WA 96 -16.58 31.81 -35.46
C ILE WA 96 -16.97 30.86 -36.59
N PRO WA 97 -16.77 29.54 -36.44
CA PRO WA 97 -17.00 28.65 -37.59
C PRO WA 97 -18.47 28.31 -37.84
N ALA WA 98 -19.28 28.10 -36.83
CA ALA WA 98 -20.67 27.73 -37.10
C ALA WA 98 -21.65 28.62 -36.35
N VAL WA 99 -22.92 28.26 -36.50
CA VAL WA 99 -24.00 29.13 -36.08
C VAL WA 99 -23.98 29.33 -34.58
N ASN WA 100 -23.54 28.32 -33.82
CA ASN WA 100 -23.49 28.49 -32.37
C ASN WA 100 -22.17 28.03 -31.75
N GLN WA 101 -21.13 27.88 -32.56
CA GLN WA 101 -19.91 27.27 -32.06
C GLN WA 101 -19.01 28.29 -31.35
N SER WA 102 -18.06 27.74 -30.59
CA SER WA 102 -17.05 28.53 -29.94
C SER WA 102 -16.10 29.13 -30.97
N PRO WA 103 -15.54 30.30 -30.68
CA PRO WA 103 -14.64 30.93 -31.65
C PRO WA 103 -13.34 30.12 -31.79
N GLN WA 104 -12.95 29.90 -33.04
CA GLN WA 104 -11.67 29.37 -33.49
C GLN WA 104 -10.70 30.51 -33.77
N VAL WA 105 -9.42 30.20 -33.79
CA VAL WA 105 -8.39 31.22 -33.96
C VAL WA 105 -7.86 31.13 -35.40
N MET WA 106 -8.34 32.01 -36.27
CA MET WA 106 -7.65 32.21 -37.53
C MET WA 106 -6.25 32.75 -37.24
N LEU WA 107 -5.31 32.40 -38.10
CA LEU WA 107 -3.91 32.65 -37.79
C LEU WA 107 -3.17 33.08 -39.05
N VAL WA 108 -2.58 34.27 -39.03
CA VAL WA 108 -1.77 34.76 -40.14
C VAL WA 108 -0.35 34.94 -39.60
N ARG WA 109 0.59 34.11 -40.05
CA ARG WA 109 1.94 34.16 -39.50
C ARG WA 109 2.97 34.31 -40.61
N VAL WA 110 3.94 35.19 -40.35
CA VAL WA 110 5.02 35.52 -41.27
C VAL WA 110 6.33 35.17 -40.58
N GLU WA 111 7.23 34.56 -41.34
CA GLU WA 111 8.57 34.22 -40.87
C GLU WA 111 9.57 34.80 -41.85
N ILE WA 112 10.54 35.55 -41.32
CA ILE WA 112 11.59 36.19 -42.09
C ILE WA 112 12.89 35.54 -41.69
N SER WA 113 13.42 34.65 -42.54
CA SER WA 113 14.65 33.93 -42.26
C SER WA 113 15.79 34.61 -43.03
N VAL WA 114 16.66 35.29 -42.28
CA VAL WA 114 17.83 35.97 -42.82
C VAL WA 114 19.04 35.07 -42.59
N PRO WA 115 19.78 34.69 -43.62
CA PRO WA 115 21.04 33.96 -43.41
C PRO WA 115 22.02 34.76 -42.58
N ALA WA 116 23.09 34.09 -42.15
CA ALA WA 116 23.95 34.63 -41.10
C ALA WA 116 24.71 35.87 -41.58
N GLY WA 117 25.53 35.74 -42.62
CA GLY WA 117 26.32 36.86 -43.08
C GLY WA 117 25.57 37.88 -43.88
N ALA WA 118 24.33 37.54 -44.22
CA ALA WA 118 23.47 38.40 -45.05
C ALA WA 118 23.30 39.78 -44.45
N ASP WA 119 22.85 39.84 -43.19
CA ASP WA 119 22.46 41.08 -42.53
C ASP WA 119 23.52 42.17 -42.67
N THR WA 120 24.79 41.77 -42.73
CA THR WA 120 25.90 42.70 -42.84
C THR WA 120 26.41 42.83 -44.26
N TYR WA 121 26.78 41.72 -44.90
CA TYR WA 121 27.47 41.81 -46.18
C TYR WA 121 26.52 42.27 -47.29
N ASP WA 122 25.29 41.75 -47.33
CA ASP WA 122 24.35 42.07 -48.42
C ASP WA 122 23.03 42.50 -47.78
N ALA WA 123 22.96 43.76 -47.40
CA ALA WA 123 21.76 44.26 -46.75
C ALA WA 123 20.71 44.71 -47.75
N ALA WA 124 21.16 45.14 -48.93
CA ALA WA 124 20.24 45.64 -49.94
C ALA WA 124 19.31 44.52 -50.41
N ASN WA 125 19.84 43.31 -50.61
CA ASN WA 125 19.00 42.22 -51.07
C ASN WA 125 18.03 41.76 -49.99
N VAL WA 126 18.44 41.80 -48.72
CA VAL WA 126 17.52 41.53 -47.62
C VAL WA 126 16.35 42.50 -47.65
N LYS WA 127 16.67 43.81 -47.66
CA LYS WA 127 15.63 44.82 -47.70
C LYS WA 127 14.75 44.67 -48.93
N ALA WA 128 15.32 44.22 -50.05
CA ALA WA 128 14.56 44.08 -51.29
C ALA WA 128 13.60 42.91 -51.21
N ALA WA 129 14.03 41.79 -50.63
CA ALA WA 129 13.11 40.68 -50.39
C ALA WA 129 11.93 41.14 -49.56
N LEU WA 130 12.21 41.86 -48.46
CA LEU WA 130 11.11 42.33 -47.61
C LEU WA 130 10.21 43.30 -48.36
N SER WA 131 10.80 44.19 -49.17
CA SER WA 131 10.03 45.17 -49.92
C SER WA 131 9.12 44.50 -50.94
N ALA WA 132 9.66 43.57 -51.73
CA ALA WA 132 8.85 42.86 -52.70
C ALA WA 132 7.72 42.09 -52.02
N ALA WA 133 8.06 41.36 -50.94
CA ALA WA 133 7.05 40.55 -50.25
C ALA WA 133 5.91 41.41 -49.75
N ILE WA 134 6.23 42.46 -48.97
CA ILE WA 134 5.17 43.27 -48.40
C ILE WA 134 4.44 44.06 -49.48
N GLY WA 135 5.13 44.44 -50.55
CA GLY WA 135 4.47 45.19 -51.62
C GLY WA 135 3.45 44.35 -52.37
N VAL WA 136 3.80 43.09 -52.68
CA VAL WA 136 2.84 42.20 -53.31
C VAL WA 136 1.69 41.90 -52.36
N LEU WA 137 1.98 41.74 -51.07
CA LEU WA 137 0.92 41.50 -50.09
C LEU WA 137 -0.07 42.65 -50.04
N SER WA 138 0.43 43.89 -49.99
CA SER WA 138 -0.47 45.03 -49.94
C SER WA 138 -1.19 45.25 -51.26
N GLN WA 139 -0.55 44.93 -52.39
CA GLN WA 139 -1.21 45.07 -53.68
C GLN WA 139 -2.36 44.09 -53.82
N GLN WA 140 -2.14 42.84 -53.44
CA GLN WA 140 -3.15 41.80 -53.61
C GLN WA 140 -3.93 41.52 -52.32
N SER WA 141 -3.98 42.48 -51.39
CA SER WA 141 -4.63 42.20 -50.11
C SER WA 141 -6.10 41.81 -50.31
N ALA WA 142 -6.81 42.59 -51.11
CA ALA WA 142 -8.21 42.30 -51.38
C ALA WA 142 -8.37 40.94 -52.05
N GLY WA 143 -7.53 40.66 -53.04
CA GLY WA 143 -7.63 39.40 -53.75
C GLY WA 143 -7.26 38.20 -52.92
N ILE WA 144 -6.33 38.37 -51.97
CA ILE WA 144 -5.94 37.30 -51.06
C ILE WA 144 -7.06 37.01 -50.07
N GLY WA 145 -7.79 38.04 -49.63
CA GLY WA 145 -9.01 37.78 -48.88
C GLY WA 145 -10.05 37.04 -49.70
N ASP WA 146 -10.28 37.51 -50.94
CA ASP WA 146 -11.17 36.80 -51.85
C ASP WA 146 -10.79 35.34 -51.98
N THR WA 147 -9.48 35.06 -52.03
CA THR WA 147 -9.01 33.68 -52.14
C THR WA 147 -9.23 32.93 -50.83
N ALA WA 148 -8.98 33.58 -49.69
CA ALA WA 148 -9.17 32.93 -48.39
C ALA WA 148 -10.61 32.52 -48.17
N LEU WA 149 -11.55 33.19 -48.86
CA LEU WA 149 -12.95 32.80 -48.79
C LEU WA 149 -13.38 31.88 -49.93
N SER WA 150 -12.79 32.03 -51.13
CA SER WA 150 -13.20 31.27 -52.30
C SER WA 150 -12.57 29.88 -52.33
N GLY WA 151 -11.32 29.77 -51.92
CA GLY WA 151 -10.55 28.57 -52.16
C GLY WA 151 -9.85 28.55 -53.49
N ILE WA 152 -9.84 29.67 -54.21
CA ILE WA 152 -9.38 29.70 -55.60
C ILE WA 152 -8.33 30.78 -55.77
N LEU WA 153 -7.23 30.43 -56.46
CA LEU WA 153 -6.18 31.38 -56.82
C LEU WA 153 -6.48 32.06 -58.15
N ALA XA 1 20.60 49.65 -10.22
CA ALA XA 1 20.53 50.98 -10.81
C ALA XA 1 21.51 51.13 -11.98
N TYR XA 2 21.30 50.35 -13.05
CA TYR XA 2 22.18 50.35 -14.21
C TYR XA 2 21.45 51.03 -15.37
N SER XA 3 21.97 52.20 -15.81
CA SER XA 3 21.38 52.95 -16.92
C SER XA 3 22.47 53.75 -17.62
N PRO XA 4 23.00 53.26 -18.73
CA PRO XA 4 24.07 53.97 -19.43
C PRO XA 4 23.58 55.21 -20.16
N SER XA 5 24.54 56.04 -20.58
CA SER XA 5 24.29 57.33 -21.21
C SER XA 5 24.47 57.23 -22.73
N THR XA 6 23.96 58.25 -23.44
CA THR XA 6 23.91 58.16 -24.91
C THR XA 6 25.31 58.12 -25.51
N PRO XA 7 26.18 59.12 -25.29
CA PRO XA 7 27.60 58.90 -25.60
C PRO XA 7 28.33 58.36 -24.38
N VAL XA 8 28.84 57.14 -24.47
CA VAL XA 8 29.71 56.59 -23.43
C VAL XA 8 31.13 56.95 -23.82
N THR XA 9 31.84 57.60 -22.92
CA THR XA 9 33.22 57.93 -23.17
C THR XA 9 34.07 56.70 -22.92
N GLY XA 10 34.57 56.11 -24.00
CA GLY XA 10 35.26 54.85 -23.91
C GLY XA 10 36.60 54.99 -23.20
N ALA XA 11 36.96 53.95 -22.47
CA ALA XA 11 38.23 53.93 -21.76
C ALA XA 11 39.38 54.02 -22.75
N ALA XA 12 40.47 54.64 -22.30
CA ALA XA 12 41.57 54.95 -23.19
C ALA XA 12 42.13 53.67 -23.81
N GLN XA 13 42.43 53.73 -25.09
CA GLN XA 13 43.08 52.64 -25.81
C GLN XA 13 44.21 53.21 -26.64
N THR XA 14 45.09 52.31 -27.10
CA THR XA 14 46.40 52.72 -27.60
C THR XA 14 46.28 53.64 -28.81
N GLY XA 15 45.65 53.17 -29.88
CA GLY XA 15 45.52 54.00 -31.05
C GLY XA 15 44.34 54.95 -31.10
N PHE XA 16 43.54 55.02 -30.05
CA PHE XA 16 42.29 55.77 -30.08
C PHE XA 16 42.50 57.15 -29.47
N THR XA 17 41.99 58.17 -30.15
CA THR XA 17 42.00 59.54 -29.65
C THR XA 17 40.58 59.91 -29.26
N SER XA 18 40.33 60.05 -27.96
CA SER XA 18 39.06 60.52 -27.41
C SER XA 18 37.86 59.72 -27.92
N PRO XA 19 37.82 58.40 -27.68
CA PRO XA 19 36.78 57.58 -28.28
C PRO XA 19 35.49 57.63 -27.48
N THR XA 20 34.37 57.70 -28.20
CA THR XA 20 33.05 57.66 -27.62
C THR XA 20 32.20 56.67 -28.41
N TYR XA 21 31.23 56.07 -27.73
CA TYR XA 21 30.36 55.07 -28.35
C TYR XA 21 28.91 55.45 -28.06
N THR XA 22 28.12 55.58 -29.13
CA THR XA 22 26.70 55.91 -29.01
C THR XA 22 25.91 54.63 -28.79
N LEU XA 23 25.09 54.62 -27.74
CA LEU XA 23 24.29 53.46 -27.40
C LEU XA 23 22.86 53.67 -27.84
N THR XA 24 22.29 52.66 -28.50
CA THR XA 24 20.88 52.60 -28.81
C THR XA 24 20.25 51.47 -27.99
N SER XA 25 19.03 51.67 -27.51
CA SER XA 25 18.44 50.70 -26.61
C SER XA 25 17.99 49.46 -27.37
N ASP XA 26 18.25 48.29 -26.76
CA ASP XA 26 17.97 47.01 -27.39
C ASP XA 26 17.22 46.13 -26.40
N THR XA 27 16.45 45.17 -26.94
CA THR XA 27 15.78 44.17 -26.13
C THR XA 27 16.75 43.06 -25.77
N ALA XA 28 16.80 42.70 -24.49
CA ALA XA 28 17.77 41.77 -23.95
C ALA XA 28 17.31 40.33 -24.13
N PRO XA 29 18.24 39.37 -24.12
CA PRO XA 29 17.84 37.98 -24.41
C PRO XA 29 17.02 37.34 -23.31
N THR XA 30 17.41 37.52 -22.06
CA THR XA 30 16.57 37.11 -20.96
C THR XA 30 15.63 38.24 -20.59
N ALA XA 31 14.61 37.91 -19.79
CA ALA XA 31 13.82 38.94 -19.16
C ALA XA 31 14.54 39.61 -18.00
N LEU XA 32 15.72 39.11 -17.62
CA LEU XA 32 16.48 39.61 -16.49
C LEU XA 32 17.66 40.47 -16.92
N GLY XA 33 17.67 40.94 -18.16
CA GLY XA 33 18.78 41.71 -18.65
C GLY XA 33 18.33 43.03 -19.23
N LYS XA 34 19.22 44.02 -19.12
CA LYS XA 34 19.13 45.26 -19.88
C LYS XA 34 20.27 45.26 -20.88
N GLN XA 35 19.96 45.52 -22.15
CA GLN XA 35 20.96 45.43 -23.21
C GLN XA 35 20.92 46.67 -24.07
N HIS XA 36 22.10 47.20 -24.39
CA HIS XA 36 22.25 48.27 -25.35
C HIS XA 36 23.15 47.81 -26.49
N ALA XA 37 22.94 48.37 -27.67
CA ALA XA 37 23.80 48.09 -28.82
C ALA XA 37 24.54 49.35 -29.23
N VAL XA 38 25.79 49.20 -29.64
CA VAL XA 38 26.61 50.33 -30.07
C VAL XA 38 26.25 50.61 -31.53
N THR XA 39 25.36 51.58 -31.73
CA THR XA 39 24.87 51.89 -33.07
C THR XA 39 25.86 52.73 -33.87
N ALA XA 40 26.69 53.54 -33.21
CA ALA XA 40 27.62 54.40 -33.92
C ALA XA 40 28.80 54.76 -33.03
N THR XA 41 29.92 55.09 -33.66
CA THR XA 41 31.16 55.39 -32.96
C THR XA 41 31.61 56.81 -33.27
N GLY XA 42 32.08 57.52 -32.22
CA GLY XA 42 32.75 58.79 -32.38
C GLY XA 42 34.17 58.72 -31.83
N GLY XA 43 34.97 59.72 -32.19
CA GLY XA 43 36.38 59.74 -31.85
C GLY XA 43 37.23 59.25 -33.01
N THR XA 44 38.54 59.41 -32.85
CA THR XA 44 39.52 59.02 -33.87
C THR XA 44 40.00 57.58 -33.65
N GLN XA 45 39.03 56.68 -33.75
CA GLN XA 45 39.26 55.23 -33.82
C GLN XA 45 38.89 54.79 -35.24
N THR XA 46 39.88 54.31 -35.97
CA THR XA 46 39.69 54.02 -37.38
C THR XA 46 39.66 52.52 -37.58
N GLY XA 47 38.60 52.06 -38.23
CA GLY XA 47 38.38 50.66 -38.49
C GLY XA 47 37.37 50.01 -37.57
N VAL XA 48 36.86 50.74 -36.59
CA VAL XA 48 35.94 50.18 -35.61
C VAL XA 48 34.56 50.03 -36.25
N THR XA 49 34.01 48.82 -36.20
CA THR XA 49 32.72 48.52 -36.79
C THR XA 49 31.63 48.56 -35.73
N THR XA 50 30.45 49.06 -36.12
CA THR XA 50 29.32 49.19 -35.21
C THR XA 50 28.51 47.89 -35.19
N HIS XA 51 27.35 47.93 -34.52
CA HIS XA 51 26.60 46.71 -34.25
C HIS XA 51 25.83 46.24 -35.49
N SER XA 52 26.12 45.02 -35.91
CA SER XA 52 25.34 44.27 -36.89
C SER XA 52 24.85 43.00 -36.20
N VAL XA 53 24.06 42.20 -36.92
CA VAL XA 53 23.64 40.95 -36.32
C VAL XA 53 24.76 39.91 -36.40
N SER XA 54 25.47 39.86 -37.52
CA SER XA 54 26.58 38.93 -37.65
C SER XA 54 27.86 39.46 -37.03
N SER XA 55 27.99 40.79 -36.90
CA SER XA 55 29.12 41.43 -36.24
C SER XA 55 28.59 42.33 -35.13
N PRO XA 56 28.25 41.76 -33.98
CA PRO XA 56 27.55 42.52 -32.95
C PRO XA 56 28.45 43.47 -32.19
N PHE XA 57 27.81 44.44 -31.53
CA PHE XA 57 28.44 45.31 -30.53
C PHE XA 57 27.37 45.51 -29.46
N THR XA 58 27.38 44.64 -28.46
CA THR XA 58 26.29 44.58 -27.47
C THR XA 58 26.84 44.61 -26.05
N ILE XA 59 26.13 45.35 -25.19
CA ILE XA 59 26.49 45.55 -23.80
C ILE XA 59 25.26 45.17 -22.99
N THR XA 60 25.27 43.98 -22.40
CA THR XA 60 24.12 43.45 -21.68
C THR XA 60 24.47 43.17 -20.21
N PHE XA 61 23.54 43.50 -19.32
CA PHE XA 61 23.76 43.39 -17.88
C PHE XA 61 22.57 42.69 -17.25
N THR XA 62 22.83 41.63 -16.50
CA THR XA 62 21.81 40.69 -16.05
C THR XA 62 21.90 40.48 -14.55
N ARG XA 63 20.74 40.32 -13.92
CA ARG XA 63 20.59 39.94 -12.52
C ARG XA 63 20.25 38.45 -12.42
N PRO XA 64 20.45 37.83 -11.26
CA PRO XA 64 20.14 36.40 -11.14
C PRO XA 64 18.64 36.14 -11.14
N LYS XA 65 18.28 34.90 -11.51
CA LYS XA 65 16.87 34.53 -11.58
C LYS XA 65 16.22 34.55 -10.20
N THR XA 66 16.92 34.01 -9.19
CA THR XA 66 16.38 33.92 -7.84
C THR XA 66 17.41 34.45 -6.86
N MET XA 67 16.98 35.39 -6.03
CA MET XA 67 17.87 35.93 -5.00
C MET XA 67 18.08 34.89 -3.91
N LYS XA 68 19.20 35.04 -3.19
CA LYS XA 68 19.54 34.15 -2.08
C LYS XA 68 19.74 34.96 -0.80
N THR XA 69 19.12 34.50 0.29
CA THR XA 69 19.21 35.14 1.59
C THR XA 69 20.29 34.46 2.41
N VAL XA 70 20.77 35.17 3.44
CA VAL XA 70 21.96 34.75 4.19
C VAL XA 70 21.72 33.45 4.94
N GLY XA 71 20.50 33.22 5.41
CA GLY XA 71 20.25 32.06 6.20
C GLY XA 71 20.48 32.32 7.68
N VAL XA 72 20.52 31.23 8.42
CA VAL XA 72 20.41 31.30 9.87
C VAL XA 72 21.50 30.45 10.53
N PRO XA 73 22.15 30.92 11.58
CA PRO XA 73 23.23 30.13 12.19
C PRO XA 73 22.74 28.87 12.89
N ASN XA 74 23.57 27.84 12.81
CA ASN XA 74 23.25 26.53 13.38
C ASN XA 74 23.69 26.47 14.84
N SER XA 75 23.65 25.26 15.42
CA SER XA 75 23.88 25.07 16.85
C SER XA 75 25.22 25.63 17.30
N ASN XA 76 26.22 25.67 16.43
CA ASN XA 76 27.54 26.18 16.76
C ASN XA 76 27.69 27.66 16.49
N GLY XA 77 26.61 28.36 16.14
CA GLY XA 77 26.69 29.75 15.79
C GLY XA 77 27.25 30.02 14.42
N VAL XA 78 27.33 29.01 13.55
CA VAL XA 78 27.95 29.11 12.23
C VAL XA 78 26.86 28.96 11.17
N ILE XA 79 26.88 29.84 10.17
CA ILE XA 79 25.94 29.76 9.06
C ILE XA 79 26.45 28.75 8.05
N THR XA 80 25.67 27.70 7.83
CA THR XA 80 26.20 26.49 7.19
C THR XA 80 26.59 26.74 5.74
N ASN XA 81 25.73 27.42 4.99
CA ASN XA 81 25.93 27.56 3.55
C ASN XA 81 25.59 28.98 3.15
N ILE XA 82 26.60 29.70 2.65
CA ILE XA 82 26.43 31.05 2.14
C ILE XA 82 26.41 30.96 0.63
N GLY XA 83 25.20 30.97 0.05
CA GLY XA 83 25.07 31.13 -1.37
C GLY XA 83 25.55 32.51 -1.82
N ARG XA 84 25.62 32.69 -3.14
CA ARG XA 84 26.09 33.97 -3.67
C ARG XA 84 25.27 34.38 -4.90
N ASN XA 85 24.80 35.63 -4.92
CA ASN XA 85 24.11 36.15 -6.10
C ASN XA 85 25.16 36.77 -7.02
N THR XA 86 25.21 36.32 -8.29
CA THR XA 86 26.16 36.83 -9.27
C THR XA 86 25.41 37.65 -10.32
N TYR XA 87 25.88 38.87 -10.55
CA TYR XA 87 25.38 39.74 -11.59
C TYR XA 87 26.36 39.74 -12.75
N GLY XA 88 25.83 39.76 -13.98
CA GLY XA 88 26.67 39.58 -15.15
C GLY XA 88 26.67 40.72 -16.15
N PHE XA 89 27.85 41.18 -16.54
CA PHE XA 89 28.02 42.28 -17.48
C PHE XA 89 28.84 41.79 -18.66
N LEU XA 90 28.25 41.77 -19.85
CA LEU XA 90 28.89 41.11 -20.97
C LEU XA 90 28.83 41.95 -22.23
N VAL XA 91 29.98 42.07 -22.90
CA VAL XA 91 30.14 42.82 -24.13
C VAL XA 91 30.54 41.84 -25.22
N ARG XA 92 29.79 41.86 -26.32
CA ARG XA 92 30.08 41.05 -27.50
C ARG XA 92 30.47 41.97 -28.65
N LYS XA 93 31.58 41.65 -29.31
CA LYS XA 93 32.07 42.50 -30.40
C LYS XA 93 32.47 41.66 -31.60
N GLY XA 94 31.95 42.03 -32.76
CA GLY XA 94 32.34 41.39 -33.99
C GLY XA 94 33.79 41.70 -34.34
N VAL XA 95 34.62 40.66 -34.48
CA VAL XA 95 36.04 40.81 -34.79
C VAL XA 95 36.38 39.86 -35.93
N ILE XA 96 37.20 40.31 -36.87
CA ILE XA 96 37.46 39.55 -38.09
C ILE XA 96 38.81 38.86 -37.96
N PRO XA 97 38.87 37.53 -37.97
CA PRO XA 97 40.15 36.86 -37.71
C PRO XA 97 41.08 36.77 -38.92
N ALA XA 98 40.57 36.49 -40.10
CA ALA XA 98 41.43 36.23 -41.24
C ALA XA 98 41.19 37.26 -42.35
N VAL XA 99 41.87 37.04 -43.48
CA VAL XA 99 41.84 38.03 -44.55
C VAL XA 99 40.46 38.07 -45.19
N ASN XA 100 39.85 36.91 -45.39
CA ASN XA 100 38.53 36.86 -45.96
C ASN XA 100 37.53 36.17 -45.07
N GLN XA 101 37.97 35.63 -43.93
CA GLN XA 101 37.05 34.90 -43.08
C GLN XA 101 36.02 35.84 -42.45
N SER XA 102 34.96 35.21 -41.95
CA SER XA 102 33.77 35.89 -41.47
C SER XA 102 33.95 36.30 -40.02
N PRO XA 103 33.16 37.27 -39.54
CA PRO XA 103 33.39 37.78 -38.18
C PRO XA 103 33.09 36.75 -37.10
N GLN XA 104 34.05 36.59 -36.19
CA GLN XA 104 33.93 35.90 -34.92
C GLN XA 104 33.57 36.90 -33.82
N VAL XA 105 33.25 36.38 -32.63
CA VAL XA 105 32.73 37.23 -31.56
C VAL XA 105 33.76 37.30 -30.44
N MET XA 106 34.54 38.37 -30.39
CA MET XA 106 35.30 38.65 -29.18
C MET XA 106 34.32 38.91 -28.03
N LEU XA 107 34.74 38.55 -26.83
CA LEU XA 107 33.81 38.51 -25.72
C LEU XA 107 34.51 39.04 -24.45
N VAL XA 108 33.94 40.05 -23.82
CA VAL XA 108 34.46 40.59 -22.57
C VAL XA 108 33.36 40.47 -21.53
N ARG XA 109 33.53 39.57 -20.57
CA ARG XA 109 32.47 39.31 -19.60
C ARG XA 109 32.97 39.48 -18.17
N VAL XA 110 32.13 40.11 -17.35
CA VAL XA 110 32.39 40.41 -15.95
C VAL XA 110 31.31 39.72 -15.13
N GLU XA 111 31.74 39.10 -14.04
CA GLU XA 111 30.83 38.44 -13.10
C GLU XA 111 31.10 38.99 -11.72
N ILE XA 112 30.04 39.43 -11.05
CA ILE XA 112 30.13 40.04 -9.73
C ILE XA 112 29.37 39.10 -8.78
N SER XA 113 30.10 38.29 -8.02
CA SER XA 113 29.50 37.36 -7.07
C SER XA 113 29.52 37.99 -5.68
N VAL XA 114 28.33 38.37 -5.22
CA VAL XA 114 28.12 38.96 -3.90
C VAL XA 114 27.58 37.86 -2.97
N PRO XA 115 28.30 37.52 -1.89
CA PRO XA 115 27.77 36.56 -0.91
C PRO XA 115 26.45 37.03 -0.34
N ALA XA 116 25.78 36.10 0.35
CA ALA XA 116 24.39 36.32 0.70
C ALA XA 116 24.23 37.47 1.69
N GLY XA 117 24.82 37.34 2.87
CA GLY XA 117 24.63 38.35 3.90
C GLY XA 117 25.40 39.62 3.68
N ALA XA 118 26.30 39.58 2.69
CA ALA XA 118 27.16 40.71 2.36
C ALA XA 118 26.36 41.96 2.05
N ASP XA 119 25.42 41.85 1.11
CA ASP XA 119 24.73 43.01 0.53
C ASP XA 119 24.07 43.88 1.60
N THR XA 120 23.73 43.28 2.73
CA THR XA 120 23.11 44.01 3.82
C THR XA 120 24.08 44.31 4.95
N TYR XA 121 24.81 43.30 5.44
CA TYR XA 121 25.62 43.51 6.64
C TYR XA 121 26.87 44.33 6.35
N ASP XA 122 27.57 44.04 5.23
CA ASP XA 122 28.84 44.69 4.90
C ASP XA 122 28.75 45.22 3.48
N ALA XA 123 28.14 46.39 3.32
CA ALA XA 123 27.96 46.95 1.99
C ALA XA 123 29.18 47.73 1.56
N ALA XA 124 29.90 48.31 2.52
CA ALA XA 124 31.06 49.13 2.19
C ALA XA 124 32.13 48.31 1.50
N ASN XA 125 32.36 47.08 1.97
CA ASN XA 125 33.39 46.25 1.35
C ASN XA 125 32.96 45.78 -0.04
N VAL XA 126 31.67 45.50 -0.24
CA VAL XA 126 31.17 45.19 -1.57
C VAL XA 126 31.46 46.34 -2.52
N LYS XA 127 31.01 47.55 -2.14
CA LYS XA 127 31.25 48.72 -2.98
C LYS XA 127 32.73 48.94 -3.23
N ALA XA 128 33.56 48.64 -2.22
CA ALA XA 128 35.00 48.86 -2.35
C ALA XA 128 35.63 47.88 -3.34
N ALA XA 129 35.21 46.62 -3.30
CA ALA XA 129 35.70 45.66 -4.28
C ALA XA 129 35.33 46.12 -5.69
N LEU XA 130 34.08 46.57 -5.86
CA LEU XA 130 33.66 47.02 -7.19
C LEU XA 130 34.46 48.23 -7.65
N SER XA 131 34.68 49.21 -6.76
CA SER XA 131 35.37 50.42 -7.17
C SER XA 131 36.84 50.16 -7.44
N ALA XA 132 37.48 49.29 -6.66
CA ALA XA 132 38.88 48.94 -6.94
C ALA XA 132 39.00 48.20 -8.26
N ALA XA 133 38.13 47.23 -8.51
CA ALA XA 133 38.18 46.49 -9.76
C ALA XA 133 37.99 47.42 -10.96
N ILE XA 134 36.95 48.24 -10.94
CA ILE XA 134 36.69 49.11 -12.07
C ILE XA 134 37.74 50.21 -12.19
N GLY XA 135 38.31 50.67 -11.07
CA GLY XA 135 39.33 51.70 -11.15
C GLY XA 135 40.62 51.18 -11.75
N VAL XA 136 41.04 49.97 -11.37
CA VAL XA 136 42.20 49.35 -11.99
C VAL XA 136 41.94 49.09 -13.47
N LEU XA 137 40.72 48.66 -13.82
CA LEU XA 137 40.39 48.43 -15.22
C LEU XA 137 40.51 49.71 -16.03
N SER XA 138 39.95 50.82 -15.53
CA SER XA 138 40.00 52.08 -16.27
C SER XA 138 41.42 52.66 -16.29
N GLN XA 139 42.21 52.40 -15.25
CA GLN XA 139 43.59 52.88 -15.24
C GLN XA 139 44.45 52.15 -16.27
N GLN XA 140 44.33 50.82 -16.32
CA GLN XA 140 45.13 50.01 -17.21
C GLN XA 140 44.41 49.65 -18.50
N SER XA 141 43.40 50.43 -18.90
CA SER XA 141 42.62 50.05 -20.08
C SER XA 141 43.52 49.94 -21.31
N ALA XA 142 44.33 50.98 -21.55
CA ALA XA 142 45.22 50.97 -22.70
C ALA XA 142 46.18 49.79 -22.63
N GLY XA 143 46.76 49.55 -21.45
CA GLY XA 143 47.73 48.48 -21.32
C GLY XA 143 47.13 47.10 -21.44
N ILE XA 144 45.88 46.94 -21.01
CA ILE XA 144 45.19 45.66 -21.17
C ILE XA 144 44.88 45.41 -22.65
N GLY XA 145 44.56 46.47 -23.40
CA GLY XA 145 44.46 46.31 -24.84
C GLY XA 145 45.79 45.90 -25.46
N ASP XA 146 46.86 46.61 -25.09
CA ASP XA 146 48.19 46.26 -25.54
C ASP XA 146 48.50 44.80 -25.26
N THR XA 147 48.09 44.31 -24.10
CA THR XA 147 48.31 42.91 -23.75
C THR XA 147 47.43 41.98 -24.58
N ALA XA 148 46.17 42.39 -24.83
CA ALA XA 148 45.26 41.56 -25.61
C ALA XA 148 45.78 41.34 -27.02
N LEU XA 149 46.62 42.25 -27.50
CA LEU XA 149 47.22 42.09 -28.82
C LEU XA 149 48.64 41.52 -28.77
N SER XA 150 49.42 41.84 -27.73
CA SER XA 150 50.82 41.48 -27.65
C SER XA 150 51.04 40.10 -27.05
N GLY XA 151 50.19 39.68 -26.10
CA GLY XA 151 50.45 38.50 -25.32
C GLY XA 151 51.47 38.70 -24.22
N ILE XA 152 51.76 39.96 -23.89
CA ILE XA 152 52.85 40.30 -22.99
C ILE XA 152 52.27 40.95 -21.74
N LEU XA 153 52.76 40.53 -20.58
CA LEU XA 153 52.32 41.12 -19.31
C LEU XA 153 53.25 42.23 -18.82
N ALA YA 1 -4.67 46.30 -18.86
CA ALA YA 1 -4.14 47.65 -18.90
C ALA YA 1 -3.63 48.07 -17.51
N TYR YA 2 -2.57 47.40 -17.04
CA TYR YA 2 -1.98 47.67 -15.72
C TYR YA 2 -0.63 48.38 -15.89
N SER YA 3 -0.57 49.66 -15.47
CA SER YA 3 0.65 50.47 -15.57
C SER YA 3 0.66 51.52 -14.46
N PRO YA 4 1.42 51.29 -13.39
CA PRO YA 4 1.45 52.24 -12.28
C PRO YA 4 2.26 53.49 -12.60
N SER YA 5 2.10 54.51 -11.75
CA SER YA 5 2.75 55.80 -11.87
C SER YA 5 4.00 55.88 -10.98
N THR YA 6 4.90 56.81 -11.33
CA THR YA 6 6.19 56.88 -10.64
C THR YA 6 6.02 57.17 -9.16
N PRO YA 7 5.38 58.28 -8.73
CA PRO YA 7 4.96 58.34 -7.32
C PRO YA 7 3.56 57.78 -7.15
N VAL YA 8 3.43 56.69 -6.42
CA VAL YA 8 2.12 56.13 -6.08
C VAL YA 8 1.70 56.74 -4.76
N THR YA 9 0.57 57.42 -4.75
CA THR YA 9 0.01 57.92 -3.50
C THR YA 9 -0.47 56.74 -2.67
N GLY YA 10 0.25 56.43 -1.60
CA GLY YA 10 -0.10 55.29 -0.77
C GLY YA 10 -1.37 55.56 0.03
N ALA YA 11 -2.15 54.49 0.24
CA ALA YA 11 -3.42 54.63 0.94
C ALA YA 11 -3.17 55.04 2.38
N ALA YA 12 -4.13 55.77 2.94
CA ALA YA 12 -3.94 56.35 4.26
C ALA YA 12 -3.62 55.26 5.27
N GLN YA 13 -2.69 55.56 6.17
CA GLN YA 13 -2.35 54.67 7.26
C GLN YA 13 -2.22 55.48 8.54
N THR YA 14 -2.20 54.78 9.66
CA THR YA 14 -2.39 55.44 10.95
C THR YA 14 -1.27 56.44 11.24
N GLY YA 15 -0.02 55.98 11.25
CA GLY YA 15 1.03 56.92 11.56
C GLY YA 15 1.61 57.69 10.39
N PHE YA 16 1.04 57.58 9.20
CA PHE YA 16 1.66 58.14 8.01
C PHE YA 16 0.99 59.44 7.60
N THR YA 17 1.82 60.43 7.27
CA THR YA 17 1.36 61.71 6.75
C THR YA 17 1.75 61.79 5.28
N SER YA 18 0.75 61.85 4.40
CA SER YA 18 0.90 61.96 2.95
C SER YA 18 1.96 61.01 2.40
N PRO YA 19 1.77 59.69 2.52
CA PRO YA 19 2.80 58.75 2.09
C PRO YA 19 2.76 58.44 0.60
N THR YA 20 3.93 58.47 -0.03
CA THR YA 20 4.07 58.15 -1.45
C THR YA 20 5.20 57.14 -1.61
N TYR YA 21 5.08 56.29 -2.64
CA TYR YA 21 6.08 55.26 -2.91
C TYR YA 21 6.56 55.38 -4.34
N THR YA 22 7.87 55.54 -4.53
CA THR YA 22 8.47 55.61 -5.86
C THR YA 22 8.71 54.19 -6.35
N LEU YA 23 8.18 53.85 -7.52
CA LEU YA 23 8.33 52.53 -8.10
C LEU YA 23 9.42 52.56 -9.17
N THR YA 24 10.33 51.60 -9.11
CA THR YA 24 11.29 51.36 -10.17
C THR YA 24 10.90 50.07 -10.89
N SER YA 25 10.91 50.10 -12.22
CA SER YA 25 10.52 48.93 -12.97
C SER YA 25 11.45 47.76 -12.63
N ASP YA 26 10.86 46.59 -12.42
CA ASP YA 26 11.61 45.38 -12.15
C ASP YA 26 11.10 44.27 -13.05
N THR YA 27 11.96 43.27 -13.27
CA THR YA 27 11.63 42.18 -14.17
C THR YA 27 10.94 41.07 -13.39
N ALA YA 28 9.79 40.63 -13.89
CA ALA YA 28 8.84 39.79 -13.18
C ALA YA 28 9.28 38.32 -13.17
N PRO YA 29 8.71 37.50 -12.28
CA PRO YA 29 9.18 36.11 -12.19
C PRO YA 29 8.71 35.27 -13.35
N THR YA 30 7.50 35.50 -13.81
CA THR YA 30 6.96 34.85 -15.00
C THR YA 30 7.01 35.82 -16.17
N ALA YA 31 6.75 35.27 -17.36
CA ALA YA 31 6.66 36.11 -18.53
C ALA YA 31 5.30 36.76 -18.67
N LEU YA 32 4.33 36.37 -17.83
CA LEU YA 32 2.99 36.90 -17.86
C LEU YA 32 2.72 37.84 -16.69
N GLY YA 33 3.77 38.38 -16.09
CA GLY YA 33 3.64 39.29 -14.98
C GLY YA 33 4.38 40.59 -15.25
N LYS YA 34 3.88 41.67 -14.65
CA LYS YA 34 4.57 42.95 -14.62
C LYS YA 34 4.88 43.26 -13.16
N GLN YA 35 6.15 43.54 -12.88
CA GLN YA 35 6.58 43.75 -11.50
C GLN YA 35 7.30 45.08 -11.38
N HIS YA 36 6.97 45.82 -10.32
CA HIS YA 36 7.75 46.97 -9.93
C HIS YA 36 8.27 46.74 -8.51
N ALA YA 37 9.31 47.49 -8.13
CA ALA YA 37 9.84 47.40 -6.78
C ALA YA 37 9.97 48.80 -6.19
N VAL YA 38 9.68 48.91 -4.90
CA VAL YA 38 9.66 50.21 -4.24
C VAL YA 38 11.10 50.60 -3.96
N THR YA 39 11.65 51.49 -4.79
CA THR YA 39 13.03 51.91 -4.64
C THR YA 39 13.20 52.99 -3.57
N ALA YA 40 12.17 53.82 -3.33
CA ALA YA 40 12.28 54.88 -2.34
C ALA YA 40 10.89 55.29 -1.86
N THR YA 41 10.85 55.86 -0.65
CA THR YA 41 9.62 56.32 -0.03
C THR YA 41 9.66 57.83 0.19
N GLY YA 42 8.53 58.48 -0.04
CA GLY YA 42 8.35 59.87 0.33
C GLY YA 42 7.20 59.99 1.30
N GLY YA 43 7.13 61.10 2.03
CA GLY YA 43 6.14 61.28 3.08
C GLY YA 43 6.71 60.99 4.45
N THR YA 44 5.91 61.28 5.47
CA THR YA 44 6.32 61.09 6.86
C THR YA 44 5.86 59.70 7.32
N GLN YA 45 6.61 58.70 6.87
CA GLN YA 45 6.46 57.30 7.30
C GLN YA 45 7.82 56.87 7.82
N THR YA 46 8.03 57.05 9.11
CA THR YA 46 9.35 56.87 9.67
C THR YA 46 9.60 55.39 9.93
N GLY YA 47 10.78 54.92 9.53
CA GLY YA 47 11.17 53.53 9.71
C GLY YA 47 10.88 52.62 8.53
N VAL YA 48 10.18 53.11 7.52
CA VAL YA 48 9.80 52.27 6.39
C VAL YA 48 11.03 51.97 5.56
N THR YA 49 11.31 50.68 5.37
CA THR YA 49 12.47 50.24 4.60
C THR YA 49 12.08 49.93 3.16
N THR YA 50 12.92 50.37 2.22
CA THR YA 50 12.67 50.16 0.81
C THR YA 50 13.12 48.76 0.41
N HIS YA 51 13.08 48.48 -0.90
CA HIS YA 51 13.43 47.15 -1.39
C HIS YA 51 14.92 46.90 -1.23
N SER YA 52 15.25 45.81 -0.56
CA SER YA 52 16.60 45.31 -0.46
C SER YA 52 16.59 43.84 -0.85
N VAL YA 53 17.77 43.26 -1.02
CA VAL YA 53 17.84 41.83 -1.30
C VAL YA 53 17.35 41.05 -0.10
N SER YA 54 17.69 41.51 1.11
CA SER YA 54 17.31 40.78 2.32
C SER YA 54 15.83 40.97 2.65
N SER YA 55 15.29 42.16 2.43
CA SER YA 55 13.89 42.47 2.74
C SER YA 55 13.24 43.16 1.53
N PRO YA 56 12.45 42.44 0.74
CA PRO YA 56 11.95 43.00 -0.51
C PRO YA 56 10.71 43.87 -0.30
N PHE YA 57 10.48 44.74 -1.29
CA PHE YA 57 9.27 45.56 -1.38
C PHE YA 57 8.88 45.53 -2.85
N THR YA 58 8.00 44.59 -3.20
CA THR YA 58 7.69 44.29 -4.60
C THR YA 58 6.19 44.22 -4.84
N ILE YA 59 5.78 44.72 -6.00
CA ILE YA 59 4.38 44.79 -6.42
C ILE YA 59 4.30 44.14 -7.79
N THR YA 60 3.73 42.94 -7.85
CA THR YA 60 3.70 42.16 -9.08
C THR YA 60 2.26 41.77 -9.45
N PHE YA 61 1.92 41.92 -10.73
CA PHE YA 61 0.57 41.64 -11.22
C PHE YA 61 0.66 40.69 -12.40
N THR YA 62 -0.06 39.58 -12.31
CA THR YA 62 0.07 38.48 -13.26
C THR YA 62 -1.30 38.13 -13.85
N ARG YA 63 -1.30 37.75 -15.13
CA ARG YA 63 -2.46 37.25 -15.83
C ARG YA 63 -2.30 35.75 -16.06
N PRO YA 64 -3.42 35.02 -16.22
CA PRO YA 64 -3.31 33.56 -16.32
C PRO YA 64 -2.59 33.10 -17.58
N LYS YA 65 -1.98 31.92 -17.47
CA LYS YA 65 -1.25 31.35 -18.61
C LYS YA 65 -2.19 31.10 -19.78
N THR YA 66 -3.31 30.42 -19.53
CA THR YA 66 -4.26 30.05 -20.57
C THR YA 66 -5.63 30.63 -20.22
N MET YA 67 -6.16 31.46 -21.11
CA MET YA 67 -7.51 31.98 -20.94
C MET YA 67 -8.53 30.88 -21.21
N LYS YA 68 -9.70 30.99 -20.58
CA LYS YA 68 -10.76 29.99 -20.73
C LYS YA 68 -12.00 30.62 -21.34
N THR YA 69 -12.53 29.97 -22.39
CA THR YA 69 -13.72 30.42 -23.08
C THR YA 69 -14.96 29.81 -22.43
N VAL YA 70 -16.11 30.45 -22.66
CA VAL YA 70 -17.32 30.16 -21.91
C VAL YA 70 -17.84 28.75 -22.21
N GLY YA 71 -17.72 28.30 -23.45
CA GLY YA 71 -18.22 27.00 -23.84
C GLY YA 71 -19.57 27.08 -24.54
N VAL YA 72 -20.01 25.93 -25.04
CA VAL YA 72 -21.17 25.83 -25.92
C VAL YA 72 -22.31 25.20 -25.14
N PRO YA 73 -23.51 25.78 -25.18
CA PRO YA 73 -24.64 25.18 -24.47
C PRO YA 73 -25.06 23.86 -25.09
N ASN YA 74 -25.53 22.96 -24.23
CA ASN YA 74 -25.95 21.63 -24.66
C ASN YA 74 -27.41 21.65 -25.10
N SER YA 75 -27.99 20.46 -25.29
CA SER YA 75 -29.36 20.35 -25.79
C SER YA 75 -30.36 21.05 -24.89
N ASN YA 76 -30.15 21.01 -23.57
CA ASN YA 76 -31.03 21.67 -22.62
C ASN YA 76 -30.84 23.18 -22.58
N GLY YA 77 -29.86 23.72 -23.30
CA GLY YA 77 -29.53 25.12 -23.20
C GLY YA 77 -28.57 25.46 -22.07
N VAL YA 78 -27.98 24.45 -21.44
CA VAL YA 78 -27.14 24.62 -20.26
C VAL YA 78 -25.67 24.46 -20.65
N ILE YA 79 -24.83 25.35 -20.13
CA ILE YA 79 -23.38 25.27 -20.32
C ILE YA 79 -22.78 24.48 -19.17
N THR YA 80 -22.03 23.43 -19.51
CA THR YA 80 -21.72 22.38 -18.54
C THR YA 80 -20.73 22.87 -17.49
N ASN YA 81 -19.64 23.51 -17.89
CA ASN YA 81 -18.59 23.89 -16.95
C ASN YA 81 -18.09 25.29 -17.28
N ILE YA 82 -18.20 26.19 -16.30
CA ILE YA 82 -17.74 27.55 -16.44
C ILE YA 82 -16.41 27.63 -15.70
N GLY YA 83 -15.31 27.53 -16.44
CA GLY YA 83 -14.01 27.81 -15.87
C GLY YA 83 -13.91 29.26 -15.44
N ARG YA 84 -12.84 29.57 -14.73
CA ARG YA 84 -12.64 30.93 -14.22
C ARG YA 84 -11.19 31.33 -14.42
N ASN YA 85 -10.95 32.45 -15.10
CA ASN YA 85 -9.60 32.98 -15.23
C ASN YA 85 -9.35 33.92 -14.05
N THR YA 86 -8.23 33.71 -13.34
CA THR YA 86 -7.86 34.45 -12.14
C THR YA 86 -6.62 35.29 -12.42
N TYR YA 87 -6.71 36.58 -12.12
CA TYR YA 87 -5.58 37.50 -12.19
C TYR YA 87 -5.08 37.73 -10.78
N GLY YA 88 -3.76 37.88 -10.64
CA GLY YA 88 -3.14 37.95 -9.33
C GLY YA 88 -2.27 39.17 -9.05
N PHE YA 89 -2.53 39.84 -7.92
CA PHE YA 89 -1.82 41.06 -7.55
C PHE YA 89 -1.18 40.82 -6.19
N LEU YA 90 0.14 40.92 -6.12
CA LEU YA 90 0.81 40.51 -4.89
C LEU YA 90 1.92 41.47 -4.50
N VAL YA 91 1.90 41.86 -3.24
CA VAL YA 91 2.89 42.75 -2.64
C VAL YA 91 3.65 41.94 -1.60
N ARG YA 92 4.98 42.01 -1.66
CA ARG YA 92 5.86 41.38 -0.69
C ARG YA 92 6.67 42.45 0.01
N LYS YA 93 6.70 42.41 1.35
CA LYS YA 93 7.37 43.45 2.12
C LYS YA 93 8.25 42.83 3.19
N GLY YA 94 9.50 43.28 3.25
CA GLY YA 94 10.41 42.83 4.28
C GLY YA 94 10.04 43.44 5.63
N VAL YA 95 9.77 42.59 6.62
CA VAL YA 95 9.31 43.01 7.94
C VAL YA 95 10.08 42.23 8.98
N ILE YA 96 10.55 42.90 10.02
CA ILE YA 96 11.46 42.27 10.98
C ILE YA 96 10.67 41.84 12.21
N PRO YA 97 10.65 40.54 12.56
CA PRO YA 97 9.80 40.12 13.69
C PRO YA 97 10.37 40.38 15.07
N ALA YA 98 11.66 40.20 15.29
CA ALA YA 98 12.19 40.36 16.64
C ALA YA 98 13.34 41.36 16.66
N VAL YA 99 14.00 41.41 17.83
CA VAL YA 99 14.99 42.44 18.06
C VAL YA 99 16.23 42.19 17.22
N ASN YA 100 16.57 40.94 16.97
CA ASN YA 100 17.74 40.66 16.15
C ASN YA 100 17.48 39.60 15.09
N GLN YA 101 16.23 39.39 14.70
CA GLN YA 101 15.90 38.33 13.76
C GLN YA 101 16.05 38.77 12.31
N SER YA 102 16.18 37.77 11.44
CA SER YA 102 16.22 37.99 10.01
C SER YA 102 14.85 38.46 9.53
N PRO YA 103 14.80 39.29 8.50
CA PRO YA 103 13.50 39.79 8.01
C PRO YA 103 12.66 38.65 7.44
N GLN YA 104 11.39 38.66 7.83
CA GLN YA 104 10.30 37.85 7.29
C GLN YA 104 9.57 38.62 6.20
N VAL YA 105 8.83 37.90 5.36
CA VAL YA 105 8.15 38.52 4.23
C VAL YA 105 6.67 38.64 4.56
N MET YA 106 6.25 39.81 5.03
CA MET YA 106 4.82 40.08 5.04
C MET YA 106 4.31 40.02 3.60
N LEU YA 107 3.06 39.61 3.46
CA LEU YA 107 2.57 39.27 2.13
C LEU YA 107 1.10 39.68 1.99
N VAL YA 108 0.82 40.57 1.05
CA VAL YA 108 -0.55 41.01 0.77
C VAL YA 108 -0.87 40.55 -0.65
N ARG YA 109 -1.83 39.62 -0.78
CA ARG YA 109 -2.11 39.07 -2.10
C ARG YA 109 -3.60 39.09 -2.42
N VAL YA 110 -3.90 39.56 -3.62
CA VAL YA 110 -5.25 39.69 -4.14
C VAL YA 110 -5.38 38.71 -5.30
N GLU YA 111 -6.56 38.09 -5.41
CA GLU YA 111 -6.90 37.23 -6.52
C GLU YA 111 -8.26 37.63 -7.05
N ILE YA 112 -8.34 37.86 -8.35
CA ILE YA 112 -9.55 38.29 -9.02
C ILE YA 112 -9.95 37.15 -9.95
N SER YA 113 -10.96 36.37 -9.55
CA SER YA 113 -11.45 35.24 -10.34
C SER YA 113 -12.70 35.68 -11.12
N VAL YA 114 -12.56 35.73 -12.44
CA VAL YA 114 -13.64 36.11 -13.36
C VAL YA 114 -14.12 34.85 -14.05
N PRO YA 115 -15.42 34.55 -14.02
CA PRO YA 115 -15.92 33.38 -14.74
C PRO YA 115 -15.81 33.58 -16.25
N ALA YA 116 -16.00 32.45 -16.94
CA ALA YA 116 -15.54 32.35 -18.32
C ALA YA 116 -16.29 33.29 -19.25
N GLY YA 117 -17.61 33.38 -19.09
CA GLY YA 117 -18.44 34.11 -20.01
C GLY YA 117 -18.67 35.53 -19.55
N ALA YA 118 -18.33 35.77 -18.28
CA ALA YA 118 -18.56 37.06 -17.62
C ALA YA 118 -17.94 38.20 -18.40
N ASP YA 119 -16.65 38.08 -18.72
CA ASP YA 119 -15.85 39.18 -19.25
C ASP YA 119 -16.48 39.82 -20.47
N THR YA 120 -17.28 39.06 -21.21
CA THR YA 120 -17.98 39.53 -22.40
C THR YA 120 -19.44 39.84 -22.12
N TYR YA 121 -20.19 38.87 -21.57
CA TYR YA 121 -21.63 39.05 -21.48
C TYR YA 121 -22.01 40.09 -20.42
N ASP YA 122 -21.38 40.05 -19.24
CA ASP YA 122 -21.74 40.92 -18.12
C ASP YA 122 -20.47 41.60 -17.60
N ALA YA 123 -20.07 42.67 -18.28
CA ALA YA 123 -18.84 43.36 -17.89
C ALA YA 123 -19.10 44.37 -16.79
N ALA YA 124 -20.31 44.93 -16.75
CA ALA YA 124 -20.62 45.95 -15.75
C ALA YA 124 -20.54 45.38 -14.35
N ASN YA 125 -20.99 44.14 -14.16
CA ASN YA 125 -20.97 43.55 -12.82
C ASN YA 125 -19.55 43.19 -12.39
N VAL YA 126 -18.72 42.73 -13.34
CA VAL YA 126 -17.30 42.53 -13.04
C VAL YA 126 -16.66 43.83 -12.59
N LYS YA 127 -16.82 44.89 -13.38
CA LYS YA 127 -16.24 46.19 -13.02
C LYS YA 127 -16.77 46.65 -11.68
N ALA YA 128 -18.04 46.36 -11.37
CA ALA YA 128 -18.65 46.79 -10.13
C ALA YA 128 -18.06 46.05 -8.93
N ALA YA 129 -17.86 44.74 -9.06
CA ALA YA 129 -17.21 43.99 -7.98
C ALA YA 129 -15.82 44.54 -7.70
N LEU YA 130 -15.06 44.83 -8.77
CA LEU YA 130 -13.72 45.38 -8.58
C LEU YA 130 -13.76 46.75 -7.91
N SER YA 131 -14.66 47.63 -8.36
CA SER YA 131 -14.70 48.98 -7.80
C SER YA 131 -15.19 48.97 -6.36
N ALA YA 132 -16.10 48.07 -6.01
CA ALA YA 132 -16.54 47.98 -4.62
C ALA YA 132 -15.44 47.42 -3.73
N ALA YA 133 -14.76 46.36 -4.17
CA ALA YA 133 -13.67 45.80 -3.39
C ALA YA 133 -12.57 46.83 -3.13
N ILE YA 134 -12.09 47.47 -4.20
CA ILE YA 134 -11.02 48.43 -4.05
C ILE YA 134 -11.48 49.70 -3.33
N GLY YA 135 -12.74 50.11 -3.50
CA GLY YA 135 -13.23 51.28 -2.79
C GLY YA 135 -13.33 51.04 -1.30
N VAL YA 136 -13.79 49.85 -0.89
CA VAL YA 136 -13.81 49.52 0.54
C VAL YA 136 -12.39 49.42 1.08
N LEU YA 137 -11.46 48.85 0.29
CA LEU YA 137 -10.07 48.76 0.76
C LEU YA 137 -9.48 50.15 0.99
N SER YA 138 -9.68 51.07 0.05
CA SER YA 138 -9.10 52.40 0.21
C SER YA 138 -9.82 53.20 1.29
N GLN YA 139 -11.13 52.97 1.48
CA GLN YA 139 -11.84 53.66 2.55
C GLN YA 139 -11.35 53.20 3.91
N GLN YA 140 -11.14 51.89 4.07
CA GLN YA 140 -10.75 51.32 5.35
C GLN YA 140 -9.27 50.95 5.40
N SER YA 141 -8.41 51.66 4.66
CA SER YA 141 -7.00 51.29 4.66
C SER YA 141 -6.38 51.50 6.03
N ALA YA 142 -6.60 52.68 6.63
CA ALA YA 142 -6.05 52.94 7.96
C ALA YA 142 -6.60 51.96 8.97
N GLY YA 143 -7.90 51.66 8.89
CA GLY YA 143 -8.50 50.75 9.84
C GLY YA 143 -8.03 49.32 9.68
N ILE YA 144 -7.75 48.89 8.45
CA ILE YA 144 -7.22 47.55 8.22
C ILE YA 144 -5.78 47.46 8.69
N GLY YA 145 -5.01 48.54 8.57
CA GLY YA 145 -3.70 48.55 9.23
C GLY YA 145 -3.82 48.43 10.73
N ASP YA 146 -4.70 49.24 11.34
CA ASP YA 146 -4.96 49.15 12.77
C ASP YA 146 -5.33 47.73 13.17
N THR YA 147 -6.13 47.05 12.35
CA THR YA 147 -6.50 45.67 12.64
C THR YA 147 -5.31 44.73 12.49
N ALA YA 148 -4.51 44.89 11.44
CA ALA YA 148 -3.38 44.01 11.20
C ALA YA 148 -2.35 44.12 12.31
N LEU YA 149 -2.31 45.25 13.01
CA LEU YA 149 -1.39 45.39 14.13
C LEU YA 149 -2.03 45.03 15.46
N SER YA 150 -3.33 45.33 15.64
CA SER YA 150 -3.98 45.18 16.93
C SER YA 150 -4.51 43.78 17.15
N GLY YA 151 -4.93 43.09 16.11
CA GLY YA 151 -5.82 41.96 16.29
C GLY YA 151 -7.25 42.35 16.55
N ILE YA 152 -7.55 43.63 16.49
CA ILE YA 152 -8.88 44.14 16.82
C ILE YA 152 -9.67 44.25 15.54
N LEU YA 153 -10.84 43.62 15.52
CA LEU YA 153 -11.73 43.68 14.38
C LEU YA 153 -12.93 44.61 14.69
N ALA ZA 1 -108.54 -62.45 53.96
CA ALA ZA 1 -109.31 -61.52 54.78
C ALA ZA 1 -108.57 -61.16 56.07
N TYR ZA 2 -107.41 -60.49 55.93
CA TYR ZA 2 -106.57 -60.10 57.06
C TYR ZA 2 -106.69 -58.59 57.28
N SER ZA 3 -107.32 -58.18 58.40
CA SER ZA 3 -107.51 -56.77 58.74
C SER ZA 3 -107.56 -56.62 60.25
N PRO ZA 4 -106.47 -56.19 60.87
CA PRO ZA 4 -106.45 -56.05 62.33
C PRO ZA 4 -107.22 -54.83 62.81
N SER ZA 5 -107.49 -54.82 64.12
CA SER ZA 5 -108.25 -53.78 64.80
C SER ZA 5 -107.33 -52.77 65.48
N THR ZA 6 -107.88 -51.58 65.78
CA THR ZA 6 -107.03 -50.48 66.26
C THR ZA 6 -106.36 -50.81 67.59
N PRO ZA 7 -107.10 -51.13 68.67
CA PRO ZA 7 -106.42 -51.76 69.82
C PRO ZA 7 -106.44 -53.28 69.70
N VAL ZA 8 -105.26 -53.89 69.63
CA VAL ZA 8 -105.15 -55.33 69.62
C VAL ZA 8 -104.95 -55.79 71.05
N THR ZA 9 -105.84 -56.66 71.52
CA THR ZA 9 -105.71 -57.25 72.85
C THR ZA 9 -104.55 -58.22 72.80
N GLY ZA 10 -103.41 -57.81 73.37
CA GLY ZA 10 -102.21 -58.63 73.30
C GLY ZA 10 -102.32 -59.86 74.17
N ALA ZA 11 -101.71 -60.96 73.71
CA ALA ZA 11 -101.82 -62.22 74.42
C ALA ZA 11 -101.15 -62.11 75.78
N ALA ZA 12 -101.63 -62.92 76.72
CA ALA ZA 12 -101.16 -62.79 78.10
C ALA ZA 12 -99.67 -63.04 78.16
N GLN ZA 13 -98.98 -62.22 78.96
CA GLN ZA 13 -97.56 -62.38 79.21
C GLN ZA 13 -97.31 -62.22 80.71
N THR ZA 14 -96.12 -62.64 81.13
CA THR ZA 14 -95.87 -62.88 82.56
C THR ZA 14 -96.02 -61.60 83.37
N GLY ZA 15 -95.26 -60.57 83.02
CA GLY ZA 15 -95.33 -59.33 83.77
C GLY ZA 15 -96.36 -58.32 83.30
N PHE ZA 16 -97.21 -58.67 82.35
CA PHE ZA 16 -98.11 -57.71 81.71
C PHE ZA 16 -99.51 -57.83 82.30
N THR ZA 17 -100.10 -56.68 82.61
CA THR ZA 17 -101.48 -56.61 83.07
C THR ZA 17 -102.32 -55.96 81.98
N SER ZA 18 -103.25 -56.73 81.42
CA SER ZA 18 -104.16 -56.26 80.37
C SER ZA 18 -103.45 -55.47 79.26
N PRO ZA 19 -102.54 -56.13 78.52
CA PRO ZA 19 -101.76 -55.38 77.51
C PRO ZA 19 -102.52 -55.23 76.19
N THR ZA 20 -102.47 -54.03 75.63
CA THR ZA 20 -103.07 -53.74 74.33
C THR ZA 20 -102.05 -52.98 73.49
N TYR ZA 21 -102.13 -53.15 72.17
CA TYR ZA 21 -101.20 -52.48 71.26
C TYR ZA 21 -101.98 -51.74 70.20
N THR ZA 22 -101.72 -50.45 70.05
CA THR ZA 22 -102.38 -49.62 69.05
C THR ZA 22 -101.61 -49.75 67.74
N LEU ZA 23 -102.32 -50.13 66.67
CA LEU ZA 23 -101.69 -50.29 65.36
C LEU ZA 23 -101.97 -49.07 64.51
N THR ZA 24 -100.94 -48.60 63.82
CA THR ZA 24 -101.06 -47.57 62.80
C THR ZA 24 -100.72 -48.19 61.45
N SER ZA 25 -101.48 -47.83 60.42
CA SER ZA 25 -101.30 -48.48 59.14
C SER ZA 25 -99.97 -48.06 58.51
N ASP ZA 26 -99.28 -49.03 57.91
CA ASP ZA 26 -97.98 -48.80 57.31
C ASP ZA 26 -97.95 -49.41 55.92
N THR ZA 27 -97.09 -48.87 55.06
CA THR ZA 27 -96.89 -49.44 53.74
C THR ZA 27 -95.92 -50.61 53.83
N ALA ZA 28 -96.27 -51.72 53.20
CA ALA ZA 28 -95.53 -52.97 53.30
C ALA ZA 28 -94.33 -52.98 52.36
N PRO ZA 29 -93.36 -53.91 52.58
CA PRO ZA 29 -92.15 -53.92 51.73
C PRO ZA 29 -92.38 -54.50 50.35
N THR ZA 30 -93.24 -55.51 50.25
CA THR ZA 30 -93.68 -56.03 48.96
C THR ZA 30 -95.06 -55.49 48.62
N ALA ZA 31 -95.46 -55.70 47.37
CA ALA ZA 31 -96.82 -55.40 46.95
C ALA ZA 31 -97.79 -56.50 47.31
N LEU ZA 32 -97.30 -57.57 47.96
CA LEU ZA 32 -98.13 -58.70 48.38
C LEU ZA 32 -98.30 -58.74 49.89
N GLY ZA 33 -98.01 -57.64 50.57
CA GLY ZA 33 -98.07 -57.62 52.02
C GLY ZA 33 -98.93 -56.49 52.52
N LYS ZA 34 -99.54 -56.74 53.68
CA LYS ZA 34 -100.20 -55.71 54.47
C LYS ZA 34 -99.44 -55.59 55.78
N GLN ZA 35 -99.01 -54.37 56.12
CA GLN ZA 35 -98.15 -54.18 57.29
C GLN ZA 35 -98.70 -53.07 58.17
N HIS ZA 36 -98.72 -53.32 59.47
CA HIS ZA 36 -99.02 -52.29 60.47
C HIS ZA 36 -97.82 -52.12 61.37
N ALA ZA 37 -97.70 -50.93 61.97
CA ALA ZA 37 -96.66 -50.66 62.94
C ALA ZA 37 -97.29 -50.33 64.29
N VAL ZA 38 -96.64 -50.77 65.37
CA VAL ZA 38 -97.18 -50.56 66.71
C VAL ZA 38 -96.75 -49.16 67.14
N THR ZA 39 -97.69 -48.21 67.02
CA THR ZA 39 -97.37 -46.82 67.31
C THR ZA 39 -97.43 -46.50 68.81
N ALA ZA 40 -98.19 -47.26 69.60
CA ALA ZA 40 -98.28 -47.01 71.03
C ALA ZA 40 -98.79 -48.25 71.76
N THR ZA 41 -98.48 -48.32 73.05
CA THR ZA 41 -98.88 -49.44 73.89
C THR ZA 41 -99.77 -48.96 75.02
N GLY ZA 42 -100.79 -49.76 75.33
CA GLY ZA 42 -101.61 -49.55 76.50
C GLY ZA 42 -101.54 -50.75 77.41
N GLY ZA 43 -101.91 -50.59 78.68
CA GLY ZA 43 -101.76 -51.63 79.66
C GLY ZA 43 -100.49 -51.44 80.49
N THR ZA 44 -100.35 -52.29 81.51
CA THR ZA 44 -99.20 -52.21 82.42
C THR ZA 44 -98.12 -53.17 81.92
N GLN ZA 45 -97.40 -52.70 80.90
CA GLN ZA 45 -96.23 -53.38 80.34
C GLN ZA 45 -95.09 -52.36 80.38
N THR ZA 46 -94.40 -52.31 81.50
CA THR ZA 46 -93.42 -51.25 81.72
C THR ZA 46 -92.14 -51.56 80.96
N GLY ZA 47 -91.60 -50.54 80.28
CA GLY ZA 47 -90.38 -50.68 79.51
C GLY ZA 47 -90.58 -51.02 78.04
N VAL ZA 48 -91.79 -51.34 77.63
CA VAL ZA 48 -92.03 -51.73 76.25
C VAL ZA 48 -91.87 -50.52 75.33
N THR ZA 49 -91.02 -50.65 74.32
CA THR ZA 49 -90.75 -49.57 73.38
C THR ZA 49 -91.56 -49.76 72.10
N THR ZA 50 -92.11 -48.66 71.59
CA THR ZA 50 -92.92 -48.70 70.39
C THR ZA 50 -92.03 -48.61 69.15
N HIS ZA 51 -92.68 -48.60 67.98
CA HIS ZA 51 -91.94 -48.58 66.71
C HIS ZA 51 -91.14 -47.29 66.56
N SER ZA 52 -89.83 -47.45 66.39
CA SER ZA 52 -88.92 -46.36 66.10
C SER ZA 52 -88.13 -46.73 64.85
N VAL ZA 53 -87.43 -45.75 64.29
CA VAL ZA 53 -86.55 -46.05 63.17
C VAL ZA 53 -85.44 -46.99 63.62
N SER ZA 54 -84.90 -46.75 64.82
CA SER ZA 54 -83.79 -47.54 65.31
C SER ZA 54 -84.24 -48.93 65.74
N SER ZA 55 -85.40 -49.03 66.38
CA SER ZA 55 -85.92 -50.30 66.89
C SER ZA 55 -87.37 -50.49 66.45
N PRO ZA 56 -87.62 -51.30 65.44
CA PRO ZA 56 -88.97 -51.38 64.86
C PRO ZA 56 -89.89 -52.27 65.67
N PHE ZA 57 -91.19 -52.03 65.49
CA PHE ZA 57 -92.25 -52.88 66.01
C PHE ZA 57 -93.29 -53.00 64.90
N THR ZA 58 -93.18 -54.06 64.08
CA THR ZA 58 -93.96 -54.18 62.86
C THR ZA 58 -94.58 -55.56 62.73
N ILE ZA 59 -95.78 -55.58 62.15
CA ILE ZA 59 -96.60 -56.78 61.97
C ILE ZA 59 -97.01 -56.82 60.50
N THR ZA 60 -96.38 -57.69 59.72
CA THR ZA 60 -96.60 -57.76 58.29
C THR ZA 60 -97.09 -59.15 57.87
N PHE ZA 61 -98.07 -59.20 56.97
CA PHE ZA 61 -98.67 -60.45 56.50
C PHE ZA 61 -98.67 -60.46 54.98
N THR ZA 62 -98.13 -61.53 54.40
CA THR ZA 62 -97.84 -61.59 52.98
C THR ZA 62 -98.42 -62.85 52.36
N ARG ZA 63 -98.89 -62.74 51.12
CA ARG ZA 63 -99.35 -63.84 50.30
C ARG ZA 63 -98.28 -64.21 49.28
N PRO ZA 64 -98.33 -65.40 48.69
CA PRO ZA 64 -97.30 -65.78 47.72
C PRO ZA 64 -97.44 -65.02 46.40
N LYS ZA 65 -96.30 -64.88 45.71
CA LYS ZA 65 -96.30 -64.14 44.44
C LYS ZA 65 -97.20 -64.81 43.43
N THR ZA 66 -97.10 -66.13 43.29
CA THR ZA 66 -97.86 -66.89 42.32
C THR ZA 66 -98.57 -68.04 43.02
N MET ZA 67 -99.88 -68.15 42.82
CA MET ZA 67 -100.65 -69.25 43.35
C MET ZA 67 -100.36 -70.53 42.58
N LYS ZA 68 -100.48 -71.66 43.26
CA LYS ZA 68 -100.17 -72.96 42.67
C LYS ZA 68 -101.46 -73.76 42.55
N THR ZA 69 -101.77 -74.19 41.33
CA THR ZA 69 -102.86 -75.12 41.11
C THR ZA 69 -102.33 -76.55 41.13
N VAL ZA 70 -103.24 -77.48 41.39
CA VAL ZA 70 -102.82 -78.86 41.63
C VAL ZA 70 -102.80 -79.65 40.33
N GLY ZA 83 -96.80 -79.37 45.36
CA GLY ZA 83 -96.71 -77.93 45.45
C GLY ZA 83 -97.38 -77.34 46.67
N ARG ZA 84 -96.98 -76.14 47.08
CA ARG ZA 84 -97.54 -75.52 48.28
C ARG ZA 84 -97.65 -74.01 48.13
N ASN ZA 85 -98.74 -73.43 48.63
CA ASN ZA 85 -98.88 -71.98 48.76
C ASN ZA 85 -98.60 -71.65 50.23
N THR ZA 86 -97.57 -70.84 50.50
CA THR ZA 86 -97.21 -70.47 51.86
C THR ZA 86 -97.50 -68.99 52.10
N TYR ZA 87 -98.28 -68.72 53.16
CA TYR ZA 87 -98.57 -67.36 53.61
C TYR ZA 87 -97.72 -67.04 54.82
N GLY ZA 88 -97.25 -65.79 54.89
CA GLY ZA 88 -96.29 -65.42 55.92
C GLY ZA 88 -96.69 -64.28 56.84
N PHE ZA 89 -96.58 -64.51 58.15
CA PHE ZA 89 -96.95 -63.52 59.15
C PHE ZA 89 -95.74 -63.26 60.02
N LEU ZA 90 -95.24 -62.02 60.03
CA LEU ZA 90 -93.95 -61.76 60.65
C LEU ZA 90 -93.98 -60.49 61.50
N VAL ZA 91 -93.45 -60.60 62.71
CA VAL ZA 91 -93.37 -59.52 63.68
C VAL ZA 91 -91.91 -59.24 63.94
N ARG ZA 92 -91.51 -57.98 63.81
CA ARG ZA 92 -90.16 -57.52 64.11
C ARG ZA 92 -90.20 -56.57 65.29
N LYS ZA 93 -89.34 -56.80 66.28
CA LYS ZA 93 -89.33 -55.98 67.49
C LYS ZA 93 -87.92 -55.54 67.84
N GLY ZA 94 -87.76 -54.25 68.10
CA GLY ZA 94 -86.49 -53.72 68.56
C GLY ZA 94 -86.21 -54.15 69.99
N VAL ZA 95 -85.12 -54.90 70.21
CA VAL ZA 95 -84.75 -55.44 71.51
C VAL ZA 95 -83.28 -55.14 71.75
N ILE ZA 96 -82.94 -54.67 72.95
CA ILE ZA 96 -81.59 -54.16 73.20
C ILE ZA 96 -80.79 -55.22 73.95
N PRO ZA 97 -79.68 -55.73 73.38
CA PRO ZA 97 -79.00 -56.85 74.03
C PRO ZA 97 -78.11 -56.47 75.22
N ALA ZA 98 -77.41 -55.36 75.18
CA ALA ZA 98 -76.53 -55.05 76.30
C ALA ZA 98 -76.77 -53.64 76.82
N VAL ZA 99 -75.93 -53.27 77.79
CA VAL ZA 99 -76.17 -52.07 78.57
C VAL ZA 99 -76.08 -50.83 77.70
N ASN ZA 100 -75.24 -50.85 76.66
CA ASN ZA 100 -75.15 -49.69 75.80
C ASN ZA 100 -75.20 -50.03 74.32
N GLN ZA 101 -75.65 -51.23 73.97
CA GLN ZA 101 -75.54 -51.67 72.59
C GLN ZA 101 -76.69 -51.16 71.73
N SER ZA 102 -76.47 -51.24 70.41
CA SER ZA 102 -77.49 -50.92 69.44
C SER ZA 102 -78.61 -51.94 69.49
N PRO ZA 103 -79.84 -51.54 69.18
CA PRO ZA 103 -80.95 -52.49 69.21
C PRO ZA 103 -80.82 -53.54 68.12
N GLN ZA 104 -81.01 -54.79 68.51
CA GLN ZA 104 -81.17 -55.97 67.68
C GLN ZA 104 -82.64 -56.22 67.39
N VAL ZA 105 -82.92 -56.98 66.34
CA VAL ZA 105 -84.29 -57.21 65.92
C VAL ZA 105 -84.69 -58.62 66.34
N MET ZA 106 -85.43 -58.72 67.45
CA MET ZA 106 -86.13 -59.98 67.72
C MET ZA 106 -87.15 -60.21 66.63
N LEU ZA 107 -87.40 -61.48 66.34
CA LEU ZA 107 -88.16 -61.82 65.15
C LEU ZA 107 -89.08 -63.00 65.44
N VAL ZA 108 -90.38 -62.81 65.26
CA VAL ZA 108 -91.37 -63.87 65.43
C VAL ZA 108 -92.02 -64.08 64.08
N ARG ZA 109 -91.77 -65.21 63.44
CA ARG ZA 109 -92.29 -65.42 62.08
C ARG ZA 109 -93.07 -66.72 61.99
N VAL ZA 110 -94.22 -66.65 61.32
CA VAL ZA 110 -95.13 -67.75 61.12
C VAL ZA 110 -95.25 -67.99 59.63
N GLU ZA 111 -95.23 -69.27 59.25
CA GLU ZA 111 -95.42 -69.69 57.87
C GLU ZA 111 -96.54 -70.72 57.83
N ILE ZA 112 -97.51 -70.48 56.95
CA ILE ZA 112 -98.67 -71.34 56.79
C ILE ZA 112 -98.58 -71.92 55.38
N SER ZA 113 -98.16 -73.18 55.28
CA SER ZA 113 -98.01 -73.86 53.99
C SER ZA 113 -99.22 -74.75 53.76
N VAL ZA 114 -100.06 -74.33 52.81
CA VAL ZA 114 -101.26 -75.04 52.40
C VAL ZA 114 -100.94 -75.80 51.12
N PRO ZA 115 -101.11 -77.12 51.09
CA PRO ZA 115 -100.96 -77.86 49.83
C PRO ZA 115 -101.94 -77.37 48.76
N ALA ZA 116 -101.71 -77.83 47.53
CA ALA ZA 116 -102.38 -77.21 46.37
C ALA ZA 116 -103.88 -77.47 46.39
N GLY ZA 117 -104.29 -78.73 46.36
CA GLY ZA 117 -105.72 -79.03 46.30
C GLY ZA 117 -106.45 -78.89 47.61
N ALA ZA 118 -105.67 -78.68 48.69
CA ALA ZA 118 -106.22 -78.58 50.04
C ALA ZA 118 -107.27 -77.49 50.14
N ASP ZA 119 -106.90 -76.26 49.74
CA ASP ZA 119 -107.72 -75.07 49.94
C ASP ZA 119 -109.16 -75.26 49.48
N THR ZA 120 -109.35 -76.08 48.46
CA THR ZA 120 -110.67 -76.34 47.90
C THR ZA 120 -111.27 -77.65 48.40
N TYR ZA 121 -110.54 -78.77 48.23
CA TYR ZA 121 -111.15 -80.07 48.49
C TYR ZA 121 -111.36 -80.29 49.98
N ASP ZA 122 -110.38 -79.92 50.82
CA ASP ZA 122 -110.46 -80.18 52.26
C ASP ZA 122 -110.17 -78.89 52.99
N ALA ZA 123 -111.18 -78.04 53.14
CA ALA ZA 123 -110.99 -76.76 53.78
C ALA ZA 123 -111.13 -76.86 55.29
N ALA ZA 124 -111.93 -77.83 55.76
CA ALA ZA 124 -112.15 -77.95 57.19
C ALA ZA 124 -110.85 -78.31 57.91
N ASN ZA 125 -110.05 -79.20 57.33
CA ASN ZA 125 -108.79 -79.58 57.98
C ASN ZA 125 -107.77 -78.44 57.96
N VAL ZA 126 -107.76 -77.65 56.89
CA VAL ZA 126 -106.92 -76.44 56.87
C VAL ZA 126 -107.30 -75.51 58.01
N LYS ZA 127 -108.59 -75.17 58.09
CA LYS ZA 127 -109.05 -74.29 59.16
C LYS ZA 127 -108.78 -74.88 60.53
N ALA ZA 128 -108.82 -76.21 60.65
CA ALA ZA 128 -108.60 -76.85 61.94
C ALA ZA 128 -107.13 -76.79 62.35
N ALA ZA 129 -106.22 -76.99 61.40
CA ALA ZA 129 -104.80 -76.79 61.69
C ALA ZA 129 -104.55 -75.38 62.20
N LEU ZA 130 -105.11 -74.38 61.51
CA LEU ZA 130 -104.91 -72.99 61.94
C LEU ZA 130 -105.52 -72.75 63.32
N SER ZA 131 -106.71 -73.33 63.57
CA SER ZA 131 -107.39 -73.15 64.85
C SER ZA 131 -106.58 -73.76 65.98
N ALA ZA 132 -106.14 -75.00 65.82
CA ALA ZA 132 -105.33 -75.65 66.86
C ALA ZA 132 -104.06 -74.87 67.11
N ALA ZA 133 -103.35 -74.48 66.04
CA ALA ZA 133 -102.08 -73.78 66.20
C ALA ZA 133 -102.26 -72.48 66.97
N ILE ZA 134 -103.18 -71.62 66.52
CA ILE ZA 134 -103.36 -70.34 67.17
C ILE ZA 134 -103.95 -70.51 68.57
N GLY ZA 135 -104.76 -71.54 68.78
CA GLY ZA 135 -105.34 -71.76 70.10
C GLY ZA 135 -104.30 -72.18 71.12
N VAL ZA 136 -103.40 -73.09 70.74
CA VAL ZA 136 -102.30 -73.46 71.64
C VAL ZA 136 -101.38 -72.26 71.87
N LEU ZA 137 -101.13 -71.47 70.83
CA LEU ZA 137 -100.28 -70.28 71.00
C LEU ZA 137 -100.88 -69.31 72.01
N SER ZA 138 -102.18 -69.03 71.90
CA SER ZA 138 -102.80 -68.09 72.83
C SER ZA 138 -102.92 -68.69 74.22
N GLN ZA 139 -103.11 -70.01 74.32
CA GLN ZA 139 -103.19 -70.64 75.64
C GLN ZA 139 -101.86 -70.58 76.37
N GLN ZA 140 -100.77 -70.87 75.67
CA GLN ZA 140 -99.46 -70.92 76.28
C GLN ZA 140 -98.64 -69.66 76.04
N SER ZA 141 -99.29 -68.52 75.75
CA SER ZA 141 -98.55 -67.32 75.42
C SER ZA 141 -97.61 -66.92 76.55
N ALA ZA 142 -98.14 -66.87 77.77
CA ALA ZA 142 -97.34 -66.52 78.93
C ALA ZA 142 -96.18 -67.50 79.12
N GLY ZA 143 -96.48 -68.80 79.00
CA GLY ZA 143 -95.44 -69.79 79.21
C GLY ZA 143 -94.39 -69.80 78.12
N ILE ZA 144 -94.77 -69.44 76.89
CA ILE ZA 144 -93.81 -69.35 75.80
C ILE ZA 144 -92.91 -68.15 75.99
N GLY ZA 145 -93.43 -67.05 76.52
CA GLY ZA 145 -92.54 -65.96 76.94
C GLY ZA 145 -91.59 -66.39 78.04
N ASP ZA 146 -92.12 -67.05 79.07
CA ASP ZA 146 -91.29 -67.61 80.13
C ASP ZA 146 -90.18 -68.47 79.55
N THR ZA 147 -90.50 -69.26 78.53
CA THR ZA 147 -89.50 -70.11 77.89
C THR ZA 147 -88.50 -69.28 77.08
N ALA ZA 148 -88.97 -68.26 76.37
CA ALA ZA 148 -88.09 -67.41 75.58
C ALA ZA 148 -87.08 -66.69 76.45
N LEU ZA 149 -87.38 -66.51 77.73
CA LEU ZA 149 -86.43 -65.93 78.67
C LEU ZA 149 -85.64 -66.96 79.46
N SER ZA 150 -86.24 -68.13 79.76
CA SER ZA 150 -85.60 -69.15 80.59
C SER ZA 150 -84.64 -70.02 79.80
N GLY ZA 151 -85.00 -70.35 78.57
CA GLY ZA 151 -84.32 -71.38 77.83
C GLY ZA 151 -84.84 -72.77 78.10
N ILE ZA 152 -85.96 -72.91 78.80
CA ILE ZA 152 -86.44 -74.20 79.28
C ILE ZA 152 -87.88 -74.42 78.83
N LEU ZA 153 -88.15 -75.63 78.34
CA LEU ZA 153 -89.50 -76.05 77.98
C LEU ZA 153 -90.23 -76.67 79.17
N ALA AB 1 -108.67 -45.60 34.06
CA ALA AB 1 -109.93 -45.50 34.79
C ALA AB 1 -110.68 -46.83 34.79
N TYR AB 2 -110.10 -47.87 35.40
CA TYR AB 2 -110.68 -49.22 35.43
C TYR AB 2 -111.18 -49.50 36.85
N SER AB 3 -112.51 -49.62 36.99
CA SER AB 3 -113.14 -49.91 38.29
C SER AB 3 -114.44 -50.67 38.08
N PRO AB 4 -114.43 -51.99 38.23
CA PRO AB 4 -115.65 -52.78 37.99
C PRO AB 4 -116.67 -52.61 39.11
N SER AB 5 -117.89 -53.09 38.83
CA SER AB 5 -119.04 -52.96 39.72
C SER AB 5 -119.30 -54.25 40.47
N THR AB 6 -120.12 -54.16 41.53
CA THR AB 6 -120.28 -55.32 42.42
C THR AB 6 -120.95 -56.48 41.71
N PRO AB 7 -122.16 -56.35 41.16
CA PRO AB 7 -122.63 -57.36 40.21
C PRO AB 7 -122.25 -56.98 38.79
N VAL AB 8 -121.41 -57.78 38.15
CA VAL AB 8 -121.09 -57.62 36.74
C VAL AB 8 -122.09 -58.47 35.98
N THR AB 9 -122.79 -57.85 35.05
CA THR AB 9 -123.74 -58.59 34.22
C THR AB 9 -122.95 -59.29 33.13
N GLY AB 10 -122.84 -60.61 33.26
CA GLY AB 10 -122.00 -61.37 32.36
C GLY AB 10 -122.56 -61.41 30.96
N ALA AB 11 -121.66 -61.44 29.99
CA ALA AB 11 -122.06 -61.51 28.60
C ALA AB 11 -122.81 -62.81 28.34
N ALA AB 12 -123.74 -62.74 27.38
CA ALA AB 12 -124.64 -63.86 27.15
C ALA AB 12 -123.86 -65.11 26.78
N GLN AB 13 -124.28 -66.24 27.34
CA GLN AB 13 -123.71 -67.54 27.02
C GLN AB 13 -124.85 -68.52 26.78
N THR AB 14 -124.51 -69.66 26.18
CA THR AB 14 -125.52 -70.53 25.58
C THR AB 14 -126.50 -71.05 26.62
N GLY AB 15 -126.01 -71.75 27.63
CA GLY AB 15 -126.91 -72.29 28.62
C GLY AB 15 -127.25 -71.38 29.78
N PHE AB 16 -126.78 -70.13 29.79
CA PHE AB 16 -126.93 -69.25 30.93
C PHE AB 16 -128.13 -68.35 30.74
N THR AB 17 -128.94 -68.22 31.79
CA THR AB 17 -130.07 -67.29 31.81
C THR AB 17 -129.72 -66.15 32.76
N SER AB 18 -129.49 -64.96 32.20
CA SER AB 18 -129.27 -63.72 32.96
C SER AB 18 -128.15 -63.86 33.98
N PRO AB 19 -126.93 -64.16 33.54
CA PRO AB 19 -125.86 -64.45 34.50
C PRO AB 19 -125.20 -63.19 35.01
N THR AB 20 -124.93 -63.17 36.31
CA THR AB 20 -124.22 -62.08 36.96
C THR AB 20 -123.12 -62.67 37.85
N TYR AB 21 -122.05 -61.91 38.03
CA TYR AB 21 -120.91 -62.35 38.82
C TYR AB 21 -120.58 -61.28 39.85
N THR AB 22 -120.55 -61.67 41.13
CA THR AB 22 -120.22 -60.77 42.21
C THR AB 22 -118.70 -60.71 42.36
N LEU AB 23 -118.16 -59.50 42.36
CA LEU AB 23 -116.72 -59.29 42.48
C LEU AB 23 -116.38 -58.86 43.90
N THR AB 24 -115.36 -59.49 44.47
CA THR AB 24 -114.76 -59.06 45.73
C THR AB 24 -113.35 -58.57 45.43
N SER AB 25 -112.92 -57.52 46.12
CA SER AB 25 -111.65 -56.90 45.80
C SER AB 25 -110.49 -57.77 46.29
N ASP AB 26 -109.47 -57.89 45.45
CA ASP AB 26 -108.31 -58.74 45.73
C ASP AB 26 -107.03 -57.94 45.49
N THR AB 27 -105.97 -58.38 46.17
CA THR AB 27 -104.65 -57.80 45.94
C THR AB 27 -104.01 -58.44 44.72
N ALA AB 28 -103.47 -57.60 43.83
CA ALA AB 28 -102.96 -58.02 42.53
C ALA AB 28 -101.53 -58.51 42.65
N PRO AB 29 -101.07 -59.33 41.69
CA PRO AB 29 -99.72 -59.92 41.84
C PRO AB 29 -98.60 -58.90 41.66
N THR AB 30 -98.71 -58.05 40.65
CA THR AB 30 -97.78 -56.94 40.53
C THR AB 30 -98.31 -55.74 41.29
N ALA AB 31 -97.44 -54.76 41.51
CA ALA AB 31 -97.91 -53.48 42.00
C ALA AB 31 -98.61 -52.66 40.91
N LEU AB 32 -98.59 -53.15 39.66
CA LEU AB 32 -99.15 -52.43 38.52
C LEU AB 32 -100.49 -53.00 38.09
N GLY AB 33 -101.14 -53.79 38.93
CA GLY AB 33 -102.38 -54.42 38.58
C GLY AB 33 -103.47 -54.12 39.58
N LYS AB 34 -104.70 -54.09 39.09
CA LYS AB 34 -105.90 -54.14 39.90
C LYS AB 34 -106.57 -55.49 39.64
N GLN AB 35 -106.90 -56.21 40.70
CA GLN AB 35 -107.43 -57.56 40.55
C GLN AB 35 -108.67 -57.73 41.40
N HIS AB 36 -109.70 -58.34 40.82
CA HIS AB 36 -110.89 -58.74 41.55
C HIS AB 36 -111.08 -60.25 41.43
N ALA AB 37 -111.70 -60.86 42.43
CA ALA AB 37 -112.01 -62.27 42.41
C ALA AB 37 -113.52 -62.46 42.39
N VAL AB 38 -113.99 -63.45 41.64
CA VAL AB 38 -115.42 -63.73 41.55
C VAL AB 38 -115.78 -64.58 42.77
N THR AB 39 -116.30 -63.93 43.81
CA THR AB 39 -116.61 -64.61 45.07
C THR AB 39 -117.92 -65.39 44.99
N ALA AB 40 -118.87 -64.96 44.17
CA ALA AB 40 -120.17 -65.63 44.09
C ALA AB 40 -120.82 -65.37 42.75
N THR AB 41 -121.70 -66.28 42.34
CA THR AB 41 -122.37 -66.21 41.05
C THR AB 41 -123.89 -66.12 41.24
N GLY AB 42 -124.52 -65.27 40.43
CA GLY AB 42 -125.96 -65.21 40.32
C GLY AB 42 -126.40 -65.49 38.90
N GLY AB 43 -127.69 -65.77 38.74
CA GLY AB 43 -128.25 -66.19 37.48
C GLY AB 43 -128.38 -67.69 37.40
N THR AB 44 -129.06 -68.15 36.35
CA THR AB 44 -129.30 -69.57 36.12
C THR AB 44 -128.20 -70.20 35.26
N GLN AB 45 -127.01 -70.17 35.85
CA GLN AB 45 -125.83 -70.90 35.36
C GLN AB 45 -125.55 -71.99 36.37
N THR AB 46 -125.67 -73.24 35.95
CA THR AB 46 -125.59 -74.36 36.87
C THR AB 46 -124.27 -75.09 36.65
N GLY AB 47 -123.54 -75.27 37.74
CA GLY AB 47 -122.25 -75.91 37.73
C GLY AB 47 -121.08 -74.96 37.77
N VAL AB 48 -121.34 -73.66 37.76
CA VAL AB 48 -120.26 -72.66 37.73
C VAL AB 48 -119.67 -72.54 39.13
N THR AB 49 -118.34 -72.72 39.22
CA THR AB 49 -117.63 -72.67 40.49
C THR AB 49 -117.01 -71.29 40.69
N THR AB 50 -117.02 -70.82 41.95
CA THR AB 50 -116.49 -69.51 42.30
C THR AB 50 -115.00 -69.62 42.59
N HIS AB 51 -114.41 -68.52 43.08
CA HIS AB 51 -112.97 -68.41 43.20
C HIS AB 51 -112.45 -69.19 44.40
N SER AB 52 -111.57 -70.14 44.14
CA SER AB 52 -110.75 -70.81 45.14
C SER AB 52 -109.29 -70.54 44.80
N VAL AB 53 -108.38 -71.03 45.62
CA VAL AB 53 -106.97 -70.85 45.28
C VAL AB 53 -106.55 -71.86 44.22
N SER AB 54 -107.01 -73.11 44.34
CA SER AB 54 -106.67 -74.11 43.34
C SER AB 54 -107.58 -74.05 42.13
N SER AB 55 -108.79 -73.49 42.28
CA SER AB 55 -109.73 -73.27 41.18
C SER AB 55 -110.10 -71.79 41.14
N PRO AB 56 -109.24 -70.96 40.56
CA PRO AB 56 -109.42 -69.50 40.67
C PRO AB 56 -110.51 -68.99 39.75
N PHE AB 57 -110.97 -67.78 40.08
CA PHE AB 57 -111.83 -66.96 39.22
C PHE AB 57 -111.35 -65.53 39.45
N THR AB 58 -110.41 -65.09 38.61
CA THR AB 58 -109.73 -63.82 38.84
C THR AB 58 -109.72 -62.96 37.58
N ILE AB 59 -109.93 -61.67 37.78
CA ILE AB 59 -109.99 -60.68 36.72
C ILE AB 59 -108.99 -59.59 37.08
N THR AB 60 -107.82 -59.61 36.42
CA THR AB 60 -106.74 -58.70 36.75
C THR AB 60 -106.39 -57.83 35.53
N PHE AB 61 -106.11 -56.55 35.78
CA PHE AB 61 -105.86 -55.57 34.73
C PHE AB 61 -104.60 -54.78 35.09
N THR AB 62 -103.64 -54.74 34.18
CA THR AB 62 -102.30 -54.25 34.46
C THR AB 62 -101.88 -53.22 33.44
N ARG AB 63 -101.11 -52.23 33.90
CA ARG AB 63 -100.46 -51.22 33.09
C ARG AB 63 -98.99 -51.55 32.93
N PRO AB 64 -98.32 -51.00 31.92
CA PRO AB 64 -96.90 -51.31 31.73
C PRO AB 64 -96.03 -50.68 32.83
N LYS AB 65 -94.85 -51.27 33.01
CA LYS AB 65 -93.93 -50.79 34.04
C LYS AB 65 -93.41 -49.39 33.72
N THR AB 66 -93.05 -49.16 32.46
CA THR AB 66 -92.49 -47.89 32.02
C THR AB 66 -93.22 -47.41 30.78
N MET AB 67 -93.73 -46.18 30.83
CA MET AB 67 -94.39 -45.60 29.67
C MET AB 67 -93.37 -45.25 28.59
N LYS AB 68 -93.84 -45.18 27.35
CA LYS AB 68 -93.00 -44.84 26.21
C LYS AB 68 -93.57 -43.62 25.49
N THR AB 69 -92.70 -42.66 25.20
CA THR AB 69 -93.07 -41.43 24.51
C THR AB 69 -92.78 -41.59 23.02
N VAL AB 70 -93.43 -40.74 22.22
CA VAL AB 70 -93.42 -40.90 20.77
C VAL AB 70 -92.03 -40.71 20.18
N GLY AB 71 -91.24 -39.84 20.77
CA GLY AB 71 -89.94 -39.56 20.19
C GLY AB 71 -90.01 -38.41 19.20
N VAL AB 72 -88.92 -38.29 18.45
CA VAL AB 72 -88.68 -37.07 17.68
C VAL AB 72 -88.26 -37.42 16.26
N PRO AB 73 -88.77 -36.73 15.24
CA PRO AB 73 -88.43 -37.10 13.87
C PRO AB 73 -86.98 -36.81 13.52
N ASN AB 74 -86.42 -37.68 12.67
CA ASN AB 74 -85.03 -37.60 12.26
C ASN AB 74 -84.90 -36.70 11.04
N SER AB 75 -83.70 -36.71 10.43
CA SER AB 75 -83.38 -35.78 9.35
C SER AB 75 -84.36 -35.85 8.18
N ASN AB 76 -84.97 -37.02 7.97
CA ASN AB 76 -85.92 -37.18 6.88
C ASN AB 76 -87.36 -36.89 7.28
N GLY AB 77 -87.57 -36.37 8.49
CA GLY AB 77 -88.91 -36.13 8.98
C GLY AB 77 -89.64 -37.37 9.43
N VAL AB 78 -88.94 -38.48 9.64
CA VAL AB 78 -89.52 -39.77 10.00
C VAL AB 78 -89.12 -40.13 11.42
N ILE AB 79 -90.09 -40.57 12.23
CA ILE AB 79 -89.82 -41.01 13.60
C ILE AB 79 -89.33 -42.45 13.56
N THR AB 80 -88.09 -42.66 14.03
CA THR AB 80 -87.37 -43.88 13.72
C THR AB 80 -88.02 -45.10 14.35
N ASN AB 81 -88.40 -45.00 15.61
CA ASN AB 81 -88.86 -46.16 16.37
C ASN AB 81 -90.05 -45.76 17.21
N ILE AB 82 -91.21 -46.34 16.92
CA ILE AB 82 -92.42 -46.12 17.68
C ILE AB 82 -92.60 -47.34 18.59
N GLY AB 83 -92.21 -47.19 19.84
CA GLY AB 83 -92.55 -48.18 20.84
C GLY AB 83 -94.05 -48.21 21.08
N ARG AB 84 -94.49 -49.20 21.86
CA ARG AB 84 -95.91 -49.34 22.14
C ARG AB 84 -96.15 -49.75 23.60
N ASN AB 85 -97.07 -49.05 24.27
CA ASN AB 85 -97.45 -49.42 25.63
C ASN AB 85 -98.61 -50.40 25.54
N THR AB 86 -98.47 -51.58 26.14
CA THR AB 86 -99.50 -52.62 26.14
C THR AB 86 -100.09 -52.74 27.54
N TYR AB 87 -101.42 -52.67 27.61
CA TYR AB 87 -102.16 -52.90 28.83
C TYR AB 87 -102.81 -54.29 28.78
N GLY AB 88 -102.80 -54.97 29.92
CA GLY AB 88 -103.21 -56.37 29.94
C GLY AB 88 -104.40 -56.70 30.83
N PHE AB 89 -105.39 -57.39 30.26
CA PHE AB 89 -106.61 -57.77 30.97
C PHE AB 89 -106.72 -59.28 30.94
N LEU AB 90 -106.68 -59.94 32.09
CA LEU AB 90 -106.57 -61.39 32.12
C LEU AB 90 -107.53 -62.00 33.12
N VAL AB 91 -108.24 -63.03 32.67
CA VAL AB 91 -109.19 -63.78 33.48
C VAL AB 91 -108.68 -65.22 33.59
N ARG AB 92 -108.59 -65.71 34.82
CA ARG AB 92 -108.21 -67.08 35.10
C ARG AB 92 -109.39 -67.80 35.73
N LYS AB 93 -109.71 -68.99 35.21
CA LYS AB 93 -110.86 -69.73 35.68
C LYS AB 93 -110.50 -71.19 35.90
N GLY AB 94 -110.83 -71.70 37.08
CA GLY AB 94 -110.64 -73.11 37.37
C GLY AB 94 -111.60 -73.96 36.55
N VAL AB 95 -111.06 -74.89 35.74
CA VAL AB 95 -111.85 -75.76 34.88
C VAL AB 95 -111.36 -77.19 35.07
N ILE AB 96 -112.28 -78.14 35.13
CA ILE AB 96 -111.95 -79.52 35.47
C ILE AB 96 -111.88 -80.35 34.20
N PRO AB 97 -110.72 -80.91 33.84
CA PRO AB 97 -110.63 -81.59 32.53
C PRO AB 97 -111.16 -83.02 32.53
N ALA AB 98 -110.92 -83.81 33.57
CA ALA AB 98 -111.26 -85.22 33.53
C ALA AB 98 -112.26 -85.57 34.62
N VAL AB 99 -112.57 -86.86 34.73
CA VAL AB 99 -113.62 -87.29 35.64
C VAL AB 99 -113.19 -87.10 37.08
N ASN AB 100 -111.94 -87.41 37.39
CA ASN AB 100 -111.43 -87.24 38.74
C ASN AB 100 -110.23 -86.33 38.78
N GLN AB 101 -109.73 -85.86 37.64
CA GLN AB 101 -108.54 -85.04 37.64
C GLN AB 101 -108.82 -83.69 38.28
N SER AB 102 -107.73 -83.02 38.65
CA SER AB 102 -107.73 -81.80 39.42
C SER AB 102 -107.91 -80.59 38.51
N PRO AB 103 -108.35 -79.45 39.06
CA PRO AB 103 -108.66 -78.31 38.21
C PRO AB 103 -107.41 -77.72 37.53
N GLN AB 104 -107.52 -77.54 36.22
CA GLN AB 104 -106.63 -76.77 35.37
C GLN AB 104 -107.16 -75.34 35.22
N VAL AB 105 -106.35 -74.46 34.64
CA VAL AB 105 -106.68 -73.04 34.60
C VAL AB 105 -106.98 -72.64 33.16
N MET AB 106 -108.26 -72.56 32.80
CA MET AB 106 -108.61 -71.86 31.56
C MET AB 106 -108.22 -70.40 31.68
N LEU AB 107 -107.85 -69.81 30.55
CA LEU AB 107 -107.22 -68.51 30.57
C LEU AB 107 -107.75 -67.66 29.42
N VAL AB 108 -108.30 -66.49 29.73
CA VAL AB 108 -108.79 -65.55 28.71
C VAL AB 108 -108.01 -64.25 28.89
N ARG AB 109 -107.11 -63.94 27.95
CA ARG AB 109 -106.26 -62.77 28.12
C ARG AB 109 -106.36 -61.83 26.93
N VAL AB 110 -106.41 -60.54 27.23
CA VAL AB 110 -106.54 -59.46 26.26
C VAL AB 110 -105.32 -58.57 26.43
N GLU AB 111 -104.73 -58.16 25.30
CA GLU AB 111 -103.61 -57.25 25.27
C GLU AB 111 -103.97 -56.08 24.36
N ILE AB 112 -103.78 -54.88 24.87
CA ILE AB 112 -104.11 -53.65 24.16
C ILE AB 112 -102.80 -52.92 23.95
N SER AB 113 -102.23 -53.00 22.74
CA SER AB 113 -100.98 -52.32 22.40
C SER AB 113 -101.31 -51.01 21.71
N VAL AB 114 -101.05 -49.91 22.43
CA VAL AB 114 -101.24 -48.55 21.94
C VAL AB 114 -99.88 -48.00 21.51
N PRO AB 115 -99.68 -47.65 20.25
CA PRO AB 115 -98.44 -47.00 19.83
C PRO AB 115 -98.18 -45.72 20.61
N ALA AB 116 -96.95 -45.22 20.48
CA ALA AB 116 -96.48 -44.18 21.38
C ALA AB 116 -97.25 -42.89 21.19
N GLY AB 117 -97.18 -42.31 19.99
CA GLY AB 117 -97.80 -41.01 19.77
C GLY AB 117 -99.30 -41.06 19.62
N ALA AB 118 -99.84 -42.28 19.54
CA ALA AB 118 -101.26 -42.52 19.34
C ALA AB 118 -102.09 -41.87 20.44
N ASP AB 119 -101.76 -42.20 21.70
CA ASP AB 119 -102.59 -41.86 22.85
C ASP AB 119 -102.89 -40.36 22.93
N THR AB 120 -102.01 -39.54 22.37
CA THR AB 120 -102.20 -38.10 22.36
C THR AB 120 -102.67 -37.57 21.01
N TYR AB 121 -101.99 -37.94 19.92
CA TYR AB 121 -102.31 -37.32 18.63
C TYR AB 121 -103.63 -37.85 18.05
N ASP AB 122 -103.86 -39.17 18.12
CA ASP AB 122 -105.04 -39.78 17.51
C ASP AB 122 -105.73 -40.64 18.56
N ALA AB 123 -106.54 -40.01 19.40
CA ALA AB 123 -107.19 -40.74 20.46
C ALA AB 123 -108.49 -41.36 19.99
N ALA AB 124 -109.14 -40.74 19.01
CA ALA AB 124 -110.42 -41.24 18.52
C ALA AB 124 -110.27 -42.62 17.92
N ASN AB 125 -109.19 -42.85 17.17
CA ASN AB 125 -109.00 -44.16 16.55
C ASN AB 125 -108.66 -45.22 17.59
N VAL AB 126 -107.89 -44.86 18.63
CA VAL AB 126 -107.65 -45.77 19.74
C VAL AB 126 -108.97 -46.20 20.37
N LYS AB 127 -109.78 -45.21 20.77
CA LYS AB 127 -111.06 -45.52 21.39
C LYS AB 127 -111.93 -46.34 20.45
N ALA AB 128 -111.84 -46.09 19.14
CA ALA AB 128 -112.67 -46.81 18.18
C ALA AB 128 -112.25 -48.27 18.06
N ALA AB 129 -110.95 -48.52 18.03
CA ALA AB 129 -110.49 -49.91 18.03
C ALA AB 129 -110.98 -50.64 19.26
N LEU AB 130 -110.89 -50.00 20.43
CA LEU AB 130 -111.34 -50.64 21.65
C LEU AB 130 -112.84 -50.92 21.62
N SER AB 131 -113.64 -49.95 21.16
CA SER AB 131 -115.09 -50.12 21.16
C SER AB 131 -115.53 -51.17 20.14
N ALA AB 132 -114.89 -51.21 18.98
CA ALA AB 132 -115.22 -52.24 17.99
C ALA AB 132 -114.87 -53.62 18.51
N ALA AB 133 -113.67 -53.77 19.09
CA ALA AB 133 -113.27 -55.06 19.62
C ALA AB 133 -114.23 -55.55 20.71
N ILE AB 134 -114.51 -54.69 21.69
CA ILE AB 134 -115.38 -55.10 22.79
C ILE AB 134 -116.82 -55.29 22.32
N GLY AB 135 -117.27 -54.51 21.33
CA GLY AB 135 -118.63 -54.66 20.84
C GLY AB 135 -118.83 -55.96 20.09
N VAL AB 136 -117.85 -56.33 19.26
CA VAL AB 136 -117.92 -57.64 18.60
C VAL AB 136 -117.85 -58.77 19.61
N LEU AB 137 -117.01 -58.61 20.64
CA LEU AB 137 -116.92 -59.63 21.69
C LEU AB 137 -118.25 -59.82 22.40
N SER AB 138 -118.91 -58.71 22.78
CA SER AB 138 -120.18 -58.84 23.50
C SER AB 138 -121.29 -59.31 22.58
N GLN AB 139 -121.22 -58.99 21.27
CA GLN AB 139 -122.23 -59.46 20.33
C GLN AB 139 -122.13 -60.96 20.13
N GLN AB 140 -120.92 -61.47 19.93
CA GLN AB 140 -120.71 -62.88 19.65
C GLN AB 140 -120.30 -63.67 20.89
N SER AB 141 -120.64 -63.18 22.08
CA SER AB 141 -120.19 -63.87 23.29
C SER AB 141 -120.69 -65.31 23.33
N ALA AB 142 -122.00 -65.49 23.11
CA ALA AB 142 -122.58 -66.83 23.10
C ALA AB 142 -121.93 -67.70 22.05
N GLY AB 143 -121.75 -67.16 20.84
CA GLY AB 143 -121.19 -67.94 19.76
C GLY AB 143 -119.73 -68.30 19.96
N ILE AB 144 -118.97 -67.41 20.61
CA ILE AB 144 -117.59 -67.71 20.92
C ILE AB 144 -117.50 -68.79 21.98
N GLY AB 145 -118.43 -68.81 22.94
CA GLY AB 145 -118.51 -69.95 23.84
C GLY AB 145 -118.83 -71.24 23.10
N ASP AB 146 -119.85 -71.20 22.24
CA ASP AB 146 -120.19 -72.35 21.41
C ASP AB 146 -118.97 -72.84 20.64
N THR AB 147 -118.15 -71.92 20.14
CA THR AB 147 -116.94 -72.31 19.42
C THR AB 147 -115.89 -72.89 20.36
N ALA AB 148 -115.76 -72.32 21.57
CA ALA AB 148 -114.78 -72.81 22.53
C ALA AB 148 -115.07 -74.24 22.92
N LEU AB 149 -116.32 -74.67 22.81
CA LEU AB 149 -116.67 -76.06 23.09
C LEU AB 149 -116.75 -76.93 21.84
N SER AB 150 -117.18 -76.38 20.71
CA SER AB 150 -117.45 -77.14 19.50
C SER AB 150 -116.21 -77.32 18.63
N GLY AB 151 -115.31 -76.34 18.62
CA GLY AB 151 -114.22 -76.31 17.65
C GLY AB 151 -114.64 -75.88 16.27
N ILE AB 152 -115.82 -75.27 16.15
CA ILE AB 152 -116.42 -74.96 14.86
C ILE AB 152 -116.53 -73.45 14.72
N LEU AB 153 -116.16 -72.95 13.54
CA LEU AB 153 -116.27 -71.52 13.26
C LEU AB 153 -117.54 -71.15 12.52
N ALA BB 1 -96.51 -41.34 57.69
CA ALA BB 1 -97.94 -41.09 57.63
C ALA BB 1 -98.27 -40.10 56.53
N TYR BB 2 -98.05 -40.50 55.27
CA TYR BB 2 -98.29 -39.66 54.09
C TYR BB 2 -99.52 -40.17 53.34
N SER BB 3 -100.61 -39.37 53.36
CA SER BB 3 -101.87 -39.72 52.67
C SER BB 3 -102.59 -38.45 52.26
N PRO BB 4 -102.54 -38.08 50.99
CA PRO BB 4 -103.19 -36.84 50.52
C PRO BB 4 -104.70 -37.01 50.40
N SER BB 5 -105.38 -35.86 50.26
CA SER BB 5 -106.83 -35.77 50.15
C SER BB 5 -107.27 -35.66 48.69
N THR BB 6 -108.54 -36.00 48.44
CA THR BB 6 -109.02 -36.05 47.06
C THR BB 6 -108.93 -34.70 46.37
N PRO BB 7 -109.57 -33.62 46.86
CA PRO BB 7 -109.20 -32.30 46.36
C PRO BB 7 -108.07 -31.70 47.19
N VAL BB 8 -106.91 -31.50 46.58
CA VAL BB 8 -105.81 -30.82 47.24
C VAL BB 8 -105.92 -29.34 46.91
N THR BB 9 -106.04 -28.51 47.95
CA THR BB 9 -106.02 -27.08 47.74
C THR BB 9 -104.61 -26.66 47.33
N GLY BB 10 -104.45 -26.29 46.05
CA GLY BB 10 -103.15 -25.91 45.55
C GLY BB 10 -102.70 -24.58 46.11
N ALA BB 11 -101.38 -24.46 46.31
CA ALA BB 11 -100.84 -23.24 46.88
C ALA BB 11 -101.05 -22.06 45.94
N ALA BB 12 -101.18 -20.88 46.52
CA ALA BB 12 -101.54 -19.72 45.72
C ALA BB 12 -100.52 -19.52 44.60
N GLN BB 13 -101.02 -19.16 43.42
CA GLN BB 13 -100.18 -18.81 42.29
C GLN BB 13 -100.73 -17.57 41.62
N THR BB 14 -99.91 -16.97 40.75
CA THR BB 14 -100.18 -15.61 40.30
C THR BB 14 -101.49 -15.54 39.52
N GLY BB 15 -101.61 -16.31 38.45
CA GLY BB 15 -102.83 -16.23 37.68
C GLY BB 15 -103.98 -17.11 38.13
N PHE BB 16 -103.86 -17.81 39.25
CA PHE BB 16 -104.83 -18.83 39.63
C PHE BB 16 -105.77 -18.30 40.71
N THR BB 17 -107.06 -18.57 40.51
CA THR BB 17 -108.09 -18.25 41.49
C THR BB 17 -108.59 -19.56 42.09
N SER BB 18 -108.38 -19.72 43.40
CA SER BB 18 -108.81 -20.88 44.18
C SER BB 18 -108.53 -22.20 43.47
N PRO BB 19 -107.25 -22.54 43.23
CA PRO BB 19 -106.93 -23.76 42.45
C PRO BB 19 -106.91 -25.01 43.30
N THR BB 20 -107.55 -26.06 42.81
CA THR BB 20 -107.58 -27.35 43.47
C THR BB 20 -107.19 -28.43 42.47
N TYR BB 21 -106.58 -29.51 42.96
CA TYR BB 21 -106.14 -30.62 42.11
C TYR BB 21 -106.70 -31.92 42.64
N THR BB 22 -107.44 -32.65 41.79
CA THR BB 22 -107.99 -33.95 42.14
C THR BB 22 -106.92 -35.01 41.91
N LEU BB 23 -106.61 -35.79 42.94
CA LEU BB 23 -105.62 -36.84 42.84
C LEU BB 23 -106.30 -38.19 42.67
N THR BB 24 -105.83 -38.97 41.70
CA THR BB 24 -106.22 -40.36 41.55
C THR BB 24 -105.04 -41.22 41.96
N SER BB 25 -105.31 -42.26 42.76
CA SER BB 25 -104.23 -43.12 43.23
C SER BB 25 -103.54 -43.77 42.04
N ASP BB 26 -102.21 -43.77 42.06
CA ASP BB 26 -101.40 -44.40 41.03
C ASP BB 26 -100.36 -45.30 41.70
N THR BB 27 -99.89 -46.28 40.93
CA THR BB 27 -98.93 -47.25 41.46
C THR BB 27 -97.52 -46.74 41.23
N ALA BB 28 -96.74 -46.74 42.32
CA ALA BB 28 -95.45 -46.06 42.40
C ALA BB 28 -94.34 -46.84 41.71
N PRO BB 29 -93.21 -46.19 41.39
CA PRO BB 29 -92.16 -46.90 40.66
C PRO BB 29 -91.42 -47.90 41.50
N THR BB 30 -91.19 -47.58 42.75
CA THR BB 30 -90.60 -48.50 43.72
C THR BB 30 -91.69 -49.05 44.62
N ALA BB 31 -91.32 -50.07 45.40
CA ALA BB 31 -92.24 -50.61 46.38
C ALA BB 31 -92.25 -49.79 47.66
N LEU BB 32 -91.35 -48.83 47.79
CA LEU BB 32 -91.25 -47.98 48.97
C LEU BB 32 -91.76 -46.57 48.70
N GLY BB 33 -92.57 -46.41 47.67
CA GLY BB 33 -93.13 -45.11 47.33
C GLY BB 33 -94.64 -45.18 47.24
N LYS BB 34 -95.27 -44.04 47.51
CA LYS BB 34 -96.70 -43.85 47.29
C LYS BB 34 -96.84 -42.75 46.25
N GLN BB 35 -97.57 -43.04 45.18
CA GLN BB 35 -97.70 -42.09 44.08
C GLN BB 35 -99.17 -41.81 43.79
N HIS BB 36 -99.49 -40.55 43.57
CA HIS BB 36 -100.77 -40.16 43.03
C HIS BB 36 -100.53 -39.41 41.72
N ALA BB 37 -101.56 -39.33 40.90
CA ALA BB 37 -101.47 -38.57 39.66
C ALA BB 37 -102.66 -37.62 39.54
N VAL BB 38 -102.40 -36.43 39.01
CA VAL BB 38 -103.42 -35.38 38.95
C VAL BB 38 -104.34 -35.71 37.78
N THR BB 39 -105.51 -36.28 38.08
CA THR BB 39 -106.44 -36.68 37.04
C THR BB 39 -107.28 -35.49 36.54
N ALA BB 40 -107.53 -34.48 37.37
CA ALA BB 40 -108.34 -33.34 36.95
C ALA BB 40 -108.01 -32.13 37.81
N THR BB 41 -108.30 -30.95 37.26
CA THR BB 41 -108.07 -29.68 37.95
C THR BB 41 -109.37 -28.94 38.14
N GLY BB 42 -109.52 -28.32 39.31
CA GLY BB 42 -110.60 -27.39 39.57
C GLY BB 42 -110.03 -26.02 39.88
N GLY BB 43 -110.87 -24.99 39.77
CA GLY BB 43 -110.41 -23.62 39.94
C GLY BB 43 -110.16 -22.94 38.60
N THR BB 44 -109.88 -21.63 38.68
CA THR BB 44 -109.64 -20.82 37.49
C THR BB 44 -108.13 -20.80 37.22
N GLN BB 45 -107.64 -21.90 36.67
CA GLN BB 45 -106.27 -22.04 36.20
C GLN BB 45 -106.36 -22.47 34.75
N THR BB 46 -106.39 -21.50 33.86
CA THR BB 46 -106.67 -21.77 32.46
C THR BB 46 -105.42 -22.27 31.76
N GLY BB 47 -105.58 -23.36 30.98
CA GLY BB 47 -104.49 -23.94 30.24
C GLY BB 47 -103.77 -25.08 30.95
N VAL BB 48 -104.09 -25.33 32.21
CA VAL BB 48 -103.39 -26.36 32.97
C VAL BB 48 -103.79 -27.73 32.46
N THR BB 49 -102.80 -28.52 32.04
CA THR BB 49 -103.04 -29.86 31.51
C THR BB 49 -102.87 -30.91 32.60
N THR BB 50 -103.78 -31.87 32.64
CA THR BB 50 -103.74 -32.94 33.62
C THR BB 50 -102.77 -34.03 33.18
N HIS BB 51 -102.74 -35.13 33.93
CA HIS BB 51 -101.79 -36.21 33.63
C HIS BB 51 -102.19 -36.91 32.34
N SER BB 52 -101.23 -36.97 31.41
CA SER BB 52 -101.35 -37.75 30.19
C SER BB 52 -100.11 -38.63 30.09
N VAL BB 53 -100.13 -39.57 29.14
CA VAL BB 53 -98.95 -40.38 28.92
C VAL BB 53 -97.83 -39.51 28.39
N SER BB 54 -98.15 -38.55 27.51
CA SER BB 54 -97.13 -37.72 26.89
C SER BB 54 -96.61 -36.67 27.87
N SER BB 55 -97.48 -36.10 28.70
CA SER BB 55 -97.10 -35.06 29.66
C SER BB 55 -97.65 -35.41 31.04
N PRO BB 56 -96.82 -35.92 31.95
CA PRO BB 56 -97.33 -36.43 33.21
C PRO BB 56 -97.54 -35.33 34.24
N PHE BB 57 -98.39 -35.63 35.22
CA PHE BB 57 -98.62 -34.79 36.40
C PHE BB 57 -98.69 -35.77 37.57
N THR BB 58 -97.55 -35.98 38.23
CA THR BB 58 -97.40 -37.03 39.22
C THR BB 58 -96.75 -36.52 40.49
N ILE BB 59 -97.22 -37.02 41.63
CA ILE BB 59 -96.76 -36.64 42.96
C ILE BB 59 -96.40 -37.93 43.69
N THR BB 60 -95.10 -38.17 43.87
CA THR BB 60 -94.63 -39.43 44.45
C THR BB 60 -93.74 -39.17 45.66
N PHE BB 61 -93.95 -39.93 46.73
CA PHE BB 61 -93.22 -39.77 47.98
C PHE BB 61 -92.62 -41.10 48.39
N THR BB 62 -91.32 -41.12 48.61
CA THR BB 62 -90.57 -42.36 48.82
C THR BB 62 -89.79 -42.29 50.12
N ARG BB 63 -89.69 -43.43 50.80
CA ARG BB 63 -88.88 -43.61 51.98
C ARG BB 63 -87.65 -44.44 51.64
N PRO BB 64 -86.56 -44.33 52.41
CA PRO BB 64 -85.33 -45.03 52.03
C PRO BB 64 -85.46 -46.54 52.13
N LYS BB 65 -84.65 -47.22 51.32
CA LYS BB 65 -84.65 -48.68 51.30
C LYS BB 65 -84.25 -49.24 52.66
N THR BB 66 -83.12 -48.77 53.19
CA THR BB 66 -82.59 -49.25 54.45
C THR BB 66 -82.44 -48.09 55.43
N MET BB 67 -83.12 -48.20 56.56
CA MET BB 67 -82.98 -47.21 57.62
C MET BB 67 -81.62 -47.35 58.29
N LYS BB 68 -81.10 -46.24 58.83
CA LYS BB 68 -79.80 -46.23 59.48
C LYS BB 68 -79.94 -45.86 60.95
N THR BB 69 -79.32 -46.67 61.82
CA THR BB 69 -79.34 -46.45 63.26
C THR BB 69 -78.16 -45.58 63.67
N VAL BB 70 -78.28 -44.95 64.84
CA VAL BB 70 -77.36 -43.89 65.23
C VAL BB 70 -75.94 -44.43 65.46
N GLY BB 71 -75.82 -45.63 66.00
CA GLY BB 71 -74.52 -46.20 66.30
C GLY BB 71 -74.14 -46.05 67.77
N VAL BB 72 -73.04 -46.69 68.12
CA VAL BB 72 -72.61 -46.84 69.52
C VAL BB 72 -71.43 -45.92 69.76
N PRO BB 73 -71.43 -45.14 70.85
CA PRO BB 73 -70.30 -44.26 71.14
C PRO BB 73 -69.06 -45.07 71.51
N ASN BB 74 -67.90 -44.53 71.13
CA ASN BB 74 -66.62 -45.18 71.38
C ASN BB 74 -66.10 -44.80 72.78
N SER BB 75 -64.83 -45.13 73.04
CA SER BB 75 -64.24 -44.90 74.35
C SER BB 75 -64.28 -43.43 74.75
N ASN BB 76 -64.09 -42.54 73.78
CA ASN BB 76 -64.13 -41.10 74.05
C ASN BB 76 -65.54 -40.56 74.25
N GLY BB 77 -66.57 -41.38 74.06
CA GLY BB 77 -67.93 -40.91 74.08
C GLY BB 77 -68.43 -40.38 72.76
N VAL BB 78 -67.68 -40.57 71.68
CA VAL BB 78 -67.97 -39.99 70.38
C VAL BB 78 -68.52 -41.07 69.45
N ILE BB 79 -69.58 -40.73 68.72
CA ILE BB 79 -70.16 -41.61 67.71
C ILE BB 79 -69.50 -41.32 66.37
N THR BB 80 -68.95 -42.37 65.75
CA THR BB 80 -67.99 -42.18 64.67
C THR BB 80 -68.64 -41.64 63.40
N ASN BB 81 -69.75 -42.24 62.98
CA ASN BB 81 -70.37 -41.87 61.70
C ASN BB 81 -71.88 -41.82 61.86
N ILE BB 82 -72.44 -40.65 61.58
CA ILE BB 82 -73.89 -40.44 61.63
C ILE BB 82 -74.39 -40.49 60.19
N GLY BB 83 -74.89 -41.63 59.78
CA GLY BB 83 -75.60 -41.72 58.52
C GLY BB 83 -76.84 -40.86 58.54
N ARG BB 84 -77.45 -40.71 57.37
CA ARG BB 84 -78.65 -39.88 57.25
C ARG BB 84 -79.66 -40.58 56.35
N ASN BB 85 -80.87 -40.79 56.85
CA ASN BB 85 -81.94 -41.34 56.02
C ASN BB 85 -82.67 -40.17 55.35
N THR BB 86 -82.82 -40.25 54.03
CA THR BB 86 -83.43 -39.20 53.20
C THR BB 86 -84.75 -39.69 52.63
N TYR BB 87 -85.80 -38.90 52.83
CA TYR BB 87 -87.10 -39.15 52.24
C TYR BB 87 -87.27 -38.20 51.07
N GLY BB 88 -87.95 -38.68 50.01
CA GLY BB 88 -88.03 -37.93 48.77
C GLY BB 88 -89.43 -37.66 48.25
N PHE BB 89 -89.71 -36.39 47.93
CA PHE BB 89 -91.02 -35.97 47.46
C PHE BB 89 -90.83 -35.32 46.10
N LEU BB 90 -91.47 -35.87 45.07
CA LEU BB 90 -91.17 -35.40 43.73
C LEU BB 90 -92.43 -35.26 42.89
N VAL BB 91 -92.54 -34.11 42.23
CA VAL BB 91 -93.63 -33.77 41.34
C VAL BB 91 -93.06 -33.65 39.94
N ARG BB 92 -93.69 -34.33 38.98
CA ARG BB 92 -93.34 -34.26 37.56
C ARG BB 92 -94.51 -33.67 36.79
N LYS BB 93 -94.23 -32.65 35.96
CA LYS BB 93 -95.30 -31.97 35.24
C LYS BB 93 -94.94 -31.82 33.77
N GLY BB 94 -95.86 -32.20 32.90
CA GLY BB 94 -95.66 -32.01 31.47
C GLY BB 94 -95.80 -30.55 31.10
N VAL BB 95 -94.75 -29.98 30.51
CA VAL BB 95 -94.69 -28.55 30.16
C VAL BB 95 -94.13 -28.43 28.76
N ILE BB 96 -94.74 -27.58 27.94
CA ILE BB 96 -94.40 -27.52 26.51
C ILE BB 96 -93.46 -26.34 26.27
N PRO BB 97 -92.24 -26.58 25.76
CA PRO BB 97 -91.29 -25.45 25.64
C PRO BB 97 -91.52 -24.56 24.44
N ALA BB 98 -91.87 -25.08 23.28
CA ALA BB 98 -92.00 -24.23 22.11
C ALA BB 98 -93.36 -24.37 21.46
N VAL BB 99 -93.47 -23.77 20.27
CA VAL BB 99 -94.77 -23.67 19.62
C VAL BB 99 -95.23 -25.02 19.12
N ASN BB 100 -94.30 -25.88 18.72
CA ASN BB 100 -94.70 -27.20 18.23
C ASN BB 100 -93.84 -28.31 18.82
N GLN BB 101 -93.21 -28.09 19.96
CA GLN BB 101 -92.29 -29.08 20.51
C GLN BB 101 -93.00 -30.11 21.37
N SER BB 102 -92.33 -31.24 21.55
CA SER BB 102 -92.81 -32.29 22.43
C SER BB 102 -92.73 -31.81 23.88
N PRO BB 103 -93.63 -32.27 24.74
CA PRO BB 103 -93.60 -31.82 26.13
C PRO BB 103 -92.34 -32.30 26.84
N GLN BB 104 -91.74 -31.37 27.59
CA GLN BB 104 -90.66 -31.58 28.54
C GLN BB 104 -91.22 -31.76 29.93
N VAL BB 105 -90.43 -32.34 30.83
CA VAL BB 105 -90.89 -32.65 32.18
C VAL BB 105 -90.30 -31.63 33.14
N MET BB 106 -91.06 -30.59 33.47
CA MET BB 106 -90.71 -29.79 34.62
C MET BB 106 -90.69 -30.67 35.85
N LEU BB 107 -89.81 -30.34 36.79
CA LEU BB 107 -89.55 -31.27 37.87
C LEU BB 107 -89.32 -30.50 39.17
N VAL BB 108 -90.16 -30.75 40.17
CA VAL BB 108 -90.01 -30.13 41.49
C VAL BB 108 -89.72 -31.25 42.47
N ARG BB 109 -88.53 -31.26 43.06
CA ARG BB 109 -88.14 -32.36 43.93
C ARG BB 109 -87.59 -31.87 45.26
N VAL BB 110 -88.10 -32.48 46.32
CA VAL BB 110 -87.73 -32.18 47.70
C VAL BB 110 -87.02 -33.41 48.25
N GLU BB 111 -85.99 -33.15 49.06
CA GLU BB 111 -85.28 -34.20 49.78
C GLU BB 111 -85.16 -33.78 51.24
N ILE BB 112 -85.56 -34.67 52.14
CA ILE BB 112 -85.55 -34.44 53.56
C ILE BB 112 -84.53 -35.41 54.14
N SER BB 113 -83.33 -34.92 54.49
CA SER BB 113 -82.27 -35.74 55.06
C SER BB 113 -82.27 -35.57 56.58
N VAL BB 114 -82.61 -36.64 57.28
CA VAL BB 114 -82.65 -36.67 58.74
C VAL BB 114 -81.46 -37.48 59.22
N PRO BB 115 -80.64 -36.94 60.11
CA PRO BB 115 -79.52 -37.72 60.65
C PRO BB 115 -80.00 -38.86 61.52
N ALA BB 116 -79.06 -39.76 61.81
CA ALA BB 116 -79.40 -41.09 62.26
C ALA BB 116 -80.10 -41.08 63.62
N GLY BB 117 -79.59 -40.28 64.55
CA GLY BB 117 -80.05 -40.31 65.91
C GLY BB 117 -81.12 -39.28 66.15
N ALA BB 118 -81.25 -38.36 65.19
CA ALA BB 118 -82.17 -37.23 65.28
C ALA BB 118 -83.60 -37.68 65.56
N ASP BB 119 -84.09 -38.61 64.74
CA ASP BB 119 -85.51 -38.98 64.72
C ASP BB 119 -86.02 -39.38 66.09
N THR BB 120 -85.14 -39.87 66.95
CA THR BB 120 -85.48 -40.26 68.30
C THR BB 120 -85.07 -39.20 69.33
N TYR BB 121 -83.80 -38.80 69.34
CA TYR BB 121 -83.33 -37.95 70.43
C TYR BB 121 -83.91 -36.53 70.33
N ASP BB 122 -83.91 -35.94 69.13
CA ASP BB 122 -84.33 -34.54 68.94
C ASP BB 122 -85.38 -34.50 67.84
N ALA BB 123 -86.62 -34.80 68.19
CA ALA BB 123 -87.68 -34.82 67.19
C ALA BB 123 -88.28 -33.44 66.98
N ALA BB 124 -88.25 -32.59 68.01
CA ALA BB 124 -88.84 -31.27 67.90
C ALA BB 124 -88.12 -30.44 66.86
N ASN BB 125 -86.78 -30.56 66.79
CA ASN BB 125 -86.04 -29.76 65.82
C ASN BB 125 -86.24 -30.26 64.40
N VAL BB 126 -86.37 -31.58 64.22
CA VAL BB 126 -86.73 -32.13 62.92
C VAL BB 126 -88.08 -31.56 62.46
N LYS BB 127 -89.10 -31.69 63.33
CA LYS BB 127 -90.42 -31.18 62.99
C LYS BB 127 -90.36 -29.69 62.70
N ALA BB 128 -89.51 -28.96 63.41
CA ALA BB 128 -89.41 -27.51 63.22
C ALA BB 128 -88.78 -27.15 61.88
N ALA BB 129 -87.73 -27.87 61.49
CA ALA BB 129 -87.16 -27.64 60.16
C ALA BB 129 -88.18 -27.89 59.07
N LEU BB 130 -88.95 -28.97 59.20
CA LEU BB 130 -89.97 -29.27 58.21
C LEU BB 130 -91.05 -28.18 58.17
N SER BB 131 -91.53 -27.76 59.33
CA SER BB 131 -92.60 -26.77 59.36
C SER BB 131 -92.14 -25.41 58.86
N ALA BB 132 -90.88 -25.04 59.12
CA ALA BB 132 -90.36 -23.78 58.61
C ALA BB 132 -90.17 -23.85 57.10
N ALA BB 133 -89.60 -24.94 56.58
CA ALA BB 133 -89.42 -25.08 55.14
C ALA BB 133 -90.77 -25.02 54.42
N ILE BB 134 -91.73 -25.83 54.85
CA ILE BB 134 -93.02 -25.85 54.16
C ILE BB 134 -93.80 -24.56 54.39
N GLY BB 135 -93.67 -23.93 55.55
CA GLY BB 135 -94.36 -22.67 55.79
C GLY BB 135 -93.84 -21.55 54.92
N VAL BB 136 -92.52 -21.48 54.72
CA VAL BB 136 -91.96 -20.49 53.81
C VAL BB 136 -92.37 -20.80 52.38
N LEU BB 137 -92.40 -22.09 52.00
CA LEU BB 137 -92.84 -22.44 50.65
C LEU BB 137 -94.28 -22.00 50.39
N SER BB 138 -95.18 -22.28 51.33
CA SER BB 138 -96.58 -21.91 51.12
C SER BB 138 -96.78 -20.40 51.21
N GLN BB 139 -95.99 -19.71 52.04
CA GLN BB 139 -96.10 -18.25 52.10
C GLN BB 139 -95.65 -17.61 50.80
N GLN BB 140 -94.56 -18.10 50.23
CA GLN BB 140 -93.98 -17.52 49.03
C GLN BB 140 -94.27 -18.35 47.78
N SER BB 141 -95.40 -19.06 47.74
CA SER BB 141 -95.69 -19.89 46.57
C SER BB 141 -95.88 -19.05 45.32
N ALA BB 142 -96.72 -18.01 45.42
CA ALA BB 142 -96.95 -17.14 44.28
C ALA BB 142 -95.66 -16.48 43.84
N GLY BB 143 -94.85 -16.02 44.81
CA GLY BB 143 -93.61 -15.35 44.48
C GLY BB 143 -92.58 -16.26 43.86
N ILE BB 144 -92.54 -17.52 44.30
CA ILE BB 144 -91.62 -18.49 43.71
C ILE BB 144 -92.07 -18.86 42.29
N GLY BB 145 -93.38 -18.90 42.04
CA GLY BB 145 -93.82 -19.02 40.66
C GLY BB 145 -93.39 -17.84 39.81
N ASP BB 146 -93.63 -16.62 40.31
CA ASP BB 146 -93.18 -15.42 39.63
C ASP BB 146 -91.69 -15.48 39.33
N THR BB 147 -90.90 -16.01 40.27
CA THR BB 147 -89.46 -16.14 40.04
C THR BB 147 -89.15 -17.21 38.99
N ALA BB 148 -89.84 -18.35 39.06
CA ALA BB 148 -89.59 -19.43 38.12
C ALA BB 148 -89.91 -19.03 36.69
N LEU BB 149 -90.81 -18.06 36.52
CA LEU BB 149 -91.12 -17.58 35.18
C LEU BB 149 -90.29 -16.37 34.78
N SER BB 150 -89.97 -15.49 35.73
CA SER BB 150 -89.33 -14.22 35.43
C SER BB 150 -87.81 -14.34 35.35
N GLY BB 151 -87.21 -15.22 36.14
CA GLY BB 151 -85.80 -15.09 36.43
C GLY BB 151 -85.49 -14.04 37.45
N ILE BB 152 -86.51 -13.42 38.03
CA ILE BB 152 -86.34 -12.32 38.97
C ILE BB 152 -86.32 -12.89 40.38
N LEU BB 153 -85.27 -12.58 41.12
CA LEU BB 153 -85.16 -13.01 42.50
C LEU BB 153 -85.41 -11.81 43.45
N ALA CB 1 -53.06 9.66 77.59
CA ALA CB 1 -53.74 9.77 78.87
C ALA CB 1 -54.70 8.61 79.11
N TYR CB 2 -54.16 7.39 79.21
CA TYR CB 2 -54.95 6.17 79.41
C TYR CB 2 -54.77 5.69 80.84
N SER CB 3 -55.84 5.78 81.66
CA SER CB 3 -55.81 5.35 83.06
C SER CB 3 -57.22 4.91 83.48
N PRO CB 4 -57.46 3.60 83.52
CA PRO CB 4 -58.80 3.11 83.88
C PRO CB 4 -59.08 3.23 85.38
N SER CB 5 -60.36 3.08 85.72
CA SER CB 5 -60.87 3.20 87.08
C SER CB 5 -61.06 1.83 87.72
N THR CB 6 -61.14 1.81 89.06
CA THR CB 6 -61.12 0.54 89.78
C THR CB 6 -62.32 -0.33 89.44
N PRO CB 7 -63.58 0.13 89.64
CA PRO CB 7 -64.69 -0.58 89.00
C PRO CB 7 -65.00 -0.01 87.62
N VAL CB 8 -64.85 -0.81 86.58
CA VAL CB 8 -65.20 -0.41 85.23
C VAL CB 8 -66.64 -0.84 84.99
N THR CB 9 -67.49 0.12 84.65
CA THR CB 9 -68.87 -0.18 84.30
C THR CB 9 -68.86 -0.86 82.94
N GLY CB 10 -69.06 -2.18 82.94
CA GLY CB 10 -68.97 -2.94 81.70
C GLY CB 10 -70.15 -2.66 80.78
N ALA CB 11 -69.88 -2.69 79.48
CA ALA CB 11 -70.91 -2.35 78.51
C ALA CB 11 -72.04 -3.38 78.57
N ALA CB 12 -73.23 -2.94 78.20
CA ALA CB 12 -74.40 -3.80 78.35
C ALA CB 12 -74.23 -5.07 77.53
N GLN CB 13 -74.62 -6.20 78.13
CA GLN CB 13 -74.62 -7.48 77.44
C GLN CB 13 -75.93 -8.19 77.73
N THR CB 14 -76.21 -9.22 76.95
CA THR CB 14 -77.56 -9.78 76.87
C THR CB 14 -78.02 -10.34 78.21
N GLY CB 15 -77.25 -11.27 78.76
CA GLY CB 15 -77.65 -11.86 80.03
C GLY CB 15 -77.14 -11.16 81.27
N PHE CB 16 -76.50 -10.00 81.15
CA PHE CB 16 -75.83 -9.36 82.26
C PHE CB 16 -76.70 -8.23 82.84
N THR CB 17 -76.79 -8.20 84.16
CA THR CB 17 -77.48 -7.13 84.87
C THR CB 17 -76.45 -6.30 85.61
N SER CB 18 -76.31 -5.04 85.20
CA SER CB 18 -75.39 -4.09 85.82
C SER CB 18 -73.99 -4.67 86.04
N PRO CB 19 -73.27 -5.04 84.96
CA PRO CB 19 -71.97 -5.70 85.14
C PRO CB 19 -70.85 -4.70 85.36
N THR CB 20 -69.98 -4.99 86.32
CA THR CB 20 -68.80 -4.19 86.61
C THR CB 20 -67.60 -5.12 86.74
N TYR CB 21 -66.41 -4.60 86.39
CA TYR CB 21 -65.19 -5.39 86.45
C TYR CB 21 -64.15 -4.66 87.26
N THR CB 22 -63.61 -5.31 88.29
CA THR CB 22 -62.57 -4.71 89.12
C THR CB 22 -61.22 -4.97 88.48
N LEU CB 23 -60.46 -3.91 88.23
CA LEU CB 23 -59.15 -4.02 87.62
C LEU CB 23 -58.07 -3.95 88.68
N THR CB 24 -57.09 -4.84 88.56
CA THR CB 24 -55.87 -4.80 89.36
C THR CB 24 -54.70 -4.49 88.44
N SER CB 25 -53.80 -3.64 88.90
CA SER CB 25 -52.71 -3.20 88.04
C SER CB 25 -51.75 -4.35 87.76
N ASP CB 26 -51.30 -4.45 86.51
CA ASP CB 26 -50.41 -5.52 86.08
C ASP CB 26 -49.26 -4.93 85.28
N THR CB 27 -48.13 -5.63 85.26
CA THR CB 27 -47.00 -5.22 84.45
C THR CB 27 -47.21 -5.71 83.02
N ALA CB 28 -46.98 -4.81 82.06
CA ALA CB 28 -47.27 -5.06 80.66
C ALA CB 28 -46.15 -5.85 79.99
N PRO CB 29 -46.40 -6.45 78.80
CA PRO CB 29 -45.38 -7.28 78.15
C PRO CB 29 -44.27 -6.47 77.50
N THR CB 30 -44.62 -5.33 76.92
CA THR CB 30 -43.64 -4.38 76.42
C THR CB 30 -43.45 -3.23 77.40
N ALA CB 31 -42.40 -2.45 77.17
CA ALA CB 31 -42.20 -1.23 77.93
C ALA CB 31 -43.04 -0.08 77.39
N LEU CB 32 -43.84 -0.33 76.35
CA LEU CB 32 -44.70 0.68 75.74
C LEU CB 32 -46.17 0.42 76.04
N GLY CB 33 -46.46 -0.42 77.01
CA GLY CB 33 -47.83 -0.81 77.30
C GLY CB 33 -48.17 -0.58 78.76
N LYS CB 34 -49.45 -0.29 78.98
CA LYS CB 34 -50.05 -0.29 80.31
C LYS CB 34 -51.10 -1.39 80.32
N GLN CB 35 -51.01 -2.29 81.29
CA GLN CB 35 -51.88 -3.46 81.32
C GLN CB 35 -52.52 -3.63 82.69
N HIS CB 36 -53.82 -3.90 82.69
CA HIS CB 36 -54.53 -4.26 83.90
C HIS CB 36 -55.10 -5.67 83.72
N ALA CB 37 -55.32 -6.37 84.84
CA ALA CB 37 -55.96 -7.67 84.82
C ALA CB 37 -57.27 -7.61 85.59
N VAL CB 38 -58.27 -8.35 85.13
CA VAL CB 38 -59.58 -8.33 85.76
C VAL CB 38 -59.53 -9.33 86.92
N THR CB 39 -59.34 -8.80 88.13
CA THR CB 39 -59.18 -9.66 89.29
C THR CB 39 -60.51 -10.14 89.86
N ALA CB 40 -61.60 -9.44 89.62
CA ALA CB 40 -62.92 -9.85 90.13
C ALA CB 40 -64.03 -9.18 89.35
N THR CB 41 -65.21 -9.80 89.38
CA THR CB 41 -66.39 -9.30 88.67
C THR CB 41 -67.50 -9.00 89.66
N GLY CB 42 -68.21 -7.91 89.41
CA GLY CB 42 -69.43 -7.59 90.15
C GLY CB 42 -70.59 -7.50 89.19
N GLY CB 43 -71.81 -7.58 89.70
CA GLY CB 43 -72.99 -7.65 88.87
C GLY CB 43 -73.46 -9.08 88.67
N THR CB 44 -74.62 -9.21 88.01
CA THR CB 44 -75.23 -10.51 87.77
C THR CB 44 -74.80 -11.00 86.38
N GLN CB 45 -73.57 -11.51 86.33
CA GLN CB 45 -72.99 -12.15 85.16
C GLN CB 45 -72.53 -13.52 85.61
N THR CB 46 -73.43 -14.50 85.56
CA THR CB 46 -73.16 -15.80 86.15
C THR CB 46 -72.25 -16.60 85.22
N GLY CB 47 -71.24 -17.25 85.80
CA GLY CB 47 -70.30 -18.06 85.04
C GLY CB 47 -69.06 -17.35 84.58
N VAL CB 48 -68.99 -16.02 84.71
CA VAL CB 48 -67.85 -15.28 84.22
C VAL CB 48 -66.63 -15.57 85.09
N THR CB 49 -65.54 -16.00 84.45
CA THR CB 49 -64.30 -16.35 85.15
C THR CB 49 -63.32 -15.18 85.09
N THR CB 50 -62.65 -14.94 86.21
CA THR CB 50 -61.69 -13.85 86.32
C THR CB 50 -60.32 -14.30 85.82
N HIS CB 51 -59.34 -13.41 85.90
CA HIS CB 51 -58.00 -13.69 85.40
C HIS CB 51 -57.35 -14.81 86.19
N SER CB 52 -56.97 -15.88 85.49
CA SER CB 52 -56.21 -16.99 86.04
C SER CB 52 -54.98 -17.20 85.17
N VAL CB 53 -54.05 -18.00 85.68
CA VAL CB 53 -52.90 -18.36 84.86
C VAL CB 53 -53.36 -19.14 83.64
N SER CB 54 -54.31 -20.06 83.85
CA SER CB 54 -54.76 -20.92 82.75
C SER CB 54 -55.63 -20.15 81.77
N SER CB 55 -56.50 -19.26 82.26
CA SER CB 55 -57.43 -18.50 81.42
C SER CB 55 -57.35 -17.02 81.77
N PRO CB 56 -56.66 -16.22 80.97
CA PRO CB 56 -56.41 -14.82 81.35
C PRO CB 56 -57.60 -13.92 81.07
N PHE CB 57 -57.62 -12.80 81.79
CA PHE CB 57 -58.56 -11.70 81.54
C PHE CB 57 -57.75 -10.42 81.68
N THR CB 58 -57.26 -9.91 80.54
CA THR CB 58 -56.29 -8.81 80.55
C THR CB 58 -56.67 -7.73 79.54
N ILE CB 59 -56.36 -6.49 79.92
CA ILE CB 59 -56.68 -5.29 79.14
C ILE CB 59 -55.38 -4.49 79.03
N THR CB 60 -54.77 -4.51 77.85
CA THR CB 60 -53.47 -3.88 77.64
C THR CB 60 -53.55 -2.83 76.52
N PHE CB 61 -52.91 -1.69 76.73
CA PHE CB 61 -52.94 -0.57 75.77
C PHE CB 61 -51.51 -0.13 75.51
N THR CB 62 -51.14 -0.07 74.23
CA THR CB 62 -49.76 0.11 73.81
C THR CB 62 -49.63 1.25 72.81
N ARG CB 63 -48.52 1.99 72.90
CA ARG CB 63 -48.15 3.02 71.95
C ARG CB 63 -47.07 2.49 71.01
N PRO CB 64 -46.84 3.13 69.87
CA PRO CB 64 -45.82 2.63 68.94
C PRO CB 64 -44.41 2.87 69.46
N LYS CB 65 -43.49 2.01 69.01
CA LYS CB 65 -42.10 2.11 69.44
C LYS CB 65 -41.49 3.45 69.05
N THR CB 66 -41.71 3.86 67.80
CA THR CB 66 -41.15 5.09 67.26
C THR CB 66 -42.26 5.91 66.64
N MET CB 67 -42.36 7.18 67.04
CA MET CB 67 -43.33 8.10 66.46
C MET CB 67 -42.88 8.52 65.07
N LYS CB 68 -43.85 8.82 64.21
CA LYS CB 68 -43.58 9.17 62.83
C LYS CB 68 -43.94 10.63 62.61
N THR CB 69 -42.98 11.41 62.14
CA THR CB 69 -43.23 12.77 61.72
C THR CB 69 -43.53 12.80 60.23
N VAL CB 70 -44.21 13.86 59.80
CA VAL CB 70 -44.72 13.89 58.44
C VAL CB 70 -43.71 14.54 57.50
N GLY CB 83 -47.17 7.64 56.15
CA GLY CB 83 -46.83 7.02 57.42
C GLY CB 83 -47.97 7.06 58.43
N ARG CB 84 -47.95 6.16 59.42
CA ARG CB 84 -49.03 6.10 60.40
C ARG CB 84 -48.50 5.70 61.78
N ASN CB 85 -49.04 6.33 62.82
CA ASN CB 85 -48.81 5.90 64.21
C ASN CB 85 -50.04 5.12 64.63
N THR CB 86 -49.86 3.83 64.99
CA THR CB 86 -50.97 2.98 65.41
C THR CB 86 -50.86 2.67 66.89
N TYR CB 87 -51.93 2.95 67.63
CA TYR CB 87 -52.05 2.61 69.03
C TYR CB 87 -52.94 1.38 69.19
N GLY CB 88 -52.58 0.51 70.13
CA GLY CB 88 -53.25 -0.78 70.24
C GLY CB 88 -53.89 -1.09 71.58
N PHE CB 89 -55.16 -1.49 71.56
CA PHE CB 89 -55.91 -1.80 72.77
C PHE CB 89 -56.41 -3.22 72.65
N LEU CB 90 -55.99 -4.10 73.55
CA LEU CB 90 -56.25 -5.53 73.37
C LEU CB 90 -56.70 -6.18 74.67
N VAL CB 91 -57.77 -6.96 74.55
CA VAL CB 91 -58.38 -7.70 75.66
C VAL CB 91 -58.25 -9.18 75.35
N ARG CB 92 -57.71 -9.93 76.30
CA ARG CB 92 -57.60 -11.39 76.21
C ARG CB 92 -58.47 -12.03 77.28
N LYS CB 93 -59.28 -13.01 76.88
CA LYS CB 93 -60.20 -13.65 77.82
C LYS CB 93 -60.14 -15.16 77.69
N GLY CB 94 -60.00 -15.83 78.84
CA GLY CB 94 -60.03 -17.27 78.86
C GLY CB 94 -61.44 -17.79 78.61
N VAL CB 95 -61.63 -18.56 77.54
CA VAL CB 95 -62.93 -19.09 77.12
C VAL CB 95 -62.77 -20.56 76.83
N ILE CB 96 -63.71 -21.39 77.30
CA ILE CB 96 -63.54 -22.83 77.26
C ILE CB 96 -64.37 -23.40 76.10
N PRO CB 97 -63.75 -24.04 75.10
CA PRO CB 97 -64.52 -24.44 73.92
C PRO CB 97 -65.36 -25.70 74.10
N ALA CB 98 -64.88 -26.71 74.80
CA ALA CB 98 -65.68 -27.92 74.92
C ALA CB 98 -65.83 -28.36 76.37
N VAL CB 99 -66.49 -29.51 76.52
CA VAL CB 99 -66.94 -29.95 77.83
C VAL CB 99 -65.77 -30.21 78.75
N ASN CB 100 -64.64 -30.65 78.21
CA ASN CB 100 -63.49 -30.89 79.08
C ASN CB 100 -62.19 -30.30 78.54
N GLN CB 101 -62.27 -29.38 77.58
CA GLN CB 101 -61.07 -28.92 76.92
C GLN CB 101 -60.35 -27.82 77.70
N SER CB 102 -59.10 -27.61 77.30
CA SER CB 102 -58.30 -26.53 77.86
C SER CB 102 -58.84 -25.19 77.40
N PRO CB 103 -58.69 -24.15 78.21
CA PRO CB 103 -59.20 -22.84 77.82
C PRO CB 103 -58.42 -22.27 76.63
N GLN CB 104 -59.18 -21.77 75.66
CA GLN CB 104 -58.74 -20.98 74.52
C GLN CB 104 -58.83 -19.50 74.85
N VAL CB 105 -58.10 -18.67 74.11
CA VAL CB 105 -58.04 -17.24 74.38
C VAL CB 105 -58.91 -16.52 73.35
N MET CB 106 -60.12 -16.14 73.76
CA MET CB 106 -60.85 -15.17 72.97
C MET CB 106 -60.09 -13.85 72.99
N LEU CB 107 -60.22 -13.11 71.90
CA LEU CB 107 -59.34 -11.97 71.71
C LEU CB 107 -60.11 -10.82 71.08
N VAL CB 108 -60.16 -9.67 71.75
CA VAL CB 108 -60.80 -8.47 71.23
C VAL CB 108 -59.71 -7.42 71.08
N ARG CB 109 -59.36 -7.05 69.86
CA ARG CB 109 -58.25 -6.13 69.66
C ARG CB 109 -58.67 -4.95 68.79
N VAL CB 110 -58.25 -3.77 69.21
CA VAL CB 110 -58.54 -2.50 68.56
C VAL CB 110 -57.22 -1.88 68.13
N GLU CB 111 -57.20 -1.34 66.92
CA GLU CB 111 -56.06 -0.62 66.39
C GLU CB 111 -56.53 0.75 65.93
N ILE CB 112 -55.83 1.78 66.38
CA ILE CB 112 -56.13 3.16 66.05
C ILE CB 112 -54.95 3.70 65.25
N SER CB 113 -55.11 3.80 63.94
CA SER CB 113 -54.05 4.27 63.06
C SER CB 113 -54.31 5.74 62.71
N VAL CB 114 -53.48 6.61 63.28
CA VAL CB 114 -53.52 8.05 63.05
C VAL CB 114 -52.46 8.40 62.02
N PRO CB 115 -52.81 9.02 60.90
CA PRO CB 115 -51.79 9.52 59.96
C PRO CB 115 -50.87 10.52 60.62
N ALA CB 116 -49.78 10.84 59.92
CA ALA CB 116 -48.66 11.55 60.54
C ALA CB 116 -49.04 12.97 60.93
N GLY CB 117 -49.44 13.79 59.96
CA GLY CB 117 -49.74 15.19 60.26
C GLY CB 117 -51.09 15.40 60.90
N ALA CB 118 -51.89 14.34 60.96
CA ALA CB 118 -53.24 14.39 61.50
C ALA CB 118 -53.26 14.91 62.93
N ASP CB 119 -52.48 14.26 63.82
CA ASP CB 119 -52.51 14.52 65.26
C ASP CB 119 -52.42 15.99 65.59
N THR CB 120 -51.71 16.76 64.75
CA THR CB 120 -51.53 18.18 64.97
C THR CB 120 -52.47 19.03 64.12
N TYR CB 121 -52.46 18.83 62.80
CA TYR CB 121 -53.19 19.75 61.93
C TYR CB 121 -54.70 19.58 62.06
N ASP CB 122 -55.18 18.34 62.13
CA ASP CB 122 -56.63 18.08 62.18
C ASP CB 122 -56.91 17.14 63.35
N ALA CB 123 -57.01 17.72 64.54
CA ALA CB 123 -57.25 16.90 65.73
C ALA CB 123 -58.71 16.64 65.95
N ALA CB 124 -59.58 17.54 65.48
CA ALA CB 124 -61.01 17.36 65.69
C ALA CB 124 -61.52 16.13 64.97
N ASN CB 125 -61.05 15.89 63.75
CA ASN CB 125 -61.52 14.73 63.01
C ASN CB 125 -60.99 13.43 63.61
N VAL CB 126 -59.77 13.44 64.14
CA VAL CB 126 -59.25 12.28 64.87
C VAL CB 126 -60.16 11.96 66.05
N LYS CB 127 -60.40 12.96 66.90
CA LYS CB 127 -61.25 12.75 68.06
C LYS CB 127 -62.66 12.31 67.65
N ALA CB 128 -63.14 12.79 66.49
CA ALA CB 128 -64.48 12.44 66.05
C ALA CB 128 -64.55 10.99 65.57
N ALA CB 129 -63.52 10.53 64.86
CA ALA CB 129 -63.45 9.12 64.51
C ALA CB 129 -63.50 8.25 65.75
N LEU CB 130 -62.70 8.59 66.76
CA LEU CB 130 -62.69 7.81 68.00
C LEU CB 130 -64.05 7.87 68.70
N SER CB 131 -64.67 9.05 68.71
CA SER CB 131 -65.97 9.22 69.36
C SER CB 131 -67.04 8.39 68.68
N ALA CB 132 -67.14 8.48 67.35
CA ALA CB 132 -68.12 7.69 66.62
C ALA CB 132 -67.89 6.20 66.83
N ALA CB 133 -66.64 5.75 66.71
CA ALA CB 133 -66.34 4.33 66.86
C ALA CB 133 -66.75 3.81 68.23
N ILE CB 134 -66.28 4.46 69.29
CA ILE CB 134 -66.59 3.97 70.63
C ILE CB 134 -68.07 4.15 70.95
N GLY CB 135 -68.71 5.19 70.39
CA GLY CB 135 -70.13 5.38 70.66
C GLY CB 135 -71.00 4.31 70.04
N VAL CB 136 -70.70 3.94 68.79
CA VAL CB 136 -71.43 2.83 68.16
C VAL CB 136 -71.13 1.52 68.89
N LEU CB 137 -69.89 1.32 69.33
CA LEU CB 137 -69.56 0.10 70.06
C LEU CB 137 -70.36 0.00 71.36
N SER CB 138 -70.46 1.09 72.12
CA SER CB 138 -71.20 1.04 73.37
C SER CB 138 -72.71 0.96 73.12
N GLN CB 139 -73.19 1.56 72.04
CA GLN CB 139 -74.61 1.48 71.73
C GLN CB 139 -75.02 0.05 71.36
N GLN CB 140 -74.22 -0.61 70.54
CA GLN CB 140 -74.54 -1.94 70.06
C GLN CB 140 -73.81 -3.03 70.81
N SER CB 141 -73.37 -2.77 72.05
CA SER CB 141 -72.58 -3.76 72.77
C SER CB 141 -73.35 -5.06 72.93
N ALA CB 142 -74.59 -4.96 73.40
CA ALA CB 142 -75.43 -6.14 73.59
C ALA CB 142 -75.63 -6.87 72.27
N GLY CB 143 -75.94 -6.12 71.21
CA GLY CB 143 -76.18 -6.75 69.92
C GLY CB 143 -74.95 -7.38 69.30
N ILE CB 144 -73.78 -6.81 69.57
CA ILE CB 144 -72.53 -7.38 69.07
C ILE CB 144 -72.19 -8.66 69.82
N GLY CB 145 -72.51 -8.74 71.11
CA GLY CB 145 -72.43 -10.02 71.78
C GLY CB 145 -73.40 -11.04 71.21
N ASP CB 146 -74.65 -10.63 71.01
CA ASP CB 146 -75.63 -11.49 70.34
C ASP CB 146 -75.10 -12.00 69.01
N THR CB 147 -74.40 -11.15 68.27
CA THR CB 147 -73.84 -11.56 66.99
C THR CB 147 -72.66 -12.50 67.18
N ALA CB 148 -71.81 -12.23 68.18
CA ALA CB 148 -70.66 -13.09 68.44
C ALA CB 148 -71.07 -14.49 68.81
N LEU CB 149 -72.29 -14.65 69.32
CA LEU CB 149 -72.83 -15.98 69.61
C LEU CB 149 -73.70 -16.55 68.49
N SER CB 150 -74.41 -15.69 67.74
CA SER CB 150 -75.34 -16.15 66.71
C SER CB 150 -74.64 -16.46 65.40
N GLY CB 151 -73.65 -15.67 65.04
CA GLY CB 151 -73.09 -15.70 63.71
C GLY CB 151 -73.81 -14.83 62.72
N ILE CB 152 -74.74 -13.99 63.19
CA ILE CB 152 -75.63 -13.25 62.30
C ILE CB 152 -75.57 -11.76 62.62
N LEU CB 153 -75.48 -10.94 61.56
CA LEU CB 153 -75.53 -9.49 61.68
C LEU CB 153 -76.97 -8.98 61.62
N ALA DB 1 -29.81 9.63 89.37
CA ALA DB 1 -30.72 10.50 90.10
C ALA DB 1 -31.22 11.65 89.21
N TYR DB 2 -31.96 11.32 88.14
CA TYR DB 2 -32.47 12.30 87.19
C TYR DB 2 -33.98 12.43 87.38
N SER DB 3 -34.42 13.61 87.84
CA SER DB 3 -35.85 13.90 88.06
C SER DB 3 -36.11 15.38 87.86
N PRO DB 4 -36.61 15.79 86.70
CA PRO DB 4 -36.84 17.22 86.45
C PRO DB 4 -38.06 17.75 87.20
N SER DB 5 -38.17 19.07 87.23
CA SER DB 5 -39.19 19.80 87.97
C SER DB 5 -40.30 20.27 87.04
N THR DB 6 -41.44 20.67 87.64
CA THR DB 6 -42.62 20.96 86.82
C THR DB 6 -42.41 22.17 85.93
N PRO DB 7 -42.09 23.36 86.46
CA PRO DB 7 -41.57 24.40 85.57
C PRO DB 7 -40.05 24.34 85.52
N VAL DB 8 -39.50 24.05 84.34
CA VAL DB 8 -38.06 24.13 84.13
C VAL DB 8 -37.77 25.54 83.65
N THR DB 9 -36.88 26.22 84.33
CA THR DB 9 -36.49 27.56 83.91
C THR DB 9 -35.49 27.42 82.77
N GLY DB 10 -35.95 27.75 81.57
CA GLY DB 10 -35.14 27.52 80.39
C GLY DB 10 -33.94 28.45 80.34
N ALA DB 11 -32.85 27.93 79.80
CA ALA DB 11 -31.63 28.71 79.65
C ALA DB 11 -31.89 29.91 78.75
N ALA DB 12 -31.16 31.00 79.02
CA ALA DB 12 -31.43 32.26 78.35
C ALA DB 12 -31.26 32.11 76.85
N GLN DB 13 -32.17 32.73 76.11
CA GLN DB 13 -32.11 32.77 74.65
C GLN DB 13 -32.38 34.19 74.20
N THR DB 14 -32.05 34.46 72.93
CA THR DB 14 -31.91 35.85 72.47
C THR DB 14 -33.24 36.60 72.58
N GLY DB 15 -34.28 36.11 71.92
CA GLY DB 15 -35.54 36.81 71.97
C GLY DB 15 -36.46 36.47 73.13
N PHE DB 16 -36.03 35.61 74.05
CA PHE DB 16 -36.90 35.10 75.10
C PHE DB 16 -36.73 35.90 76.37
N THR DB 17 -37.83 36.27 76.99
CA THR DB 17 -37.82 36.94 78.28
C THR DB 17 -38.35 35.96 79.33
N SER DB 18 -37.46 35.51 80.21
CA SER DB 18 -37.78 34.65 81.35
C SER DB 18 -38.56 33.40 80.95
N PRO DB 19 -37.98 32.54 80.10
CA PRO DB 19 -38.76 31.42 79.57
C PRO DB 19 -38.76 30.24 80.52
N THR DB 20 -39.92 29.61 80.64
CA THR DB 20 -40.10 28.41 81.44
C THR DB 20 -40.87 27.39 80.61
N TYR DB 21 -40.63 26.12 80.89
CA TYR DB 21 -41.26 25.03 80.16
C TYR DB 21 -41.88 24.06 81.16
N THR DB 22 -43.17 23.79 81.02
CA THR DB 22 -43.89 22.86 81.88
C THR DB 22 -43.71 21.45 81.34
N LEU DB 23 -43.27 20.55 82.20
CA LEU DB 23 -43.04 19.16 81.82
C LEU DB 23 -44.19 18.29 82.31
N THR DB 24 -44.70 17.45 81.42
CA THR DB 24 -45.64 16.40 81.77
C THR DB 24 -44.94 15.05 81.58
N SER DB 25 -45.24 14.10 82.47
CA SER DB 25 -44.51 12.84 82.45
C SER DB 25 -44.96 11.97 81.27
N ASP DB 26 -44.00 11.34 80.60
CA ASP DB 26 -44.27 10.54 79.42
C ASP DB 26 -43.57 9.19 79.56
N THR DB 27 -44.11 8.19 78.86
CA THR DB 27 -43.47 6.88 78.80
C THR DB 27 -42.36 6.89 77.76
N ALA DB 28 -41.20 6.39 78.14
CA ALA DB 28 -39.99 6.44 77.33
C ALA DB 28 -39.93 5.30 76.33
N PRO DB 29 -39.17 5.46 75.24
CA PRO DB 29 -39.19 4.42 74.20
C PRO DB 29 -38.52 3.13 74.62
N THR DB 30 -37.35 3.21 75.25
CA THR DB 30 -36.75 2.03 75.85
C THR DB 30 -37.28 1.87 77.27
N ALA DB 31 -37.03 0.69 77.83
CA ALA DB 31 -37.24 0.52 79.25
C ALA DB 31 -36.14 1.16 80.08
N LEU DB 32 -35.08 1.68 79.43
CA LEU DB 32 -33.94 2.26 80.11
C LEU DB 32 -33.95 3.77 80.07
N GLY DB 33 -35.09 4.38 79.78
CA GLY DB 33 -35.17 5.82 79.66
C GLY DB 33 -36.26 6.39 80.54
N LYS DB 34 -36.03 7.61 80.99
CA LYS DB 34 -37.06 8.47 81.57
C LYS DB 34 -37.30 9.61 80.59
N GLN DB 35 -38.57 9.85 80.25
CA GLN DB 35 -38.89 10.84 79.24
C GLN DB 35 -39.99 11.76 79.74
N HIS DB 36 -39.80 13.05 79.52
CA HIS DB 36 -40.84 14.04 79.76
C HIS DB 36 -41.17 14.78 78.46
N ALA DB 37 -42.41 15.25 78.36
CA ALA DB 37 -42.83 16.03 77.20
C ALA DB 37 -43.17 17.45 77.65
N VAL DB 38 -42.83 18.44 76.83
CA VAL DB 38 -43.10 19.84 77.14
C VAL DB 38 -44.55 20.10 76.73
N THR DB 39 -45.46 20.02 77.71
CA THR DB 39 -46.89 20.17 77.44
C THR DB 39 -47.29 21.64 77.26
N ALA DB 40 -46.59 22.58 77.89
CA ALA DB 40 -46.96 23.98 77.81
C ALA DB 40 -45.74 24.86 78.08
N THR DB 41 -45.80 26.09 77.56
CA THR DB 41 -44.70 27.04 77.67
C THR DB 41 -45.16 28.29 78.42
N GLY DB 42 -44.28 28.79 79.30
CA GLY DB 42 -44.46 30.09 79.93
C GLY DB 42 -43.28 31.00 79.60
N GLY DB 43 -43.47 32.29 79.87
CA GLY DB 43 -42.50 33.29 79.50
C GLY DB 43 -42.87 33.97 78.18
N THR DB 44 -42.13 35.04 77.87
CA THR DB 44 -42.35 35.82 76.67
C THR DB 44 -41.49 35.30 75.50
N GLN DB 45 -41.80 34.07 75.14
CA GLN DB 45 -41.30 33.41 73.92
C GLN DB 45 -42.49 33.24 73.00
N THR DB 46 -42.45 33.92 71.85
CA THR DB 46 -43.60 33.97 70.97
C THR DB 46 -43.32 33.12 69.74
N GLY DB 47 -44.25 32.22 69.47
CA GLY DB 47 -44.16 31.30 68.37
C GLY DB 47 -43.70 29.91 68.75
N VAL DB 48 -43.39 29.69 70.02
CA VAL DB 48 -42.88 28.39 70.47
C VAL DB 48 -44.04 27.40 70.57
N THR DB 49 -43.91 26.26 69.88
CA THR DB 49 -44.95 25.24 69.85
C THR DB 49 -44.65 24.15 70.87
N THR DB 50 -45.71 23.63 71.51
CA THR DB 50 -45.57 22.60 72.52
C THR DB 50 -45.58 21.21 71.87
N HIS DB 51 -45.63 20.17 72.70
CA HIS DB 51 -45.42 18.81 72.22
C HIS DB 51 -46.66 18.27 71.52
N SER DB 52 -46.50 17.90 70.26
CA SER DB 52 -47.44 17.11 69.50
C SER DB 52 -46.76 15.82 69.08
N VAL DB 53 -47.49 14.94 68.41
CA VAL DB 53 -46.85 13.72 67.93
C VAL DB 53 -46.04 14.01 66.68
N SER DB 54 -46.57 14.83 65.77
CA SER DB 54 -45.83 15.16 64.56
C SER DB 54 -44.85 16.31 64.79
N SER DB 55 -45.09 17.14 65.81
CA SER DB 55 -44.18 18.21 66.19
C SER DB 55 -43.81 18.04 67.66
N PRO DB 56 -42.88 17.15 67.97
CA PRO DB 56 -42.63 16.77 69.36
C PRO DB 56 -41.83 17.83 70.12
N PHE DB 57 -41.92 17.72 71.44
CA PHE DB 57 -41.06 18.45 72.38
C PHE DB 57 -40.78 17.46 73.51
N THR DB 58 -39.70 16.70 73.38
CA THR DB 58 -39.43 15.59 74.27
C THR DB 58 -38.01 15.64 74.82
N ILE DB 59 -37.89 15.31 76.11
CA ILE DB 59 -36.64 15.33 76.84
C ILE DB 59 -36.49 13.95 77.47
N THR DB 60 -35.64 13.12 76.86
CA THR DB 60 -35.48 11.73 77.29
C THR DB 60 -34.03 11.46 77.72
N PHE DB 61 -33.86 10.70 78.80
CA PHE DB 61 -32.55 10.43 79.39
C PHE DB 61 -32.43 8.93 79.66
N THR DB 62 -31.38 8.32 79.14
CA THR DB 62 -31.24 6.88 79.08
C THR DB 62 -29.90 6.44 79.66
N ARG DB 63 -29.93 5.28 80.32
CA ARG DB 63 -28.75 4.59 80.82
C ARG DB 63 -28.40 3.43 79.89
N PRO DB 64 -27.17 2.93 79.93
CA PRO DB 64 -26.79 1.82 79.04
C PRO DB 64 -27.47 0.52 79.44
N LYS DB 65 -27.57 -0.39 78.45
CA LYS DB 65 -28.22 -1.67 78.68
C LYS DB 65 -27.43 -2.52 79.67
N THR DB 66 -26.11 -2.56 79.52
CA THR DB 66 -25.25 -3.37 80.37
C THR DB 66 -24.10 -2.53 80.88
N MET DB 67 -23.92 -2.53 82.20
CA MET DB 67 -22.81 -1.80 82.79
C MET DB 67 -21.49 -2.52 82.50
N LYS DB 68 -20.39 -1.76 82.55
CA LYS DB 68 -19.07 -2.30 82.31
C LYS DB 68 -18.17 -2.02 83.52
N THR DB 69 -17.47 -3.05 83.99
CA THR DB 69 -16.56 -2.95 85.12
C THR DB 69 -15.13 -2.72 84.60
N VAL DB 70 -14.28 -2.20 85.49
CA VAL DB 70 -12.95 -1.73 85.10
C VAL DB 70 -12.07 -2.87 84.61
N GLY DB 71 -12.23 -4.05 85.15
CA GLY DB 71 -11.35 -5.13 84.78
C GLY DB 71 -10.13 -5.19 85.66
N VAL DB 72 -9.16 -5.98 85.22
CA VAL DB 72 -8.06 -6.40 86.07
C VAL DB 72 -6.74 -6.24 85.34
N PRO DB 73 -5.69 -5.73 85.99
CA PRO DB 73 -4.43 -5.51 85.30
C PRO DB 73 -3.73 -6.80 84.90
N ASN DB 74 -3.06 -6.74 83.75
CA ASN DB 74 -2.36 -7.90 83.19
C ASN DB 74 -0.94 -7.98 83.73
N SER DB 75 -0.13 -8.86 83.13
CA SER DB 75 1.20 -9.16 83.64
C SER DB 75 2.08 -7.92 83.78
N ASN DB 76 1.84 -6.91 82.96
CA ASN DB 76 2.64 -5.68 83.00
C ASN DB 76 2.04 -4.63 83.92
N GLY DB 77 1.01 -4.97 84.69
CA GLY DB 77 0.34 -4.01 85.53
C GLY DB 77 -0.57 -3.05 84.79
N VAL DB 78 -0.92 -3.35 83.54
CA VAL DB 78 -1.73 -2.48 82.69
C VAL DB 78 -3.08 -3.12 82.45
N ILE DB 79 -4.15 -2.33 82.59
CA ILE DB 79 -5.50 -2.82 82.31
C ILE DB 79 -5.75 -2.75 80.81
N THR DB 80 -6.02 -3.91 80.21
CA THR DB 80 -5.90 -4.03 78.76
C THR DB 80 -6.95 -3.20 78.04
N ASN DB 81 -8.20 -3.27 78.49
CA ASN DB 81 -9.32 -2.67 77.76
C ASN DB 81 -10.23 -2.00 78.77
N ILE DB 82 -10.35 -0.69 78.65
CA ILE DB 82 -11.25 0.11 79.48
C ILE DB 82 -12.47 0.43 78.62
N GLY DB 83 -13.54 -0.34 78.80
CA GLY DB 83 -14.81 0.03 78.23
C GLY DB 83 -15.35 1.30 78.85
N ARG DB 84 -16.44 1.81 78.28
CA ARG DB 84 -17.02 3.06 78.78
C ARG DB 84 -18.55 2.98 78.76
N ASN DB 85 -19.19 3.35 79.88
CA ASN DB 85 -20.64 3.43 79.93
C ASN DB 85 -21.05 4.83 79.51
N THR DB 86 -21.91 4.94 78.49
CA THR DB 86 -22.40 6.23 77.98
C THR DB 86 -23.86 6.40 78.35
N TYR DB 87 -24.18 7.53 78.97
CA TYR DB 87 -25.54 7.92 79.27
C TYR DB 87 -25.99 8.98 78.28
N GLY DB 88 -27.25 8.91 77.87
CA GLY DB 88 -27.74 9.75 76.78
C GLY DB 88 -28.90 10.67 77.12
N PHE DB 89 -28.75 11.96 76.81
CA PHE DB 89 -29.76 12.97 77.09
C PHE DB 89 -30.16 13.62 75.78
N LEU DB 90 -31.42 13.46 75.37
CA LEU DB 90 -31.80 13.87 74.03
C LEU DB 90 -33.11 14.64 74.02
N VAL DB 91 -33.11 15.77 73.33
CA VAL DB 91 -34.26 16.65 73.18
C VAL DB 91 -34.65 16.66 71.71
N ARG DB 92 -35.92 16.39 71.44
CA ARG DB 92 -36.49 16.46 70.10
C ARG DB 92 -37.50 17.59 70.05
N LYS DB 93 -37.40 18.43 69.02
CA LYS DB 93 -38.28 19.58 68.91
C LYS DB 93 -38.80 19.71 67.48
N GLY DB 94 -40.12 19.83 67.36
CA GLY DB 94 -40.73 20.08 66.07
C GLY DB 94 -40.38 21.47 65.56
N VAL DB 95 -39.76 21.55 64.37
CA VAL DB 95 -39.35 22.81 63.76
C VAL DB 95 -39.82 22.82 62.32
N ILE DB 96 -40.31 23.97 61.85
CA ILE DB 96 -40.94 24.05 60.53
C ILE DB 96 -39.95 24.66 59.55
N PRO DB 97 -39.52 23.91 58.51
CA PRO DB 97 -38.46 24.45 57.65
C PRO DB 97 -38.96 25.43 56.57
N ALA DB 98 -40.09 25.19 55.94
CA ALA DB 98 -40.51 25.99 54.81
C ALA DB 98 -41.83 26.70 55.10
N VAL DB 99 -42.34 27.39 54.08
CA VAL DB 99 -43.53 28.21 54.29
C VAL DB 99 -44.75 27.34 54.52
N ASN DB 100 -44.87 26.25 53.77
CA ASN DB 100 -45.99 25.34 53.95
C ASN DB 100 -45.55 23.95 54.29
N GLN DB 101 -44.24 23.68 54.32
CA GLN DB 101 -43.78 22.32 54.56
C GLN DB 101 -44.08 21.91 56.00
N SER DB 102 -44.02 20.59 56.21
CA SER DB 102 -44.43 19.95 57.43
C SER DB 102 -43.28 19.95 58.44
N PRO DB 103 -43.58 19.77 59.74
CA PRO DB 103 -42.52 19.89 60.75
C PRO DB 103 -41.48 18.78 60.64
N GLN DB 104 -40.21 19.19 60.63
CA GLN DB 104 -39.03 18.37 60.80
C GLN DB 104 -38.62 18.39 62.28
N VAL DB 105 -37.66 17.53 62.64
CA VAL DB 105 -37.31 17.34 64.04
C VAL DB 105 -35.90 17.88 64.27
N MET DB 106 -35.79 19.09 64.82
CA MET DB 106 -34.52 19.52 65.37
C MET DB 106 -34.16 18.63 66.55
N LEU DB 107 -32.86 18.42 66.73
CA LEU DB 107 -32.40 17.39 67.65
C LEU DB 107 -31.20 17.90 68.43
N VAL DB 108 -31.28 17.89 69.76
CA VAL DB 108 -30.16 18.29 70.62
C VAL DB 108 -29.83 17.09 71.50
N ARG DB 109 -28.68 16.45 71.25
CA ARG DB 109 -28.35 15.23 71.97
C ARG DB 109 -27.00 15.34 72.66
N VAL DB 110 -26.94 14.85 73.89
CA VAL DB 110 -25.77 14.86 74.74
C VAL DB 110 -25.43 13.42 75.08
N GLU DB 111 -24.15 13.09 75.02
CA GLU DB 111 -23.66 11.77 75.37
C GLU DB 111 -22.56 11.94 76.40
N ILE DB 112 -22.67 11.20 77.50
CA ILE DB 112 -21.74 11.27 78.62
C ILE DB 112 -21.07 9.90 78.69
N SER DB 113 -19.84 9.79 78.19
CA SER DB 113 -19.10 8.54 78.22
C SER DB 113 -18.14 8.56 79.43
N VAL DB 114 -18.48 7.74 80.42
CA VAL DB 114 -17.69 7.57 81.63
C VAL DB 114 -16.87 6.29 81.50
N PRO DB 115 -15.54 6.36 81.53
CA PRO DB 115 -14.72 5.14 81.52
C PRO DB 115 -15.06 4.24 82.70
N ALA DB 116 -14.55 3.01 82.61
CA ALA DB 116 -15.03 1.97 83.51
C ALA DB 116 -14.66 2.25 84.95
N GLY DB 117 -13.36 2.32 85.24
CA GLY DB 117 -12.93 2.50 86.63
C GLY DB 117 -13.10 3.88 87.16
N ALA DB 118 -13.45 4.81 86.27
CA ALA DB 118 -13.62 6.23 86.61
C ALA DB 118 -14.65 6.41 87.71
N ASP DB 119 -15.86 5.87 87.51
CA ASP DB 119 -17.02 6.15 88.35
C ASP DB 119 -16.75 5.88 89.82
N THR DB 120 -15.82 4.97 90.10
CA THR DB 120 -15.46 4.63 91.47
C THR DB 120 -14.15 5.27 91.90
N TYR DB 121 -13.07 5.10 91.11
CA TYR DB 121 -11.76 5.55 91.58
C TYR DB 121 -11.63 7.07 91.55
N ASP DB 122 -12.09 7.71 90.47
CA ASP DB 122 -11.92 9.16 90.30
C ASP DB 122 -13.28 9.78 89.98
N ALA DB 123 -14.06 10.02 91.04
CA ALA DB 123 -15.39 10.56 90.82
C ALA DB 123 -15.37 12.07 90.70
N ALA DB 124 -14.41 12.71 91.37
CA ALA DB 124 -14.34 14.16 91.37
C ALA DB 124 -14.12 14.69 89.96
N ASN DB 125 -13.25 14.03 89.18
CA ASN DB 125 -12.99 14.50 87.82
C ASN DB 125 -14.18 14.26 86.91
N VAL DB 126 -14.90 13.16 87.10
CA VAL DB 126 -16.15 12.93 86.37
C VAL DB 126 -17.13 14.07 86.63
N LYS DB 127 -17.41 14.34 87.91
CA LYS DB 127 -18.32 15.41 88.27
C LYS DB 127 -17.85 16.75 87.73
N ALA DB 128 -16.52 16.96 87.70
CA ALA DB 128 -15.98 18.23 87.24
C ALA DB 128 -16.17 18.40 85.73
N ALA DB 129 -15.96 17.34 84.96
CA ALA DB 129 -16.23 17.42 83.54
C ALA DB 129 -17.69 17.76 83.29
N LEU DB 130 -18.59 17.11 84.02
CA LEU DB 130 -20.02 17.38 83.84
C LEU DB 130 -20.36 18.82 84.20
N SER DB 131 -19.82 19.32 85.31
CA SER DB 131 -20.16 20.67 85.75
C SER DB 131 -19.57 21.73 84.83
N ALA DB 132 -18.35 21.51 84.33
CA ALA DB 132 -17.77 22.45 83.38
C ALA DB 132 -18.57 22.48 82.08
N ALA DB 133 -18.92 21.30 81.56
CA ALA DB 133 -19.68 21.23 80.32
C ALA DB 133 -21.02 21.95 80.47
N ILE DB 134 -21.78 21.61 81.51
CA ILE DB 134 -23.10 22.21 81.68
C ILE DB 134 -23.00 23.69 82.03
N GLY DB 135 -21.95 24.11 82.74
CA GLY DB 135 -21.80 25.52 83.08
C GLY DB 135 -21.48 26.37 81.87
N VAL DB 136 -20.60 25.87 80.99
CA VAL DB 136 -20.33 26.58 79.74
C VAL DB 136 -21.59 26.62 78.87
N LEU DB 137 -22.35 25.52 78.85
CA LEU DB 137 -23.58 25.49 78.07
C LEU DB 137 -24.58 26.54 78.57
N SER DB 138 -24.78 26.62 79.89
CA SER DB 138 -25.73 27.59 80.42
C SER DB 138 -25.21 29.02 80.29
N GLN DB 139 -23.89 29.21 80.33
CA GLN DB 139 -23.34 30.55 80.16
C GLN DB 139 -23.53 31.05 78.74
N GLN DB 140 -23.23 30.20 77.75
CA GLN DB 140 -23.30 30.59 76.35
C GLN DB 140 -24.60 30.15 75.69
N SER DB 141 -25.67 29.94 76.46
CA SER DB 141 -26.90 29.43 75.87
C SER DB 141 -27.42 30.38 74.79
N ALA DB 142 -27.52 31.66 75.13
CA ALA DB 142 -28.01 32.65 74.17
C ALA DB 142 -27.11 32.68 72.94
N GLY DB 143 -25.79 32.69 73.15
CA GLY DB 143 -24.87 32.78 72.03
C GLY DB 143 -24.87 31.55 71.15
N ILE DB 144 -25.08 30.37 71.75
CA ILE DB 144 -25.18 29.14 70.96
C ILE DB 144 -26.46 29.14 70.14
N GLY DB 145 -27.54 29.70 70.67
CA GLY DB 145 -28.72 29.91 69.82
C GLY DB 145 -28.43 30.86 68.67
N ASP DB 146 -27.82 32.00 68.98
CA ASP DB 146 -27.40 32.94 67.96
C ASP DB 146 -26.58 32.25 66.88
N THR DB 147 -25.68 31.35 67.28
CA THR DB 147 -24.88 30.62 66.32
C THR DB 147 -25.71 29.62 65.53
N ALA DB 148 -26.66 28.96 66.19
CA ALA DB 148 -27.51 27.98 65.52
C ALA DB 148 -28.32 28.61 64.42
N LEU DB 149 -28.58 29.91 64.53
CA LEU DB 149 -29.29 30.63 63.47
C LEU DB 149 -28.36 31.38 62.51
N SER DB 150 -27.23 31.88 62.99
CA SER DB 150 -26.35 32.74 62.21
C SER DB 150 -25.33 31.96 61.39
N GLY DB 151 -24.88 30.82 61.91
CA GLY DB 151 -23.75 30.13 61.32
C GLY DB 151 -22.42 30.74 61.65
N ILE DB 152 -22.37 31.60 62.66
CA ILE DB 152 -21.19 32.41 62.96
C ILE DB 152 -20.67 32.02 64.34
N LEU DB 153 -19.36 31.85 64.43
CA LEU DB 153 -18.73 31.52 65.71
C LEU DB 153 -18.19 32.75 66.44
N ALA EB 1 -48.48 -9.55 92.23
CA ALA EB 1 -48.64 -8.35 93.03
C ALA EB 1 -47.38 -8.08 93.87
N TYR EB 2 -46.27 -7.77 93.20
CA TYR EB 2 -44.98 -7.51 93.85
C TYR EB 2 -44.66 -6.02 93.78
N SER EB 3 -44.68 -5.33 94.94
CA SER EB 3 -44.38 -3.89 95.02
C SER EB 3 -43.80 -3.57 96.39
N PRO EB 4 -42.49 -3.38 96.48
CA PRO EB 4 -41.85 -3.10 97.77
C PRO EB 4 -42.07 -1.66 98.22
N SER EB 5 -41.78 -1.43 99.50
CA SER EB 5 -41.94 -0.13 100.16
C SER EB 5 -40.62 0.64 100.19
N THR EB 6 -40.74 1.97 100.37
CA THR EB 6 -39.54 2.82 100.28
C THR EB 6 -38.50 2.46 101.34
N PRO EB 7 -38.81 2.51 102.65
CA PRO EB 7 -37.91 1.87 103.60
C PRO EB 7 -38.31 0.41 103.81
N VAL EB 8 -37.43 -0.53 103.42
CA VAL EB 8 -37.65 -1.93 103.69
C VAL EB 8 -36.97 -2.26 105.01
N THR EB 9 -37.74 -2.74 105.98
CA THR EB 9 -37.16 -3.20 107.22
C THR EB 9 -36.37 -4.48 106.95
N GLY EB 10 -35.05 -4.38 107.00
CA GLY EB 10 -34.21 -5.53 106.71
C GLY EB 10 -34.28 -6.56 107.82
N ALA EB 11 -34.17 -7.83 107.43
CA ALA EB 11 -34.28 -8.91 108.39
C ALA EB 11 -33.11 -8.87 109.37
N ALA EB 12 -33.36 -9.33 110.59
CA ALA EB 12 -32.37 -9.19 111.64
C ALA EB 12 -31.06 -9.84 111.21
N GLN EB 13 -29.95 -9.18 111.55
CA GLN EB 13 -28.63 -9.72 111.31
C GLN EB 13 -27.78 -9.48 112.54
N THR EB 14 -26.64 -10.16 112.60
CA THR EB 14 -25.88 -10.26 113.84
C THR EB 14 -25.39 -8.90 114.31
N GLY EB 15 -24.62 -8.21 113.49
CA GLY EB 15 -24.12 -6.92 113.94
C GLY EB 15 -25.01 -5.72 113.69
N PHE EB 16 -26.23 -5.92 113.20
CA PHE EB 16 -27.06 -4.81 112.75
C PHE EB 16 -28.12 -4.46 113.79
N THR EB 17 -28.28 -3.16 114.05
CA THR EB 17 -29.31 -2.65 114.92
C THR EB 17 -30.33 -1.91 114.05
N SER EB 18 -31.57 -2.42 114.04
CA SER EB 18 -32.69 -1.86 113.31
C SER EB 18 -32.32 -1.44 111.88
N PRO EB 19 -31.93 -2.39 111.02
CA PRO EB 19 -31.47 -2.03 109.68
C PRO EB 19 -32.60 -1.85 108.68
N THR EB 20 -32.55 -0.77 107.91
CA THR EB 20 -33.53 -0.48 106.88
C THR EB 20 -32.80 -0.15 105.58
N TYR EB 21 -33.42 -0.46 104.45
CA TYR EB 21 -32.83 -0.22 103.13
C TYR EB 21 -33.80 0.59 102.29
N THR EB 22 -33.35 1.74 101.79
CA THR EB 22 -34.14 2.59 100.92
C THR EB 22 -33.99 2.08 99.49
N LEU EB 23 -35.11 1.79 98.84
CA LEU EB 23 -35.09 1.29 97.46
C LEU EB 23 -35.44 2.42 96.51
N THR EB 24 -34.64 2.55 95.45
CA THR EB 24 -34.95 3.43 94.34
C THR EB 24 -35.33 2.57 93.15
N SER EB 25 -36.41 2.94 92.47
CA SER EB 25 -36.87 2.14 91.34
C SER EB 25 -35.79 2.10 90.26
N ASP EB 26 -35.55 0.91 89.73
CA ASP EB 26 -34.58 0.72 88.65
C ASP EB 26 -35.24 -0.08 87.54
N THR EB 27 -34.70 0.05 86.34
CA THR EB 27 -35.26 -0.60 85.17
C THR EB 27 -34.63 -1.98 85.00
N ALA EB 28 -35.48 -3.00 84.86
CA ALA EB 28 -35.13 -4.40 84.97
C ALA EB 28 -34.46 -4.90 83.70
N PRO EB 29 -33.76 -6.05 83.77
CA PRO EB 29 -33.05 -6.52 82.57
C PRO EB 29 -33.96 -7.08 81.51
N THR EB 30 -35.02 -7.76 81.92
CA THR EB 30 -36.05 -8.23 81.02
C THR EB 30 -37.28 -7.34 81.13
N ALA EB 31 -38.20 -7.53 80.19
CA ALA EB 31 -39.46 -6.81 80.24
C ALA EB 31 -40.45 -7.46 81.20
N LEU EB 32 -40.13 -8.65 81.72
CA LEU EB 32 -40.99 -9.37 82.65
C LEU EB 32 -40.45 -9.34 84.06
N GLY EB 33 -39.60 -8.37 84.38
CA GLY EB 33 -39.04 -8.23 85.70
C GLY EB 33 -39.29 -6.84 86.25
N LYS EB 34 -39.37 -6.75 87.58
CA LYS EB 34 -39.39 -5.48 88.29
C LYS EB 34 -38.15 -5.44 89.16
N GLN EB 35 -37.35 -4.38 89.02
CA GLN EB 35 -36.09 -4.27 89.74
C GLN EB 35 -36.03 -2.98 90.53
N HIS EB 36 -35.56 -3.08 91.76
CA HIS EB 36 -35.20 -1.92 92.54
C HIS EB 36 -33.72 -2.01 92.89
N ALA EB 37 -33.12 -0.88 93.25
CA ALA EB 37 -31.73 -0.87 93.68
C ALA EB 37 -31.61 -0.12 95.00
N VAL EB 38 -30.73 -0.61 95.88
CA VAL EB 38 -30.60 -0.05 97.21
C VAL EB 38 -29.76 1.22 97.10
N THR EB 39 -30.44 2.37 97.11
CA THR EB 39 -29.75 3.65 96.96
C THR EB 39 -29.13 4.12 98.28
N ALA EB 40 -29.70 3.75 99.43
CA ALA EB 40 -29.16 4.19 100.72
C ALA EB 40 -29.58 3.23 101.81
N THR EB 41 -28.79 3.22 102.90
CA THR EB 41 -29.05 2.37 104.06
C THR EB 41 -29.30 3.22 105.29
N GLY EB 42 -30.25 2.80 106.11
CA GLY EB 42 -30.46 3.37 107.43
C GLY EB 42 -30.28 2.29 108.48
N GLY EB 43 -30.06 2.69 109.72
CA GLY EB 43 -29.76 1.75 110.79
C GLY EB 43 -28.27 1.68 111.07
N THR EB 44 -27.93 0.95 112.14
CA THR EB 44 -26.55 0.80 112.56
C THR EB 44 -25.98 -0.48 111.93
N GLN EB 45 -25.67 -0.36 110.65
CA GLN EB 45 -24.99 -1.40 109.87
C GLN EB 45 -23.74 -0.74 109.28
N THR EB 46 -22.65 -0.81 110.02
CA THR EB 46 -21.47 -0.04 109.66
C THR EB 46 -20.70 -0.78 108.56
N GLY EB 47 -20.28 -0.04 107.53
CA GLY EB 47 -19.53 -0.59 106.43
C GLY EB 47 -20.35 -1.02 105.25
N VAL EB 48 -21.68 -1.02 105.36
CA VAL EB 48 -22.53 -1.51 104.28
C VAL EB 48 -22.49 -0.52 103.13
N THR EB 49 -22.11 -1.00 101.95
CA THR EB 49 -22.02 -0.16 100.75
C THR EB 49 -23.30 -0.27 99.92
N THR EB 50 -23.78 0.87 99.44
CA THR EB 50 -24.99 0.93 98.64
C THR EB 50 -24.66 0.57 97.19
N HIS EB 51 -25.66 0.72 96.31
CA HIS EB 51 -25.48 0.34 94.92
C HIS EB 51 -24.53 1.31 94.22
N SER EB 52 -23.49 0.75 93.62
CA SER EB 52 -22.58 1.48 92.76
C SER EB 52 -22.46 0.72 91.45
N VAL EB 53 -21.83 1.35 90.47
CA VAL EB 53 -21.60 0.64 89.20
C VAL EB 53 -20.64 -0.51 89.44
N SER EB 54 -19.62 -0.30 90.28
CA SER EB 54 -18.61 -1.33 90.50
C SER EB 54 -19.14 -2.44 91.39
N SER EB 55 -19.95 -2.11 92.41
CA SER EB 55 -20.50 -3.09 93.34
C SER EB 55 -21.99 -2.87 93.49
N PRO EB 56 -22.82 -3.70 92.85
CA PRO EB 56 -24.26 -3.44 92.81
C PRO EB 56 -24.97 -3.94 94.06
N PHE EB 57 -26.15 -3.35 94.30
CA PHE EB 57 -27.07 -3.79 95.35
C PHE EB 57 -28.46 -3.73 94.71
N THR EB 58 -28.90 -4.86 94.16
CA THR EB 58 -30.10 -4.91 93.32
C THR EB 58 -31.02 -6.04 93.74
N ILE EB 59 -32.32 -5.77 93.66
CA ILE EB 59 -33.38 -6.70 94.05
C ILE EB 59 -34.35 -6.78 92.87
N THR EB 60 -34.31 -7.90 92.14
CA THR EB 60 -35.10 -8.06 90.93
C THR EB 60 -36.00 -9.29 91.01
N PHE EB 61 -37.25 -9.14 90.58
CA PHE EB 61 -38.24 -10.22 90.65
C PHE EB 61 -38.86 -10.39 89.27
N THR EB 62 -38.82 -11.61 88.76
CA THR EB 62 -39.19 -11.91 87.39
C THR EB 62 -40.25 -13.00 87.35
N ARG EB 63 -41.17 -12.89 86.40
CA ARG EB 63 -42.18 -13.90 86.10
C ARG EB 63 -41.83 -14.60 84.79
N PRO EB 64 -42.30 -15.83 84.58
CA PRO EB 64 -41.89 -16.57 83.39
C PRO EB 64 -42.41 -15.95 82.11
N LYS EB 65 -41.66 -16.19 81.02
CA LYS EB 65 -42.05 -15.67 79.71
C LYS EB 65 -43.39 -16.22 79.27
N THR EB 66 -43.54 -17.55 79.33
CA THR EB 66 -44.75 -18.23 78.88
C THR EB 66 -45.33 -19.04 80.03
N MET EB 67 -46.56 -18.74 80.42
CA MET EB 67 -47.26 -19.52 81.42
C MET EB 67 -47.66 -20.87 80.84
N LYS EB 68 -47.77 -21.87 81.72
CA LYS EB 68 -48.11 -23.23 81.30
C LYS EB 68 -49.43 -23.67 81.95
N THR EB 69 -50.35 -24.18 81.12
CA THR EB 69 -51.64 -24.66 81.57
C THR EB 69 -51.55 -26.13 81.94
N VAL EB 70 -52.51 -26.59 82.75
CA VAL EB 70 -52.41 -27.90 83.39
C VAL EB 70 -52.49 -29.03 82.37
N GLY EB 71 -53.31 -28.87 81.33
CA GLY EB 71 -53.47 -29.92 80.34
C GLY EB 71 -54.74 -30.72 80.57
N VAL EB 72 -55.02 -31.60 79.60
CA VAL EB 72 -56.29 -32.33 79.52
C VAL EB 72 -56.04 -33.78 79.91
N PRO EB 73 -56.85 -34.36 80.80
CA PRO EB 73 -56.66 -35.76 81.17
C PRO EB 73 -56.98 -36.69 80.00
N ASN EB 74 -56.24 -37.80 79.95
CA ASN EB 74 -56.39 -38.78 78.88
C ASN EB 74 -57.50 -39.78 79.24
N SER EB 75 -57.58 -40.87 78.47
CA SER EB 75 -58.63 -41.86 78.66
C SER EB 75 -58.62 -42.45 80.06
N ASN EB 76 -57.43 -42.67 80.63
CA ASN EB 76 -57.31 -43.21 81.97
C ASN EB 76 -57.64 -42.20 83.07
N GLY EB 77 -57.88 -40.94 82.72
CA GLY EB 77 -58.06 -39.90 83.71
C GLY EB 77 -56.76 -39.26 84.16
N VAL EB 78 -55.65 -39.54 83.50
CA VAL EB 78 -54.33 -39.11 83.92
C VAL EB 78 -53.85 -37.97 83.02
N ILE EB 79 -53.28 -36.94 83.63
CA ILE EB 79 -52.69 -35.82 82.90
C ILE EB 79 -51.21 -36.11 82.67
N THR EB 80 -50.79 -36.06 81.40
CA THR EB 80 -49.54 -36.68 81.00
C THR EB 80 -48.33 -35.91 81.52
N ASN EB 81 -48.31 -34.58 81.37
CA ASN EB 81 -47.14 -33.80 81.74
C ASN EB 81 -47.57 -32.52 82.44
N ILE EB 82 -47.10 -32.34 83.67
CA ILE EB 82 -47.39 -31.15 84.45
C ILE EB 82 -46.15 -30.27 84.37
N GLY EB 83 -46.16 -29.29 83.47
CA GLY EB 83 -45.15 -28.27 83.47
C GLY EB 83 -45.18 -27.47 84.76
N ARG EB 84 -44.16 -26.65 84.95
CA ARG EB 84 -44.06 -25.84 86.16
C ARG EB 84 -43.61 -24.43 85.79
N ASN EB 85 -44.39 -23.42 86.19
CA ASN EB 85 -43.96 -22.03 85.99
C ASN EB 85 -43.17 -21.61 87.22
N THR EB 86 -41.97 -21.05 86.99
CA THR EB 86 -41.04 -20.64 88.04
C THR EB 86 -40.89 -19.13 88.04
N TYR EB 87 -41.09 -18.54 89.20
CA TYR EB 87 -40.86 -17.12 89.42
C TYR EB 87 -39.53 -16.95 90.14
N GLY EB 88 -38.80 -15.88 89.80
CA GLY EB 88 -37.45 -15.70 90.30
C GLY EB 88 -37.15 -14.40 91.03
N PHE EB 89 -36.58 -14.51 92.23
CA PHE EB 89 -36.28 -13.35 93.07
C PHE EB 89 -34.79 -13.35 93.34
N LEU EB 90 -34.10 -12.30 92.93
CA LEU EB 90 -32.64 -12.33 93.00
C LEU EB 90 -32.06 -11.02 93.50
N VAL EB 91 -31.15 -11.14 94.46
CA VAL EB 91 -30.45 -10.02 95.06
C VAL EB 91 -28.98 -10.17 94.71
N ARG EB 92 -28.39 -9.09 94.19
CA ARG EB 92 -26.97 -9.02 93.88
C ARG EB 92 -26.31 -7.96 94.74
N LYS EB 93 -25.21 -8.31 95.40
CA LYS EB 93 -24.55 -7.39 96.32
C LYS EB 93 -23.06 -7.35 96.07
N GLY EB 94 -22.53 -6.14 95.95
CA GLY EB 94 -21.09 -5.96 95.80
C GLY EB 94 -20.37 -6.25 97.10
N VAL EB 95 -19.45 -7.22 97.10
CA VAL EB 95 -18.73 -7.68 98.28
C VAL EB 95 -17.26 -7.80 97.93
N ILE EB 96 -16.38 -7.32 98.79
CA ILE EB 96 -14.96 -7.23 98.47
C ILE EB 96 -14.22 -8.41 99.09
N PRO EB 97 -13.56 -9.26 98.30
CA PRO EB 97 -12.95 -10.46 98.90
C PRO EB 97 -11.62 -10.23 99.59
N ALA EB 98 -10.74 -9.39 99.07
CA ALA EB 98 -9.43 -9.25 99.69
C ALA EB 98 -9.13 -7.80 100.01
N VAL EB 99 -7.87 -7.56 100.39
CA VAL EB 99 -7.50 -6.26 100.91
C VAL EB 99 -7.48 -5.23 99.80
N ASN EB 100 -7.14 -5.63 98.57
CA ASN EB 100 -7.13 -4.67 97.48
C ASN EB 100 -7.80 -5.22 96.23
N GLN EB 101 -8.69 -6.20 96.36
CA GLN EB 101 -9.29 -6.82 95.19
C GLN EB 101 -10.53 -6.08 94.71
N SER EB 102 -10.86 -6.31 93.44
CA SER EB 102 -12.07 -5.78 92.85
C SER EB 102 -13.29 -6.45 93.49
N PRO EB 103 -14.41 -5.73 93.60
CA PRO EB 103 -15.59 -6.32 94.22
C PRO EB 103 -16.14 -7.48 93.41
N GLN EB 104 -16.48 -8.55 94.11
CA GLN EB 104 -17.21 -9.72 93.64
C GLN EB 104 -18.68 -9.56 93.95
N VAL EB 105 -19.52 -10.33 93.25
CA VAL EB 105 -20.97 -10.20 93.40
C VAL EB 105 -21.48 -11.36 94.23
N MET EB 106 -21.65 -11.14 95.53
CA MET EB 106 -22.46 -12.08 96.30
C MET EB 106 -23.86 -12.14 95.71
N LEU EB 107 -24.48 -13.30 95.81
CA LEU EB 107 -25.70 -13.52 95.05
C LEU EB 107 -26.66 -14.38 95.87
N VAL EB 108 -27.84 -13.85 96.16
CA VAL EB 108 -28.89 -14.57 96.88
C VAL EB 108 -30.06 -14.71 95.92
N ARG EB 109 -30.36 -15.94 95.52
CA ARG EB 109 -31.40 -16.15 94.52
C ARG EB 109 -32.41 -17.20 94.96
N VAL EB 110 -33.69 -16.85 94.80
CA VAL EB 110 -34.83 -17.68 95.15
C VAL EB 110 -35.54 -18.04 93.87
N GLU EB 111 -36.03 -19.28 93.80
CA GLU EB 111 -36.84 -19.76 92.70
C GLU EB 111 -38.07 -20.44 93.26
N ILE EB 112 -39.23 -20.03 92.79
CA ILE EB 112 -40.52 -20.54 93.23
C ILE EB 112 -41.11 -21.27 92.04
N SER EB 113 -41.07 -22.60 92.05
CA SER EB 113 -41.62 -23.42 90.98
C SER EB 113 -43.01 -23.93 91.39
N VAL EB 114 -44.03 -23.45 90.69
CA VAL EB 114 -45.42 -23.82 90.92
C VAL EB 114 -45.84 -24.75 89.79
N PRO EB 115 -46.37 -25.93 90.09
CA PRO EB 115 -46.86 -26.80 89.03
C PRO EB 115 -48.09 -26.23 88.35
N ALA EB 116 -48.41 -26.84 87.21
CA ALA EB 116 -49.27 -26.19 86.22
C ALA EB 116 -50.68 -25.97 86.75
N GLY EB 117 -51.24 -26.97 87.43
CA GLY EB 117 -52.63 -26.95 87.80
C GLY EB 117 -52.79 -26.43 89.21
N ALA EB 118 -51.67 -26.36 89.93
CA ALA EB 118 -51.63 -25.96 91.33
C ALA EB 118 -52.30 -24.62 91.56
N ASP EB 119 -51.87 -23.61 90.79
CA ASP EB 119 -52.24 -22.21 91.03
C ASP EB 119 -53.74 -22.01 91.12
N THR EB 120 -54.51 -22.87 90.47
CA THR EB 120 -55.96 -22.83 90.48
C THR EB 120 -56.55 -23.86 91.44
N TYR EB 121 -56.20 -25.14 91.29
CA TYR EB 121 -56.91 -26.18 92.04
C TYR EB 121 -56.55 -26.13 93.52
N ASP EB 122 -55.26 -25.98 93.86
CA ASP EB 122 -54.80 -26.05 95.25
C ASP EB 122 -53.94 -24.81 95.54
N ALA EB 123 -54.61 -23.69 95.83
CA ALA EB 123 -53.88 -22.46 96.08
C ALA EB 123 -53.43 -22.35 97.52
N ALA EB 124 -54.17 -22.97 98.44
CA ALA EB 124 -53.83 -22.88 99.85
C ALA EB 124 -52.48 -23.51 100.13
N ASN EB 125 -52.17 -24.63 99.46
CA ASN EB 125 -50.90 -25.30 99.71
C ASN EB 125 -49.74 -24.53 99.11
N VAL EB 126 -49.95 -23.91 97.94
CA VAL EB 126 -48.94 -23.01 97.38
C VAL EB 126 -48.63 -21.88 98.36
N LYS EB 127 -49.68 -21.17 98.80
CA LYS EB 127 -49.49 -20.07 99.75
C LYS EB 127 -48.80 -20.56 101.02
N ALA EB 128 -49.11 -21.79 101.44
CA ALA EB 128 -48.52 -22.33 102.66
C ALA EB 128 -47.04 -22.63 102.50
N ALA EB 129 -46.65 -23.19 101.35
CA ALA EB 129 -45.23 -23.41 101.10
C ALA EB 129 -44.47 -22.09 101.11
N LEU EB 130 -45.04 -21.05 100.48
CA LEU EB 130 -44.38 -19.75 100.47
C LEU EB 130 -44.26 -19.17 101.87
N SER EB 131 -45.35 -19.23 102.65
CA SER EB 131 -45.33 -18.63 103.98
C SER EB 131 -44.39 -19.37 104.91
N ALA EB 132 -44.29 -20.70 104.78
CA ALA EB 132 -43.37 -21.45 105.60
C ALA EB 132 -41.92 -21.16 105.22
N ALA EB 133 -41.62 -21.14 103.92
CA ALA EB 133 -40.26 -20.83 103.47
C ALA EB 133 -39.82 -19.44 103.96
N ILE EB 134 -40.65 -18.43 103.70
CA ILE EB 134 -40.27 -17.07 104.09
C ILE EB 134 -40.29 -16.89 105.61
N GLY EB 135 -41.20 -17.57 106.32
CA GLY EB 135 -41.20 -17.46 107.76
C GLY EB 135 -39.98 -18.07 108.41
N VAL EB 136 -39.52 -19.22 107.91
CA VAL EB 136 -38.28 -19.79 108.40
C VAL EB 136 -37.10 -18.90 108.04
N LEU EB 137 -37.09 -18.31 106.84
CA LEU EB 137 -36.00 -17.41 106.48
C LEU EB 137 -35.93 -16.21 107.41
N SER EB 138 -37.07 -15.58 107.70
CA SER EB 138 -37.05 -14.40 108.57
C SER EB 138 -36.78 -14.78 110.02
N GLN EB 139 -37.21 -15.97 110.46
CA GLN EB 139 -36.90 -16.39 111.81
C GLN EB 139 -35.41 -16.64 111.98
N GLN EB 140 -34.79 -17.28 111.00
CA GLN EB 140 -33.38 -17.65 111.08
C GLN EB 140 -32.49 -16.74 110.24
N SER EB 141 -32.87 -15.47 110.07
CA SER EB 141 -32.06 -14.59 109.23
C SER EB 141 -30.68 -14.34 109.86
N ALA EB 142 -30.67 -13.99 111.15
CA ALA EB 142 -29.40 -13.75 111.83
C ALA EB 142 -28.55 -15.01 111.83
N GLY EB 143 -29.18 -16.17 112.07
CA GLY EB 143 -28.43 -17.42 112.11
C GLY EB 143 -27.89 -17.84 110.77
N ILE EB 144 -28.63 -17.56 109.69
CA ILE EB 144 -28.15 -17.86 108.34
C ILE EB 144 -27.01 -16.93 107.96
N GLY EB 145 -27.05 -15.67 108.41
CA GLY EB 145 -25.87 -14.83 108.26
C GLY EB 145 -24.67 -15.38 108.99
N ASP EB 146 -24.86 -15.75 110.27
CA ASP EB 146 -23.80 -16.37 111.05
C ASP EB 146 -23.23 -17.59 110.33
N THR EB 147 -24.10 -18.38 109.70
CA THR EB 147 -23.64 -19.55 108.95
C THR EB 147 -22.87 -19.14 107.70
N ALA EB 148 -23.38 -18.16 106.95
CA ALA EB 148 -22.74 -17.72 105.72
C ALA EB 148 -21.35 -17.16 105.98
N LEU EB 149 -21.11 -16.65 107.18
CA LEU EB 149 -19.79 -16.15 107.51
C LEU EB 149 -18.91 -17.21 108.19
N SER EB 150 -19.50 -18.07 109.01
CA SER EB 150 -18.75 -19.00 109.84
C SER EB 150 -18.40 -20.29 109.10
N GLY EB 151 -19.25 -20.75 108.20
CA GLY EB 151 -19.22 -22.13 107.78
C GLY EB 151 -19.83 -23.07 108.78
N ILE EB 152 -20.41 -22.54 109.84
CA ILE EB 152 -20.97 -23.36 110.91
C ILE EB 152 -22.45 -23.58 110.64
N LEU EB 153 -22.85 -24.83 110.61
CA LEU EB 153 -24.25 -25.20 110.42
C LEU EB 153 -24.87 -25.66 111.75
N ALA FB 1 -87.65 -7.46 -45.85
CA ALA FB 1 -88.70 -6.52 -45.47
C ALA FB 1 -89.48 -7.00 -44.25
N TYR FB 2 -88.79 -7.12 -43.10
CA TYR FB 2 -89.39 -7.60 -41.85
C TYR FB 2 -89.58 -6.42 -40.90
N SER FB 3 -90.84 -6.04 -40.64
CA SER FB 3 -91.17 -4.93 -39.74
C SER FB 3 -92.53 -5.17 -39.11
N PRO FB 4 -92.56 -5.63 -37.86
CA PRO FB 4 -93.83 -5.93 -37.20
C PRO FB 4 -94.57 -4.66 -36.78
N SER FB 5 -95.85 -4.84 -36.44
CA SER FB 5 -96.76 -3.76 -36.04
C SER FB 5 -96.89 -3.70 -34.53
N THR FB 6 -97.36 -2.55 -34.03
CA THR FB 6 -97.36 -2.31 -32.58
C THR FB 6 -98.24 -3.30 -31.82
N PRO FB 7 -99.56 -3.41 -32.11
CA PRO FB 7 -100.29 -4.58 -31.63
C PRO FB 7 -100.26 -5.71 -32.64
N VAL FB 8 -99.67 -6.84 -32.26
CA VAL FB 8 -99.67 -8.03 -33.11
C VAL FB 8 -100.87 -8.87 -32.71
N THR FB 9 -101.73 -9.15 -33.68
CA THR FB 9 -102.88 -10.02 -33.47
C THR FB 9 -102.35 -11.44 -33.31
N GLY FB 10 -102.31 -11.93 -32.08
CA GLY FB 10 -101.73 -13.24 -31.82
C GLY FB 10 -102.60 -14.36 -32.33
N ALA FB 11 -101.96 -15.43 -32.78
CA ALA FB 11 -102.69 -16.54 -33.39
C ALA FB 11 -103.59 -17.19 -32.35
N ALA FB 12 -104.68 -17.79 -32.82
CA ALA FB 12 -105.68 -18.32 -31.92
C ALA FB 12 -105.06 -19.39 -31.03
N GLN FB 13 -105.41 -19.36 -29.75
CA GLN FB 13 -105.00 -20.38 -28.79
C GLN FB 13 -106.20 -20.78 -27.96
N THR FB 14 -106.05 -21.91 -27.26
CA THR FB 14 -107.20 -22.61 -26.71
C THR FB 14 -107.94 -21.75 -25.68
N GLY FB 15 -107.23 -21.30 -24.66
CA GLY FB 15 -107.89 -20.51 -23.63
C GLY FB 15 -107.90 -19.01 -23.86
N PHE FB 16 -107.45 -18.54 -25.03
CA PHE FB 16 -107.27 -17.11 -25.26
C PHE FB 16 -108.44 -16.55 -26.06
N THR FB 17 -108.93 -15.39 -25.61
CA THR FB 17 -109.98 -14.67 -26.32
C THR FB 17 -109.36 -13.39 -26.89
N SER FB 18 -109.32 -13.30 -28.22
CA SER FB 18 -108.80 -12.14 -28.94
C SER FB 18 -107.45 -11.65 -28.38
N PRO FB 19 -106.39 -12.48 -28.46
CA PRO FB 19 -105.12 -12.10 -27.86
C PRO FB 19 -104.29 -11.21 -28.76
N THR FB 20 -103.72 -10.14 -28.19
CA THR FB 20 -102.83 -9.23 -28.90
C THR FB 20 -101.59 -9.01 -28.05
N TYR FB 21 -100.45 -8.75 -28.71
CA TYR FB 21 -99.20 -8.54 -28.02
C TYR FB 21 -98.58 -7.22 -28.48
N THR FB 22 -98.27 -6.34 -27.54
CA THR FB 22 -97.65 -5.06 -27.84
C THR FB 22 -96.13 -5.26 -27.90
N LEU FB 23 -95.53 -4.87 -29.02
CA LEU FB 23 -94.10 -5.01 -29.20
C LEU FB 23 -93.41 -3.68 -28.94
N THR FB 24 -92.30 -3.74 -28.20
CA THR FB 24 -91.42 -2.61 -28.03
C THR FB 24 -90.09 -2.93 -28.70
N SER FB 25 -89.51 -1.94 -29.39
CA SER FB 25 -88.31 -2.20 -30.16
C SER FB 25 -87.13 -2.49 -29.23
N ASP FB 26 -86.32 -3.47 -29.61
CA ASP FB 26 -85.18 -3.90 -28.81
C ASP FB 26 -83.96 -4.01 -29.71
N THR FB 27 -82.78 -3.87 -29.11
CA THR FB 27 -81.54 -4.08 -29.84
C THR FB 27 -81.23 -5.57 -29.88
N ALA FB 28 -80.87 -6.06 -31.07
CA ALA FB 28 -80.68 -7.48 -31.33
C ALA FB 28 -79.29 -7.94 -30.89
N PRO FB 29 -79.08 -9.27 -30.75
CA PRO FB 29 -77.78 -9.75 -30.24
C PRO FB 29 -76.68 -9.71 -31.30
N THR FB 30 -77.03 -9.96 -32.55
CA THR FB 30 -76.11 -9.78 -33.66
C THR FB 30 -76.42 -8.47 -34.39
N ALA FB 31 -75.49 -8.07 -35.26
CA ALA FB 31 -75.74 -6.95 -36.15
C ALA FB 31 -76.57 -7.34 -37.36
N LEU FB 32 -76.96 -8.61 -37.46
CA LEU FB 32 -77.75 -9.12 -38.57
C LEU FB 32 -79.18 -9.44 -38.15
N GLY FB 33 -79.60 -8.95 -36.99
CA GLY FB 33 -80.90 -9.26 -36.47
C GLY FB 33 -81.71 -8.03 -36.14
N LYS FB 34 -83.02 -8.17 -36.27
CA LYS FB 34 -83.98 -7.20 -35.76
C LYS FB 34 -84.79 -7.89 -34.67
N GLN FB 35 -84.84 -7.29 -33.49
CA GLN FB 35 -85.47 -7.94 -32.34
C GLN FB 35 -86.46 -7.01 -31.67
N HIS FB 36 -87.64 -7.52 -31.35
CA HIS FB 36 -88.61 -6.82 -30.53
C HIS FB 36 -88.85 -7.61 -29.26
N ALA FB 37 -89.27 -6.92 -28.20
CA ALA FB 37 -89.65 -7.57 -26.95
C ALA FB 37 -91.12 -7.31 -26.67
N VAL FB 38 -91.80 -8.30 -26.10
CA VAL FB 38 -93.22 -8.19 -25.81
C VAL FB 38 -93.35 -7.45 -24.48
N THR FB 39 -93.63 -6.16 -24.55
CA THR FB 39 -93.68 -5.33 -23.34
C THR FB 39 -95.02 -5.45 -22.62
N ALA FB 40 -96.11 -5.81 -23.32
CA ALA FB 40 -97.42 -5.92 -22.67
C ALA FB 40 -98.34 -6.79 -23.51
N THR FB 41 -99.35 -7.35 -22.86
CA THR FB 41 -100.33 -8.22 -23.51
C THR FB 41 -101.72 -7.63 -23.38
N GLY FB 42 -102.50 -7.74 -24.46
CA GLY FB 42 -103.91 -7.40 -24.44
C GLY FB 42 -104.72 -8.61 -24.81
N GLY FB 43 -106.01 -8.60 -24.48
CA GLY FB 43 -106.86 -9.76 -24.65
C GLY FB 43 -107.01 -10.56 -23.37
N THR FB 44 -107.88 -11.57 -23.43
CA THR FB 44 -108.16 -12.41 -22.25
C THR FB 44 -107.26 -13.64 -22.31
N GLN FB 45 -106.00 -13.44 -21.92
CA GLN FB 45 -105.00 -14.49 -21.77
C GLN FB 45 -104.47 -14.36 -20.35
N THR FB 46 -105.14 -15.03 -19.42
CA THR FB 46 -104.85 -14.83 -18.01
C THR FB 46 -103.59 -15.61 -17.63
N GLY FB 47 -102.70 -14.96 -16.89
CA GLY FB 47 -101.45 -15.55 -16.44
C GLY FB 47 -100.26 -15.32 -17.34
N VAL FB 48 -100.46 -14.76 -18.53
CA VAL FB 48 -99.36 -14.57 -19.46
C VAL FB 48 -98.43 -13.48 -18.93
N THR FB 49 -97.15 -13.81 -18.82
CA THR FB 49 -96.14 -12.89 -18.32
C THR FB 49 -95.39 -12.23 -19.47
N THR FB 50 -95.13 -10.93 -19.33
CA THR FB 50 -94.45 -10.16 -20.36
C THR FB 50 -92.94 -10.28 -20.19
N HIS FB 51 -92.19 -9.60 -21.05
CA HIS FB 51 -90.73 -9.68 -21.02
C HIS FB 51 -90.18 -9.11 -19.73
N SER FB 52 -89.43 -9.95 -19.01
CA SER FB 52 -88.69 -9.55 -17.82
C SER FB 52 -87.25 -9.96 -17.99
N VAL FB 53 -86.39 -9.46 -17.11
CA VAL FB 53 -85.01 -9.90 -17.14
C VAL FB 53 -84.93 -11.39 -16.81
N SER FB 54 -85.74 -11.83 -15.84
CA SER FB 54 -85.69 -13.23 -15.41
C SER FB 54 -86.34 -14.15 -16.43
N SER FB 55 -87.45 -13.72 -17.03
CA SER FB 55 -88.20 -14.53 -17.99
C SER FB 55 -88.48 -13.72 -19.25
N PRO FB 56 -87.73 -13.94 -20.32
CA PRO FB 56 -87.83 -13.08 -21.50
C PRO FB 56 -89.02 -13.45 -22.38
N PHE FB 57 -89.44 -12.46 -23.17
CA PHE FB 57 -90.45 -12.64 -24.23
C PHE FB 57 -89.93 -11.84 -25.43
N THR FB 58 -89.21 -12.51 -26.32
CA THR FB 58 -88.49 -11.83 -27.40
C THR FB 58 -88.72 -12.50 -28.74
N ILE FB 59 -88.75 -11.67 -29.78
CA ILE FB 59 -89.02 -12.08 -31.16
C ILE FB 59 -87.90 -11.48 -32.02
N THR FB 60 -86.97 -12.33 -32.45
CA THR FB 60 -85.79 -11.87 -33.19
C THR FB 60 -85.71 -12.55 -34.56
N PHE FB 61 -85.36 -11.78 -35.58
CA PHE FB 61 -85.29 -12.28 -36.96
C PHE FB 61 -83.93 -11.89 -37.54
N THR FB 62 -83.21 -12.87 -38.08
CA THR FB 62 -81.82 -12.72 -38.46
C THR FB 62 -81.59 -13.20 -39.89
N ARG FB 63 -80.71 -12.51 -40.60
CA ARG FB 63 -80.24 -12.89 -41.93
C ARG FB 63 -78.85 -13.52 -41.81
N PRO FB 64 -78.41 -14.26 -42.84
CA PRO FB 64 -77.09 -14.89 -42.75
C PRO FB 64 -75.96 -13.88 -42.87
N LYS FB 65 -74.81 -14.24 -42.28
CA LYS FB 65 -73.66 -13.35 -42.28
C LYS FB 65 -73.19 -13.08 -43.71
N THR FB 66 -73.09 -14.12 -44.52
CA THR FB 66 -72.60 -14.01 -45.89
C THR FB 66 -73.60 -14.68 -46.82
N MET FB 67 -74.03 -13.94 -47.85
CA MET FB 67 -74.91 -14.49 -48.87
C MET FB 67 -74.14 -15.44 -49.78
N LYS FB 68 -74.85 -16.43 -50.32
CA LYS FB 68 -74.24 -17.45 -51.16
C LYS FB 68 -74.75 -17.30 -52.58
N THR FB 69 -73.84 -17.14 -53.52
CA THR FB 69 -74.18 -17.17 -54.93
C THR FB 69 -74.02 -18.58 -55.47
N VAL FB 70 -74.70 -18.85 -56.57
CA VAL FB 70 -74.78 -20.22 -57.07
C VAL FB 70 -73.66 -20.50 -58.05
N GLY FB 83 -75.35 -25.07 -51.91
CA GLY FB 83 -75.32 -24.03 -50.91
C GLY FB 83 -76.69 -23.51 -50.53
N ARG FB 84 -76.82 -22.92 -49.33
CA ARG FB 84 -78.12 -22.43 -48.87
C ARG FB 84 -77.97 -21.16 -48.04
N ASN FB 85 -78.89 -20.21 -48.23
CA ASN FB 85 -79.01 -19.05 -47.35
C ASN FB 85 -80.17 -19.34 -46.39
N THR FB 86 -79.90 -19.38 -45.08
CA THR FB 86 -80.93 -19.66 -44.08
C THR FB 86 -81.21 -18.41 -43.26
N TYR FB 87 -82.49 -18.03 -43.20
CA TYR FB 87 -82.96 -16.93 -42.37
C TYR FB 87 -83.64 -17.49 -41.14
N GLY FB 88 -83.43 -16.82 -40.00
CA GLY FB 88 -83.88 -17.35 -38.73
C GLY FB 88 -84.83 -16.48 -37.92
N PHE FB 89 -85.95 -17.05 -37.50
CA PHE FB 89 -86.97 -16.34 -36.74
C PHE FB 89 -87.17 -17.07 -35.42
N LEU FB 90 -86.89 -16.41 -34.31
CA LEU FB 90 -86.85 -17.11 -33.03
C LEU FB 90 -87.56 -16.33 -31.92
N VAL FB 91 -88.40 -17.04 -31.18
CA VAL FB 91 -89.17 -16.50 -30.08
C VAL FB 91 -88.71 -17.21 -28.81
N ARG FB 92 -88.37 -16.42 -27.79
CA ARG FB 92 -87.99 -16.93 -26.48
C ARG FB 92 -89.02 -16.48 -25.45
N LYS FB 93 -89.50 -17.42 -24.64
CA LYS FB 93 -90.54 -17.11 -23.66
C LYS FB 93 -90.19 -17.68 -22.30
N GLY FB 94 -90.29 -16.84 -21.28
CA GLY FB 94 -90.09 -17.29 -19.91
C GLY FB 94 -91.25 -18.15 -19.45
N VAL FB 95 -90.97 -19.42 -19.10
CA VAL FB 95 -91.98 -20.39 -18.69
C VAL FB 95 -91.50 -21.07 -17.43
N ILE FB 96 -92.39 -21.23 -16.45
CA ILE FB 96 -91.96 -21.68 -15.12
C ILE FB 96 -92.30 -23.15 -14.96
N PRO FB 97 -91.32 -24.04 -14.75
CA PRO FB 97 -91.63 -25.48 -14.76
C PRO FB 97 -92.26 -26.00 -13.47
N ALA FB 98 -91.85 -25.53 -12.30
CA ALA FB 98 -92.43 -26.09 -11.09
C ALA FB 98 -92.94 -25.00 -10.16
N VAL FB 99 -93.40 -25.46 -9.00
CA VAL FB 99 -94.15 -24.60 -8.10
C VAL FB 99 -93.28 -23.46 -7.59
N ASN FB 100 -91.98 -23.70 -7.42
CA ASN FB 100 -91.11 -22.62 -6.95
C ASN FB 100 -89.84 -22.48 -7.76
N GLN FB 101 -89.79 -23.05 -8.96
CA GLN FB 101 -88.53 -23.08 -9.69
C GLN FB 101 -88.27 -21.80 -10.47
N SER FB 102 -87.01 -21.65 -10.88
CA SER FB 102 -86.61 -20.55 -11.73
C SER FB 102 -87.21 -20.71 -13.12
N PRO FB 103 -87.48 -19.60 -13.80
CA PRO FB 103 -88.06 -19.71 -15.14
C PRO FB 103 -87.08 -20.32 -16.13
N GLN FB 104 -87.58 -21.27 -16.91
CA GLN FB 104 -86.95 -21.87 -18.08
C GLN FB 104 -87.38 -21.14 -19.33
N VAL FB 105 -86.61 -21.29 -20.40
CA VAL FB 105 -86.88 -20.56 -21.64
C VAL FB 105 -87.50 -21.54 -22.64
N MET FB 106 -88.83 -21.47 -22.78
CA MET FB 106 -89.45 -22.10 -23.94
C MET FB 106 -88.96 -21.42 -25.19
N LEU FB 107 -88.87 -22.18 -26.27
CA LEU FB 107 -88.17 -21.68 -27.45
C LEU FB 107 -88.91 -22.15 -28.71
N VAL FB 108 -89.34 -21.20 -29.53
CA VAL FB 108 -89.98 -21.50 -30.81
C VAL FB 108 -89.10 -20.92 -31.89
N ARG FB 109 -88.46 -21.77 -32.69
CA ARG FB 109 -87.51 -21.27 -33.68
C ARG FB 109 -87.84 -21.81 -35.07
N VAL FB 110 -87.77 -20.92 -36.05
CA VAL FB 110 -88.06 -21.18 -37.45
C VAL FB 110 -86.81 -20.91 -38.25
N GLU FB 111 -86.51 -21.81 -39.19
CA GLU FB 111 -85.39 -21.66 -40.10
C GLU FB 111 -85.92 -21.80 -41.52
N ILE FB 112 -85.58 -20.83 -42.35
CA ILE FB 112 -85.99 -20.78 -43.75
C ILE FB 112 -84.73 -20.91 -44.58
N SER FB 113 -84.50 -22.10 -45.15
CA SER FB 113 -83.32 -22.37 -45.96
C SER FB 113 -83.71 -22.29 -47.43
N VAL FB 114 -83.24 -21.24 -48.09
CA VAL FB 114 -83.46 -20.99 -49.51
C VAL FB 114 -82.21 -21.43 -50.26
N PRO FB 115 -82.31 -22.34 -51.22
CA PRO FB 115 -81.15 -22.67 -52.07
C PRO FB 115 -80.65 -21.45 -52.82
N ALA FB 116 -79.46 -21.60 -53.43
CA ALA FB 116 -78.73 -20.44 -53.93
C ALA FB 116 -79.44 -19.78 -55.09
N GLY FB 117 -79.65 -20.51 -56.18
CA GLY FB 117 -80.27 -19.90 -57.36
C GLY FB 117 -81.76 -19.72 -57.27
N ALA FB 118 -82.35 -20.28 -56.20
CA ALA FB 118 -83.79 -20.24 -55.99
C ALA FB 118 -84.32 -18.81 -55.97
N ASP FB 119 -83.75 -17.98 -55.08
CA ASP FB 119 -84.25 -16.63 -54.81
C ASP FB 119 -84.52 -15.83 -56.08
N THR FB 120 -83.73 -16.08 -57.12
CA THR FB 120 -83.85 -15.38 -58.38
C THR FB 120 -84.62 -16.18 -59.42
N TYR FB 121 -84.19 -17.41 -59.71
CA TYR FB 121 -84.76 -18.13 -60.84
C TYR FB 121 -86.19 -18.58 -60.56
N ASP FB 122 -86.47 -19.07 -59.34
CA ASP FB 122 -87.79 -19.61 -59.02
C ASP FB 122 -88.25 -18.97 -57.71
N ALA FB 123 -88.80 -17.77 -57.82
CA ALA FB 123 -89.23 -17.06 -56.63
C ALA FB 123 -90.64 -17.45 -56.21
N ALA FB 124 -91.46 -17.86 -57.17
CA ALA FB 124 -92.84 -18.22 -56.87
C ALA FB 124 -92.90 -19.42 -55.95
N ASN FB 125 -92.05 -20.42 -56.19
CA ASN FB 125 -92.07 -21.61 -55.33
C ASN FB 125 -91.54 -21.31 -53.94
N VAL FB 126 -90.54 -20.42 -53.83
CA VAL FB 126 -90.09 -19.97 -52.51
C VAL FB 126 -91.24 -19.34 -51.74
N LYS FB 127 -91.89 -18.35 -52.37
CA LYS FB 127 -93.01 -17.68 -51.72
C LYS FB 127 -94.12 -18.65 -51.38
N ALA FB 128 -94.30 -19.69 -52.20
CA ALA FB 128 -95.38 -20.65 -51.97
C ALA FB 128 -95.06 -21.56 -50.79
N ALA FB 129 -93.81 -21.98 -50.67
CA ALA FB 129 -93.40 -22.72 -49.48
C ALA FB 129 -93.68 -21.92 -48.22
N LEU FB 130 -93.28 -20.64 -48.22
CA LEU FB 130 -93.52 -19.80 -47.05
C LEU FB 130 -95.00 -19.63 -46.78
N SER FB 131 -95.79 -19.44 -47.85
CA SER FB 131 -97.24 -19.26 -47.71
C SER FB 131 -97.91 -20.48 -47.12
N ALA FB 132 -97.61 -21.67 -47.67
CA ALA FB 132 -98.18 -22.90 -47.14
C ALA FB 132 -97.78 -23.10 -45.68
N ALA FB 133 -96.50 -22.93 -45.38
CA ALA FB 133 -96.02 -23.16 -44.02
C ALA FB 133 -96.73 -22.25 -43.02
N ILE FB 134 -96.72 -20.94 -43.27
CA ILE FB 134 -97.32 -20.02 -42.32
C ILE FB 134 -98.85 -20.18 -42.31
N GLY FB 135 -99.45 -20.56 -43.43
CA GLY FB 135 -100.89 -20.74 -43.44
C GLY FB 135 -101.34 -21.93 -42.62
N VAL FB 136 -100.62 -23.06 -42.74
CA VAL FB 136 -100.93 -24.20 -41.89
C VAL FB 136 -100.66 -23.88 -40.43
N LEU FB 137 -99.59 -23.13 -40.14
CA LEU FB 137 -99.30 -22.76 -38.77
C LEU FB 137 -100.43 -21.93 -38.16
N SER FB 138 -100.92 -20.94 -38.91
CA SER FB 138 -101.99 -20.10 -38.37
C SER FB 138 -103.31 -20.85 -38.30
N GLN FB 139 -103.55 -21.79 -39.23
CA GLN FB 139 -104.77 -22.57 -39.19
C GLN FB 139 -104.80 -23.47 -37.97
N GLN FB 140 -103.69 -24.15 -37.69
CA GLN FB 140 -103.64 -25.12 -36.60
C GLN FB 140 -102.99 -24.54 -35.35
N SER FB 141 -102.99 -23.21 -35.18
CA SER FB 141 -102.29 -22.63 -34.04
C SER FB 141 -102.85 -23.15 -32.72
N ALA FB 142 -104.17 -23.14 -32.59
CA ALA FB 142 -104.82 -23.63 -31.38
C ALA FB 142 -104.50 -25.10 -31.15
N GLY FB 143 -104.59 -25.91 -32.21
CA GLY FB 143 -104.33 -27.33 -32.07
C GLY FB 143 -102.88 -27.65 -31.77
N ILE FB 144 -101.96 -26.83 -32.27
CA ILE FB 144 -100.53 -27.03 -31.99
C ILE FB 144 -100.23 -26.68 -30.54
N GLY FB 145 -100.91 -25.66 -29.99
CA GLY FB 145 -100.82 -25.44 -28.55
C GLY FB 145 -101.38 -26.61 -27.75
N ASP FB 146 -102.57 -27.08 -28.15
CA ASP FB 146 -103.15 -28.27 -27.53
C ASP FB 146 -102.17 -29.43 -27.55
N THR FB 147 -101.44 -29.59 -28.66
CA THR FB 147 -100.44 -30.66 -28.76
C THR FB 147 -99.24 -30.38 -27.87
N ALA FB 148 -98.78 -29.14 -27.81
CA ALA FB 148 -97.63 -28.79 -26.98
C ALA FB 148 -97.91 -29.05 -25.51
N LEU FB 149 -99.18 -29.05 -25.12
CA LEU FB 149 -99.54 -29.40 -23.75
C LEU FB 149 -99.93 -30.88 -23.57
N SER FB 150 -100.52 -31.50 -24.60
CA SER FB 150 -101.01 -32.88 -24.49
C SER FB 150 -99.90 -33.90 -24.71
N GLY FB 151 -98.99 -33.63 -25.62
CA GLY FB 151 -98.07 -34.62 -26.10
C GLY FB 151 -98.59 -35.47 -27.23
N ILE FB 152 -99.74 -35.11 -27.81
CA ILE FB 152 -100.44 -35.96 -28.76
C ILE FB 152 -100.72 -35.18 -30.03
N LEU FB 153 -100.46 -35.82 -31.18
CA LEU FB 153 -100.78 -35.28 -32.49
C LEU FB 153 -102.20 -35.65 -32.92
N ALA GB 1 -69.35 10.85 -42.83
CA ALA GB 1 -70.57 11.46 -43.35
C ALA GB 1 -70.97 10.88 -44.70
N TYR GB 2 -71.28 9.58 -44.73
CA TYR GB 2 -71.63 8.86 -45.96
C TYR GB 2 -73.13 8.57 -45.94
N SER GB 3 -73.88 9.20 -46.87
CA SER GB 3 -75.34 9.00 -46.97
C SER GB 3 -75.77 9.22 -48.41
N PRO GB 4 -75.96 8.15 -49.19
CA PRO GB 4 -76.34 8.31 -50.59
C PRO GB 4 -77.80 8.73 -50.75
N SER GB 5 -78.13 9.15 -51.97
CA SER GB 5 -79.44 9.68 -52.33
C SER GB 5 -80.28 8.62 -53.05
N THR GB 6 -81.60 8.90 -53.14
CA THR GB 6 -82.51 7.86 -53.64
C THR GB 6 -82.25 7.53 -55.09
N PRO GB 7 -82.30 8.48 -56.04
CA PRO GB 7 -81.72 8.21 -57.36
C PRO GB 7 -80.27 8.67 -57.39
N VAL GB 8 -79.34 7.72 -57.58
CA VAL GB 8 -77.94 8.05 -57.80
C VAL GB 8 -77.76 8.16 -59.30
N THR GB 9 -77.24 9.29 -59.74
CA THR GB 9 -76.97 9.48 -61.16
C THR GB 9 -75.67 8.77 -61.49
N GLY GB 10 -75.79 7.65 -62.20
CA GLY GB 10 -74.65 6.81 -62.45
C GLY GB 10 -73.66 7.47 -63.40
N ALA GB 11 -72.39 7.19 -63.17
CA ALA GB 11 -71.34 7.73 -64.01
C ALA GB 11 -71.50 7.23 -65.44
N ALA GB 12 -71.09 8.06 -66.39
CA ALA GB 12 -71.34 7.78 -67.79
C ALA GB 12 -70.71 6.46 -68.19
N GLN GB 13 -71.45 5.69 -68.99
CA GLN GB 13 -70.96 4.44 -69.55
C GLN GB 13 -71.31 4.40 -71.03
N THR GB 14 -70.66 3.48 -71.75
CA THR GB 14 -70.63 3.55 -73.20
C THR GB 14 -72.03 3.44 -73.80
N GLY GB 15 -72.73 2.35 -73.53
CA GLY GB 15 -74.05 2.19 -74.10
C GLY GB 15 -75.19 2.79 -73.31
N PHE GB 16 -74.93 3.49 -72.21
CA PHE GB 16 -75.98 3.95 -71.31
C PHE GB 16 -76.32 5.39 -71.61
N THR GB 17 -77.61 5.68 -71.69
CA THR GB 17 -78.11 7.04 -71.85
C THR GB 17 -78.75 7.47 -70.53
N SER GB 18 -78.10 8.42 -69.84
CA SER GB 18 -78.61 9.04 -68.62
C SER GB 18 -79.01 8.02 -67.56
N PRO GB 19 -78.08 7.19 -67.09
CA PRO GB 19 -78.45 6.10 -66.19
C PRO GB 19 -78.54 6.57 -64.75
N THR GB 20 -79.57 6.08 -64.06
CA THR GB 20 -79.77 6.34 -62.64
C THR GB 20 -80.08 5.02 -61.95
N TYR GB 21 -79.72 4.94 -60.68
CA TYR GB 21 -79.91 3.73 -59.89
C TYR GB 21 -80.62 4.09 -58.60
N THR GB 22 -81.76 3.44 -58.33
CA THR GB 22 -82.52 3.67 -57.12
C THR GB 22 -81.97 2.80 -56.01
N LEU GB 23 -81.66 3.42 -54.87
CA LEU GB 23 -81.10 2.72 -53.73
C LEU GB 23 -82.18 2.48 -52.69
N THR GB 24 -82.25 1.27 -52.18
CA THR GB 24 -83.07 0.91 -51.03
C THR GB 24 -82.13 0.56 -49.87
N SER GB 25 -82.51 0.94 -48.66
CA SER GB 25 -81.61 0.76 -47.53
C SER GB 25 -81.55 -0.70 -47.12
N ASP GB 26 -80.34 -1.17 -46.82
CA ASP GB 26 -80.08 -2.56 -46.48
C ASP GB 26 -79.25 -2.64 -45.20
N THR GB 27 -79.38 -3.75 -44.49
CA THR GB 27 -78.55 -4.02 -43.33
C THR GB 27 -77.19 -4.56 -43.77
N ALA GB 28 -76.13 -3.99 -43.22
CA ALA GB 28 -74.76 -4.27 -43.62
C ALA GB 28 -74.22 -5.50 -42.92
N PRO GB 29 -73.20 -6.16 -43.49
CA PRO GB 29 -72.74 -7.42 -42.90
C PRO GB 29 -72.02 -7.23 -41.58
N THR GB 30 -71.14 -6.25 -41.49
CA THR GB 30 -70.55 -5.89 -40.21
C THR GB 30 -71.42 -4.87 -39.52
N ALA GB 31 -71.18 -4.67 -38.23
CA ALA GB 31 -71.76 -3.53 -37.54
C ALA GB 31 -71.08 -2.21 -37.92
N LEU GB 32 -69.99 -2.27 -38.69
CA LEU GB 32 -69.21 -1.09 -39.05
C LEU GB 32 -69.46 -0.65 -40.47
N GLY GB 33 -70.55 -1.10 -41.08
CA GLY GB 33 -70.83 -0.77 -42.46
C GLY GB 33 -72.22 -0.18 -42.62
N LYS GB 34 -72.33 0.68 -43.63
CA LYS GB 34 -73.62 1.12 -44.15
C LYS GB 34 -73.74 0.54 -45.55
N GLN GB 35 -74.87 -0.11 -45.84
CA GLN GB 35 -75.04 -0.80 -47.11
C GLN GB 35 -76.37 -0.45 -47.73
N HIS GB 36 -76.36 -0.17 -49.03
CA HIS GB 36 -77.56 0.02 -49.81
C HIS GB 36 -77.61 -1.01 -50.93
N ALA GB 37 -78.81 -1.38 -51.35
CA ALA GB 37 -79.00 -2.29 -52.47
C ALA GB 37 -79.69 -1.55 -53.62
N VAL GB 38 -79.29 -1.86 -54.85
CA VAL GB 38 -79.87 -1.22 -56.03
C VAL GB 38 -81.15 -2.00 -56.34
N THR GB 39 -82.28 -1.46 -55.88
CA THR GB 39 -83.56 -2.14 -56.03
C THR GB 39 -84.14 -1.96 -57.45
N ALA GB 40 -83.82 -0.86 -58.13
CA ALA GB 40 -84.38 -0.62 -59.45
C ALA GB 40 -83.47 0.32 -60.24
N THR GB 41 -83.57 0.23 -61.57
CA THR GB 41 -82.73 1.01 -62.47
C THR GB 41 -83.59 1.91 -63.35
N GLY GB 42 -83.11 3.15 -63.55
CA GLY GB 42 -83.69 4.05 -64.52
C GLY GB 42 -82.64 4.45 -65.55
N GLY GB 43 -83.11 5.03 -66.65
CA GLY GB 43 -82.26 5.36 -67.77
C GLY GB 43 -82.32 4.29 -68.85
N THR GB 44 -81.71 4.61 -69.99
CA THR GB 44 -81.69 3.70 -71.15
C THR GB 44 -80.45 2.82 -71.12
N GLN GB 45 -80.41 2.00 -70.08
CA GLN GB 45 -79.47 0.88 -69.93
C GLN GB 45 -80.28 -0.40 -70.04
N THR GB 46 -80.02 -1.18 -71.08
CA THR GB 46 -80.84 -2.34 -71.38
C THR GB 46 -80.08 -3.60 -71.04
N GLY GB 47 -80.71 -4.44 -70.25
CA GLY GB 47 -80.14 -5.69 -69.79
C GLY GB 47 -79.60 -5.63 -68.38
N VAL GB 48 -79.65 -4.48 -67.73
CA VAL GB 48 -79.09 -4.33 -66.39
C VAL GB 48 -80.04 -4.94 -65.38
N THR GB 49 -79.53 -5.87 -64.57
CA THR GB 49 -80.33 -6.58 -63.58
C THR GB 49 -80.16 -5.91 -62.20
N THR GB 50 -81.26 -5.88 -61.44
CA THR GB 50 -81.26 -5.26 -60.11
C THR GB 50 -80.84 -6.29 -59.06
N HIS GB 51 -80.96 -5.90 -57.78
CA HIS GB 51 -80.39 -6.69 -56.70
C HIS GB 51 -81.26 -7.90 -56.38
N SER GB 52 -80.66 -9.08 -56.49
CA SER GB 52 -81.20 -10.33 -55.99
C SER GB 52 -80.21 -10.88 -54.96
N VAL GB 53 -80.56 -12.00 -54.34
CA VAL GB 53 -79.59 -12.59 -53.40
C VAL GB 53 -78.50 -13.33 -54.16
N SER GB 54 -78.88 -14.06 -55.22
CA SER GB 54 -77.88 -14.77 -56.01
C SER GB 54 -77.22 -13.87 -57.05
N SER GB 55 -77.88 -12.79 -57.45
CA SER GB 55 -77.32 -11.79 -58.36
C SER GB 55 -77.39 -10.42 -57.69
N PRO GB 56 -76.46 -10.12 -56.80
CA PRO GB 56 -76.57 -8.93 -55.97
C PRO GB 56 -76.23 -7.65 -56.72
N PHE GB 57 -76.68 -6.53 -56.15
CA PHE GB 57 -76.29 -5.18 -56.53
C PHE GB 57 -76.21 -4.41 -55.21
N THR GB 58 -75.02 -4.40 -54.61
CA THR GB 58 -74.84 -3.87 -53.27
C THR GB 58 -73.69 -2.88 -53.20
N ILE GB 59 -73.90 -1.82 -52.44
CA ILE GB 59 -72.95 -0.73 -52.27
C ILE GB 59 -72.76 -0.57 -50.76
N THR GB 60 -71.65 -1.07 -50.24
CA THR GB 60 -71.39 -1.08 -48.80
C THR GB 60 -70.12 -0.30 -48.48
N PHE GB 61 -70.16 0.47 -47.39
CA PHE GB 61 -69.06 1.35 -47.00
C PHE GB 61 -68.79 1.14 -45.51
N THR GB 62 -67.53 0.86 -45.19
CA THR GB 62 -67.14 0.38 -43.87
C THR GB 62 -65.99 1.21 -43.32
N ARG GB 63 -66.01 1.42 -42.00
CA ARG GB 63 -64.95 2.03 -41.23
C ARG GB 63 -64.14 0.96 -40.52
N PRO GB 64 -62.91 1.26 -40.08
CA PRO GB 64 -62.11 0.24 -39.40
C PRO GB 64 -62.65 -0.05 -38.00
N LYS GB 65 -62.30 -1.24 -37.50
CA LYS GB 65 -62.77 -1.67 -36.18
C LYS GB 65 -62.18 -0.80 -35.08
N THR GB 66 -60.89 -0.50 -35.16
CA THR GB 66 -60.19 0.28 -34.15
C THR GB 66 -59.41 1.40 -34.82
N MET GB 67 -59.63 2.62 -34.37
CA MET GB 67 -58.88 3.76 -34.88
C MET GB 67 -57.44 3.71 -34.38
N LYS GB 68 -56.55 4.37 -35.13
CA LYS GB 68 -55.14 4.44 -34.77
C LYS GB 68 -54.72 5.90 -34.66
N THR GB 69 -54.03 6.24 -33.57
CA THR GB 69 -53.52 7.57 -33.30
C THR GB 69 -52.07 7.67 -33.78
N VAL GB 70 -51.62 8.92 -33.99
CA VAL GB 70 -50.34 9.17 -34.64
C VAL GB 70 -49.17 8.67 -33.81
N GLY GB 71 -49.28 8.72 -32.48
CA GLY GB 71 -48.17 8.35 -31.65
C GLY GB 71 -47.28 9.53 -31.35
N VAL GB 72 -46.10 9.20 -30.82
CA VAL GB 72 -45.25 10.20 -30.18
C VAL GB 72 -43.82 10.05 -30.67
N PRO GB 73 -43.12 11.15 -30.96
CA PRO GB 73 -41.76 11.03 -31.48
C PRO GB 73 -40.76 10.51 -30.45
N ASN GB 74 -39.79 9.73 -30.95
CA ASN GB 74 -38.79 9.09 -30.12
C ASN GB 74 -37.60 10.04 -29.93
N SER GB 75 -36.51 9.50 -29.36
CA SER GB 75 -35.36 10.31 -28.96
C SER GB 75 -34.78 11.13 -30.11
N ASN GB 76 -34.93 10.64 -31.34
CA ASN GB 76 -34.40 11.35 -32.50
C ASN GB 76 -35.42 12.30 -33.13
N GLY GB 77 -36.56 12.51 -32.49
CA GLY GB 77 -37.60 13.34 -33.06
C GLY GB 77 -38.39 12.68 -34.16
N VAL GB 78 -38.30 11.35 -34.30
CA VAL GB 78 -38.95 10.62 -35.39
C VAL GB 78 -40.05 9.73 -34.80
N ILE GB 79 -41.22 9.74 -35.43
CA ILE GB 79 -42.32 8.88 -35.00
C ILE GB 79 -42.12 7.49 -35.59
N THR GB 80 -41.98 6.50 -34.72
CA THR GB 80 -41.43 5.22 -35.12
C THR GB 80 -42.34 4.49 -36.09
N ASN GB 81 -43.63 4.44 -35.80
CA ASN GB 81 -44.56 3.61 -36.56
C ASN GB 81 -45.84 4.40 -36.79
N ILE GB 82 -46.13 4.68 -38.05
CA ILE GB 82 -47.36 5.36 -38.45
C ILE GB 82 -48.30 4.29 -38.99
N GLY GB 83 -49.23 3.84 -38.15
CA GLY GB 83 -50.31 3.02 -38.63
C GLY GB 83 -51.22 3.80 -39.57
N ARG GB 84 -52.16 3.08 -40.20
CA ARG GB 84 -53.06 3.72 -41.15
C ARG GB 84 -54.48 3.16 -41.00
N ASN GB 85 -55.47 4.06 -40.91
CA ASN GB 85 -56.88 3.63 -40.89
C ASN GB 85 -57.36 3.57 -42.33
N THR GB 86 -57.88 2.41 -42.76
CA THR GB 86 -58.40 2.21 -44.10
C THR GB 86 -59.92 2.09 -44.06
N TYR GB 87 -60.59 2.89 -44.88
CA TYR GB 87 -62.02 2.83 -45.07
C TYR GB 87 -62.33 2.13 -46.38
N GLY GB 88 -63.38 1.31 -46.39
CA GLY GB 88 -63.64 0.46 -47.54
C GLY GB 88 -64.99 0.65 -48.21
N PHE GB 89 -64.97 0.84 -49.53
CA PHE GB 89 -66.17 1.07 -50.33
C PHE GB 89 -66.26 -0.02 -51.38
N LEU GB 90 -67.30 -0.86 -51.32
CA LEU GB 90 -67.32 -2.04 -52.16
C LEU GB 90 -68.68 -2.25 -52.81
N VAL GB 91 -68.66 -2.51 -54.11
CA VAL GB 91 -69.84 -2.74 -54.92
C VAL GB 91 -69.77 -4.18 -55.44
N ARG GB 92 -70.84 -4.93 -55.21
CA ARG GB 92 -70.98 -6.29 -55.72
C ARG GB 92 -72.11 -6.32 -56.74
N LYS GB 93 -71.84 -6.92 -57.90
CA LYS GB 93 -72.82 -6.95 -58.98
C LYS GB 93 -72.91 -8.35 -59.58
N GLY GB 94 -74.14 -8.86 -59.66
CA GLY GB 94 -74.36 -10.13 -60.33
C GLY GB 94 -74.11 -10.03 -61.82
N VAL GB 95 -73.19 -10.84 -62.35
CA VAL GB 95 -72.83 -10.84 -63.76
C VAL GB 95 -72.83 -12.27 -64.26
N ILE GB 96 -73.34 -12.48 -65.47
CA ILE GB 96 -73.56 -13.83 -65.99
C ILE GB 96 -72.43 -14.18 -66.95
N PRO GB 97 -71.60 -15.19 -66.66
CA PRO GB 97 -70.44 -15.42 -67.52
C PRO GB 97 -70.74 -16.22 -68.79
N ALA GB 98 -71.57 -17.24 -68.73
CA ALA GB 98 -71.76 -18.14 -69.86
C ALA GB 98 -73.20 -18.10 -70.35
N VAL GB 99 -73.49 -18.95 -71.33
CA VAL GB 99 -74.81 -18.91 -71.96
C VAL GB 99 -75.88 -19.40 -71.01
N ASN GB 100 -75.59 -20.44 -70.25
CA ASN GB 100 -76.54 -20.96 -69.28
C ASN GB 100 -75.99 -20.95 -67.88
N GLN GB 101 -74.73 -20.58 -67.68
CA GLN GB 101 -74.15 -20.64 -66.36
C GLN GB 101 -74.79 -19.60 -65.44
N SER GB 102 -74.57 -19.81 -64.15
CA SER GB 102 -75.22 -19.06 -63.08
C SER GB 102 -74.45 -17.80 -62.78
N PRO GB 103 -75.08 -16.81 -62.15
CA PRO GB 103 -74.41 -15.51 -61.96
C PRO GB 103 -73.21 -15.60 -61.00
N GLN GB 104 -72.10 -15.06 -61.46
CA GLN GB 104 -70.89 -14.76 -60.69
C GLN GB 104 -70.96 -13.31 -60.20
N VAL GB 105 -70.02 -12.94 -59.33
CA VAL GB 105 -70.07 -11.64 -58.66
C VAL GB 105 -68.92 -10.79 -59.17
N MET GB 106 -69.19 -9.89 -60.10
CA MET GB 106 -68.22 -8.83 -60.38
C MET GB 106 -68.09 -7.94 -59.14
N LEU GB 107 -66.89 -7.41 -58.94
CA LEU GB 107 -66.56 -6.77 -57.68
C LEU GB 107 -65.74 -5.51 -57.95
N VAL GB 108 -66.22 -4.36 -57.46
CA VAL GB 108 -65.49 -3.09 -57.58
C VAL GB 108 -65.25 -2.59 -56.16
N ARG GB 109 -64.00 -2.62 -55.71
CA ARG GB 109 -63.70 -2.25 -54.33
C ARG GB 109 -62.64 -1.16 -54.27
N VAL GB 110 -62.88 -0.20 -53.37
CA VAL GB 110 -62.03 0.95 -53.13
C VAL GB 110 -61.58 0.90 -51.69
N GLU GB 111 -60.30 1.17 -51.47
CA GLU GB 111 -59.72 1.24 -50.14
C GLU GB 111 -59.03 2.58 -49.99
N ILE GB 112 -59.34 3.28 -48.91
CA ILE GB 112 -58.81 4.60 -48.61
C ILE GB 112 -57.98 4.46 -47.35
N SER GB 113 -56.66 4.39 -47.48
CA SER GB 113 -55.74 4.28 -46.35
C SER GB 113 -55.24 5.67 -45.99
N VAL GB 114 -55.70 6.18 -44.85
CA VAL GB 114 -55.30 7.47 -44.30
C VAL GB 114 -54.27 7.21 -43.20
N PRO GB 115 -53.04 7.71 -43.33
CA PRO GB 115 -52.07 7.59 -42.23
C PRO GB 115 -52.59 8.24 -40.95
N ALA GB 116 -51.89 7.94 -39.86
CA ALA GB 116 -52.43 8.23 -38.54
C ALA GB 116 -52.56 9.73 -38.31
N GLY GB 117 -51.43 10.45 -38.35
CA GLY GB 117 -51.48 11.88 -38.03
C GLY GB 117 -52.03 12.73 -39.13
N ALA GB 118 -52.24 12.12 -40.30
CA ALA GB 118 -52.75 12.82 -41.48
C ALA GB 118 -54.08 13.50 -41.21
N ASP GB 119 -55.06 12.73 -40.72
CA ASP GB 119 -56.44 13.18 -40.63
C ASP GB 119 -56.58 14.48 -39.86
N THR GB 120 -55.64 14.76 -38.95
CA THR GB 120 -55.66 15.98 -38.16
C THR GB 120 -54.66 17.02 -38.67
N TYR GB 121 -53.39 16.63 -38.86
CA TYR GB 121 -52.38 17.62 -39.18
C TYR GB 121 -52.49 18.13 -40.61
N ASP GB 122 -52.71 17.23 -41.57
CA ASP GB 122 -52.74 17.59 -43.00
C ASP GB 122 -54.03 17.06 -43.61
N ALA GB 123 -55.12 17.79 -43.43
CA ALA GB 123 -56.40 17.32 -43.94
C ALA GB 123 -56.60 17.72 -45.38
N ALA GB 124 -56.00 18.83 -45.80
CA ALA GB 124 -56.18 19.31 -47.15
C ALA GB 124 -55.63 18.32 -48.16
N ASN GB 125 -54.48 17.71 -47.87
CA ASN GB 125 -53.90 16.76 -48.81
C ASN GB 125 -54.71 15.45 -48.85
N VAL GB 126 -55.26 15.03 -47.71
CA VAL GB 126 -56.17 13.89 -47.70
C VAL GB 126 -57.36 14.15 -48.62
N LYS GB 127 -58.05 15.27 -48.38
CA LYS GB 127 -59.20 15.62 -49.22
C LYS GB 127 -58.80 15.74 -50.68
N ALA GB 128 -57.59 16.22 -50.96
CA ALA GB 128 -57.14 16.40 -52.33
C ALA GB 128 -56.90 15.06 -53.02
N ALA GB 129 -56.29 14.11 -52.31
CA ALA GB 129 -56.14 12.78 -52.88
C ALA GB 129 -57.50 12.18 -53.22
N LEU GB 130 -58.45 12.31 -52.30
CA LEU GB 130 -59.78 11.76 -52.55
C LEU GB 130 -60.45 12.42 -53.75
N SER GB 131 -60.36 13.76 -53.85
CA SER GB 131 -61.05 14.46 -54.94
C SER GB 131 -60.39 14.18 -56.28
N ALA GB 132 -59.06 14.08 -56.31
CA ALA GB 132 -58.39 13.73 -57.56
C ALA GB 132 -58.74 12.32 -58.01
N ALA GB 133 -58.71 11.35 -57.07
CA ALA GB 133 -59.06 9.98 -57.42
C ALA GB 133 -60.48 9.89 -57.96
N ILE GB 134 -61.45 10.45 -57.23
CA ILE GB 134 -62.84 10.35 -57.67
C ILE GB 134 -63.10 11.16 -58.93
N GLY GB 135 -62.39 12.28 -59.12
CA GLY GB 135 -62.59 13.08 -60.32
C GLY GB 135 -62.06 12.38 -61.56
N VAL GB 136 -60.90 11.75 -61.46
CA VAL GB 136 -60.39 10.95 -62.58
C VAL GB 136 -61.32 9.77 -62.85
N LEU GB 137 -61.84 9.14 -61.80
CA LEU GB 137 -62.76 8.02 -61.99
C LEU GB 137 -64.02 8.46 -62.73
N SER GB 138 -64.61 9.59 -62.33
CA SER GB 138 -65.83 10.04 -62.99
C SER GB 138 -65.55 10.56 -64.40
N GLN GB 139 -64.35 11.12 -64.63
CA GLN GB 139 -64.00 11.58 -65.98
C GLN GB 139 -63.83 10.42 -66.93
N GLN GB 140 -63.12 9.37 -66.51
CA GLN GB 140 -62.84 8.24 -67.36
C GLN GB 140 -63.78 7.07 -67.12
N SER GB 141 -64.98 7.32 -66.60
CA SER GB 141 -65.87 6.21 -66.27
C SER GB 141 -66.20 5.39 -67.51
N ALA GB 142 -66.60 6.06 -68.59
CA ALA GB 142 -66.93 5.37 -69.82
C ALA GB 142 -65.73 4.59 -70.34
N GLY GB 143 -64.56 5.22 -70.33
CA GLY GB 143 -63.37 4.58 -70.86
C GLY GB 143 -62.90 3.41 -70.02
N ILE GB 144 -63.09 3.49 -68.71
CA ILE GB 144 -62.73 2.37 -67.84
C ILE GB 144 -63.69 1.20 -68.07
N GLY GB 145 -64.96 1.48 -68.34
CA GLY GB 145 -65.85 0.40 -68.77
C GLY GB 145 -65.39 -0.22 -70.09
N ASP GB 146 -65.09 0.64 -71.07
CA ASP GB 146 -64.56 0.16 -72.34
C ASP GB 146 -63.35 -0.73 -72.12
N THR GB 147 -62.47 -0.36 -71.19
CA THR GB 147 -61.30 -1.17 -70.90
C THR GB 147 -61.69 -2.47 -70.20
N ALA GB 148 -62.67 -2.42 -69.29
CA ALA GB 148 -63.09 -3.62 -68.57
C ALA GB 148 -63.63 -4.67 -69.52
N LEU GB 149 -64.13 -4.24 -70.68
CA LEU GB 149 -64.60 -5.18 -71.69
C LEU GB 149 -63.56 -5.49 -72.77
N SER GB 150 -62.72 -4.51 -73.14
CA SER GB 150 -61.81 -4.63 -74.26
C SER GB 150 -60.48 -5.26 -73.87
N GLY GB 151 -60.01 -5.01 -72.65
CA GLY GB 151 -58.67 -5.37 -72.27
C GLY GB 151 -57.61 -4.42 -72.79
N ILE GB 152 -58.02 -3.24 -73.24
CA ILE GB 152 -57.14 -2.33 -73.95
C ILE GB 152 -57.00 -1.05 -73.12
N LEU GB 153 -55.76 -0.57 -73.00
CA LEU GB 153 -55.50 0.66 -72.27
C LEU GB 153 -55.42 1.89 -73.18
N ALA HB 1 -84.53 0.93 -22.95
CA ALA HB 1 -85.12 1.95 -23.78
C ALA HB 1 -84.25 3.22 -23.80
N TYR HB 2 -83.05 3.10 -24.38
CA TYR HB 2 -82.07 4.19 -24.46
C TYR HB 2 -82.00 4.72 -25.90
N SER HB 3 -82.48 5.96 -26.12
CA SER HB 3 -82.47 6.59 -27.44
C SER HB 3 -82.38 8.10 -27.29
N PRO HB 4 -81.21 8.69 -27.51
CA PRO HB 4 -81.05 10.13 -27.34
C PRO HB 4 -81.64 10.92 -28.50
N SER HB 5 -81.78 12.23 -28.29
CA SER HB 5 -82.35 13.17 -29.25
C SER HB 5 -81.25 13.88 -30.03
N THR HB 6 -81.62 14.43 -31.20
CA THR HB 6 -80.62 15.03 -32.08
C THR HB 6 -79.91 16.20 -31.44
N PRO HB 7 -80.60 17.27 -30.99
CA PRO HB 7 -79.92 18.21 -30.10
C PRO HB 7 -80.12 17.80 -28.64
N VAL HB 8 -79.03 17.46 -27.96
CA VAL HB 8 -79.08 17.17 -26.53
C VAL HB 8 -78.78 18.46 -25.80
N THR HB 9 -79.71 18.90 -24.97
CA THR HB 9 -79.46 20.06 -24.12
C THR HB 9 -78.42 19.67 -23.07
N GLY HB 10 -77.21 20.21 -23.21
CA GLY HB 10 -76.16 19.86 -22.28
C GLY HB 10 -76.37 20.49 -20.92
N ALA HB 11 -75.95 19.78 -19.88
CA ALA HB 11 -76.16 20.25 -18.52
C ALA HB 11 -75.36 21.52 -18.29
N ALA HB 12 -75.88 22.38 -17.41
CA ALA HB 12 -75.29 23.69 -17.20
C ALA HB 12 -73.83 23.55 -16.82
N GLN HB 13 -72.99 24.43 -17.38
CA GLN HB 13 -71.59 24.49 -17.02
C GLN HB 13 -71.19 25.95 -16.86
N THR HB 14 -70.02 26.17 -16.26
CA THR HB 14 -69.68 27.49 -15.75
C THR HB 14 -69.59 28.51 -16.89
N GLY HB 15 -68.74 28.26 -17.87
CA GLY HB 15 -68.61 29.23 -18.93
C GLY HB 15 -69.57 29.10 -20.09
N PHE HB 16 -70.54 28.19 -20.02
CA PHE HB 16 -71.37 27.87 -21.18
C PHE HB 16 -72.73 28.54 -21.07
N THR HB 17 -73.16 29.12 -22.19
CA THR HB 17 -74.50 29.71 -22.30
C THR HB 17 -75.31 28.83 -23.24
N SER HB 18 -76.38 28.24 -22.71
CA SER HB 18 -77.32 27.39 -23.43
C SER HB 18 -76.60 26.39 -24.35
N PRO HB 19 -75.82 25.45 -23.79
CA PRO HB 19 -75.05 24.53 -24.64
C PRO HB 19 -75.85 23.33 -25.10
N THR HB 20 -75.75 23.01 -26.38
CA THR HB 20 -76.40 21.85 -26.97
C THR HB 20 -75.38 21.06 -27.77
N TYR HB 21 -75.58 19.74 -27.86
CA TYR HB 21 -74.67 18.86 -28.58
C TYR HB 21 -75.46 18.04 -29.59
N THR HB 22 -75.08 18.13 -30.86
CA THR HB 22 -75.70 17.35 -31.92
C THR HB 22 -75.05 15.98 -31.96
N LEU HB 23 -75.85 14.93 -31.86
CA LEU HB 23 -75.35 13.55 -31.89
C LEU HB 23 -75.57 12.96 -33.27
N THR HB 24 -74.53 12.33 -33.82
CA THR HB 24 -74.63 11.53 -35.01
C THR HB 24 -74.49 10.07 -34.61
N SER HB 25 -75.36 9.22 -35.14
CA SER HB 25 -75.32 7.80 -34.78
C SER HB 25 -73.98 7.22 -35.18
N ASP HB 26 -73.39 6.44 -34.28
CA ASP HB 26 -72.13 5.75 -34.53
C ASP HB 26 -72.27 4.28 -34.14
N THR HB 27 -71.42 3.46 -34.73
CA THR HB 27 -71.50 2.02 -34.51
C THR HB 27 -70.63 1.65 -33.31
N ALA HB 28 -71.21 0.91 -32.37
CA ALA HB 28 -70.68 0.68 -31.04
C ALA HB 28 -69.59 -0.39 -31.06
N PRO HB 29 -68.76 -0.45 -29.99
CA PRO HB 29 -67.65 -1.42 -30.02
C PRO HB 29 -68.10 -2.84 -29.84
N THR HB 30 -69.10 -3.05 -28.99
CA THR HB 30 -69.72 -4.35 -28.82
C THR HB 30 -71.05 -4.40 -29.55
N ALA HB 31 -71.61 -5.59 -29.65
CA ALA HB 31 -72.93 -5.74 -30.25
C ALA HB 31 -74.03 -5.44 -29.25
N LEU HB 32 -73.69 -5.25 -27.98
CA LEU HB 32 -74.66 -4.96 -26.93
C LEU HB 32 -74.59 -3.51 -26.48
N GLY HB 33 -74.04 -2.63 -27.32
CA GLY HB 33 -73.94 -1.23 -27.01
C GLY HB 33 -74.57 -0.38 -28.09
N LYS HB 34 -75.05 0.79 -27.70
CA LYS HB 34 -75.50 1.83 -28.62
C LYS HB 34 -74.59 3.03 -28.41
N GLN HB 35 -73.99 3.52 -29.50
CA GLN HB 35 -73.03 4.60 -29.41
C GLN HB 35 -73.43 5.74 -30.33
N HIS HB 36 -73.33 6.96 -29.82
CA HIS HB 36 -73.42 8.15 -30.66
C HIS HB 36 -72.12 8.93 -30.52
N ALA HB 37 -71.86 9.81 -31.47
CA ALA HB 37 -70.69 10.67 -31.41
C ALA HB 37 -71.10 12.11 -31.64
N VAL HB 38 -70.45 13.02 -30.92
CA VAL HB 38 -70.83 14.43 -30.96
C VAL HB 38 -70.22 15.02 -32.23
N THR HB 39 -71.05 15.18 -33.28
CA THR HB 39 -70.58 15.68 -34.55
C THR HB 39 -70.46 17.21 -34.56
N ALA HB 40 -71.28 17.92 -33.77
CA ALA HB 40 -71.22 19.38 -33.75
C ALA HB 40 -71.79 19.90 -32.44
N THR HB 41 -71.38 21.13 -32.09
CA THR HB 41 -71.82 21.79 -30.87
C THR HB 41 -72.57 23.07 -31.21
N GLY HB 42 -73.65 23.33 -30.47
CA GLY HB 42 -74.33 24.61 -30.52
C GLY HB 42 -74.30 25.26 -29.15
N GLY HB 43 -74.53 26.56 -29.09
CA GLY HB 43 -74.42 27.31 -27.86
C GLY HB 43 -73.09 28.04 -27.76
N THR HB 44 -72.97 28.87 -26.72
CA THR HB 44 -71.76 29.66 -26.50
C THR HB 44 -70.83 28.88 -25.57
N GLN HB 45 -70.16 27.89 -26.15
CA GLN HB 45 -69.12 27.11 -25.49
C GLN HB 45 -67.89 27.22 -26.38
N THR HB 46 -67.07 28.23 -26.11
CA THR HB 46 -65.99 28.55 -27.01
C THR HB 46 -64.81 27.61 -26.76
N GLY HB 47 -64.23 27.07 -27.83
CA GLY HB 47 -63.10 26.18 -27.76
C GLY HB 47 -63.44 24.71 -27.73
N VAL HB 48 -64.72 24.36 -27.63
CA VAL HB 48 -65.11 22.97 -27.51
C VAL HB 48 -64.91 22.27 -28.84
N THR HB 49 -64.12 21.20 -28.83
CA THR HB 49 -63.82 20.44 -30.05
C THR HB 49 -64.74 19.24 -30.18
N THR HB 50 -65.24 19.01 -31.40
CA THR HB 50 -66.14 17.92 -31.66
C THR HB 50 -65.35 16.63 -31.87
N HIS HB 51 -66.05 15.56 -32.26
CA HIS HB 51 -65.39 14.26 -32.42
C HIS HB 51 -64.45 14.28 -33.62
N SER HB 52 -63.20 13.92 -33.37
CA SER HB 52 -62.21 13.70 -34.41
C SER HB 52 -61.58 12.34 -34.16
N VAL HB 53 -60.80 11.88 -35.14
CA VAL HB 53 -60.09 10.63 -34.93
C VAL HB 53 -59.06 10.79 -33.82
N SER HB 54 -58.39 11.94 -33.78
CA SER HB 54 -57.34 12.16 -32.79
C SER HB 54 -57.91 12.41 -31.40
N SER HB 55 -59.03 13.13 -31.31
CA SER HB 55 -59.66 13.47 -30.04
C SER HB 55 -61.16 13.16 -30.10
N PRO HB 56 -61.59 12.05 -29.53
CA PRO HB 56 -62.98 11.61 -29.71
C PRO HB 56 -63.94 12.32 -28.75
N PHE HB 57 -65.22 12.31 -29.16
CA PHE HB 57 -66.33 12.79 -28.32
C PHE HB 57 -67.45 11.77 -28.54
N THR HB 58 -67.51 10.77 -27.66
CA THR HB 58 -68.37 9.61 -27.85
C THR HB 58 -69.18 9.30 -26.60
N ILE HB 59 -70.43 8.88 -26.81
CA ILE HB 59 -71.37 8.56 -25.75
C ILE HB 59 -71.91 7.18 -26.04
N THR HB 60 -71.48 6.19 -25.25
CA THR HB 60 -71.83 4.79 -25.51
C THR HB 60 -72.48 4.17 -24.29
N PHE HB 61 -73.57 3.41 -24.51
CA PHE HB 61 -74.34 2.79 -23.43
C PHE HB 61 -74.47 1.31 -23.73
N THR HB 62 -74.07 0.47 -22.77
CA THR HB 62 -73.96 -0.96 -22.97
C THR HB 62 -74.76 -1.71 -21.90
N ARG HB 63 -75.37 -2.82 -22.30
CA ARG HB 63 -76.05 -3.74 -21.41
C ARG HB 63 -75.21 -5.02 -21.25
N PRO HB 64 -75.39 -5.74 -20.15
CA PRO HB 64 -74.52 -6.90 -19.90
C PRO HB 64 -74.73 -8.02 -20.91
N LYS HB 65 -73.66 -8.80 -21.11
CA LYS HB 65 -73.72 -9.92 -22.05
C LYS HB 65 -74.76 -10.94 -21.61
N THR HB 66 -74.69 -11.37 -20.35
CA THR HB 66 -75.59 -12.39 -19.81
C THR HB 66 -76.34 -11.83 -18.61
N MET HB 67 -77.66 -11.81 -18.70
CA MET HB 67 -78.49 -11.41 -17.57
C MET HB 67 -78.46 -12.48 -16.49
N LYS HB 68 -78.66 -12.07 -15.24
CA LYS HB 68 -78.63 -12.98 -14.10
C LYS HB 68 -79.99 -13.00 -13.40
N THR HB 69 -80.51 -14.21 -13.17
CA THR HB 69 -81.79 -14.41 -12.50
C THR HB 69 -81.56 -14.52 -10.98
N VAL HB 70 -82.63 -14.27 -10.23
CA VAL HB 70 -82.51 -14.09 -8.79
C VAL HB 70 -82.09 -15.39 -8.09
N GLY HB 71 -82.58 -16.52 -8.56
CA GLY HB 71 -82.25 -17.79 -7.93
C GLY HB 71 -83.38 -18.29 -7.03
N VAL HB 72 -83.21 -19.51 -6.54
CA VAL HB 72 -84.25 -20.24 -5.83
C VAL HB 72 -83.89 -20.27 -4.35
N PRO HB 73 -84.82 -19.94 -3.45
CA PRO HB 73 -84.52 -20.01 -2.02
C PRO HB 73 -84.31 -21.44 -1.56
N ASN HB 74 -83.43 -21.60 -0.57
CA ASN HB 74 -83.09 -22.91 -0.03
C ASN HB 74 -84.06 -23.28 1.08
N SER HB 75 -83.72 -24.33 1.83
CA SER HB 75 -84.61 -24.84 2.88
C SER HB 75 -84.91 -23.79 3.94
N ASN HB 76 -83.93 -22.95 4.26
CA ASN HB 76 -84.13 -21.89 5.25
C ASN HB 76 -84.93 -20.71 4.71
N GLY HB 77 -85.27 -20.71 3.43
CA GLY HB 77 -85.90 -19.56 2.82
C GLY HB 77 -84.93 -18.51 2.31
N VAL HB 78 -83.64 -18.81 2.29
CA VAL HB 78 -82.59 -17.85 1.96
C VAL HB 78 -82.07 -18.12 0.56
N ILE HB 79 -81.90 -17.05 -0.22
CA ILE HB 79 -81.31 -17.14 -1.55
C ILE HB 79 -79.80 -16.93 -1.44
N THR HB 80 -79.04 -17.90 -1.96
CA THR HB 80 -77.63 -18.04 -1.60
C THR HB 80 -76.78 -16.91 -2.19
N ASN HB 81 -76.94 -16.62 -3.47
CA ASN HB 81 -76.08 -15.64 -4.14
C ASN HB 81 -76.90 -14.77 -5.07
N ILE HB 82 -76.87 -13.47 -4.81
CA ILE HB 82 -77.57 -12.48 -5.63
C ILE HB 82 -76.53 -11.85 -6.54
N GLY HB 83 -76.44 -12.35 -7.78
CA GLY HB 83 -75.65 -11.67 -8.78
C GLY HB 83 -76.21 -10.29 -9.07
N ARG HB 84 -75.44 -9.51 -9.83
CA ARG HB 84 -75.85 -8.15 -10.15
C ARG HB 84 -75.55 -7.87 -11.62
N ASN HB 85 -76.56 -7.47 -12.39
CA ASN HB 85 -76.35 -7.05 -13.77
C ASN HB 85 -76.03 -5.56 -13.76
N THR HB 86 -74.93 -5.18 -14.43
CA THR HB 86 -74.44 -3.80 -14.48
C THR HB 86 -74.55 -3.27 -15.91
N TYR HB 87 -75.19 -2.11 -16.04
CA TYR HB 87 -75.27 -1.39 -17.30
C TYR HB 87 -74.27 -0.25 -17.26
N GLY HB 88 -73.66 0.05 -18.41
CA GLY HB 88 -72.57 1.00 -18.48
C GLY HB 88 -72.73 2.16 -19.44
N PHE HB 89 -72.53 3.38 -18.95
CA PHE HB 89 -72.70 4.59 -19.74
C PHE HB 89 -71.38 5.34 -19.72
N LEU HB 90 -70.77 5.55 -20.89
CA LEU HB 90 -69.43 6.09 -20.91
C LEU HB 90 -69.26 7.15 -21.99
N VAL HB 91 -68.67 8.28 -21.58
CA VAL HB 91 -68.37 9.40 -22.44
C VAL HB 91 -66.86 9.53 -22.51
N ARG HB 92 -66.33 9.63 -23.73
CA ARG HB 92 -64.92 9.86 -23.98
C ARG HB 92 -64.74 11.18 -24.69
N LYS HB 93 -63.83 12.02 -24.19
CA LYS HB 93 -63.65 13.36 -24.75
C LYS HB 93 -62.17 13.65 -24.95
N GLY HB 94 -61.84 14.12 -26.15
CA GLY HB 94 -60.48 14.52 -26.45
C GLY HB 94 -60.15 15.83 -25.76
N VAL HB 95 -59.12 15.82 -24.91
CA VAL HB 95 -58.72 16.97 -24.09
C VAL HB 95 -57.22 17.11 -24.18
N ILE HB 96 -56.73 18.34 -24.37
CA ILE HB 96 -55.31 18.57 -24.64
C ILE HB 96 -54.61 18.99 -23.34
N PRO HB 97 -53.61 18.24 -22.87
CA PRO HB 97 -53.01 18.59 -21.56
C PRO HB 97 -52.01 19.73 -21.60
N ALA HB 98 -51.17 19.84 -22.62
CA ALA HB 98 -50.15 20.87 -22.61
C ALA HB 98 -50.20 21.72 -23.87
N VAL HB 99 -49.19 22.56 -24.01
CA VAL HB 99 -49.20 23.56 -25.06
C VAL HB 99 -49.04 22.91 -26.42
N ASN HB 100 -48.27 21.82 -26.50
CA ASN HB 100 -48.09 21.16 -27.79
C ASN HB 100 -48.26 19.65 -27.69
N GLN HB 101 -48.97 19.16 -26.68
CA GLN HB 101 -49.08 17.72 -26.49
C GLN HB 101 -50.22 17.11 -27.28
N SER HB 102 -50.11 15.79 -27.49
CA SER HB 102 -51.16 15.03 -28.13
C SER HB 102 -52.39 14.97 -27.23
N PRO HB 103 -53.59 14.92 -27.80
CA PRO HB 103 -54.79 14.88 -26.96
C PRO HB 103 -54.86 13.60 -26.14
N GLN HB 104 -55.20 13.77 -24.87
CA GLN HB 104 -55.56 12.73 -23.91
C GLN HB 104 -57.06 12.55 -23.88
N VAL HB 105 -57.52 11.42 -23.37
CA VAL HB 105 -58.93 11.08 -23.36
C VAL HB 105 -59.47 11.28 -21.95
N MET HB 106 -60.07 12.44 -21.69
CA MET HB 106 -60.89 12.55 -20.50
C MET HB 106 -62.02 11.53 -20.59
N LEU HB 107 -62.44 11.04 -19.43
CA LEU HB 107 -63.32 9.88 -19.42
C LEU HB 107 -64.32 10.01 -18.28
N VAL HB 108 -65.62 10.03 -18.63
CA VAL HB 108 -66.69 10.09 -17.63
C VAL HB 108 -67.47 8.80 -17.78
N ARG HB 109 -67.44 7.95 -16.75
CA ARG HB 109 -68.08 6.64 -16.87
C ARG HB 109 -68.98 6.35 -15.68
N VAL HB 110 -70.19 5.89 -16.00
CA VAL HB 110 -71.24 5.56 -15.04
C VAL HB 110 -71.46 4.06 -15.12
N GLU HB 111 -71.68 3.44 -13.97
CA GLU HB 111 -72.04 2.03 -13.87
C GLU HB 111 -73.25 1.90 -12.96
N ILE HB 112 -74.27 1.21 -13.46
CA ILE HB 112 -75.52 1.01 -12.76
C ILE HB 112 -75.61 -0.49 -12.48
N SER HB 113 -75.35 -0.89 -11.23
CA SER HB 113 -75.40 -2.29 -10.81
C SER HB 113 -76.74 -2.55 -10.12
N VAL HB 114 -77.57 -3.36 -10.76
CA VAL HB 114 -78.88 -3.75 -10.26
C VAL HB 114 -78.79 -5.19 -9.78
N PRO HB 115 -79.19 -5.49 -8.55
CA PRO HB 115 -79.18 -6.87 -8.08
C PRO HB 115 -80.22 -7.70 -8.80
N ALA HB 116 -80.08 -9.02 -8.61
CA ALA HB 116 -80.70 -9.97 -9.53
C ALA HB 116 -82.22 -9.92 -9.47
N GLY HB 117 -82.78 -9.83 -8.26
CA GLY HB 117 -84.20 -9.95 -8.08
C GLY HB 117 -84.86 -8.59 -8.05
N ALA HB 118 -84.03 -7.56 -7.93
CA ALA HB 118 -84.49 -6.18 -7.80
C ALA HB 118 -85.41 -5.78 -8.94
N ASP HB 119 -84.95 -6.00 -10.18
CA ASP HB 119 -85.59 -5.46 -11.38
C ASP HB 119 -87.06 -5.82 -11.45
N THR HB 120 -87.45 -6.93 -10.83
CA THR HB 120 -88.82 -7.40 -10.79
C THR HB 120 -89.49 -7.09 -9.48
N TYR HB 121 -88.90 -7.51 -8.35
CA TYR HB 121 -89.61 -7.41 -7.08
C TYR HB 121 -89.73 -5.96 -6.61
N ASP HB 122 -88.65 -5.18 -6.69
CA ASP HB 122 -88.61 -3.81 -6.16
C ASP HB 122 -88.11 -2.88 -7.26
N ALA HB 123 -89.01 -2.50 -8.16
CA ALA HB 123 -88.62 -1.63 -9.25
C ALA HB 123 -88.64 -0.16 -8.87
N ALA HB 124 -89.51 0.21 -7.93
CA ALA HB 124 -89.62 1.60 -7.52
C ALA HB 124 -88.33 2.10 -6.91
N ASN HB 125 -87.65 1.25 -6.11
CA ASN HB 125 -86.43 1.69 -5.47
C ASN HB 125 -85.27 1.80 -6.47
N VAL HB 126 -85.23 0.90 -7.45
CA VAL HB 126 -84.27 1.03 -8.54
C VAL HB 126 -84.46 2.35 -9.27
N LYS HB 127 -85.70 2.62 -9.70
CA LYS HB 127 -85.98 3.87 -10.41
C LYS HB 127 -85.64 5.07 -9.53
N ALA HB 128 -85.83 4.94 -8.22
CA ALA HB 128 -85.58 6.06 -7.32
C ALA HB 128 -84.08 6.32 -7.17
N ALA HB 129 -83.27 5.27 -7.07
CA ALA HB 129 -81.83 5.45 -7.03
C ALA HB 129 -81.34 6.15 -8.30
N LEU HB 130 -81.86 5.72 -9.46
CA LEU HB 130 -81.45 6.35 -10.71
C LEU HB 130 -81.87 7.82 -10.76
N SER HB 131 -83.11 8.11 -10.37
CA SER HB 131 -83.59 9.49 -10.46
C SER HB 131 -82.86 10.40 -9.48
N ALA HB 132 -82.51 9.89 -8.30
CA ALA HB 132 -81.75 10.70 -7.34
C ALA HB 132 -80.33 10.94 -7.83
N ALA HB 133 -79.66 9.89 -8.33
CA ALA HB 133 -78.31 10.06 -8.86
C ALA HB 133 -78.28 11.09 -9.99
N ILE HB 134 -79.14 10.89 -10.99
CA ILE HB 134 -79.12 11.80 -12.14
C ILE HB 134 -79.64 13.20 -11.77
N GLY HB 135 -80.58 13.31 -10.82
CA GLY HB 135 -81.04 14.61 -10.41
C GLY HB 135 -79.98 15.40 -9.68
N VAL HB 136 -79.21 14.75 -8.81
CA VAL HB 136 -78.10 15.43 -8.17
C VAL HB 136 -77.02 15.80 -9.18
N LEU HB 137 -76.76 14.92 -10.16
CA LEU HB 137 -75.77 15.26 -11.19
C LEU HB 137 -76.19 16.49 -11.98
N SER HB 138 -77.46 16.56 -12.41
CA SER HB 138 -77.89 17.71 -13.20
C SER HB 138 -78.01 18.97 -12.35
N GLN HB 139 -78.35 18.82 -11.06
CA GLN HB 139 -78.39 20.00 -10.19
C GLN HB 139 -77.00 20.57 -9.97
N GLN HB 140 -76.02 19.71 -9.76
CA GLN HB 140 -74.66 20.15 -9.46
C GLN HB 140 -73.72 19.99 -10.65
N SER HB 141 -74.23 20.11 -11.89
CA SER HB 141 -73.37 19.94 -13.06
C SER HB 141 -72.32 21.03 -13.12
N ALA HB 142 -72.74 22.29 -13.00
CA ALA HB 142 -71.80 23.40 -13.03
C ALA HB 142 -70.78 23.29 -11.90
N GLY HB 143 -71.26 22.92 -10.71
CA GLY HB 143 -70.36 22.81 -9.58
C GLY HB 143 -69.37 21.66 -9.68
N ILE HB 144 -69.80 20.55 -10.30
CA ILE HB 144 -68.89 19.43 -10.52
C ILE HB 144 -67.86 19.77 -11.58
N GLY HB 145 -68.24 20.56 -12.58
CA GLY HB 145 -67.23 21.09 -13.50
C GLY HB 145 -66.22 21.97 -12.78
N ASP HB 146 -66.73 22.92 -11.98
CA ASP HB 146 -65.86 23.78 -11.16
C ASP HB 146 -64.91 22.94 -10.32
N THR HB 147 -65.40 21.83 -9.77
CA THR HB 147 -64.55 20.96 -8.96
C THR HB 147 -63.52 20.23 -9.83
N ALA HB 148 -63.94 19.72 -10.98
CA ALA HB 148 -63.04 18.99 -11.86
C ALA HB 148 -61.91 19.86 -12.36
N LEU HB 149 -62.13 21.18 -12.43
CA LEU HB 149 -61.07 22.08 -12.83
C LEU HB 149 -60.27 22.63 -11.66
N SER HB 150 -60.94 22.89 -10.53
CA SER HB 150 -60.31 23.58 -9.41
C SER HB 150 -59.55 22.63 -8.48
N GLY HB 151 -60.01 21.40 -8.34
CA GLY HB 151 -59.62 20.60 -7.21
C GLY HB 151 -60.33 20.97 -5.94
N ILE HB 152 -61.29 21.88 -6.01
CA ILE HB 152 -61.99 22.39 -4.84
C ILE HB 152 -63.27 21.57 -4.66
N LEU HB 153 -63.43 21.01 -3.47
CA LEU HB 153 -64.61 20.25 -3.14
C LEU HB 153 -65.53 21.07 -2.20
#